data_5BWK
#
_entry.id   5BWK
#
_cell.length_a   152.430
_cell.length_b   127.330
_cell.length_c   210.260
_cell.angle_alpha   90.00
_cell.angle_beta   110.23
_cell.angle_gamma   90.00
#
_symmetry.space_group_name_H-M   'P 1 21 1'
#
loop_
_entity.id
_entity.type
_entity.pdbx_description
1 polymer 'ATPase GET3'
2 polymer 'Golgi to ER traffic protein 4'
3 polymer 'Ubiquitin-like protein MDY2'
4 non-polymer 'ZINC ION'
#
loop_
_entity_poly.entity_id
_entity_poly.type
_entity_poly.pdbx_seq_one_letter_code
_entity_poly.pdbx_strand_id
1 'polypeptide(L)'
;MGGSHHHHHHGENLYFQSVDDLTVEPNLHSLITSTTHKWIFVGGKGGVGKTTSSCSIAIQMALSQPNKQFLLISTDPAHN
LSDAFGEKFGKDARKVTGMNNLSCMEIDPSAALKDMNDMAVSRANNNGSDGQGDDLGSLLQGGALADLTGSIPGIDEALS
FMEVMKHIKRQEQGEGETFDTVIFDTAPTGHTLRFLQLPNTLSKLLEKFGEITNKLGPMLNSFMGAGNVDISGKLNELKA
NVETIRQQFTDPDLTTFVCVCISEFLSLYETERLIQELISYDMDVNSIIVNQLLFAENDQEHNCKRCQARWKMQKKYLDQ
IDELYEDFHVVKMPLCAGEIRGLNNLTKFSQFLNKEYNPITDGKVIYELEDKE
;
A,B,D,M,N,O,P,C
2 'polypeptide(L)'
;MGAKLAKTLQRFENKIKAGDYYEAHQTLRTIANRYVRSKSYEHAIELISQGALSFLKAKQGGSGTDLIFYLLEVYDLAEV
KVDDISVARLVRLIAELDPSEPNLKDVITGMNNWSIKFSEYKFGDPYLHNTIGSKLLEGDFVYEAERYFMLGTHDSMIKY
VDLLWDWLCQVDDIEDSTVAEFFSRLVFNYLFISNISFAHESKDIFLERFIEKFHPKYEKIDKNGYEIVFFEDYSDLNFL
QLLLITCQTADASYFLNLKNHYLDFSQAYKSELEFLGQEYFNIVAPKQTNFLQDMMSGFLGGSGENLYFQSLEHHHHHH
;
E,G,I,K,Q,S,U,W
3 'polypeptide(L)' MSTSASGPEHEFVSKFLTLATLTEPKLPKSYTKPLKDVTNLGVPLPTLKYKYKQNR F,H,J,L,R,T,V,X
#
loop_
_chem_comp.id
_chem_comp.type
_chem_comp.name
_chem_comp.formula
ZN non-polymer 'ZINC ION' 'Zn 2'
#
# COMPACT_ATOMS: atom_id res chain seq x y z
N VAL A 24 21.23 -36.24 -74.14
CA VAL A 24 19.94 -36.44 -73.42
C VAL A 24 18.77 -36.34 -74.38
N GLU A 25 18.03 -37.44 -74.55
CA GLU A 25 16.88 -37.45 -75.44
C GLU A 25 15.69 -36.86 -74.69
N PRO A 26 15.07 -35.81 -75.24
CA PRO A 26 13.91 -35.17 -74.60
C PRO A 26 12.69 -36.08 -74.55
N ASN A 27 12.88 -37.30 -74.03
CA ASN A 27 11.80 -38.27 -73.92
C ASN A 27 12.03 -39.19 -72.73
N LEU A 28 11.06 -40.05 -72.46
CA LEU A 28 11.14 -40.99 -71.34
C LEU A 28 11.26 -42.42 -71.87
N HIS A 29 11.79 -42.55 -73.09
CA HIS A 29 11.94 -43.85 -73.73
C HIS A 29 12.68 -44.85 -72.83
N SER A 30 13.93 -44.53 -72.50
CA SER A 30 14.76 -45.39 -71.66
C SER A 30 14.04 -45.89 -70.41
N LEU A 31 13.11 -45.09 -69.90
CA LEU A 31 12.36 -45.46 -68.70
C LEU A 31 11.10 -46.25 -69.05
N ILE A 32 10.45 -45.85 -70.15
CA ILE A 32 9.23 -46.52 -70.59
C ILE A 32 9.52 -47.96 -71.02
N THR A 33 10.73 -48.21 -71.48
CA THR A 33 11.12 -49.55 -71.92
C THR A 33 11.98 -50.30 -70.90
N SER A 34 12.14 -49.72 -69.71
CA SER A 34 12.93 -50.35 -68.67
C SER A 34 12.14 -51.40 -67.91
N THR A 35 12.71 -52.58 -67.78
CA THR A 35 12.05 -53.69 -67.08
C THR A 35 12.63 -53.92 -65.69
N THR A 36 13.63 -53.11 -65.31
CA THR A 36 14.26 -53.23 -64.01
C THR A 36 13.61 -52.31 -63.00
N HIS A 37 13.26 -51.11 -63.43
CA HIS A 37 12.62 -50.14 -62.55
C HIS A 37 11.35 -50.73 -61.93
N LYS A 38 11.18 -50.52 -60.63
CA LYS A 38 10.02 -51.03 -59.92
C LYS A 38 9.44 -49.97 -59.00
N TRP A 39 10.00 -48.76 -59.07
CA TRP A 39 9.55 -47.64 -58.26
C TRP A 39 9.60 -46.38 -59.11
N ILE A 40 8.45 -45.94 -59.60
CA ILE A 40 8.38 -44.75 -60.44
C ILE A 40 7.65 -43.59 -59.77
N PHE A 41 8.40 -42.57 -59.41
CA PHE A 41 7.84 -41.39 -58.76
C PHE A 41 7.36 -40.36 -59.79
N VAL A 42 6.33 -39.59 -59.41
CA VAL A 42 5.78 -38.58 -60.30
C VAL A 42 5.21 -37.42 -59.47
N GLY A 43 5.95 -36.33 -59.40
CA GLY A 43 5.50 -35.17 -58.64
C GLY A 43 5.34 -33.92 -59.46
N GLY A 44 4.72 -32.91 -58.86
CA GLY A 44 4.51 -31.64 -59.56
C GLY A 44 3.39 -30.82 -58.95
N LYS A 45 3.73 -30.03 -57.94
CA LYS A 45 2.74 -29.18 -57.26
C LYS A 45 2.43 -27.94 -58.08
N GLY A 46 1.14 -27.58 -58.12
CA GLY A 46 0.73 -26.41 -58.86
C GLY A 46 -0.31 -26.67 -59.92
N GLY A 47 -0.99 -27.81 -59.83
CA GLY A 47 -2.01 -28.15 -60.81
C GLY A 47 -1.40 -28.03 -62.19
N VAL A 48 -0.23 -28.63 -62.35
CA VAL A 48 0.50 -28.58 -63.60
C VAL A 48 0.26 -29.79 -64.49
N GLY A 49 -0.83 -30.50 -64.24
CA GLY A 49 -1.16 -31.66 -65.03
C GLY A 49 -0.45 -32.92 -64.55
N LYS A 50 -0.22 -32.99 -63.24
CA LYS A 50 0.46 -34.13 -62.63
C LYS A 50 -0.29 -35.42 -62.95
N THR A 51 -1.60 -35.41 -62.70
CA THR A 51 -2.45 -36.57 -62.94
C THR A 51 -2.27 -37.11 -64.35
N THR A 52 -2.29 -36.20 -65.32
CA THR A 52 -2.14 -36.56 -66.74
C THR A 52 -0.82 -37.29 -66.99
N SER A 53 0.29 -36.63 -66.68
CA SER A 53 1.61 -37.21 -66.87
C SER A 53 1.73 -38.58 -66.21
N SER A 54 1.10 -38.73 -65.05
CA SER A 54 1.14 -40.00 -64.31
C SER A 54 0.49 -41.12 -65.12
N CYS A 55 -0.74 -40.89 -65.56
CA CYS A 55 -1.46 -41.90 -66.34
C CYS A 55 -0.72 -42.17 -67.65
N SER A 56 -0.09 -41.15 -68.19
CA SER A 56 0.66 -41.27 -69.44
C SER A 56 1.87 -42.18 -69.29
N ILE A 57 2.72 -41.86 -68.31
CA ILE A 57 3.92 -42.64 -68.06
C ILE A 57 3.57 -44.09 -67.72
N ALA A 58 2.44 -44.29 -67.06
CA ALA A 58 2.00 -45.62 -66.67
C ALA A 58 1.54 -46.44 -67.88
N ILE A 59 0.84 -45.77 -68.79
CA ILE A 59 0.33 -46.42 -70.00
C ILE A 59 1.45 -46.75 -70.97
N GLN A 60 2.39 -45.83 -71.12
CA GLN A 60 3.53 -46.04 -72.02
C GLN A 60 4.39 -47.22 -71.60
N MET A 61 4.58 -47.39 -70.30
CA MET A 61 5.38 -48.50 -69.78
C MET A 61 4.64 -49.82 -69.87
N ALA A 62 3.33 -49.79 -69.62
CA ALA A 62 2.51 -51.00 -69.66
C ALA A 62 2.39 -51.53 -71.08
N LEU A 63 2.26 -50.63 -72.04
CA LEU A 63 2.13 -51.02 -73.44
C LEU A 63 3.46 -51.47 -74.05
N SER A 64 4.55 -50.90 -73.55
CA SER A 64 5.88 -51.26 -74.05
C SER A 64 6.38 -52.57 -73.45
N GLN A 65 5.89 -52.90 -72.26
CA GLN A 65 6.30 -54.13 -71.60
C GLN A 65 5.08 -54.92 -71.13
N PRO A 66 4.39 -55.58 -72.07
CA PRO A 66 3.20 -56.38 -71.76
C PRO A 66 3.50 -57.63 -70.94
N ASN A 67 4.79 -57.88 -70.70
CA ASN A 67 5.21 -59.03 -69.93
C ASN A 67 5.51 -58.66 -68.48
N LYS A 68 4.95 -57.54 -68.04
CA LYS A 68 5.14 -57.06 -66.67
C LYS A 68 3.91 -56.28 -66.18
N GLN A 69 3.54 -56.52 -64.93
CA GLN A 69 2.38 -55.85 -64.34
C GLN A 69 2.76 -54.50 -63.73
N PHE A 70 2.03 -53.46 -64.09
CA PHE A 70 2.29 -52.11 -63.60
C PHE A 70 1.12 -51.64 -62.73
N LEU A 71 1.41 -50.76 -61.77
CA LEU A 71 0.39 -50.25 -60.88
C LEU A 71 0.50 -48.74 -60.68
N LEU A 72 -0.52 -48.02 -61.11
CA LEU A 72 -0.57 -46.57 -60.98
C LEU A 72 -1.42 -46.22 -59.75
N ILE A 73 -0.78 -45.65 -58.73
CA ILE A 73 -1.49 -45.28 -57.52
C ILE A 73 -1.39 -43.79 -57.20
N SER A 74 -2.52 -43.22 -56.77
CA SER A 74 -2.60 -41.81 -56.43
C SER A 74 -3.12 -41.60 -55.02
N THR A 75 -2.86 -40.43 -54.47
CA THR A 75 -3.32 -40.09 -53.12
C THR A 75 -4.14 -38.81 -53.15
N ASP A 76 -4.32 -38.25 -54.34
CA ASP A 76 -5.09 -37.02 -54.50
C ASP A 76 -6.55 -37.28 -54.17
N PRO A 77 -7.09 -36.57 -53.17
CA PRO A 77 -8.49 -36.71 -52.72
C PRO A 77 -9.53 -36.38 -53.79
N ALA A 78 -9.08 -35.82 -54.91
CA ALA A 78 -9.99 -35.47 -55.99
C ALA A 78 -10.25 -36.65 -56.91
N HIS A 79 -9.60 -37.78 -56.63
CA HIS A 79 -9.76 -38.98 -57.45
C HIS A 79 -9.50 -38.64 -58.91
N ASN A 80 -8.29 -38.15 -59.16
CA ASN A 80 -7.86 -37.75 -60.49
C ASN A 80 -7.76 -38.90 -61.49
N LEU A 81 -7.39 -40.08 -61.00
CA LEU A 81 -7.25 -41.25 -61.88
C LEU A 81 -8.61 -41.77 -62.35
N SER A 82 -9.64 -41.59 -61.55
CA SER A 82 -10.98 -42.04 -61.90
C SER A 82 -11.64 -41.07 -62.87
N ASP A 83 -11.19 -39.82 -62.83
CA ASP A 83 -11.72 -38.78 -63.70
C ASP A 83 -10.89 -38.67 -64.98
N ALA A 84 -9.72 -39.32 -64.97
CA ALA A 84 -8.83 -39.30 -66.12
C ALA A 84 -9.09 -40.49 -67.06
N PHE A 85 -9.45 -41.62 -66.48
CA PHE A 85 -9.72 -42.82 -67.28
C PHE A 85 -11.20 -42.98 -67.61
N GLY A 86 -12.06 -42.60 -66.66
CA GLY A 86 -13.49 -42.71 -66.89
C GLY A 86 -14.12 -43.90 -66.17
N GLU A 87 -13.46 -44.35 -65.11
CA GLU A 87 -13.94 -45.49 -64.34
C GLU A 87 -13.59 -45.32 -62.86
N LYS A 88 -14.36 -45.98 -62.00
CA LYS A 88 -14.14 -45.90 -60.55
C LYS A 88 -12.97 -46.73 -60.06
N PHE A 89 -12.02 -46.07 -59.40
CA PHE A 89 -10.84 -46.72 -58.84
C PHE A 89 -10.81 -46.51 -57.34
N GLY A 90 -10.65 -47.58 -56.58
CA GLY A 90 -10.61 -47.46 -55.13
C GLY A 90 -9.34 -48.02 -54.52
N LYS A 91 -9.39 -48.31 -53.22
CA LYS A 91 -8.24 -48.86 -52.52
C LYS A 91 -7.89 -50.24 -53.07
N ASP A 92 -8.83 -50.82 -53.81
CA ASP A 92 -8.63 -52.14 -54.41
C ASP A 92 -8.17 -51.99 -55.86
N ALA A 93 -6.92 -52.37 -56.11
CA ALA A 93 -6.33 -52.27 -57.43
C ALA A 93 -7.19 -52.94 -58.51
N ARG A 94 -7.49 -52.20 -59.56
CA ARG A 94 -8.29 -52.71 -60.67
C ARG A 94 -7.64 -52.41 -62.01
N LYS A 95 -7.61 -53.40 -62.89
CA LYS A 95 -7.02 -53.25 -64.21
C LYS A 95 -7.86 -52.25 -65.00
N VAL A 96 -7.22 -51.24 -65.60
CA VAL A 96 -7.96 -50.27 -66.38
C VAL A 96 -8.59 -51.04 -67.53
N THR A 97 -9.87 -50.78 -67.79
CA THR A 97 -10.60 -51.48 -68.85
C THR A 97 -9.89 -51.35 -70.20
N GLY A 98 -9.63 -52.50 -70.82
CA GLY A 98 -8.97 -52.51 -72.12
C GLY A 98 -7.50 -52.88 -72.05
N MET A 99 -6.95 -52.88 -70.84
CA MET A 99 -5.55 -53.21 -70.63
C MET A 99 -5.45 -54.30 -69.57
N ASN A 100 -4.62 -55.30 -69.83
CA ASN A 100 -4.43 -56.39 -68.89
C ASN A 100 -3.00 -56.33 -68.35
N ASN A 101 -2.39 -55.16 -68.45
CA ASN A 101 -1.03 -54.96 -68.00
C ASN A 101 -0.93 -53.81 -67.02
N LEU A 102 -1.86 -52.87 -67.12
CA LEU A 102 -1.88 -51.70 -66.24
C LEU A 102 -3.00 -51.78 -65.21
N SER A 103 -2.72 -51.31 -63.99
CA SER A 103 -3.69 -51.32 -62.92
C SER A 103 -3.67 -49.99 -62.18
N CYS A 104 -4.83 -49.56 -61.67
CA CYS A 104 -4.92 -48.30 -60.94
C CYS A 104 -5.29 -48.48 -59.48
N MET A 105 -4.77 -47.59 -58.64
CA MET A 105 -5.03 -47.61 -57.21
C MET A 105 -5.20 -46.21 -56.65
N GLU A 106 -6.34 -45.97 -55.99
CA GLU A 106 -6.62 -44.67 -55.40
C GLU A 106 -6.90 -44.83 -53.90
N ILE A 107 -5.89 -44.58 -53.09
CA ILE A 107 -6.02 -44.70 -51.64
C ILE A 107 -5.89 -43.35 -50.95
N ASP A 108 -6.39 -43.27 -49.73
CA ASP A 108 -6.32 -42.03 -48.94
C ASP A 108 -5.24 -42.19 -47.88
N PRO A 109 -4.07 -41.55 -48.11
CA PRO A 109 -2.94 -41.60 -47.17
C PRO A 109 -3.18 -40.85 -45.87
N SER A 110 -4.21 -41.26 -45.12
CA SER A 110 -4.53 -40.62 -43.86
C SER A 110 -5.72 -41.32 -43.20
N ALA A 111 -6.61 -41.86 -44.03
CA ALA A 111 -7.79 -42.55 -43.53
C ALA A 111 -7.43 -43.93 -43.01
N GLY A 150 5.05 -34.50 -34.70
CA GLY A 150 5.64 -33.18 -34.77
C GLY A 150 6.83 -33.03 -33.85
N SER A 151 7.17 -34.09 -33.15
CA SER A 151 8.29 -34.08 -32.21
C SER A 151 9.53 -34.69 -32.85
N ILE A 152 9.37 -35.86 -33.45
CA ILE A 152 10.47 -36.57 -34.10
C ILE A 152 10.30 -36.56 -35.60
N PRO A 153 11.32 -36.05 -36.33
CA PRO A 153 11.27 -35.98 -37.79
C PRO A 153 11.35 -37.37 -38.41
N GLY A 154 10.65 -37.57 -39.52
CA GLY A 154 10.67 -38.85 -40.19
C GLY A 154 9.53 -39.78 -39.82
N ILE A 155 9.22 -39.86 -38.53
CA ILE A 155 8.15 -40.72 -38.04
C ILE A 155 6.87 -40.60 -38.86
N ASP A 156 6.23 -39.43 -38.78
CA ASP A 156 4.99 -39.18 -39.50
C ASP A 156 5.05 -39.67 -40.95
N GLU A 157 6.06 -39.22 -41.68
CA GLU A 157 6.22 -39.61 -43.08
C GLU A 157 6.28 -41.14 -43.19
N ALA A 158 7.03 -41.76 -42.29
CA ALA A 158 7.18 -43.21 -42.28
C ALA A 158 5.81 -43.88 -42.21
N LEU A 159 5.03 -43.52 -41.20
CA LEU A 159 3.69 -44.07 -41.02
C LEU A 159 2.84 -43.96 -42.28
N SER A 160 2.95 -42.82 -42.95
CA SER A 160 2.19 -42.56 -44.18
C SER A 160 2.58 -43.50 -45.32
N PHE A 161 3.87 -43.62 -45.56
CA PHE A 161 4.37 -44.47 -46.64
C PHE A 161 4.21 -45.95 -46.30
N MET A 162 4.52 -46.31 -45.07
CA MET A 162 4.38 -47.70 -44.63
C MET A 162 2.97 -48.20 -44.88
N GLU A 163 1.99 -47.31 -44.69
CA GLU A 163 0.59 -47.64 -44.89
C GLU A 163 0.24 -47.88 -46.36
N VAL A 164 0.80 -47.07 -47.24
CA VAL A 164 0.53 -47.21 -48.66
C VAL A 164 1.09 -48.52 -49.21
N MET A 165 2.22 -48.94 -48.64
CA MET A 165 2.87 -50.18 -49.05
C MET A 165 2.10 -51.40 -48.57
N LYS A 166 1.32 -51.23 -47.49
CA LYS A 166 0.52 -52.33 -46.98
C LYS A 166 -0.67 -52.51 -47.91
N HIS A 167 -1.06 -51.43 -48.57
CA HIS A 167 -2.17 -51.44 -49.52
C HIS A 167 -1.71 -52.04 -50.83
N ILE A 168 -0.39 -52.07 -51.04
CA ILE A 168 0.18 -52.63 -52.26
C ILE A 168 0.24 -54.15 -52.16
N LYS A 169 0.88 -54.65 -51.10
CA LYS A 169 1.00 -56.08 -50.88
C LYS A 169 -0.35 -56.74 -50.67
N ARG A 170 -1.33 -55.95 -50.25
CA ARG A 170 -2.68 -56.46 -50.02
C ARG A 170 -3.40 -56.72 -51.33
N GLN A 171 -3.08 -55.92 -52.34
CA GLN A 171 -3.70 -56.05 -53.65
C GLN A 171 -2.96 -57.04 -54.53
N GLU A 172 -1.84 -57.55 -54.04
CA GLU A 172 -1.04 -58.52 -54.79
C GLU A 172 -1.31 -59.92 -54.29
N GLN A 173 -2.10 -60.01 -53.22
CA GLN A 173 -2.48 -61.29 -52.64
C GLN A 173 -3.90 -61.61 -53.05
N GLY A 174 -4.72 -60.57 -53.13
CA GLY A 174 -6.10 -60.74 -53.53
C GLY A 174 -6.22 -60.43 -55.01
N GLU A 175 -5.70 -61.32 -55.84
CA GLU A 175 -5.73 -61.15 -57.28
C GLU A 175 -4.84 -59.98 -57.71
N GLY A 176 -4.04 -60.23 -58.74
CA GLY A 176 -3.12 -59.23 -59.25
C GLY A 176 -1.75 -59.85 -59.10
N GLU A 177 -1.62 -60.65 -58.05
CA GLU A 177 -0.41 -61.37 -57.72
C GLU A 177 0.85 -60.55 -57.49
N THR A 178 1.29 -59.79 -58.49
CA THR A 178 2.49 -58.98 -58.34
C THR A 178 2.71 -57.97 -59.45
N PHE A 179 3.08 -56.76 -59.04
CA PHE A 179 3.36 -55.68 -59.99
C PHE A 179 4.88 -55.49 -60.02
N ASP A 180 5.45 -55.56 -61.22
CA ASP A 180 6.89 -55.41 -61.37
C ASP A 180 7.37 -53.99 -61.13
N THR A 181 6.58 -53.00 -61.55
CA THR A 181 6.95 -51.61 -61.36
C THR A 181 5.73 -50.77 -60.98
N VAL A 182 5.84 -50.04 -59.88
CA VAL A 182 4.74 -49.21 -59.40
C VAL A 182 4.93 -47.74 -59.80
N ILE A 183 3.85 -47.13 -60.27
CA ILE A 183 3.88 -45.72 -60.68
C ILE A 183 3.25 -44.86 -59.58
N PHE A 184 4.09 -44.31 -58.72
CA PHE A 184 3.62 -43.47 -57.62
C PHE A 184 3.19 -42.07 -58.05
N ASP A 185 1.90 -41.82 -57.97
CA ASP A 185 1.36 -40.51 -58.32
C ASP A 185 1.34 -39.68 -57.04
N THR A 186 2.52 -39.18 -56.65
CA THR A 186 2.67 -38.38 -55.44
C THR A 186 1.52 -37.40 -55.23
N ALA A 187 1.23 -37.13 -53.97
CA ALA A 187 0.16 -36.20 -53.60
C ALA A 187 0.44 -34.80 -54.14
N PRO A 188 -0.59 -33.96 -54.22
CA PRO A 188 -0.42 -32.58 -54.72
C PRO A 188 0.38 -31.73 -53.76
N THR A 189 0.16 -31.92 -52.47
CA THR A 189 0.86 -31.17 -51.43
C THR A 189 1.44 -32.13 -50.41
N GLY A 190 2.28 -31.61 -49.52
CA GLY A 190 2.89 -32.44 -48.50
C GLY A 190 4.06 -33.25 -49.01
N HIS A 191 5.24 -32.96 -48.47
CA HIS A 191 6.46 -33.66 -48.87
C HIS A 191 6.41 -35.10 -48.37
N THR A 192 5.60 -35.93 -49.03
CA THR A 192 5.46 -37.33 -48.64
C THR A 192 6.77 -38.10 -48.71
N LEU A 193 7.84 -37.41 -49.13
CA LEU A 193 9.15 -38.04 -49.22
C LEU A 193 10.12 -37.45 -48.20
N ARG A 194 9.57 -36.90 -47.13
CA ARG A 194 10.40 -36.29 -46.09
C ARG A 194 11.19 -37.36 -45.33
N PHE A 195 10.56 -38.52 -45.09
CA PHE A 195 11.22 -39.60 -44.38
C PHE A 195 12.34 -40.21 -45.20
N LEU A 196 12.57 -39.66 -46.39
CA LEU A 196 13.62 -40.18 -47.26
C LEU A 196 14.98 -39.62 -46.87
N GLN A 197 15.11 -39.20 -45.62
CA GLN A 197 16.38 -38.64 -45.17
C GLN A 197 16.64 -38.96 -43.69
N LEU A 198 15.57 -39.20 -42.94
CA LEU A 198 15.72 -39.51 -41.52
C LEU A 198 16.57 -40.76 -41.31
N PRO A 199 16.25 -41.86 -42.00
CA PRO A 199 17.02 -43.11 -41.87
C PRO A 199 18.52 -42.97 -42.01
N ASN A 200 18.98 -42.07 -42.88
CA ASN A 200 20.41 -41.87 -43.07
C ASN A 200 20.91 -40.94 -41.97
N THR A 201 20.06 -39.97 -41.61
CA THR A 201 20.38 -39.00 -40.58
C THR A 201 20.70 -39.67 -39.24
N LEU A 202 19.64 -40.13 -38.56
CA LEU A 202 19.79 -40.77 -37.27
C LEU A 202 20.88 -41.83 -37.26
N SER A 203 21.03 -42.56 -38.37
CA SER A 203 22.04 -43.60 -38.46
C SER A 203 23.45 -43.03 -38.31
N LYS A 204 23.78 -42.03 -39.11
CA LYS A 204 25.11 -41.43 -39.03
C LYS A 204 25.39 -40.96 -37.60
N LEU A 205 24.34 -40.55 -36.90
CA LEU A 205 24.49 -40.11 -35.52
C LEU A 205 24.91 -41.30 -34.67
N LEU A 206 24.47 -42.50 -35.06
CA LEU A 206 24.83 -43.71 -34.34
C LEU A 206 26.32 -43.93 -34.47
N GLU A 207 26.86 -43.62 -35.64
CA GLU A 207 28.28 -43.78 -35.90
C GLU A 207 29.11 -42.84 -35.03
N LYS A 208 28.66 -41.61 -34.86
CA LYS A 208 29.38 -40.66 -34.02
C LYS A 208 29.28 -41.18 -32.60
N PHE A 209 28.13 -41.79 -32.29
CA PHE A 209 27.87 -42.35 -30.98
C PHE A 209 28.75 -43.57 -30.73
N GLY A 210 28.67 -44.53 -31.65
CA GLY A 210 29.44 -45.75 -31.53
C GLY A 210 30.94 -45.55 -31.40
N GLU A 211 31.53 -44.78 -32.30
CA GLU A 211 32.96 -44.54 -32.28
C GLU A 211 33.41 -43.84 -31.00
N ILE A 212 32.86 -42.66 -30.74
CA ILE A 212 33.21 -41.89 -29.56
C ILE A 212 33.14 -42.73 -28.28
N THR A 213 32.13 -43.59 -28.20
CA THR A 213 31.98 -44.45 -27.03
C THR A 213 33.15 -45.42 -26.90
N ASN A 214 34.18 -45.19 -27.69
CA ASN A 214 35.37 -46.03 -27.66
C ASN A 214 36.52 -45.28 -26.99
N LYS A 215 36.39 -45.09 -25.68
CA LYS A 215 37.42 -44.40 -24.90
C LYS A 215 38.75 -45.06 -25.22
N LEU A 216 39.84 -44.48 -24.71
CA LEU A 216 41.17 -45.05 -24.94
C LEU A 216 41.09 -46.57 -24.93
N GLY A 217 41.72 -47.20 -25.92
CA GLY A 217 41.67 -48.65 -25.98
C GLY A 217 41.82 -49.19 -27.40
N PRO A 218 41.04 -50.22 -27.77
CA PRO A 218 40.02 -50.92 -26.97
C PRO A 218 40.67 -51.80 -25.90
N MET A 219 41.90 -51.44 -25.55
CA MET A 219 42.68 -52.16 -24.55
C MET A 219 41.89 -52.38 -23.26
N LEU A 220 41.51 -51.29 -22.62
CA LEU A 220 40.78 -51.36 -21.36
C LEU A 220 39.27 -51.55 -21.53
N ASN A 221 38.72 -51.13 -22.66
CA ASN A 221 37.30 -51.28 -22.90
C ASN A 221 36.97 -52.75 -23.08
N SER A 222 37.99 -53.54 -23.38
CA SER A 222 37.83 -54.97 -23.60
C SER A 222 38.17 -55.75 -22.33
N PHE A 223 38.88 -55.10 -21.41
CA PHE A 223 39.26 -55.74 -20.15
C PHE A 223 38.13 -55.65 -19.13
N MET A 224 37.21 -54.73 -19.35
CA MET A 224 36.08 -54.54 -18.46
C MET A 224 34.80 -55.14 -19.06
N GLY A 225 34.88 -55.50 -20.33
CA GLY A 225 33.73 -56.08 -21.01
C GLY A 225 34.07 -57.39 -21.69
N ILE A 231 35.38 -55.58 -32.23
CA ILE A 231 34.76 -54.42 -32.86
C ILE A 231 33.37 -54.73 -33.38
N SER A 232 32.64 -55.57 -32.64
CA SER A 232 31.29 -55.94 -33.01
C SER A 232 30.40 -54.71 -33.19
N GLY A 233 30.77 -53.62 -32.52
CA GLY A 233 30.01 -52.40 -32.62
C GLY A 233 30.30 -51.61 -33.88
N LYS A 234 31.57 -51.56 -34.26
CA LYS A 234 31.98 -50.83 -35.45
C LYS A 234 31.60 -51.58 -36.72
N LEU A 235 31.28 -52.87 -36.58
CA LEU A 235 30.90 -53.68 -37.73
C LEU A 235 29.40 -53.70 -37.95
N ASN A 236 28.65 -54.01 -36.89
CA ASN A 236 27.20 -54.05 -36.98
C ASN A 236 26.63 -52.68 -37.32
N GLU A 237 27.36 -51.64 -36.95
CA GLU A 237 26.94 -50.27 -37.24
C GLU A 237 27.01 -50.08 -38.75
N LEU A 238 28.16 -50.41 -39.31
CA LEU A 238 28.39 -50.26 -40.74
C LEU A 238 27.41 -51.13 -41.53
N LYS A 239 26.93 -52.19 -40.90
CA LYS A 239 25.97 -53.07 -41.57
C LYS A 239 24.58 -52.44 -41.55
N ALA A 240 24.21 -51.89 -40.40
CA ALA A 240 22.91 -51.23 -40.26
C ALA A 240 22.98 -49.91 -41.03
N ASN A 241 24.19 -49.48 -41.33
CA ASN A 241 24.44 -48.25 -42.06
C ASN A 241 24.11 -48.43 -43.54
N VAL A 242 24.76 -49.40 -44.17
CA VAL A 242 24.55 -49.67 -45.59
C VAL A 242 23.10 -50.02 -45.87
N GLU A 243 22.58 -51.04 -45.17
CA GLU A 243 21.20 -51.47 -45.36
C GLU A 243 20.27 -50.26 -45.42
N THR A 244 20.42 -49.35 -44.46
CA THR A 244 19.61 -48.15 -44.40
C THR A 244 19.79 -47.31 -45.66
N ILE A 245 21.05 -46.96 -45.94
CA ILE A 245 21.37 -46.15 -47.11
C ILE A 245 20.93 -46.85 -48.39
N ARG A 246 20.62 -48.14 -48.29
CA ARG A 246 20.18 -48.90 -49.46
C ARG A 246 18.67 -48.77 -49.66
N GLN A 247 17.99 -48.25 -48.66
CA GLN A 247 16.54 -48.08 -48.74
C GLN A 247 16.17 -46.70 -49.28
N GLN A 248 17.15 -45.79 -49.25
CA GLN A 248 16.95 -44.44 -49.77
C GLN A 248 17.51 -44.41 -51.19
N PHE A 249 18.76 -44.83 -51.31
CA PHE A 249 19.45 -44.88 -52.59
C PHE A 249 18.64 -45.77 -53.53
N THR A 250 18.09 -46.85 -52.95
CA THR A 250 17.27 -47.82 -53.67
C THR A 250 17.66 -48.00 -55.14
N ASP A 251 18.96 -47.93 -55.41
CA ASP A 251 19.47 -48.09 -56.77
C ASP A 251 18.83 -47.19 -57.81
N PRO A 252 19.64 -46.38 -58.51
CA PRO A 252 19.13 -45.46 -59.53
C PRO A 252 18.59 -46.23 -60.73
N ASP A 253 18.95 -47.51 -60.81
CA ASP A 253 18.50 -48.39 -61.89
C ASP A 253 17.21 -49.08 -61.49
N LEU A 254 16.86 -48.98 -60.21
CA LEU A 254 15.65 -49.60 -59.68
C LEU A 254 14.60 -48.54 -59.36
N THR A 255 15.04 -47.38 -58.89
CA THR A 255 14.13 -46.31 -58.54
C THR A 255 14.55 -44.98 -59.16
N THR A 256 13.57 -44.17 -59.52
CA THR A 256 13.80 -42.87 -60.12
C THR A 256 12.61 -41.95 -59.80
N PHE A 257 12.79 -40.66 -60.01
CA PHE A 257 11.72 -39.70 -59.74
C PHE A 257 11.47 -38.82 -60.97
N VAL A 258 10.21 -38.76 -61.39
CA VAL A 258 9.82 -37.95 -62.53
C VAL A 258 9.06 -36.71 -62.07
N CYS A 259 9.58 -35.54 -62.42
CA CYS A 259 8.95 -34.28 -62.03
C CYS A 259 8.14 -33.70 -63.20
N VAL A 260 7.09 -32.97 -62.87
CA VAL A 260 6.23 -32.36 -63.88
C VAL A 260 6.04 -30.88 -63.60
N CYS A 261 6.01 -30.08 -64.67
CA CYS A 261 5.83 -28.64 -64.54
C CYS A 261 5.48 -28.01 -65.88
N ILE A 262 5.50 -26.68 -65.92
CA ILE A 262 5.22 -25.93 -67.13
C ILE A 262 6.16 -24.73 -67.18
N SER A 263 6.30 -24.14 -68.36
CA SER A 263 7.18 -22.99 -68.52
C SER A 263 6.55 -21.71 -67.97
N GLU A 264 6.59 -21.57 -66.65
CA GLU A 264 6.04 -20.41 -65.97
C GLU A 264 6.80 -20.16 -64.67
N PHE A 265 7.10 -18.90 -64.40
CA PHE A 265 7.84 -18.50 -63.20
C PHE A 265 7.57 -19.40 -62.00
N LEU A 266 6.41 -19.21 -61.38
CA LEU A 266 6.02 -19.99 -60.21
C LEU A 266 6.28 -21.48 -60.34
N SER A 267 6.05 -22.03 -61.53
CA SER A 267 6.27 -23.45 -61.75
C SER A 267 7.75 -23.79 -61.60
N LEU A 268 8.61 -23.00 -62.23
CA LEU A 268 10.04 -23.21 -62.15
C LEU A 268 10.50 -23.15 -60.71
N TYR A 269 9.95 -22.19 -59.96
CA TYR A 269 10.30 -22.01 -58.56
C TYR A 269 9.98 -23.30 -57.81
N GLU A 270 8.76 -23.80 -58.01
CA GLU A 270 8.30 -25.03 -57.38
C GLU A 270 9.13 -26.23 -57.82
N THR A 271 9.50 -26.26 -59.10
CA THR A 271 10.29 -27.36 -59.64
C THR A 271 11.69 -27.35 -59.06
N GLU A 272 12.36 -26.22 -59.14
CA GLU A 272 13.72 -26.07 -58.64
C GLU A 272 13.87 -26.61 -57.21
N ARG A 273 12.95 -26.22 -56.32
CA ARG A 273 13.01 -26.67 -54.94
C ARG A 273 12.72 -28.16 -54.82
N LEU A 274 11.72 -28.63 -55.56
CA LEU A 274 11.34 -30.04 -55.51
C LEU A 274 12.56 -30.90 -55.79
N ILE A 275 13.30 -30.55 -56.84
CA ILE A 275 14.49 -31.29 -57.23
C ILE A 275 15.58 -31.23 -56.17
N GLN A 276 15.71 -30.09 -55.51
CA GLN A 276 16.71 -29.93 -54.46
C GLN A 276 16.37 -30.90 -53.33
N GLU A 277 15.09 -30.94 -52.98
CA GLU A 277 14.59 -31.80 -51.93
C GLU A 277 14.92 -33.26 -52.22
N LEU A 278 14.71 -33.69 -53.46
CA LEU A 278 14.97 -35.06 -53.87
C LEU A 278 16.46 -35.37 -53.87
N ILE A 279 17.27 -34.40 -54.25
CA ILE A 279 18.72 -34.59 -54.29
C ILE A 279 19.26 -34.78 -52.87
N SER A 280 18.61 -34.15 -51.90
CA SER A 280 19.02 -34.28 -50.51
C SER A 280 18.63 -35.68 -50.03
N TYR A 281 17.69 -36.29 -50.76
CA TYR A 281 17.24 -37.64 -50.44
C TYR A 281 18.07 -38.62 -51.25
N ASP A 282 18.99 -38.09 -52.05
CA ASP A 282 19.85 -38.91 -52.90
C ASP A 282 18.99 -39.68 -53.90
N MET A 283 17.73 -39.28 -54.04
CA MET A 283 16.80 -39.92 -54.96
C MET A 283 17.08 -39.45 -56.38
N ASP A 284 17.35 -40.41 -57.27
CA ASP A 284 17.64 -40.09 -58.67
C ASP A 284 16.53 -39.30 -59.33
N VAL A 285 16.91 -38.22 -60.02
CA VAL A 285 15.97 -37.36 -60.72
C VAL A 285 16.61 -36.84 -62.00
N ASN A 286 15.98 -37.16 -63.13
CA ASN A 286 16.51 -36.72 -64.42
C ASN A 286 15.41 -36.61 -65.47
N SER A 287 14.18 -36.33 -65.03
CA SER A 287 13.06 -36.22 -65.93
C SER A 287 12.13 -35.07 -65.53
N ILE A 288 11.99 -34.09 -66.41
CA ILE A 288 11.14 -32.94 -66.15
C ILE A 288 10.11 -32.76 -67.27
N ILE A 289 8.85 -33.02 -66.95
CA ILE A 289 7.76 -32.89 -67.91
C ILE A 289 7.21 -31.47 -67.91
N VAL A 290 7.05 -30.91 -69.11
CA VAL A 290 6.52 -29.56 -69.25
C VAL A 290 5.36 -29.55 -70.24
N ASN A 291 4.14 -29.62 -69.72
CA ASN A 291 2.94 -29.64 -70.56
C ASN A 291 2.41 -28.24 -70.81
N GLN A 292 1.33 -28.16 -71.59
CA GLN A 292 0.69 -26.90 -71.92
C GLN A 292 1.49 -25.98 -72.83
N LEU A 293 2.56 -26.49 -73.43
CA LEU A 293 3.37 -25.69 -74.33
C LEU A 293 2.59 -25.38 -75.60
N LEU A 294 2.75 -24.15 -76.10
CA LEU A 294 2.05 -23.70 -77.30
C LEU A 294 2.71 -24.04 -78.63
N PHE A 295 3.96 -23.64 -78.81
CA PHE A 295 4.65 -23.89 -80.07
C PHE A 295 3.80 -23.25 -81.16
N ALA A 296 3.21 -22.11 -80.84
CA ALA A 296 2.32 -21.39 -81.75
C ALA A 296 2.99 -20.79 -82.98
N GLU A 297 4.21 -21.21 -83.27
CA GLU A 297 4.92 -20.69 -84.45
C GLU A 297 5.00 -21.76 -85.53
N ASN A 298 4.31 -22.88 -85.32
CA ASN A 298 4.34 -23.97 -86.28
C ASN A 298 2.95 -24.50 -86.65
N ASP A 299 2.01 -24.40 -85.71
CA ASP A 299 0.65 -24.89 -85.93
C ASP A 299 0.08 -24.38 -87.26
N GLN A 300 -0.39 -25.32 -88.09
CA GLN A 300 -0.96 -24.97 -89.38
C GLN A 300 -2.34 -24.33 -89.19
N GLU A 301 -2.33 -23.02 -89.00
CA GLU A 301 -3.52 -22.20 -88.79
C GLU A 301 -3.05 -21.10 -87.84
N HIS A 302 -1.98 -20.43 -88.24
CA HIS A 302 -1.37 -19.36 -87.46
C HIS A 302 -2.35 -18.34 -86.88
N ASN A 303 -1.91 -17.09 -86.81
CA ASN A 303 -2.73 -16.00 -86.28
C ASN A 303 -2.91 -16.08 -84.76
N CYS A 304 -3.76 -15.21 -84.24
CA CYS A 304 -4.07 -15.14 -82.82
C CYS A 304 -2.88 -14.65 -82.00
N LYS A 305 -2.74 -13.33 -81.91
CA LYS A 305 -1.66 -12.72 -81.14
C LYS A 305 -1.66 -13.26 -79.71
N ARG A 306 -2.85 -13.35 -79.13
CA ARG A 306 -3.04 -13.83 -77.77
C ARG A 306 -2.27 -15.12 -77.51
N CYS A 307 -2.26 -16.01 -78.51
CA CYS A 307 -1.56 -17.29 -78.39
C CYS A 307 -0.06 -17.14 -78.62
N GLN A 308 0.32 -16.26 -79.52
CA GLN A 308 1.73 -16.03 -79.83
C GLN A 308 2.45 -15.35 -78.67
N ALA A 309 1.77 -14.39 -78.04
CA ALA A 309 2.33 -13.66 -76.92
C ALA A 309 2.60 -14.58 -75.74
N ARG A 310 1.63 -15.45 -75.44
CA ARG A 310 1.77 -16.39 -74.33
C ARG A 310 2.96 -17.33 -74.52
N TRP A 311 3.16 -17.81 -75.73
CA TRP A 311 4.26 -18.72 -75.99
C TRP A 311 5.60 -18.00 -75.98
N LYS A 312 5.58 -16.70 -76.25
CA LYS A 312 6.81 -15.91 -76.23
C LYS A 312 7.33 -15.88 -74.80
N MET A 313 6.39 -15.98 -73.86
CA MET A 313 6.72 -15.97 -72.43
C MET A 313 7.15 -17.38 -72.02
N GLN A 314 6.48 -18.38 -72.56
CA GLN A 314 6.80 -19.77 -72.24
C GLN A 314 8.16 -20.13 -72.83
N LYS A 315 8.51 -19.51 -73.95
CA LYS A 315 9.78 -19.77 -74.60
C LYS A 315 10.89 -19.16 -73.77
N LYS A 316 10.60 -18.03 -73.13
CA LYS A 316 11.55 -17.33 -72.28
C LYS A 316 12.04 -18.27 -71.18
N TYR A 317 11.09 -18.80 -70.41
CA TYR A 317 11.40 -19.69 -69.30
C TYR A 317 11.94 -21.05 -69.78
N LEU A 318 11.39 -21.57 -70.86
CA LEU A 318 11.84 -22.85 -71.39
C LEU A 318 13.35 -22.84 -71.62
N ASP A 319 13.89 -21.67 -71.96
CA ASP A 319 15.32 -21.55 -72.19
C ASP A 319 16.05 -21.61 -70.86
N GLN A 320 15.40 -21.12 -69.81
CA GLN A 320 15.99 -21.15 -68.47
C GLN A 320 16.01 -22.59 -67.98
N ILE A 321 15.08 -23.39 -68.49
CA ILE A 321 14.98 -24.80 -68.12
C ILE A 321 16.02 -25.62 -68.86
N ASP A 322 16.30 -25.23 -70.10
CA ASP A 322 17.27 -25.93 -70.92
C ASP A 322 18.71 -25.53 -70.54
N GLU A 323 18.83 -24.53 -69.69
CA GLU A 323 20.14 -24.07 -69.23
C GLU A 323 20.31 -24.42 -67.76
N LEU A 324 19.18 -24.61 -67.07
CA LEU A 324 19.21 -24.97 -65.66
C LEU A 324 19.40 -26.47 -65.54
N TYR A 325 18.68 -27.21 -66.37
CA TYR A 325 18.76 -28.67 -66.39
C TYR A 325 19.30 -29.12 -67.74
N GLU A 326 20.60 -28.96 -67.90
CA GLU A 326 21.29 -29.31 -69.14
C GLU A 326 21.37 -30.82 -69.38
N ASP A 327 21.67 -31.58 -68.32
CA ASP A 327 21.78 -33.03 -68.45
C ASP A 327 20.54 -33.76 -67.96
N PHE A 328 19.40 -33.07 -67.96
CA PHE A 328 18.13 -33.67 -67.52
C PHE A 328 17.25 -34.00 -68.73
N HIS A 329 16.34 -34.96 -68.54
CA HIS A 329 15.43 -35.34 -69.61
C HIS A 329 14.25 -34.38 -69.61
N VAL A 330 14.42 -33.25 -70.29
CA VAL A 330 13.37 -32.24 -70.37
C VAL A 330 12.47 -32.47 -71.57
N VAL A 331 11.43 -33.27 -71.37
CA VAL A 331 10.48 -33.57 -72.44
C VAL A 331 9.40 -32.49 -72.49
N LYS A 332 9.37 -31.76 -73.60
CA LYS A 332 8.42 -30.68 -73.79
C LYS A 332 7.13 -31.16 -74.47
N MET A 333 6.05 -31.22 -73.70
CA MET A 333 4.76 -31.67 -74.21
C MET A 333 3.91 -30.51 -74.74
N PRO A 334 3.12 -30.78 -75.80
CA PRO A 334 2.24 -29.80 -76.43
C PRO A 334 0.95 -29.52 -75.67
N LEU A 335 0.41 -28.33 -75.87
CA LEU A 335 -0.84 -27.92 -75.23
C LEU A 335 -2.02 -28.43 -76.03
N CYS A 336 -3.02 -28.95 -75.33
CA CYS A 336 -4.21 -29.48 -76.00
C CYS A 336 -5.38 -28.54 -75.73
N ALA A 337 -6.29 -28.43 -76.71
CA ALA A 337 -7.45 -27.56 -76.58
C ALA A 337 -8.09 -27.74 -75.21
N GLY A 338 -8.71 -28.90 -75.01
CA GLY A 338 -9.34 -29.19 -73.73
C GLY A 338 -8.49 -30.16 -72.94
N GLU A 339 -8.96 -30.58 -71.77
CA GLU A 339 -8.20 -31.53 -70.96
C GLU A 339 -8.30 -32.91 -71.59
N ILE A 340 -7.26 -33.71 -71.43
CA ILE A 340 -7.22 -35.05 -71.99
C ILE A 340 -7.72 -36.09 -70.99
N ARG A 341 -8.82 -36.76 -71.35
CA ARG A 341 -9.40 -37.79 -70.51
C ARG A 341 -9.82 -38.98 -71.35
N GLY A 342 -9.95 -40.14 -70.71
CA GLY A 342 -10.33 -41.34 -71.44
C GLY A 342 -9.07 -42.08 -71.84
N LEU A 343 -9.07 -43.40 -71.69
CA LEU A 343 -7.91 -44.20 -72.03
C LEU A 343 -7.39 -43.89 -73.43
N ASN A 344 -8.31 -43.76 -74.38
CA ASN A 344 -7.95 -43.49 -75.76
C ASN A 344 -7.13 -42.20 -75.95
N ASN A 345 -7.74 -41.05 -75.67
CA ASN A 345 -7.05 -39.78 -75.84
C ASN A 345 -5.76 -39.68 -75.02
N LEU A 346 -5.63 -40.50 -74.00
CA LEU A 346 -4.44 -40.49 -73.15
C LEU A 346 -3.26 -41.19 -73.82
N THR A 347 -3.52 -42.38 -74.37
CA THR A 347 -2.47 -43.15 -75.03
C THR A 347 -1.91 -42.40 -76.23
N LYS A 348 -2.80 -41.76 -76.98
CA LYS A 348 -2.40 -41.00 -78.17
C LYS A 348 -1.58 -39.76 -77.81
N PHE A 349 -1.78 -39.26 -76.60
CA PHE A 349 -1.06 -38.07 -76.14
C PHE A 349 0.24 -38.49 -75.45
N SER A 350 0.25 -39.69 -74.88
CA SER A 350 1.42 -40.19 -74.18
C SER A 350 2.48 -40.71 -75.15
N GLN A 351 2.11 -40.82 -76.41
CA GLN A 351 3.03 -41.31 -77.43
C GLN A 351 4.19 -40.33 -77.60
N PHE A 352 3.96 -39.07 -77.24
CA PHE A 352 4.98 -38.04 -77.35
C PHE A 352 6.03 -38.15 -76.25
N LEU A 353 5.75 -38.98 -75.24
CA LEU A 353 6.70 -39.18 -74.15
C LEU A 353 7.76 -40.18 -74.57
N ASN A 354 7.46 -40.92 -75.63
CA ASN A 354 8.38 -41.92 -76.16
C ASN A 354 9.15 -41.30 -77.33
N LYS A 355 8.42 -40.54 -78.15
CA LYS A 355 9.02 -39.86 -79.30
C LYS A 355 8.68 -38.38 -79.21
N GLU A 356 9.70 -37.53 -79.26
CA GLU A 356 9.51 -36.09 -79.16
C GLU A 356 8.35 -35.58 -80.00
N TYR A 357 7.68 -34.55 -79.49
CA TYR A 357 6.54 -33.95 -80.19
C TYR A 357 7.03 -32.89 -81.18
N ASN A 358 6.60 -33.01 -82.43
CA ASN A 358 6.99 -32.06 -83.46
C ASN A 358 5.75 -31.26 -83.87
N PRO A 359 5.69 -29.99 -83.45
CA PRO A 359 4.55 -29.12 -83.79
C PRO A 359 4.38 -28.90 -85.29
N ILE A 360 5.37 -29.30 -86.07
CA ILE A 360 5.34 -29.15 -87.52
C ILE A 360 4.61 -30.31 -88.18
N THR A 361 4.72 -31.50 -87.60
CA THR A 361 4.10 -32.69 -88.15
C THR A 361 3.03 -33.31 -87.25
N ASP A 362 3.27 -33.31 -85.95
CA ASP A 362 2.33 -33.89 -85.00
C ASP A 362 1.19 -32.94 -84.64
N GLY A 363 1.08 -31.82 -85.36
CA GLY A 363 0.02 -30.87 -85.09
C GLY A 363 -1.35 -31.50 -85.20
N LYS A 364 -1.47 -32.52 -86.05
CA LYS A 364 -2.74 -33.20 -86.26
C LYS A 364 -3.21 -33.93 -85.00
N VAL A 365 -2.32 -34.73 -84.41
CA VAL A 365 -2.65 -35.49 -83.21
C VAL A 365 -3.21 -34.62 -82.09
N ILE A 366 -2.75 -33.37 -82.01
CA ILE A 366 -3.21 -32.45 -80.99
C ILE A 366 -4.60 -31.89 -81.32
N TYR A 367 -4.72 -31.27 -82.48
CA TYR A 367 -5.99 -30.70 -82.92
C TYR A 367 -6.98 -31.83 -83.18
N GLU A 368 -6.59 -33.03 -82.76
CA GLU A 368 -7.39 -34.24 -82.90
C GLU A 368 -8.04 -34.54 -81.56
N LEU A 369 -7.26 -34.39 -80.49
CA LEU A 369 -7.74 -34.63 -79.14
C LEU A 369 -8.79 -33.59 -78.79
N GLU A 370 -8.95 -32.61 -79.67
CA GLU A 370 -9.91 -31.53 -79.48
C GLU A 370 -11.24 -31.85 -80.16
N VAL B 24 -18.49 -3.78 -51.43
CA VAL B 24 -17.08 -3.60 -51.88
C VAL B 24 -17.04 -3.37 -53.38
N GLU B 25 -16.61 -2.18 -53.79
CA GLU B 25 -16.51 -1.86 -55.21
C GLU B 25 -15.21 -2.47 -55.75
N PRO B 26 -15.31 -3.31 -56.79
CA PRO B 26 -14.14 -3.95 -57.39
C PRO B 26 -13.20 -2.95 -58.07
N ASN B 27 -12.85 -1.90 -57.35
CA ASN B 27 -11.96 -0.87 -57.87
C ASN B 27 -11.13 -0.25 -56.75
N LEU B 28 -10.21 0.62 -57.11
CA LEU B 28 -9.33 1.29 -56.15
C LEU B 28 -9.67 2.77 -56.06
N HIS B 29 -10.91 3.11 -56.42
CA HIS B 29 -11.37 4.49 -56.40
C HIS B 29 -11.09 5.18 -55.07
N SER B 30 -11.68 4.65 -54.00
CA SER B 30 -11.52 5.21 -52.65
C SER B 30 -10.07 5.48 -52.29
N LEU B 31 -9.15 4.70 -52.85
CA LEU B 31 -7.73 4.87 -52.57
C LEU B 31 -7.09 5.84 -53.56
N ILE B 32 -7.53 5.80 -54.81
CA ILE B 32 -7.00 6.67 -55.86
C ILE B 32 -7.36 8.13 -55.59
N THR B 33 -8.48 8.34 -54.90
CA THR B 33 -8.94 9.69 -54.59
C THR B 33 -8.68 10.10 -53.14
N SER B 34 -7.91 9.29 -52.43
CA SER B 34 -7.60 9.58 -51.03
C SER B 34 -6.40 10.52 -50.91
N THR B 35 -6.58 11.60 -50.15
CA THR B 35 -5.52 12.59 -49.97
C THR B 35 -4.84 12.45 -48.61
N THR B 36 -5.29 11.48 -47.82
CA THR B 36 -4.71 11.23 -46.50
C THR B 36 -3.60 10.20 -46.56
N HIS B 37 -3.84 9.13 -47.32
CA HIS B 37 -2.84 8.07 -47.47
C HIS B 37 -1.51 8.65 -47.89
N LYS B 38 -0.44 8.19 -47.23
CA LYS B 38 0.90 8.66 -47.53
C LYS B 38 1.88 7.49 -47.64
N TRP B 39 1.35 6.28 -47.54
CA TRP B 39 2.14 5.07 -47.63
C TRP B 39 1.34 4.01 -48.41
N ILE B 40 1.69 3.82 -49.67
CA ILE B 40 1.00 2.85 -50.52
C ILE B 40 1.88 1.66 -50.90
N PHE B 41 1.56 0.50 -50.34
CA PHE B 41 2.30 -0.73 -50.61
C PHE B 41 1.76 -1.43 -51.85
N VAL B 42 2.65 -2.14 -52.56
CA VAL B 42 2.25 -2.86 -53.77
C VAL B 42 3.14 -4.10 -53.94
N GLY B 43 2.61 -5.26 -53.57
CA GLY B 43 3.37 -6.50 -53.69
C GLY B 43 2.73 -7.53 -54.60
N GLY B 44 3.50 -8.56 -54.95
CA GLY B 44 3.00 -9.60 -55.82
C GLY B 44 4.10 -10.44 -56.44
N LYS B 45 4.56 -11.45 -55.72
CA LYS B 45 5.62 -12.32 -56.21
C LYS B 45 5.10 -13.31 -57.24
N GLY B 46 5.88 -13.52 -58.30
CA GLY B 46 5.49 -14.45 -59.34
C GLY B 46 5.38 -13.84 -60.72
N GLY B 47 6.04 -12.70 -60.92
CA GLY B 47 5.97 -12.04 -62.22
C GLY B 47 4.53 -11.96 -62.64
N VAL B 48 3.69 -11.43 -61.75
CA VAL B 48 2.26 -11.31 -61.99
C VAL B 48 1.85 -9.91 -62.46
N GLY B 49 2.81 -9.16 -62.98
CA GLY B 49 2.52 -7.82 -63.45
C GLY B 49 2.54 -6.79 -62.34
N LYS B 50 3.39 -7.03 -61.33
CA LYS B 50 3.52 -6.12 -60.20
C LYS B 50 3.89 -4.72 -60.67
N THR B 51 4.94 -4.65 -61.49
CA THR B 51 5.44 -3.38 -62.01
C THR B 51 4.31 -2.57 -62.64
N THR B 52 3.51 -3.24 -63.46
CA THR B 52 2.39 -2.60 -64.15
C THR B 52 1.41 -1.99 -63.17
N SER B 53 0.87 -2.81 -62.28
CA SER B 53 -0.08 -2.35 -61.27
C SER B 53 0.46 -1.18 -60.46
N SER B 54 1.76 -1.23 -60.16
CA SER B 54 2.40 -0.18 -59.38
C SER B 54 2.34 1.16 -60.10
N CYS B 55 2.77 1.17 -61.36
CA CYS B 55 2.77 2.40 -62.16
C CYS B 55 1.33 2.87 -62.37
N SER B 56 0.42 1.92 -62.48
CA SER B 56 -0.99 2.23 -62.69
C SER B 56 -1.60 2.95 -61.49
N ILE B 57 -1.45 2.36 -60.31
CA ILE B 57 -1.98 2.95 -59.09
C ILE B 57 -1.37 4.32 -58.81
N ALA B 58 -0.10 4.49 -59.17
CA ALA B 58 0.61 5.75 -58.97
C ALA B 58 0.08 6.83 -59.90
N ILE B 59 -0.20 6.47 -61.15
CA ILE B 59 -0.70 7.40 -62.14
C ILE B 59 -2.15 7.82 -61.83
N GLN B 60 -2.97 6.85 -61.44
CA GLN B 60 -4.36 7.11 -61.12
C GLN B 60 -4.51 8.08 -59.95
N MET B 61 -3.62 7.96 -58.97
CA MET B 61 -3.66 8.83 -57.79
C MET B 61 -3.11 10.22 -58.10
N ALA B 62 -2.06 10.27 -58.92
CA ALA B 62 -1.44 11.53 -59.29
C ALA B 62 -2.36 12.38 -60.15
N LEU B 63 -3.11 11.73 -61.04
CA LEU B 63 -4.02 12.43 -61.92
C LEU B 63 -5.30 12.87 -61.22
N SER B 64 -5.72 12.09 -60.22
CA SER B 64 -6.92 12.39 -59.46
C SER B 64 -6.68 13.47 -58.42
N GLN B 65 -5.43 13.59 -57.96
CA GLN B 65 -5.08 14.58 -56.96
C GLN B 65 -3.86 15.39 -57.41
N PRO B 66 -4.05 16.31 -58.37
CA PRO B 66 -2.96 17.15 -58.88
C PRO B 66 -2.44 18.15 -57.86
N ASN B 67 -3.08 18.19 -56.69
CA ASN B 67 -2.67 19.10 -55.63
C ASN B 67 -1.82 18.40 -54.59
N LYS B 68 -1.21 17.28 -54.99
CA LYS B 68 -0.35 16.51 -54.09
C LYS B 68 0.74 15.77 -54.88
N GLN B 69 1.95 15.78 -54.34
CA GLN B 69 3.08 15.10 -54.98
C GLN B 69 3.14 13.63 -54.60
N PHE B 70 3.28 12.78 -55.62
CA PHE B 70 3.35 11.33 -55.42
C PHE B 70 4.72 10.81 -55.84
N LEU B 71 5.16 9.72 -55.21
CA LEU B 71 6.45 9.13 -55.52
C LEU B 71 6.38 7.61 -55.64
N LEU B 72 6.66 7.12 -56.85
CA LEU B 72 6.65 5.69 -57.12
C LEU B 72 8.08 5.16 -57.08
N ILE B 73 8.38 4.32 -56.09
CA ILE B 73 9.72 3.79 -55.95
C ILE B 73 9.76 2.27 -56.02
N SER B 74 10.77 1.74 -56.70
CA SER B 74 10.94 0.30 -56.86
C SER B 74 12.33 -0.15 -56.45
N THR B 75 12.46 -1.43 -56.14
CA THR B 75 13.74 -2.00 -55.72
C THR B 75 14.14 -3.15 -56.64
N ASP B 76 13.30 -3.42 -57.64
CA ASP B 76 13.55 -4.48 -58.59
C ASP B 76 14.79 -4.16 -59.42
N PRO B 77 15.82 -5.01 -59.35
CA PRO B 77 17.08 -4.83 -60.08
C PRO B 77 16.95 -4.80 -61.60
N ALA B 78 15.76 -5.14 -62.09
CA ALA B 78 15.51 -5.15 -63.52
C ALA B 78 15.10 -3.77 -64.03
N HIS B 79 14.99 -2.80 -63.12
CA HIS B 79 14.61 -1.45 -63.48
C HIS B 79 13.30 -1.49 -64.27
N ASN B 80 12.27 -2.06 -63.65
CA ASN B 80 10.96 -2.20 -64.25
C ASN B 80 10.26 -0.87 -64.56
N LEU B 81 10.48 0.12 -63.71
CA LEU B 81 9.86 1.42 -63.90
C LEU B 81 10.43 2.18 -65.10
N SER B 82 11.71 1.97 -65.37
CA SER B 82 12.36 2.63 -66.50
C SER B 82 11.97 1.97 -67.81
N ASP B 83 11.61 0.69 -67.73
CA ASP B 83 11.20 -0.07 -68.90
C ASP B 83 9.68 0.02 -69.11
N ALA B 84 8.98 0.50 -68.08
CA ALA B 84 7.53 0.63 -68.14
C ALA B 84 7.11 1.99 -68.68
N PHE B 85 7.86 3.03 -68.32
CA PHE B 85 7.57 4.39 -68.76
C PHE B 85 8.31 4.75 -70.05
N GLY B 86 9.56 4.32 -70.16
CA GLY B 86 10.34 4.61 -71.35
C GLY B 86 11.41 5.66 -71.11
N GLU B 87 11.81 5.82 -69.85
CA GLU B 87 12.83 6.79 -69.48
C GLU B 87 13.68 6.28 -68.34
N LYS B 88 14.88 6.83 -68.20
CA LYS B 88 15.81 6.41 -67.16
C LYS B 88 15.48 6.98 -65.78
N PHE B 89 15.30 6.09 -64.81
CA PHE B 89 15.01 6.48 -63.43
C PHE B 89 16.10 5.94 -62.52
N GLY B 90 16.66 6.80 -61.68
CA GLY B 90 17.71 6.38 -60.77
C GLY B 90 17.38 6.64 -59.33
N LYS B 91 18.41 6.64 -58.48
CA LYS B 91 18.23 6.89 -57.05
C LYS B 91 17.73 8.31 -56.82
N ASP B 92 17.83 9.13 -57.86
CA ASP B 92 17.38 10.52 -57.78
C ASP B 92 15.98 10.66 -58.37
N ALA B 93 15.02 10.94 -57.51
CA ALA B 93 13.63 11.08 -57.92
C ALA B 93 13.46 12.05 -59.09
N ARG B 94 12.80 11.59 -60.15
CA ARG B 94 12.56 12.41 -61.33
C ARG B 94 11.10 12.33 -61.74
N LYS B 95 10.52 13.49 -62.06
CA LYS B 95 9.12 13.57 -62.48
C LYS B 95 8.99 12.85 -63.83
N VAL B 96 8.03 11.94 -63.94
CA VAL B 96 7.84 11.24 -65.20
C VAL B 96 7.45 12.30 -66.23
N THR B 97 8.08 12.25 -67.39
CA THR B 97 7.81 13.22 -68.45
C THR B 97 6.33 13.32 -68.80
N GLY B 98 5.78 14.52 -68.75
CA GLY B 98 4.38 14.73 -69.06
C GLY B 98 3.50 14.93 -67.85
N MET B 99 4.06 14.65 -66.68
CA MET B 99 3.32 14.79 -65.42
C MET B 99 4.16 15.60 -64.45
N ASN B 100 3.52 16.53 -63.74
CA ASN B 100 4.21 17.35 -62.77
C ASN B 100 3.66 17.04 -61.38
N ASN B 101 3.09 15.85 -61.24
CA ASN B 101 2.50 15.42 -59.98
C ASN B 101 3.06 14.06 -59.55
N LEU B 102 3.50 13.27 -60.52
CA LEU B 102 4.05 11.95 -60.24
C LEU B 102 5.57 11.91 -60.42
N SER B 103 6.25 11.18 -59.54
CA SER B 103 7.70 11.06 -59.59
C SER B 103 8.10 9.60 -59.40
N CYS B 104 9.20 9.19 -60.04
CA CYS B 104 9.68 7.83 -59.94
C CYS B 104 11.04 7.72 -59.25
N MET B 105 11.25 6.61 -58.55
CA MET B 105 12.50 6.35 -57.85
C MET B 105 12.89 4.88 -57.95
N GLU B 106 14.11 4.64 -58.44
CA GLU B 106 14.61 3.28 -58.58
C GLU B 106 15.93 3.14 -57.82
N ILE B 107 15.86 2.61 -56.60
CA ILE B 107 17.04 2.42 -55.78
C ILE B 107 17.32 0.94 -55.53
N ASP B 108 18.57 0.64 -55.18
CA ASP B 108 18.98 -0.74 -54.91
C ASP B 108 19.06 -0.94 -53.40
N PRO B 109 18.07 -1.63 -52.81
CA PRO B 109 18.01 -1.89 -51.37
C PRO B 109 19.08 -2.88 -50.89
N SER B 110 20.35 -2.55 -51.12
CA SER B 110 21.45 -3.39 -50.70
C SER B 110 22.78 -2.72 -50.99
N ALA B 111 22.81 -1.92 -52.06
CA ALA B 111 24.02 -1.20 -52.45
C ALA B 111 24.26 0.00 -51.55
N GLY B 150 21.42 -12.30 -39.19
CA GLY B 150 20.88 -13.64 -39.09
C GLY B 150 20.78 -14.13 -37.66
N SER B 151 21.20 -13.29 -36.73
CA SER B 151 21.15 -13.62 -35.31
C SER B 151 19.92 -13.03 -34.63
N ILE B 152 19.68 -11.75 -34.89
CA ILE B 152 18.55 -11.06 -34.31
C ILE B 152 17.51 -10.73 -35.38
N PRO B 153 16.27 -11.19 -35.19
CA PRO B 153 15.18 -10.94 -36.15
C PRO B 153 14.78 -9.47 -36.16
N GLY B 154 14.50 -8.95 -37.34
CA GLY B 154 14.08 -7.56 -37.46
C GLY B 154 15.21 -6.61 -37.84
N ILE B 155 16.38 -6.82 -37.28
CA ILE B 155 17.54 -5.96 -37.56
C ILE B 155 17.77 -5.76 -39.05
N ASP B 156 18.10 -6.84 -39.75
CA ASP B 156 18.37 -6.79 -41.18
C ASP B 156 17.30 -6.02 -41.94
N GLU B 157 16.03 -6.37 -41.70
CA GLU B 157 14.92 -5.69 -42.37
C GLU B 157 14.93 -4.20 -42.06
N ALA B 158 15.18 -3.87 -40.79
CA ALA B 158 15.22 -2.48 -40.36
C ALA B 158 16.23 -1.70 -41.20
N LEU B 159 17.48 -2.16 -41.22
CA LEU B 159 18.54 -1.52 -41.98
C LEU B 159 18.13 -1.27 -43.42
N SER B 160 17.47 -2.25 -44.02
CA SER B 160 17.03 -2.16 -45.41
C SER B 160 16.01 -1.04 -45.64
N PHE B 161 14.97 -1.03 -44.80
CA PHE B 161 13.92 -0.02 -44.92
C PHE B 161 14.41 1.36 -44.49
N MET B 162 15.23 1.39 -43.44
CA MET B 162 15.77 2.64 -42.94
C MET B 162 16.55 3.35 -44.04
N GLU B 163 17.23 2.58 -44.87
CA GLU B 163 18.02 3.13 -45.97
C GLU B 163 17.17 3.70 -47.08
N VAL B 164 16.06 3.04 -47.41
CA VAL B 164 15.18 3.51 -48.46
C VAL B 164 14.54 4.83 -48.08
N MET B 165 14.25 4.99 -46.80
CA MET B 165 13.63 6.21 -46.31
C MET B 165 14.62 7.37 -46.31
N LYS B 166 15.91 7.05 -46.24
CA LYS B 166 16.94 8.09 -46.26
C LYS B 166 17.04 8.59 -47.69
N HIS B 167 16.70 7.73 -48.63
CA HIS B 167 16.73 8.07 -50.05
C HIS B 167 15.50 8.91 -50.40
N ILE B 168 14.49 8.83 -49.56
CA ILE B 168 13.25 9.58 -49.76
C ILE B 168 13.44 11.03 -49.31
N LYS B 169 13.87 11.19 -48.06
CA LYS B 169 14.10 12.53 -47.49
C LYS B 169 15.21 13.27 -48.21
N ARG B 170 16.10 12.51 -48.86
CA ARG B 170 17.21 13.11 -49.60
C ARG B 170 16.72 13.73 -50.91
N GLN B 171 15.68 13.15 -51.49
CA GLN B 171 15.13 13.65 -52.74
C GLN B 171 14.05 14.70 -52.51
N GLU B 172 13.70 14.92 -51.25
CA GLU B 172 12.69 15.91 -50.91
C GLU B 172 13.36 17.22 -50.50
N GLN B 173 14.69 17.18 -50.40
CA GLN B 173 15.48 18.36 -50.05
C GLN B 173 16.14 18.88 -51.30
N GLY B 174 16.52 17.95 -52.17
CA GLY B 174 17.15 18.32 -53.42
C GLY B 174 16.10 18.36 -54.51
N GLU B 175 15.23 19.37 -54.42
CA GLU B 175 14.15 19.53 -55.39
C GLU B 175 13.11 18.43 -55.25
N GLY B 176 11.84 18.85 -55.30
CA GLY B 176 10.74 17.91 -55.15
C GLY B 176 10.03 18.35 -53.89
N GLU B 177 10.83 18.82 -52.94
CA GLU B 177 10.38 19.32 -51.65
C GLU B 177 9.65 18.33 -50.75
N THR B 178 8.53 17.79 -51.22
CA THR B 178 7.78 16.84 -50.40
C THR B 178 6.71 16.07 -51.15
N PHE B 179 6.69 14.76 -50.93
CA PHE B 179 5.71 13.88 -51.54
C PHE B 179 4.66 13.55 -50.49
N ASP B 180 3.40 13.82 -50.80
CA ASP B 180 2.31 13.56 -49.86
C ASP B 180 2.04 12.07 -49.66
N THR B 181 2.14 11.29 -50.74
CA THR B 181 1.90 9.85 -50.66
C THR B 181 2.91 9.09 -51.51
N VAL B 182 3.60 8.14 -50.90
CA VAL B 182 4.60 7.34 -51.60
C VAL B 182 4.03 5.98 -52.03
N ILE B 183 4.30 5.60 -53.28
CA ILE B 183 3.83 4.33 -53.82
C ILE B 183 4.98 3.32 -53.79
N PHE B 184 5.02 2.51 -52.73
CA PHE B 184 6.07 1.50 -52.57
C PHE B 184 5.90 0.29 -53.48
N ASP B 185 6.79 0.16 -54.46
CA ASP B 185 6.76 -0.98 -55.37
C ASP B 185 7.67 -2.05 -54.77
N THR B 186 7.14 -2.76 -53.77
CA THR B 186 7.87 -3.81 -53.08
C THR B 186 8.68 -4.69 -54.02
N ALA B 187 9.79 -5.21 -53.51
CA ALA B 187 10.67 -6.07 -54.30
C ALA B 187 9.94 -7.34 -54.72
N PRO B 188 10.47 -8.04 -55.75
CA PRO B 188 9.85 -9.27 -56.24
C PRO B 188 9.96 -10.40 -55.23
N THR B 189 11.11 -10.47 -54.56
CA THR B 189 11.36 -11.51 -53.55
C THR B 189 11.84 -10.86 -52.26
N GLY B 190 11.93 -11.65 -51.20
CA GLY B 190 12.39 -11.14 -49.93
C GLY B 190 11.32 -10.36 -49.20
N HIS B 191 10.93 -10.87 -48.02
CA HIS B 191 9.91 -10.22 -47.21
C HIS B 191 10.47 -8.93 -46.60
N THR B 192 10.52 -7.88 -47.41
CA THR B 192 11.04 -6.60 -46.96
C THR B 192 10.20 -5.98 -45.86
N LEU B 193 9.13 -6.67 -45.46
CA LEU B 193 8.26 -6.18 -44.41
C LEU B 193 8.33 -7.07 -43.17
N ARG B 194 9.42 -7.81 -43.04
CA ARG B 194 9.59 -8.71 -41.90
C ARG B 194 9.74 -7.92 -40.60
N PHE B 195 10.42 -6.78 -40.67
CA PHE B 195 10.63 -5.95 -39.49
C PHE B 195 9.32 -5.30 -39.04
N LEU B 196 8.23 -5.62 -39.72
CA LEU B 196 6.94 -5.06 -39.36
C LEU B 196 6.29 -5.83 -38.23
N GLN B 197 7.11 -6.52 -37.43
CA GLN B 197 6.58 -7.28 -36.32
C GLN B 197 7.55 -7.32 -35.14
N LEU B 198 8.83 -7.15 -35.41
CA LEU B 198 9.83 -7.15 -34.35
C LEU B 198 9.54 -6.09 -33.30
N PRO B 199 9.33 -4.83 -33.72
CA PRO B 199 9.05 -3.74 -32.78
C PRO B 199 7.93 -4.01 -31.78
N ASN B 200 6.90 -4.76 -32.21
CA ASN B 200 5.81 -5.07 -31.31
C ASN B 200 6.21 -6.26 -30.45
N THR B 201 6.94 -7.19 -31.06
CA THR B 201 7.41 -8.39 -30.38
C THR B 201 8.27 -8.05 -29.18
N LEU B 202 9.51 -7.65 -29.44
CA LEU B 202 10.46 -7.31 -28.40
C LEU B 202 9.86 -6.40 -27.33
N SER B 203 9.02 -5.47 -27.74
CA SER B 203 8.38 -4.54 -26.81
C SER B 203 7.50 -5.27 -25.81
N LYS B 204 6.59 -6.10 -26.30
CA LYS B 204 5.72 -6.86 -25.41
C LYS B 204 6.53 -7.65 -24.40
N LEU B 205 7.73 -8.06 -24.80
CA LEU B 205 8.61 -8.81 -23.92
C LEU B 205 9.09 -7.89 -22.81
N LEU B 206 9.20 -6.61 -23.11
CA LEU B 206 9.62 -5.62 -22.13
C LEU B 206 8.56 -5.53 -21.05
N GLU B 207 7.30 -5.67 -21.46
CA GLU B 207 6.19 -5.60 -20.53
C GLU B 207 6.18 -6.78 -19.58
N LYS B 208 6.53 -7.96 -20.07
CA LYS B 208 6.58 -9.13 -19.22
C LYS B 208 7.76 -8.96 -18.29
N PHE B 209 8.77 -8.25 -18.79
CA PHE B 209 9.99 -7.97 -18.04
C PHE B 209 9.71 -6.93 -16.96
N GLY B 210 9.15 -5.79 -17.38
CA GLY B 210 8.84 -4.72 -16.46
C GLY B 210 7.94 -5.09 -15.30
N GLU B 211 6.83 -5.73 -15.59
CA GLU B 211 5.88 -6.13 -14.55
C GLU B 211 6.48 -7.12 -13.57
N ILE B 212 6.87 -8.29 -14.06
CA ILE B 212 7.45 -9.32 -13.20
C ILE B 212 8.53 -8.76 -12.28
N THR B 213 9.34 -7.85 -12.79
CA THR B 213 10.41 -7.24 -12.00
C THR B 213 9.83 -6.46 -10.82
N ASN B 214 8.52 -6.61 -10.60
CA ASN B 214 7.85 -5.94 -9.51
C ASN B 214 7.52 -6.94 -8.41
N LYS B 215 8.57 -7.45 -7.77
CA LYS B 215 8.40 -8.41 -6.68
C LYS B 215 7.37 -7.84 -5.71
N LEU B 216 6.95 -8.64 -4.73
CA LEU B 216 5.97 -8.18 -3.75
C LEU B 216 6.18 -6.69 -3.49
N GLY B 217 5.09 -5.93 -3.45
CA GLY B 217 5.22 -4.50 -3.22
C GLY B 217 4.14 -3.69 -3.90
N PRO B 218 4.50 -2.54 -4.51
CA PRO B 218 5.84 -1.96 -4.61
C PRO B 218 6.29 -1.37 -3.28
N MET B 219 5.73 -1.92 -2.20
CA MET B 219 6.02 -1.50 -0.85
C MET B 219 7.52 -1.48 -0.57
N LEU B 220 8.15 -2.65 -0.65
CA LEU B 220 9.57 -2.78 -0.38
C LEU B 220 10.46 -2.40 -1.56
N ASN B 221 9.91 -2.44 -2.77
CA ASN B 221 10.70 -2.09 -3.96
C ASN B 221 10.93 -0.59 -3.98
N SER B 222 10.10 0.13 -3.23
CA SER B 222 10.20 1.59 -3.16
C SER B 222 10.98 2.03 -1.93
N PHE B 223 11.15 1.11 -0.98
CA PHE B 223 11.88 1.40 0.25
C PHE B 223 13.38 1.28 0.03
N MET B 224 13.77 0.50 -0.97
CA MET B 224 15.17 0.28 -1.29
C MET B 224 15.61 1.15 -2.47
N GLY B 225 14.62 1.71 -3.17
CA GLY B 225 14.91 2.56 -4.31
C GLY B 225 14.35 3.95 -4.14
N ILE B 231 5.37 4.35 -10.26
CA ILE B 231 5.16 3.44 -11.37
C ILE B 231 5.73 3.99 -12.67
N SER B 232 6.85 4.67 -12.58
CA SER B 232 7.51 5.26 -13.75
C SER B 232 7.84 4.18 -14.77
N GLY B 233 8.00 2.95 -14.30
CA GLY B 233 8.32 1.86 -15.20
C GLY B 233 7.11 1.33 -15.95
N LYS B 234 5.98 1.24 -15.27
CA LYS B 234 4.75 0.73 -15.88
C LYS B 234 4.11 1.79 -16.78
N LEU B 235 4.59 3.03 -16.68
CA LEU B 235 4.05 4.12 -17.48
C LEU B 235 4.88 4.37 -18.74
N ASN B 236 6.19 4.46 -18.56
CA ASN B 236 7.09 4.70 -19.69
C ASN B 236 7.07 3.50 -20.63
N GLU B 237 6.77 2.33 -20.10
CA GLU B 237 6.71 1.13 -20.92
C GLU B 237 5.51 1.24 -21.84
N LEU B 238 4.36 1.59 -21.25
CA LEU B 238 3.13 1.73 -22.00
C LEU B 238 3.25 2.87 -23.02
N LYS B 239 4.16 3.80 -22.78
CA LYS B 239 4.36 4.90 -23.71
C LYS B 239 5.23 4.44 -24.87
N ALA B 240 6.27 3.69 -24.57
CA ALA B 240 7.17 3.17 -25.60
C ALA B 240 6.42 2.07 -26.34
N ASN B 241 5.38 1.56 -25.72
CA ASN B 241 4.55 0.51 -26.30
C ASN B 241 3.68 1.06 -27.42
N VAL B 242 2.82 2.01 -27.08
CA VAL B 242 1.92 2.62 -28.05
C VAL B 242 2.69 3.18 -29.24
N GLU B 243 3.66 4.05 -28.97
CA GLU B 243 4.47 4.66 -30.01
C GLU B 243 4.94 3.61 -31.00
N THR B 244 5.46 2.50 -30.47
CA THR B 244 5.95 1.41 -31.29
C THR B 244 4.82 0.82 -32.13
N ILE B 245 3.72 0.49 -31.46
CA ILE B 245 2.57 -0.08 -32.14
C ILE B 245 1.96 0.92 -33.12
N ARG B 246 2.35 2.19 -33.00
CA ARG B 246 1.84 3.21 -33.90
C ARG B 246 2.65 3.28 -35.18
N GLN B 247 3.81 2.64 -35.19
CA GLN B 247 4.66 2.64 -36.37
C GLN B 247 4.37 1.45 -37.27
N GLN B 248 3.71 0.45 -36.70
CA GLN B 248 3.31 -0.74 -37.46
C GLN B 248 1.89 -0.54 -37.93
N PHE B 249 1.03 -0.15 -37.01
CA PHE B 249 -0.37 0.11 -37.31
C PHE B 249 -0.44 1.27 -38.28
N THR B 250 0.43 2.25 -38.07
CA THR B 250 0.54 3.45 -38.90
C THR B 250 -0.79 3.90 -39.49
N ASP B 251 -1.88 3.69 -38.75
CA ASP B 251 -3.21 4.09 -39.17
C ASP B 251 -3.64 3.51 -40.52
N PRO B 252 -4.77 2.78 -40.53
CA PRO B 252 -5.28 2.18 -41.77
C PRO B 252 -5.76 3.24 -42.75
N ASP B 253 -5.95 4.45 -42.24
CA ASP B 253 -6.40 5.58 -43.06
C ASP B 253 -5.18 6.31 -43.61
N LEU B 254 -4.01 5.98 -43.10
CA LEU B 254 -2.76 6.59 -43.54
C LEU B 254 -1.94 5.61 -44.37
N THR B 255 -1.99 4.33 -44.00
CA THR B 255 -1.23 3.32 -44.71
C THR B 255 -2.11 2.12 -45.09
N THR B 256 -1.78 1.50 -46.22
CA THR B 256 -2.50 0.34 -46.71
C THR B 256 -1.57 -0.49 -47.60
N PHE B 257 -1.99 -1.71 -47.92
CA PHE B 257 -1.19 -2.59 -48.75
C PHE B 257 -2.01 -3.15 -49.90
N VAL B 258 -1.51 -2.97 -51.12
CA VAL B 258 -2.20 -3.47 -52.31
C VAL B 258 -1.48 -4.70 -52.85
N CYS B 259 -2.20 -5.82 -52.93
CA CYS B 259 -1.63 -7.06 -53.43
C CYS B 259 -2.03 -7.29 -54.88
N VAL B 260 -1.13 -7.91 -55.64
CA VAL B 260 -1.38 -8.18 -57.05
C VAL B 260 -1.19 -9.67 -57.35
N CYS B 261 -2.02 -10.20 -58.24
CA CYS B 261 -1.94 -11.61 -58.61
C CYS B 261 -2.78 -11.90 -59.86
N ILE B 262 -2.94 -13.18 -60.16
CA ILE B 262 -3.73 -13.61 -61.30
C ILE B 262 -4.50 -14.87 -60.90
N SER B 263 -5.54 -15.19 -61.66
CA SER B 263 -6.34 -16.37 -61.35
C SER B 263 -5.63 -17.66 -61.78
N GLU B 264 -4.69 -18.09 -60.95
CA GLU B 264 -3.93 -19.31 -61.19
C GLU B 264 -3.48 -19.91 -59.87
N PHE B 265 -3.62 -21.22 -59.74
CA PHE B 265 -3.24 -21.95 -58.53
C PHE B 265 -2.08 -21.31 -57.78
N LEU B 266 -0.88 -21.51 -58.30
CA LEU B 266 0.34 -20.99 -57.70
C LEU B 266 0.22 -19.54 -57.23
N SER B 267 -0.45 -18.71 -58.03
CA SER B 267 -0.64 -17.31 -57.68
C SER B 267 -1.44 -17.17 -56.39
N LEU B 268 -2.56 -17.88 -56.33
CA LEU B 268 -3.42 -17.84 -55.16
C LEU B 268 -2.64 -18.27 -53.92
N TYR B 269 -1.84 -19.32 -54.08
CA TYR B 269 -1.03 -19.84 -52.99
C TYR B 269 -0.14 -18.71 -52.48
N GLU B 270 0.55 -18.05 -53.41
CA GLU B 270 1.45 -16.95 -53.07
C GLU B 270 0.69 -15.79 -52.45
N THR B 271 -0.49 -15.51 -52.98
CA THR B 271 -1.31 -14.42 -52.48
C THR B 271 -1.79 -14.69 -51.06
N GLU B 272 -2.43 -15.84 -50.87
CA GLU B 272 -2.95 -16.24 -49.57
C GLU B 272 -1.93 -16.04 -48.45
N ARG B 273 -0.71 -16.51 -48.67
CA ARG B 273 0.34 -16.39 -47.67
C ARG B 273 0.78 -14.94 -47.46
N LEU B 274 0.93 -14.22 -48.56
CA LEU B 274 1.35 -12.82 -48.51
C LEU B 274 0.41 -12.04 -47.59
N ILE B 275 -0.89 -12.27 -47.77
CA ILE B 275 -1.90 -11.59 -46.97
C ILE B 275 -1.83 -11.99 -45.50
N GLN B 276 -1.53 -13.26 -45.23
CA GLN B 276 -1.41 -13.73 -43.86
C GLN B 276 -0.25 -13.01 -43.20
N GLU B 277 0.85 -12.92 -43.94
CA GLU B 277 2.06 -12.26 -43.47
C GLU B 277 1.77 -10.81 -43.06
N LEU B 278 1.02 -10.11 -43.90
CA LEU B 278 0.68 -8.71 -43.63
C LEU B 278 -0.26 -8.57 -42.45
N ILE B 279 -1.20 -9.50 -42.31
CA ILE B 279 -2.15 -9.48 -41.22
C ILE B 279 -1.43 -9.66 -39.89
N SER B 280 -0.34 -10.42 -39.91
CA SER B 280 0.43 -10.65 -38.69
C SER B 280 1.17 -9.36 -38.37
N TYR B 281 1.30 -8.49 -39.38
CA TYR B 281 1.96 -7.20 -39.19
C TYR B 281 0.89 -6.17 -38.87
N ASP B 282 -0.36 -6.61 -38.83
CA ASP B 282 -1.48 -5.74 -38.55
C ASP B 282 -1.61 -4.68 -39.65
N MET B 283 -0.88 -4.88 -40.73
CA MET B 283 -0.90 -3.96 -41.86
C MET B 283 -2.19 -4.13 -42.65
N ASP B 284 -2.94 -3.04 -42.81
CA ASP B 284 -4.21 -3.06 -43.53
C ASP B 284 -4.05 -3.57 -44.96
N VAL B 285 -4.92 -4.51 -45.33
CA VAL B 285 -4.91 -5.10 -46.67
C VAL B 285 -6.34 -5.39 -47.11
N ASN B 286 -6.74 -4.80 -48.22
CA ASN B 286 -8.09 -4.99 -48.74
C ASN B 286 -8.16 -4.75 -50.24
N SER B 287 -7.05 -4.95 -50.93
CA SER B 287 -7.00 -4.75 -52.38
C SER B 287 -6.20 -5.84 -53.06
N ILE B 288 -6.87 -6.57 -53.96
CA ILE B 288 -6.23 -7.66 -54.70
C ILE B 288 -6.41 -7.46 -56.20
N ILE B 289 -5.31 -7.16 -56.88
CA ILE B 289 -5.33 -6.96 -58.33
C ILE B 289 -5.10 -8.28 -59.06
N VAL B 290 -5.95 -8.54 -60.06
CA VAL B 290 -5.84 -9.77 -60.84
C VAL B 290 -5.82 -9.43 -62.33
N ASN B 291 -4.62 -9.35 -62.90
CA ASN B 291 -4.46 -9.02 -64.32
C ASN B 291 -4.44 -10.27 -65.19
N GLN B 292 -4.29 -10.06 -66.49
CA GLN B 292 -4.24 -11.14 -67.47
C GLN B 292 -5.54 -11.91 -67.65
N LEU B 293 -6.63 -11.40 -67.10
CA LEU B 293 -7.92 -12.07 -67.23
C LEU B 293 -8.39 -12.02 -68.68
N LEU B 294 -9.00 -13.10 -69.15
CA LEU B 294 -9.47 -13.20 -70.52
C LEU B 294 -10.87 -12.66 -70.79
N PHE B 295 -11.86 -13.14 -70.04
CA PHE B 295 -13.24 -12.72 -70.24
C PHE B 295 -13.57 -13.01 -71.71
N ALA B 296 -13.00 -14.11 -72.21
CA ALA B 296 -13.17 -14.52 -73.61
C ALA B 296 -14.59 -14.91 -74.01
N GLU B 297 -15.58 -14.57 -73.18
CA GLU B 297 -16.96 -14.89 -73.50
C GLU B 297 -17.73 -13.63 -73.90
N ASN B 298 -17.01 -12.53 -74.06
CA ASN B 298 -17.64 -11.26 -74.42
C ASN B 298 -16.95 -10.54 -75.57
N ASP B 299 -15.63 -10.70 -75.69
CA ASP B 299 -14.87 -10.04 -76.73
C ASP B 299 -15.54 -10.16 -78.10
N GLN B 300 -15.76 -9.03 -78.77
CA GLN B 300 -16.39 -9.03 -80.07
C GLN B 300 -15.42 -9.53 -81.14
N GLU B 301 -15.40 -10.84 -81.29
CA GLU B 301 -14.54 -11.56 -82.23
C GLU B 301 -14.25 -12.88 -81.55
N HIS B 302 -15.31 -13.57 -81.14
CA HIS B 302 -15.24 -14.84 -80.45
C HIS B 302 -14.25 -15.84 -81.05
N ASN B 303 -14.60 -17.13 -80.94
CA ASN B 303 -13.78 -18.20 -81.47
C ASN B 303 -12.52 -18.44 -80.63
N CYS B 304 -11.65 -19.31 -81.14
CA CYS B 304 -10.40 -19.66 -80.48
C CYS B 304 -10.60 -20.43 -79.19
N LYS B 305 -10.79 -21.73 -79.31
CA LYS B 305 -10.98 -22.59 -78.14
C LYS B 305 -9.85 -22.39 -77.14
N ARG B 306 -8.63 -22.30 -77.66
CA ARG B 306 -7.44 -22.12 -76.84
C ARG B 306 -7.63 -21.02 -75.79
N CYS B 307 -8.26 -19.92 -76.20
CA CYS B 307 -8.51 -18.79 -75.31
C CYS B 307 -9.69 -19.04 -74.38
N GLN B 308 -10.69 -19.76 -74.88
CA GLN B 308 -11.88 -20.05 -74.09
C GLN B 308 -11.56 -21.04 -72.97
N ALA B 309 -10.73 -22.03 -73.28
CA ALA B 309 -10.34 -23.04 -72.31
C ALA B 309 -9.54 -22.43 -71.16
N ARG B 310 -8.61 -21.55 -71.51
CA ARG B 310 -7.77 -20.89 -70.51
C ARG B 310 -8.59 -20.07 -69.53
N TRP B 311 -9.62 -19.38 -70.02
CA TRP B 311 -10.45 -18.56 -69.16
C TRP B 311 -11.39 -19.41 -68.32
N LYS B 312 -11.70 -20.61 -68.79
CA LYS B 312 -12.57 -21.51 -68.04
C LYS B 312 -11.84 -21.91 -66.77
N MET B 313 -10.51 -21.94 -66.85
CA MET B 313 -9.67 -22.30 -65.72
C MET B 313 -9.50 -21.07 -64.82
N GLN B 314 -9.35 -19.90 -65.44
CA GLN B 314 -9.19 -18.66 -64.69
C GLN B 314 -10.47 -18.33 -63.95
N LYS B 315 -11.60 -18.70 -64.55
CA LYS B 315 -12.90 -18.45 -63.93
C LYS B 315 -13.06 -19.34 -62.72
N LYS B 316 -12.50 -20.54 -62.80
CA LYS B 316 -12.56 -21.50 -61.70
C LYS B 316 -11.96 -20.88 -60.43
N TYR B 317 -10.71 -20.45 -60.55
CA TYR B 317 -10.00 -19.85 -59.43
C TYR B 317 -10.58 -18.50 -59.02
N LEU B 318 -11.02 -17.71 -60.00
CA LEU B 318 -11.59 -16.40 -59.71
C LEU B 318 -12.75 -16.52 -58.73
N ASP B 319 -13.46 -17.65 -58.79
CA ASP B 319 -14.58 -17.87 -57.88
C ASP B 319 -14.06 -18.19 -56.49
N GLN B 320 -12.87 -18.79 -56.43
CA GLN B 320 -12.25 -19.12 -55.16
C GLN B 320 -11.75 -17.83 -54.51
N ILE B 321 -11.46 -16.84 -55.35
CA ILE B 321 -10.98 -15.55 -54.87
C ILE B 321 -12.15 -14.70 -54.38
N ASP B 322 -13.29 -14.83 -55.03
CA ASP B 322 -14.47 -14.07 -54.65
C ASP B 322 -15.16 -14.68 -53.44
N GLU B 323 -14.73 -15.89 -53.06
CA GLU B 323 -15.30 -16.56 -51.90
C GLU B 323 -14.27 -16.59 -50.78
N LEU B 324 -13.01 -16.39 -51.14
CA LEU B 324 -11.93 -16.38 -50.17
C LEU B 324 -11.80 -14.96 -49.60
N TYR B 325 -11.91 -13.98 -50.49
CA TYR B 325 -11.82 -12.58 -50.09
C TYR B 325 -13.13 -11.89 -50.44
N GLU B 326 -14.14 -12.18 -49.62
CA GLU B 326 -15.47 -11.63 -49.80
C GLU B 326 -15.56 -10.13 -49.55
N ASP B 327 -14.90 -9.66 -48.49
CA ASP B 327 -14.91 -8.24 -48.16
C ASP B 327 -13.66 -7.51 -48.62
N PHE B 328 -12.99 -8.05 -49.62
CA PHE B 328 -11.78 -7.44 -50.16
C PHE B 328 -12.05 -6.76 -51.50
N HIS B 329 -11.25 -5.75 -51.83
CA HIS B 329 -11.41 -5.04 -53.10
C HIS B 329 -10.72 -5.85 -54.19
N VAL B 330 -11.44 -6.82 -54.74
CA VAL B 330 -10.90 -7.66 -55.80
C VAL B 330 -11.19 -7.09 -57.17
N VAL B 331 -10.28 -6.25 -57.65
CA VAL B 331 -10.43 -5.63 -58.97
C VAL B 331 -9.86 -6.56 -60.04
N LYS B 332 -10.73 -6.99 -60.94
CA LYS B 332 -10.36 -7.89 -62.02
C LYS B 332 -9.95 -7.14 -63.28
N MET B 333 -8.66 -7.16 -63.59
CA MET B 333 -8.14 -6.48 -64.77
C MET B 333 -8.10 -7.39 -66.01
N PRO B 334 -8.34 -6.81 -67.19
CA PRO B 334 -8.35 -7.52 -68.47
C PRO B 334 -6.96 -7.82 -69.03
N LEU B 335 -6.87 -8.87 -69.83
CA LEU B 335 -5.61 -9.28 -70.46
C LEU B 335 -5.40 -8.46 -71.72
N CYS B 336 -4.17 -8.01 -71.92
CA CYS B 336 -3.82 -7.23 -73.10
C CYS B 336 -2.95 -8.06 -74.03
N ALA B 337 -3.10 -7.85 -75.33
CA ALA B 337 -2.33 -8.60 -76.32
C ALA B 337 -0.86 -8.63 -75.91
N GLY B 338 -0.20 -7.49 -75.98
CA GLY B 338 1.20 -7.41 -75.59
C GLY B 338 1.32 -6.73 -74.24
N GLU B 339 2.54 -6.56 -73.75
CA GLU B 339 2.74 -5.91 -72.46
C GLU B 339 2.48 -4.42 -72.61
N ILE B 340 2.00 -3.79 -71.54
CA ILE B 340 1.68 -2.37 -71.56
C ILE B 340 2.87 -1.54 -71.08
N ARG B 341 3.37 -0.69 -71.97
CA ARG B 341 4.49 0.18 -71.65
C ARG B 341 4.25 1.58 -72.23
N GLY B 342 4.93 2.57 -71.65
CA GLY B 342 4.76 3.93 -72.11
C GLY B 342 3.70 4.60 -71.25
N LEU B 343 3.93 5.86 -70.89
CA LEU B 343 2.99 6.59 -70.05
C LEU B 343 1.58 6.55 -70.62
N ASN B 344 1.46 6.71 -71.94
CA ASN B 344 0.16 6.71 -72.59
C ASN B 344 -0.65 5.43 -72.39
N ASN B 345 -0.14 4.31 -72.91
CA ASN B 345 -0.86 3.04 -72.78
C ASN B 345 -1.10 2.62 -71.34
N LEU B 346 -0.33 3.19 -70.42
CA LEU B 346 -0.48 2.86 -69.00
C LEU B 346 -1.69 3.56 -68.38
N THR B 347 -1.85 4.85 -68.67
CA THR B 347 -2.95 5.63 -68.14
C THR B 347 -4.29 5.09 -68.63
N LYS B 348 -4.34 4.75 -69.92
CA LYS B 348 -5.56 4.24 -70.53
C LYS B 348 -5.94 2.87 -69.98
N PHE B 349 -4.95 2.14 -69.46
CA PHE B 349 -5.18 0.82 -68.90
C PHE B 349 -5.49 0.92 -67.41
N SER B 350 -4.93 1.94 -66.77
CA SER B 350 -5.14 2.15 -65.35
C SER B 350 -6.50 2.75 -65.05
N GLN B 351 -7.20 3.19 -66.10
CA GLN B 351 -8.52 3.79 -65.93
C GLN B 351 -9.49 2.76 -65.38
N PHE B 352 -9.20 1.48 -65.62
CA PHE B 352 -10.05 0.40 -65.16
C PHE B 352 -9.90 0.15 -63.65
N LEU B 353 -8.90 0.78 -63.05
CA LEU B 353 -8.67 0.63 -61.61
C LEU B 353 -9.59 1.58 -60.86
N ASN B 354 -10.12 2.56 -61.58
CA ASN B 354 -11.03 3.54 -61.00
C ASN B 354 -12.46 3.11 -61.30
N LYS B 355 -12.69 2.63 -62.52
CA LYS B 355 -14.00 2.18 -62.95
C LYS B 355 -13.85 0.75 -63.48
N GLU B 356 -14.65 -0.17 -62.96
CA GLU B 356 -14.61 -1.57 -63.35
C GLU B 356 -14.51 -1.75 -64.87
N TYR B 357 -13.78 -2.79 -65.28
CA TYR B 357 -13.62 -3.10 -66.70
C TYR B 357 -14.76 -3.97 -67.19
N ASN B 358 -15.42 -3.54 -68.25
CA ASN B 358 -16.53 -4.29 -68.83
C ASN B 358 -16.10 -4.85 -70.18
N PRO B 359 -15.87 -6.16 -70.26
CA PRO B 359 -15.45 -6.80 -71.51
C PRO B 359 -16.47 -6.68 -72.64
N ILE B 360 -17.66 -6.22 -72.30
CA ILE B 360 -18.73 -6.04 -73.28
C ILE B 360 -18.64 -4.69 -73.97
N THR B 361 -18.18 -3.67 -73.25
CA THR B 361 -18.06 -2.33 -73.80
C THR B 361 -16.62 -1.82 -73.89
N ASP B 362 -15.82 -2.12 -72.88
CA ASP B 362 -14.43 -1.67 -72.86
C ASP B 362 -13.51 -2.54 -73.71
N GLY B 363 -14.09 -3.47 -74.47
CA GLY B 363 -13.29 -4.34 -75.31
C GLY B 363 -12.40 -3.56 -76.26
N LYS B 364 -12.86 -2.38 -76.64
CA LYS B 364 -12.11 -1.52 -77.57
C LYS B 364 -10.79 -1.05 -76.96
N VAL B 365 -10.85 -0.48 -75.76
CA VAL B 365 -9.66 0.02 -75.08
C VAL B 365 -8.54 -1.01 -75.02
N ILE B 366 -8.90 -2.28 -74.88
CA ILE B 366 -7.92 -3.35 -74.80
C ILE B 366 -7.32 -3.66 -76.17
N TYR B 367 -8.18 -4.02 -77.12
CA TYR B 367 -7.73 -4.33 -78.47
C TYR B 367 -7.16 -3.07 -79.11
N GLU B 368 -7.02 -2.04 -78.28
CA GLU B 368 -6.48 -0.75 -78.70
C GLU B 368 -5.02 -0.69 -78.28
N LEU B 369 -4.74 -1.15 -77.07
CA LEU B 369 -3.39 -1.16 -76.52
C LEU B 369 -2.54 -2.15 -77.32
N GLU B 370 -3.21 -2.88 -78.21
CA GLU B 370 -2.55 -3.86 -79.05
C GLU B 370 -2.14 -3.26 -80.39
N VAL C 24 24.86 -56.04 11.16
CA VAL C 24 26.02 -55.33 10.54
C VAL C 24 27.14 -55.16 11.56
N GLU C 25 28.26 -55.83 11.33
CA GLU C 25 29.40 -55.70 12.24
C GLU C 25 30.12 -54.39 11.94
N PRO C 26 30.27 -53.53 12.96
CA PRO C 26 30.95 -52.24 12.79
C PRO C 26 32.43 -52.40 12.47
N ASN C 27 32.74 -53.21 11.46
CA ASN C 27 34.11 -53.45 11.05
C ASN C 27 34.18 -53.77 9.56
N LEU C 28 35.39 -53.94 9.04
CA LEU C 28 35.60 -54.24 7.64
C LEU C 28 36.17 -55.65 7.48
N HIS C 29 35.89 -56.50 8.45
CA HIS C 29 36.37 -57.89 8.44
C HIS C 29 36.06 -58.60 7.13
N SER C 30 34.76 -58.76 6.84
CA SER C 30 34.31 -59.43 5.63
C SER C 30 35.04 -58.96 4.37
N LEU C 31 35.45 -57.71 4.36
CA LEU C 31 36.16 -57.15 3.21
C LEU C 31 37.66 -57.38 3.31
N ILE C 32 38.20 -57.23 4.51
CA ILE C 32 39.63 -57.42 4.75
C ILE C 32 40.05 -58.86 4.49
N THR C 33 39.11 -59.79 4.65
CA THR C 33 39.39 -61.21 4.44
C THR C 33 38.84 -61.73 3.11
N SER C 34 38.34 -60.83 2.28
CA SER C 34 37.79 -61.22 0.98
C SER C 34 38.89 -61.38 -0.07
N THR C 35 38.88 -62.52 -0.75
CA THR C 35 39.87 -62.81 -1.77
C THR C 35 39.31 -62.64 -3.18
N THR C 36 38.04 -62.27 -3.28
CA THR C 36 37.39 -62.07 -4.56
C THR C 36 37.48 -60.62 -5.01
N HIS C 37 37.27 -59.71 -4.06
CA HIS C 37 37.34 -58.27 -4.36
C HIS C 37 38.67 -57.93 -5.04
N LYS C 38 38.59 -57.14 -6.10
CA LYS C 38 39.77 -56.73 -6.84
C LYS C 38 39.75 -55.24 -7.14
N TRP C 39 38.73 -54.57 -6.61
CA TRP C 39 38.57 -53.12 -6.80
C TRP C 39 38.08 -52.52 -5.49
N ILE C 40 38.96 -51.88 -4.74
CA ILE C 40 38.61 -51.28 -3.46
C ILE C 40 38.68 -49.76 -3.48
N PHE C 41 37.51 -49.11 -3.44
CA PHE C 41 37.43 -47.67 -3.46
C PHE C 41 37.52 -47.09 -2.05
N VAL C 42 38.10 -45.89 -1.94
CA VAL C 42 38.25 -45.23 -0.64
C VAL C 42 38.17 -43.71 -0.82
N GLY C 43 37.03 -43.13 -0.48
CA GLY C 43 36.86 -41.70 -0.61
C GLY C 43 36.50 -41.00 0.69
N GLY C 44 36.60 -39.67 0.68
CA GLY C 44 36.28 -38.88 1.86
C GLY C 44 36.85 -37.48 1.81
N LYS C 45 36.11 -36.58 1.16
CA LYS C 45 36.54 -35.19 1.03
C LYS C 45 36.36 -34.43 2.34
N GLY C 46 37.34 -33.59 2.66
CA GLY C 46 37.27 -32.81 3.88
C GLY C 46 38.43 -33.02 4.83
N GLY C 47 39.54 -33.56 4.31
CA GLY C 47 40.69 -33.82 5.15
C GLY C 47 40.24 -34.58 6.38
N VAL C 48 39.45 -35.63 6.13
CA VAL C 48 38.90 -36.45 7.19
C VAL C 48 39.74 -37.69 7.49
N GLY C 49 41.01 -37.65 7.10
CA GLY C 49 41.90 -38.77 7.35
C GLY C 49 41.75 -39.86 6.30
N LYS C 50 41.44 -39.45 5.08
CA LYS C 50 41.27 -40.39 3.97
C LYS C 50 42.53 -41.23 3.78
N THR C 51 43.67 -40.54 3.67
CA THR C 51 44.96 -41.18 3.48
C THR C 51 45.17 -42.30 4.49
N THR C 52 44.90 -42.00 5.75
CA THR C 52 45.07 -42.95 6.84
C THR C 52 44.25 -44.22 6.60
N SER C 53 42.93 -44.05 6.50
CA SER C 53 42.02 -45.18 6.28
C SER C 53 42.45 -46.02 5.08
N SER C 54 42.94 -45.36 4.03
CA SER C 54 43.38 -46.06 2.83
C SER C 54 44.53 -47.01 3.13
N CYS C 55 45.59 -46.48 3.74
CA CYS C 55 46.75 -47.30 4.08
C CYS C 55 46.35 -48.41 5.05
N SER C 56 45.40 -48.11 5.92
CA SER C 56 44.92 -49.07 6.91
C SER C 56 44.22 -50.26 6.23
N ILE C 57 43.20 -49.96 5.43
CA ILE C 57 42.45 -50.99 4.73
C ILE C 57 43.36 -51.85 3.85
N ALA C 58 44.36 -51.22 3.26
CA ALA C 58 45.30 -51.92 2.39
C ALA C 58 46.18 -52.88 3.19
N ILE C 59 46.65 -52.43 4.34
CA ILE C 59 47.51 -53.24 5.21
C ILE C 59 46.73 -54.41 5.82
N GLN C 60 45.51 -54.15 6.26
CA GLN C 60 44.68 -55.19 6.86
C GLN C 60 44.37 -56.32 5.88
N MET C 61 44.17 -55.97 4.62
CA MET C 61 43.87 -56.96 3.59
C MET C 61 45.12 -57.72 3.17
N ALA C 62 46.24 -57.02 3.08
CA ALA C 62 47.50 -57.63 2.68
C ALA C 62 48.00 -58.62 3.73
N LEU C 63 47.81 -58.29 4.99
CA LEU C 63 48.24 -59.16 6.08
C LEU C 63 47.32 -60.36 6.28
N SER C 64 46.03 -60.16 6.01
CA SER C 64 45.05 -61.22 6.16
C SER C 64 45.10 -62.21 5.00
N GLN C 65 45.61 -61.75 3.85
CA GLN C 65 45.70 -62.61 2.67
C GLN C 65 47.09 -62.49 2.04
N PRO C 66 48.10 -63.10 2.67
CA PRO C 66 49.48 -63.08 2.17
C PRO C 66 49.66 -63.84 0.87
N ASN C 67 48.60 -64.50 0.42
CA ASN C 67 48.65 -65.27 -0.81
C ASN C 67 48.07 -64.48 -1.99
N LYS C 68 48.02 -63.16 -1.83
CA LYS C 68 47.50 -62.28 -2.88
C LYS C 68 48.20 -60.93 -2.85
N GLN C 69 48.53 -60.40 -4.02
CA GLN C 69 49.20 -59.11 -4.13
C GLN C 69 48.19 -57.97 -4.14
N PHE C 70 48.45 -56.97 -3.29
CA PHE C 70 47.58 -55.81 -3.18
C PHE C 70 48.32 -54.54 -3.62
N LEU C 71 47.58 -53.57 -4.14
CA LEU C 71 48.18 -52.33 -4.61
C LEU C 71 47.41 -51.10 -4.13
N LEU C 72 48.09 -50.25 -3.36
CA LEU C 72 47.51 -49.03 -2.84
C LEU C 72 47.97 -47.85 -3.70
N ILE C 73 47.04 -47.24 -4.42
CA ILE C 73 47.38 -46.12 -5.28
C ILE C 73 46.61 -44.85 -4.93
N SER C 74 47.30 -43.72 -4.95
CA SER C 74 46.72 -42.43 -4.63
C SER C 74 46.96 -41.42 -5.74
N THR C 75 46.15 -40.37 -5.77
CA THR C 75 46.27 -39.32 -6.78
C THR C 75 46.44 -37.96 -6.11
N ASP C 76 46.47 -37.96 -4.78
CA ASP C 76 46.64 -36.73 -4.01
C ASP C 76 48.03 -36.16 -4.27
N PRO C 77 48.09 -34.92 -4.80
CA PRO C 77 49.35 -34.23 -5.12
C PRO C 77 50.25 -33.98 -3.92
N ALA C 78 49.73 -34.24 -2.72
CA ALA C 78 50.50 -34.04 -1.50
C ALA C 78 51.36 -35.25 -1.17
N HIS C 79 51.24 -36.31 -1.97
CA HIS C 79 52.00 -37.53 -1.74
C HIS C 79 51.78 -38.02 -0.32
N ASN C 80 50.50 -38.23 0.01
CA ASN C 80 50.09 -38.68 1.33
C ASN C 80 50.61 -40.06 1.70
N LEU C 81 50.73 -40.95 0.73
CA LEU C 81 51.22 -42.30 0.98
C LEU C 81 52.70 -42.33 1.33
N SER C 82 53.47 -41.40 0.77
CA SER C 82 54.90 -41.34 1.04
C SER C 82 55.15 -40.70 2.40
N ASP C 83 54.20 -39.90 2.86
CA ASP C 83 54.30 -39.24 4.14
C ASP C 83 53.66 -40.07 5.24
N ALA C 84 52.88 -41.07 4.84
CA ALA C 84 52.21 -41.95 5.79
C ALA C 84 53.07 -43.15 6.16
N PHE C 85 53.79 -43.69 5.18
CA PHE C 85 54.66 -44.85 5.41
C PHE C 85 56.07 -44.44 5.80
N GLY C 86 56.58 -43.39 5.18
CA GLY C 86 57.93 -42.92 5.49
C GLY C 86 58.93 -43.27 4.40
N GLU C 87 58.43 -43.49 3.18
CA GLU C 87 59.28 -43.82 2.05
C GLU C 87 58.75 -43.21 0.76
N LYS C 88 59.62 -43.05 -0.22
CA LYS C 88 59.25 -42.46 -1.49
C LYS C 88 58.52 -43.42 -2.43
N PHE C 89 57.31 -43.02 -2.83
CA PHE C 89 56.49 -43.81 -3.74
C PHE C 89 56.21 -42.99 -5.00
N GLY C 90 56.44 -43.60 -6.16
CA GLY C 90 56.21 -42.90 -7.41
C GLY C 90 55.26 -43.64 -8.33
N LYS C 91 55.26 -43.25 -9.60
CA LYS C 91 54.39 -43.88 -10.59
C LYS C 91 54.74 -45.35 -10.74
N ASP C 92 55.91 -45.73 -10.24
CA ASP C 92 56.37 -47.11 -10.30
C ASP C 92 56.03 -47.82 -8.99
N ALA C 93 55.12 -48.79 -9.07
CA ALA C 93 54.70 -49.55 -7.90
C ALA C 93 55.87 -50.15 -7.13
N ARG C 94 55.91 -49.88 -5.82
CA ARG C 94 56.96 -50.41 -4.96
C ARG C 94 56.37 -51.03 -3.71
N LYS C 95 56.87 -52.21 -3.34
CA LYS C 95 56.41 -52.91 -2.15
C LYS C 95 56.82 -52.11 -0.93
N VAL C 96 55.87 -51.83 -0.04
CA VAL C 96 56.19 -51.08 1.17
C VAL C 96 57.21 -51.91 1.93
N THR C 97 58.28 -51.27 2.40
CA THR C 97 59.33 -51.97 3.12
C THR C 97 58.80 -52.77 4.31
N GLY C 98 59.14 -54.05 4.35
CA GLY C 98 58.70 -54.90 5.44
C GLY C 98 57.54 -55.81 5.06
N MET C 99 56.92 -55.53 3.92
CA MET C 99 55.79 -56.32 3.44
C MET C 99 56.07 -56.78 2.02
N ASN C 100 55.74 -58.03 1.72
CA ASN C 100 55.95 -58.57 0.38
C ASN C 100 54.60 -58.92 -0.22
N ASN C 101 53.54 -58.31 0.33
CA ASN C 101 52.19 -58.55 -0.15
C ASN C 101 51.50 -57.25 -0.53
N LEU C 102 51.94 -56.15 0.06
CA LEU C 102 51.35 -54.84 -0.22
C LEU C 102 52.29 -53.97 -1.06
N SER C 103 51.71 -53.19 -1.96
CA SER C 103 52.47 -52.30 -2.82
C SER C 103 51.78 -50.94 -2.91
N CYS C 104 52.58 -49.88 -3.06
CA CYS C 104 52.03 -48.53 -3.15
C CYS C 104 52.30 -47.87 -4.50
N MET C 105 51.36 -47.03 -4.93
CA MET C 105 51.47 -46.31 -6.19
C MET C 105 50.95 -44.89 -6.05
N GLU C 106 51.79 -43.93 -6.42
CA GLU C 106 51.42 -42.52 -6.37
C GLU C 106 51.60 -41.87 -7.73
N ILE C 107 50.50 -41.76 -8.48
CA ILE C 107 50.53 -41.16 -9.80
C ILE C 107 49.74 -39.85 -9.84
N ASP C 108 50.01 -39.04 -10.86
CA ASP C 108 49.33 -37.76 -11.03
C ASP C 108 48.31 -37.90 -12.16
N PRO C 109 47.02 -38.00 -11.81
CA PRO C 109 45.93 -38.13 -12.79
C PRO C 109 45.68 -36.87 -13.60
N SER C 110 46.69 -36.44 -14.35
CA SER C 110 46.57 -35.24 -15.18
C SER C 110 47.86 -34.99 -15.94
N ALA C 111 48.98 -35.39 -15.34
CA ALA C 111 50.29 -35.21 -15.96
C ALA C 111 50.50 -36.25 -17.07
N GLY C 150 34.45 -30.53 -21.74
CA GLY C 150 33.32 -29.88 -21.10
C GLY C 150 32.09 -29.87 -21.98
N SER C 151 32.18 -30.53 -23.14
CA SER C 151 31.07 -30.60 -24.07
C SER C 151 30.29 -31.89 -23.90
N ILE C 152 31.00 -33.01 -23.85
CA ILE C 152 30.38 -34.32 -23.70
C ILE C 152 30.67 -34.89 -22.32
N PRO C 153 29.62 -35.23 -21.56
CA PRO C 153 29.77 -35.80 -20.22
C PRO C 153 30.36 -37.20 -20.27
N GLY C 154 31.24 -37.51 -19.32
CA GLY C 154 31.84 -38.83 -19.27
C GLY C 154 33.22 -38.90 -19.89
N ILE C 155 33.40 -38.27 -21.04
CA ILE C 155 34.68 -38.27 -21.74
C ILE C 155 35.85 -37.97 -20.81
N ASP C 156 35.92 -36.73 -20.33
CA ASP C 156 37.00 -36.30 -19.45
C ASP C 156 37.30 -37.32 -18.37
N GLU C 157 36.27 -37.77 -17.66
CA GLU C 157 36.45 -38.75 -16.59
C GLU C 157 37.06 -40.04 -17.15
N ALA C 158 36.55 -40.48 -18.30
CA ALA C 158 37.05 -41.69 -18.94
C ALA C 158 38.56 -41.61 -19.14
N LEU C 159 39.00 -40.56 -19.82
CA LEU C 159 40.42 -40.34 -20.09
C LEU C 159 41.26 -40.43 -18.81
N SER C 160 40.74 -39.85 -17.73
CA SER C 160 41.43 -39.85 -16.45
C SER C 160 41.61 -41.25 -15.87
N PHE C 161 40.53 -42.02 -15.83
CA PHE C 161 40.57 -43.37 -15.28
C PHE C 161 41.31 -44.32 -16.21
N MET C 162 41.09 -44.17 -17.51
CA MET C 162 41.76 -45.02 -18.48
C MET C 162 43.27 -44.92 -18.33
N GLU C 163 43.75 -43.71 -18.01
CA GLU C 163 45.17 -43.46 -17.84
C GLU C 163 45.73 -44.14 -16.59
N VAL C 164 44.98 -44.11 -15.50
CA VAL C 164 45.44 -44.73 -14.25
C VAL C 164 45.56 -46.23 -14.40
N MET C 165 44.65 -46.82 -15.18
CA MET C 165 44.67 -48.26 -15.41
C MET C 165 45.85 -48.67 -16.29
N LYS C 166 46.33 -47.73 -17.11
CA LYS C 166 47.48 -48.02 -17.97
C LYS C 166 48.71 -48.07 -17.07
N HIS C 167 48.67 -47.29 -15.99
CA HIS C 167 49.78 -47.26 -15.04
C HIS C 167 49.75 -48.51 -14.17
N ILE C 168 48.61 -49.17 -14.13
CA ILE C 168 48.45 -50.39 -13.35
C ILE C 168 49.06 -51.57 -14.10
N LYS C 169 48.58 -51.78 -15.32
CA LYS C 169 49.06 -52.87 -16.16
C LYS C 169 50.55 -52.72 -16.50
N ARG C 170 51.04 -51.49 -16.43
CA ARG C 170 52.44 -51.21 -16.73
C ARG C 170 53.34 -51.65 -15.58
N GLN C 171 52.80 -51.59 -14.36
CA GLN C 171 53.55 -51.99 -13.18
C GLN C 171 53.39 -53.47 -12.86
N GLU C 172 52.58 -54.16 -13.65
CA GLU C 172 52.37 -55.58 -13.47
C GLU C 172 53.19 -56.38 -14.47
N GLN C 173 53.77 -55.67 -15.43
CA GLN C 173 54.61 -56.29 -16.45
C GLN C 173 56.06 -56.08 -16.05
N GLY C 174 56.34 -54.91 -15.48
CA GLY C 174 57.67 -54.59 -15.03
C GLY C 174 57.80 -54.95 -13.56
N GLU C 175 57.83 -56.24 -13.26
CA GLU C 175 57.94 -56.72 -11.89
C GLU C 175 56.68 -56.37 -11.11
N GLY C 176 56.18 -57.34 -10.36
CA GLY C 176 54.97 -57.16 -9.59
C GLY C 176 54.01 -58.19 -10.14
N GLU C 177 54.15 -58.41 -11.43
CA GLU C 177 53.35 -59.37 -12.19
C GLU C 177 51.84 -59.16 -12.17
N THR C 178 51.24 -59.23 -10.99
CA THR C 178 49.79 -59.05 -10.91
C THR C 178 49.26 -58.83 -9.50
N PHE C 179 48.38 -57.84 -9.37
CA PHE C 179 47.75 -57.52 -8.09
C PHE C 179 46.32 -58.05 -8.14
N ASP C 180 45.97 -58.89 -7.17
CA ASP C 180 44.64 -59.47 -7.11
C ASP C 180 43.56 -58.45 -6.75
N THR C 181 43.89 -57.50 -5.89
CA THR C 181 42.94 -56.47 -5.49
C THR C 181 43.64 -55.12 -5.33
N VAL C 182 43.09 -54.11 -6.00
CA VAL C 182 43.65 -52.76 -5.94
C VAL C 182 42.88 -51.86 -4.98
N ILE C 183 43.61 -51.11 -4.16
CA ILE C 183 43.00 -50.20 -3.20
C ILE C 183 43.08 -48.78 -3.74
N PHE C 184 41.99 -48.32 -4.35
CA PHE C 184 41.94 -46.97 -4.92
C PHE C 184 41.76 -45.87 -3.89
N ASP C 185 42.81 -45.07 -3.71
CA ASP C 185 42.76 -43.96 -2.77
C ASP C 185 42.28 -42.74 -3.56
N THR C 186 40.98 -42.68 -3.82
CA THR C 186 40.38 -41.60 -4.57
C THR C 186 40.97 -40.23 -4.23
N ALA C 187 40.95 -39.33 -5.20
CA ALA C 187 41.48 -37.98 -5.02
C ALA C 187 40.69 -37.23 -3.96
N PRO C 188 41.26 -36.16 -3.41
CA PRO C 188 40.59 -35.36 -2.39
C PRO C 188 39.39 -34.60 -2.95
N THR C 189 39.54 -34.09 -4.17
CA THR C 189 38.48 -33.35 -4.84
C THR C 189 38.26 -33.92 -6.23
N GLY C 190 37.18 -33.47 -6.87
CA GLY C 190 36.88 -33.95 -8.21
C GLY C 190 36.24 -35.33 -8.22
N HIS C 191 35.02 -35.41 -8.73
CA HIS C 191 34.29 -36.66 -8.80
C HIS C 191 34.91 -37.55 -9.88
N THR C 192 36.03 -38.19 -9.55
CA THR C 192 36.73 -39.05 -10.50
C THR C 192 35.89 -40.26 -10.90
N LEU C 193 34.68 -40.35 -10.37
CA LEU C 193 33.79 -41.45 -10.69
C LEU C 193 32.56 -40.96 -11.44
N ARG C 194 32.68 -39.82 -12.11
CA ARG C 194 31.56 -39.26 -12.86
C ARG C 194 31.25 -40.12 -14.08
N PHE C 195 32.28 -40.65 -14.72
CA PHE C 195 32.09 -41.48 -15.90
C PHE C 195 31.44 -42.81 -15.54
N LEU C 196 31.13 -43.00 -14.27
CA LEU C 196 30.50 -44.24 -13.82
C LEU C 196 29.00 -44.22 -14.09
N GLN C 197 28.57 -43.39 -15.03
CA GLN C 197 27.15 -43.32 -15.35
C GLN C 197 26.91 -43.05 -16.83
N LEU C 198 27.88 -42.41 -17.50
CA LEU C 198 27.75 -42.12 -18.91
C LEU C 198 27.49 -43.38 -19.72
N PRO C 199 28.32 -44.43 -19.54
CA PRO C 199 28.15 -45.68 -20.27
C PRO C 199 26.74 -46.28 -20.24
N ASN C 200 26.06 -46.15 -19.11
CA ASN C 200 24.70 -46.67 -19.02
C ASN C 200 23.75 -45.68 -19.66
N THR C 201 24.04 -44.40 -19.47
CA THR C 201 23.22 -43.32 -20.02
C THR C 201 23.11 -43.42 -21.53
N LEU C 202 24.17 -43.01 -22.22
CA LEU C 202 24.20 -43.03 -23.68
C LEU C 202 23.66 -44.34 -24.26
N SER C 203 23.99 -45.46 -23.62
CA SER C 203 23.54 -46.77 -24.10
C SER C 203 22.02 -46.85 -24.13
N LYS C 204 21.37 -46.58 -23.00
CA LYS C 204 19.92 -46.63 -22.95
C LYS C 204 19.32 -45.77 -24.05
N LEU C 205 20.00 -44.69 -24.39
CA LEU C 205 19.53 -43.80 -25.46
C LEU C 205 19.57 -44.56 -26.78
N LEU C 206 20.54 -45.47 -26.90
CA LEU C 206 20.66 -46.27 -28.10
C LEU C 206 19.44 -47.16 -28.23
N GLU C 207 18.95 -47.64 -27.09
CA GLU C 207 17.78 -48.50 -27.06
C GLU C 207 16.52 -47.76 -27.51
N LYS C 208 16.40 -46.50 -27.13
CA LYS C 208 15.25 -45.71 -27.54
C LYS C 208 15.41 -45.44 -29.02
N PHE C 209 16.66 -45.33 -29.44
CA PHE C 209 17.00 -45.07 -30.83
C PHE C 209 16.72 -46.31 -31.68
N GLY C 210 17.29 -47.43 -31.26
CA GLY C 210 17.12 -48.68 -31.98
C GLY C 210 15.69 -49.13 -32.17
N GLU C 211 14.92 -49.16 -31.08
CA GLU C 211 13.53 -49.58 -31.14
C GLU C 211 12.69 -48.69 -32.04
N ILE C 212 12.60 -47.41 -31.69
CA ILE C 212 11.81 -46.46 -32.47
C ILE C 212 12.11 -46.55 -33.97
N THR C 213 13.39 -46.72 -34.31
CA THR C 213 13.80 -46.83 -35.71
C THR C 213 13.12 -48.02 -36.38
N ASN C 214 12.23 -48.68 -35.65
CA ASN C 214 11.52 -49.83 -36.16
C ASN C 214 10.11 -49.42 -36.55
N LYS C 215 9.99 -48.67 -37.64
CA LYS C 215 8.69 -48.22 -38.14
C LYS C 215 7.81 -49.45 -38.32
N LEU C 216 6.53 -49.24 -38.61
CA LEU C 216 5.61 -50.35 -38.82
C LEU C 216 6.35 -51.52 -39.47
N GLY C 217 6.20 -52.70 -38.89
CA GLY C 217 6.89 -53.86 -39.45
C GLY C 217 7.15 -54.95 -38.43
N PRO C 218 8.33 -55.59 -38.45
CA PRO C 218 9.45 -55.36 -39.37
C PRO C 218 9.13 -55.89 -40.77
N MET C 219 7.84 -55.94 -41.07
CA MET C 219 7.35 -56.42 -42.35
C MET C 219 8.00 -55.71 -43.54
N LEU C 220 7.76 -54.40 -43.63
CA LEU C 220 8.30 -53.60 -44.72
C LEU C 220 9.74 -53.16 -44.51
N ASN C 221 10.21 -53.17 -43.26
CA ASN C 221 11.58 -52.76 -42.98
C ASN C 221 12.53 -53.86 -43.43
N SER C 222 12.00 -55.08 -43.55
CA SER C 222 12.79 -56.22 -43.96
C SER C 222 12.70 -56.43 -45.47
N PHE C 223 11.69 -55.83 -46.08
CA PHE C 223 11.49 -55.95 -47.53
C PHE C 223 12.36 -54.96 -48.30
N MET C 224 12.78 -53.91 -47.60
CA MET C 224 13.63 -52.89 -48.21
C MET C 224 15.09 -53.09 -47.81
N GLY C 225 15.31 -53.91 -46.80
CA GLY C 225 16.66 -54.17 -46.34
C GLY C 225 17.00 -55.65 -46.38
N ILE C 231 16.12 -59.32 -36.25
CA ILE C 231 16.22 -58.43 -35.11
C ILE C 231 17.66 -58.31 -34.63
N SER C 232 18.60 -58.31 -35.57
CA SER C 232 20.01 -58.19 -35.25
C SER C 232 20.28 -56.91 -34.46
N GLY C 233 19.42 -55.92 -34.64
CA GLY C 233 19.58 -54.65 -33.95
C GLY C 233 19.12 -54.70 -32.51
N LYS C 234 18.01 -55.40 -32.26
CA LYS C 234 17.45 -55.51 -30.92
C LYS C 234 18.25 -56.49 -30.07
N LEU C 235 19.10 -57.29 -30.72
CA LEU C 235 19.91 -58.27 -30.02
C LEU C 235 21.30 -57.73 -29.68
N ASN C 236 21.98 -57.17 -30.67
CA ASN C 236 23.30 -56.61 -30.47
C ASN C 236 23.24 -55.43 -29.50
N GLU C 237 22.11 -54.75 -29.46
CA GLU C 237 21.93 -53.62 -28.57
C GLU C 237 21.94 -54.15 -27.14
N LEU C 238 21.12 -55.17 -26.90
CA LEU C 238 21.01 -55.78 -25.58
C LEU C 238 22.34 -56.39 -25.16
N LYS C 239 23.18 -56.72 -26.13
CA LYS C 239 24.49 -57.29 -25.83
C LYS C 239 25.45 -56.18 -25.42
N ALA C 240 25.42 -55.08 -26.16
CA ALA C 240 26.29 -53.94 -25.86
C ALA C 240 25.76 -53.28 -24.60
N ASN C 241 24.50 -53.58 -24.28
CA ASN C 241 23.85 -53.04 -23.09
C ASN C 241 24.39 -53.69 -21.83
N VAL C 242 24.22 -55.01 -21.73
CA VAL C 242 24.68 -55.76 -20.56
C VAL C 242 26.17 -55.54 -20.32
N GLU C 243 26.98 -55.77 -21.34
CA GLU C 243 28.43 -55.60 -21.23
C GLU C 243 28.75 -54.26 -20.57
N THR C 244 28.10 -53.20 -21.05
CA THR C 244 28.31 -51.87 -20.51
C THR C 244 27.92 -51.82 -19.04
N ILE C 245 26.68 -52.25 -18.75
CA ILE C 245 26.18 -52.26 -17.39
C ILE C 245 27.00 -53.18 -16.49
N ARG C 246 27.83 -54.03 -17.12
CA ARG C 246 28.68 -54.94 -16.35
C ARG C 246 29.98 -54.27 -15.96
N GLN C 247 30.26 -53.12 -16.54
CA GLN C 247 31.49 -52.38 -16.24
C GLN C 247 31.27 -51.37 -15.12
N GLN C 248 30.01 -51.05 -14.87
CA GLN C 248 29.65 -50.11 -13.80
C GLN C 248 29.28 -50.94 -12.58
N PHE C 249 28.36 -51.88 -12.77
CA PHE C 249 27.92 -52.77 -11.71
C PHE C 249 29.13 -53.53 -11.20
N THR C 250 29.99 -53.93 -12.13
CA THR C 250 31.22 -54.66 -11.84
C THR C 250 31.12 -55.60 -10.63
N ASP C 251 29.95 -56.23 -10.49
CA ASP C 251 29.71 -57.18 -9.40
C ASP C 251 30.01 -56.61 -8.00
N PRO C 252 29.00 -56.62 -7.11
CA PRO C 252 29.18 -56.12 -5.75
C PRO C 252 30.12 -57.01 -4.95
N ASP C 253 30.36 -58.20 -5.46
CA ASP C 253 31.26 -59.16 -4.82
C ASP C 253 32.67 -58.99 -5.35
N LEU C 254 32.80 -58.19 -6.40
CA LEU C 254 34.10 -57.92 -7.01
C LEU C 254 34.55 -56.49 -6.74
N THR C 255 33.59 -55.57 -6.67
CA THR C 255 33.89 -54.17 -6.42
C THR C 255 33.01 -53.57 -5.33
N THR C 256 33.59 -52.66 -4.55
CA THR C 256 32.88 -51.98 -3.48
C THR C 256 33.50 -50.61 -3.25
N PHE C 257 32.81 -49.76 -2.49
CA PHE C 257 33.31 -48.42 -2.21
C PHE C 257 33.30 -48.15 -0.71
N VAL C 258 34.45 -47.73 -0.18
CA VAL C 258 34.57 -47.42 1.24
C VAL C 258 34.66 -45.92 1.44
N CYS C 259 33.71 -45.36 2.19
CA CYS C 259 33.68 -43.93 2.46
C CYS C 259 34.29 -43.62 3.83
N VAL C 260 34.90 -42.45 3.95
CA VAL C 260 35.53 -42.04 5.19
C VAL C 260 35.02 -40.66 5.62
N CYS C 261 34.79 -40.48 6.91
CA CYS C 261 34.30 -39.21 7.44
C CYS C 261 34.48 -39.15 8.95
N ILE C 262 33.89 -38.13 9.57
CA ILE C 262 33.94 -37.95 11.01
C ILE C 262 32.60 -37.43 11.48
N SER C 263 32.33 -37.54 12.78
CA SER C 263 31.06 -37.09 13.32
C SER C 263 31.02 -35.57 13.45
N GLU C 264 30.78 -34.90 12.32
CA GLU C 264 30.69 -33.44 12.28
C GLU C 264 29.77 -33.02 11.15
N PHE C 265 28.91 -32.03 11.43
CA PHE C 265 27.96 -31.52 10.46
C PHE C 265 28.47 -31.59 9.02
N LEU C 266 29.35 -30.67 8.66
CA LEU C 266 29.91 -30.60 7.33
C LEU C 266 30.34 -31.95 6.76
N SER C 267 30.91 -32.80 7.61
CA SER C 267 31.36 -34.12 7.17
C SER C 267 30.17 -34.95 6.72
N LEU C 268 29.12 -34.98 7.55
CA LEU C 268 27.92 -35.74 7.22
C LEU C 268 27.33 -35.26 5.90
N TYR C 269 27.32 -33.94 5.72
CA TYR C 269 26.78 -33.34 4.51
C TYR C 269 27.55 -33.90 3.32
N GLU C 270 28.88 -33.85 3.40
CA GLU C 270 29.75 -34.34 2.35
C GLU C 270 29.57 -35.84 2.13
N THR C 271 29.42 -36.57 3.23
CA THR C 271 29.24 -38.01 3.17
C THR C 271 27.92 -38.38 2.49
N GLU C 272 26.83 -37.80 3.00
CA GLU C 272 25.50 -38.07 2.45
C GLU C 272 25.45 -37.93 0.93
N ARG C 273 26.01 -36.85 0.41
CA ARG C 273 26.01 -36.61 -1.03
C ARG C 273 26.90 -37.61 -1.76
N LEU C 274 28.07 -37.88 -1.19
CA LEU C 274 29.02 -38.81 -1.80
C LEU C 274 28.35 -40.14 -2.05
N ILE C 275 27.63 -40.63 -1.04
CA ILE C 275 26.94 -41.90 -1.13
C ILE C 275 25.82 -41.87 -2.18
N GLN C 276 25.13 -40.75 -2.27
CA GLN C 276 24.06 -40.62 -3.26
C GLN C 276 24.67 -40.74 -4.65
N GLU C 277 25.78 -40.04 -4.85
CA GLU C 277 26.49 -40.05 -6.11
C GLU C 277 26.86 -41.47 -6.52
N LEU C 278 27.36 -42.24 -5.58
CA LEU C 278 27.76 -43.62 -5.83
C LEU C 278 26.58 -44.52 -6.13
N ILE C 279 25.47 -44.28 -5.44
CA ILE C 279 24.26 -45.07 -5.64
C ILE C 279 23.72 -44.85 -7.05
N SER C 280 23.91 -43.64 -7.57
CA SER C 280 23.44 -43.33 -8.92
C SER C 280 24.35 -44.05 -9.90
N TYR C 281 25.53 -44.45 -9.42
CA TYR C 281 26.48 -45.18 -10.25
C TYR C 281 26.26 -46.67 -10.03
N ASP C 282 25.27 -46.98 -9.19
CA ASP C 282 24.95 -48.38 -8.88
C ASP C 282 26.15 -49.04 -8.21
N MET C 283 27.13 -48.24 -7.82
CA MET C 283 28.33 -48.75 -7.17
C MET C 283 28.03 -49.11 -5.72
N ASP C 284 28.30 -50.36 -5.36
CA ASP C 284 28.05 -50.85 -4.00
C ASP C 284 28.76 -50.01 -2.94
N VAL C 285 28.03 -49.64 -1.91
CA VAL C 285 28.57 -48.85 -0.80
C VAL C 285 27.92 -49.28 0.50
N ASN C 286 28.73 -49.72 1.45
CA ASN C 286 28.22 -50.16 2.74
C ASN C 286 29.25 -50.06 3.84
N SER C 287 30.20 -49.14 3.68
CA SER C 287 31.26 -48.95 4.66
C SER C 287 31.55 -47.48 4.90
N ILE C 288 31.33 -47.03 6.13
CA ILE C 288 31.56 -45.64 6.50
C ILE C 288 32.52 -45.54 7.68
N ILE C 289 33.73 -45.04 7.41
CA ILE C 289 34.74 -44.89 8.45
C ILE C 289 34.63 -43.53 9.12
N VAL C 290 34.67 -43.53 10.45
CA VAL C 290 34.57 -42.30 11.23
C VAL C 290 35.72 -42.22 12.22
N ASN C 291 36.77 -41.51 11.85
CA ASN C 291 37.95 -41.37 12.70
C ASN C 291 37.84 -40.14 13.60
N GLN C 292 38.87 -39.95 14.43
CA GLN C 292 38.93 -38.81 15.35
C GLN C 292 37.91 -38.83 16.49
N LEU C 293 37.23 -39.97 16.67
CA LEU C 293 36.24 -40.08 17.74
C LEU C 293 36.93 -40.04 19.09
N LEU C 294 36.31 -39.34 20.04
CA LEU C 294 36.88 -39.21 21.38
C LEU C 294 36.57 -40.33 22.37
N PHE C 295 35.30 -40.63 22.55
CA PHE C 295 34.90 -41.67 23.50
C PHE C 295 35.50 -41.27 24.85
N ALA C 296 35.49 -39.97 25.11
CA ALA C 296 36.05 -39.40 26.33
C ALA C 296 35.31 -39.75 27.62
N GLU C 297 34.48 -40.78 27.59
CA GLU C 297 33.74 -41.19 28.78
C GLU C 297 34.24 -42.55 29.27
N ASN C 298 35.37 -43.00 28.74
CA ASN C 298 35.92 -44.30 29.11
C ASN C 298 37.42 -44.28 29.36
N ASP C 299 38.13 -43.40 28.66
CA ASP C 299 39.57 -43.30 28.79
C ASP C 299 40.01 -43.23 30.25
N GLN C 300 40.93 -44.10 30.63
CA GLN C 300 41.43 -44.12 32.00
C GLN C 300 42.37 -42.95 32.25
N GLU C 301 41.76 -41.83 32.65
CA GLU C 301 42.46 -40.58 32.94
C GLU C 301 41.46 -39.50 32.52
N HIS C 302 40.25 -39.61 33.07
CA HIS C 302 39.15 -38.69 32.79
C HIS C 302 39.54 -37.21 32.81
N ASN C 303 38.57 -36.38 33.20
CA ASN C 303 38.76 -34.93 33.29
C ASN C 303 38.77 -34.27 31.91
N CYS C 304 39.12 -32.98 31.92
CA CYS C 304 39.19 -32.18 30.70
C CYS C 304 37.83 -31.94 30.07
N LYS C 305 37.14 -30.90 30.53
CA LYS C 305 35.82 -30.55 30.01
C LYS C 305 35.90 -30.37 28.50
N ARG C 306 36.96 -29.70 28.06
CA ARG C 306 37.19 -29.41 26.65
C ARG C 306 37.02 -30.66 25.78
N CYS C 307 37.51 -31.79 26.28
CA CYS C 307 37.42 -33.05 25.55
C CYS C 307 36.03 -33.68 25.65
N GLN C 308 35.40 -33.54 26.81
CA GLN C 308 34.08 -34.10 27.03
C GLN C 308 33.02 -33.37 26.22
N ALA C 309 33.15 -32.06 26.14
CA ALA C 309 32.22 -31.23 25.39
C ALA C 309 32.27 -31.57 23.90
N ARG C 310 33.48 -31.71 23.37
CA ARG C 310 33.66 -32.03 21.95
C ARG C 310 33.02 -33.36 21.59
N TRP C 311 33.17 -34.36 22.45
CA TRP C 311 32.61 -35.68 22.17
C TRP C 311 31.09 -35.69 22.33
N LYS C 312 30.57 -34.76 23.14
CA LYS C 312 29.13 -34.67 23.34
C LYS C 312 28.50 -34.26 22.02
N MET C 313 29.27 -33.51 21.23
CA MET C 313 28.81 -33.02 19.94
C MET C 313 29.00 -34.14 18.91
N GLN C 314 30.10 -34.88 19.03
CA GLN C 314 30.39 -35.98 18.12
C GLN C 314 29.38 -37.10 18.34
N LYS C 315 28.91 -37.25 19.57
CA LYS C 315 27.95 -38.29 19.90
C LYS C 315 26.60 -37.92 19.30
N LYS C 316 26.33 -36.63 19.22
CA LYS C 316 25.08 -36.12 18.66
C LYS C 316 24.94 -36.61 17.22
N TYR C 317 25.92 -36.27 16.39
CA TYR C 317 25.92 -36.64 14.98
C TYR C 317 26.08 -38.15 14.78
N LEU C 318 26.92 -38.79 15.59
CA LEU C 318 27.12 -40.23 15.48
C LEU C 318 25.79 -40.97 15.52
N ASP C 319 24.84 -40.44 16.28
CA ASP C 319 23.53 -41.07 16.38
C ASP C 319 22.75 -40.85 15.09
N GLN C 320 23.03 -39.72 14.43
CA GLN C 320 22.37 -39.41 13.16
C GLN C 320 22.92 -40.34 12.08
N ILE C 321 24.15 -40.80 12.30
CA ILE C 321 24.81 -41.70 11.36
C ILE C 321 24.33 -43.12 11.56
N ASP C 322 24.04 -43.48 12.81
CA ASP C 322 23.56 -44.81 13.13
C ASP C 322 22.08 -44.97 12.80
N GLU C 323 21.42 -43.86 12.50
CA GLU C 323 20.01 -43.88 12.16
C GLU C 323 19.85 -43.59 10.67
N LEU C 324 20.87 -42.96 10.09
CA LEU C 324 20.86 -42.62 8.67
C LEU C 324 21.32 -43.85 7.89
N TYR C 325 22.38 -44.47 8.36
CA TYR C 325 22.93 -45.67 7.72
C TYR C 325 22.79 -46.84 8.67
N GLU C 326 21.57 -47.33 8.79
CA GLU C 326 21.24 -48.44 9.67
C GLU C 326 21.84 -49.77 9.21
N ASP C 327 21.79 -50.04 7.91
CA ASP C 327 22.33 -51.28 7.38
C ASP C 327 23.71 -51.11 6.75
N PHE C 328 24.43 -50.07 7.17
CA PHE C 328 25.77 -49.81 6.66
C PHE C 328 26.84 -50.22 7.66
N HIS C 329 28.04 -50.48 7.17
CA HIS C 329 29.15 -50.85 8.05
C HIS C 329 29.80 -49.59 8.60
N VAL C 330 29.22 -49.05 9.66
CA VAL C 330 29.74 -47.84 10.27
C VAL C 330 30.76 -48.14 11.36
N VAL C 331 32.03 -48.25 10.97
CA VAL C 331 33.11 -48.53 11.90
C VAL C 331 33.60 -47.24 12.53
N LYS C 332 33.45 -47.14 13.85
CA LYS C 332 33.85 -45.95 14.59
C LYS C 332 35.28 -46.07 15.10
N MET C 333 36.19 -45.30 14.50
CA MET C 333 37.59 -45.31 14.89
C MET C 333 37.92 -44.28 15.97
N PRO C 334 38.84 -44.61 16.87
CA PRO C 334 39.27 -43.74 17.97
C PRO C 334 40.24 -42.63 17.55
N LEU C 335 40.21 -41.53 18.30
CA LEU C 335 41.09 -40.39 18.03
C LEU C 335 42.46 -40.66 18.65
N CYS C 336 43.51 -40.29 17.92
CA CYS C 336 44.87 -40.48 18.39
C CYS C 336 45.49 -39.12 18.69
N ALA C 337 46.33 -39.07 19.72
CA ALA C 337 46.99 -37.83 20.10
C ALA C 337 47.50 -37.10 18.86
N GLY C 338 48.53 -37.66 18.23
CA GLY C 338 49.08 -37.05 17.04
C GLY C 338 48.67 -37.86 15.82
N GLU C 339 49.11 -37.46 14.64
CA GLU C 339 48.76 -38.18 13.42
C GLU C 339 49.53 -39.50 13.39
N ILE C 340 48.92 -40.52 12.80
CA ILE C 340 49.54 -41.84 12.71
C ILE C 340 50.33 -42.00 11.42
N ARG C 341 51.63 -42.21 11.56
CA ARG C 341 52.51 -42.40 10.41
C ARG C 341 53.50 -43.52 10.69
N GLY C 342 54.04 -44.10 9.64
CA GLY C 342 54.98 -45.20 9.79
C GLY C 342 54.21 -46.50 9.71
N LEU C 343 54.77 -47.48 9.00
CA LEU C 343 54.13 -48.77 8.84
C LEU C 343 53.67 -49.34 10.18
N ASN C 344 54.55 -49.27 11.17
CA ASN C 344 54.24 -49.80 12.50
C ASN C 344 52.98 -49.23 13.14
N ASN C 345 53.00 -47.94 13.44
CA ASN C 345 51.84 -47.29 14.06
C ASN C 345 50.56 -47.42 13.25
N LEU C 346 50.70 -47.72 11.96
CA LEU C 346 49.54 -47.86 11.08
C LEU C 346 48.87 -49.22 11.24
N THR C 347 49.67 -50.29 11.27
CA THR C 347 49.15 -51.63 11.42
C THR C 347 48.43 -51.81 12.76
N LYS C 348 49.02 -51.24 13.81
CA LYS C 348 48.46 -51.35 15.15
C LYS C 348 47.16 -50.56 15.28
N PHE C 349 46.99 -49.55 14.44
CA PHE C 349 45.79 -48.72 14.46
C PHE C 349 44.73 -49.31 13.54
N SER C 350 45.17 -50.02 12.50
CA SER C 350 44.27 -50.62 11.54
C SER C 350 43.65 -51.90 12.08
N GLN C 351 44.16 -52.38 13.21
CA GLN C 351 43.66 -53.61 13.81
C GLN C 351 42.22 -53.41 14.26
N PHE C 352 41.85 -52.15 14.50
CA PHE C 352 40.50 -51.82 14.95
C PHE C 352 39.49 -51.88 13.80
N LEU C 353 39.97 -51.99 12.57
CA LEU C 353 39.11 -52.08 11.42
C LEU C 353 38.63 -53.52 11.26
N ASN C 354 39.35 -54.44 11.89
CA ASN C 354 39.00 -55.85 11.84
C ASN C 354 38.17 -56.20 13.07
N LYS C 355 38.59 -55.66 14.22
CA LYS C 355 37.89 -55.87 15.48
C LYS C 355 37.54 -54.52 16.08
N GLU C 356 36.27 -54.32 16.39
CA GLU C 356 35.79 -53.05 16.95
C GLU C 356 36.70 -52.50 18.04
N TYR C 357 36.81 -51.18 18.10
CA TYR C 357 37.64 -50.51 19.09
C TYR C 357 36.85 -50.30 20.37
N ASN C 358 37.38 -50.79 21.49
CA ASN C 358 36.74 -50.64 22.78
C ASN C 358 37.53 -49.65 23.62
N PRO C 359 36.99 -48.43 23.81
CA PRO C 359 37.67 -47.40 24.59
C PRO C 359 37.89 -47.78 26.06
N ILE C 360 37.28 -48.89 26.47
CA ILE C 360 37.41 -49.37 27.84
C ILE C 360 38.62 -50.28 28.00
N THR C 361 38.95 -51.03 26.95
CA THR C 361 40.08 -51.94 26.99
C THR C 361 41.22 -51.59 26.04
N ASP C 362 40.87 -51.08 24.86
CA ASP C 362 41.87 -50.70 23.87
C ASP C 362 42.43 -49.31 24.08
N GLY C 363 42.13 -48.71 25.23
CA GLY C 363 42.64 -47.38 25.51
C GLY C 363 44.15 -47.31 25.47
N LYS C 364 44.79 -48.42 25.82
CA LYS C 364 46.24 -48.50 25.82
C LYS C 364 46.84 -48.33 24.43
N VAL C 365 46.32 -49.08 23.47
CA VAL C 365 46.81 -49.04 22.10
C VAL C 365 46.83 -47.61 21.53
N ILE C 366 45.85 -46.80 21.93
CA ILE C 366 45.76 -45.42 21.46
C ILE C 366 46.79 -44.53 22.14
N TYR C 367 46.76 -44.48 23.47
CA TYR C 367 47.70 -43.68 24.24
C TYR C 367 49.10 -44.26 24.08
N GLU C 368 49.21 -45.20 23.16
CA GLU C 368 50.47 -45.88 22.83
C GLU C 368 51.05 -45.25 21.58
N LEU C 369 50.18 -44.98 20.61
CA LEU C 369 50.57 -44.38 19.35
C LEU C 369 51.02 -42.94 19.61
N GLU C 370 50.83 -42.49 20.84
CA GLU C 370 51.20 -41.14 21.25
C GLU C 370 52.61 -41.13 21.83
N MET D 1 21.86 -42.02 -59.23
CA MET D 1 22.82 -40.94 -58.88
C MET D 1 24.24 -41.35 -59.27
N GLY D 2 24.65 -42.54 -58.83
CA GLY D 2 25.98 -43.03 -59.14
C GLY D 2 26.13 -43.39 -60.60
N ALA D 3 25.03 -43.84 -61.21
CA ALA D 3 25.04 -44.21 -62.62
C ALA D 3 24.88 -42.99 -63.51
N LYS D 4 24.37 -41.91 -62.94
CA LYS D 4 24.18 -40.69 -63.72
C LYS D 4 25.44 -39.85 -63.74
N LEU D 5 26.12 -39.76 -62.61
CA LEU D 5 27.35 -38.98 -62.51
C LEU D 5 28.34 -39.49 -63.55
N ALA D 6 28.70 -40.77 -63.44
CA ALA D 6 29.65 -41.40 -64.35
C ALA D 6 29.36 -41.05 -65.80
N LYS D 7 28.10 -41.17 -66.21
CA LYS D 7 27.70 -40.88 -67.59
C LYS D 7 28.07 -39.46 -68.01
N THR D 8 27.48 -38.47 -67.36
CA THR D 8 27.74 -37.07 -67.69
C THR D 8 29.23 -36.71 -67.71
N LEU D 9 30.03 -37.39 -66.88
CA LEU D 9 31.46 -37.11 -66.84
C LEU D 9 32.13 -37.33 -68.19
N GLN D 10 31.55 -38.20 -69.03
CA GLN D 10 32.12 -38.46 -70.34
C GLN D 10 31.69 -37.38 -71.33
N ARG D 11 30.42 -36.98 -71.26
CA ARG D 11 29.92 -35.95 -72.16
C ARG D 11 30.57 -34.61 -71.84
N PHE D 12 31.22 -34.54 -70.68
CA PHE D 12 31.91 -33.33 -70.26
C PHE D 12 33.31 -33.36 -70.86
N GLU D 13 34.02 -34.46 -70.63
CA GLU D 13 35.36 -34.63 -71.16
C GLU D 13 35.31 -34.79 -72.68
N ASN D 14 34.09 -34.79 -73.20
CA ASN D 14 33.87 -34.90 -74.64
C ASN D 14 33.82 -33.48 -75.16
N LYS D 15 33.33 -32.57 -74.33
CA LYS D 15 33.24 -31.16 -74.68
C LYS D 15 34.61 -30.52 -74.51
N ILE D 16 35.48 -31.20 -73.78
CA ILE D 16 36.84 -30.70 -73.53
C ILE D 16 37.77 -31.12 -74.68
N LYS D 17 37.60 -32.35 -75.16
CA LYS D 17 38.43 -32.84 -76.25
C LYS D 17 37.92 -32.28 -77.58
N ALA D 18 36.76 -31.64 -77.53
CA ALA D 18 36.17 -31.05 -78.72
C ALA D 18 36.53 -29.57 -78.82
N GLY D 19 36.91 -28.99 -77.69
CA GLY D 19 37.29 -27.59 -77.66
C GLY D 19 36.30 -26.73 -76.89
N ASP D 20 35.09 -27.25 -76.71
CA ASP D 20 34.04 -26.54 -75.99
C ASP D 20 34.37 -26.43 -74.51
N TYR D 21 35.33 -25.57 -74.18
CA TYR D 21 35.74 -25.39 -72.79
C TYR D 21 34.66 -24.65 -72.00
N TYR D 22 34.18 -23.53 -72.53
CA TYR D 22 33.15 -22.75 -71.86
C TYR D 22 31.95 -23.63 -71.52
N GLU D 23 31.44 -24.35 -72.51
CA GLU D 23 30.30 -25.24 -72.31
C GLU D 23 30.58 -26.22 -71.18
N ALA D 24 31.71 -26.90 -71.26
CA ALA D 24 32.11 -27.89 -70.26
C ALA D 24 32.20 -27.31 -68.85
N HIS D 25 32.79 -26.11 -68.74
CA HIS D 25 32.96 -25.47 -67.44
C HIS D 25 31.66 -24.93 -66.86
N GLN D 26 30.90 -24.22 -67.67
CA GLN D 26 29.63 -23.63 -67.23
C GLN D 26 28.65 -24.69 -66.75
N THR D 27 28.42 -25.70 -67.60
CA THR D 27 27.49 -26.77 -67.26
C THR D 27 27.84 -27.48 -65.96
N LEU D 28 29.07 -27.95 -65.85
CA LEU D 28 29.53 -28.67 -64.66
C LEU D 28 29.35 -27.88 -63.35
N ARG D 29 29.71 -26.61 -63.35
CA ARG D 29 29.59 -25.79 -62.15
C ARG D 29 28.14 -25.62 -61.68
N THR D 30 27.26 -25.28 -62.62
CA THR D 30 25.84 -25.09 -62.28
C THR D 30 25.27 -26.39 -61.72
N ILE D 31 25.64 -27.50 -62.32
CA ILE D 31 25.17 -28.81 -61.88
C ILE D 31 25.77 -29.13 -60.52
N ALA D 32 27.05 -28.82 -60.36
CA ALA D 32 27.74 -29.08 -59.10
C ALA D 32 27.14 -28.23 -57.98
N ASN D 33 26.81 -26.99 -58.31
CA ASN D 33 26.20 -26.07 -57.34
C ASN D 33 24.90 -26.67 -56.82
N ARG D 34 24.20 -27.39 -57.69
CA ARG D 34 22.93 -28.02 -57.33
C ARG D 34 23.15 -29.07 -56.23
N TYR D 35 24.18 -29.90 -56.41
CA TYR D 35 24.49 -30.92 -55.41
C TYR D 35 24.82 -30.28 -54.08
N VAL D 36 25.61 -29.21 -54.13
CA VAL D 36 26.02 -28.48 -52.94
C VAL D 36 24.82 -27.87 -52.24
N ARG D 37 23.87 -27.37 -53.03
CA ARG D 37 22.66 -26.74 -52.49
C ARG D 37 21.84 -27.75 -51.69
N SER D 38 21.88 -29.01 -52.11
CA SER D 38 21.15 -30.08 -51.46
C SER D 38 22.02 -30.78 -50.43
N LYS D 39 23.18 -30.20 -50.14
CA LYS D 39 24.12 -30.74 -49.18
C LYS D 39 24.68 -32.11 -49.56
N SER D 40 24.59 -32.45 -50.84
CA SER D 40 25.11 -33.73 -51.33
C SER D 40 26.57 -33.52 -51.70
N TYR D 41 27.33 -32.95 -50.74
CA TYR D 41 28.75 -32.67 -50.92
C TYR D 41 29.53 -33.75 -51.65
N GLU D 42 29.56 -34.95 -51.08
CA GLU D 42 30.29 -36.08 -51.65
C GLU D 42 30.17 -36.14 -53.17
N HIS D 43 28.95 -36.01 -53.68
CA HIS D 43 28.72 -36.05 -55.12
C HIS D 43 29.44 -34.91 -55.83
N ALA D 44 29.26 -33.69 -55.31
CA ALA D 44 29.88 -32.51 -55.88
C ALA D 44 31.41 -32.63 -55.88
N ILE D 45 31.95 -33.18 -54.80
CA ILE D 45 33.39 -33.34 -54.66
C ILE D 45 33.99 -34.19 -55.78
N GLU D 46 33.36 -35.32 -56.08
CA GLU D 46 33.86 -36.20 -57.14
C GLU D 46 33.71 -35.53 -58.50
N LEU D 47 32.57 -34.88 -58.72
CA LEU D 47 32.30 -34.19 -59.97
C LEU D 47 33.29 -33.05 -60.20
N ILE D 48 33.39 -32.16 -59.23
CA ILE D 48 34.29 -31.02 -59.31
C ILE D 48 35.73 -31.47 -59.53
N SER D 49 36.20 -32.35 -58.65
CA SER D 49 37.57 -32.87 -58.73
C SER D 49 37.86 -33.46 -60.11
N GLN D 50 36.97 -34.34 -60.57
CA GLN D 50 37.14 -34.97 -61.87
C GLN D 50 37.19 -33.93 -62.98
N GLY D 51 36.32 -32.93 -62.89
CA GLY D 51 36.29 -31.89 -63.89
C GLY D 51 37.57 -31.09 -63.91
N ALA D 52 38.13 -30.85 -62.73
CA ALA D 52 39.37 -30.09 -62.60
C ALA D 52 40.54 -30.88 -63.18
N LEU D 53 40.52 -32.20 -62.98
CA LEU D 53 41.57 -33.07 -63.47
C LEU D 53 41.67 -32.97 -64.98
N SER D 54 40.55 -33.22 -65.66
CA SER D 54 40.49 -33.16 -67.11
C SER D 54 40.95 -31.82 -67.66
N PHE D 55 40.50 -30.73 -67.04
CA PHE D 55 40.89 -29.40 -67.49
C PHE D 55 42.40 -29.22 -67.43
N LEU D 56 43.00 -29.63 -66.32
CA LEU D 56 44.44 -29.51 -66.13
C LEU D 56 45.19 -30.42 -67.10
N LYS D 57 44.61 -31.58 -67.40
CA LYS D 57 45.23 -32.51 -68.32
C LYS D 57 45.16 -31.99 -69.75
N ALA D 58 44.20 -31.10 -70.00
CA ALA D 58 44.02 -30.51 -71.32
C ALA D 58 44.75 -29.18 -71.43
N LYS D 59 45.61 -28.89 -70.46
CA LYS D 59 46.38 -27.66 -70.44
C LYS D 59 45.50 -26.43 -70.30
N GLN D 60 44.37 -26.58 -69.63
CA GLN D 60 43.44 -25.47 -69.42
C GLN D 60 43.52 -24.96 -67.99
N GLY D 61 44.63 -24.31 -67.66
CA GLY D 61 44.82 -23.77 -66.32
C GLY D 61 43.66 -22.94 -65.81
N GLY D 62 43.12 -22.09 -66.68
CA GLY D 62 42.01 -21.24 -66.30
C GLY D 62 40.92 -21.99 -65.56
N SER D 63 40.24 -22.89 -66.28
CA SER D 63 39.16 -23.68 -65.69
C SER D 63 39.68 -24.56 -64.56
N GLY D 64 40.78 -25.27 -64.82
CA GLY D 64 41.36 -26.14 -63.82
C GLY D 64 41.55 -25.45 -62.49
N THR D 65 42.24 -24.31 -62.51
CA THR D 65 42.49 -23.54 -61.30
C THR D 65 41.18 -23.17 -60.61
N ASP D 66 40.24 -22.63 -61.37
CA ASP D 66 38.95 -22.23 -60.85
C ASP D 66 38.26 -23.36 -60.10
N LEU D 67 38.21 -24.54 -60.72
CA LEU D 67 37.58 -25.70 -60.11
C LEU D 67 38.25 -26.11 -58.80
N ILE D 68 39.57 -26.00 -58.75
CA ILE D 68 40.31 -26.37 -57.54
C ILE D 68 39.81 -25.52 -56.37
N PHE D 69 39.69 -24.21 -56.61
CA PHE D 69 39.20 -23.29 -55.59
C PHE D 69 37.79 -23.69 -55.17
N TYR D 70 36.94 -23.95 -56.15
CA TYR D 70 35.56 -24.34 -55.90
C TYR D 70 35.53 -25.60 -55.04
N LEU D 71 36.39 -26.56 -55.37
CA LEU D 71 36.47 -27.80 -54.62
C LEU D 71 36.79 -27.49 -53.16
N LEU D 72 37.82 -26.67 -52.96
CA LEU D 72 38.24 -26.26 -51.63
C LEU D 72 37.09 -25.62 -50.86
N GLU D 73 36.31 -24.78 -51.55
CA GLU D 73 35.18 -24.11 -50.91
C GLU D 73 34.25 -25.16 -50.31
N VAL D 74 33.95 -26.20 -51.10
CA VAL D 74 33.07 -27.27 -50.64
C VAL D 74 33.75 -27.99 -49.47
N TYR D 75 35.04 -28.27 -49.62
CA TYR D 75 35.82 -28.94 -48.60
C TYR D 75 35.62 -28.28 -47.25
N ASP D 76 35.56 -26.95 -47.24
CA ASP D 76 35.38 -26.18 -46.02
C ASP D 76 33.89 -26.10 -45.66
N LEU D 77 33.03 -26.25 -46.67
CA LEU D 77 31.59 -26.21 -46.47
C LEU D 77 31.08 -27.55 -45.94
N ALA D 78 31.75 -28.62 -46.35
CA ALA D 78 31.38 -29.96 -45.92
C ALA D 78 32.22 -30.35 -44.71
N GLU D 79 33.08 -29.43 -44.28
CA GLU D 79 33.95 -29.66 -43.14
C GLU D 79 34.75 -30.94 -43.31
N VAL D 80 35.13 -31.22 -44.55
CA VAL D 80 35.91 -32.42 -44.87
C VAL D 80 37.19 -32.43 -44.03
N LYS D 81 37.33 -33.46 -43.21
CA LYS D 81 38.51 -33.60 -42.34
C LYS D 81 39.71 -34.12 -43.11
N VAL D 82 40.90 -33.72 -42.65
CA VAL D 82 42.14 -34.12 -43.29
C VAL D 82 42.51 -35.57 -43.04
N ASP D 83 42.57 -36.34 -44.13
CA ASP D 83 42.92 -37.76 -44.07
C ASP D 83 43.41 -38.19 -45.44
N ASP D 84 43.77 -39.46 -45.58
CA ASP D 84 44.28 -39.99 -46.85
C ASP D 84 43.44 -39.57 -48.05
N ILE D 85 42.18 -40.00 -48.07
CA ILE D 85 41.28 -39.67 -49.17
C ILE D 85 41.27 -38.17 -49.48
N SER D 86 40.96 -37.36 -48.47
CA SER D 86 40.92 -35.92 -48.62
C SER D 86 42.20 -35.36 -49.24
N VAL D 87 43.34 -35.78 -48.72
CA VAL D 87 44.63 -35.32 -49.23
C VAL D 87 44.88 -35.83 -50.65
N ALA D 88 44.59 -37.11 -50.86
CA ALA D 88 44.80 -37.75 -52.16
C ALA D 88 44.21 -36.93 -53.32
N ARG D 89 42.95 -36.52 -53.19
CA ARG D 89 42.31 -35.74 -54.25
C ARG D 89 43.12 -34.52 -54.64
N LEU D 90 43.64 -33.82 -53.63
CA LEU D 90 44.44 -32.63 -53.88
C LEU D 90 45.79 -32.97 -54.48
N VAL D 91 46.40 -34.05 -54.00
CA VAL D 91 47.71 -34.48 -54.50
C VAL D 91 47.60 -34.82 -55.98
N ARG D 92 46.53 -35.52 -56.35
CA ARG D 92 46.28 -35.93 -57.73
C ARG D 92 46.09 -34.73 -58.64
N LEU D 93 45.50 -33.66 -58.10
CA LEU D 93 45.27 -32.44 -58.86
C LEU D 93 46.55 -31.61 -58.97
N ILE D 94 47.33 -31.60 -57.89
CA ILE D 94 48.58 -30.85 -57.85
C ILE D 94 49.58 -31.40 -58.86
N ALA D 95 49.50 -32.70 -59.12
CA ALA D 95 50.40 -33.36 -60.06
C ALA D 95 50.18 -32.89 -61.49
N GLU D 96 48.93 -32.57 -61.83
CA GLU D 96 48.60 -32.12 -63.18
C GLU D 96 48.75 -30.62 -63.36
N LEU D 97 49.05 -29.91 -62.28
CA LEU D 97 49.22 -28.46 -62.34
C LEU D 97 50.48 -28.06 -63.11
N ASP D 98 50.36 -27.00 -63.89
CA ASP D 98 51.49 -26.50 -64.68
C ASP D 98 52.34 -25.62 -63.76
N PRO D 99 53.63 -25.96 -63.61
CA PRO D 99 54.54 -25.21 -62.76
C PRO D 99 54.52 -23.70 -63.00
N SER D 100 54.03 -23.29 -64.17
CA SER D 100 53.97 -21.88 -64.51
C SER D 100 52.60 -21.26 -64.31
N GLU D 101 51.63 -22.06 -63.86
CA GLU D 101 50.28 -21.57 -63.63
C GLU D 101 50.28 -20.31 -62.76
N PRO D 102 49.77 -19.19 -63.29
CA PRO D 102 49.70 -17.90 -62.60
C PRO D 102 49.01 -17.95 -61.24
N ASN D 103 48.34 -19.05 -60.93
CA ASN D 103 47.65 -19.20 -59.67
C ASN D 103 48.35 -20.16 -58.71
N LEU D 104 49.27 -20.95 -59.25
CA LEU D 104 50.02 -21.93 -58.48
C LEU D 104 50.04 -21.69 -56.96
N LYS D 105 50.80 -20.69 -56.53
CA LYS D 105 50.91 -20.37 -55.11
C LYS D 105 49.56 -20.23 -54.41
N ASP D 106 48.59 -19.60 -55.06
CA ASP D 106 47.27 -19.44 -54.47
C ASP D 106 46.62 -20.81 -54.26
N VAL D 107 46.69 -21.65 -55.29
CA VAL D 107 46.13 -22.98 -55.21
C VAL D 107 46.75 -23.74 -54.05
N ILE D 108 48.08 -23.72 -54.00
CA ILE D 108 48.83 -24.39 -52.95
C ILE D 108 48.42 -23.89 -51.56
N THR D 109 48.38 -22.58 -51.40
CA THR D 109 47.99 -21.98 -50.12
C THR D 109 46.61 -22.47 -49.70
N GLY D 110 45.65 -22.35 -50.60
CA GLY D 110 44.30 -22.79 -50.29
C GLY D 110 44.24 -24.22 -49.79
N MET D 111 44.89 -25.13 -50.51
CA MET D 111 44.91 -26.54 -50.12
C MET D 111 45.51 -26.72 -48.74
N ASN D 112 46.67 -26.12 -48.52
CA ASN D 112 47.36 -26.24 -47.23
C ASN D 112 46.54 -25.63 -46.09
N ASN D 113 45.93 -24.48 -46.34
CA ASN D 113 45.11 -23.84 -45.31
C ASN D 113 44.02 -24.79 -44.86
N TRP D 114 43.42 -25.49 -45.82
CA TRP D 114 42.36 -26.44 -45.52
C TRP D 114 42.89 -27.53 -44.59
N SER D 115 44.08 -28.04 -44.92
CA SER D 115 44.69 -29.10 -44.13
C SER D 115 44.94 -28.64 -42.70
N ILE D 116 45.24 -27.35 -42.54
CA ILE D 116 45.51 -26.79 -41.22
C ILE D 116 44.25 -26.69 -40.37
N LYS D 117 43.15 -26.24 -40.97
CA LYS D 117 41.89 -26.09 -40.27
C LYS D 117 41.24 -27.41 -39.89
N PHE D 118 41.50 -28.46 -40.66
CA PHE D 118 40.92 -29.76 -40.39
C PHE D 118 41.92 -30.84 -40.02
N SER D 119 42.94 -30.46 -39.24
CA SER D 119 43.96 -31.39 -38.79
C SER D 119 44.58 -30.81 -37.53
N GLU D 120 45.49 -31.56 -36.90
CA GLU D 120 46.13 -31.09 -35.69
C GLU D 120 47.49 -30.47 -35.99
N TYR D 121 47.81 -30.32 -37.27
CA TYR D 121 49.08 -29.71 -37.67
C TYR D 121 48.87 -28.21 -37.82
N LYS D 122 49.67 -27.43 -37.08
CA LYS D 122 49.57 -25.98 -37.13
C LYS D 122 49.96 -25.40 -38.47
N PHE D 123 50.73 -26.16 -39.25
CA PHE D 123 51.18 -25.69 -40.55
C PHE D 123 50.73 -26.54 -41.73
N GLY D 124 49.84 -27.50 -41.47
CA GLY D 124 49.34 -28.34 -42.53
C GLY D 124 49.81 -29.78 -42.47
N ASP D 125 49.15 -30.64 -43.23
CA ASP D 125 49.49 -32.06 -43.27
C ASP D 125 50.85 -32.31 -43.92
N PRO D 126 51.68 -33.15 -43.28
CA PRO D 126 53.03 -33.49 -43.76
C PRO D 126 53.05 -34.03 -45.20
N TYR D 127 52.34 -35.14 -45.43
CA TYR D 127 52.28 -35.76 -46.74
C TYR D 127 51.93 -34.71 -47.81
N LEU D 128 50.88 -33.95 -47.55
CA LEU D 128 50.43 -32.92 -48.47
C LEU D 128 51.57 -31.98 -48.82
N HIS D 129 52.34 -31.59 -47.81
CA HIS D 129 53.47 -30.69 -48.00
C HIS D 129 54.49 -31.27 -48.97
N ASN D 130 54.69 -32.59 -48.89
CA ASN D 130 55.64 -33.27 -49.76
C ASN D 130 55.32 -33.01 -51.23
N THR D 131 54.04 -33.05 -51.57
CA THR D 131 53.61 -32.82 -52.94
C THR D 131 53.73 -31.33 -53.28
N ILE D 132 53.18 -30.49 -52.42
CA ILE D 132 53.23 -29.05 -52.61
C ILE D 132 54.65 -28.56 -52.84
N GLY D 133 55.59 -29.07 -52.04
CA GLY D 133 56.97 -28.68 -52.18
C GLY D 133 57.52 -28.89 -53.58
N SER D 134 57.30 -30.08 -54.12
CA SER D 134 57.78 -30.42 -55.46
C SER D 134 57.21 -29.48 -56.51
N LYS D 135 55.92 -29.16 -56.39
CA LYS D 135 55.27 -28.28 -57.35
C LYS D 135 55.92 -26.90 -57.35
N LEU D 136 56.12 -26.34 -56.16
CA LEU D 136 56.74 -25.02 -56.03
C LEU D 136 58.12 -25.00 -56.64
N LEU D 137 58.85 -26.11 -56.47
CA LEU D 137 60.20 -26.21 -56.99
C LEU D 137 60.23 -26.25 -58.51
N GLU D 138 59.14 -26.70 -59.12
CA GLU D 138 59.06 -26.78 -60.58
C GLU D 138 58.89 -25.39 -61.20
N GLY D 139 58.42 -24.44 -60.38
CA GLY D 139 58.23 -23.09 -60.87
C GLY D 139 59.37 -22.19 -60.41
N ASP D 140 60.46 -22.82 -59.99
CA ASP D 140 61.65 -22.13 -59.50
C ASP D 140 61.43 -21.39 -58.18
N PHE D 141 60.33 -21.71 -57.49
CA PHE D 141 60.03 -21.09 -56.22
C PHE D 141 60.77 -21.88 -55.14
N VAL D 142 62.10 -21.81 -55.19
CA VAL D 142 62.96 -22.51 -54.25
C VAL D 142 62.64 -22.26 -52.77
N TYR D 143 62.73 -21.01 -52.34
CA TYR D 143 62.47 -20.66 -50.95
C TYR D 143 61.15 -21.22 -50.42
N GLU D 144 60.12 -21.21 -51.25
CA GLU D 144 58.82 -21.73 -50.83
C GLU D 144 58.87 -23.24 -50.70
N ALA D 145 59.59 -23.89 -51.61
CA ALA D 145 59.72 -25.34 -51.61
C ALA D 145 60.46 -25.78 -50.35
N GLU D 146 61.55 -25.07 -50.04
CA GLU D 146 62.36 -25.37 -48.87
C GLU D 146 61.51 -25.46 -47.61
N ARG D 147 60.67 -24.45 -47.38
CA ARG D 147 59.81 -24.42 -46.20
C ARG D 147 58.89 -25.65 -46.14
N TYR D 148 58.19 -25.93 -47.23
CA TYR D 148 57.29 -27.06 -47.28
C TYR D 148 58.03 -28.39 -47.07
N PHE D 149 59.18 -28.55 -47.73
CA PHE D 149 59.95 -29.77 -47.58
C PHE D 149 60.38 -29.91 -46.12
N MET D 150 60.78 -28.81 -45.51
CA MET D 150 61.20 -28.80 -44.12
C MET D 150 60.10 -29.39 -43.25
N LEU D 151 58.86 -29.05 -43.60
CA LEU D 151 57.69 -29.53 -42.86
C LEU D 151 57.00 -30.64 -43.64
N GLY D 152 57.80 -31.47 -44.32
CA GLY D 152 57.23 -32.56 -45.09
C GLY D 152 57.55 -33.92 -44.52
N THR D 153 57.60 -34.93 -45.39
CA THR D 153 57.89 -36.30 -44.98
C THR D 153 59.35 -36.67 -45.26
N HIS D 154 59.65 -37.96 -45.13
CA HIS D 154 61.00 -38.45 -45.36
C HIS D 154 61.47 -38.17 -46.79
N ASP D 155 60.55 -38.29 -47.74
CA ASP D 155 60.88 -38.05 -49.15
C ASP D 155 61.21 -36.58 -49.33
N SER D 156 60.49 -35.72 -48.61
CA SER D 156 60.71 -34.28 -48.68
C SER D 156 62.14 -33.98 -48.25
N MET D 157 62.58 -34.68 -47.21
CA MET D 157 63.93 -34.52 -46.68
C MET D 157 64.96 -34.80 -47.78
N ILE D 158 64.68 -35.83 -48.58
CA ILE D 158 65.58 -36.19 -49.68
C ILE D 158 65.53 -35.10 -50.74
N LYS D 159 64.33 -34.61 -51.03
CA LYS D 159 64.15 -33.56 -52.03
C LYS D 159 64.62 -32.20 -51.52
N TYR D 160 64.88 -32.12 -50.22
CA TYR D 160 65.36 -30.88 -49.63
C TYR D 160 66.89 -30.87 -49.73
N VAL D 161 67.47 -32.06 -49.60
CA VAL D 161 68.92 -32.21 -49.69
C VAL D 161 69.32 -32.03 -51.15
N ASP D 162 68.43 -32.43 -52.06
CA ASP D 162 68.70 -32.30 -53.48
C ASP D 162 68.54 -30.84 -53.90
N LEU D 163 67.61 -30.15 -53.24
CA LEU D 163 67.36 -28.75 -53.53
C LEU D 163 68.56 -27.91 -53.09
N LEU D 164 69.15 -28.29 -51.96
CA LEU D 164 70.31 -27.59 -51.43
C LEU D 164 71.59 -28.00 -52.15
N TRP D 165 71.66 -29.25 -52.56
CA TRP D 165 72.84 -29.76 -53.26
C TRP D 165 72.92 -29.20 -54.68
N ASP D 166 71.79 -29.14 -55.37
CA ASP D 166 71.77 -28.61 -56.72
C ASP D 166 72.01 -27.10 -56.73
N TRP D 167 71.79 -26.48 -55.58
CA TRP D 167 72.00 -25.04 -55.46
C TRP D 167 73.49 -24.79 -55.24
N LEU D 168 74.08 -25.55 -54.32
CA LEU D 168 75.50 -25.42 -54.01
C LEU D 168 76.33 -25.64 -55.27
N CYS D 169 75.91 -26.62 -56.07
CA CYS D 169 76.61 -26.94 -57.32
C CYS D 169 76.49 -25.80 -58.32
N GLN D 170 75.36 -25.09 -58.27
CA GLN D 170 75.13 -23.97 -59.19
C GLN D 170 76.10 -22.82 -58.95
N VAL D 171 76.73 -22.81 -57.78
CA VAL D 171 77.69 -21.76 -57.44
C VAL D 171 78.98 -21.95 -58.23
N ASP D 172 79.35 -20.96 -59.04
CA ASP D 172 80.56 -21.03 -59.84
C ASP D 172 81.82 -20.92 -58.97
N ASP D 173 81.84 -19.92 -58.10
CA ASP D 173 82.99 -19.72 -57.22
C ASP D 173 82.71 -20.21 -55.81
N ILE D 174 83.03 -21.48 -55.56
CA ILE D 174 82.82 -22.09 -54.26
C ILE D 174 83.91 -21.65 -53.27
N GLU D 175 83.54 -21.55 -52.00
CA GLU D 175 84.48 -21.16 -50.96
C GLU D 175 84.21 -21.94 -49.68
N ASP D 176 85.09 -21.78 -48.69
CA ASP D 176 84.96 -22.48 -47.42
C ASP D 176 83.67 -22.15 -46.69
N SER D 177 83.24 -20.89 -46.76
CA SER D 177 82.02 -20.46 -46.09
C SER D 177 80.78 -20.68 -46.95
N THR D 178 81.00 -21.02 -48.22
CA THR D 178 79.90 -21.25 -49.14
C THR D 178 79.16 -22.55 -48.84
N VAL D 179 79.92 -23.61 -48.62
CA VAL D 179 79.35 -24.93 -48.33
C VAL D 179 78.55 -24.90 -47.03
N ALA D 180 78.93 -24.00 -46.11
CA ALA D 180 78.24 -23.87 -44.83
C ALA D 180 76.89 -23.19 -44.98
N GLU D 181 76.82 -22.22 -45.88
CA GLU D 181 75.57 -21.48 -46.12
C GLU D 181 74.42 -22.41 -46.52
N PHE D 182 74.75 -23.52 -47.15
CA PHE D 182 73.75 -24.49 -47.59
C PHE D 182 73.55 -25.56 -46.53
N PHE D 183 74.65 -26.17 -46.09
CA PHE D 183 74.62 -27.23 -45.10
C PHE D 183 73.96 -26.80 -43.78
N SER D 184 74.26 -25.59 -43.33
CA SER D 184 73.70 -25.08 -42.09
C SER D 184 72.19 -25.07 -42.08
N ARG D 185 71.58 -24.82 -43.24
CA ARG D 185 70.13 -24.77 -43.36
C ARG D 185 69.50 -26.08 -42.89
N LEU D 186 70.12 -27.20 -43.25
CA LEU D 186 69.63 -28.52 -42.87
C LEU D 186 69.68 -28.71 -41.36
N VAL D 187 70.83 -28.39 -40.77
CA VAL D 187 71.04 -28.54 -39.34
C VAL D 187 70.12 -27.66 -38.51
N PHE D 188 70.00 -26.39 -38.88
CA PHE D 188 69.16 -25.45 -38.14
C PHE D 188 67.66 -25.71 -38.29
N ASN D 189 67.18 -25.80 -39.53
CA ASN D 189 65.76 -26.04 -39.77
C ASN D 189 65.23 -27.28 -39.06
N TYR D 190 65.88 -28.41 -39.27
CA TYR D 190 65.44 -29.66 -38.64
C TYR D 190 65.57 -29.62 -37.12
N LEU D 191 66.55 -28.89 -36.62
CA LEU D 191 66.75 -28.80 -35.18
C LEU D 191 65.66 -27.94 -34.53
N PHE D 192 65.07 -27.04 -35.32
CA PHE D 192 64.01 -26.18 -34.80
C PHE D 192 62.75 -27.00 -34.59
N ILE D 193 62.41 -27.85 -35.55
CA ILE D 193 61.23 -28.69 -35.46
C ILE D 193 61.61 -29.95 -34.67
N SER D 194 62.81 -29.94 -34.11
CA SER D 194 63.32 -31.05 -33.32
C SER D 194 63.16 -32.40 -34.01
N ASN D 195 63.72 -32.52 -35.21
CA ASN D 195 63.65 -33.76 -35.97
C ASN D 195 65.07 -34.28 -36.14
N ILE D 196 65.70 -34.64 -35.03
CA ILE D 196 67.07 -35.15 -35.02
C ILE D 196 67.35 -36.22 -36.08
N SER D 197 66.39 -37.11 -36.29
CA SER D 197 66.55 -38.18 -37.28
C SER D 197 66.79 -37.60 -38.66
N PHE D 198 65.97 -36.64 -39.07
CA PHE D 198 66.09 -36.01 -40.37
C PHE D 198 67.35 -35.14 -40.42
N ALA D 199 67.69 -34.54 -39.29
CA ALA D 199 68.87 -33.69 -39.21
C ALA D 199 70.14 -34.50 -39.44
N HIS D 200 70.16 -35.72 -38.91
CA HIS D 200 71.30 -36.61 -39.05
C HIS D 200 71.40 -37.22 -40.43
N GLU D 201 70.26 -37.66 -40.97
CA GLU D 201 70.23 -38.28 -42.28
C GLU D 201 70.53 -37.27 -43.38
N SER D 202 69.93 -36.09 -43.27
CA SER D 202 70.15 -35.03 -44.25
C SER D 202 71.63 -34.64 -44.24
N LYS D 203 72.20 -34.64 -43.05
CA LYS D 203 73.61 -34.29 -42.87
C LYS D 203 74.52 -35.32 -43.55
N ASP D 204 74.28 -36.59 -43.26
CA ASP D 204 75.07 -37.67 -43.84
C ASP D 204 75.04 -37.68 -45.37
N ILE D 205 73.85 -37.53 -45.94
CA ILE D 205 73.71 -37.53 -47.39
C ILE D 205 74.39 -36.32 -48.03
N PHE D 206 74.30 -35.17 -47.38
CA PHE D 206 74.91 -33.95 -47.90
C PHE D 206 76.42 -33.93 -47.73
N LEU D 207 76.90 -34.43 -46.59
CA LEU D 207 78.34 -34.45 -46.34
C LEU D 207 79.06 -35.49 -47.19
N GLU D 208 78.35 -36.55 -47.58
CA GLU D 208 78.96 -37.59 -48.40
C GLU D 208 79.07 -37.16 -49.84
N ARG D 209 78.08 -36.43 -50.34
CA ARG D 209 78.11 -35.94 -51.71
C ARG D 209 79.23 -34.93 -51.82
N PHE D 210 79.35 -34.09 -50.80
CA PHE D 210 80.35 -33.05 -50.73
C PHE D 210 81.77 -33.65 -50.77
N ILE D 211 81.92 -34.84 -50.20
CA ILE D 211 83.21 -35.51 -50.15
C ILE D 211 83.54 -36.21 -51.47
N GLU D 212 82.51 -36.68 -52.16
CA GLU D 212 82.70 -37.38 -53.44
C GLU D 212 82.78 -36.45 -54.65
N LYS D 213 82.58 -35.16 -54.41
CA LYS D 213 82.61 -34.18 -55.51
C LYS D 213 83.79 -33.21 -55.38
N PHE D 214 83.93 -32.62 -54.20
CA PHE D 214 85.00 -31.66 -53.94
C PHE D 214 86.28 -32.30 -53.42
N HIS D 215 86.17 -33.52 -52.91
CA HIS D 215 87.33 -34.24 -52.39
C HIS D 215 88.13 -33.42 -51.36
N PRO D 216 87.45 -32.88 -50.34
CA PRO D 216 88.13 -32.08 -49.32
C PRO D 216 88.88 -32.96 -48.32
N LYS D 217 89.90 -32.40 -47.69
CA LYS D 217 90.69 -33.14 -46.71
C LYS D 217 89.88 -33.32 -45.43
N TYR D 218 89.68 -34.57 -45.03
CA TYR D 218 88.91 -34.86 -43.82
C TYR D 218 89.34 -36.16 -43.17
N GLU D 219 88.66 -36.50 -42.07
CA GLU D 219 88.93 -37.71 -41.32
C GLU D 219 87.80 -37.90 -40.31
N LYS D 220 87.09 -39.03 -40.43
CA LYS D 220 85.97 -39.32 -39.54
C LYS D 220 86.38 -39.63 -38.11
N ILE D 221 85.84 -38.87 -37.17
CA ILE D 221 86.12 -39.06 -35.75
C ILE D 221 84.93 -39.76 -35.10
N ASP D 222 85.18 -40.92 -34.50
CA ASP D 222 84.13 -41.70 -33.86
C ASP D 222 84.32 -41.80 -32.35
N LYS D 223 83.25 -41.54 -31.60
CA LYS D 223 83.30 -41.60 -30.15
C LYS D 223 81.94 -41.94 -29.54
N ASN D 224 81.88 -43.07 -28.84
CA ASN D 224 80.66 -43.53 -28.18
C ASN D 224 79.45 -43.60 -29.10
N GLY D 225 79.65 -44.13 -30.31
CA GLY D 225 78.55 -44.28 -31.24
C GLY D 225 78.34 -43.10 -32.18
N TYR D 226 78.77 -41.92 -31.77
CA TYR D 226 78.61 -40.72 -32.61
C TYR D 226 79.81 -40.50 -33.52
N GLU D 227 79.56 -39.88 -34.66
CA GLU D 227 80.60 -39.60 -35.64
C GLU D 227 80.57 -38.14 -36.10
N ILE D 228 81.75 -37.56 -36.31
CA ILE D 228 81.87 -36.19 -36.76
C ILE D 228 82.89 -36.08 -37.88
N VAL D 229 82.41 -35.91 -39.11
CA VAL D 229 83.30 -35.79 -40.27
C VAL D 229 84.12 -34.51 -40.15
N PHE D 230 85.32 -34.63 -39.60
CA PHE D 230 86.20 -33.49 -39.41
C PHE D 230 86.84 -33.03 -40.72
N PHE D 231 86.40 -31.89 -41.24
CA PHE D 231 86.96 -31.35 -42.47
C PHE D 231 88.15 -30.45 -42.14
N GLU D 232 89.27 -30.68 -42.82
CA GLU D 232 90.49 -29.91 -42.60
C GLU D 232 90.45 -28.52 -43.22
N ASP D 233 89.47 -28.26 -44.08
CA ASP D 233 89.37 -26.95 -44.73
C ASP D 233 87.98 -26.34 -44.59
N TYR D 234 87.18 -26.88 -43.67
CA TYR D 234 85.83 -26.35 -43.44
C TYR D 234 85.46 -26.37 -41.96
N SER D 235 85.95 -25.38 -41.23
CA SER D 235 85.67 -25.27 -39.80
C SER D 235 84.17 -25.09 -39.55
N ASP D 236 83.52 -24.33 -40.44
CA ASP D 236 82.09 -24.09 -40.32
C ASP D 236 81.32 -25.39 -40.24
N LEU D 237 81.71 -26.36 -41.06
CA LEU D 237 81.04 -27.66 -41.07
C LEU D 237 81.31 -28.46 -39.79
N ASN D 238 82.50 -28.28 -39.22
CA ASN D 238 82.85 -28.99 -37.99
C ASN D 238 82.00 -28.45 -36.85
N PHE D 239 81.93 -27.13 -36.74
CA PHE D 239 81.13 -26.47 -35.70
C PHE D 239 79.68 -26.91 -35.79
N LEU D 240 79.11 -26.82 -36.99
CA LEU D 240 77.72 -27.19 -37.22
C LEU D 240 77.41 -28.62 -36.80
N GLN D 241 78.33 -29.55 -37.09
CA GLN D 241 78.13 -30.94 -36.72
C GLN D 241 78.10 -31.12 -35.21
N LEU D 242 78.97 -30.39 -34.51
CA LEU D 242 79.03 -30.47 -33.05
C LEU D 242 77.77 -29.87 -32.44
N LEU D 243 77.28 -28.80 -33.06
CA LEU D 243 76.07 -28.12 -32.58
C LEU D 243 74.90 -29.09 -32.53
N LEU D 244 74.77 -29.92 -33.57
CA LEU D 244 73.69 -30.90 -33.64
C LEU D 244 73.70 -31.82 -32.43
N ILE D 245 74.80 -32.54 -32.26
CA ILE D 245 74.94 -33.48 -31.15
C ILE D 245 74.75 -32.78 -29.80
N THR D 246 75.28 -31.57 -29.69
CA THR D 246 75.17 -30.79 -28.46
C THR D 246 73.71 -30.63 -28.04
N CYS D 247 72.87 -30.25 -29.00
CA CYS D 247 71.44 -30.07 -28.74
C CYS D 247 70.81 -31.36 -28.24
N GLN D 248 71.35 -32.49 -28.71
CA GLN D 248 70.84 -33.80 -28.31
C GLN D 248 71.10 -34.11 -26.85
N THR D 249 72.15 -33.51 -26.29
CA THR D 249 72.51 -33.74 -24.89
C THR D 249 71.69 -32.86 -23.97
N ALA D 250 71.25 -31.71 -24.48
CA ALA D 250 70.46 -30.77 -23.69
C ALA D 250 71.19 -30.38 -22.41
N ASP D 251 72.52 -30.29 -22.50
CA ASP D 251 73.35 -29.92 -21.36
C ASP D 251 73.93 -28.52 -21.60
N ALA D 252 73.56 -27.59 -20.73
CA ALA D 252 74.00 -26.20 -20.84
C ALA D 252 75.51 -26.05 -21.00
N SER D 253 76.28 -26.70 -20.14
CA SER D 253 77.74 -26.60 -20.19
C SER D 253 78.33 -26.83 -21.57
N TYR D 254 77.95 -27.94 -22.21
CA TYR D 254 78.46 -28.27 -23.54
C TYR D 254 78.16 -27.18 -24.57
N PHE D 255 76.94 -26.64 -24.51
CA PHE D 255 76.52 -25.60 -25.44
C PHE D 255 77.35 -24.34 -25.29
N LEU D 256 77.69 -23.99 -24.05
CA LEU D 256 78.47 -22.80 -23.78
C LEU D 256 79.93 -22.97 -24.22
N ASN D 257 80.49 -24.15 -23.95
CA ASN D 257 81.87 -24.43 -24.31
C ASN D 257 82.08 -24.44 -25.82
N LEU D 258 81.11 -24.97 -26.56
CA LEU D 258 81.21 -25.03 -28.01
C LEU D 258 81.20 -23.64 -28.61
N LYS D 259 80.35 -22.76 -28.07
CA LYS D 259 80.24 -21.39 -28.55
C LYS D 259 81.47 -20.56 -28.20
N ASN D 260 82.02 -20.77 -27.01
CA ASN D 260 83.20 -20.02 -26.58
C ASN D 260 84.45 -20.37 -27.37
N HIS D 261 84.48 -21.57 -27.94
CA HIS D 261 85.63 -21.99 -28.73
C HIS D 261 85.52 -21.45 -30.16
N TYR D 262 84.28 -21.27 -30.61
CA TYR D 262 84.02 -20.75 -31.95
C TYR D 262 83.34 -19.39 -31.83
N LEU D 263 84.05 -18.42 -31.28
CA LEU D 263 83.50 -17.07 -31.10
C LEU D 263 82.95 -16.48 -32.39
N ASP D 264 83.72 -16.57 -33.47
CA ASP D 264 83.29 -16.03 -34.76
C ASP D 264 81.94 -16.62 -35.18
N PHE D 265 81.86 -17.94 -35.22
CA PHE D 265 80.63 -18.62 -35.61
C PHE D 265 79.49 -18.26 -34.66
N SER D 266 79.83 -18.01 -33.41
CA SER D 266 78.83 -17.65 -32.40
C SER D 266 78.18 -16.31 -32.69
N GLN D 267 78.81 -15.51 -33.53
CA GLN D 267 78.24 -14.20 -33.87
C GLN D 267 77.58 -14.23 -35.24
N ALA D 268 77.96 -15.19 -36.06
CA ALA D 268 77.37 -15.33 -37.40
C ALA D 268 75.98 -15.94 -37.26
N TYR D 269 75.86 -16.89 -36.35
CA TYR D 269 74.60 -17.57 -36.09
C TYR D 269 74.07 -17.12 -34.73
N LYS D 270 74.18 -15.82 -34.47
CA LYS D 270 73.72 -15.24 -33.21
C LYS D 270 72.29 -15.62 -32.87
N SER D 271 71.34 -15.12 -33.66
CA SER D 271 69.93 -15.40 -33.44
C SER D 271 69.62 -16.89 -33.37
N GLU D 272 70.14 -17.65 -34.34
CA GLU D 272 69.91 -19.08 -34.38
C GLU D 272 70.35 -19.78 -33.09
N LEU D 273 71.56 -19.46 -32.64
CA LEU D 273 72.08 -20.06 -31.41
C LEU D 273 71.23 -19.66 -30.20
N GLU D 274 70.73 -18.43 -30.21
CA GLU D 274 69.91 -17.95 -29.11
C GLU D 274 68.69 -18.85 -28.97
N PHE D 275 68.05 -19.16 -30.10
CA PHE D 275 66.87 -20.02 -30.11
C PHE D 275 67.22 -21.41 -29.60
N LEU D 276 68.22 -22.03 -30.22
CA LEU D 276 68.65 -23.37 -29.84
C LEU D 276 68.96 -23.45 -28.35
N GLY D 277 69.51 -22.38 -27.79
CA GLY D 277 69.83 -22.35 -26.38
C GLY D 277 68.59 -22.27 -25.50
N GLN D 278 67.47 -21.89 -26.10
CA GLN D 278 66.21 -21.77 -25.36
C GLN D 278 65.42 -23.08 -25.47
N GLU D 279 65.52 -23.72 -26.62
CA GLU D 279 64.81 -24.96 -26.89
C GLU D 279 65.55 -26.20 -26.39
N TYR D 280 66.86 -26.11 -26.24
CA TYR D 280 67.65 -27.25 -25.77
C TYR D 280 68.43 -27.01 -24.48
N PHE D 281 68.46 -25.77 -24.00
CA PHE D 281 69.22 -25.48 -22.79
C PHE D 281 68.50 -24.57 -21.80
N ASN D 282 67.24 -24.27 -22.09
CA ASN D 282 66.42 -23.43 -21.23
C ASN D 282 67.11 -22.12 -20.85
N ILE D 283 67.62 -21.41 -21.85
CA ILE D 283 68.31 -20.15 -21.62
C ILE D 283 67.38 -18.97 -21.93
N VAL D 284 67.17 -18.11 -20.95
CA VAL D 284 66.30 -16.95 -21.11
C VAL D 284 67.11 -15.70 -21.44
N ALA D 285 68.39 -15.70 -21.05
CA ALA D 285 69.25 -14.56 -21.31
C ALA D 285 69.57 -14.44 -22.79
N PRO D 286 69.37 -13.24 -23.37
CA PRO D 286 69.64 -12.98 -24.78
C PRO D 286 71.06 -13.36 -25.17
N LYS D 287 71.35 -13.34 -26.47
CA LYS D 287 72.68 -13.69 -26.96
C LYS D 287 73.57 -12.45 -27.05
N GLN D 288 74.60 -12.42 -26.22
CA GLN D 288 75.54 -11.29 -26.20
C GLN D 288 76.44 -11.29 -27.43
N THR D 289 76.31 -10.23 -28.23
CA THR D 289 77.11 -10.08 -29.45
C THR D 289 78.60 -10.09 -29.15
N ASN D 290 79.32 -11.03 -29.77
CA ASN D 290 80.76 -11.14 -29.57
C ASN D 290 81.51 -10.02 -30.29
N PHE D 291 81.05 -9.69 -31.50
CA PHE D 291 81.68 -8.65 -32.29
C PHE D 291 80.73 -7.48 -32.53
N THR E 3 98.32 -34.30 -41.54
CA THR E 3 99.35 -33.47 -40.86
C THR E 3 98.81 -32.89 -39.56
N SER E 4 99.58 -31.97 -38.98
CA SER E 4 99.19 -31.35 -37.72
C SER E 4 98.90 -29.86 -37.90
N ALA E 5 98.48 -29.47 -39.10
CA ALA E 5 98.16 -28.08 -39.40
C ALA E 5 96.78 -27.74 -38.85
N SER E 6 96.02 -28.77 -38.49
CA SER E 6 94.68 -28.59 -37.95
C SER E 6 94.50 -29.40 -36.67
N GLY E 7 95.63 -29.77 -36.06
CA GLY E 7 95.58 -30.55 -34.84
C GLY E 7 94.83 -29.89 -33.70
N PRO E 8 95.10 -28.60 -33.42
CA PRO E 8 94.43 -27.86 -32.34
C PRO E 8 92.91 -28.04 -32.32
N GLU E 9 92.28 -27.89 -33.48
CA GLU E 9 90.84 -28.02 -33.58
C GLU E 9 90.43 -29.49 -33.57
N HIS E 10 91.26 -30.33 -34.19
CA HIS E 10 90.98 -31.76 -34.26
C HIS E 10 90.90 -32.40 -32.87
N GLU E 11 91.79 -31.99 -31.97
CA GLU E 11 91.79 -32.55 -30.62
C GLU E 11 90.61 -32.02 -29.81
N PHE E 12 90.15 -30.82 -30.16
CA PHE E 12 89.01 -30.23 -29.46
C PHE E 12 87.73 -30.94 -29.89
N VAL E 13 87.55 -31.06 -31.19
CA VAL E 13 86.38 -31.71 -31.76
C VAL E 13 86.29 -33.18 -31.33
N SER E 14 87.43 -33.85 -31.27
CA SER E 14 87.48 -35.24 -30.86
C SER E 14 87.16 -35.43 -29.39
N LYS E 15 87.75 -34.58 -28.55
CA LYS E 15 87.53 -34.67 -27.11
C LYS E 15 86.14 -34.18 -26.72
N PHE E 16 85.65 -33.15 -27.41
CA PHE E 16 84.32 -32.62 -27.12
C PHE E 16 83.27 -33.67 -27.45
N LEU E 17 83.55 -34.47 -28.47
CA LEU E 17 82.63 -35.53 -28.88
C LEU E 17 82.60 -36.63 -27.82
N THR E 18 83.79 -37.03 -27.38
CA THR E 18 83.91 -38.07 -26.35
C THR E 18 83.08 -37.66 -25.15
N LEU E 19 83.40 -36.50 -24.60
CA LEU E 19 82.70 -35.96 -23.44
C LEU E 19 81.19 -35.87 -23.67
N ALA E 20 80.82 -35.26 -24.80
CA ALA E 20 79.42 -35.09 -25.14
C ALA E 20 78.66 -36.41 -25.27
N THR E 21 79.39 -37.52 -25.34
CA THR E 21 78.77 -38.83 -25.47
C THR E 21 79.06 -39.78 -24.32
N LEU E 22 79.70 -39.26 -23.26
CA LEU E 22 80.02 -40.08 -22.09
C LEU E 22 78.77 -40.85 -21.66
N THR E 23 77.62 -40.22 -21.84
CA THR E 23 76.34 -40.82 -21.49
C THR E 23 75.39 -40.66 -22.65
N GLU E 24 74.52 -41.66 -22.84
CA GLU E 24 73.55 -41.60 -23.93
C GLU E 24 72.79 -40.28 -23.83
N PRO E 25 73.04 -39.35 -24.76
CA PRO E 25 72.37 -38.05 -24.77
C PRO E 25 70.88 -38.16 -24.44
N LYS E 26 70.36 -37.15 -23.76
CA LYS E 26 68.96 -37.14 -23.39
C LYS E 26 68.07 -37.45 -24.59
N LEU E 27 68.42 -36.88 -25.73
CA LEU E 27 67.67 -37.09 -26.97
C LEU E 27 68.49 -37.89 -27.96
N PRO E 28 68.02 -39.09 -28.34
CA PRO E 28 68.73 -39.94 -29.29
C PRO E 28 68.77 -39.36 -30.70
N LYS E 29 69.56 -39.99 -31.56
CA LYS E 29 69.70 -39.54 -32.95
C LYS E 29 68.46 -39.84 -33.77
N SER E 30 67.64 -40.76 -33.28
CA SER E 30 66.41 -41.14 -33.96
C SER E 30 65.24 -40.32 -33.44
N TYR E 31 65.53 -39.41 -32.52
CA TYR E 31 64.51 -38.54 -31.93
C TYR E 31 63.85 -37.65 -32.97
N THR E 32 62.53 -37.48 -32.83
CA THR E 32 61.75 -36.65 -33.75
C THR E 32 60.55 -36.05 -33.03
N LYS E 33 60.59 -34.75 -32.78
CA LYS E 33 59.49 -34.08 -32.12
C LYS E 33 58.29 -34.16 -33.05
N PRO E 34 57.22 -34.86 -32.63
CA PRO E 34 56.02 -35.01 -33.45
C PRO E 34 55.67 -33.72 -34.17
N LEU E 35 55.65 -33.77 -35.50
CA LEU E 35 55.35 -32.60 -36.30
C LEU E 35 54.02 -31.98 -35.88
N LYS E 36 53.19 -32.78 -35.21
CA LYS E 36 51.90 -32.31 -34.72
C LYS E 36 52.09 -31.32 -33.58
N ASP E 37 53.23 -31.46 -32.88
CA ASP E 37 53.53 -30.58 -31.76
C ASP E 37 54.41 -29.39 -32.13
N VAL E 38 54.86 -29.35 -33.38
CA VAL E 38 55.71 -28.26 -33.84
C VAL E 38 54.95 -26.94 -33.70
N THR E 39 55.43 -26.08 -32.80
CA THR E 39 54.81 -24.79 -32.56
C THR E 39 55.28 -23.70 -33.51
N ASN E 40 56.56 -23.36 -33.46
CA ASN E 40 57.11 -22.33 -34.32
C ASN E 40 58.14 -22.89 -35.30
N LEU E 41 58.90 -22.01 -35.94
CA LEU E 41 59.91 -22.43 -36.90
C LEU E 41 61.28 -21.81 -36.61
N GLY E 42 61.55 -21.57 -35.34
CA GLY E 42 62.83 -20.99 -34.96
C GLY E 42 63.12 -19.64 -35.59
N VAL E 43 64.39 -19.32 -35.73
CA VAL E 43 64.81 -18.06 -36.32
C VAL E 43 65.10 -18.21 -37.82
N PRO E 44 64.59 -17.27 -38.63
CA PRO E 44 64.80 -17.31 -40.09
C PRO E 44 66.27 -17.44 -40.45
N LEU E 45 66.55 -18.18 -41.52
CA LEU E 45 67.93 -18.38 -41.97
C LEU E 45 68.37 -17.27 -42.92
N PRO E 46 69.69 -17.05 -43.05
CA PRO E 46 70.24 -16.01 -43.92
C PRO E 46 69.99 -16.28 -45.39
N THR E 47 69.82 -15.20 -46.16
CA THR E 47 69.58 -15.30 -47.59
C THR E 47 70.88 -15.53 -48.36
N LEU E 48 70.90 -16.57 -49.18
CA LEU E 48 72.08 -16.89 -49.98
C LEU E 48 72.12 -15.95 -51.18
N LYS E 49 73.30 -15.39 -51.43
CA LYS E 49 73.47 -14.43 -52.53
C LYS E 49 73.54 -15.11 -53.89
N TYR E 50 73.45 -16.44 -53.90
CA TYR E 50 73.50 -17.20 -55.14
C TYR E 50 72.08 -17.38 -55.67
N LYS E 51 71.90 -17.25 -56.98
CA LYS E 51 70.60 -17.41 -57.60
C LYS E 51 70.31 -18.88 -57.86
N TYR E 52 69.07 -19.30 -57.64
CA TYR E 52 68.68 -20.69 -57.85
C TYR E 52 67.98 -20.89 -59.18
N LYS E 53 68.35 -21.95 -59.89
CA LYS E 53 67.77 -22.28 -61.18
C LYS E 53 67.87 -23.79 -61.44
N GLN E 54 67.19 -24.25 -62.48
CA GLN E 54 67.20 -25.67 -62.85
C GLN E 54 67.79 -25.86 -64.24
N ASN E 55 69.01 -26.37 -64.30
CA ASN E 55 69.68 -26.60 -65.58
C ASN E 55 69.49 -28.06 -66.02
N ARG E 56 69.69 -28.31 -67.30
CA ARG E 56 69.55 -29.67 -67.85
C ARG E 56 70.79 -30.06 -68.64
N MET F 1 -6.48 -1.95 -39.75
CA MET F 1 -7.01 -3.18 -39.09
C MET F 1 -8.18 -2.81 -38.18
N GLY F 2 -7.97 -1.83 -37.32
CA GLY F 2 -9.01 -1.40 -36.40
C GLY F 2 -10.15 -0.71 -37.12
N ALA F 3 -9.82 0.02 -38.18
CA ALA F 3 -10.82 0.74 -38.96
C ALA F 3 -11.53 -0.20 -39.93
N LYS F 4 -10.89 -1.32 -40.23
CA LYS F 4 -11.50 -2.28 -41.15
C LYS F 4 -12.47 -3.20 -40.43
N LEU F 5 -12.08 -3.68 -39.26
CA LEU F 5 -12.93 -4.57 -38.48
C LEU F 5 -14.28 -3.90 -38.26
N ALA F 6 -14.28 -2.75 -37.59
CA ALA F 6 -15.50 -2.01 -37.31
C ALA F 6 -16.42 -1.94 -38.52
N LYS F 7 -15.86 -1.59 -39.67
CA LYS F 7 -16.64 -1.48 -40.90
C LYS F 7 -17.39 -2.77 -41.25
N THR F 8 -16.65 -3.81 -41.57
CA THR F 8 -17.26 -5.09 -41.93
C THR F 8 -18.30 -5.58 -40.93
N LEU F 9 -18.12 -5.26 -39.65
CA LEU F 9 -19.07 -5.69 -38.63
C LEU F 9 -20.49 -5.18 -38.92
N GLN F 10 -20.60 -4.08 -39.65
CA GLN F 10 -21.90 -3.53 -39.99
C GLN F 10 -22.50 -4.27 -41.18
N ARG F 11 -21.65 -4.57 -42.17
CA ARG F 11 -22.10 -5.28 -43.35
C ARG F 11 -22.46 -6.72 -43.01
N PHE F 12 -22.06 -7.14 -41.81
CA PHE F 12 -22.36 -8.48 -41.33
C PHE F 12 -23.74 -8.46 -40.68
N GLU F 13 -23.91 -7.56 -39.72
CA GLU F 13 -25.18 -7.42 -39.03
C GLU F 13 -26.22 -6.86 -39.97
N ASN F 14 -25.79 -6.56 -41.20
CA ASN F 14 -26.68 -6.05 -42.24
C ASN F 14 -27.25 -7.28 -42.95
N LYS F 15 -26.41 -8.30 -43.07
CA LYS F 15 -26.80 -9.55 -43.71
C LYS F 15 -27.67 -10.35 -42.74
N ILE F 16 -27.60 -10.01 -41.46
CA ILE F 16 -28.39 -10.68 -40.44
C ILE F 16 -29.79 -10.08 -40.37
N LYS F 17 -29.87 -8.76 -40.45
CA LYS F 17 -31.16 -8.08 -40.42
C LYS F 17 -31.87 -8.22 -41.75
N ALA F 18 -31.16 -8.76 -42.74
CA ALA F 18 -31.70 -8.95 -44.08
C ALA F 18 -32.20 -10.38 -44.24
N GLY F 19 -31.69 -11.27 -43.39
CA GLY F 19 -32.10 -12.67 -43.46
C GLY F 19 -30.99 -13.58 -43.92
N ASP F 20 -29.99 -13.00 -44.58
CA ASP F 20 -28.85 -13.75 -45.09
C ASP F 20 -27.99 -14.29 -43.95
N TYR F 21 -28.51 -15.29 -43.24
CA TYR F 21 -27.79 -15.88 -42.13
C TYR F 21 -26.57 -16.67 -42.60
N TYR F 22 -26.79 -17.54 -43.59
CA TYR F 22 -25.70 -18.35 -44.13
C TYR F 22 -24.54 -17.47 -44.57
N GLU F 23 -24.86 -16.44 -45.35
CA GLU F 23 -23.84 -15.51 -45.84
C GLU F 23 -23.07 -14.89 -44.68
N ALA F 24 -23.82 -14.36 -43.71
CA ALA F 24 -23.23 -13.71 -42.54
C ALA F 24 -22.32 -14.65 -41.74
N HIS F 25 -22.75 -15.90 -41.57
CA HIS F 25 -21.98 -16.87 -40.81
C HIS F 25 -20.74 -17.39 -41.53
N GLN F 26 -20.93 -17.83 -42.78
CA GLN F 26 -19.84 -18.36 -43.59
C GLN F 26 -18.70 -17.34 -43.73
N THR F 27 -19.04 -16.14 -44.18
CA THR F 27 -18.06 -15.08 -44.38
C THR F 27 -17.24 -14.77 -43.13
N LEU F 28 -17.94 -14.49 -42.02
CA LEU F 28 -17.29 -14.16 -40.76
C LEU F 28 -16.29 -15.21 -40.29
N ARG F 29 -16.67 -16.48 -40.34
CA ARG F 29 -15.78 -17.55 -39.88
C ARG F 29 -14.51 -17.66 -40.71
N THR F 30 -14.65 -17.69 -42.04
CA THR F 30 -13.49 -17.80 -42.91
C THR F 30 -12.53 -16.65 -42.66
N ILE F 31 -13.09 -15.45 -42.50
CA ILE F 31 -12.29 -14.26 -42.24
C ILE F 31 -11.64 -14.37 -40.86
N ALA F 32 -12.41 -14.84 -39.88
CA ALA F 32 -11.92 -15.00 -38.52
C ALA F 32 -10.79 -16.03 -38.50
N ASN F 33 -10.97 -17.11 -39.25
CA ASN F 33 -9.97 -18.17 -39.32
C ASN F 33 -8.64 -17.59 -39.80
N ARG F 34 -8.73 -16.62 -40.70
CA ARG F 34 -7.55 -15.98 -41.24
C ARG F 34 -6.77 -15.27 -40.15
N TYR F 35 -7.47 -14.53 -39.29
CA TYR F 35 -6.82 -13.83 -38.19
C TYR F 35 -6.13 -14.83 -37.27
N VAL F 36 -6.83 -15.92 -36.98
CA VAL F 36 -6.31 -16.97 -36.11
C VAL F 36 -5.07 -17.62 -36.73
N ARG F 37 -5.10 -17.81 -38.04
CA ARG F 37 -3.98 -18.43 -38.75
C ARG F 37 -2.71 -17.57 -38.61
N SER F 38 -2.89 -16.26 -38.53
CA SER F 38 -1.78 -15.34 -38.39
C SER F 38 -1.50 -15.02 -36.92
N LYS F 39 -2.17 -15.77 -36.04
CA LYS F 39 -2.01 -15.60 -34.61
C LYS F 39 -2.50 -14.26 -34.09
N SER F 40 -3.32 -13.57 -34.87
CA SER F 40 -3.86 -12.28 -34.46
C SER F 40 -5.14 -12.54 -33.66
N TYR F 41 -5.00 -13.40 -32.65
CA TYR F 41 -6.10 -13.79 -31.78
C TYR F 41 -7.03 -12.64 -31.38
N GLU F 42 -6.47 -11.64 -30.71
CA GLU F 42 -7.22 -10.49 -30.24
C GLU F 42 -8.27 -10.02 -31.25
N HIS F 43 -7.86 -9.89 -32.51
CA HIS F 43 -8.77 -9.45 -33.56
C HIS F 43 -9.91 -10.44 -33.77
N ALA F 44 -9.55 -11.72 -33.88
CA ALA F 44 -10.54 -12.78 -34.07
C ALA F 44 -11.53 -12.82 -32.92
N ILE F 45 -11.03 -12.65 -31.71
CA ILE F 45 -11.87 -12.67 -30.51
C ILE F 45 -12.99 -11.64 -30.56
N GLU F 46 -12.65 -10.40 -30.93
CA GLU F 46 -13.65 -9.35 -31.00
C GLU F 46 -14.64 -9.61 -32.13
N LEU F 47 -14.12 -10.04 -33.28
CA LEU F 47 -14.96 -10.35 -34.43
C LEU F 47 -15.94 -11.47 -34.12
N ILE F 48 -15.39 -12.60 -33.67
CA ILE F 48 -16.20 -13.77 -33.34
C ILE F 48 -17.26 -13.42 -32.29
N SER F 49 -16.81 -12.87 -31.17
CA SER F 49 -17.71 -12.49 -30.09
C SER F 49 -18.84 -11.60 -30.58
N GLN F 50 -18.49 -10.55 -31.32
CA GLN F 50 -19.48 -9.62 -31.85
C GLN F 50 -20.46 -10.34 -32.76
N GLY F 51 -19.92 -11.23 -33.61
CA GLY F 51 -20.78 -11.97 -34.52
C GLY F 51 -21.75 -12.86 -33.79
N ALA F 52 -21.28 -13.46 -32.70
CA ALA F 52 -22.12 -14.35 -31.89
C ALA F 52 -23.22 -13.56 -31.19
N LEU F 53 -22.87 -12.38 -30.71
CA LEU F 53 -23.82 -11.52 -30.02
C LEU F 53 -25.02 -11.23 -30.92
N SER F 54 -24.74 -10.69 -32.10
CA SER F 54 -25.78 -10.35 -33.06
C SER F 54 -26.65 -11.55 -33.42
N PHE F 55 -26.03 -12.71 -33.64
CA PHE F 55 -26.78 -13.91 -33.97
C PHE F 55 -27.76 -14.27 -32.87
N LEU F 56 -27.29 -14.23 -31.62
CA LEU F 56 -28.13 -14.55 -30.48
C LEU F 56 -29.25 -13.51 -30.30
N LYS F 57 -28.94 -12.26 -30.61
CA LYS F 57 -29.92 -11.19 -30.49
C LYS F 57 -30.98 -11.33 -31.58
N ALA F 58 -30.64 -12.00 -32.67
CA ALA F 58 -31.56 -12.21 -33.77
C ALA F 58 -32.30 -13.53 -33.64
N LYS F 59 -32.18 -14.15 -32.47
CA LYS F 59 -32.83 -15.43 -32.20
C LYS F 59 -32.30 -16.56 -33.08
N GLN F 60 -31.02 -16.48 -33.45
CA GLN F 60 -30.40 -17.50 -34.29
C GLN F 60 -29.46 -18.37 -33.47
N GLY F 61 -30.05 -19.17 -32.60
CA GLY F 61 -29.26 -20.06 -31.75
C GLY F 61 -28.21 -20.86 -32.50
N GLY F 62 -28.60 -21.44 -33.63
CA GLY F 62 -27.68 -22.22 -34.42
C GLY F 62 -26.32 -21.56 -34.58
N SER F 63 -26.30 -20.46 -35.33
CA SER F 63 -25.05 -19.73 -35.56
C SER F 63 -24.46 -19.23 -34.25
N GLY F 64 -25.29 -18.58 -33.44
CA GLY F 64 -24.82 -18.05 -32.17
C GLY F 64 -24.06 -19.08 -31.36
N THR F 65 -24.66 -20.25 -31.18
CA THR F 65 -24.04 -21.34 -30.42
C THR F 65 -22.70 -21.73 -31.04
N ASP F 66 -22.70 -21.96 -32.36
CA ASP F 66 -21.49 -22.34 -33.07
C ASP F 66 -20.35 -21.36 -32.81
N LEU F 67 -20.62 -20.07 -32.95
CA LEU F 67 -19.60 -19.05 -32.75
C LEU F 67 -19.04 -19.08 -31.33
N ILE F 68 -19.91 -19.31 -30.35
CA ILE F 68 -19.46 -19.36 -28.95
C ILE F 68 -18.37 -20.43 -28.81
N PHE F 69 -18.63 -21.60 -29.38
CA PHE F 69 -17.67 -22.69 -29.33
C PHE F 69 -16.37 -22.28 -30.02
N TYR F 70 -16.50 -21.68 -31.19
CA TYR F 70 -15.34 -21.22 -31.95
C TYR F 70 -14.54 -20.23 -31.12
N LEU F 71 -15.23 -19.31 -30.45
CA LEU F 71 -14.57 -18.32 -29.61
C LEU F 71 -13.75 -19.05 -28.55
N LEU F 72 -14.39 -19.98 -27.85
CA LEU F 72 -13.73 -20.75 -26.82
C LEU F 72 -12.49 -21.45 -27.35
N GLU F 73 -12.59 -22.00 -28.56
CA GLU F 73 -11.45 -22.67 -29.17
C GLU F 73 -10.26 -21.73 -29.23
N VAL F 74 -10.51 -20.50 -29.67
CA VAL F 74 -9.46 -19.49 -29.76
C VAL F 74 -8.95 -19.17 -28.36
N TYR F 75 -9.89 -19.01 -27.43
CA TYR F 75 -9.56 -18.71 -26.04
C TYR F 75 -8.51 -19.68 -25.52
N ASP F 76 -8.66 -20.95 -25.87
CA ASP F 76 -7.72 -21.98 -25.45
C ASP F 76 -6.49 -21.99 -26.33
N LEU F 77 -6.64 -21.52 -27.56
CA LEU F 77 -5.52 -21.46 -28.50
C LEU F 77 -4.65 -20.25 -28.21
N ALA F 78 -5.25 -19.19 -27.70
CA ALA F 78 -4.53 -17.96 -27.37
C ALA F 78 -4.17 -17.99 -25.89
N GLU F 79 -4.50 -19.09 -25.23
CA GLU F 79 -4.23 -19.25 -23.80
C GLU F 79 -4.74 -18.06 -23.01
N VAL F 80 -5.87 -17.52 -23.43
CA VAL F 80 -6.48 -16.37 -22.76
C VAL F 80 -6.71 -16.70 -21.29
N LYS F 81 -6.04 -15.96 -20.42
CA LYS F 81 -6.16 -16.17 -18.98
C LYS F 81 -7.46 -15.59 -18.42
N VAL F 82 -7.96 -16.22 -17.35
CA VAL F 82 -9.20 -15.80 -16.72
C VAL F 82 -9.08 -14.50 -15.95
N ASP F 83 -9.81 -13.49 -16.40
CA ASP F 83 -9.82 -12.18 -15.76
C ASP F 83 -11.12 -11.46 -16.13
N ASP F 84 -11.31 -10.24 -15.63
CA ASP F 84 -12.51 -9.48 -15.91
C ASP F 84 -12.90 -9.48 -17.39
N ILE F 85 -12.02 -8.93 -18.23
CA ILE F 85 -12.28 -8.87 -19.66
C ILE F 85 -12.69 -10.23 -20.23
N SER F 86 -11.83 -11.22 -20.02
CA SER F 86 -12.09 -12.57 -20.52
C SER F 86 -13.47 -13.10 -20.10
N VAL F 87 -13.80 -12.92 -18.83
CA VAL F 87 -15.08 -13.37 -18.30
C VAL F 87 -16.23 -12.55 -18.89
N ALA F 88 -16.05 -11.24 -18.90
CA ALA F 88 -17.06 -10.32 -19.40
C ALA F 88 -17.64 -10.75 -20.76
N ARG F 89 -16.76 -11.01 -21.73
CA ARG F 89 -17.20 -11.42 -23.06
C ARG F 89 -18.19 -12.58 -22.99
N LEU F 90 -17.88 -13.57 -22.17
CA LEU F 90 -18.73 -14.74 -22.03
C LEU F 90 -20.04 -14.39 -21.32
N VAL F 91 -19.95 -13.55 -20.31
CA VAL F 91 -21.14 -13.13 -19.56
C VAL F 91 -22.12 -12.41 -20.49
N ARG F 92 -21.57 -11.53 -21.32
CA ARG F 92 -22.38 -10.76 -22.27
C ARG F 92 -23.07 -11.67 -23.28
N LEU F 93 -22.42 -12.77 -23.64
CA LEU F 93 -22.98 -13.73 -24.58
C LEU F 93 -24.01 -14.63 -23.91
N ILE F 94 -23.74 -14.99 -22.66
CA ILE F 94 -24.64 -15.85 -21.89
C ILE F 94 -25.98 -15.17 -21.65
N ALA F 95 -25.96 -13.84 -21.56
CA ALA F 95 -27.16 -13.06 -21.32
C ALA F 95 -28.12 -13.11 -22.51
N GLU F 96 -27.57 -13.23 -23.71
CA GLU F 96 -28.40 -13.26 -24.92
C GLU F 96 -28.82 -14.68 -25.30
N LEU F 97 -28.31 -15.67 -24.58
CA LEU F 97 -28.66 -17.06 -24.86
C LEU F 97 -30.11 -17.37 -24.51
N ASP F 98 -30.74 -18.19 -25.34
CA ASP F 98 -32.12 -18.58 -25.12
C ASP F 98 -32.13 -19.75 -24.14
N PRO F 99 -32.81 -19.60 -23.00
CA PRO F 99 -32.90 -20.64 -21.97
C PRO F 99 -33.26 -22.02 -22.50
N SER F 100 -33.83 -22.07 -23.70
CA SER F 100 -34.23 -23.33 -24.31
C SER F 100 -33.24 -23.84 -25.36
N GLU F 101 -32.17 -23.08 -25.60
CA GLU F 101 -31.17 -23.48 -26.58
C GLU F 101 -30.69 -24.91 -26.35
N PRO F 102 -30.90 -25.78 -27.35
CA PRO F 102 -30.50 -27.19 -27.31
C PRO F 102 -29.04 -27.44 -26.94
N ASN F 103 -28.23 -26.39 -26.97
CA ASN F 103 -26.80 -26.52 -26.64
C ASN F 103 -26.46 -25.92 -25.29
N LEU F 104 -27.36 -25.09 -24.76
CA LEU F 104 -27.17 -24.42 -23.48
C LEU F 104 -26.09 -25.04 -22.59
N LYS F 105 -26.40 -26.19 -22.00
CA LYS F 105 -25.47 -26.87 -21.11
C LYS F 105 -24.06 -27.03 -21.70
N ASP F 106 -23.97 -27.39 -22.98
CA ASP F 106 -22.68 -27.55 -23.62
C ASP F 106 -21.93 -26.22 -23.62
N VAL F 107 -22.62 -25.16 -24.01
CA VAL F 107 -22.02 -23.83 -24.05
C VAL F 107 -21.49 -23.49 -22.66
N ILE F 108 -22.35 -23.64 -21.66
CA ILE F 108 -21.99 -23.36 -20.27
C ILE F 108 -20.76 -24.15 -19.84
N THR F 109 -20.77 -25.45 -20.09
CA THR F 109 -19.65 -26.31 -19.74
C THR F 109 -18.35 -25.80 -20.36
N GLY F 110 -18.38 -25.60 -21.67
CA GLY F 110 -17.20 -25.12 -22.38
C GLY F 110 -16.61 -23.87 -21.75
N MET F 111 -17.46 -22.88 -21.50
CA MET F 111 -17.01 -21.63 -20.90
C MET F 111 -16.36 -21.88 -19.54
N ASN F 112 -17.05 -22.62 -18.68
CA ASN F 112 -16.55 -22.92 -17.34
C ASN F 112 -15.24 -23.70 -17.39
N ASN F 113 -15.16 -24.68 -18.29
CA ASN F 113 -13.95 -25.48 -18.41
C ASN F 113 -12.76 -24.56 -18.70
N TRP F 114 -12.99 -23.57 -19.57
CA TRP F 114 -11.95 -22.63 -19.92
C TRP F 114 -11.50 -21.87 -18.68
N SER F 115 -12.45 -21.43 -17.88
CA SER F 115 -12.14 -20.69 -16.65
C SER F 115 -11.31 -21.52 -15.69
N ILE F 116 -11.57 -22.83 -15.67
CA ILE F 116 -10.85 -23.74 -14.79
C ILE F 116 -9.39 -23.91 -15.22
N LYS F 117 -9.17 -24.06 -16.52
CA LYS F 117 -7.83 -24.27 -17.06
C LYS F 117 -6.96 -23.02 -16.96
N PHE F 118 -7.57 -21.84 -17.00
CA PHE F 118 -6.81 -20.60 -16.94
C PHE F 118 -7.06 -19.77 -15.68
N SER F 119 -7.23 -20.44 -14.55
CA SER F 119 -7.46 -19.78 -13.28
C SER F 119 -7.02 -20.73 -12.18
N GLU F 120 -7.06 -20.26 -10.93
CA GLU F 120 -6.66 -21.09 -9.81
C GLU F 120 -7.86 -21.76 -9.14
N TYR F 121 -9.02 -21.62 -9.76
CA TYR F 121 -10.24 -22.23 -9.22
C TYR F 121 -10.41 -23.62 -9.84
N LYS F 122 -10.46 -24.63 -8.99
CA LYS F 122 -10.60 -26.01 -9.46
C LYS F 122 -11.93 -26.26 -10.15
N PHE F 123 -12.92 -25.41 -9.88
CA PHE F 123 -14.25 -25.57 -10.48
C PHE F 123 -14.69 -24.40 -11.34
N GLY F 124 -13.79 -23.45 -11.58
CA GLY F 124 -14.13 -22.31 -12.41
C GLY F 124 -14.22 -21.00 -11.66
N ASP F 125 -14.24 -19.90 -12.41
CA ASP F 125 -14.33 -18.56 -11.83
C ASP F 125 -15.68 -18.30 -11.18
N PRO F 126 -15.68 -17.76 -9.95
CA PRO F 126 -16.87 -17.44 -9.18
C PRO F 126 -17.87 -16.56 -9.93
N TYR F 127 -17.44 -15.35 -10.28
CA TYR F 127 -18.29 -14.41 -10.99
C TYR F 127 -18.96 -15.08 -12.18
N LEU F 128 -18.17 -15.77 -12.99
CA LEU F 128 -18.68 -16.48 -14.16
C LEU F 128 -19.82 -17.41 -13.78
N HIS F 129 -19.64 -18.13 -12.68
CA HIS F 129 -20.65 -19.07 -12.19
C HIS F 129 -21.97 -18.36 -11.89
N ASN F 130 -21.88 -17.14 -11.37
CA ASN F 130 -23.07 -16.37 -11.04
C ASN F 130 -23.98 -16.21 -12.26
N THR F 131 -23.37 -15.94 -13.40
CA THR F 131 -24.11 -15.77 -14.64
C THR F 131 -24.63 -17.12 -15.12
N ILE F 132 -23.73 -18.10 -15.19
CA ILE F 132 -24.08 -19.44 -15.63
C ILE F 132 -25.26 -20.00 -14.84
N GLY F 133 -25.24 -19.82 -13.53
CA GLY F 133 -26.31 -20.31 -12.69
C GLY F 133 -27.67 -19.79 -13.12
N SER F 134 -27.77 -18.49 -13.33
CA SER F 134 -29.03 -17.88 -13.74
C SER F 134 -29.55 -18.45 -15.05
N LYS F 135 -28.64 -18.64 -16.00
CA LYS F 135 -29.01 -19.18 -17.31
C LYS F 135 -29.61 -20.57 -17.18
N LEU F 136 -28.95 -21.44 -16.43
CA LEU F 136 -29.42 -22.79 -16.22
C LEU F 136 -30.81 -22.79 -15.59
N LEU F 137 -31.00 -21.91 -14.63
CA LEU F 137 -32.28 -21.81 -13.94
C LEU F 137 -33.41 -21.38 -14.87
N GLU F 138 -33.08 -20.63 -15.92
CA GLU F 138 -34.09 -20.18 -16.86
C GLU F 138 -34.61 -21.33 -17.72
N GLY F 139 -33.82 -22.40 -17.81
CA GLY F 139 -34.24 -23.55 -18.58
C GLY F 139 -34.76 -24.65 -17.68
N ASP F 140 -35.10 -24.26 -16.45
CA ASP F 140 -35.61 -25.18 -15.45
C ASP F 140 -34.59 -26.21 -14.97
N PHE F 141 -33.32 -25.97 -15.27
CA PHE F 141 -32.26 -26.87 -14.85
C PHE F 141 -31.86 -26.48 -13.43
N VAL F 142 -32.79 -26.65 -12.50
CA VAL F 142 -32.57 -26.30 -11.11
C VAL F 142 -31.32 -26.89 -10.48
N TYR F 143 -31.21 -28.22 -10.47
CA TYR F 143 -30.05 -28.90 -9.89
C TYR F 143 -28.72 -28.35 -10.39
N GLU F 144 -28.63 -28.05 -11.68
CA GLU F 144 -27.40 -27.52 -12.23
C GLU F 144 -27.15 -26.09 -11.74
N ALA F 145 -28.23 -25.33 -11.61
CA ALA F 145 -28.13 -23.95 -11.15
C ALA F 145 -27.65 -23.94 -9.70
N GLU F 146 -28.22 -24.81 -8.89
CA GLU F 146 -27.86 -24.91 -7.47
C GLU F 146 -26.35 -25.05 -7.28
N ARG F 147 -25.75 -25.99 -8.01
CA ARG F 147 -24.32 -26.22 -7.92
C ARG F 147 -23.51 -24.96 -8.24
N TYR F 148 -23.79 -24.35 -9.38
CA TYR F 148 -23.09 -23.14 -9.79
C TYR F 148 -23.27 -22.01 -8.78
N PHE F 149 -24.50 -21.82 -8.31
CA PHE F 149 -24.77 -20.77 -7.33
C PHE F 149 -23.96 -21.05 -6.07
N MET F 150 -23.90 -22.31 -5.68
CA MET F 150 -23.16 -22.73 -4.50
C MET F 150 -21.71 -22.27 -4.62
N LEU F 151 -21.17 -22.36 -5.83
CA LEU F 151 -19.80 -21.96 -6.10
C LEU F 151 -19.78 -20.62 -6.83
N GLY F 152 -20.71 -19.75 -6.47
CA GLY F 152 -20.78 -18.44 -7.09
C GLY F 152 -20.40 -17.30 -6.17
N THR F 153 -20.95 -16.12 -6.42
CA THR F 153 -20.66 -14.94 -5.62
C THR F 153 -21.79 -14.66 -4.62
N HIS F 154 -21.74 -13.50 -4.00
CA HIS F 154 -22.74 -13.11 -3.01
C HIS F 154 -24.13 -13.04 -3.63
N ASP F 155 -24.20 -12.59 -4.88
CA ASP F 155 -25.49 -12.49 -5.56
C ASP F 155 -26.03 -13.89 -5.83
N SER F 156 -25.12 -14.83 -6.09
CA SER F 156 -25.50 -16.22 -6.34
C SER F 156 -26.17 -16.78 -5.09
N MET F 157 -25.61 -16.42 -3.93
CA MET F 157 -26.15 -16.88 -2.66
C MET F 157 -27.60 -16.42 -2.52
N ILE F 158 -27.88 -15.20 -2.96
CA ILE F 158 -29.23 -14.66 -2.90
C ILE F 158 -30.13 -15.42 -3.87
N LYS F 159 -29.60 -15.70 -5.06
CA LYS F 159 -30.37 -16.42 -6.06
C LYS F 159 -30.47 -17.90 -5.75
N TYR F 160 -29.70 -18.36 -4.76
CA TYR F 160 -29.73 -19.74 -4.34
C TYR F 160 -30.81 -19.88 -3.28
N VAL F 161 -30.97 -18.83 -2.48
CA VAL F 161 -31.98 -18.83 -1.43
C VAL F 161 -33.34 -18.64 -2.07
N ASP F 162 -33.37 -17.96 -3.22
CA ASP F 162 -34.61 -17.74 -3.95
C ASP F 162 -35.00 -19.02 -4.68
N LEU F 163 -33.99 -19.75 -5.14
CA LEU F 163 -34.20 -21.00 -5.86
C LEU F 163 -34.77 -22.05 -4.90
N LEU F 164 -34.29 -22.03 -3.66
CA LEU F 164 -34.74 -22.97 -2.65
C LEU F 164 -36.07 -22.53 -2.03
N TRP F 165 -36.28 -21.22 -1.95
CA TRP F 165 -37.51 -20.69 -1.38
C TRP F 165 -38.69 -20.86 -2.33
N ASP F 166 -38.45 -20.63 -3.62
CA ASP F 166 -39.51 -20.77 -4.61
C ASP F 166 -39.85 -22.24 -4.83
N TRP F 167 -38.94 -23.12 -4.42
CA TRP F 167 -39.15 -24.56 -4.56
C TRP F 167 -40.01 -25.04 -3.39
N LEU F 168 -39.65 -24.59 -2.19
CA LEU F 168 -40.38 -24.94 -0.98
C LEU F 168 -41.83 -24.49 -1.10
N CYS F 169 -42.02 -23.29 -1.65
CA CYS F 169 -43.36 -22.75 -1.81
C CYS F 169 -44.17 -23.54 -2.83
N GLN F 170 -43.47 -24.14 -3.80
CA GLN F 170 -44.12 -24.93 -4.83
C GLN F 170 -44.74 -26.21 -4.27
N VAL F 171 -44.30 -26.60 -3.09
CA VAL F 171 -44.82 -27.81 -2.44
C VAL F 171 -46.24 -27.56 -1.92
N ASP F 172 -47.20 -28.35 -2.40
CA ASP F 172 -48.58 -28.21 -1.99
C ASP F 172 -48.79 -28.65 -0.55
N ASP F 173 -48.30 -29.85 -0.22
CA ASP F 173 -48.44 -30.38 1.13
C ASP F 173 -47.14 -30.24 1.92
N ILE F 174 -47.03 -29.13 2.65
CA ILE F 174 -45.84 -28.86 3.46
C ILE F 174 -45.89 -29.64 4.77
N GLU F 175 -44.73 -30.05 5.26
CA GLU F 175 -44.64 -30.79 6.52
C GLU F 175 -43.43 -30.33 7.32
N ASP F 176 -43.30 -30.83 8.54
CA ASP F 176 -42.19 -30.47 9.42
C ASP F 176 -40.83 -30.83 8.84
N SER F 177 -40.75 -31.97 8.16
CA SER F 177 -39.50 -32.43 7.58
C SER F 177 -39.28 -31.88 6.17
N THR F 178 -40.31 -31.24 5.61
CA THR F 178 -40.24 -30.67 4.28
C THR F 178 -39.36 -29.42 4.25
N VAL F 179 -39.57 -28.55 5.24
CA VAL F 179 -38.80 -27.31 5.32
C VAL F 179 -37.31 -27.59 5.53
N ALA F 180 -37.00 -28.73 6.15
CA ALA F 180 -35.62 -29.11 6.41
C ALA F 180 -34.92 -29.58 5.15
N GLU F 181 -35.65 -30.26 4.28
CA GLU F 181 -35.10 -30.78 3.04
C GLU F 181 -34.51 -29.67 2.17
N PHE F 182 -35.06 -28.47 2.28
CA PHE F 182 -34.59 -27.32 1.51
C PHE F 182 -33.55 -26.54 2.30
N PHE F 183 -33.88 -26.19 3.53
CA PHE F 183 -33.00 -25.43 4.41
C PHE F 183 -31.65 -26.11 4.63
N SER F 184 -31.66 -27.42 4.83
CA SER F 184 -30.44 -28.17 5.07
C SER F 184 -29.42 -28.02 3.96
N ARG F 185 -29.91 -27.90 2.72
CA ARG F 185 -29.02 -27.76 1.57
C ARG F 185 -28.09 -26.55 1.72
N LEU F 186 -28.65 -25.45 2.22
CA LEU F 186 -27.88 -24.22 2.42
C LEU F 186 -26.77 -24.43 3.46
N VAL F 187 -27.14 -25.02 4.59
CA VAL F 187 -26.21 -25.27 5.68
C VAL F 187 -25.10 -26.24 5.30
N PHE F 188 -25.46 -27.34 4.65
CA PHE F 188 -24.48 -28.35 4.26
C PHE F 188 -23.55 -27.90 3.13
N ASN F 189 -24.13 -27.44 2.02
CA ASN F 189 -23.33 -26.99 0.89
C ASN F 189 -22.30 -25.93 1.25
N TYR F 190 -22.74 -24.84 1.87
CA TYR F 190 -21.84 -23.78 2.26
C TYR F 190 -20.81 -24.21 3.30
N LEU F 191 -21.18 -25.15 4.15
CA LEU F 191 -20.26 -25.65 5.18
C LEU F 191 -19.18 -26.52 4.56
N PHE F 192 -19.46 -27.10 3.40
CA PHE F 192 -18.49 -27.93 2.72
C PHE F 192 -17.38 -27.07 2.12
N ILE F 193 -17.77 -25.97 1.51
CA ILE F 193 -16.81 -25.05 0.91
C ILE F 193 -16.33 -24.09 1.99
N SER F 194 -16.69 -24.39 3.23
CA SER F 194 -16.31 -23.58 4.39
C SER F 194 -16.55 -22.09 4.18
N ASN F 195 -17.78 -21.74 3.86
CA ASN F 195 -18.15 -20.33 3.65
C ASN F 195 -19.16 -19.94 4.72
N ILE F 196 -18.72 -19.94 5.98
CA ILE F 196 -19.56 -19.61 7.12
C ILE F 196 -20.38 -18.33 6.93
N SER F 197 -19.81 -17.33 6.28
CA SER F 197 -20.51 -16.07 6.06
C SER F 197 -21.77 -16.28 5.23
N PHE F 198 -21.63 -17.00 4.12
CA PHE F 198 -22.76 -17.29 3.25
C PHE F 198 -23.74 -18.25 3.93
N ALA F 199 -23.21 -19.15 4.74
CA ALA F 199 -24.03 -20.11 5.46
C ALA F 199 -24.94 -19.40 6.46
N HIS F 200 -24.41 -18.38 7.12
CA HIS F 200 -25.16 -17.62 8.10
C HIS F 200 -26.17 -16.67 7.45
N GLU F 201 -25.75 -16.00 6.39
CA GLU F 201 -26.62 -15.06 5.69
C GLU F 201 -27.76 -15.79 4.98
N SER F 202 -27.44 -16.87 4.29
CA SER F 202 -28.44 -17.66 3.58
C SER F 202 -29.45 -18.20 4.58
N LYS F 203 -28.95 -18.57 5.76
CA LYS F 203 -29.79 -19.09 6.82
C LYS F 203 -30.77 -18.05 7.32
N ASP F 204 -30.25 -16.86 7.63
CA ASP F 204 -31.07 -15.76 8.13
C ASP F 204 -32.17 -15.36 7.16
N ILE F 205 -31.82 -15.21 5.88
CA ILE F 205 -32.80 -14.82 4.88
C ILE F 205 -33.87 -15.89 4.68
N PHE F 206 -33.47 -17.15 4.73
CA PHE F 206 -34.41 -18.25 4.55
C PHE F 206 -35.29 -18.47 5.77
N LEU F 207 -34.71 -18.36 6.96
CA LEU F 207 -35.47 -18.55 8.19
C LEU F 207 -36.45 -17.41 8.46
N GLU F 208 -36.14 -16.22 7.96
CA GLU F 208 -37.02 -15.08 8.15
C GLU F 208 -38.21 -15.13 7.21
N ARG F 209 -38.01 -15.64 6.00
CA ARG F 209 -39.10 -15.76 5.04
C ARG F 209 -40.06 -16.82 5.56
N PHE F 210 -39.48 -17.90 6.07
CA PHE F 210 -40.25 -19.01 6.61
C PHE F 210 -41.13 -18.58 7.77
N ILE F 211 -40.66 -17.60 8.53
CA ILE F 211 -41.41 -17.08 9.68
C ILE F 211 -42.51 -16.11 9.26
N GLU F 212 -42.27 -15.36 8.19
CA GLU F 212 -43.23 -14.38 7.71
C GLU F 212 -44.29 -14.96 6.78
N LYS F 213 -44.16 -16.25 6.46
CA LYS F 213 -45.13 -16.89 5.57
C LYS F 213 -45.92 -17.99 6.28
N PHE F 214 -45.22 -18.88 6.98
CA PHE F 214 -45.85 -19.98 7.69
C PHE F 214 -46.24 -19.64 9.12
N HIS F 215 -45.65 -18.58 9.66
CA HIS F 215 -45.95 -18.15 11.01
C HIS F 215 -45.83 -19.29 12.04
N PRO F 216 -44.70 -20.00 12.04
CA PRO F 216 -44.50 -21.10 12.98
C PRO F 216 -44.16 -20.60 14.38
N LYS F 217 -44.42 -21.43 15.39
CA LYS F 217 -44.13 -21.06 16.77
C LYS F 217 -42.62 -21.11 17.00
N TYR F 218 -42.05 -19.99 17.43
CA TYR F 218 -40.61 -19.93 17.68
C TYR F 218 -40.26 -18.90 18.75
N GLU F 219 -38.96 -18.78 19.00
CA GLU F 219 -38.44 -17.83 19.98
C GLU F 219 -36.92 -17.80 19.84
N LYS F 220 -36.39 -16.62 19.51
CA LYS F 220 -34.95 -16.45 19.31
C LYS F 220 -34.14 -16.57 20.59
N ILE F 221 -33.17 -17.48 20.57
CA ILE F 221 -32.29 -17.71 21.72
C ILE F 221 -30.93 -17.07 21.41
N ASP F 222 -30.51 -16.15 22.27
CA ASP F 222 -29.24 -15.46 22.08
C ASP F 222 -28.24 -15.80 23.19
N LYS F 223 -27.01 -16.12 22.79
CA LYS F 223 -25.96 -16.46 23.74
C LYS F 223 -24.57 -16.14 23.21
N ASN F 224 -23.88 -15.23 23.89
CA ASN F 224 -22.53 -14.83 23.52
C ASN F 224 -22.39 -14.38 22.07
N GLY F 225 -23.33 -13.57 21.60
CA GLY F 225 -23.26 -13.08 20.24
C GLY F 225 -23.95 -13.95 19.20
N TYR F 226 -24.13 -15.23 19.50
CA TYR F 226 -24.78 -16.14 18.57
C TYR F 226 -26.28 -16.27 18.83
N GLU F 227 -27.03 -16.50 17.76
CA GLU F 227 -28.48 -16.65 17.86
C GLU F 227 -28.96 -17.92 17.17
N ILE F 228 -29.99 -18.54 17.75
CA ILE F 228 -30.56 -19.76 17.22
C ILE F 228 -32.09 -19.70 17.24
N VAL F 229 -32.69 -19.46 16.10
CA VAL F 229 -34.14 -19.38 15.99
C VAL F 229 -34.76 -20.73 16.35
N PHE F 230 -35.15 -20.88 17.61
CA PHE F 230 -35.74 -22.12 18.08
C PHE F 230 -37.18 -22.29 17.63
N PHE F 231 -37.41 -23.19 16.69
CA PHE F 231 -38.75 -23.45 16.19
C PHE F 231 -39.41 -24.52 17.04
N GLU F 232 -40.62 -24.24 17.51
CA GLU F 232 -41.36 -25.18 18.35
C GLU F 232 -41.98 -26.35 17.59
N ASP F 233 -42.01 -26.25 16.27
CA ASP F 233 -42.58 -27.32 15.46
C ASP F 233 -41.63 -27.81 14.38
N TYR F 234 -40.36 -27.45 14.49
CA TYR F 234 -39.36 -27.86 13.52
C TYR F 234 -38.02 -28.18 14.18
N SER F 235 -37.91 -29.39 14.72
CA SER F 235 -36.68 -29.83 15.37
C SER F 235 -35.54 -29.92 14.38
N ASP F 236 -35.85 -30.33 13.15
CA ASP F 236 -34.84 -30.46 12.10
C ASP F 236 -34.10 -29.14 11.90
N LEU F 237 -34.83 -28.04 11.96
CA LEU F 237 -34.24 -26.71 11.79
C LEU F 237 -33.38 -26.32 12.97
N ASN F 238 -33.77 -26.74 14.18
CA ASN F 238 -33.00 -26.42 15.37
C ASN F 238 -31.66 -27.15 15.32
N PHE F 239 -31.71 -28.44 15.00
CA PHE F 239 -30.50 -29.25 14.90
C PHE F 239 -29.54 -28.66 13.89
N LEU F 240 -30.06 -28.39 12.69
CA LEU F 240 -29.26 -27.82 11.61
C LEU F 240 -28.57 -26.51 12.00
N GLN F 241 -29.26 -25.67 12.75
CA GLN F 241 -28.69 -24.40 13.17
C GLN F 241 -27.53 -24.61 14.14
N LEU F 242 -27.69 -25.59 15.04
CA LEU F 242 -26.65 -25.89 16.02
C LEU F 242 -25.44 -26.51 15.32
N LEU F 243 -25.69 -27.31 14.29
CA LEU F 243 -24.63 -27.95 13.54
C LEU F 243 -23.69 -26.91 12.94
N LEU F 244 -24.27 -25.84 12.40
CA LEU F 244 -23.49 -24.77 11.80
C LEU F 244 -22.49 -24.19 12.78
N ILE F 245 -23.00 -23.68 13.90
CA ILE F 245 -22.16 -23.08 14.93
C ILE F 245 -21.13 -24.07 15.46
N THR F 246 -21.55 -25.32 15.62
CA THR F 246 -20.66 -26.36 16.13
C THR F 246 -19.41 -26.46 15.27
N CYS F 247 -19.59 -26.53 13.95
CA CYS F 247 -18.46 -26.62 13.03
C CYS F 247 -17.52 -25.44 13.21
N GLN F 248 -18.09 -24.28 13.54
CA GLN F 248 -17.30 -23.07 13.74
C GLN F 248 -16.37 -23.17 14.93
N THR F 249 -16.73 -23.99 15.91
CA THR F 249 -15.91 -24.16 17.10
C THR F 249 -14.78 -25.17 16.86
N ALA F 250 -15.00 -26.09 15.92
CA ALA F 250 -14.02 -27.12 15.59
C ALA F 250 -13.61 -27.89 16.85
N ASP F 251 -14.58 -28.11 17.73
CA ASP F 251 -14.34 -28.85 18.97
C ASP F 251 -15.08 -30.18 18.91
N ALA F 252 -14.31 -31.27 18.93
CA ALA F 252 -14.87 -32.62 18.87
C ALA F 252 -16.02 -32.88 19.84
N SER F 253 -15.81 -32.56 21.12
CA SER F 253 -16.82 -32.78 22.14
C SER F 253 -18.20 -32.27 21.76
N TYR F 254 -18.29 -31.00 21.36
CA TYR F 254 -19.57 -30.40 20.99
C TYR F 254 -20.25 -31.15 19.85
N PHE F 255 -19.46 -31.55 18.85
CA PHE F 255 -19.99 -32.27 17.70
C PHE F 255 -20.60 -33.62 18.10
N LEU F 256 -19.94 -34.31 19.01
CA LEU F 256 -20.41 -35.61 19.46
C LEU F 256 -21.68 -35.48 20.31
N ASN F 257 -21.71 -34.48 21.18
CA ASN F 257 -22.87 -34.26 22.05
C ASN F 257 -24.11 -33.89 21.26
N LEU F 258 -23.94 -33.07 20.23
CA LEU F 258 -25.06 -32.64 19.41
C LEU F 258 -25.68 -33.83 18.67
N LYS F 259 -24.82 -34.73 18.20
CA LYS F 259 -25.28 -35.91 17.48
C LYS F 259 -25.95 -36.93 18.40
N ASN F 260 -25.41 -37.10 19.60
CA ASN F 260 -25.96 -38.05 20.55
C ASN F 260 -27.34 -37.64 21.07
N HIS F 261 -27.64 -36.35 20.99
CA HIS F 261 -28.93 -35.85 21.45
C HIS F 261 -29.98 -36.00 20.35
N TYR F 262 -29.52 -35.93 19.10
CA TYR F 262 -30.40 -36.05 17.94
C TYR F 262 -30.01 -37.31 17.17
N LEU F 263 -30.19 -38.47 17.80
CA LEU F 263 -29.86 -39.74 17.16
C LEU F 263 -30.51 -39.93 15.80
N ASP F 264 -31.81 -39.63 15.72
CA ASP F 264 -32.53 -39.78 14.46
C ASP F 264 -31.87 -38.95 13.35
N PHE F 265 -31.69 -37.66 13.60
CA PHE F 265 -31.07 -36.78 12.62
C PHE F 265 -29.65 -37.25 12.27
N SER F 266 -28.97 -37.84 13.25
CA SER F 266 -27.62 -38.33 13.04
C SER F 266 -27.57 -39.47 12.03
N GLN F 267 -28.71 -40.10 11.78
CA GLN F 267 -28.76 -41.21 10.83
C GLN F 267 -29.35 -40.76 9.50
N ALA F 268 -30.06 -39.63 9.52
CA ALA F 268 -30.66 -39.09 8.31
C ALA F 268 -29.57 -38.38 7.50
N TYR F 269 -28.65 -37.74 8.21
CA TYR F 269 -27.55 -37.03 7.58
C TYR F 269 -26.24 -37.75 7.92
N LYS F 270 -26.30 -39.08 7.88
CA LYS F 270 -25.14 -39.91 8.18
C LYS F 270 -23.88 -39.48 7.42
N SER F 271 -23.90 -39.67 6.11
CA SER F 271 -22.77 -39.30 5.26
C SER F 271 -22.34 -37.85 5.44
N GLU F 272 -23.31 -36.94 5.44
CA GLU F 272 -23.01 -35.52 5.60
C GLU F 272 -22.26 -35.22 6.89
N LEU F 273 -22.75 -35.78 8.00
CA LEU F 273 -22.10 -35.57 9.30
C LEU F 273 -20.70 -36.17 9.31
N GLU F 274 -20.53 -37.30 8.64
CA GLU F 274 -19.23 -37.96 8.58
C GLU F 274 -18.21 -37.00 7.99
N PHE F 275 -18.58 -36.35 6.89
CA PHE F 275 -17.71 -35.39 6.23
C PHE F 275 -17.40 -34.22 7.16
N LEU F 276 -18.44 -33.60 7.69
CA LEU F 276 -18.28 -32.46 8.59
C LEU F 276 -17.38 -32.80 9.77
N GLY F 277 -17.46 -34.05 10.23
CA GLY F 277 -16.64 -34.48 11.35
C GLY F 277 -15.18 -34.64 10.97
N GLN F 278 -14.91 -34.73 9.67
CA GLN F 278 -13.55 -34.88 9.18
C GLN F 278 -12.94 -33.52 8.83
N GLU F 279 -13.79 -32.62 8.35
CA GLU F 279 -13.36 -31.27 7.97
C GLU F 279 -13.32 -30.30 9.14
N TYR F 280 -14.09 -30.56 10.19
CA TYR F 280 -14.14 -29.67 11.34
C TYR F 280 -13.73 -30.31 12.66
N PHE F 281 -13.55 -31.62 12.68
CA PHE F 281 -13.21 -32.30 13.93
C PHE F 281 -12.12 -33.36 13.80
N ASN F 282 -11.50 -33.41 12.62
CA ASN F 282 -10.42 -34.36 12.35
C ASN F 282 -10.77 -35.78 12.78
N ILE F 283 -11.92 -36.27 12.31
CA ILE F 283 -12.36 -37.62 12.65
C ILE F 283 -12.12 -38.57 11.47
N VAL F 284 -11.38 -39.64 11.72
CA VAL F 284 -11.07 -40.62 10.70
C VAL F 284 -12.01 -41.82 10.77
N ALA F 285 -12.58 -42.05 11.94
CA ALA F 285 -13.51 -43.16 12.14
C ALA F 285 -14.83 -42.91 11.42
N PRO F 286 -15.26 -43.88 10.60
CA PRO F 286 -16.51 -43.79 9.84
C PRO F 286 -17.70 -43.47 10.74
N LYS F 287 -18.85 -43.21 10.13
CA LYS F 287 -20.06 -42.89 10.88
C LYS F 287 -20.87 -44.15 11.18
N GLN F 288 -20.95 -44.50 12.46
CA GLN F 288 -21.69 -45.69 12.88
C GLN F 288 -23.19 -45.47 12.78
N THR F 289 -23.83 -46.25 11.91
CA THR F 289 -25.27 -46.17 11.70
C THR F 289 -26.05 -46.39 13.00
N ASN F 290 -26.86 -45.41 13.37
CA ASN F 290 -27.66 -45.51 14.58
C ASN F 290 -28.83 -46.47 14.41
N PHE F 291 -29.45 -46.44 13.23
CA PHE F 291 -30.59 -47.29 12.94
C PHE F 291 -30.27 -48.24 11.78
N THR G 3 -45.04 -21.93 25.65
CA THR G 3 -45.34 -23.02 26.62
C THR G 3 -44.11 -23.87 26.90
N SER G 4 -44.30 -24.97 27.62
CA SER G 4 -43.21 -25.86 27.97
C SER G 4 -43.33 -27.21 27.26
N ALA G 5 -44.01 -27.22 26.12
CA ALA G 5 -44.19 -28.44 25.36
C ALA G 5 -42.91 -28.77 24.59
N SER G 6 -42.01 -27.79 24.51
CA SER G 6 -40.74 -27.97 23.82
C SER G 6 -39.58 -27.51 24.70
N GLY G 7 -39.84 -27.44 26.00
CA GLY G 7 -38.81 -27.01 26.95
C GLY G 7 -37.56 -27.86 26.93
N PRO G 8 -37.70 -29.20 26.97
CA PRO G 8 -36.55 -30.10 26.96
C PRO G 8 -35.49 -29.78 25.91
N GLU G 9 -35.94 -29.59 24.67
CA GLU G 9 -35.04 -29.27 23.58
C GLU G 9 -34.57 -27.82 23.65
N HIS G 10 -35.47 -26.94 24.09
CA HIS G 10 -35.14 -25.52 24.20
C HIS G 10 -34.00 -25.27 25.18
N GLU G 11 -33.98 -25.99 26.29
CA GLU G 11 -32.93 -25.82 27.28
C GLU G 11 -31.62 -26.42 26.78
N PHE G 12 -31.71 -27.43 25.94
CA PHE G 12 -30.51 -28.07 25.39
C PHE G 12 -29.88 -27.14 24.36
N VAL G 13 -30.71 -26.66 23.44
CA VAL G 13 -30.25 -25.75 22.38
C VAL G 13 -29.68 -24.46 22.97
N SER G 14 -30.31 -23.96 24.02
CA SER G 14 -29.87 -22.72 24.65
C SER G 14 -28.55 -22.91 25.40
N LYS G 15 -28.44 -24.02 26.12
CA LYS G 15 -27.23 -24.31 26.88
C LYS G 15 -26.07 -24.73 25.98
N PHE G 16 -26.39 -25.46 24.91
CA PHE G 16 -25.36 -25.91 23.98
C PHE G 16 -24.76 -24.71 23.26
N LEU G 17 -25.60 -23.69 23.03
CA LEU G 17 -25.15 -22.48 22.36
C LEU G 17 -24.22 -21.70 23.29
N THR G 18 -24.63 -21.56 24.54
CA THR G 18 -23.83 -20.84 25.53
C THR G 18 -22.44 -21.46 25.59
N LEU G 19 -22.40 -22.75 25.91
CA LEU G 19 -21.16 -23.50 25.99
C LEU G 19 -20.33 -23.38 24.72
N ALA G 20 -20.99 -23.60 23.58
CA ALA G 20 -20.32 -23.54 22.28
C ALA G 20 -19.72 -22.17 21.98
N THR G 21 -20.13 -21.16 22.74
CA THR G 21 -19.63 -19.81 22.52
C THR G 21 -18.87 -19.24 23.71
N LEU G 22 -18.58 -20.07 24.71
CA LEU G 22 -17.82 -19.62 25.88
C LEU G 22 -16.58 -18.87 25.42
N THR G 23 -15.99 -19.34 24.34
CA THR G 23 -14.81 -18.72 23.76
C THR G 23 -15.05 -18.48 22.28
N GLU G 24 -14.49 -17.39 21.77
CA GLU G 24 -14.65 -17.04 20.36
C GLU G 24 -14.23 -18.25 19.53
N PRO G 25 -15.21 -18.93 18.90
CA PRO G 25 -14.94 -20.11 18.08
C PRO G 25 -13.69 -19.95 17.22
N LYS G 26 -12.97 -21.04 17.02
CA LYS G 26 -11.75 -21.00 16.21
C LYS G 26 -12.00 -20.29 14.89
N LEU G 27 -13.16 -20.57 14.28
CA LEU G 27 -13.52 -19.96 13.01
C LEU G 27 -14.70 -19.01 13.19
N PRO G 28 -14.51 -17.72 12.91
CA PRO G 28 -15.58 -16.72 13.05
C PRO G 28 -16.73 -16.92 12.06
N LYS G 29 -17.79 -16.14 12.22
CA LYS G 29 -18.95 -16.23 11.35
C LYS G 29 -18.69 -15.58 10.00
N SER G 30 -17.64 -14.77 9.93
CA SER G 30 -17.28 -14.09 8.69
C SER G 30 -16.22 -14.90 7.94
N TYR G 31 -15.86 -16.05 8.50
CA TYR G 31 -14.86 -16.93 7.91
C TYR G 31 -15.29 -17.44 6.54
N THR G 32 -14.34 -17.52 5.62
CA THR G 32 -14.59 -18.00 4.27
C THR G 32 -13.35 -18.64 3.67
N LYS G 33 -13.35 -19.96 3.54
CA LYS G 33 -12.21 -20.67 2.97
C LYS G 33 -12.08 -20.21 1.52
N PRO G 34 -10.97 -19.53 1.19
CA PRO G 34 -10.74 -19.05 -0.18
C PRO G 34 -11.21 -20.06 -1.21
N LEU G 35 -12.15 -19.66 -2.06
CA LEU G 35 -12.68 -20.53 -3.09
C LEU G 35 -11.56 -21.09 -3.96
N LYS G 36 -10.41 -20.42 -3.93
CA LYS G 36 -9.25 -20.86 -4.69
C LYS G 36 -8.67 -22.12 -4.07
N ASP G 37 -8.91 -22.31 -2.77
CA ASP G 37 -8.39 -23.47 -2.06
C ASP G 37 -9.41 -24.60 -1.94
N VAL G 38 -10.62 -24.37 -2.41
CA VAL G 38 -11.67 -25.39 -2.34
C VAL G 38 -11.24 -26.61 -3.14
N THR G 39 -11.01 -27.71 -2.43
CA THR G 39 -10.59 -28.96 -3.07
C THR G 39 -11.75 -29.79 -3.62
N ASN G 40 -12.59 -30.29 -2.72
CA ASN G 40 -13.73 -31.11 -3.14
C ASN G 40 -15.06 -30.41 -2.86
N LEU G 41 -16.15 -31.16 -2.92
CA LEU G 41 -17.48 -30.60 -2.69
C LEU G 41 -18.27 -31.39 -1.66
N GLY G 42 -17.56 -32.00 -0.70
CA GLY G 42 -18.22 -32.77 0.33
C GLY G 42 -19.04 -33.93 -0.19
N VAL G 43 -20.05 -34.34 0.58
CA VAL G 43 -20.92 -35.44 0.20
C VAL G 43 -22.19 -34.94 -0.48
N PRO G 44 -22.57 -35.57 -1.60
CA PRO G 44 -23.77 -35.18 -2.35
C PRO G 44 -25.01 -35.12 -1.46
N LEU G 45 -25.87 -34.14 -1.74
CA LEU G 45 -27.09 -33.97 -0.96
C LEU G 45 -28.22 -34.84 -1.50
N PRO G 46 -29.23 -35.12 -0.67
CA PRO G 46 -30.37 -35.95 -1.07
C PRO G 46 -31.26 -35.28 -2.12
N THR G 47 -31.84 -36.09 -3.00
CA THR G 47 -32.71 -35.59 -4.05
C THR G 47 -34.11 -35.29 -3.52
N LEU G 48 -34.58 -34.08 -3.77
CA LEU G 48 -35.91 -33.67 -3.32
C LEU G 48 -36.94 -34.26 -4.28
N LYS G 49 -37.97 -34.88 -3.71
CA LYS G 49 -39.01 -35.53 -4.51
C LYS G 49 -39.98 -34.53 -5.15
N TYR G 50 -39.74 -33.24 -4.91
CA TYR G 50 -40.59 -32.19 -5.46
C TYR G 50 -40.00 -31.73 -6.78
N LYS G 51 -40.87 -31.49 -7.77
CA LYS G 51 -40.42 -31.04 -9.08
C LYS G 51 -40.23 -29.52 -9.07
N TYR G 52 -39.20 -29.06 -9.77
CA TYR G 52 -38.91 -27.62 -9.83
C TYR G 52 -39.38 -27.00 -11.14
N LYS G 53 -40.02 -25.84 -11.04
CA LYS G 53 -40.53 -25.12 -12.20
C LYS G 53 -40.59 -23.63 -11.91
N GLN G 54 -40.83 -22.83 -12.95
CA GLN G 54 -40.92 -21.38 -12.80
C GLN G 54 -42.32 -20.89 -13.21
N ASN G 55 -43.12 -20.51 -12.22
CA ASN G 55 -44.46 -20.02 -12.47
C ASN G 55 -44.47 -18.50 -12.52
N ARG G 56 -45.52 -17.92 -13.10
CA ARG G 56 -45.64 -16.47 -13.20
C ARG G 56 -47.00 -16.01 -12.69
N MET H 1 32.17 -2.37 -0.66
CA MET H 1 33.08 -2.79 -1.76
C MET H 1 33.94 -1.62 -2.21
N GLY H 2 33.30 -0.49 -2.50
CA GLY H 2 34.01 0.69 -2.94
C GLY H 2 34.82 1.31 -1.83
N ALA H 3 34.32 1.21 -0.61
CA ALA H 3 35.00 1.78 0.55
C ALA H 3 36.09 0.83 1.04
N LYS H 4 35.99 -0.44 0.66
CA LYS H 4 36.99 -1.41 1.09
C LYS H 4 38.19 -1.44 0.15
N LEU H 5 37.92 -1.32 -1.14
CA LEU H 5 38.99 -1.32 -2.14
C LEU H 5 39.95 -0.18 -1.83
N ALA H 6 39.43 1.05 -1.85
CA ALA H 6 40.24 2.23 -1.58
C ALA H 6 41.14 2.05 -0.37
N LYS H 7 40.58 1.53 0.72
CA LYS H 7 41.34 1.33 1.95
C LYS H 7 42.57 0.44 1.74
N THR H 8 42.34 -0.82 1.38
CA THR H 8 43.43 -1.75 1.16
C THR H 8 44.51 -1.24 0.21
N LEU H 9 44.11 -0.44 -0.78
CA LEU H 9 45.08 0.10 -1.73
C LEU H 9 46.20 0.87 -1.04
N GLN H 10 45.92 1.43 0.13
CA GLN H 10 46.93 2.19 0.86
C GLN H 10 47.85 1.23 1.61
N ARG H 11 47.27 0.20 2.21
CA ARG H 11 48.06 -0.78 2.95
C ARG H 11 48.93 -1.60 1.99
N PHE H 12 48.65 -1.45 0.70
CA PHE H 12 49.42 -2.14 -0.33
C PHE H 12 50.61 -1.27 -0.69
N GLU H 13 50.32 -0.03 -1.04
CA GLU H 13 51.37 0.92 -1.41
C GLU H 13 52.19 1.28 -0.18
N ASN H 14 51.78 0.73 0.97
CA ASN H 14 52.48 0.96 2.22
C ASN H 14 53.53 -0.14 2.31
N LYS H 15 53.18 -1.32 1.82
CA LYS H 15 54.09 -2.45 1.81
C LYS H 15 55.12 -2.26 0.71
N ILE H 16 54.79 -1.40 -0.26
CA ILE H 16 55.70 -1.12 -1.36
C ILE H 16 56.73 -0.08 -0.95
N LYS H 17 56.30 0.94 -0.21
CA LYS H 17 57.22 1.98 0.25
C LYS H 17 58.01 1.48 1.45
N ALA H 18 57.65 0.29 1.93
CA ALA H 18 58.34 -0.31 3.06
C ALA H 18 59.37 -1.32 2.59
N GLY H 19 59.21 -1.78 1.35
CA GLY H 19 60.14 -2.75 0.79
C GLY H 19 59.52 -4.11 0.58
N ASP H 20 58.44 -4.38 1.32
CA ASP H 20 57.74 -5.65 1.23
C ASP H 20 57.07 -5.82 -0.13
N TYR H 21 57.89 -6.05 -1.16
CA TYR H 21 57.36 -6.23 -2.51
C TYR H 21 56.62 -7.55 -2.66
N TYR H 22 57.23 -8.63 -2.19
CA TYR H 22 56.60 -9.95 -2.26
C TYR H 22 55.23 -9.93 -1.61
N GLU H 23 55.16 -9.43 -0.38
CA GLU H 23 53.90 -9.34 0.34
C GLU H 23 52.85 -8.58 -0.47
N ALA H 24 53.22 -7.38 -0.92
CA ALA H 24 52.33 -6.53 -1.69
C ALA H 24 51.81 -7.21 -2.95
N HIS H 25 52.69 -7.88 -3.68
CA HIS H 25 52.32 -8.55 -4.92
C HIS H 25 51.46 -9.79 -4.71
N GLN H 26 51.91 -10.68 -3.81
CA GLN H 26 51.19 -11.92 -3.52
C GLN H 26 49.77 -11.65 -3.04
N THR H 27 49.65 -10.78 -2.03
CA THR H 27 48.34 -10.44 -1.47
C THR H 27 47.37 -9.90 -2.50
N LEU H 28 47.80 -8.88 -3.24
CA LEU H 28 46.96 -8.24 -4.24
C LEU H 28 46.42 -9.20 -5.31
N ARG H 29 47.28 -10.08 -5.83
CA ARG H 29 46.85 -11.02 -6.85
C ARG H 29 45.80 -12.01 -6.36
N THR H 30 46.05 -12.64 -5.22
CA THR H 30 45.11 -13.61 -4.67
C THR H 30 43.75 -12.94 -4.46
N ILE H 31 43.77 -11.72 -3.94
CA ILE H 31 42.55 -10.97 -3.69
C ILE H 31 41.89 -10.62 -5.02
N ALA H 32 42.70 -10.19 -5.98
CA ALA H 32 42.21 -9.83 -7.31
C ALA H 32 41.59 -11.05 -7.98
N ASN H 33 42.24 -12.19 -7.83
CA ASN H 33 41.76 -13.43 -8.43
C ASN H 33 40.35 -13.74 -7.90
N ARG H 34 40.12 -13.38 -6.64
CA ARG H 34 38.82 -13.60 -6.01
C ARG H 34 37.73 -12.81 -6.72
N TYR H 35 38.02 -11.54 -7.02
CA TYR H 35 37.05 -10.69 -7.72
C TYR H 35 36.75 -11.28 -9.09
N VAL H 36 37.79 -11.74 -9.77
CA VAL H 36 37.66 -12.32 -11.09
C VAL H 36 36.83 -13.61 -11.05
N ARG H 37 37.03 -14.40 -10.00
CA ARG H 37 36.30 -15.65 -9.82
C ARG H 37 34.81 -15.40 -9.71
N SER H 38 34.45 -14.26 -9.14
CA SER H 38 33.05 -13.89 -8.96
C SER H 38 32.56 -13.02 -10.11
N LYS H 39 33.38 -12.92 -11.15
CA LYS H 39 33.05 -12.13 -12.33
C LYS H 39 32.92 -10.64 -12.06
N SER H 40 33.46 -10.19 -10.92
CA SER H 40 33.40 -8.78 -10.58
C SER H 40 34.61 -8.09 -11.21
N TYR H 41 34.75 -8.30 -12.52
CA TYR H 41 35.86 -7.76 -13.30
C TYR H 41 36.22 -6.31 -12.96
N GLU H 42 35.25 -5.41 -13.15
CA GLU H 42 35.46 -3.98 -12.89
C GLU H 42 36.30 -3.72 -11.64
N HIS H 43 35.96 -4.40 -10.54
CA HIS H 43 36.70 -4.24 -9.30
C HIS H 43 38.16 -4.67 -9.45
N ALA H 44 38.36 -5.85 -10.04
CA ALA H 44 39.71 -6.38 -10.25
C ALA H 44 40.53 -5.46 -11.13
N ILE H 45 39.91 -4.93 -12.19
CA ILE H 45 40.59 -4.04 -13.12
C ILE H 45 41.20 -2.83 -12.43
N GLU H 46 40.44 -2.19 -11.54
CA GLU H 46 40.94 -1.02 -10.84
C GLU H 46 42.05 -1.42 -9.86
N LEU H 47 41.82 -2.51 -9.14
CA LEU H 47 42.79 -3.01 -8.17
C LEU H 47 44.11 -3.37 -8.86
N ILE H 48 44.02 -4.21 -9.89
CA ILE H 48 45.20 -4.64 -10.63
C ILE H 48 45.94 -3.46 -11.23
N SER H 49 45.22 -2.64 -11.98
CA SER H 49 45.81 -1.46 -12.62
C SER H 49 46.54 -0.58 -11.60
N GLN H 50 45.86 -0.28 -10.49
CA GLN H 50 46.44 0.55 -9.45
C GLN H 50 47.70 -0.09 -8.88
N GLY H 51 47.65 -1.40 -8.66
CA GLY H 51 48.80 -2.11 -8.14
C GLY H 51 49.97 -2.06 -9.09
N ALA H 52 49.69 -2.14 -10.38
CA ALA H 52 50.73 -2.12 -11.40
C ALA H 52 51.37 -0.74 -11.46
N LEU H 53 50.54 0.30 -11.35
CA LEU H 53 51.03 1.67 -11.40
C LEU H 53 52.07 1.91 -10.30
N SER H 54 51.68 1.62 -9.07
CA SER H 54 52.57 1.80 -7.92
C SER H 54 53.88 1.04 -8.09
N PHE H 55 53.80 -0.22 -8.53
CA PHE H 55 54.99 -1.03 -8.73
C PHE H 55 55.93 -0.38 -9.74
N LEU H 56 55.37 0.12 -10.83
CA LEU H 56 56.17 0.76 -11.87
C LEU H 56 56.76 2.07 -11.37
N LYS H 57 56.02 2.77 -10.52
CA LYS H 57 56.49 4.04 -9.97
C LYS H 57 57.60 3.80 -8.96
N ALA H 58 57.65 2.59 -8.42
CA ALA H 58 58.67 2.23 -7.43
C ALA H 58 59.86 1.55 -8.10
N LYS H 59 59.89 1.59 -9.43
CA LYS H 59 60.97 0.98 -10.20
C LYS H 59 61.01 -0.53 -10.05
N GLN H 60 59.84 -1.14 -9.88
CA GLN H 60 59.76 -2.59 -9.73
C GLN H 60 59.17 -3.22 -10.99
N GLY H 61 59.96 -3.21 -12.05
CA GLY H 61 59.51 -3.78 -13.32
C GLY H 61 58.94 -5.18 -13.19
N GLY H 62 59.60 -6.02 -12.41
CA GLY H 62 59.14 -7.38 -12.23
C GLY H 62 57.65 -7.47 -11.97
N SER H 63 57.24 -6.99 -10.80
CA SER H 63 55.83 -7.01 -10.41
C SER H 63 54.98 -6.19 -11.39
N GLY H 64 55.42 -4.97 -11.66
CA GLY H 64 54.69 -4.11 -12.58
C GLY H 64 54.33 -4.81 -13.88
N THR H 65 55.34 -5.39 -14.53
CA THR H 65 55.13 -6.10 -15.78
C THR H 65 54.11 -7.22 -15.61
N ASP H 66 54.31 -8.03 -14.58
CA ASP H 66 53.42 -9.14 -14.29
C ASP H 66 51.96 -8.71 -14.20
N LEU H 67 51.70 -7.66 -13.41
CA LEU H 67 50.34 -7.16 -13.24
C LEU H 67 49.73 -6.68 -14.56
N ILE H 68 50.54 -6.05 -15.40
CA ILE H 68 50.05 -5.56 -16.69
C ILE H 68 49.45 -6.73 -17.47
N PHE H 69 50.20 -7.84 -17.53
CA PHE H 69 49.74 -9.03 -18.23
C PHE H 69 48.44 -9.52 -17.60
N TYR H 70 48.42 -9.60 -16.28
CA TYR H 70 47.25 -10.06 -15.56
C TYR H 70 46.04 -9.19 -15.91
N LEU H 71 46.26 -7.88 -15.94
CA LEU H 71 45.20 -6.94 -16.28
C LEU H 71 44.65 -7.29 -17.66
N LEU H 72 45.56 -7.43 -18.63
CA LEU H 72 45.18 -7.77 -19.99
C LEU H 72 44.37 -9.06 -20.03
N GLU H 73 44.77 -10.05 -19.24
CA GLU H 73 44.06 -11.32 -19.20
C GLU H 73 42.60 -11.07 -18.85
N VAL H 74 42.36 -10.24 -17.83
CA VAL H 74 41.02 -9.91 -17.40
C VAL H 74 40.32 -9.15 -18.51
N TYR H 75 41.04 -8.21 -19.12
CA TYR H 75 40.51 -7.41 -20.21
C TYR H 75 39.89 -8.29 -21.28
N ASP H 76 40.54 -9.41 -21.57
CA ASP H 76 40.05 -10.36 -22.57
C ASP H 76 39.00 -11.28 -21.96
N LEU H 77 39.06 -11.47 -20.65
CA LEU H 77 38.12 -12.32 -19.96
C LEU H 77 36.79 -11.59 -19.73
N ALA H 78 36.88 -10.27 -19.58
CA ALA H 78 35.70 -9.44 -19.36
C ALA H 78 35.23 -8.88 -20.70
N GLU H 79 35.96 -9.24 -21.76
CA GLU H 79 35.64 -8.77 -23.10
C GLU H 79 35.57 -7.25 -23.16
N VAL H 80 36.41 -6.60 -22.37
CA VAL H 80 36.46 -5.14 -22.33
C VAL H 80 36.68 -4.59 -23.73
N LYS H 81 35.73 -3.79 -24.19
CA LYS H 81 35.80 -3.20 -25.52
C LYS H 81 36.72 -1.98 -25.56
N VAL H 82 37.33 -1.76 -26.71
CA VAL H 82 38.25 -0.63 -26.89
C VAL H 82 37.57 0.72 -26.94
N ASP H 83 37.86 1.56 -25.96
CA ASP H 83 37.30 2.90 -25.87
C ASP H 83 38.23 3.77 -25.03
N ASP H 84 37.86 5.03 -24.85
CA ASP H 84 38.69 5.96 -24.08
C ASP H 84 39.17 5.37 -22.75
N ILE H 85 38.22 5.05 -21.87
CA ILE H 85 38.55 4.48 -20.57
C ILE H 85 39.50 3.31 -20.67
N SER H 86 39.11 2.31 -21.44
CA SER H 86 39.92 1.11 -21.63
C SER H 86 41.35 1.43 -22.06
N VAL H 87 41.49 2.31 -23.06
CA VAL H 87 42.80 2.70 -23.55
C VAL H 87 43.57 3.50 -22.50
N ALA H 88 42.88 4.45 -21.88
CA ALA H 88 43.49 5.31 -20.86
C ALA H 88 44.28 4.52 -19.81
N ARG H 89 43.67 3.49 -19.24
CA ARG H 89 44.34 2.67 -18.23
C ARG H 89 45.70 2.18 -18.72
N LEU H 90 45.75 1.71 -19.95
CA LEU H 90 46.98 1.20 -20.52
C LEU H 90 47.98 2.32 -20.79
N VAL H 91 47.48 3.45 -21.27
CA VAL H 91 48.34 4.59 -21.55
C VAL H 91 49.02 5.07 -20.27
N ARG H 92 48.25 5.14 -19.19
CA ARG H 92 48.75 5.58 -17.90
C ARG H 92 49.83 4.64 -17.37
N LEU H 93 49.70 3.35 -17.69
CA LEU H 93 50.67 2.35 -17.25
C LEU H 93 51.91 2.38 -18.14
N ILE H 94 51.72 2.59 -19.43
CA ILE H 94 52.81 2.63 -20.40
C ILE H 94 53.76 3.80 -20.09
N ALA H 95 53.20 4.87 -19.53
CA ALA H 95 53.98 6.05 -19.19
C ALA H 95 54.97 5.79 -18.07
N GLU H 96 54.60 4.93 -17.13
CA GLU H 96 55.45 4.61 -15.99
C GLU H 96 56.44 3.49 -16.30
N LEU H 97 56.31 2.88 -17.48
CA LEU H 97 57.20 1.79 -17.87
C LEU H 97 58.63 2.29 -18.12
N ASP H 98 59.60 1.47 -17.72
CA ASP H 98 61.00 1.81 -17.92
C ASP H 98 61.39 1.39 -19.34
N PRO H 99 61.87 2.33 -20.15
CA PRO H 99 62.28 2.07 -21.53
C PRO H 99 63.19 0.86 -21.69
N SER H 100 63.83 0.45 -20.59
CA SER H 100 64.75 -0.68 -20.62
C SER H 100 64.13 -1.98 -20.10
N GLU H 101 62.86 -1.92 -19.70
CA GLU H 101 62.17 -3.11 -19.18
C GLU H 101 62.29 -4.29 -20.15
N PRO H 102 62.90 -5.39 -19.68
CA PRO H 102 63.10 -6.61 -20.46
C PRO H 102 61.83 -7.18 -21.09
N ASN H 103 60.67 -6.70 -20.66
CA ASN H 103 59.40 -7.18 -21.18
C ASN H 103 58.72 -6.16 -22.11
N LEU H 104 59.19 -4.93 -22.06
CA LEU H 104 58.64 -3.84 -22.88
C LEU H 104 57.84 -4.29 -24.09
N LYS H 105 58.53 -4.79 -25.11
CA LYS H 105 57.88 -5.24 -26.34
C LYS H 105 56.70 -6.18 -26.10
N ASP H 106 56.86 -7.13 -25.18
CA ASP H 106 55.78 -8.06 -24.88
C ASP H 106 54.58 -7.30 -24.33
N VAL H 107 54.82 -6.43 -23.36
CA VAL H 107 53.76 -5.64 -22.75
C VAL H 107 53.03 -4.88 -23.86
N ILE H 108 53.79 -4.17 -24.68
CA ILE H 108 53.23 -3.39 -25.78
C ILE H 108 52.38 -4.26 -26.70
N THR H 109 52.93 -5.40 -27.11
CA THR H 109 52.21 -6.32 -27.99
C THR H 109 50.87 -6.71 -27.38
N GLY H 110 50.91 -7.19 -26.14
CA GLY H 110 49.69 -7.60 -25.47
C GLY H 110 48.62 -6.53 -25.49
N MET H 111 48.99 -5.31 -25.11
CA MET H 111 48.05 -4.20 -25.08
C MET H 111 47.44 -3.97 -26.46
N ASN H 112 48.29 -3.87 -27.47
CA ASN H 112 47.84 -3.64 -28.84
C ASN H 112 46.96 -4.77 -29.34
N ASN H 113 47.36 -6.01 -29.08
CA ASN H 113 46.57 -7.16 -29.51
C ASN H 113 45.14 -7.04 -28.97
N TRP H 114 45.04 -6.64 -27.71
CA TRP H 114 43.74 -6.47 -27.08
C TRP H 114 42.92 -5.44 -27.85
N SER H 115 43.54 -4.32 -28.19
CA SER H 115 42.85 -3.26 -28.92
C SER H 115 42.34 -3.76 -30.26
N ILE H 116 43.10 -4.65 -30.90
CA ILE H 116 42.72 -5.20 -32.19
C ILE H 116 41.49 -6.09 -32.09
N LYS H 117 41.48 -6.96 -31.10
CA LYS H 117 40.38 -7.90 -30.90
C LYS H 117 39.07 -7.22 -30.49
N PHE H 118 39.17 -6.09 -29.80
CA PHE H 118 37.98 -5.37 -29.35
C PHE H 118 37.78 -4.00 -29.99
N SER H 119 38.11 -3.92 -31.28
CA SER H 119 37.94 -2.68 -32.03
C SER H 119 37.84 -3.04 -33.51
N GLU H 120 37.58 -2.05 -34.35
CA GLU H 120 37.46 -2.31 -35.78
C GLU H 120 38.76 -2.04 -36.52
N TYR H 121 39.82 -1.76 -35.76
CA TYR H 121 41.13 -1.50 -36.35
C TYR H 121 41.88 -2.82 -36.47
N LYS H 122 42.25 -3.18 -37.70
CA LYS H 122 42.96 -4.42 -37.95
C LYS H 122 44.35 -4.45 -37.30
N PHE H 123 44.89 -3.28 -36.98
CA PHE H 123 46.21 -3.19 -36.38
C PHE H 123 46.23 -2.54 -35.01
N GLY H 124 45.06 -2.28 -34.45
CA GLY H 124 45.00 -1.66 -33.13
C GLY H 124 44.50 -0.23 -33.13
N ASP H 125 44.15 0.26 -31.94
CA ASP H 125 43.65 1.62 -31.79
C ASP H 125 44.72 2.67 -32.03
N PRO H 126 44.40 3.70 -32.83
CA PRO H 126 45.31 4.80 -33.18
C PRO H 126 45.93 5.49 -31.97
N TYR H 127 45.09 6.07 -31.13
CA TYR H 127 45.56 6.78 -29.94
C TYR H 127 46.54 5.91 -29.15
N LEU H 128 46.15 4.67 -28.89
CA LEU H 128 46.99 3.73 -28.15
C LEU H 128 48.37 3.63 -28.79
N HIS H 129 48.39 3.56 -30.12
CA HIS H 129 49.63 3.45 -30.87
C HIS H 129 50.54 4.66 -30.62
N ASN H 130 49.93 5.83 -30.46
CA ASN H 130 50.69 7.05 -30.21
C ASN H 130 51.54 6.91 -28.95
N THR H 131 50.97 6.31 -27.92
CA THR H 131 51.67 6.12 -26.66
C THR H 131 52.73 5.02 -26.81
N ILE H 132 52.31 3.90 -27.38
CA ILE H 132 53.20 2.77 -27.60
C ILE H 132 54.44 3.18 -28.40
N GLY H 133 54.23 3.99 -29.43
CA GLY H 133 55.34 4.44 -30.26
C GLY H 133 56.42 5.14 -29.46
N SER H 134 56.01 6.11 -28.64
CA SER H 134 56.96 6.87 -27.82
C SER H 134 57.76 5.96 -26.90
N LYS H 135 57.09 4.99 -26.30
CA LYS H 135 57.75 4.06 -25.40
C LYS H 135 58.85 3.26 -26.10
N LEU H 136 58.51 2.71 -27.26
CA LEU H 136 59.46 1.92 -28.04
C LEU H 136 60.67 2.76 -28.39
N LEU H 137 60.44 4.02 -28.75
CA LEU H 137 61.51 4.92 -29.13
C LEU H 137 62.45 5.22 -27.96
N GLU H 138 61.93 5.15 -26.74
CA GLU H 138 62.74 5.41 -25.56
C GLU H 138 63.75 4.30 -25.31
N GLY H 139 63.48 3.12 -25.86
CA GLY H 139 64.38 1.99 -25.70
C GLY H 139 65.21 1.79 -26.96
N ASP H 140 65.27 2.83 -27.78
CA ASP H 140 66.02 2.81 -29.03
C ASP H 140 65.45 1.85 -30.07
N PHE H 141 64.22 1.40 -29.84
CA PHE H 141 63.56 0.49 -30.78
C PHE H 141 62.92 1.35 -31.87
N VAL H 142 63.76 2.02 -32.65
CA VAL H 142 63.32 2.91 -33.73
C VAL H 142 62.33 2.27 -34.72
N TYR H 143 62.77 1.22 -35.40
CA TYR H 143 61.94 0.55 -36.38
C TYR H 143 60.54 0.22 -35.87
N GLU H 144 60.45 -0.21 -34.60
CA GLU H 144 59.15 -0.53 -34.03
C GLU H 144 58.33 0.73 -33.79
N ALA H 145 59.01 1.80 -33.39
CA ALA H 145 58.33 3.08 -33.15
C ALA H 145 57.76 3.61 -34.46
N GLU H 146 58.57 3.56 -35.51
CA GLU H 146 58.16 4.04 -36.82
C GLU H 146 56.82 3.44 -37.24
N ARG H 147 56.71 2.12 -37.15
CA ARG H 147 55.48 1.43 -37.54
C ARG H 147 54.27 1.95 -36.76
N TYR H 148 54.37 1.95 -35.43
CA TYR H 148 53.28 2.43 -34.59
C TYR H 148 52.92 3.88 -34.88
N PHE H 149 53.93 4.73 -35.02
CA PHE H 149 53.67 6.14 -35.33
C PHE H 149 52.96 6.24 -36.67
N MET H 150 53.38 5.41 -37.62
CA MET H 150 52.77 5.39 -38.95
C MET H 150 51.28 5.13 -38.82
N LEU H 151 50.92 4.27 -37.87
CA LEU H 151 49.53 3.91 -37.64
C LEU H 151 49.03 4.58 -36.35
N GLY H 152 49.47 5.82 -36.13
CA GLY H 152 49.06 6.54 -34.94
C GLY H 152 48.19 7.75 -35.24
N THR H 153 48.24 8.74 -34.35
CA THR H 153 47.46 9.96 -34.51
C THR H 153 48.30 11.09 -35.09
N HIS H 154 47.75 12.30 -35.06
CA HIS H 154 48.45 13.46 -35.59
C HIS H 154 49.74 13.74 -34.84
N ASP H 155 49.72 13.52 -33.52
CA ASP H 155 50.91 13.74 -32.72
C ASP H 155 51.99 12.74 -33.10
N SER H 156 51.55 11.53 -33.45
CA SER H 156 52.47 10.47 -33.85
C SER H 156 53.19 10.91 -35.12
N MET H 157 52.45 11.55 -36.02
CA MET H 157 52.99 12.04 -37.27
C MET H 157 54.12 13.02 -36.99
N ILE H 158 53.95 13.84 -35.96
CA ILE H 158 54.96 14.82 -35.58
C ILE H 158 56.17 14.09 -34.99
N LYS H 159 55.90 13.07 -34.19
CA LYS H 159 56.97 12.30 -33.56
C LYS H 159 57.63 11.35 -34.55
N TYR H 160 57.01 11.19 -35.72
CA TYR H 160 57.57 10.32 -36.75
C TYR H 160 58.52 11.16 -37.59
N VAL H 161 58.17 12.44 -37.76
CA VAL H 161 59.00 13.36 -38.52
C VAL H 161 60.24 13.69 -37.69
N ASP H 162 60.08 13.67 -36.37
CA ASP H 162 61.20 13.95 -35.47
C ASP H 162 62.11 12.74 -35.41
N LEU H 163 61.52 11.55 -35.51
CA LEU H 163 62.27 10.30 -35.47
C LEU H 163 63.14 10.20 -36.72
N LEU H 164 62.58 10.60 -37.86
CA LEU H 164 63.30 10.56 -39.13
C LEU H 164 64.30 11.71 -39.24
N TRP H 165 63.94 12.85 -38.68
CA TRP H 165 64.82 14.02 -38.73
C TRP H 165 66.03 13.84 -37.83
N ASP H 166 65.81 13.32 -36.62
CA ASP H 166 66.90 13.11 -35.69
C ASP H 166 67.82 11.99 -36.18
N TRP H 167 67.31 11.16 -37.08
CA TRP H 167 68.09 10.07 -37.63
C TRP H 167 68.96 10.61 -38.76
N LEU H 168 68.36 11.42 -39.61
CA LEU H 168 69.06 12.03 -40.74
C LEU H 168 70.22 12.88 -40.23
N CYS H 169 69.97 13.61 -39.14
CA CYS H 169 70.99 14.46 -38.53
C CYS H 169 72.13 13.63 -37.95
N GLN H 170 71.81 12.42 -37.50
CA GLN H 170 72.82 11.53 -36.93
C GLN H 170 73.85 11.08 -37.95
N VAL H 171 73.49 11.16 -39.23
CA VAL H 171 74.39 10.76 -40.30
C VAL H 171 75.53 11.76 -40.43
N ASP H 172 76.76 11.29 -40.30
CA ASP H 172 77.94 12.15 -40.40
C ASP H 172 78.20 12.58 -41.84
N ASP H 173 78.19 11.62 -42.76
CA ASP H 173 78.43 11.90 -44.16
C ASP H 173 77.13 11.93 -44.96
N ILE H 174 76.51 13.10 -45.03
CA ILE H 174 75.25 13.27 -45.75
C ILE H 174 75.50 13.33 -47.26
N GLU H 175 74.55 12.82 -48.04
CA GLU H 175 74.65 12.82 -49.49
C GLU H 175 73.29 13.10 -50.13
N ASP H 176 73.29 13.31 -51.44
CA ASP H 176 72.06 13.60 -52.16
C ASP H 176 71.00 12.50 -52.02
N SER H 177 71.45 11.25 -52.02
CA SER H 177 70.55 10.11 -51.89
C SER H 177 70.23 9.77 -50.44
N THR H 178 70.98 10.37 -49.52
CA THR H 178 70.79 10.13 -48.10
C THR H 178 69.49 10.75 -47.59
N VAL H 179 69.25 12.00 -47.98
CA VAL H 179 68.05 12.72 -47.56
C VAL H 179 66.79 12.03 -48.07
N ALA H 180 66.90 11.35 -49.21
CA ALA H 180 65.77 10.66 -49.81
C ALA H 180 65.42 9.39 -49.03
N GLU H 181 66.44 8.71 -48.53
CA GLU H 181 66.23 7.47 -47.78
C GLU H 181 65.34 7.67 -46.56
N PHE H 182 65.35 8.90 -46.02
CA PHE H 182 64.54 9.23 -44.85
C PHE H 182 63.20 9.82 -45.27
N PHE H 183 63.27 10.83 -46.13
CA PHE H 183 62.08 11.52 -46.63
C PHE H 183 61.10 10.59 -47.33
N SER H 184 61.61 9.69 -48.15
CA SER H 184 60.76 8.75 -48.89
C SER H 184 59.87 7.93 -47.98
N ARG H 185 60.38 7.57 -46.80
CA ARG H 185 59.62 6.78 -45.85
C ARG H 185 58.29 7.43 -45.52
N LEU H 186 58.29 8.74 -45.34
CA LEU H 186 57.08 9.49 -45.03
C LEU H 186 56.08 9.43 -46.17
N VAL H 187 56.56 9.69 -47.38
CA VAL H 187 55.72 9.67 -48.57
C VAL H 187 55.11 8.30 -48.85
N PHE H 188 55.92 7.26 -48.79
CA PHE H 188 55.45 5.91 -49.06
C PHE H 188 54.53 5.34 -48.00
N ASN H 189 54.97 5.35 -46.73
CA ASN H 189 54.16 4.83 -45.65
C ASN H 189 52.76 5.43 -45.58
N TYR H 190 52.68 6.76 -45.53
CA TYR H 190 51.39 7.44 -45.46
C TYR H 190 50.54 7.22 -46.70
N LEU H 191 51.18 7.09 -47.87
CA LEU H 191 50.46 6.87 -49.10
C LEU H 191 49.86 5.46 -49.14
N PHE H 192 50.46 4.54 -48.39
CA PHE H 192 49.95 3.18 -48.35
C PHE H 192 48.65 3.13 -47.56
N ILE H 193 48.63 3.81 -46.42
CA ILE H 193 47.44 3.86 -45.59
C ILE H 193 46.52 4.96 -46.11
N SER H 194 46.87 5.49 -47.28
CA SER H 194 46.12 6.55 -47.93
C SER H 194 45.75 7.70 -46.98
N ASN H 195 46.76 8.31 -46.39
CA ASN H 195 46.54 9.42 -45.47
C ASN H 195 47.22 10.66 -46.05
N ILE H 196 46.74 11.09 -47.21
CA ILE H 196 47.28 12.25 -47.92
C ILE H 196 47.55 13.46 -47.02
N SER H 197 46.65 13.72 -46.07
CA SER H 197 46.82 14.85 -45.17
C SER H 197 48.13 14.75 -44.39
N PHE H 198 48.38 13.58 -43.80
CA PHE H 198 49.60 13.35 -43.04
C PHE H 198 50.81 13.33 -43.96
N ALA H 199 50.61 12.82 -45.17
CA ALA H 199 51.68 12.74 -46.16
C ALA H 199 52.16 14.13 -46.55
N HIS H 200 51.21 15.05 -46.70
CA HIS H 200 51.52 16.43 -47.07
C HIS H 200 52.10 17.24 -45.91
N GLU H 201 51.55 17.04 -44.71
CA GLU H 201 52.02 17.76 -43.54
C GLU H 201 53.41 17.29 -43.12
N SER H 202 53.60 15.97 -43.09
CA SER H 202 54.89 15.41 -42.71
C SER H 202 55.95 15.88 -43.70
N LYS H 203 55.55 15.97 -44.96
CA LYS H 203 56.43 16.42 -46.03
C LYS H 203 56.88 17.86 -45.81
N ASP H 204 55.91 18.74 -45.59
CA ASP H 204 56.18 20.15 -45.37
C ASP H 204 57.10 20.41 -44.18
N ILE H 205 56.85 19.72 -43.08
CA ILE H 205 57.66 19.88 -41.88
C ILE H 205 59.08 19.37 -42.08
N PHE H 206 59.22 18.27 -42.81
CA PHE H 206 60.53 17.68 -43.05
C PHE H 206 61.32 18.44 -44.11
N LEU H 207 60.63 18.93 -45.14
CA LEU H 207 61.30 19.67 -46.21
C LEU H 207 61.73 21.06 -45.76
N GLU H 208 61.01 21.64 -44.80
CA GLU H 208 61.35 22.96 -44.30
C GLU H 208 62.54 22.91 -43.35
N ARG H 209 62.63 21.85 -42.57
CA ARG H 209 63.75 21.69 -41.64
C ARG H 209 65.00 21.48 -42.46
N PHE H 210 64.86 20.67 -43.51
CA PHE H 210 65.97 20.36 -44.41
C PHE H 210 66.52 21.61 -45.08
N ILE H 211 65.65 22.57 -45.34
CA ILE H 211 66.04 23.82 -45.99
C ILE H 211 66.69 24.80 -45.01
N GLU H 212 66.25 24.76 -43.77
CA GLU H 212 66.78 25.66 -42.74
C GLU H 212 68.06 25.15 -42.08
N LYS H 213 68.47 23.94 -42.43
CA LYS H 213 69.68 23.36 -41.86
C LYS H 213 70.79 23.17 -42.90
N PHE H 214 70.44 22.57 -44.03
CA PHE H 214 71.40 22.31 -45.10
C PHE H 214 71.50 23.44 -46.11
N HIS H 215 70.48 24.30 -46.16
CA HIS H 215 70.46 25.42 -47.07
C HIS H 215 70.73 25.01 -48.52
N PRO H 216 69.97 24.02 -49.03
CA PRO H 216 70.17 23.56 -50.41
C PRO H 216 69.54 24.52 -51.41
N LYS H 217 70.02 24.48 -52.66
CA LYS H 217 69.50 25.34 -53.71
C LYS H 217 68.13 24.84 -54.15
N TYR H 218 67.11 25.69 -54.02
CA TYR H 218 65.76 25.32 -54.41
C TYR H 218 64.94 26.51 -54.87
N GLU H 219 63.68 26.23 -55.20
CA GLU H 219 62.74 27.25 -55.64
C GLU H 219 61.35 26.62 -55.70
N LYS H 220 60.43 27.16 -54.91
CA LYS H 220 59.07 26.64 -54.85
C LYS H 220 58.26 26.87 -56.12
N ILE H 221 57.74 25.79 -56.68
CA ILE H 221 56.93 25.86 -57.89
C ILE H 221 55.47 25.68 -57.51
N ASP H 222 54.65 26.67 -57.86
CA ASP H 222 53.22 26.63 -57.54
C ASP H 222 52.35 26.54 -58.79
N LYS H 223 51.40 25.61 -58.79
CA LYS H 223 50.50 25.42 -59.91
C LYS H 223 49.15 24.87 -59.49
N ASN H 224 48.10 25.66 -59.69
CA ASN H 224 46.73 25.27 -59.35
C ASN H 224 46.55 24.85 -57.90
N GLY H 225 47.11 25.62 -56.97
CA GLY H 225 46.97 25.30 -55.57
C GLY H 225 48.03 24.38 -54.99
N TYR H 226 48.66 23.59 -55.85
CA TYR H 226 49.70 22.67 -55.40
C TYR H 226 51.10 23.27 -55.48
N GLU H 227 51.98 22.83 -54.59
CA GLU H 227 53.35 23.32 -54.56
C GLU H 227 54.36 22.18 -54.53
N ILE H 228 55.49 22.39 -55.19
CA ILE H 228 56.56 21.39 -55.26
C ILE H 228 57.91 22.04 -55.05
N VAL H 229 58.48 21.87 -53.86
CA VAL H 229 59.78 22.44 -53.54
C VAL H 229 60.84 21.81 -54.42
N PHE H 230 61.14 22.46 -55.54
CA PHE H 230 62.14 21.96 -56.48
C PHE H 230 63.57 22.14 -55.97
N PHE H 231 64.21 21.05 -55.56
CA PHE H 231 65.58 21.12 -55.09
C PHE H 231 66.54 20.96 -56.26
N GLU H 232 67.51 21.87 -56.36
CA GLU H 232 68.49 21.86 -57.44
C GLU H 232 69.58 20.79 -57.27
N ASP H 233 69.66 20.20 -56.08
CA ASP H 233 70.68 19.19 -55.83
C ASP H 233 70.09 17.90 -55.26
N TYR H 234 68.77 17.76 -55.34
CA TYR H 234 68.10 16.57 -54.83
C TYR H 234 66.96 16.13 -55.74
N SER H 235 67.30 15.43 -56.82
CA SER H 235 66.31 14.95 -57.76
C SER H 235 65.36 13.95 -57.09
N ASP H 236 65.91 13.12 -56.21
CA ASP H 236 65.11 12.12 -55.50
C ASP H 236 63.93 12.77 -54.80
N LEU H 237 64.17 13.92 -54.17
CA LEU H 237 63.12 14.64 -53.46
C LEU H 237 62.08 15.21 -54.42
N ASN H 238 62.52 15.63 -55.60
CA ASN H 238 61.59 16.18 -56.58
C ASN H 238 60.65 15.08 -57.06
N PHE H 239 61.23 13.95 -57.42
CA PHE H 239 60.45 12.80 -57.90
C PHE H 239 59.43 12.38 -56.85
N LEU H 240 59.90 12.21 -55.61
CA LEU H 240 59.03 11.81 -54.50
C LEU H 240 57.85 12.74 -54.30
N GLN H 241 58.08 14.05 -54.43
CA GLN H 241 57.01 15.03 -54.26
C GLN H 241 55.96 14.90 -55.36
N LEU H 242 56.42 14.65 -56.59
CA LEU H 242 55.52 14.50 -57.71
C LEU H 242 54.71 13.22 -57.58
N LEU H 243 55.34 12.18 -57.04
CA LEU H 243 54.68 10.90 -56.83
C LEU H 243 53.46 11.05 -55.94
N LEU H 244 53.62 11.85 -54.88
CA LEU H 244 52.53 12.09 -53.94
C LEU H 244 51.29 12.64 -54.65
N ILE H 245 51.46 13.79 -55.30
CA ILE H 245 50.37 14.43 -56.02
C ILE H 245 49.77 13.52 -57.08
N THR H 246 50.64 12.82 -57.81
CA THR H 246 50.20 11.91 -58.86
C THR H 246 49.16 10.92 -58.33
N CYS H 247 49.47 10.31 -57.20
CA CYS H 247 48.57 9.35 -56.58
C CYS H 247 47.21 9.98 -56.30
N GLN H 248 47.23 11.26 -55.93
CA GLN H 248 46.01 12.00 -55.63
C GLN H 248 45.10 12.15 -56.84
N THR H 249 45.70 12.13 -58.03
CA THR H 249 44.92 12.27 -59.26
C THR H 249 44.31 10.95 -59.69
N ALA H 250 44.94 9.85 -59.29
CA ALA H 250 44.48 8.51 -59.63
C ALA H 250 44.31 8.36 -61.14
N ASP H 251 45.20 9.03 -61.89
CA ASP H 251 45.18 8.97 -63.34
C ASP H 251 46.38 8.17 -63.83
N ALA H 252 46.10 7.05 -64.51
CA ALA H 252 47.14 6.17 -65.03
C ALA H 252 48.22 6.89 -65.84
N SER H 253 47.80 7.70 -66.81
CA SER H 253 48.75 8.42 -67.66
C SER H 253 49.84 9.16 -66.88
N TYR H 254 49.44 9.99 -65.94
CA TYR H 254 50.40 10.75 -65.15
C TYR H 254 51.42 9.86 -64.43
N PHE H 255 50.94 8.75 -63.88
CA PHE H 255 51.80 7.82 -63.17
C PHE H 255 52.86 7.20 -64.08
N LEU H 256 52.45 6.88 -65.30
CA LEU H 256 53.37 6.27 -66.26
C LEU H 256 54.40 7.27 -66.76
N ASN H 257 53.97 8.50 -67.03
CA ASN H 257 54.86 9.53 -67.52
C ASN H 257 55.92 9.91 -66.48
N LEU H 258 55.52 9.97 -65.22
CA LEU H 258 56.45 10.31 -64.15
C LEU H 258 57.54 9.27 -64.02
N LYS H 259 57.15 8.00 -64.13
CA LYS H 259 58.11 6.90 -64.02
C LYS H 259 59.04 6.82 -65.22
N ASN H 260 58.52 7.08 -66.42
CA ASN H 260 59.32 7.03 -67.63
C ASN H 260 60.38 8.12 -67.69
N HIS H 261 60.13 9.22 -66.98
CA HIS H 261 61.08 10.33 -66.96
C HIS H 261 62.19 10.07 -65.94
N TYR H 262 61.84 9.33 -64.89
CA TYR H 262 62.78 8.99 -63.84
C TYR H 262 63.01 7.48 -63.84
N LEU H 263 63.59 6.98 -64.92
CA LEU H 263 63.84 5.54 -65.04
C LEU H 263 64.64 4.97 -63.87
N ASP H 264 65.70 5.66 -63.47
CA ASP H 264 66.52 5.19 -62.36
C ASP H 264 65.69 5.02 -61.09
N PHE H 265 64.97 6.07 -60.70
CA PHE H 265 64.14 6.02 -59.51
C PHE H 265 63.06 4.95 -59.63
N SER H 266 62.61 4.71 -60.87
CA SER H 266 61.58 3.71 -61.11
C SER H 266 62.07 2.30 -60.82
N GLN H 267 63.38 2.13 -60.70
CA GLN H 267 63.94 0.81 -60.41
C GLN H 267 64.37 0.71 -58.96
N ALA H 268 64.64 1.85 -58.33
CA ALA H 268 65.05 1.87 -56.94
C ALA H 268 63.83 1.60 -56.06
N TYR H 269 62.69 2.16 -56.47
CA TYR H 269 61.44 1.98 -55.75
C TYR H 269 60.52 1.09 -56.58
N LYS H 270 61.10 0.04 -57.15
CA LYS H 270 60.35 -0.90 -57.99
C LYS H 270 59.09 -1.41 -57.29
N SER H 271 59.29 -2.18 -56.23
CA SER H 271 58.17 -2.75 -55.47
C SER H 271 57.18 -1.70 -54.99
N GLU H 272 57.70 -0.62 -54.41
CA GLU H 272 56.86 0.45 -53.90
C GLU H 272 55.96 1.05 -54.98
N LEU H 273 56.54 1.33 -56.14
CA LEU H 273 55.76 1.89 -57.24
C LEU H 273 54.72 0.90 -57.75
N GLU H 274 55.05 -0.39 -57.72
CA GLU H 274 54.13 -1.42 -58.18
C GLU H 274 52.86 -1.35 -57.34
N PHE H 275 53.04 -1.25 -56.02
CA PHE H 275 51.92 -1.16 -55.11
C PHE H 275 51.09 0.09 -55.37
N LEU H 276 51.76 1.24 -55.39
CA LEU H 276 51.09 2.52 -55.64
C LEU H 276 50.30 2.49 -56.93
N GLY H 277 50.82 1.77 -57.92
CA GLY H 277 50.15 1.68 -59.20
C GLY H 277 48.92 0.79 -59.16
N GLN H 278 48.79 0.01 -58.09
CA GLN H 278 47.65 -0.88 -57.93
C GLN H 278 46.59 -0.22 -57.07
N GLU H 279 47.03 0.54 -56.08
CA GLU H 279 46.14 1.22 -55.16
C GLU H 279 45.62 2.57 -55.69
N TYR H 280 46.34 3.16 -56.64
CA TYR H 280 45.93 4.44 -57.19
C TYR H 280 45.72 4.45 -58.70
N PHE H 281 46.07 3.37 -59.38
CA PHE H 281 45.92 3.34 -60.83
C PHE H 281 45.35 2.03 -61.38
N ASN H 282 44.93 1.16 -60.47
CA ASN H 282 44.35 -0.12 -60.85
C ASN H 282 45.20 -0.88 -61.86
N ILE H 283 46.48 -1.07 -61.54
CA ILE H 283 47.38 -1.79 -62.43
C ILE H 283 47.64 -3.19 -61.91
N VAL H 284 47.36 -4.19 -62.75
CA VAL H 284 47.56 -5.59 -62.38
C VAL H 284 48.89 -6.13 -62.90
N ALA H 285 49.38 -5.52 -63.97
CA ALA H 285 50.65 -5.93 -64.57
C ALA H 285 51.83 -5.60 -63.64
N PRO H 286 52.67 -6.60 -63.35
CA PRO H 286 53.84 -6.42 -62.48
C PRO H 286 54.73 -5.27 -62.96
N LYS H 287 55.69 -4.89 -62.13
CA LYS H 287 56.61 -3.81 -62.47
C LYS H 287 57.83 -4.35 -63.23
N GLN H 288 57.96 -3.92 -64.48
CA GLN H 288 59.07 -4.37 -65.32
C GLN H 288 60.38 -3.67 -64.93
N THR H 289 61.35 -4.47 -64.49
CA THR H 289 62.64 -3.95 -64.08
C THR H 289 63.34 -3.18 -65.20
N ASN H 290 63.66 -1.92 -64.94
CA ASN H 290 64.33 -1.08 -65.92
C ASN H 290 65.79 -1.47 -66.09
N PHE H 291 66.44 -1.81 -64.98
CA PHE H 291 67.84 -2.19 -64.98
C PHE H 291 68.03 -3.63 -64.52
N THR I 3 70.38 29.15 -62.23
CA THR I 3 71.08 28.82 -63.48
C THR I 3 70.23 27.83 -64.23
N SER I 4 70.74 27.40 -65.37
CA SER I 4 70.03 26.46 -66.22
C SER I 4 70.70 25.09 -66.22
N ALA I 5 71.40 24.77 -65.14
CA ALA I 5 72.08 23.48 -65.03
C ALA I 5 71.08 22.39 -64.69
N SER I 6 69.91 22.80 -64.22
CA SER I 6 68.85 21.87 -63.85
C SER I 6 67.54 22.27 -64.52
N GLY I 7 67.64 23.08 -65.56
CA GLY I 7 66.45 23.52 -66.28
C GLY I 7 65.61 22.40 -66.85
N PRO I 8 66.22 21.42 -67.55
CA PRO I 8 65.49 20.30 -68.14
C PRO I 8 64.49 19.64 -67.19
N GLU I 9 64.93 19.35 -65.97
CA GLU I 9 64.07 18.71 -64.99
C GLU I 9 63.11 19.72 -64.37
N HIS I 10 63.57 20.96 -64.20
CA HIS I 10 62.76 22.00 -63.63
C HIS I 10 61.51 22.30 -64.45
N GLU I 11 61.66 22.31 -65.78
CA GLU I 11 60.52 22.57 -66.65
C GLU I 11 59.57 21.39 -66.69
N PHE I 12 60.10 20.19 -66.42
CA PHE I 12 59.26 18.99 -66.41
C PHE I 12 58.44 18.96 -65.14
N VAL I 13 59.11 19.18 -64.01
CA VAL I 13 58.46 19.18 -62.71
C VAL I 13 57.41 20.28 -62.61
N SER I 14 57.72 21.44 -63.17
CA SER I 14 56.80 22.58 -63.15
C SER I 14 55.58 22.34 -64.03
N LYS I 15 55.81 21.82 -65.23
CA LYS I 15 54.72 21.56 -66.17
C LYS I 15 53.89 20.34 -65.75
N PHE I 16 54.54 19.35 -65.16
CA PHE I 16 53.84 18.15 -64.72
C PHE I 16 52.93 18.51 -63.57
N LEU I 17 53.33 19.50 -62.77
CA LEU I 17 52.54 19.93 -61.63
C LEU I 17 51.31 20.68 -62.12
N THR I 18 51.51 21.57 -63.09
CA THR I 18 50.42 22.34 -63.67
C THR I 18 49.36 21.38 -64.18
N LEU I 19 49.75 20.53 -65.12
CA LEU I 19 48.87 19.54 -65.71
C LEU I 19 48.18 18.68 -64.66
N ALA I 20 48.96 18.17 -63.72
CA ALA I 20 48.43 17.32 -62.66
C ALA I 20 47.43 18.03 -61.77
N THR I 21 47.36 19.36 -61.88
CA THR I 21 46.44 20.13 -61.06
C THR I 21 45.41 20.93 -61.87
N LEU I 22 45.36 20.68 -63.17
CA LEU I 22 44.40 21.38 -64.03
C LEU I 22 43.01 21.30 -63.40
N THR I 23 42.73 20.16 -62.78
CA THR I 23 41.46 19.93 -62.11
C THR I 23 41.72 19.46 -60.70
N GLU I 24 40.86 19.86 -59.77
CA GLU I 24 41.01 19.46 -58.38
C GLU I 24 41.13 17.94 -58.32
N PRO I 25 42.33 17.43 -58.02
CA PRO I 25 42.58 15.99 -57.94
C PRO I 25 41.45 15.23 -57.26
N LYS I 26 41.19 14.02 -57.71
CA LYS I 26 40.12 13.21 -57.14
C LYS I 26 40.22 13.18 -55.62
N LEU I 27 41.44 13.04 -55.11
CA LEU I 27 41.67 13.00 -53.68
C LEU I 27 42.41 14.26 -53.22
N PRO I 28 41.79 15.06 -52.35
CA PRO I 28 42.40 16.30 -51.84
C PRO I 28 43.61 16.05 -50.97
N LYS I 29 44.31 17.12 -50.60
CA LYS I 29 45.49 17.03 -49.76
C LYS I 29 45.13 16.75 -48.30
N SER I 30 43.87 16.98 -47.95
CA SER I 30 43.39 16.75 -46.60
C SER I 30 42.78 15.36 -46.49
N TYR I 31 42.79 14.62 -47.60
CA TYR I 31 42.24 13.28 -47.64
C TYR I 31 42.95 12.34 -46.67
N THR I 32 42.17 11.46 -46.04
CA THR I 32 42.69 10.50 -45.08
C THR I 32 41.82 9.25 -45.04
N LYS I 33 42.32 8.16 -45.59
CA LYS I 33 41.58 6.90 -45.59
C LYS I 33 41.42 6.46 -44.14
N PRO I 34 40.18 6.42 -43.64
CA PRO I 34 39.93 6.03 -42.25
C PRO I 34 40.82 4.86 -41.83
N LEU I 35 41.62 5.07 -40.79
CA LEU I 35 42.53 4.05 -40.31
C LEU I 35 41.77 2.78 -39.96
N LYS I 36 40.46 2.90 -39.78
CA LYS I 36 39.61 1.76 -39.48
C LYS I 36 39.47 0.88 -40.72
N ASP I 37 39.63 1.48 -41.88
CA ASP I 37 39.51 0.76 -43.14
C ASP I 37 40.84 0.28 -43.71
N VAL I 38 41.94 0.67 -43.06
CA VAL I 38 43.27 0.28 -43.52
C VAL I 38 43.39 -1.24 -43.50
N THR I 39 43.53 -1.83 -44.69
CA THR I 39 43.64 -3.28 -44.81
C THR I 39 45.07 -3.80 -44.63
N ASN I 40 45.95 -3.45 -45.55
CA ASN I 40 47.34 -3.90 -45.48
C ASN I 40 48.29 -2.74 -45.21
N LEU I 41 49.58 -2.97 -45.43
CA LEU I 41 50.59 -1.95 -45.18
C LEU I 41 51.53 -1.77 -46.38
N GLY I 42 50.99 -1.97 -47.58
CA GLY I 42 51.79 -1.81 -48.78
C GLY I 42 53.02 -2.71 -48.83
N VAL I 43 54.04 -2.27 -49.56
CA VAL I 43 55.27 -3.03 -49.70
C VAL I 43 56.33 -2.54 -48.71
N PRO I 44 57.01 -3.48 -48.04
CA PRO I 44 58.05 -3.13 -47.06
C PRO I 44 59.10 -2.19 -47.64
N LEU I 45 59.58 -1.26 -46.82
CA LEU I 45 60.59 -0.29 -47.26
C LEU I 45 61.99 -0.86 -47.09
N PRO I 46 62.96 -0.31 -47.83
CA PRO I 46 64.36 -0.76 -47.77
C PRO I 46 65.03 -0.45 -46.43
N THR I 47 65.94 -1.32 -46.01
CA THR I 47 66.65 -1.15 -44.76
C THR I 47 67.81 -0.16 -44.92
N LEU I 48 67.82 0.86 -44.06
CA LEU I 48 68.87 1.87 -44.10
C LEU I 48 70.13 1.27 -43.47
N LYS I 49 71.27 1.46 -44.14
CA LYS I 49 72.53 0.93 -43.67
C LYS I 49 73.12 1.72 -42.50
N TYR I 50 72.43 2.78 -42.10
CA TYR I 50 72.88 3.61 -40.99
C TYR I 50 72.30 3.08 -39.68
N LYS I 51 73.10 3.09 -38.62
CA LYS I 51 72.62 2.61 -37.32
C LYS I 51 71.92 3.73 -36.58
N TYR I 52 70.84 3.39 -35.89
CA TYR I 52 70.06 4.37 -35.14
C TYR I 52 70.40 4.35 -33.66
N LYS I 53 70.56 5.54 -33.08
CA LYS I 53 70.88 5.70 -31.67
C LYS I 53 70.37 7.03 -31.14
N GLN I 54 70.42 7.20 -29.82
CA GLN I 54 69.96 8.44 -29.19
C GLN I 54 71.10 9.12 -28.43
N ASN I 55 71.63 10.19 -29.01
CA ASN I 55 72.73 10.93 -28.40
C ASN I 55 72.18 12.11 -27.59
N ARG I 56 73.00 12.63 -26.67
CA ARG I 56 72.60 13.75 -25.85
C ARG I 56 73.65 14.86 -25.90
N MET J 1 25.69 -54.27 -4.24
CA MET J 1 24.28 -53.77 -4.24
C MET J 1 23.30 -54.94 -4.27
N GLY J 2 23.51 -55.86 -5.21
CA GLY J 2 22.64 -57.01 -5.34
C GLY J 2 22.84 -57.99 -4.19
N ALA J 3 24.07 -58.07 -3.71
CA ALA J 3 24.39 -58.99 -2.61
C ALA J 3 24.03 -58.36 -1.27
N LYS J 4 23.90 -57.04 -1.25
CA LYS J 4 23.57 -56.35 -0.01
C LYS J 4 22.06 -56.31 0.23
N LEU J 5 21.31 -56.09 -0.85
CA LEU J 5 19.85 -56.05 -0.75
C LEU J 5 19.35 -57.37 -0.19
N ALA J 6 19.66 -58.46 -0.89
CA ALA J 6 19.25 -59.79 -0.49
C ALA J 6 19.48 -60.04 0.99
N LYS J 7 20.67 -59.69 1.48
CA LYS J 7 21.02 -59.89 2.88
C LYS J 7 20.06 -59.19 3.83
N THR J 8 20.04 -57.86 3.79
CA THR J 8 19.17 -57.08 4.66
C THR J 8 17.72 -57.54 4.65
N LEU J 9 17.24 -58.05 3.51
CA LEU J 9 15.86 -58.52 3.43
C LEU J 9 15.56 -59.60 4.45
N GLN J 10 16.57 -60.34 4.89
CA GLN J 10 16.36 -61.38 5.88
C GLN J 10 16.31 -60.78 7.28
N ARG J 11 17.19 -59.83 7.55
CA ARG J 11 17.24 -59.18 8.85
C ARG J 11 15.99 -58.33 9.05
N PHE J 12 15.25 -58.11 7.97
CA PHE J 12 14.01 -57.35 8.02
C PHE J 12 12.88 -58.30 8.37
N GLU J 13 12.75 -59.36 7.59
CA GLU J 13 11.73 -60.37 7.82
C GLU J 13 12.02 -61.12 9.12
N ASN J 14 13.15 -60.78 9.74
CA ASN J 14 13.55 -61.39 11.00
C ASN J 14 12.95 -60.52 12.09
N LYS J 15 12.87 -59.22 11.81
CA LYS J 15 12.29 -58.26 12.76
C LYS J 15 10.78 -58.36 12.71
N ILE J 16 10.27 -58.98 11.63
CA ILE J 16 8.82 -59.15 11.47
C ILE J 16 8.36 -60.40 12.19
N LYS J 17 9.15 -61.47 12.09
CA LYS J 17 8.80 -62.72 12.75
C LYS J 17 9.11 -62.64 14.23
N ALA J 18 9.81 -61.56 14.62
CA ALA J 18 10.17 -61.35 16.01
C ALA J 18 9.15 -60.45 16.69
N GLY J 19 8.41 -59.70 15.88
CA GLY J 19 7.40 -58.80 16.42
C GLY J 19 7.76 -57.34 16.23
N ASP J 20 9.04 -57.07 16.01
CA ASP J 20 9.52 -55.71 15.80
C ASP J 20 9.00 -55.13 14.49
N TYR J 21 7.72 -54.79 14.46
CA TYR J 21 7.11 -54.24 13.26
C TYR J 21 7.60 -52.81 13.00
N TYR J 22 7.55 -51.97 14.02
CA TYR J 22 7.99 -50.59 13.89
C TYR J 22 9.41 -50.53 13.34
N GLU J 23 10.31 -51.27 13.98
CA GLU J 23 11.71 -51.32 13.56
C GLU J 23 11.82 -51.71 12.09
N ALA J 24 11.18 -52.82 11.72
CA ALA J 24 11.20 -53.31 10.36
C ALA J 24 10.68 -52.31 9.34
N HIS J 25 9.59 -51.64 9.67
CA HIS J 25 8.98 -50.67 8.77
C HIS J 25 9.79 -49.37 8.64
N GLN J 26 10.18 -48.79 9.76
CA GLN J 26 10.94 -47.56 9.79
C GLN J 26 12.26 -47.69 9.03
N THR J 27 13.04 -48.71 9.38
CA THR J 27 14.33 -48.95 8.75
C THR J 27 14.24 -49.08 7.22
N LEU J 28 13.36 -49.97 6.76
CA LEU J 28 13.19 -50.22 5.34
C LEU J 28 12.84 -48.97 4.53
N ARG J 29 11.90 -48.16 5.03
CA ARG J 29 11.49 -46.96 4.31
C ARG J 29 12.62 -45.95 4.16
N THR J 30 13.30 -45.64 5.26
CA THR J 30 14.40 -44.68 5.21
C THR J 30 15.47 -45.14 4.23
N ILE J 31 15.75 -46.45 4.25
CA ILE J 31 16.73 -47.03 3.35
C ILE J 31 16.22 -46.97 1.92
N ALA J 32 14.94 -47.25 1.75
CA ALA J 32 14.31 -47.24 0.43
C ALA J 32 14.31 -45.83 -0.12
N ASN J 33 14.05 -44.85 0.74
CA ASN J 33 14.03 -43.45 0.34
C ASN J 33 15.39 -43.06 -0.23
N ARG J 34 16.44 -43.63 0.35
CA ARG J 34 17.81 -43.35 -0.10
C ARG J 34 17.99 -43.78 -1.55
N TYR J 35 17.52 -44.98 -1.88
CA TYR J 35 17.63 -45.47 -3.25
C TYR J 35 16.88 -44.56 -4.20
N VAL J 36 15.69 -44.14 -3.78
CA VAL J 36 14.85 -43.26 -4.58
C VAL J 36 15.52 -41.90 -4.79
N ARG J 37 16.17 -41.41 -3.74
CA ARG J 37 16.85 -40.12 -3.80
C ARG J 37 17.98 -40.14 -4.84
N SER J 38 18.58 -41.31 -5.02
CA SER J 38 19.66 -41.47 -5.99
C SER J 38 19.13 -41.99 -7.32
N LYS J 39 17.81 -41.98 -7.47
CA LYS J 39 17.15 -42.43 -8.68
C LYS J 39 17.37 -43.91 -9.00
N SER J 40 17.78 -44.67 -7.99
CA SER J 40 18.01 -46.11 -8.17
C SER J 40 16.67 -46.81 -7.94
N TYR J 41 15.65 -46.35 -8.65
CA TYR J 41 14.30 -46.88 -8.56
C TYR J 41 14.22 -48.40 -8.47
N GLU J 42 14.72 -49.07 -9.51
CA GLU J 42 14.70 -50.52 -9.58
C GLU J 42 15.00 -51.19 -8.24
N HIS J 43 16.04 -50.73 -7.57
CA HIS J 43 16.40 -51.28 -6.27
C HIS J 43 15.31 -51.05 -5.23
N ALA J 44 14.84 -49.81 -5.14
CA ALA J 44 13.78 -49.46 -4.20
C ALA J 44 12.52 -50.28 -4.45
N ILE J 45 12.19 -50.49 -5.72
CA ILE J 45 11.01 -51.25 -6.09
C ILE J 45 11.03 -52.66 -5.54
N GLU J 46 12.15 -53.36 -5.69
CA GLU J 46 12.25 -54.72 -5.18
C GLU J 46 12.21 -54.75 -3.66
N LEU J 47 12.91 -53.79 -3.05
CA LEU J 47 12.95 -53.69 -1.59
C LEU J 47 11.57 -53.42 -1.02
N ILE J 48 10.93 -52.34 -1.51
CA ILE J 48 9.61 -51.96 -1.04
C ILE J 48 8.61 -53.09 -1.23
N SER J 49 8.52 -53.59 -2.46
CA SER J 49 7.60 -54.68 -2.78
C SER J 49 7.79 -55.87 -1.85
N GLN J 50 9.04 -56.32 -1.72
CA GLN J 50 9.36 -57.46 -0.86
C GLN J 50 8.93 -57.19 0.58
N GLY J 51 9.17 -55.96 1.04
CA GLY J 51 8.80 -55.59 2.39
C GLY J 51 7.29 -55.62 2.58
N ALA J 52 6.56 -55.16 1.57
CA ALA J 52 5.11 -55.13 1.63
C ALA J 52 4.54 -56.55 1.65
N LEU J 53 5.18 -57.43 0.89
CA LEU J 53 4.74 -58.83 0.82
C LEU J 53 4.78 -59.46 2.20
N SER J 54 5.95 -59.40 2.84
CA SER J 54 6.13 -59.98 4.17
C SER J 54 5.14 -59.41 5.19
N PHE J 55 4.95 -58.10 5.17
CA PHE J 55 4.02 -57.46 6.10
C PHE J 55 2.61 -58.03 5.93
N LEU J 56 2.17 -58.15 4.68
CA LEU J 56 0.85 -58.67 4.39
C LEU J 56 0.74 -60.14 4.77
N LYS J 57 1.84 -60.88 4.60
CA LYS J 57 1.85 -62.30 4.95
C LYS J 57 1.82 -62.48 6.46
N ALA J 58 2.24 -61.45 7.19
CA ALA J 58 2.26 -61.50 8.64
C ALA J 58 0.99 -60.88 9.23
N LYS J 59 0.00 -60.66 8.38
CA LYS J 59 -1.27 -60.08 8.79
C LYS J 59 -1.11 -58.66 9.32
N GLN J 60 -0.14 -57.93 8.79
CA GLN J 60 0.11 -56.56 9.20
C GLN J 60 -0.36 -55.57 8.13
N GLY J 61 -1.68 -55.48 7.97
CA GLY J 61 -2.25 -54.59 6.98
C GLY J 61 -1.70 -53.18 7.04
N GLY J 62 -1.60 -52.63 8.25
CA GLY J 62 -1.09 -51.29 8.40
C GLY J 62 0.15 -51.01 7.57
N SER J 63 1.26 -51.68 7.91
CA SER J 63 2.51 -51.51 7.19
C SER J 63 2.37 -51.94 5.73
N GLY J 64 1.79 -53.12 5.53
CA GLY J 64 1.61 -53.63 4.17
C GLY J 64 0.94 -52.62 3.26
N THR J 65 -0.18 -52.07 3.70
CA THR J 65 -0.91 -51.08 2.91
C THR J 65 -0.02 -49.87 2.61
N ASP J 66 0.61 -49.34 3.65
CA ASP J 66 1.48 -48.18 3.51
C ASP J 66 2.54 -48.40 2.42
N LEU J 67 3.25 -49.52 2.49
CA LEU J 67 4.28 -49.83 1.52
C LEU J 67 3.75 -49.90 0.09
N ILE J 68 2.55 -50.44 -0.07
CA ILE J 68 1.94 -50.54 -1.40
C ILE J 68 1.85 -49.15 -2.01
N PHE J 69 1.33 -48.20 -1.22
CA PHE J 69 1.20 -46.82 -1.68
C PHE J 69 2.57 -46.27 -2.05
N TYR J 70 3.54 -46.49 -1.17
CA TYR J 70 4.90 -46.01 -1.38
C TYR J 70 5.45 -46.58 -2.69
N LEU J 71 5.21 -47.86 -2.93
CA LEU J 71 5.65 -48.52 -4.15
C LEU J 71 5.05 -47.79 -5.34
N LEU J 72 3.74 -47.57 -5.29
CA LEU J 72 3.03 -46.88 -6.35
C LEU J 72 3.63 -45.51 -6.62
N GLU J 73 3.97 -44.78 -5.55
CA GLU J 73 4.56 -43.46 -5.71
C GLU J 73 5.80 -43.55 -6.57
N VAL J 74 6.66 -44.53 -6.27
CA VAL J 74 7.89 -44.73 -7.03
C VAL J 74 7.52 -45.09 -8.46
N TYR J 75 6.56 -46.00 -8.61
CA TYR J 75 6.09 -46.44 -9.91
C TYR J 75 5.80 -45.25 -10.81
N ASP J 76 5.18 -44.21 -10.24
CA ASP J 76 4.85 -43.00 -10.98
C ASP J 76 6.06 -42.09 -11.08
N LEU J 77 6.97 -42.21 -10.13
CA LEU J 77 8.18 -41.39 -10.11
C LEU J 77 9.22 -41.93 -11.09
N ALA J 78 9.20 -43.25 -11.28
CA ALA J 78 10.12 -43.91 -12.20
C ALA J 78 9.45 -44.09 -13.55
N GLU J 79 8.22 -43.59 -13.66
CA GLU J 79 7.43 -43.69 -14.88
C GLU J 79 7.39 -45.13 -15.37
N VAL J 80 7.35 -46.07 -14.43
CA VAL J 80 7.30 -47.48 -14.76
C VAL J 80 6.10 -47.75 -15.67
N LYS J 81 6.39 -48.23 -16.87
CA LYS J 81 5.34 -48.52 -17.86
C LYS J 81 4.63 -49.83 -17.55
N VAL J 82 3.37 -49.91 -17.95
CA VAL J 82 2.55 -51.09 -17.71
C VAL J 82 2.91 -52.27 -18.61
N ASP J 83 3.37 -53.34 -17.97
CA ASP J 83 3.75 -54.56 -18.68
C ASP J 83 3.67 -55.74 -17.71
N ASP J 84 3.98 -56.94 -18.19
CA ASP J 84 3.93 -58.14 -17.34
C ASP J 84 4.59 -57.94 -15.98
N ILE J 85 5.89 -57.67 -15.98
CA ILE J 85 6.63 -57.47 -14.74
C ILE J 85 5.95 -56.47 -13.82
N SER J 86 5.71 -55.27 -14.34
CA SER J 86 5.06 -54.20 -13.57
C SER J 86 3.75 -54.66 -12.93
N VAL J 87 2.90 -55.31 -13.74
CA VAL J 87 1.61 -55.79 -13.24
C VAL J 87 1.81 -56.91 -12.22
N ALA J 88 2.67 -57.85 -12.56
CA ALA J 88 2.95 -59.00 -11.70
C ALA J 88 3.20 -58.61 -10.24
N ARG J 89 4.07 -57.63 -10.02
CA ARG J 89 4.38 -57.18 -8.66
C ARG J 89 3.12 -56.82 -7.88
N LEU J 90 2.21 -56.10 -8.54
CA LEU J 90 0.97 -55.68 -7.91
C LEU J 90 0.03 -56.86 -7.69
N VAL J 91 -0.01 -57.78 -8.65
CA VAL J 91 -0.87 -58.95 -8.54
C VAL J 91 -0.44 -59.81 -7.35
N ARG J 92 0.87 -60.00 -7.21
CA ARG J 92 1.42 -60.78 -6.12
C ARG J 92 1.10 -60.17 -4.75
N LEU J 93 1.04 -58.84 -4.70
CA LEU J 93 0.73 -58.13 -3.47
C LEU J 93 -0.77 -58.16 -3.18
N ILE J 94 -1.57 -58.06 -4.24
CA ILE J 94 -3.02 -58.07 -4.10
C ILE J 94 -3.51 -59.41 -3.56
N ALA J 95 -2.79 -60.47 -3.90
CA ALA J 95 -3.15 -61.81 -3.45
C ALA J 95 -3.02 -61.97 -1.94
N GLU J 96 -2.06 -61.28 -1.35
CA GLU J 96 -1.84 -61.37 0.09
C GLU J 96 -2.68 -60.37 0.89
N LEU J 97 -3.40 -59.50 0.18
CA LEU J 97 -4.24 -58.50 0.83
C LEU J 97 -5.44 -59.14 1.53
N ASP J 98 -5.76 -58.62 2.71
CA ASP J 98 -6.90 -59.12 3.48
C ASP J 98 -8.16 -58.47 2.93
N PRO J 99 -9.13 -59.27 2.47
CA PRO J 99 -10.38 -58.77 1.92
C PRO J 99 -11.08 -57.72 2.79
N SER J 100 -10.74 -57.70 4.08
CA SER J 100 -11.33 -56.75 5.00
C SER J 100 -10.47 -55.51 5.26
N GLU J 101 -9.29 -55.47 4.66
CA GLU J 101 -8.39 -54.33 4.84
C GLU J 101 -9.09 -53.01 4.60
N PRO J 102 -9.13 -52.15 5.63
CA PRO J 102 -9.78 -50.82 5.57
C PRO J 102 -9.32 -49.93 4.42
N ASN J 103 -8.22 -50.31 3.78
CA ASN J 103 -7.69 -49.52 2.66
C ASN J 103 -7.92 -50.20 1.31
N LEU J 104 -8.28 -51.47 1.34
CA LEU J 104 -8.53 -52.26 0.13
C LEU J 104 -8.83 -51.42 -1.12
N LYS J 105 -10.02 -50.82 -1.16
CA LYS J 105 -10.43 -50.01 -2.31
C LYS J 105 -9.39 -48.97 -2.72
N ASP J 106 -8.80 -48.28 -1.75
CA ASP J 106 -7.80 -47.27 -2.06
C ASP J 106 -6.60 -47.91 -2.75
N VAL J 107 -6.13 -49.02 -2.19
CA VAL J 107 -5.00 -49.75 -2.76
C VAL J 107 -5.32 -50.12 -4.21
N ILE J 108 -6.47 -50.73 -4.41
CA ILE J 108 -6.93 -51.14 -5.73
C ILE J 108 -6.95 -49.97 -6.70
N THR J 109 -7.56 -48.86 -6.27
CA THR J 109 -7.66 -47.66 -7.10
C THR J 109 -6.27 -47.20 -7.52
N GLY J 110 -5.38 -47.02 -6.55
CA GLY J 110 -4.03 -46.58 -6.85
C GLY J 110 -3.35 -47.42 -7.90
N MET J 111 -3.40 -48.74 -7.75
CA MET J 111 -2.78 -49.65 -8.70
C MET J 111 -3.36 -49.46 -10.10
N ASN J 112 -4.69 -49.49 -10.18
CA ASN J 112 -5.37 -49.33 -11.46
C ASN J 112 -5.08 -47.98 -12.10
N ASN J 113 -5.08 -46.91 -11.31
CA ASN J 113 -4.80 -45.59 -11.84
C ASN J 113 -3.44 -45.60 -12.52
N TRP J 114 -2.47 -46.23 -11.86
CA TRP J 114 -1.12 -46.32 -12.41
C TRP J 114 -1.15 -46.99 -13.78
N SER J 115 -1.88 -48.11 -13.87
CA SER J 115 -1.97 -48.85 -15.12
C SER J 115 -2.58 -47.99 -16.22
N ILE J 116 -3.52 -47.12 -15.86
CA ILE J 116 -4.17 -46.25 -16.82
C ILE J 116 -3.20 -45.19 -17.38
N LYS J 117 -2.42 -44.59 -16.50
CA LYS J 117 -1.46 -43.56 -16.90
C LYS J 117 -0.31 -44.10 -17.73
N PHE J 118 0.07 -45.35 -17.51
CA PHE J 118 1.18 -45.94 -18.26
C PHE J 118 0.79 -47.08 -19.19
N SER J 119 -0.36 -46.94 -19.84
CA SER J 119 -0.86 -47.94 -20.78
C SER J 119 -1.82 -47.25 -21.74
N GLU J 120 -2.30 -47.98 -22.73
CA GLU J 120 -3.23 -47.40 -23.69
C GLU J 120 -4.68 -47.70 -23.33
N TYR J 121 -4.88 -48.32 -22.16
CA TYR J 121 -6.22 -48.64 -21.70
C TYR J 121 -6.77 -47.46 -20.90
N LYS J 122 -7.91 -46.93 -21.32
CA LYS J 122 -8.53 -45.79 -20.65
C LYS J 122 -9.01 -46.14 -19.24
N PHE J 123 -9.22 -47.42 -18.98
CA PHE J 123 -9.70 -47.84 -17.67
C PHE J 123 -8.76 -48.78 -16.93
N GLY J 124 -7.56 -48.98 -17.47
CA GLY J 124 -6.60 -49.85 -16.81
C GLY J 124 -6.32 -51.14 -17.55
N ASP J 125 -5.23 -51.81 -17.16
CA ASP J 125 -4.84 -53.07 -17.78
C ASP J 125 -5.81 -54.20 -17.48
N PRO J 126 -6.21 -54.96 -18.50
CA PRO J 126 -7.15 -56.09 -18.40
C PRO J 126 -6.75 -57.11 -17.34
N TYR J 127 -5.58 -57.73 -17.54
CA TYR J 127 -5.08 -58.74 -16.62
C TYR J 127 -5.15 -58.25 -15.18
N LEU J 128 -4.64 -57.04 -14.95
CA LEU J 128 -4.65 -56.43 -13.62
C LEU J 128 -6.07 -56.43 -13.04
N HIS J 129 -7.03 -56.06 -13.87
CA HIS J 129 -8.42 -56.00 -13.45
C HIS J 129 -8.92 -57.36 -12.98
N ASN J 130 -8.44 -58.42 -13.62
CA ASN J 130 -8.84 -59.78 -13.26
C ASN J 130 -8.54 -60.05 -11.79
N THR J 131 -7.36 -59.64 -11.34
CA THR J 131 -6.96 -59.84 -9.95
C THR J 131 -7.76 -58.93 -9.04
N ILE J 132 -7.79 -57.63 -9.38
CA ILE J 132 -8.52 -56.65 -8.62
C ILE J 132 -9.97 -57.08 -8.37
N GLY J 133 -10.62 -57.56 -9.43
CA GLY J 133 -11.99 -57.99 -9.32
C GLY J 133 -12.20 -59.03 -8.22
N SER J 134 -11.37 -60.06 -8.22
CA SER J 134 -11.47 -61.13 -7.24
C SER J 134 -11.32 -60.60 -5.82
N LYS J 135 -10.37 -59.69 -5.62
CA LYS J 135 -10.12 -59.11 -4.31
C LYS J 135 -11.35 -58.37 -3.79
N LEU J 136 -11.93 -57.52 -4.63
CA LEU J 136 -13.11 -56.76 -4.27
C LEU J 136 -14.25 -57.69 -3.89
N LEU J 137 -14.40 -58.78 -4.63
CA LEU J 137 -15.46 -59.75 -4.38
C LEU J 137 -15.30 -60.44 -3.04
N GLU J 138 -14.06 -60.57 -2.56
CA GLU J 138 -13.79 -61.22 -1.28
C GLU J 138 -14.27 -60.36 -0.12
N GLY J 139 -14.37 -59.05 -0.35
CA GLY J 139 -14.83 -58.15 0.69
C GLY J 139 -16.30 -57.82 0.51
N ASP J 140 -16.99 -58.66 -0.26
CA ASP J 140 -18.41 -58.48 -0.54
C ASP J 140 -18.72 -57.25 -1.39
N PHE J 141 -17.68 -56.66 -1.98
CA PHE J 141 -17.86 -55.48 -2.82
C PHE J 141 -18.24 -55.97 -4.22
N VAL J 142 -19.43 -56.55 -4.33
CA VAL J 142 -19.94 -57.09 -5.58
C VAL J 142 -19.95 -56.11 -6.75
N TYR J 143 -20.67 -55.00 -6.59
CA TYR J 143 -20.77 -54.00 -7.64
C TYR J 143 -19.42 -53.56 -8.20
N GLU J 144 -18.43 -53.39 -7.33
CA GLU J 144 -17.10 -53.00 -7.78
C GLU J 144 -16.43 -54.12 -8.54
N ALA J 145 -16.64 -55.36 -8.09
CA ALA J 145 -16.06 -56.52 -8.74
C ALA J 145 -16.64 -56.65 -10.15
N GLU J 146 -17.95 -56.52 -10.26
CA GLU J 146 -18.64 -56.62 -11.53
C GLU J 146 -17.99 -55.74 -12.60
N ARG J 147 -17.77 -54.47 -12.26
CA ARG J 147 -17.15 -53.52 -13.17
C ARG J 147 -15.78 -53.98 -13.65
N TYR J 148 -14.92 -54.33 -12.70
CA TYR J 148 -13.58 -54.80 -13.04
C TYR J 148 -13.60 -56.07 -13.88
N PHE J 149 -14.45 -57.01 -13.51
CA PHE J 149 -14.55 -58.26 -14.28
C PHE J 149 -15.01 -57.94 -15.70
N MET J 150 -15.96 -57.01 -15.80
CA MET J 150 -16.50 -56.61 -17.10
C MET J 150 -15.35 -56.14 -17.99
N LEU J 151 -14.39 -55.44 -17.38
CA LEU J 151 -13.24 -54.93 -18.10
C LEU J 151 -12.01 -55.78 -17.80
N GLY J 152 -12.22 -57.09 -17.65
CA GLY J 152 -11.12 -57.98 -17.35
C GLY J 152 -10.79 -58.93 -18.50
N THR J 153 -10.23 -60.09 -18.16
CA THR J 153 -9.87 -61.08 -19.15
C THR J 153 -10.91 -62.19 -19.25
N HIS J 154 -10.57 -63.27 -19.94
CA HIS J 154 -11.48 -64.39 -20.12
C HIS J 154 -11.84 -65.04 -18.79
N ASP J 155 -10.89 -65.08 -17.86
CA ASP J 155 -11.15 -65.66 -16.55
C ASP J 155 -12.12 -64.78 -15.79
N SER J 156 -12.01 -63.47 -15.99
CA SER J 156 -12.89 -62.52 -15.33
C SER J 156 -14.32 -62.78 -15.78
N MET J 157 -14.48 -63.10 -17.07
CA MET J 157 -15.79 -63.39 -17.63
C MET J 157 -16.42 -64.58 -16.91
N ILE J 158 -15.58 -65.56 -16.58
CA ILE J 158 -16.04 -66.75 -15.88
C ILE J 158 -16.42 -66.39 -14.45
N LYS J 159 -15.61 -65.53 -13.83
CA LYS J 159 -15.86 -65.09 -12.47
C LYS J 159 -16.98 -64.06 -12.40
N TYR J 160 -17.39 -63.56 -13.56
CA TYR J 160 -18.48 -62.59 -13.61
C TYR J 160 -19.79 -63.36 -13.73
N VAL J 161 -19.72 -64.51 -14.41
CA VAL J 161 -20.89 -65.36 -14.59
C VAL J 161 -21.16 -66.07 -13.26
N ASP J 162 -20.10 -66.29 -12.49
CA ASP J 162 -20.24 -66.95 -11.19
C ASP J 162 -20.76 -65.95 -10.18
N LEU J 163 -20.37 -64.69 -10.35
CA LEU J 163 -20.79 -63.62 -9.45
C LEU J 163 -22.29 -63.38 -9.63
N LEU J 164 -22.75 -63.43 -10.87
CA LEU J 164 -24.16 -63.23 -11.18
C LEU J 164 -24.99 -64.47 -10.88
N TRP J 165 -24.39 -65.64 -11.08
CA TRP J 165 -25.09 -66.90 -10.82
C TRP J 165 -25.29 -67.13 -9.34
N ASP J 166 -24.25 -66.87 -8.54
CA ASP J 166 -24.34 -67.06 -7.10
C ASP J 166 -25.26 -66.01 -6.48
N TRP J 167 -25.53 -64.95 -7.22
CA TRP J 167 -26.40 -63.88 -6.73
C TRP J 167 -27.84 -64.28 -7.02
N LEU J 168 -28.08 -64.79 -8.23
CA LEU J 168 -29.41 -65.23 -8.64
C LEU J 168 -29.89 -66.34 -7.71
N CYS J 169 -28.97 -67.23 -7.35
CA CYS J 169 -29.29 -68.35 -6.47
C CYS J 169 -29.62 -67.87 -5.06
N GLN J 170 -29.01 -66.76 -4.65
CA GLN J 170 -29.24 -66.20 -3.33
C GLN J 170 -30.67 -65.70 -3.16
N VAL J 171 -31.35 -65.45 -4.28
CA VAL J 171 -32.72 -64.97 -4.24
C VAL J 171 -33.66 -66.08 -3.79
N ASP J 172 -34.37 -65.86 -2.69
CA ASP J 172 -35.31 -66.85 -2.16
C ASP J 172 -36.54 -67.00 -3.05
N ASP J 173 -37.15 -65.89 -3.41
CA ASP J 173 -38.34 -65.91 -4.25
C ASP J 173 -38.00 -65.53 -5.69
N ILE J 174 -37.72 -66.54 -6.50
CA ILE J 174 -37.37 -66.33 -7.91
C ILE J 174 -38.63 -66.10 -8.74
N GLU J 175 -38.51 -65.28 -9.78
CA GLU J 175 -39.63 -64.98 -10.67
C GLU J 175 -39.16 -64.90 -12.11
N ASP J 176 -40.10 -64.77 -13.04
CA ASP J 176 -39.79 -64.69 -14.46
C ASP J 176 -38.90 -63.49 -14.81
N SER J 177 -39.14 -62.36 -14.14
CA SER J 177 -38.36 -61.15 -14.40
C SER J 177 -37.09 -61.09 -13.56
N THR J 178 -36.96 -62.02 -12.62
CA THR J 178 -35.79 -62.06 -11.75
C THR J 178 -34.56 -62.56 -12.48
N VAL J 179 -34.73 -63.63 -13.25
CA VAL J 179 -33.64 -64.22 -14.01
C VAL J 179 -33.10 -63.25 -15.06
N ALA J 180 -33.95 -62.34 -15.49
CA ALA J 180 -33.57 -61.35 -16.50
C ALA J 180 -32.70 -60.25 -15.91
N GLU J 181 -33.01 -59.86 -14.68
CA GLU J 181 -32.27 -58.80 -14.00
C GLU J 181 -30.78 -59.12 -13.87
N PHE J 182 -30.46 -60.42 -13.84
CA PHE J 182 -29.08 -60.86 -13.74
C PHE J 182 -28.48 -61.13 -15.11
N PHE J 183 -29.20 -61.92 -15.91
CA PHE J 183 -28.76 -62.28 -17.25
C PHE J 183 -28.55 -61.08 -18.16
N SER J 184 -29.45 -60.10 -18.07
CA SER J 184 -29.36 -58.91 -18.91
C SER J 184 -28.04 -58.15 -18.73
N ARG J 185 -27.51 -58.18 -17.51
CA ARG J 185 -26.25 -57.50 -17.22
C ARG J 185 -25.12 -58.00 -18.12
N LEU J 186 -25.07 -59.31 -18.33
CA LEU J 186 -24.05 -59.92 -19.18
C LEU J 186 -24.17 -59.43 -20.61
N VAL J 187 -25.39 -59.46 -21.14
CA VAL J 187 -25.65 -59.04 -22.52
C VAL J 187 -25.36 -57.56 -22.75
N PHE J 188 -25.86 -56.71 -21.87
CA PHE J 188 -25.67 -55.27 -22.01
C PHE J 188 -24.23 -54.81 -21.80
N ASN J 189 -23.63 -55.18 -20.68
CA ASN J 189 -22.25 -54.79 -20.39
C ASN J 189 -21.27 -55.16 -21.49
N TYR J 190 -21.26 -56.43 -21.87
CA TYR J 190 -20.34 -56.89 -22.92
C TYR J 190 -20.64 -56.28 -24.27
N LEU J 191 -21.91 -55.97 -24.52
CA LEU J 191 -22.28 -55.36 -25.80
C LEU J 191 -21.83 -53.91 -25.87
N PHE J 192 -21.65 -53.28 -24.71
CA PHE J 192 -21.21 -51.90 -24.68
C PHE J 192 -19.73 -51.82 -25.05
N ILE J 193 -18.93 -52.74 -24.51
CA ILE J 193 -17.51 -52.77 -24.80
C ILE J 193 -17.31 -53.57 -26.09
N SER J 194 -18.42 -53.87 -26.75
CA SER J 194 -18.41 -54.62 -28.01
C SER J 194 -17.55 -55.88 -27.95
N ASN J 195 -17.83 -56.74 -26.98
CA ASN J 195 -17.10 -57.99 -26.83
C ASN J 195 -18.06 -59.15 -27.08
N ILE J 196 -18.53 -59.25 -28.32
CA ILE J 196 -19.48 -60.28 -28.73
C ILE J 196 -19.08 -61.69 -28.28
N SER J 197 -17.79 -61.99 -28.33
CA SER J 197 -17.30 -63.32 -27.93
C SER J 197 -17.64 -63.61 -26.48
N PHE J 198 -17.36 -62.64 -25.61
CA PHE J 198 -17.64 -62.79 -24.18
C PHE J 198 -19.15 -62.77 -23.92
N ALA J 199 -19.86 -61.98 -24.72
CA ALA J 199 -21.31 -61.86 -24.58
C ALA J 199 -21.99 -63.20 -24.90
N HIS J 200 -21.47 -63.90 -25.90
CA HIS J 200 -22.02 -65.18 -26.30
C HIS J 200 -21.63 -66.30 -25.34
N GLU J 201 -20.38 -66.30 -24.89
CA GLU J 201 -19.91 -67.33 -23.98
C GLU J 201 -20.53 -67.18 -22.60
N SER J 202 -20.60 -65.96 -22.11
CA SER J 202 -21.19 -65.68 -20.80
C SER J 202 -22.66 -66.09 -20.83
N LYS J 203 -23.29 -65.85 -21.97
CA LYS J 203 -24.70 -66.18 -22.17
C LYS J 203 -24.92 -67.69 -22.12
N ASP J 204 -24.10 -68.42 -22.88
CA ASP J 204 -24.20 -69.87 -22.94
C ASP J 204 -23.99 -70.54 -21.59
N ILE J 205 -23.00 -70.09 -20.84
CA ILE J 205 -22.70 -70.65 -19.53
C ILE J 205 -23.81 -70.34 -18.52
N PHE J 206 -24.38 -69.15 -18.61
CA PHE J 206 -25.43 -68.74 -17.69
C PHE J 206 -26.78 -69.38 -18.02
N LEU J 207 -27.07 -69.52 -19.32
CA LEU J 207 -28.33 -70.11 -19.75
C LEU J 207 -28.37 -71.62 -19.52
N GLU J 208 -27.20 -72.26 -19.56
CA GLU J 208 -27.14 -73.70 -19.36
C GLU J 208 -27.29 -74.06 -17.87
N ARG J 209 -26.72 -73.24 -17.00
CA ARG J 209 -26.84 -73.48 -15.56
C ARG J 209 -28.29 -73.30 -15.18
N PHE J 210 -28.90 -72.26 -15.74
CA PHE J 210 -30.30 -71.93 -15.49
C PHE J 210 -31.23 -73.07 -15.89
N ILE J 211 -30.83 -73.80 -16.93
CA ILE J 211 -31.63 -74.92 -17.43
C ILE J 211 -31.44 -76.19 -16.59
N GLU J 212 -30.25 -76.36 -16.04
CA GLU J 212 -29.93 -77.54 -15.25
C GLU J 212 -30.33 -77.39 -13.77
N LYS J 213 -30.78 -76.21 -13.39
CA LYS J 213 -31.18 -75.98 -12.00
C LYS J 213 -32.68 -75.75 -11.86
N PHE J 214 -33.22 -74.83 -12.66
CA PHE J 214 -34.64 -74.51 -12.61
C PHE J 214 -35.50 -75.38 -13.50
N HIS J 215 -34.87 -76.02 -14.49
CA HIS J 215 -35.58 -76.90 -15.41
C HIS J 215 -36.79 -76.23 -16.07
N PRO J 216 -36.58 -75.04 -16.66
CA PRO J 216 -37.68 -74.33 -17.32
C PRO J 216 -38.02 -74.93 -18.67
N LYS J 217 -39.24 -74.69 -19.14
CA LYS J 217 -39.68 -75.20 -20.43
C LYS J 217 -39.02 -74.39 -21.55
N TYR J 218 -38.27 -75.07 -22.42
CA TYR J 218 -37.59 -74.41 -23.51
C TYR J 218 -37.41 -75.32 -24.72
N GLU J 219 -36.77 -74.77 -25.75
CA GLU J 219 -36.49 -75.51 -26.98
C GLU J 219 -35.54 -74.66 -27.82
N LYS J 220 -34.36 -75.20 -28.10
CA LYS J 220 -33.36 -74.49 -28.88
C LYS J 220 -33.72 -74.31 -30.35
N ILE J 221 -33.73 -73.06 -30.79
CA ILE J 221 -34.04 -72.72 -32.17
C ILE J 221 -32.75 -72.40 -32.90
N ASP J 222 -32.48 -73.14 -33.97
CA ASP J 222 -31.26 -72.95 -34.75
C ASP J 222 -31.55 -72.44 -36.16
N LYS J 223 -30.82 -71.41 -36.58
CA LYS J 223 -30.99 -70.83 -37.90
C LYS J 223 -29.72 -70.17 -38.41
N ASN J 224 -29.19 -70.70 -39.51
CA ASN J 224 -27.98 -70.18 -40.14
C ASN J 224 -26.78 -70.06 -39.20
N GLY J 225 -26.55 -71.10 -38.40
CA GLY J 225 -25.42 -71.08 -37.49
C GLY J 225 -25.69 -70.47 -36.12
N TYR J 226 -26.75 -69.67 -36.02
CA TYR J 226 -27.09 -69.04 -34.75
C TYR J 226 -28.15 -69.83 -33.98
N GLU J 227 -28.09 -69.73 -32.66
CA GLU J 227 -29.04 -70.43 -31.80
C GLU J 227 -29.65 -69.50 -30.76
N ILE J 228 -30.92 -69.72 -30.47
CA ILE J 228 -31.65 -68.91 -29.49
C ILE J 228 -32.49 -69.80 -28.57
N VAL J 229 -31.98 -70.04 -27.37
CA VAL J 229 -32.67 -70.86 -26.39
C VAL J 229 -34.01 -70.23 -26.04
N PHE J 230 -35.07 -70.65 -26.74
CA PHE J 230 -36.40 -70.12 -26.51
C PHE J 230 -37.03 -70.65 -25.23
N PHE J 231 -37.14 -69.80 -24.23
CA PHE J 231 -37.75 -70.21 -22.96
C PHE J 231 -39.25 -69.96 -23.02
N GLU J 232 -40.04 -70.97 -22.66
CA GLU J 232 -41.49 -70.87 -22.67
C GLU J 232 -42.07 -70.08 -21.52
N ASP J 233 -41.25 -69.78 -20.51
CA ASP J 233 -41.73 -69.03 -19.36
C ASP J 233 -40.85 -67.82 -19.04
N TYR J 234 -39.98 -67.46 -19.98
CA TYR J 234 -39.10 -66.31 -19.79
C TYR J 234 -38.93 -65.50 -21.08
N SER J 235 -39.91 -64.64 -21.35
CA SER J 235 -39.88 -63.81 -22.53
C SER J 235 -38.71 -62.84 -22.50
N ASP J 236 -38.40 -62.34 -21.29
CA ASP J 236 -37.29 -61.41 -21.12
C ASP J 236 -35.99 -62.00 -21.65
N LEU J 237 -35.78 -63.29 -21.39
CA LEU J 237 -34.58 -63.98 -21.85
C LEU J 237 -34.56 -64.15 -23.37
N ASN J 238 -35.74 -64.31 -23.96
CA ASN J 238 -35.83 -64.47 -25.41
C ASN J 238 -35.47 -63.16 -26.09
N PHE J 239 -36.08 -62.08 -25.61
CA PHE J 239 -35.83 -60.75 -26.15
C PHE J 239 -34.34 -60.42 -26.09
N LEU J 240 -33.75 -60.59 -24.91
CA LEU J 240 -32.35 -60.31 -24.69
C LEU J 240 -31.43 -61.08 -25.65
N GLN J 241 -31.76 -62.35 -25.90
CA GLN J 241 -30.95 -63.16 -26.80
C GLN J 241 -31.00 -62.62 -28.23
N LEU J 242 -32.17 -62.16 -28.64
CA LEU J 242 -32.34 -61.62 -29.98
C LEU J 242 -31.61 -60.29 -30.10
N LEU J 243 -31.63 -59.50 -29.03
CA LEU J 243 -30.98 -58.20 -29.02
C LEU J 243 -29.49 -58.35 -29.33
N LEU J 244 -28.88 -59.38 -28.75
CA LEU J 244 -27.46 -59.64 -28.96
C LEU J 244 -27.14 -59.83 -30.44
N ILE J 245 -27.75 -60.83 -31.05
CA ILE J 245 -27.55 -61.12 -32.46
C ILE J 245 -27.87 -59.91 -33.34
N THR J 246 -28.93 -59.20 -32.99
CA THR J 246 -29.35 -58.02 -33.74
C THR J 246 -28.20 -57.02 -33.85
N CYS J 247 -27.58 -56.70 -32.73
CA CYS J 247 -26.47 -55.76 -32.72
C CYS J 247 -25.34 -56.23 -33.64
N GLN J 248 -25.19 -57.55 -33.75
CA GLN J 248 -24.16 -58.13 -34.60
C GLN J 248 -24.41 -57.86 -36.08
N THR J 249 -25.66 -57.67 -36.45
CA THR J 249 -26.02 -57.42 -37.84
C THR J 249 -25.83 -55.94 -38.19
N ALA J 250 -25.94 -55.08 -37.19
CA ALA J 250 -25.81 -53.64 -37.38
C ALA J 250 -26.78 -53.15 -38.46
N ASP J 251 -27.96 -53.75 -38.49
CA ASP J 251 -28.99 -53.38 -39.46
C ASP J 251 -30.15 -52.70 -38.72
N ALA J 252 -30.38 -51.44 -39.04
CA ALA J 252 -31.43 -50.65 -38.41
C ALA J 252 -32.79 -51.32 -38.38
N SER J 253 -33.24 -51.81 -39.54
CA SER J 253 -34.55 -52.46 -39.65
C SER J 253 -34.78 -53.53 -38.57
N TYR J 254 -33.85 -54.45 -38.42
CA TYR J 254 -33.98 -55.53 -37.45
C TYR J 254 -34.13 -55.00 -36.02
N PHE J 255 -33.36 -53.98 -35.69
CA PHE J 255 -33.39 -53.39 -34.36
C PHE J 255 -34.74 -52.76 -34.05
N LEU J 256 -35.33 -52.11 -35.05
CA LEU J 256 -36.62 -51.46 -34.89
C LEU J 256 -37.75 -52.47 -34.76
N ASN J 257 -37.68 -53.54 -35.56
CA ASN J 257 -38.71 -54.57 -35.54
C ASN J 257 -38.73 -55.34 -34.23
N LEU J 258 -37.54 -55.60 -33.68
CA LEU J 258 -37.43 -56.33 -32.42
C LEU J 258 -38.04 -55.53 -31.28
N LYS J 259 -37.80 -54.21 -31.29
CA LYS J 259 -38.32 -53.34 -30.25
C LYS J 259 -39.83 -53.15 -30.36
N ASN J 260 -40.33 -53.05 -31.58
CA ASN J 260 -41.77 -52.85 -31.79
C ASN J 260 -42.59 -54.06 -31.40
N HIS J 261 -41.96 -55.23 -31.38
CA HIS J 261 -42.66 -56.46 -31.01
C HIS J 261 -42.67 -56.63 -29.49
N TYR J 262 -41.65 -56.07 -28.85
CA TYR J 262 -41.53 -56.14 -27.39
C TYR J 262 -41.60 -54.73 -26.81
N LEU J 263 -42.74 -54.08 -26.99
CA LEU J 263 -42.94 -52.72 -26.51
C LEU J 263 -42.62 -52.57 -25.02
N ASP J 264 -43.11 -53.51 -24.21
CA ASP J 264 -42.85 -53.46 -22.77
C ASP J 264 -41.36 -53.45 -22.46
N PHE J 265 -40.63 -54.41 -23.03
CA PHE J 265 -39.20 -54.51 -22.82
C PHE J 265 -38.48 -53.28 -23.36
N SER J 266 -39.05 -52.68 -24.39
CA SER J 266 -38.46 -51.49 -25.01
C SER J 266 -38.51 -50.28 -24.09
N GLN J 267 -39.35 -50.34 -23.06
CA GLN J 267 -39.46 -49.23 -22.12
C GLN J 267 -38.71 -49.52 -20.83
N ALA J 268 -38.51 -50.80 -20.55
CA ALA J 268 -37.78 -51.21 -19.35
C ALA J 268 -36.30 -50.94 -19.56
N TYR J 269 -35.84 -51.21 -20.78
CA TYR J 269 -34.44 -51.00 -21.14
C TYR J 269 -34.36 -49.81 -22.09
N LYS J 270 -35.11 -48.77 -21.78
CA LYS J 270 -35.15 -47.55 -22.58
C LYS J 270 -33.75 -47.01 -22.87
N SER J 271 -33.09 -46.51 -21.83
CA SER J 271 -31.75 -45.95 -21.97
C SER J 271 -30.76 -46.91 -22.61
N GLU J 272 -30.77 -48.17 -22.17
CA GLU J 272 -29.86 -49.17 -22.72
C GLU J 272 -30.04 -49.34 -24.22
N LEU J 273 -31.28 -49.48 -24.67
CA LEU J 273 -31.56 -49.65 -26.08
C LEU J 273 -31.15 -48.42 -26.88
N GLU J 274 -31.31 -47.24 -26.27
CA GLU J 274 -30.95 -45.99 -26.93
C GLU J 274 -29.47 -46.04 -27.29
N PHE J 275 -28.65 -46.46 -26.33
CA PHE J 275 -27.21 -46.56 -26.54
C PHE J 275 -26.89 -47.56 -27.64
N LEU J 276 -27.42 -48.77 -27.49
CA LEU J 276 -27.19 -49.84 -28.47
C LEU J 276 -27.57 -49.39 -29.88
N GLY J 277 -28.62 -48.58 -29.97
CA GLY J 277 -29.07 -48.09 -31.26
C GLY J 277 -28.13 -47.05 -31.85
N GLN J 278 -27.27 -46.49 -31.01
CA GLN J 278 -26.32 -45.48 -31.44
C GLN J 278 -24.98 -46.13 -31.80
N GLU J 279 -24.62 -47.17 -31.07
CA GLU J 279 -23.37 -47.89 -31.28
C GLU J 279 -23.46 -48.97 -32.36
N TYR J 280 -24.66 -49.46 -32.63
CA TYR J 280 -24.84 -50.50 -33.63
C TYR J 280 -25.77 -50.14 -34.78
N PHE J 281 -26.48 -49.02 -34.68
CA PHE J 281 -27.41 -48.64 -35.73
C PHE J 281 -27.33 -47.18 -36.14
N ASN J 282 -26.35 -46.47 -35.59
CA ASN J 282 -26.15 -45.06 -35.91
C ASN J 282 -27.43 -44.24 -35.78
N ILE J 283 -28.09 -44.34 -34.63
CA ILE J 283 -29.32 -43.60 -34.38
C ILE J 283 -29.04 -42.40 -33.47
N VAL J 284 -29.39 -41.21 -33.95
CA VAL J 284 -29.19 -39.98 -33.19
C VAL J 284 -30.46 -39.57 -32.46
N ALA J 285 -31.60 -40.02 -32.96
CA ALA J 285 -32.89 -39.69 -32.36
C ALA J 285 -33.06 -40.40 -31.02
N PRO J 286 -33.41 -39.64 -29.96
CA PRO J 286 -33.60 -40.20 -28.61
C PRO J 286 -34.60 -41.36 -28.62
N LYS J 287 -34.73 -42.02 -27.48
CA LYS J 287 -35.66 -43.15 -27.35
C LYS J 287 -37.02 -42.68 -26.86
N GLN J 288 -38.02 -42.78 -27.72
CA GLN J 288 -39.38 -42.37 -27.37
C GLN J 288 -40.02 -43.33 -26.39
N THR J 289 -40.34 -42.84 -25.20
CA THR J 289 -40.96 -43.64 -24.16
C THR J 289 -42.29 -44.24 -24.62
N ASN J 290 -42.39 -45.57 -24.55
CA ASN J 290 -43.60 -46.26 -24.95
C ASN J 290 -44.72 -46.09 -23.93
N PHE J 291 -44.34 -46.12 -22.65
CA PHE J 291 -45.30 -45.99 -21.57
C PHE J 291 -45.00 -44.75 -20.72
N THR K 3 -46.45 -77.35 -25.90
CA THR K 3 -47.83 -76.92 -26.28
C THR K 3 -47.79 -75.68 -27.15
N SER K 4 -48.96 -75.07 -27.35
CA SER K 4 -49.07 -73.87 -28.17
C SER K 4 -49.48 -72.66 -27.34
N ALA K 5 -49.17 -72.70 -26.05
CA ALA K 5 -49.51 -71.60 -25.15
C ALA K 5 -48.50 -70.47 -25.32
N SER K 6 -47.40 -70.76 -26.01
CA SER K 6 -46.35 -69.77 -26.26
C SER K 6 -45.98 -69.76 -27.74
N GLY K 7 -46.86 -70.28 -28.57
CA GLY K 7 -46.61 -70.32 -30.00
C GLY K 7 -46.39 -68.96 -30.63
N PRO K 8 -47.24 -67.97 -30.35
CA PRO K 8 -47.10 -66.62 -30.91
C PRO K 8 -45.69 -66.05 -30.83
N GLU K 9 -45.10 -66.11 -29.64
CA GLU K 9 -43.75 -65.60 -29.45
C GLU K 9 -42.71 -66.55 -30.04
N HIS K 10 -42.99 -67.84 -29.97
CA HIS K 10 -42.07 -68.84 -30.50
C HIS K 10 -41.87 -68.71 -32.00
N GLU K 11 -42.94 -68.42 -32.73
CA GLU K 11 -42.83 -68.26 -34.17
C GLU K 11 -42.14 -66.95 -34.54
N PHE K 12 -42.24 -65.96 -33.66
CA PHE K 12 -41.61 -64.67 -33.90
C PHE K 12 -40.10 -64.80 -33.67
N VAL K 13 -39.74 -65.40 -32.54
CA VAL K 13 -38.34 -65.60 -32.19
C VAL K 13 -37.63 -66.48 -33.20
N SER K 14 -38.32 -67.51 -33.69
CA SER K 14 -37.75 -68.43 -34.67
C SER K 14 -37.56 -67.76 -36.02
N LYS K 15 -38.57 -67.02 -36.47
CA LYS K 15 -38.51 -66.35 -37.76
C LYS K 15 -37.56 -65.15 -37.73
N PHE K 16 -37.51 -64.45 -36.60
CA PHE K 16 -36.65 -63.30 -36.46
C PHE K 16 -35.19 -63.75 -36.49
N LEU K 17 -34.94 -64.96 -35.98
CA LEU K 17 -33.59 -65.51 -35.95
C LEU K 17 -33.18 -65.87 -37.38
N THR K 18 -34.06 -66.56 -38.09
CA THR K 18 -33.80 -66.98 -39.46
C THR K 18 -33.41 -65.74 -40.27
N LEU K 19 -34.32 -64.78 -40.31
CA LEU K 19 -34.12 -63.53 -41.03
C LEU K 19 -32.81 -62.85 -40.62
N ALA K 20 -32.62 -62.70 -39.32
CA ALA K 20 -31.42 -62.05 -38.79
C ALA K 20 -30.14 -62.78 -39.16
N THR K 21 -30.26 -64.00 -39.66
CA THR K 21 -29.09 -64.78 -40.03
C THR K 21 -29.03 -65.16 -41.52
N LEU K 22 -29.92 -64.57 -42.32
CA LEU K 22 -29.94 -64.86 -43.74
C LEU K 22 -28.53 -64.71 -44.32
N THR K 23 -27.81 -63.73 -43.80
CA THR K 23 -26.45 -63.46 -44.21
C THR K 23 -25.55 -63.40 -42.99
N GLU K 24 -24.31 -63.83 -43.14
CA GLU K 24 -23.36 -63.81 -42.03
C GLU K 24 -23.31 -62.39 -41.46
N PRO K 25 -23.87 -62.20 -40.25
CA PRO K 25 -23.90 -60.88 -39.61
C PRO K 25 -22.59 -60.13 -39.77
N LYS K 26 -22.67 -58.81 -39.86
CA LYS K 26 -21.48 -57.99 -40.02
C LYS K 26 -20.43 -58.34 -38.98
N LEU K 27 -20.87 -58.56 -37.75
CA LEU K 27 -19.96 -58.91 -36.67
C LEU K 27 -20.21 -60.35 -36.21
N PRO K 28 -19.19 -61.21 -36.35
CA PRO K 28 -19.32 -62.62 -35.95
C PRO K 28 -19.47 -62.80 -34.44
N LYS K 29 -19.75 -64.04 -34.03
CA LYS K 29 -19.93 -64.36 -32.62
C LYS K 29 -18.60 -64.37 -31.88
N SER K 30 -17.50 -64.49 -32.63
CA SER K 30 -16.16 -64.49 -32.04
C SER K 30 -15.58 -63.09 -32.01
N TYR K 31 -16.37 -62.12 -32.48
CA TYR K 31 -15.96 -60.73 -32.51
C TYR K 31 -15.66 -60.19 -31.12
N THR K 32 -14.61 -59.37 -31.02
CA THR K 32 -14.21 -58.77 -29.75
C THR K 32 -13.51 -57.43 -29.99
N LYS K 33 -14.20 -56.34 -29.66
CA LYS K 33 -13.62 -55.02 -29.84
C LYS K 33 -12.42 -54.93 -28.91
N PRO K 34 -11.20 -54.79 -29.48
CA PRO K 34 -9.99 -54.70 -28.67
C PRO K 34 -10.20 -53.84 -27.42
N LEU K 35 -10.01 -54.45 -26.26
CA LEU K 35 -10.19 -53.75 -24.99
C LEU K 35 -9.36 -52.47 -24.96
N LYS K 36 -8.33 -52.42 -25.80
CA LYS K 36 -7.46 -51.25 -25.88
C LYS K 36 -8.23 -50.09 -26.50
N ASP K 37 -9.25 -50.41 -27.30
CA ASP K 37 -10.04 -49.40 -27.98
C ASP K 37 -11.33 -49.05 -27.23
N VAL K 38 -11.60 -49.76 -26.15
CA VAL K 38 -12.81 -49.51 -25.36
C VAL K 38 -12.79 -48.09 -24.82
N THR K 39 -13.70 -47.26 -25.32
CA THR K 39 -13.77 -45.87 -24.90
C THR K 39 -14.58 -45.65 -23.62
N ASN K 40 -15.87 -45.95 -23.66
CA ASN K 40 -16.74 -45.78 -22.49
C ASN K 40 -17.25 -47.12 -21.98
N LEU K 41 -18.25 -47.07 -21.12
CA LEU K 41 -18.83 -48.28 -20.54
C LEU K 41 -20.34 -48.33 -20.68
N GLY K 42 -20.85 -47.73 -21.75
CA GLY K 42 -22.29 -47.72 -21.98
C GLY K 42 -23.10 -47.09 -20.86
N VAL K 43 -24.34 -47.51 -20.74
CA VAL K 43 -25.24 -46.98 -19.70
C VAL K 43 -25.25 -47.88 -18.47
N PRO K 44 -25.15 -47.29 -17.27
CA PRO K 44 -25.16 -48.03 -16.01
C PRO K 44 -26.34 -49.00 -15.92
N LEU K 45 -26.11 -50.15 -15.31
CA LEU K 45 -27.16 -51.15 -15.15
C LEU K 45 -27.97 -50.92 -13.88
N PRO K 46 -29.21 -51.44 -13.83
CA PRO K 46 -30.08 -51.27 -12.67
C PRO K 46 -29.58 -52.01 -11.43
N THR K 47 -29.83 -51.41 -10.26
CA THR K 47 -29.40 -52.00 -8.99
C THR K 47 -30.36 -53.10 -8.56
N LEU K 48 -29.81 -54.28 -8.29
CA LEU K 48 -30.60 -55.42 -7.84
C LEU K 48 -30.94 -55.22 -6.37
N LYS K 49 -32.20 -55.44 -6.02
CA LYS K 49 -32.66 -55.26 -4.65
C LYS K 49 -32.25 -56.41 -3.74
N TYR K 50 -31.55 -57.39 -4.29
CA TYR K 50 -31.10 -58.54 -3.51
C TYR K 50 -29.71 -58.24 -2.96
N LYS K 51 -29.46 -58.65 -1.72
CA LYS K 51 -28.17 -58.43 -1.09
C LYS K 51 -27.20 -59.55 -1.46
N TYR K 52 -25.94 -59.19 -1.70
CA TYR K 52 -24.93 -60.17 -2.07
C TYR K 52 -24.05 -60.58 -0.88
N LYS K 53 -23.80 -61.88 -0.76
CA LYS K 53 -22.98 -62.42 0.32
C LYS K 53 -22.33 -63.73 -0.12
N GLN K 54 -21.41 -64.23 0.70
CA GLN K 54 -20.73 -65.49 0.40
C GLN K 54 -20.99 -66.52 1.50
N ASN K 55 -21.83 -67.50 1.19
CA ASN K 55 -22.17 -68.55 2.15
C ASN K 55 -21.26 -69.76 1.93
N ARG K 56 -21.19 -70.63 2.94
CA ARG K 56 -20.37 -71.84 2.86
C ARG K 56 -21.18 -73.07 3.26
N VAL L 24 -15.66 15.02 -21.89
CA VAL L 24 -16.94 14.80 -21.14
C VAL L 24 -18.13 14.94 -22.07
N GLU L 25 -18.87 13.85 -22.25
CA GLU L 25 -20.05 13.88 -23.10
C GLU L 25 -21.22 14.46 -22.31
N PRO L 26 -21.84 15.54 -22.81
CA PRO L 26 -22.96 16.18 -22.13
C PRO L 26 -24.20 15.28 -22.08
N ASN L 27 -24.02 14.07 -21.58
CA ASN L 27 -25.12 13.11 -21.46
C ASN L 27 -24.86 12.14 -20.31
N LEU L 28 -25.87 11.31 -20.02
CA LEU L 28 -25.76 10.33 -18.95
C LEU L 28 -25.68 8.92 -19.52
N HIS L 29 -25.18 8.82 -20.75
CA HIS L 29 -25.05 7.53 -21.43
C HIS L 29 -24.31 6.50 -20.59
N SER L 30 -23.04 6.80 -20.28
CA SER L 30 -22.20 5.91 -19.49
C SER L 30 -22.88 5.39 -18.23
N LEU L 31 -23.80 6.19 -17.68
CA LEU L 31 -24.51 5.79 -16.47
C LEU L 31 -25.79 5.04 -16.79
N ILE L 32 -26.49 5.48 -17.84
CA ILE L 32 -27.73 4.84 -18.27
C ILE L 32 -27.48 3.41 -18.74
N THR L 33 -26.29 3.14 -19.23
CA THR L 33 -25.93 1.82 -19.72
C THR L 33 -25.06 1.03 -18.75
N SER L 34 -24.86 1.57 -17.56
CA SER L 34 -24.04 0.90 -16.55
C SER L 34 -24.83 -0.16 -15.79
N THR L 35 -24.28 -1.36 -15.73
CA THR L 35 -24.93 -2.47 -15.05
C THR L 35 -24.32 -2.74 -13.68
N THR L 36 -23.30 -1.97 -13.32
CA THR L 36 -22.64 -2.13 -12.03
C THR L 36 -23.26 -1.24 -10.97
N HIS L 37 -23.55 0.01 -11.34
CA HIS L 37 -24.15 0.97 -10.43
C HIS L 37 -25.40 0.37 -9.79
N LYS L 38 -25.53 0.54 -8.48
CA LYS L 38 -26.68 0.02 -7.75
C LYS L 38 -27.23 1.06 -6.78
N TRP L 39 -26.65 2.26 -6.84
CA TRP L 39 -27.07 3.36 -5.99
C TRP L 39 -27.03 4.66 -6.81
N ILE L 40 -28.20 5.12 -7.25
CA ILE L 40 -28.27 6.34 -8.06
C ILE L 40 -28.96 7.48 -7.33
N PHE L 41 -28.19 8.50 -6.98
CA PHE L 41 -28.70 9.67 -6.28
C PHE L 41 -29.20 10.73 -7.26
N VAL L 42 -30.22 11.47 -6.86
CA VAL L 42 -30.79 12.52 -7.71
C VAL L 42 -31.31 13.66 -6.83
N GLY L 43 -30.55 14.75 -6.77
CA GLY L 43 -30.97 15.89 -5.96
C GLY L 43 -31.11 17.17 -6.74
N GLY L 44 -31.68 18.18 -6.10
CA GLY L 44 -31.88 19.47 -6.76
C GLY L 44 -32.97 20.30 -6.11
N LYS L 45 -32.59 21.05 -5.08
CA LYS L 45 -33.55 21.90 -4.36
C LYS L 45 -33.87 23.16 -5.15
N GLY L 46 -35.14 23.54 -5.14
CA GLY L 46 -35.55 24.73 -5.86
C GLY L 46 -36.63 24.49 -6.91
N GLY L 47 -37.38 23.41 -6.76
CA GLY L 47 -38.42 23.10 -7.72
C GLY L 47 -37.84 23.24 -9.11
N VAL L 48 -36.66 22.65 -9.30
CA VAL L 48 -35.95 22.73 -10.57
C VAL L 48 -36.22 21.53 -11.48
N GLY L 49 -37.35 20.87 -11.26
CA GLY L 49 -37.70 19.72 -12.07
C GLY L 49 -36.99 18.45 -11.64
N LYS L 50 -36.77 18.33 -10.34
CA LYS L 50 -36.10 17.16 -9.78
C LYS L 50 -36.87 15.88 -10.11
N THR L 51 -38.17 15.91 -9.81
CA THR L 51 -39.04 14.75 -10.05
C THR L 51 -38.91 14.26 -11.48
N THR L 52 -38.92 15.19 -12.43
CA THR L 52 -38.81 14.87 -13.84
C THR L 52 -37.52 14.10 -14.15
N SER L 53 -36.38 14.74 -13.88
CA SER L 53 -35.08 14.14 -14.12
C SER L 53 -34.98 12.75 -13.49
N SER L 54 -35.55 12.59 -12.31
CA SER L 54 -35.51 11.32 -11.61
C SER L 54 -36.20 10.22 -12.41
N CYS L 55 -37.44 10.49 -12.83
CA CYS L 55 -38.21 9.52 -13.60
C CYS L 55 -37.52 9.27 -14.94
N SER L 56 -36.87 10.30 -15.47
CA SER L 56 -36.17 10.20 -16.74
C SER L 56 -34.97 9.26 -16.66
N ILE L 57 -34.08 9.52 -15.70
CA ILE L 57 -32.89 8.71 -15.51
C ILE L 57 -33.25 7.26 -15.19
N ALA L 58 -34.37 7.08 -14.50
CA ALA L 58 -34.82 5.74 -14.13
C ALA L 58 -35.32 4.97 -15.34
N ILE L 59 -36.06 5.65 -16.22
CA ILE L 59 -36.60 5.03 -17.42
C ILE L 59 -35.51 4.72 -18.43
N GLN L 60 -34.54 5.63 -18.58
CA GLN L 60 -33.45 5.44 -19.52
C GLN L 60 -32.59 4.24 -19.16
N MET L 61 -32.40 4.01 -17.86
CA MET L 61 -31.59 2.89 -17.41
C MET L 61 -32.35 1.56 -17.49
N ALA L 62 -33.65 1.63 -17.22
CA ALA L 62 -34.50 0.44 -17.26
C ALA L 62 -34.67 -0.07 -18.69
N LEU L 63 -34.79 0.85 -19.63
CA LEU L 63 -34.96 0.50 -21.04
C LEU L 63 -33.67 0.03 -21.68
N SER L 64 -32.54 0.58 -21.22
CA SER L 64 -31.24 0.22 -21.76
C SER L 64 -30.74 -1.10 -21.20
N GLN L 65 -31.23 -1.47 -20.02
CA GLN L 65 -30.81 -2.71 -19.37
C GLN L 65 -32.03 -3.50 -18.90
N PRO L 66 -32.77 -4.13 -19.84
CA PRO L 66 -33.96 -4.92 -19.52
C PRO L 66 -33.64 -6.18 -18.74
N ASN L 67 -32.34 -6.46 -18.56
CA ASN L 67 -31.92 -7.65 -17.84
C ASN L 67 -31.58 -7.32 -16.38
N LYS L 68 -32.10 -6.20 -15.90
CA LYS L 68 -31.87 -5.77 -14.52
C LYS L 68 -33.06 -4.98 -13.98
N GLN L 69 -33.43 -5.24 -12.73
CA GLN L 69 -34.54 -4.55 -12.10
C GLN L 69 -34.10 -3.23 -11.48
N PHE L 70 -34.86 -2.17 -11.76
CA PHE L 70 -34.57 -0.83 -11.25
C PHE L 70 -35.70 -0.36 -10.34
N LEU L 71 -35.35 0.47 -9.36
CA LEU L 71 -36.34 1.00 -8.43
C LEU L 71 -36.21 2.50 -8.20
N LEU L 72 -37.26 3.24 -8.55
CA LEU L 72 -37.28 4.68 -8.38
C LEU L 72 -38.08 5.02 -7.14
N ILE L 73 -37.40 5.54 -6.11
CA ILE L 73 -38.08 5.88 -4.88
C ILE L 73 -37.95 7.37 -4.52
N SER L 74 -39.05 7.94 -4.05
CA SER L 74 -39.10 9.35 -3.67
C SER L 74 -39.57 9.53 -2.23
N THR L 75 -39.29 10.70 -1.67
CA THR L 75 -39.69 11.01 -0.31
C THR L 75 -40.49 12.31 -0.27
N ASP L 76 -40.69 12.91 -1.44
CA ASP L 76 -41.44 14.14 -1.55
C ASP L 76 -42.90 13.91 -1.19
N PRO L 77 -43.39 14.60 -0.15
CA PRO L 77 -44.78 14.49 0.33
C PRO L 77 -45.84 14.85 -0.70
N ALA L 78 -45.41 15.40 -1.84
CA ALA L 78 -46.33 15.80 -2.89
C ALA L 78 -46.64 14.64 -3.83
N HIS L 79 -46.01 13.50 -3.59
CA HIS L 79 -46.22 12.32 -4.43
C HIS L 79 -45.99 12.69 -5.89
N ASN L 80 -44.79 13.18 -6.16
CA ASN L 80 -44.39 13.60 -7.50
C ASN L 80 -44.34 12.47 -8.52
N LEU L 81 -43.97 11.28 -8.08
CA LEU L 81 -43.87 10.14 -8.98
C LEU L 81 -45.25 9.64 -9.44
N SER L 82 -46.25 9.79 -8.58
CA SER L 82 -47.61 9.36 -8.92
C SER L 82 -48.27 10.37 -9.85
N ASP L 83 -47.81 11.61 -9.78
CA ASP L 83 -48.35 12.68 -10.61
C ASP L 83 -47.56 12.79 -11.92
N ALA L 84 -46.38 12.17 -11.94
CA ALA L 84 -45.52 12.20 -13.12
C ALA L 84 -45.85 11.06 -14.09
N PHE L 85 -46.18 9.90 -13.54
CA PHE L 85 -46.51 8.72 -14.34
C PHE L 85 -48.00 8.62 -14.63
N GLY L 86 -48.82 8.97 -13.65
CA GLY L 86 -50.26 8.90 -13.83
C GLY L 86 -50.89 7.72 -13.13
N GLU L 87 -50.21 7.21 -12.11
CA GLU L 87 -50.69 6.06 -11.35
C GLU L 87 -50.30 6.17 -9.88
N LYS L 88 -51.06 5.49 -9.02
CA LYS L 88 -50.80 5.53 -7.59
C LYS L 88 -49.63 4.66 -7.13
N PHE L 89 -48.65 5.30 -6.50
CA PHE L 89 -47.47 4.62 -5.99
C PHE L 89 -47.40 4.80 -4.48
N GLY L 90 -47.23 3.70 -3.75
CA GLY L 90 -47.16 3.78 -2.30
C GLY L 90 -45.88 3.18 -1.75
N LYS L 91 -45.89 2.87 -0.45
CA LYS L 91 -44.72 2.30 0.21
C LYS L 91 -44.42 0.93 -0.38
N ASP L 92 -45.38 0.37 -1.10
CA ASP L 92 -45.22 -0.93 -1.74
C ASP L 92 -44.79 -0.76 -3.19
N ALA L 93 -43.55 -1.15 -3.49
CA ALA L 93 -43.01 -1.03 -4.83
C ALA L 93 -43.91 -1.67 -5.89
N ARG L 94 -44.21 -0.90 -6.93
CA ARG L 94 -45.05 -1.39 -8.02
C ARG L 94 -44.43 -1.05 -9.37
N LYS L 95 -44.46 -2.02 -10.29
CA LYS L 95 -43.91 -1.83 -11.63
C LYS L 95 -44.76 -0.81 -12.35
N VAL L 96 -44.13 0.22 -12.92
CA VAL L 96 -44.88 1.23 -13.66
C VAL L 96 -45.55 0.50 -14.82
N THR L 97 -46.83 0.77 -15.03
CA THR L 97 -47.58 0.12 -16.11
C THR L 97 -46.92 0.28 -17.46
N GLY L 98 -46.67 -0.84 -18.13
CA GLY L 98 -46.06 -0.82 -19.44
C GLY L 98 -44.59 -1.22 -19.43
N MET L 99 -44.01 -1.27 -18.24
CA MET L 99 -42.61 -1.65 -18.08
C MET L 99 -42.51 -2.77 -17.05
N ASN L 100 -41.66 -3.76 -17.34
CA ASN L 100 -41.48 -4.88 -16.42
C ASN L 100 -40.03 -4.86 -15.92
N ASN L 101 -39.40 -3.69 -16.04
CA ASN L 101 -38.02 -3.54 -15.61
C ASN L 101 -37.88 -2.40 -14.60
N LEU L 102 -38.80 -1.44 -14.66
CA LEU L 102 -38.77 -0.30 -13.76
C LEU L 102 -39.87 -0.39 -12.70
N SER L 103 -39.55 0.05 -11.49
CA SER L 103 -40.50 0.03 -10.37
C SER L 103 -40.41 1.35 -9.60
N CYS L 104 -41.54 1.77 -9.04
CA CYS L 104 -41.59 3.01 -8.27
C CYS L 104 -41.94 2.80 -6.81
N MET L 105 -41.39 3.66 -5.95
CA MET L 105 -41.63 3.59 -4.51
C MET L 105 -41.77 4.99 -3.92
N GLU L 106 -42.88 5.22 -3.23
CA GLU L 106 -43.13 6.51 -2.59
C GLU L 106 -43.38 6.32 -1.10
N ILE L 107 -42.34 6.54 -0.31
CA ILE L 107 -42.44 6.39 1.14
C ILE L 107 -42.25 7.72 1.86
N ASP L 108 -42.72 7.77 3.10
CA ASP L 108 -42.61 8.99 3.91
C ASP L 108 -41.49 8.80 4.93
N PRO L 109 -40.33 9.43 4.70
CA PRO L 109 -39.17 9.33 5.59
C PRO L 109 -39.36 10.05 6.92
N SER L 110 -40.35 9.63 7.69
CA SER L 110 -40.63 10.23 8.98
C SER L 110 -41.82 9.53 9.65
N ALA L 111 -42.73 9.02 8.83
CA ALA L 111 -43.91 8.33 9.34
C ALA L 111 -43.55 6.92 9.80
N GLY L 150 -30.70 15.93 17.99
CA GLY L 150 -30.11 17.25 17.92
C GLY L 150 -28.89 17.38 18.81
N SER L 151 -28.56 16.31 19.52
CA SER L 151 -27.40 16.30 20.42
C SER L 151 -26.19 15.67 19.74
N ILE L 152 -26.41 14.53 19.09
CA ILE L 152 -25.34 13.82 18.40
C ILE L 152 -25.54 13.88 16.90
N PRO L 153 -24.55 14.40 16.16
CA PRO L 153 -24.63 14.50 14.70
C PRO L 153 -24.57 13.13 14.04
N GLY L 154 -25.34 12.96 12.96
CA GLY L 154 -25.34 11.70 12.26
C GLY L 154 -26.48 10.76 12.64
N ILE L 155 -26.77 10.67 13.94
CA ILE L 155 -27.83 9.81 14.43
C ILE L 155 -29.13 9.97 13.65
N ASP L 156 -29.74 11.14 13.76
CA ASP L 156 -31.00 11.43 13.09
C ASP L 156 -30.99 10.98 11.63
N GLU L 157 -29.96 11.39 10.89
CA GLU L 157 -29.84 11.03 9.48
C GLU L 157 -29.81 9.52 9.33
N ALA L 158 -29.05 8.86 10.19
CA ALA L 158 -28.94 7.41 10.16
C ALA L 158 -30.31 6.75 10.24
N LEU L 159 -31.05 7.06 11.29
CA LEU L 159 -32.39 6.52 11.49
C LEU L 159 -33.27 6.70 10.25
N SER L 160 -33.17 7.88 9.63
CA SER L 160 -33.95 8.18 8.44
C SER L 160 -33.62 7.29 7.25
N PHE L 161 -32.33 7.14 6.97
CA PHE L 161 -31.87 6.32 5.85
C PHE L 161 -32.05 4.84 6.14
N MET L 162 -31.72 4.43 7.36
CA MET L 162 -31.86 3.04 7.76
C MET L 162 -33.28 2.56 7.54
N GLU L 163 -34.25 3.46 7.78
CA GLU L 163 -35.66 3.14 7.61
C GLU L 163 -36.05 2.97 6.15
N VAL L 164 -35.49 3.79 5.27
CA VAL L 164 -35.82 3.70 3.86
C VAL L 164 -35.28 2.41 3.25
N MET L 165 -34.15 1.94 3.79
CA MET L 165 -33.54 0.71 3.30
C MET L 165 -34.32 -0.52 3.78
N LYS L 166 -35.07 -0.36 4.87
CA LYS L 166 -35.87 -1.47 5.38
C LYS L 166 -37.08 -1.61 4.47
N HIS L 167 -37.49 -0.50 3.88
CA HIS L 167 -38.63 -0.48 2.96
C HIS L 167 -38.21 -1.07 1.61
N ILE L 168 -36.91 -1.10 1.37
CA ILE L 168 -36.37 -1.63 0.13
C ILE L 168 -36.33 -3.16 0.20
N LYS L 169 -35.67 -3.68 1.22
CA LYS L 169 -35.55 -5.12 1.41
C LYS L 169 -36.91 -5.77 1.64
N ARG L 170 -37.86 -4.99 2.13
CA ARG L 170 -39.20 -5.50 2.38
C ARG L 170 -39.97 -5.67 1.09
N GLN L 171 -39.66 -4.86 0.10
CA GLN L 171 -40.33 -4.92 -1.20
C GLN L 171 -39.63 -5.89 -2.16
N GLU L 172 -38.49 -6.43 -1.72
CA GLU L 172 -37.75 -7.38 -2.54
C GLU L 172 -38.05 -8.80 -2.09
N GLN L 173 -38.77 -8.93 -0.99
CA GLN L 173 -39.16 -10.21 -0.44
C GLN L 173 -40.59 -10.50 -0.84
N GLY L 174 -41.42 -9.46 -0.76
CA GLY L 174 -42.80 -9.59 -1.13
C GLY L 174 -42.96 -9.24 -2.60
N GLU L 175 -42.45 -10.13 -3.45
CA GLU L 175 -42.51 -9.93 -4.90
C GLU L 175 -41.62 -8.77 -5.33
N GLY L 176 -40.87 -9.00 -6.41
CA GLY L 176 -39.95 -8.01 -6.92
C GLY L 176 -38.58 -8.65 -6.83
N GLU L 177 -38.43 -9.46 -5.79
CA GLU L 177 -37.22 -10.22 -5.51
C GLU L 177 -35.95 -9.40 -5.29
N THR L 178 -35.51 -8.66 -6.30
CA THR L 178 -34.30 -7.87 -6.15
C THR L 178 -34.08 -6.83 -7.25
N PHE L 179 -33.71 -5.63 -6.81
CA PHE L 179 -33.43 -4.52 -7.73
C PHE L 179 -31.92 -4.36 -7.82
N ASP L 180 -31.39 -4.40 -9.03
CA ASP L 180 -29.95 -4.26 -9.23
C ASP L 180 -29.44 -2.85 -8.96
N THR L 181 -30.22 -1.85 -9.35
CA THR L 181 -29.83 -0.45 -9.14
C THR L 181 -31.02 0.38 -8.71
N VAL L 182 -30.87 1.08 -7.58
CA VAL L 182 -31.95 1.91 -7.05
C VAL L 182 -31.75 3.38 -7.41
N ILE L 183 -32.83 4.03 -7.85
CA ILE L 183 -32.78 5.44 -8.22
C ILE L 183 -33.36 6.28 -7.08
N PHE L 184 -32.48 6.81 -6.23
CA PHE L 184 -32.91 7.62 -5.09
C PHE L 184 -33.33 9.04 -5.48
N ASP L 185 -34.62 9.31 -5.33
CA ASP L 185 -35.15 10.64 -5.64
C ASP L 185 -35.11 11.43 -4.33
N THR L 186 -33.93 11.92 -3.97
CA THR L 186 -33.73 12.68 -2.74
C THR L 186 -34.86 13.66 -2.47
N ALA L 187 -35.10 13.92 -1.18
CA ALA L 187 -36.15 14.84 -0.77
C ALA L 187 -35.87 16.24 -1.29
N PRO L 188 -36.90 17.10 -1.33
CA PRO L 188 -36.74 18.48 -1.80
C PRO L 188 -35.90 19.32 -0.84
N THR L 189 -36.08 19.09 0.45
CA THR L 189 -35.34 19.81 1.47
C THR L 189 -34.72 18.82 2.47
N GLY L 190 -33.90 19.34 3.37
CA GLY L 190 -33.27 18.48 4.36
C GLY L 190 -32.13 17.66 3.78
N HIS L 191 -30.94 17.87 4.32
CA HIS L 191 -29.75 17.15 3.86
C HIS L 191 -29.82 15.70 4.35
N THR L 192 -30.58 14.88 3.63
CA THR L 192 -30.74 13.48 4.00
C THR L 192 -29.43 12.70 3.87
N LEU L 193 -28.37 13.37 3.45
CA LEU L 193 -27.07 12.73 3.30
C LEU L 193 -26.07 13.26 4.33
N ARG L 194 -26.59 13.85 5.41
CA ARG L 194 -25.72 14.40 6.44
C ARG L 194 -24.93 13.29 7.14
N PHE L 195 -25.58 12.15 7.35
CA PHE L 195 -24.92 11.03 8.02
C PHE L 195 -23.83 10.42 7.14
N LEU L 196 -23.59 11.04 5.98
CA LEU L 196 -22.57 10.53 5.07
C LEU L 196 -21.19 11.04 5.45
N GLN L 197 -21.03 11.45 6.70
CA GLN L 197 -19.74 11.96 7.15
C GLN L 197 -19.45 11.60 8.61
N LEU L 198 -20.51 11.35 9.38
CA LEU L 198 -20.33 10.99 10.78
C LEU L 198 -19.48 9.74 10.93
N PRO L 199 -19.83 8.65 10.23
CA PRO L 199 -19.08 7.39 10.31
C PRO L 199 -17.57 7.53 10.12
N ASN L 200 -17.14 8.44 9.25
CA ASN L 200 -15.72 8.63 9.02
C ASN L 200 -15.17 9.52 10.14
N THR L 201 -16.00 10.47 10.56
CA THR L 201 -15.63 11.41 11.62
C THR L 201 -15.30 10.68 12.91
N LEU L 202 -16.33 10.21 13.59
CA LEU L 202 -16.17 9.51 14.86
C LEU L 202 -15.09 8.43 14.81
N SER L 203 -14.98 7.74 13.67
CA SER L 203 -13.98 6.69 13.52
C SER L 203 -12.57 7.25 13.64
N LYS L 204 -12.25 8.27 12.86
CA LYS L 204 -10.92 8.86 12.92
C LYS L 204 -10.58 9.29 14.34
N LEU L 205 -11.61 9.69 15.09
CA LEU L 205 -11.40 10.09 16.48
C LEU L 205 -10.99 8.88 17.29
N LEU L 206 -11.45 7.70 16.88
CA LEU L 206 -11.09 6.46 17.56
C LEU L 206 -9.59 6.23 17.39
N GLU L 207 -9.10 6.57 16.20
CA GLU L 207 -7.68 6.40 15.90
C GLU L 207 -6.80 7.30 16.76
N LYS L 208 -7.25 8.53 16.97
CA LYS L 208 -6.49 9.46 17.81
C LYS L 208 -6.55 8.91 19.23
N PHE L 209 -7.68 8.30 19.55
CA PHE L 209 -7.91 7.71 20.86
C PHE L 209 -7.04 6.48 21.04
N GLY L 210 -7.18 5.53 20.11
CA GLY L 210 -6.42 4.30 20.18
C GLY L 210 -4.92 4.46 20.27
N GLU L 211 -4.35 5.25 19.37
CA GLU L 211 -2.90 5.47 19.37
C GLU L 211 -2.41 6.11 20.67
N ILE L 212 -2.88 7.32 20.95
CA ILE L 212 -2.48 8.03 22.16
C ILE L 212 -2.54 7.15 23.40
N THR L 213 -3.59 6.34 23.51
CA THR L 213 -3.75 5.45 24.66
C THR L 213 -2.58 4.47 24.74
N ASN L 214 -1.56 4.69 23.93
CA ASN L 214 -0.39 3.84 23.91
C ASN L 214 0.77 4.56 24.57
N LYS L 215 0.72 4.70 25.89
CA LYS L 215 1.78 5.35 26.65
C LYS L 215 3.09 4.68 26.29
N LEU L 216 4.20 5.26 26.73
CA LEU L 216 5.52 4.69 26.45
C LEU L 216 5.42 3.16 26.45
N GLY L 217 5.99 2.53 25.45
CA GLY L 217 5.94 1.09 25.37
C GLY L 217 6.06 0.55 23.96
N PRO L 218 5.26 -0.47 23.61
CA PRO L 218 4.25 -1.16 24.41
C PRO L 218 4.90 -2.05 25.45
N MET L 219 6.15 -1.74 25.75
CA MET L 219 6.94 -2.49 26.72
C MET L 219 6.17 -2.73 28.02
N LEU L 220 5.83 -1.64 28.70
CA LEU L 220 5.11 -1.72 29.97
C LEU L 220 3.60 -1.87 29.81
N ASN L 221 3.07 -1.49 28.67
CA ASN L 221 1.62 -1.60 28.44
C ASN L 221 1.26 -3.07 28.24
N SER L 222 2.25 -3.87 27.89
CA SER L 222 2.05 -5.30 27.65
C SER L 222 2.41 -6.10 28.90
N PHE L 223 3.16 -5.50 29.80
CA PHE L 223 3.57 -6.17 31.03
C PHE L 223 2.46 -6.10 32.08
N MET L 224 1.58 -5.13 31.93
CA MET L 224 0.47 -4.96 32.86
C MET L 224 -0.82 -5.56 32.29
N GLY L 225 -0.82 -5.81 30.99
CA GLY L 225 -1.98 -6.38 30.34
C GLY L 225 -1.67 -7.71 29.68
N ILE L 231 -0.69 -5.60 19.12
CA ILE L 231 -1.29 -4.42 18.52
C ILE L 231 -2.70 -4.70 18.02
N SER L 232 -3.43 -5.53 18.77
CA SER L 232 -4.80 -5.88 18.40
C SER L 232 -5.65 -4.62 18.26
N GLY L 233 -5.27 -3.57 18.97
CA GLY L 233 -6.02 -2.33 18.91
C GLY L 233 -5.73 -1.52 17.66
N LYS L 234 -4.46 -1.48 17.26
CA LYS L 234 -4.07 -0.72 16.07
C LYS L 234 -4.48 -1.43 14.79
N LEU L 235 -4.85 -2.70 14.92
CA LEU L 235 -5.28 -3.49 13.75
C LEU L 235 -6.79 -3.47 13.57
N ASN L 236 -7.51 -3.80 14.64
CA ASN L 236 -8.97 -3.82 14.59
C ASN L 236 -9.51 -2.43 14.29
N GLU L 237 -8.77 -1.41 14.71
CA GLU L 237 -9.18 -0.02 14.47
C GLU L 237 -9.14 0.22 12.96
N LEU L 238 -8.01 -0.15 12.36
CA LEU L 238 -7.80 0.03 10.93
C LEU L 238 -8.80 -0.82 10.14
N LYS L 239 -9.32 -1.87 10.76
CA LYS L 239 -10.31 -2.72 10.10
C LYS L 239 -11.68 -2.07 10.16
N ALA L 240 -12.02 -1.54 11.34
CA ALA L 240 -13.30 -0.87 11.53
C ALA L 240 -13.25 0.45 10.77
N ASN L 241 -12.04 0.89 10.48
CA ASN L 241 -11.82 2.14 9.76
C ASN L 241 -12.19 1.99 8.29
N VAL L 242 -11.52 1.07 7.61
CA VAL L 242 -11.77 0.83 6.19
C VAL L 242 -13.24 0.50 5.94
N GLU L 243 -13.75 -0.52 6.62
CA GLU L 243 -15.14 -0.94 6.47
C GLU L 243 -16.06 0.28 6.49
N THR L 244 -15.84 1.17 7.46
CA THR L 244 -16.64 2.38 7.58
C THR L 244 -16.49 3.25 6.34
N ILE L 245 -15.24 3.58 6.01
CA ILE L 245 -14.95 4.41 4.84
C ILE L 245 -15.45 3.75 3.56
N ARG L 246 -15.73 2.45 3.63
CA ARG L 246 -16.23 1.72 2.46
C ARG L 246 -17.74 1.89 2.30
N GLN L 247 -18.39 2.39 3.34
CA GLN L 247 -19.83 2.59 3.31
C GLN L 247 -20.18 3.99 2.81
N GLN L 248 -19.20 4.89 2.85
CA GLN L 248 -19.38 6.26 2.37
C GLN L 248 -18.86 6.31 0.94
N PHE L 249 -17.61 5.90 0.77
CA PHE L 249 -16.97 5.86 -0.53
C PHE L 249 -17.81 5.00 -1.45
N THR L 250 -18.37 3.94 -0.88
CA THR L 250 -19.22 2.98 -1.59
C THR L 250 -18.89 2.84 -3.07
N ASP L 251 -17.61 2.88 -3.40
CA ASP L 251 -17.13 2.73 -4.77
C ASP L 251 -17.79 3.68 -5.77
N PRO L 252 -16.98 4.49 -6.46
CA PRO L 252 -17.51 5.44 -7.45
C PRO L 252 -18.10 4.71 -8.66
N ASP L 253 -17.74 3.43 -8.80
CA ASP L 253 -18.24 2.61 -9.89
C ASP L 253 -19.52 1.90 -9.46
N LEU L 254 -19.83 2.00 -8.17
CA LEU L 254 -21.03 1.38 -7.62
C LEU L 254 -22.05 2.44 -7.23
N THR L 255 -21.58 3.60 -6.79
CA THR L 255 -22.45 4.68 -6.38
C THR L 255 -22.05 6.02 -7.00
N THR L 256 -23.04 6.84 -7.31
CA THR L 256 -22.81 8.16 -7.88
C THR L 256 -23.96 9.07 -7.49
N PHE L 257 -23.79 10.38 -7.71
CA PHE L 257 -24.83 11.34 -7.38
C PHE L 257 -25.11 12.25 -8.56
N VAL L 258 -26.38 12.34 -8.94
CA VAL L 258 -26.80 13.18 -10.06
C VAL L 258 -27.52 14.41 -9.53
N CYS L 259 -27.00 15.60 -9.87
CA CYS L 259 -27.60 16.85 -9.44
C CYS L 259 -28.43 17.48 -10.56
N VAL L 260 -29.48 18.19 -10.18
CA VAL L 260 -30.35 18.84 -11.15
C VAL L 260 -30.51 20.32 -10.83
N CYS L 261 -30.55 21.15 -11.86
CA CYS L 261 -30.70 22.60 -11.68
C CYS L 261 -31.08 23.27 -13.00
N ILE L 262 -31.02 24.60 -13.01
CA ILE L 262 -31.32 25.38 -14.19
C ILE L 262 -30.38 26.58 -14.23
N SER L 263 -30.24 27.19 -15.41
CA SER L 263 -29.35 28.32 -15.56
C SER L 263 -29.95 29.59 -14.96
N GLU L 264 -29.88 29.70 -13.63
CA GLU L 264 -30.39 30.84 -12.91
C GLU L 264 -29.59 31.04 -11.62
N PHE L 265 -29.24 32.30 -11.33
CA PHE L 265 -28.47 32.66 -10.15
C PHE L 265 -28.72 31.74 -8.96
N LEU L 266 -29.88 31.92 -8.33
CA LEU L 266 -30.27 31.13 -7.16
C LEU L 266 -30.02 29.63 -7.32
N SER L 267 -30.31 29.10 -8.50
CA SER L 267 -30.11 27.69 -8.76
C SER L 267 -28.63 27.33 -8.65
N LEU L 268 -27.78 28.12 -9.29
CA LEU L 268 -26.34 27.88 -9.25
C LEU L 268 -25.85 27.90 -7.81
N TYR L 269 -26.34 28.86 -7.03
CA TYR L 269 -25.96 28.99 -5.64
C TYR L 269 -26.29 27.69 -4.92
N GLU L 270 -27.51 27.21 -5.11
CA GLU L 270 -27.97 25.97 -4.51
C GLU L 270 -27.16 24.78 -4.99
N THR L 271 -26.85 24.77 -6.28
CA THR L 271 -26.08 23.67 -6.87
C THR L 271 -24.66 23.65 -6.32
N GLU L 272 -23.97 24.78 -6.41
CA GLU L 272 -22.59 24.89 -5.93
C GLU L 272 -22.41 24.33 -4.53
N ARG L 273 -23.30 24.70 -3.61
CA ARG L 273 -23.22 24.22 -2.24
C ARG L 273 -23.52 22.73 -2.14
N LEU L 274 -24.55 22.29 -2.84
CA LEU L 274 -24.95 20.89 -2.83
C LEU L 274 -23.75 20.01 -3.17
N ILE L 275 -23.05 20.39 -4.23
CA ILE L 275 -21.87 19.65 -4.68
C ILE L 275 -20.76 19.66 -3.66
N GLN L 276 -20.58 20.78 -2.97
CA GLN L 276 -19.55 20.88 -1.94
C GLN L 276 -19.88 19.90 -0.84
N GLU L 277 -21.14 19.88 -0.44
CA GLU L 277 -21.62 18.99 0.60
C GLU L 277 -21.32 17.54 0.27
N LEU L 278 -21.58 17.16 -0.97
CA LEU L 278 -21.34 15.78 -1.42
C LEU L 278 -19.86 15.44 -1.46
N ILE L 279 -19.05 16.41 -1.86
CA ILE L 279 -17.60 16.19 -1.93
C ILE L 279 -17.03 15.97 -0.54
N SER L 280 -17.67 16.57 0.45
CA SER L 280 -17.21 16.42 1.83
C SER L 280 -17.62 15.02 2.29
N TYR L 281 -18.55 14.41 1.57
CA TYR L 281 -19.01 13.07 1.87
C TYR L 281 -18.21 12.09 1.02
N ASP L 282 -17.32 12.63 0.21
CA ASP L 282 -16.49 11.82 -0.68
C ASP L 282 -17.38 11.09 -1.69
N MET L 283 -18.63 11.52 -1.78
CA MET L 283 -19.59 10.92 -2.70
C MET L 283 -19.35 11.42 -4.12
N ASP L 284 -19.14 10.49 -5.04
CA ASP L 284 -18.88 10.84 -6.44
C ASP L 284 -20.00 11.68 -7.05
N VAL L 285 -19.61 12.77 -7.70
CA VAL L 285 -20.56 13.67 -8.36
C VAL L 285 -19.96 14.21 -9.64
N ASN L 286 -20.61 13.93 -10.77
CA ASN L 286 -20.12 14.39 -12.06
C ASN L 286 -21.25 14.53 -13.07
N SER L 287 -22.46 14.79 -12.58
CA SER L 287 -23.61 14.94 -13.46
C SER L 287 -24.51 16.09 -13.01
N ILE L 288 -24.64 17.09 -13.86
CA ILE L 288 -25.47 18.25 -13.56
C ILE L 288 -26.53 18.46 -14.64
N ILE L 289 -27.79 18.25 -14.27
CA ILE L 289 -28.90 18.41 -15.20
C ILE L 289 -29.43 19.83 -15.16
N VAL L 290 -29.63 20.43 -16.33
CA VAL L 290 -30.13 21.80 -16.43
C VAL L 290 -31.32 21.84 -17.39
N ASN L 291 -32.52 21.78 -16.84
CA ASN L 291 -33.74 21.79 -17.64
C ASN L 291 -34.25 23.21 -17.87
N GLN L 292 -35.37 23.32 -18.57
CA GLN L 292 -36.01 24.60 -18.86
C GLN L 292 -35.21 25.52 -19.78
N LEU L 293 -34.17 25.00 -20.42
CA LEU L 293 -33.37 25.81 -21.32
C LEU L 293 -34.17 26.18 -22.57
N LEU L 294 -34.00 27.41 -23.03
CA LEU L 294 -34.73 27.89 -24.20
C LEU L 294 -34.11 27.58 -25.56
N PHE L 295 -32.85 27.97 -25.76
CA PHE L 295 -32.19 27.76 -27.04
C PHE L 295 -33.06 28.44 -28.10
N ALA L 296 -33.64 29.56 -27.72
CA ALA L 296 -34.54 30.33 -28.58
C ALA L 296 -33.89 30.94 -29.83
N GLU L 297 -32.67 30.54 -30.13
CA GLU L 297 -31.99 31.05 -31.32
C GLU L 297 -31.94 30.01 -32.43
N ASN L 298 -32.71 28.93 -32.25
CA ASN L 298 -32.73 27.85 -33.23
C ASN L 298 -34.13 27.37 -33.58
N ASP L 299 -35.04 27.43 -32.61
CA ASP L 299 -36.41 26.98 -32.81
C ASP L 299 -37.00 27.51 -34.11
N GLN L 300 -37.53 26.62 -34.94
CA GLN L 300 -38.13 27.01 -36.20
C GLN L 300 -39.49 27.66 -35.98
N GLU L 301 -39.45 28.97 -35.75
CA GLU L 301 -40.62 29.81 -35.48
C GLU L 301 -40.11 30.87 -34.52
N HIS L 302 -39.01 31.51 -34.92
CA HIS L 302 -38.37 32.55 -34.12
C HIS L 302 -39.32 33.57 -33.49
N ASN L 303 -38.88 34.82 -33.44
CA ASN L 303 -39.65 35.90 -32.86
C ASN L 303 -39.79 35.79 -31.34
N CYS L 304 -40.58 36.69 -30.78
CA CYS L 304 -40.84 36.75 -29.34
C CYS L 304 -39.62 37.19 -28.54
N LYS L 305 -39.47 38.51 -28.41
CA LYS L 305 -38.36 39.08 -27.67
C LYS L 305 -38.32 38.51 -26.25
N ARG L 306 -39.50 38.41 -25.65
CA ARG L 306 -39.65 37.89 -24.29
C ARG L 306 -38.89 36.59 -24.09
N CYS L 307 -38.94 35.72 -25.09
CA CYS L 307 -38.27 34.43 -25.02
C CYS L 307 -36.77 34.54 -25.29
N GLN L 308 -36.41 35.47 -26.18
CA GLN L 308 -35.01 35.68 -26.53
C GLN L 308 -34.24 36.30 -25.37
N ALA L 309 -34.88 37.24 -24.69
CA ALA L 309 -34.26 37.92 -23.56
C ALA L 309 -33.99 36.95 -22.41
N ARG L 310 -34.97 36.11 -22.11
CA ARG L 310 -34.83 35.14 -21.04
C ARG L 310 -33.66 34.18 -21.27
N TRP L 311 -33.50 33.74 -22.51
CA TRP L 311 -32.40 32.82 -22.83
C TRP L 311 -31.06 33.53 -22.83
N LYS L 312 -31.06 34.84 -23.08
CA LYS L 312 -29.82 35.59 -23.08
C LYS L 312 -29.27 35.58 -21.66
N MET L 313 -30.18 35.48 -20.70
CA MET L 313 -29.81 35.45 -19.28
C MET L 313 -29.39 34.03 -18.91
N GLN L 314 -30.09 33.05 -19.46
CA GLN L 314 -29.80 31.65 -19.19
C GLN L 314 -28.45 31.28 -19.82
N LYS L 315 -28.12 31.94 -20.92
CA LYS L 315 -26.86 31.67 -21.61
C LYS L 315 -25.71 32.24 -20.78
N LYS L 316 -25.98 33.35 -20.11
CA LYS L 316 -24.99 34.01 -19.27
C LYS L 316 -24.48 33.03 -18.21
N TYR L 317 -25.42 32.52 -17.42
CA TYR L 317 -25.09 31.57 -16.35
C TYR L 317 -24.59 30.23 -16.88
N LEU L 318 -25.19 29.75 -17.96
CA LEU L 318 -24.76 28.48 -18.55
C LEU L 318 -23.27 28.48 -18.82
N ASP L 319 -22.72 29.65 -19.13
CA ASP L 319 -21.29 29.76 -19.40
C ASP L 319 -20.53 29.67 -18.09
N GLN L 320 -21.15 30.09 -17.00
CA GLN L 320 -20.53 30.04 -15.69
C GLN L 320 -20.53 28.60 -15.22
N ILE L 321 -21.47 27.82 -15.74
CA ILE L 321 -21.59 26.40 -15.39
C ILE L 321 -20.58 25.58 -16.19
N ASP L 322 -20.32 26.00 -17.42
CA ASP L 322 -19.38 25.29 -18.28
C ASP L 322 -17.93 25.64 -17.93
N GLU L 323 -17.77 26.66 -17.08
CA GLU L 323 -16.44 27.07 -16.66
C GLU L 323 -16.24 26.70 -15.21
N LEU L 324 -17.34 26.50 -14.49
CA LEU L 324 -17.29 26.12 -13.08
C LEU L 324 -17.12 24.61 -13.01
N TYR L 325 -17.87 23.89 -13.85
CA TYR L 325 -17.82 22.44 -13.89
C TYR L 325 -17.33 22.02 -15.26
N GLU L 326 -16.02 22.15 -15.45
CA GLU L 326 -15.37 21.81 -16.71
C GLU L 326 -15.33 20.31 -16.98
N ASP L 327 -14.97 19.53 -15.97
CA ASP L 327 -14.89 18.08 -16.13
C ASP L 327 -16.14 17.36 -15.62
N PHE L 328 -17.27 18.05 -15.60
CA PHE L 328 -18.53 17.47 -15.14
C PHE L 328 -19.46 17.18 -16.31
N HIS L 329 -20.37 16.24 -16.12
CA HIS L 329 -21.33 15.90 -17.17
C HIS L 329 -22.49 16.88 -17.11
N VAL L 330 -22.33 18.03 -17.77
CA VAL L 330 -23.37 19.05 -17.79
C VAL L 330 -24.31 18.86 -18.98
N VAL L 331 -25.35 18.07 -18.78
CA VAL L 331 -26.33 17.82 -19.82
C VAL L 331 -27.39 18.93 -19.81
N LYS L 332 -27.45 19.67 -20.91
CA LYS L 332 -28.39 20.77 -21.05
C LYS L 332 -29.70 20.33 -21.69
N MET L 333 -30.76 20.27 -20.89
CA MET L 333 -32.07 19.84 -21.36
C MET L 333 -32.91 21.02 -21.85
N PRO L 334 -33.74 20.79 -22.89
CA PRO L 334 -34.61 21.80 -23.49
C PRO L 334 -35.89 22.08 -22.69
N LEU L 335 -36.41 23.29 -22.85
CA LEU L 335 -37.63 23.70 -22.17
C LEU L 335 -38.85 23.21 -22.95
N CYS L 336 -39.84 22.70 -22.24
CA CYS L 336 -41.05 22.20 -22.87
C CYS L 336 -42.21 23.14 -22.55
N ALA L 337 -43.12 23.30 -23.51
CA ALA L 337 -44.28 24.18 -23.31
C ALA L 337 -44.88 23.96 -21.94
N GLY L 338 -45.53 22.82 -21.75
CA GLY L 338 -46.14 22.51 -20.47
C GLY L 338 -45.28 21.50 -19.74
N GLU L 339 -45.72 21.07 -18.55
CA GLU L 339 -44.93 20.10 -17.80
C GLU L 339 -45.09 18.72 -18.44
N ILE L 340 -44.04 17.91 -18.34
CA ILE L 340 -44.05 16.58 -18.94
C ILE L 340 -44.54 15.53 -17.94
N ARG L 341 -45.64 14.87 -18.29
CA ARG L 341 -46.21 13.84 -17.44
C ARG L 341 -46.68 12.67 -18.30
N GLY L 342 -46.80 11.50 -17.68
CA GLY L 342 -47.20 10.31 -18.42
C GLY L 342 -45.96 9.58 -18.89
N LEU L 343 -45.99 8.25 -18.78
CA LEU L 343 -44.85 7.43 -19.19
C LEU L 343 -44.37 7.80 -20.59
N ASN L 344 -45.31 7.93 -21.52
CA ASN L 344 -44.98 8.25 -22.90
C ASN L 344 -44.16 9.52 -23.08
N ASN L 345 -44.74 10.67 -22.74
CA ASN L 345 -44.03 11.95 -22.88
C ASN L 345 -42.72 12.00 -22.10
N LEU L 346 -42.58 11.13 -21.10
CA LEU L 346 -41.37 11.11 -20.29
C LEU L 346 -40.21 10.40 -21.00
N THR L 347 -40.50 9.25 -21.60
CA THR L 347 -39.48 8.49 -22.31
C THR L 347 -38.95 9.27 -23.50
N LYS L 348 -39.84 9.93 -24.22
CA LYS L 348 -39.47 10.70 -25.39
C LYS L 348 -38.64 11.94 -25.02
N PHE L 349 -38.78 12.40 -23.78
CA PHE L 349 -38.03 13.56 -23.31
C PHE L 349 -36.72 13.12 -22.68
N SER L 350 -36.71 11.91 -22.12
CA SER L 350 -35.53 11.37 -21.48
C SER L 350 -34.50 10.87 -22.48
N GLN L 351 -34.92 10.78 -23.75
CA GLN L 351 -34.02 10.31 -24.80
C GLN L 351 -32.86 11.27 -24.97
N PHE L 352 -33.08 12.52 -24.57
CA PHE L 352 -32.04 13.54 -24.69
C PHE L 352 -30.96 13.40 -23.62
N LEU L 353 -31.21 12.55 -22.63
CA LEU L 353 -30.24 12.31 -21.57
C LEU L 353 -29.20 11.31 -22.06
N ASN L 354 -29.55 10.58 -23.11
CA ASN L 354 -28.65 9.59 -23.70
C ASN L 354 -27.92 10.24 -24.87
N LYS L 355 -28.65 11.01 -25.66
CA LYS L 355 -28.08 11.71 -26.81
C LYS L 355 -28.40 13.19 -26.67
N GLU L 356 -27.36 14.02 -26.76
CA GLU L 356 -27.52 15.47 -26.62
C GLU L 356 -28.70 16.02 -27.41
N TYR L 357 -29.35 17.04 -26.85
CA TYR L 357 -30.49 17.67 -27.49
C TYR L 357 -30.01 18.75 -28.46
N ASN L 358 -30.47 18.66 -29.70
CA ASN L 358 -30.08 19.64 -30.72
C ASN L 358 -31.32 20.47 -31.07
N PRO L 359 -31.36 21.74 -30.62
CA PRO L 359 -32.48 22.63 -30.89
C PRO L 359 -32.69 22.90 -32.38
N ILE L 360 -31.74 22.50 -33.19
CA ILE L 360 -31.82 22.69 -34.64
C ILE L 360 -32.57 21.55 -35.32
N THR L 361 -32.47 20.35 -34.75
CA THR L 361 -33.14 19.18 -35.33
C THR L 361 -34.20 18.56 -34.42
N ASP L 362 -33.91 18.52 -33.12
CA ASP L 362 -34.83 17.92 -32.16
C ASP L 362 -35.96 18.88 -31.75
N GLY L 363 -36.05 20.01 -32.43
CA GLY L 363 -37.09 20.98 -32.12
C GLY L 363 -38.47 20.37 -32.20
N LYS L 364 -38.63 19.39 -33.08
CA LYS L 364 -39.91 18.71 -33.26
C LYS L 364 -40.35 17.97 -32.01
N VAL L 365 -39.48 17.12 -31.48
CA VAL L 365 -39.78 16.34 -30.29
C VAL L 365 -40.30 17.19 -29.14
N ILE L 366 -39.80 18.41 -29.03
CA ILE L 366 -40.22 19.32 -27.96
C ILE L 366 -41.60 19.91 -28.24
N TYR L 367 -41.75 20.57 -29.38
CA TYR L 367 -43.03 21.17 -29.76
C TYR L 367 -44.03 20.05 -30.02
N GLU L 368 -43.64 18.84 -29.66
CA GLU L 368 -44.46 17.65 -29.81
C GLU L 368 -45.09 17.32 -28.47
N LEU L 369 -44.29 17.44 -27.42
CA LEU L 369 -44.74 17.18 -26.06
C LEU L 369 -45.76 18.24 -25.66
N GLU L 370 -45.94 19.21 -26.53
CA GLU L 370 -46.88 20.31 -26.31
C GLU L 370 -48.23 20.01 -26.93
N VAL M 24 -54.34 47.36 1.50
CA VAL M 24 -52.92 47.52 1.08
C VAL M 24 -52.83 47.86 -0.40
N GLU M 25 -52.34 49.05 -0.72
CA GLU M 25 -52.19 49.45 -2.11
C GLU M 25 -50.92 48.84 -2.67
N PRO M 26 -51.03 48.06 -3.76
CA PRO M 26 -49.87 47.42 -4.38
C PRO M 26 -48.89 48.42 -4.99
N ASN M 27 -48.50 49.42 -4.19
CA ASN M 27 -47.58 50.45 -4.63
C ASN M 27 -46.74 50.96 -3.46
N LEU M 28 -45.80 51.84 -3.76
CA LEU M 28 -44.92 52.41 -2.74
C LEU M 28 -45.20 53.91 -2.57
N HIS M 29 -46.43 54.31 -2.92
CA HIS M 29 -46.84 55.70 -2.83
C HIS M 29 -46.55 56.31 -1.45
N SER M 30 -47.21 55.76 -0.43
CA SER M 30 -47.04 56.23 0.93
C SER M 30 -45.58 56.46 1.34
N LEU M 31 -44.69 55.63 0.79
CA LEU M 31 -43.27 55.75 1.09
C LEU M 31 -42.58 56.75 0.18
N ILE M 32 -42.96 56.76 -1.09
CA ILE M 32 -42.39 57.67 -2.08
C ILE M 32 -42.72 59.13 -1.74
N THR M 33 -43.84 59.34 -1.06
CA THR M 33 -44.27 60.68 -0.69
C THR M 33 -44.02 61.00 0.78
N SER M 34 -43.32 60.12 1.48
CA SER M 34 -43.01 60.32 2.89
C SER M 34 -41.80 61.23 3.07
N THR M 35 -41.96 62.25 3.90
CA THR M 35 -40.88 63.20 4.17
C THR M 35 -40.21 62.96 5.52
N THR M 36 -40.71 61.96 6.25
CA THR M 36 -40.15 61.62 7.56
C THR M 36 -39.08 60.55 7.45
N HIS M 37 -39.34 59.54 6.63
CA HIS M 37 -38.38 58.46 6.43
C HIS M 37 -37.01 59.02 6.07
N LYS M 38 -35.97 58.46 6.69
CA LYS M 38 -34.61 58.90 6.45
C LYS M 38 -33.66 57.70 6.29
N TRP M 39 -34.25 56.50 6.32
CA TRP M 39 -33.49 55.27 6.18
C TRP M 39 -34.31 54.30 5.32
N ILE M 40 -33.94 54.18 4.05
CA ILE M 40 -34.65 53.29 3.14
C ILE M 40 -33.80 52.09 2.70
N PHE M 41 -34.17 50.91 3.19
CA PHE M 41 -33.45 49.68 2.86
C PHE M 41 -34.01 49.06 1.59
N VAL M 42 -33.13 48.39 0.83
CA VAL M 42 -33.52 47.74 -0.42
C VAL M 42 -32.68 46.49 -0.64
N GLY M 43 -33.27 45.32 -0.38
CA GLY M 43 -32.55 44.08 -0.56
C GLY M 43 -33.20 43.13 -1.54
N GLY M 44 -32.48 42.08 -1.91
CA GLY M 44 -33.00 41.10 -2.85
C GLY M 44 -31.91 40.28 -3.51
N LYS M 45 -31.50 39.20 -2.84
CA LYS M 45 -30.46 38.33 -3.36
C LYS M 45 -30.99 37.42 -4.46
N GLY M 46 -30.21 37.26 -5.53
CA GLY M 46 -30.62 36.41 -6.63
C GLY M 46 -30.66 37.10 -7.97
N GLY M 47 -29.97 38.23 -8.09
CA GLY M 47 -29.97 38.96 -9.35
C GLY M 47 -31.40 39.13 -9.80
N VAL M 48 -32.24 39.59 -8.86
CA VAL M 48 -33.66 39.78 -9.13
C VAL M 48 -34.00 41.23 -9.51
N GLY M 49 -33.00 41.98 -9.97
CA GLY M 49 -33.23 43.35 -10.37
C GLY M 49 -33.19 44.31 -9.18
N LYS M 50 -32.37 43.98 -8.20
CA LYS M 50 -32.22 44.81 -7.00
C LYS M 50 -31.81 46.22 -7.39
N THR M 51 -30.74 46.32 -8.15
CA THR M 51 -30.21 47.60 -8.60
C THR M 51 -31.30 48.47 -9.20
N THR M 52 -32.08 47.89 -10.09
CA THR M 52 -33.17 48.59 -10.76
C THR M 52 -34.16 49.19 -9.76
N SER M 53 -34.73 48.34 -8.92
CA SER M 53 -35.70 48.77 -7.92
C SER M 53 -35.13 49.88 -7.04
N SER M 54 -33.84 49.77 -6.70
CA SER M 54 -33.18 50.77 -5.87
C SER M 54 -33.20 52.15 -6.51
N CYS M 55 -32.73 52.22 -7.75
CA CYS M 55 -32.69 53.48 -8.49
C CYS M 55 -34.11 54.01 -8.69
N SER M 56 -35.05 53.09 -8.88
CA SER M 56 -36.44 53.45 -9.09
C SER M 56 -37.04 54.13 -7.85
N ILE M 57 -36.92 53.46 -6.71
CA ILE M 57 -37.46 53.99 -5.46
C ILE M 57 -36.80 55.31 -5.10
N ALA M 58 -35.53 55.46 -5.45
CA ALA M 58 -34.78 56.68 -5.16
C ALA M 58 -35.25 57.85 -6.01
N ILE M 59 -35.51 57.57 -7.29
CA ILE M 59 -35.97 58.59 -8.22
C ILE M 59 -37.40 59.03 -7.92
N GLN M 60 -38.26 58.06 -7.59
CA GLN M 60 -39.65 58.36 -7.28
C GLN M 60 -39.78 59.26 -6.06
N MET M 61 -38.93 59.04 -5.06
CA MET M 61 -38.97 59.85 -3.84
C MET M 61 -38.35 61.22 -4.05
N ALA M 62 -37.31 61.28 -4.86
CA ALA M 62 -36.62 62.53 -5.15
C ALA M 62 -37.48 63.46 -5.98
N LEU M 63 -38.25 62.90 -6.91
CA LEU M 63 -39.13 63.68 -7.77
C LEU M 63 -40.40 64.13 -7.06
N SER M 64 -40.86 63.32 -6.13
CA SER M 64 -42.08 63.63 -5.37
C SER M 64 -41.81 64.63 -4.26
N GLN M 65 -40.56 64.68 -3.79
CA GLN M 65 -40.18 65.58 -2.70
C GLN M 65 -38.92 66.36 -3.08
N PRO M 66 -39.05 67.33 -4.00
CA PRO M 66 -37.92 68.15 -4.44
C PRO M 66 -37.37 69.07 -3.34
N ASN M 67 -38.08 69.13 -2.22
CA ASN M 67 -37.67 69.97 -1.11
C ASN M 67 -36.86 69.18 -0.09
N LYS M 68 -36.30 68.06 -0.52
CA LYS M 68 -35.49 67.20 0.33
C LYS M 68 -34.41 66.47 -0.46
N GLN M 69 -33.22 66.40 0.11
CA GLN M 69 -32.09 65.73 -0.55
C GLN M 69 -32.08 64.23 -0.26
N PHE M 70 -31.95 63.43 -1.31
CA PHE M 70 -31.93 61.98 -1.20
C PHE M 70 -30.58 61.43 -1.63
N LEU M 71 -30.20 60.28 -1.07
CA LEU M 71 -28.92 59.66 -1.39
C LEU M 71 -29.04 58.16 -1.62
N LEU M 72 -28.72 57.73 -2.84
CA LEU M 72 -28.77 56.32 -3.20
C LEU M 72 -27.36 55.75 -3.16
N ILE M 73 -27.11 54.85 -2.22
CA ILE M 73 -25.78 54.25 -2.09
C ILE M 73 -25.79 52.74 -2.25
N SER M 74 -24.81 52.22 -2.97
CA SER M 74 -24.68 50.79 -3.21
C SER M 74 -23.32 50.27 -2.78
N THR M 75 -23.24 48.96 -2.54
CA THR M 75 -21.99 48.33 -2.13
C THR M 75 -21.61 47.21 -3.11
N ASP M 76 -22.44 47.04 -4.14
CA ASP M 76 -22.20 46.01 -5.14
C ASP M 76 -20.94 46.35 -5.94
N PRO M 77 -19.93 45.46 -5.90
CA PRO M 77 -18.65 45.65 -6.59
C PRO M 77 -18.76 45.77 -8.11
N ALA M 78 -19.96 45.49 -8.63
CA ALA M 78 -20.18 45.58 -10.07
C ALA M 78 -20.52 47.00 -10.52
N HIS M 79 -20.63 47.90 -9.55
CA HIS M 79 -20.96 49.29 -9.84
C HIS M 79 -22.25 49.35 -10.66
N ASN M 80 -23.30 48.77 -10.09
CA ASN M 80 -24.61 48.70 -10.72
C ASN M 80 -25.26 50.06 -10.95
N LEU M 81 -25.02 51.00 -10.04
CA LEU M 81 -25.60 52.34 -10.17
C LEU M 81 -24.98 53.14 -11.31
N SER M 82 -23.71 52.91 -11.58
CA SER M 82 -23.01 53.61 -12.65
C SER M 82 -23.41 53.04 -14.00
N ASP M 83 -23.81 51.77 -14.01
CA ASP M 83 -24.22 51.10 -15.23
C ASP M 83 -25.73 51.26 -15.45
N ALA M 84 -26.43 51.68 -14.40
CA ALA M 84 -27.87 51.87 -14.47
C ALA M 84 -28.23 53.28 -14.95
N PHE M 85 -27.45 54.27 -14.51
CA PHE M 85 -27.70 55.65 -14.87
C PHE M 85 -26.93 56.07 -16.12
N GLY M 86 -25.68 55.61 -16.23
CA GLY M 86 -24.87 55.95 -17.39
C GLY M 86 -23.77 56.95 -17.07
N GLU M 87 -23.42 57.03 -15.79
CA GLU M 87 -22.38 57.95 -15.35
C GLU M 87 -21.55 57.34 -14.21
N LYS M 88 -20.33 57.84 -14.04
CA LYS M 88 -19.44 57.34 -13.01
C LYS M 88 -19.75 57.85 -11.60
N PHE M 89 -19.98 56.90 -10.69
CA PHE M 89 -20.28 57.22 -9.30
C PHE M 89 -19.23 56.59 -8.40
N GLY M 90 -18.67 57.37 -7.49
CA GLY M 90 -17.65 56.86 -6.60
C GLY M 90 -17.98 57.06 -5.14
N LYS M 91 -16.97 56.94 -4.28
CA LYS M 91 -17.16 57.11 -2.85
C LYS M 91 -17.62 58.53 -2.54
N ASP M 92 -17.48 59.41 -3.53
CA ASP M 92 -17.88 60.81 -3.39
C ASP M 92 -19.26 61.02 -3.99
N ALA M 93 -20.25 61.29 -3.14
CA ALA M 93 -21.63 61.51 -3.57
C ALA M 93 -21.73 62.54 -4.69
N ARG M 94 -22.40 62.16 -5.77
CA ARG M 94 -22.60 63.06 -6.91
C ARG M 94 -24.06 63.06 -7.35
N LYS M 95 -24.60 64.25 -7.61
CA LYS M 95 -25.97 64.39 -8.06
C LYS M 95 -26.10 63.76 -9.43
N VAL M 96 -27.09 62.90 -9.62
CA VAL M 96 -27.28 62.27 -10.92
C VAL M 96 -27.61 63.39 -11.90
N THR M 97 -26.96 63.40 -13.05
CA THR M 97 -27.19 64.43 -14.05
C THR M 97 -28.65 64.59 -14.41
N GLY M 98 -29.17 65.81 -14.28
CA GLY M 98 -30.55 66.08 -14.61
C GLY M 98 -31.44 66.24 -13.40
N MET M 99 -30.92 65.90 -12.22
CA MET M 99 -31.66 65.98 -10.98
C MET M 99 -30.81 66.70 -9.94
N ASN M 100 -31.42 67.62 -9.20
CA ASN M 100 -30.72 68.36 -8.16
C ASN M 100 -31.28 67.97 -6.81
N ASN M 101 -31.95 66.82 -6.76
CA ASN M 101 -32.57 66.34 -5.53
C ASN M 101 -32.06 64.94 -5.19
N LEU M 102 -31.62 64.19 -6.20
CA LEU M 102 -31.12 62.85 -5.99
C LEU M 102 -29.60 62.77 -6.15
N SER M 103 -28.96 61.94 -5.33
CA SER M 103 -27.52 61.76 -5.36
C SER M 103 -27.17 60.29 -5.26
N CYS M 104 -26.07 59.89 -5.89
CA CYS M 104 -25.64 58.49 -5.86
C CYS M 104 -24.30 58.30 -5.16
N MET M 105 -24.16 57.16 -4.50
CA MET M 105 -22.93 56.82 -3.78
C MET M 105 -22.58 55.35 -3.97
N GLU M 106 -21.36 55.09 -4.43
CA GLU M 106 -20.89 53.73 -4.64
C GLU M 106 -19.59 53.50 -3.88
N ILE M 107 -19.70 52.90 -2.71
CA ILE M 107 -18.53 52.62 -1.88
C ILE M 107 -18.29 51.13 -1.72
N ASP M 108 -17.07 50.78 -1.34
CA ASP M 108 -16.69 49.38 -1.15
C ASP M 108 -16.65 49.07 0.35
N PRO M 109 -17.68 48.38 0.87
CA PRO M 109 -17.76 48.02 2.28
C PRO M 109 -16.74 46.98 2.73
N SER M 110 -15.46 47.30 2.57
CA SER M 110 -14.39 46.39 2.96
C SER M 110 -13.03 47.02 2.70
N ALA M 111 -12.97 47.90 1.70
CA ALA M 111 -11.73 48.58 1.34
C ALA M 111 -11.44 49.71 2.32
N GLY M 150 -14.89 36.76 13.90
CA GLY M 150 -15.52 35.45 13.91
C GLY M 150 -15.67 34.89 15.32
N SER M 151 -15.24 35.68 16.30
CA SER M 151 -15.32 35.26 17.70
C SER M 151 -16.54 35.86 18.39
N ILE M 152 -16.74 37.16 18.19
CA ILE M 152 -17.86 37.86 18.79
C ILE M 152 -18.86 38.30 17.73
N PRO M 153 -20.13 37.87 17.87
CA PRO M 153 -21.18 38.22 16.90
C PRO M 153 -21.52 39.71 16.96
N GLY M 154 -21.80 40.30 15.81
CA GLY M 154 -22.15 41.72 15.78
C GLY M 154 -20.99 42.64 15.45
N ILE M 155 -19.83 42.37 16.04
CA ILE M 155 -18.65 43.19 15.82
C ILE M 155 -18.39 43.48 14.35
N ASP M 156 -18.05 42.43 13.60
CA ASP M 156 -17.76 42.55 12.17
C ASP M 156 -18.81 43.40 11.45
N GLU M 157 -20.08 43.07 11.63
CA GLU M 157 -21.15 43.81 10.99
C GLU M 157 -21.11 45.28 11.39
N ALA M 158 -20.86 45.53 12.67
CA ALA M 158 -20.79 46.89 13.19
C ALA M 158 -19.75 47.70 12.43
N LEU M 159 -18.52 47.18 12.40
CA LEU M 159 -17.42 47.85 11.70
C LEU M 159 -17.79 48.20 10.26
N SER M 160 -18.47 47.27 9.59
CA SER M 160 -18.88 47.47 8.20
C SER M 160 -19.87 48.63 8.03
N PHE M 161 -20.92 48.63 8.84
CA PHE M 161 -21.94 49.67 8.76
C PHE M 161 -21.41 51.01 9.26
N MET M 162 -20.69 50.97 10.37
CA MET M 162 -20.12 52.17 10.95
C MET M 162 -19.27 52.91 9.91
N GLU M 163 -18.59 52.14 9.06
CA GLU M 163 -17.74 52.70 8.01
C GLU M 163 -18.54 53.38 6.91
N VAL M 164 -19.66 52.78 6.52
CA VAL M 164 -20.48 53.35 5.46
C VAL M 164 -21.09 54.68 5.91
N MET M 165 -21.40 54.77 7.19
CA MET M 165 -21.98 55.98 7.75
C MET M 165 -20.95 57.10 7.83
N LYS M 166 -19.67 56.73 7.89
CA LYS M 166 -18.60 57.73 7.94
C LYS M 166 -18.46 58.32 6.55
N HIS M 167 -18.81 57.51 5.54
CA HIS M 167 -18.75 57.95 4.15
C HIS M 167 -19.93 58.84 3.83
N ILE M 168 -20.97 58.75 4.66
CA ILE M 168 -22.17 59.56 4.48
C ILE M 168 -21.94 60.96 5.02
N LYS M 169 -21.56 61.05 6.29
CA LYS M 169 -21.32 62.33 6.93
C LYS M 169 -20.16 63.07 6.28
N ARG M 170 -19.29 62.33 5.59
CA ARG M 170 -18.15 62.93 4.92
C ARG M 170 -18.58 63.63 3.64
N GLN M 171 -19.65 63.13 3.02
CA GLN M 171 -20.16 63.70 1.78
C GLN M 171 -21.21 64.78 2.05
N GLU M 172 -21.55 64.98 3.31
CA GLU M 172 -22.53 65.99 3.68
C GLU M 172 -21.83 67.25 4.17
N GLN M 173 -20.51 67.14 4.35
CA GLN M 173 -19.69 68.26 4.80
C GLN M 173 -19.01 68.85 3.58
N GLY M 174 -18.59 67.98 2.67
CA GLY M 174 -17.94 68.42 1.46
C GLY M 174 -18.97 68.55 0.37
N GLU M 175 -19.80 69.59 0.46
CA GLU M 175 -20.86 69.83 -0.52
C GLU M 175 -21.91 68.73 -0.46
N GLY M 176 -23.17 69.14 -0.50
CA GLY M 176 -24.29 68.22 -0.43
C GLY M 176 -25.02 68.57 0.84
N GLU M 177 -24.22 69.02 1.82
CA GLU M 177 -24.70 69.44 3.13
C GLU M 177 -25.46 68.42 3.94
N THR M 178 -26.59 67.94 3.42
CA THR M 178 -27.38 66.95 4.15
C THR M 178 -28.46 66.27 3.34
N PHE M 179 -28.57 64.96 3.52
CA PHE M 179 -29.58 64.16 2.84
C PHE M 179 -30.66 63.79 3.86
N ASP M 180 -31.90 64.18 3.58
CA ASP M 180 -33.00 63.89 4.50
C ASP M 180 -33.31 62.40 4.60
N THR M 181 -33.22 61.69 3.48
CA THR M 181 -33.49 60.25 3.48
C THR M 181 -32.50 59.51 2.59
N VAL M 182 -31.88 58.47 3.14
CA VAL M 182 -30.90 57.68 2.40
C VAL M 182 -31.50 56.38 1.88
N ILE M 183 -31.21 56.07 0.62
CA ILE M 183 -31.71 54.85 -0.01
C ILE M 183 -30.60 53.80 -0.03
N PHE M 184 -30.59 52.93 0.99
CA PHE M 184 -29.58 51.89 1.10
C PHE M 184 -29.79 50.73 0.12
N ASP M 185 -28.88 50.63 -0.84
CA ASP M 185 -28.94 49.54 -1.81
C ASP M 185 -28.09 48.40 -1.26
N THR M 186 -28.66 47.66 -0.32
CA THR M 186 -27.97 46.55 0.33
C THR M 186 -27.16 45.71 -0.66
N ALA M 187 -26.08 45.12 -0.16
CA ALA M 187 -25.20 44.29 -0.97
C ALA M 187 -25.95 43.07 -1.49
N PRO M 188 -25.42 42.43 -2.55
CA PRO M 188 -26.05 41.25 -3.13
C PRO M 188 -26.00 40.04 -2.19
N THR M 189 -24.88 39.90 -1.49
CA THR M 189 -24.69 38.81 -0.56
C THR M 189 -24.22 39.36 0.80
N GLY M 190 -24.16 38.48 1.79
CA GLY M 190 -23.72 38.90 3.11
C GLY M 190 -24.78 39.68 3.86
N HIS M 191 -25.22 39.13 4.98
CA HIS M 191 -26.25 39.77 5.81
C HIS M 191 -25.65 41.00 6.49
N THR M 192 -25.55 42.09 5.75
CA THR M 192 -24.99 43.34 6.28
C THR M 192 -25.83 43.92 7.41
N LEU M 193 -26.93 43.24 7.74
CA LEU M 193 -27.80 43.70 8.82
C LEU M 193 -27.80 42.71 9.99
N ARG M 194 -26.71 41.96 10.12
CA ARG M 194 -26.61 40.99 11.20
C ARG M 194 -26.44 41.68 12.55
N PHE M 195 -25.74 42.80 12.57
CA PHE M 195 -25.51 43.54 13.80
C PHE M 195 -26.79 44.20 14.28
N LEU M 196 -27.88 44.01 13.55
CA LEU M 196 -29.16 44.59 13.93
C LEU M 196 -29.85 43.76 15.01
N GLN M 197 -29.07 42.98 15.74
CA GLN M 197 -29.65 42.15 16.80
C GLN M 197 -28.71 42.01 17.98
N LEU M 198 -27.41 42.16 17.75
CA LEU M 198 -26.43 42.04 18.82
C LEU M 198 -26.70 43.05 19.93
N PRO M 199 -26.85 44.35 19.59
CA PRO M 199 -27.11 45.38 20.59
C PRO M 199 -28.27 45.10 21.55
N ASN M 200 -29.31 44.44 21.05
CA ASN M 200 -30.45 44.11 21.90
C ASN M 200 -30.12 42.85 22.69
N THR M 201 -29.41 41.93 22.03
CA THR M 201 -29.01 40.67 22.64
C THR M 201 -28.15 40.90 23.88
N LEU M 202 -26.89 41.27 23.66
CA LEU M 202 -25.96 41.50 24.74
C LEU M 202 -26.55 42.35 25.85
N SER M 203 -27.33 43.37 25.49
CA SER M 203 -27.93 44.25 26.48
C SER M 203 -28.85 43.48 27.42
N LYS M 204 -29.78 42.72 26.88
CA LYS M 204 -30.69 41.95 27.71
C LYS M 204 -29.92 41.07 28.68
N LEU M 205 -28.74 40.64 28.26
CA LEU M 205 -27.89 39.81 29.12
C LEU M 205 -27.41 40.65 30.30
N LEU M 206 -27.26 41.96 30.07
CA LEU M 206 -26.84 42.86 31.13
C LEU M 206 -27.92 42.91 32.20
N GLU M 207 -29.17 42.85 31.75
CA GLU M 207 -30.30 42.90 32.66
C GLU M 207 -30.37 41.66 33.53
N LYS M 208 -30.04 40.50 32.96
CA LYS M 208 -30.05 39.27 33.73
C LYS M 208 -28.86 39.35 34.69
N PHE M 209 -27.83 40.04 34.25
CA PHE M 209 -26.62 40.22 35.03
C PHE M 209 -26.88 41.21 36.17
N GLY M 210 -27.39 42.39 35.81
CA GLY M 210 -27.66 43.42 36.80
C GLY M 210 -28.60 43.00 37.91
N GLU M 211 -29.74 42.42 37.55
CA GLU M 211 -30.72 42.00 38.54
C GLU M 211 -30.17 40.93 39.48
N ILE M 212 -29.78 39.79 38.92
CA ILE M 212 -29.25 38.69 39.72
C ILE M 212 -28.17 39.15 40.71
N THR M 213 -27.30 40.06 40.26
CA THR M 213 -26.25 40.58 41.11
C THR M 213 -26.82 41.30 42.32
N ASN M 214 -28.13 41.19 42.49
CA ASN M 214 -28.80 41.83 43.62
C ASN M 214 -29.17 40.77 44.65
N LYS M 215 -28.16 40.25 45.34
CA LYS M 215 -28.36 39.25 46.38
C LYS M 215 -29.40 39.80 47.35
N LEU M 216 -29.87 38.95 48.26
CA LEU M 216 -30.87 39.38 49.25
C LEU M 216 -30.62 40.84 49.61
N GLY M 217 -31.68 41.63 49.67
CA GLY M 217 -31.52 43.04 50.00
C GLY M 217 -32.56 43.92 49.35
N PRO M 218 -32.18 45.11 48.83
CA PRO M 218 -30.83 45.66 48.81
C PRO M 218 -30.39 46.14 50.20
N MET M 219 -30.98 45.52 51.21
CA MET M 219 -30.70 45.83 52.61
C MET M 219 -29.21 45.80 52.91
N LEU M 220 -28.61 44.62 52.76
CA LEU M 220 -27.19 44.44 53.05
C LEU M 220 -26.28 44.86 51.90
N ASN M 221 -26.79 44.88 50.67
CA ASN M 221 -25.99 45.28 49.54
C ASN M 221 -25.71 46.77 49.60
N SER M 222 -26.55 47.48 50.34
CA SER M 222 -26.41 48.93 50.49
C SER M 222 -25.64 49.27 51.75
N PHE M 223 -25.49 48.30 52.64
CA PHE M 223 -24.77 48.49 53.89
C PHE M 223 -23.27 48.29 53.70
N MET M 224 -22.90 47.57 52.64
CA MET M 224 -21.51 47.30 52.34
C MET M 224 -21.01 48.21 51.22
N GLY M 225 -21.94 48.87 50.56
CA GLY M 225 -21.58 49.78 49.47
C GLY M 225 -22.15 51.16 49.67
N ILE M 231 -30.96 52.19 43.48
CA ILE M 231 -31.16 51.35 42.31
C ILE M 231 -30.57 51.96 41.05
N SER M 232 -29.42 52.62 41.22
CA SER M 232 -28.74 53.25 40.10
C SER M 232 -28.41 52.24 39.01
N GLY M 233 -28.32 50.98 39.40
CA GLY M 233 -28.01 49.93 38.45
C GLY M 233 -29.22 49.48 37.64
N LYS M 234 -30.37 49.43 38.28
CA LYS M 234 -31.60 49.01 37.62
C LYS M 234 -32.18 50.13 36.76
N LEU M 235 -31.72 51.35 37.00
CA LEU M 235 -32.21 52.50 36.24
C LEU M 235 -31.34 52.78 35.01
N ASN M 236 -30.04 52.84 35.20
CA ASN M 236 -29.11 53.09 34.10
C ASN M 236 -29.15 51.95 33.10
N GLU M 237 -29.46 50.75 33.59
CA GLU M 237 -29.53 49.59 32.71
C GLU M 237 -30.70 49.79 31.76
N LEU M 238 -31.85 50.16 32.33
CA LEU M 238 -33.05 50.37 31.56
C LEU M 238 -32.85 51.51 30.58
N LYS M 239 -32.01 52.49 30.95
CA LYS M 239 -31.74 53.60 30.05
C LYS M 239 -30.88 53.15 28.89
N ALA M 240 -29.82 52.41 29.19
CA ALA M 240 -28.93 51.90 28.16
C ALA M 240 -29.70 50.86 27.36
N ASN M 241 -30.80 50.39 27.93
CA ASN M 241 -31.66 49.40 27.29
C ASN M 241 -32.49 50.04 26.18
N VAL M 242 -33.30 51.02 26.56
CA VAL M 242 -34.15 51.72 25.59
C VAL M 242 -33.33 52.31 24.45
N GLU M 243 -32.38 53.17 24.79
CA GLU M 243 -31.52 53.80 23.79
C GLU M 243 -31.10 52.79 22.74
N THR M 244 -30.59 51.66 23.19
CA THR M 244 -30.14 50.59 22.30
C THR M 244 -31.29 50.14 21.41
N ILE M 245 -32.37 49.70 22.04
CA ILE M 245 -33.55 49.23 21.31
C ILE M 245 -34.09 50.31 20.38
N ARG M 246 -33.68 51.55 20.60
CA ARG M 246 -34.12 52.66 19.77
C ARG M 246 -33.26 52.79 18.51
N GLN M 247 -32.14 52.08 18.49
CA GLN M 247 -31.24 52.13 17.34
C GLN M 247 -31.56 51.01 16.35
N GLN M 248 -32.26 49.98 16.83
CA GLN M 248 -32.67 48.87 15.98
C GLN M 248 -34.09 49.15 15.52
N PHE M 249 -34.94 49.49 16.47
CA PHE M 249 -36.33 49.82 16.19
C PHE M 249 -36.37 51.03 15.26
N THR M 250 -35.43 51.94 15.50
CA THR M 250 -35.29 53.17 14.72
C THR M 250 -36.60 53.70 14.14
N ASP M 251 -37.68 53.56 14.90
CA ASP M 251 -38.99 54.04 14.49
C ASP M 251 -39.43 53.55 13.10
N PRO M 252 -40.59 52.87 13.04
CA PRO M 252 -41.11 52.35 11.77
C PRO M 252 -41.52 53.50 10.84
N ASP M 253 -41.68 54.69 11.42
CA ASP M 253 -42.06 55.88 10.67
C ASP M 253 -40.82 56.61 10.20
N LEU M 254 -39.66 56.17 10.68
CA LEU M 254 -38.39 56.76 10.31
C LEU M 254 -37.56 55.80 9.45
N THR M 255 -37.71 54.51 9.70
CA THR M 255 -36.96 53.49 8.97
C THR M 255 -37.86 52.35 8.52
N THR M 256 -37.56 51.82 7.33
CA THR M 256 -38.32 50.70 6.77
C THR M 256 -37.40 49.91 5.85
N PHE M 257 -37.85 48.72 5.45
CA PHE M 257 -37.05 47.86 4.57
C PHE M 257 -37.88 47.40 3.38
N VAL M 258 -37.35 47.60 2.18
CA VAL M 258 -38.03 47.19 0.96
C VAL M 258 -37.32 45.98 0.35
N CYS M 259 -38.07 44.90 0.16
CA CYS M 259 -37.52 43.68 -0.41
C CYS M 259 -37.90 43.55 -1.88
N VAL M 260 -37.02 42.95 -2.66
CA VAL M 260 -37.26 42.76 -4.09
C VAL M 260 -37.11 41.29 -4.48
N CYS M 261 -37.96 40.83 -5.38
CA CYS M 261 -37.91 39.44 -5.84
C CYS M 261 -38.72 39.26 -7.11
N ILE M 262 -38.97 38.00 -7.47
CA ILE M 262 -39.75 37.66 -8.65
C ILE M 262 -40.56 36.41 -8.34
N SER M 263 -41.61 36.17 -9.12
CA SER M 263 -42.45 35.00 -8.91
C SER M 263 -41.78 33.73 -9.39
N GLU M 264 -40.87 33.21 -8.57
CA GLU M 264 -40.13 31.99 -8.87
C GLU M 264 -39.72 31.30 -7.57
N PHE M 265 -39.90 29.98 -7.54
CA PHE M 265 -39.58 29.17 -6.37
C PHE M 265 -38.39 29.71 -5.58
N LEU M 266 -37.20 29.54 -6.13
CA LEU M 266 -35.97 29.98 -5.49
C LEU M 266 -36.04 31.41 -4.94
N SER M 267 -36.68 32.30 -5.67
CA SER M 267 -36.81 33.68 -5.23
C SER M 267 -37.64 33.76 -3.95
N LEU M 268 -38.79 33.09 -3.96
CA LEU M 268 -39.67 33.08 -2.80
C LEU M 268 -38.93 32.56 -1.58
N TYR M 269 -38.15 31.49 -1.79
CA TYR M 269 -37.37 30.89 -0.71
C TYR M 269 -36.45 31.96 -0.12
N GLU M 270 -35.71 32.63 -1.00
CA GLU M 270 -34.78 33.68 -0.59
C GLU M 270 -35.51 34.83 0.08
N THR M 271 -36.69 35.16 -0.43
CA THR M 271 -37.48 36.26 0.11
C THR M 271 -38.01 35.91 1.51
N GLU M 272 -38.69 34.78 1.61
CA GLU M 272 -39.25 34.34 2.88
C GLU M 272 -38.26 34.42 4.04
N ARG M 273 -37.04 33.94 3.80
CA ARG M 273 -36.01 33.96 4.84
C ARG M 273 -35.54 35.38 5.13
N LEU M 274 -35.34 36.16 4.08
CA LEU M 274 -34.88 37.54 4.21
C LEU M 274 -35.80 38.29 5.17
N ILE M 275 -37.10 38.13 4.96
CA ILE M 275 -38.09 38.80 5.78
C ILE M 275 -38.06 38.31 7.23
N GLN M 276 -37.84 37.02 7.42
CA GLN M 276 -37.76 36.46 8.77
C GLN M 276 -36.58 37.11 9.49
N GLU M 277 -35.45 37.18 8.77
CA GLU M 277 -34.23 37.77 9.31
C GLU M 277 -34.49 39.20 9.79
N LEU M 278 -35.18 40.00 8.97
CA LEU M 278 -35.48 41.37 9.32
C LEU M 278 -36.44 41.48 10.49
N ILE M 279 -37.39 40.55 10.56
CA ILE M 279 -38.37 40.55 11.64
C ILE M 279 -37.69 40.27 12.97
N SER M 280 -36.61 39.49 12.93
CA SER M 280 -35.87 39.17 14.14
C SER M 280 -35.09 40.42 14.54
N TYR M 281 -34.92 41.34 13.60
CA TYR M 281 -34.22 42.58 13.85
C TYR M 281 -35.25 43.64 14.22
N ASP M 282 -36.52 43.23 14.25
CA ASP M 282 -37.62 44.14 14.56
C ASP M 282 -37.68 45.26 13.53
N MET M 283 -36.97 45.07 12.42
CA MET M 283 -36.95 46.06 11.35
C MET M 283 -38.23 45.98 10.53
N ASP M 284 -38.94 47.10 10.42
CA ASP M 284 -40.19 47.15 9.66
C ASP M 284 -40.02 46.74 8.22
N VAL M 285 -40.90 45.84 7.77
CA VAL M 285 -40.87 45.34 6.39
C VAL M 285 -42.30 45.12 5.91
N ASN M 286 -42.67 45.80 4.83
CA ASN M 286 -44.01 45.68 4.28
C ASN M 286 -44.05 46.01 2.80
N SER M 287 -42.92 45.84 2.12
CA SER M 287 -42.83 46.12 0.70
C SER M 287 -42.06 45.05 -0.06
N ILE M 288 -42.74 44.37 -0.98
CA ILE M 288 -42.13 43.31 -1.76
C ILE M 288 -42.27 43.60 -3.25
N ILE M 289 -41.14 43.88 -3.90
CA ILE M 289 -41.14 44.17 -5.33
C ILE M 289 -40.95 42.89 -6.13
N VAL M 290 -41.77 42.72 -7.17
CA VAL M 290 -41.70 41.54 -8.02
C VAL M 290 -41.66 41.96 -9.48
N ASN M 291 -40.45 42.05 -10.03
CA ASN M 291 -40.27 42.46 -11.42
C ASN M 291 -40.27 41.26 -12.37
N GLN M 292 -40.07 41.54 -13.66
CA GLN M 292 -40.03 40.51 -14.69
C GLN M 292 -41.35 39.79 -14.93
N LEU M 293 -42.44 40.31 -14.37
CA LEU M 293 -43.75 39.69 -14.56
C LEU M 293 -44.19 39.84 -16.01
N LEU M 294 -44.80 38.79 -16.55
CA LEU M 294 -45.25 38.80 -17.94
C LEU M 294 -46.64 39.40 -18.19
N PHE M 295 -47.65 38.90 -17.49
CA PHE M 295 -49.02 39.39 -17.69
C PHE M 295 -49.32 39.20 -19.18
N ALA M 296 -48.82 38.10 -19.72
CA ALA M 296 -48.98 37.78 -21.14
C ALA M 296 -50.41 37.46 -21.59
N GLU M 297 -51.40 37.83 -20.78
CA GLU M 297 -52.79 37.57 -21.14
C GLU M 297 -53.51 38.88 -21.44
N ASN M 298 -52.76 39.96 -21.58
CA ASN M 298 -53.34 41.26 -21.85
C ASN M 298 -52.60 42.06 -22.93
N ASP M 299 -51.30 41.82 -23.06
CA ASP M 299 -50.49 42.52 -24.05
C ASP M 299 -51.13 42.48 -25.44
N GLN M 300 -51.30 43.66 -26.05
CA GLN M 300 -51.89 43.75 -27.38
C GLN M 300 -50.90 43.28 -28.43
N GLU M 301 -50.92 41.97 -28.67
CA GLU M 301 -50.05 41.28 -29.62
C GLU M 301 -49.82 39.92 -29.00
N HIS M 302 -50.92 39.25 -28.64
CA HIS M 302 -50.90 37.94 -28.02
C HIS M 302 -49.94 36.93 -28.66
N ASN M 303 -50.35 35.66 -28.65
CA ASN M 303 -49.56 34.58 -29.22
C ASN M 303 -48.33 34.24 -28.37
N CYS M 304 -47.49 33.37 -28.92
CA CYS M 304 -46.26 32.93 -28.27
C CYS M 304 -46.53 32.09 -27.02
N LYS M 305 -46.69 30.78 -27.23
CA LYS M 305 -46.95 29.86 -26.14
C LYS M 305 -45.84 29.98 -25.09
N ARG M 306 -44.60 30.06 -25.56
CA ARG M 306 -43.43 30.18 -24.71
C ARG M 306 -43.62 31.21 -23.61
N CYS M 307 -44.19 32.35 -23.97
CA CYS M 307 -44.44 33.44 -23.02
C CYS M 307 -45.63 33.16 -22.12
N GLN M 308 -46.67 32.55 -22.69
CA GLN M 308 -47.88 32.25 -21.94
C GLN M 308 -47.61 31.18 -20.89
N ALA M 309 -46.79 30.19 -21.24
CA ALA M 309 -46.45 29.10 -20.33
C ALA M 309 -45.64 29.62 -19.14
N ARG M 310 -44.68 30.50 -19.43
CA ARG M 310 -43.84 31.06 -18.38
C ARG M 310 -44.65 31.85 -17.35
N TRP M 311 -45.62 32.62 -17.82
CA TRP M 311 -46.44 33.41 -16.92
C TRP M 311 -47.43 32.55 -16.15
N LYS M 312 -47.77 31.39 -16.70
CA LYS M 312 -48.68 30.48 -16.00
C LYS M 312 -47.99 29.99 -14.75
N MET M 313 -46.66 29.92 -14.81
CA MET M 313 -45.86 29.47 -13.69
C MET M 313 -45.67 30.63 -12.72
N GLN M 314 -45.48 31.82 -13.26
CA GLN M 314 -45.29 33.02 -12.45
C GLN M 314 -46.59 33.35 -11.71
N LYS M 315 -47.71 33.03 -12.33
CA LYS M 315 -49.02 33.29 -11.74
C LYS M 315 -49.24 32.33 -10.57
N LYS M 316 -48.70 31.12 -10.71
CA LYS M 316 -48.80 30.10 -9.67
C LYS M 316 -48.21 30.62 -8.37
N TYR M 317 -46.95 31.02 -8.43
CA TYR M 317 -46.24 31.53 -7.27
C TYR M 317 -46.79 32.87 -6.79
N LEU M 318 -47.13 33.75 -7.73
CA LEU M 318 -47.67 35.05 -7.36
C LEU M 318 -48.86 34.91 -6.42
N ASP M 319 -49.62 33.83 -6.57
CA ASP M 319 -50.76 33.60 -5.70
C ASP M 319 -50.28 33.16 -4.32
N GLN M 320 -49.11 32.54 -4.28
CA GLN M 320 -48.53 32.10 -3.02
C GLN M 320 -47.99 33.31 -2.28
N ILE M 321 -47.66 34.35 -3.04
CA ILE M 321 -47.14 35.59 -2.49
C ILE M 321 -48.28 36.45 -1.96
N ASP M 322 -49.43 36.40 -2.63
CA ASP M 322 -50.58 37.18 -2.22
C ASP M 322 -51.32 36.51 -1.07
N GLU M 323 -50.93 35.28 -0.74
CA GLU M 323 -51.55 34.55 0.35
C GLU M 323 -50.55 34.44 1.50
N LEU M 324 -49.27 34.61 1.19
CA LEU M 324 -48.21 34.53 2.19
C LEU M 324 -48.07 35.90 2.84
N TYR M 325 -48.09 36.95 2.01
CA TYR M 325 -47.97 38.31 2.48
C TYR M 325 -49.26 39.05 2.17
N GLU M 326 -50.29 38.76 2.96
CA GLU M 326 -51.60 39.36 2.78
C GLU M 326 -51.64 40.85 3.11
N ASP M 327 -50.98 41.24 4.19
CA ASP M 327 -50.96 42.64 4.59
C ASP M 327 -49.67 43.35 4.20
N PHE M 328 -49.00 42.84 3.17
CA PHE M 328 -47.75 43.45 2.68
C PHE M 328 -47.99 44.23 1.40
N HIS M 329 -47.12 45.20 1.13
CA HIS M 329 -47.24 45.99 -0.10
C HIS M 329 -46.57 45.23 -1.23
N VAL M 330 -47.32 44.33 -1.86
CA VAL M 330 -46.80 43.54 -2.96
C VAL M 330 -47.05 44.21 -4.30
N VAL M 331 -46.09 45.02 -4.73
CA VAL M 331 -46.20 45.72 -6.01
C VAL M 331 -45.64 44.85 -7.12
N LYS M 332 -46.52 44.46 -8.04
CA LYS M 332 -46.14 43.60 -9.16
C LYS M 332 -45.70 44.42 -10.37
N MET M 333 -44.40 44.38 -10.66
CA MET M 333 -43.84 45.11 -11.78
C MET M 333 -43.80 44.28 -13.06
N PRO M 334 -44.00 44.94 -14.22
CA PRO M 334 -44.00 44.30 -15.54
C PRO M 334 -42.62 43.99 -16.09
N LEU M 335 -42.55 42.99 -16.96
CA LEU M 335 -41.30 42.58 -17.58
C LEU M 335 -41.02 43.47 -18.79
N CYS M 336 -39.77 43.87 -18.95
CA CYS M 336 -39.38 44.71 -20.08
C CYS M 336 -38.52 43.91 -21.03
N ALA M 337 -38.65 44.20 -22.33
CA ALA M 337 -37.87 43.49 -23.35
C ALA M 337 -36.41 43.37 -22.91
N GLY M 338 -35.71 44.50 -22.89
CA GLY M 338 -34.31 44.50 -22.46
C GLY M 338 -34.20 45.09 -21.08
N GLU M 339 -32.98 45.19 -20.56
CA GLU M 339 -32.79 45.76 -19.23
C GLU M 339 -33.00 47.27 -19.30
N ILE M 340 -33.49 47.84 -18.22
CA ILE M 340 -33.75 49.27 -18.15
C ILE M 340 -32.55 50.04 -17.62
N ARG M 341 -32.01 50.94 -18.44
CA ARG M 341 -30.87 51.74 -18.05
C ARG M 341 -31.05 53.17 -18.54
N GLY M 342 -30.35 54.11 -17.92
CA GLY M 342 -30.47 55.51 -18.29
C GLY M 342 -31.53 56.15 -17.43
N LEU M 343 -31.27 57.37 -16.97
CA LEU M 343 -32.20 58.09 -16.12
C LEU M 343 -33.61 58.11 -16.71
N ASN M 344 -33.69 58.38 -18.01
CA ASN M 344 -34.98 58.45 -18.70
C ASN M 344 -35.83 57.19 -18.58
N ASN M 345 -35.36 56.09 -19.16
CA ASN M 345 -36.10 54.83 -19.11
C ASN M 345 -36.39 54.35 -17.69
N LEU M 346 -35.61 54.83 -16.73
CA LEU M 346 -35.79 54.44 -15.34
C LEU M 346 -36.99 55.14 -14.69
N THR M 347 -37.09 56.45 -14.90
CA THR M 347 -38.18 57.23 -14.33
C THR M 347 -39.53 56.77 -14.88
N LYS M 348 -39.57 56.49 -16.18
CA LYS M 348 -40.79 56.06 -16.84
C LYS M 348 -41.22 54.66 -16.38
N PHE M 349 -40.25 53.88 -15.89
CA PHE M 349 -40.55 52.53 -15.40
C PHE M 349 -40.87 52.56 -13.91
N SER M 350 -40.32 53.54 -13.21
CA SER M 350 -40.54 53.68 -11.78
C SER M 350 -41.90 54.31 -11.47
N GLN M 351 -42.55 54.83 -12.51
CA GLN M 351 -43.85 55.46 -12.34
C GLN M 351 -44.87 54.43 -11.87
N PHE M 352 -44.62 53.17 -12.19
CA PHE M 352 -45.51 52.08 -11.80
C PHE M 352 -45.40 51.73 -10.33
N LEU M 353 -44.37 52.27 -9.66
CA LEU M 353 -44.18 52.03 -8.24
C LEU M 353 -45.08 52.96 -7.44
N ASN M 354 -45.57 54.00 -8.12
CA ASN M 354 -46.45 54.98 -7.49
C ASN M 354 -47.89 54.61 -7.83
N LYS M 355 -48.11 54.23 -9.08
CA LYS M 355 -49.44 53.83 -9.56
C LYS M 355 -49.32 52.44 -10.17
N GLU M 356 -50.17 51.52 -9.71
CA GLU M 356 -50.16 50.15 -10.19
C GLU M 356 -50.04 50.05 -11.71
N TYR M 357 -49.34 49.02 -12.18
CA TYR M 357 -49.15 48.79 -13.61
C TYR M 357 -50.32 47.99 -14.16
N ASN M 358 -50.96 48.53 -15.20
CA ASN M 358 -52.08 47.84 -15.83
C ASN M 358 -51.65 47.36 -17.21
N PRO M 359 -51.45 46.03 -17.36
CA PRO M 359 -51.03 45.45 -18.63
C PRO M 359 -52.03 45.67 -19.76
N ILE M 360 -53.21 46.15 -19.42
CA ILE M 360 -54.25 46.42 -20.40
C ILE M 360 -54.12 47.81 -21.02
N THR M 361 -53.62 48.76 -20.23
CA THR M 361 -53.45 50.12 -20.70
C THR M 361 -52.01 50.60 -20.74
N ASP M 362 -51.21 50.20 -19.76
CA ASP M 362 -49.81 50.60 -19.69
C ASP M 362 -48.90 49.75 -20.57
N GLY M 363 -49.50 48.89 -21.39
CA GLY M 363 -48.72 48.04 -22.27
C GLY M 363 -47.77 48.85 -23.15
N LYS M 364 -48.20 50.06 -23.50
CA LYS M 364 -47.41 50.93 -24.36
C LYS M 364 -46.08 51.32 -23.70
N VAL M 365 -46.16 51.82 -22.47
CA VAL M 365 -44.97 52.25 -21.73
C VAL M 365 -43.89 51.18 -21.69
N ILE M 366 -44.29 49.92 -21.64
CA ILE M 366 -43.35 48.81 -21.60
C ILE M 366 -42.72 48.55 -22.97
N TYR M 367 -43.57 48.30 -23.97
CA TYR M 367 -43.09 48.05 -25.33
C TYR M 367 -42.48 49.33 -25.88
N GLU M 368 -42.30 50.31 -24.99
CA GLU M 368 -41.72 51.60 -25.32
C GLU M 368 -40.26 51.59 -24.89
N LEU M 369 -40.01 51.07 -23.68
CA LEU M 369 -38.67 50.99 -23.14
C LEU M 369 -37.85 50.01 -23.99
N GLU M 370 -38.52 49.36 -24.93
CA GLU M 370 -37.89 48.40 -25.82
C GLU M 370 -37.42 49.09 -27.11
N VAL N 24 7.27 45.39 62.60
CA VAL N 24 6.02 44.63 62.88
C VAL N 24 6.04 44.06 64.30
N GLU N 25 5.13 44.54 65.14
CA GLU N 25 5.06 44.04 66.51
C GLU N 25 4.30 42.72 66.51
N PRO N 26 4.93 41.65 67.03
CA PRO N 26 4.30 40.33 67.09
C PRO N 26 3.09 40.28 68.02
N ASN N 27 2.18 41.22 67.83
CA ASN N 27 0.97 41.30 68.64
C ASN N 27 -0.18 41.90 67.84
N LEU N 28 -1.37 41.93 68.44
CA LEU N 28 -2.55 42.48 67.80
C LEU N 28 -2.99 43.77 68.48
N HIS N 29 -2.03 44.46 69.10
CA HIS N 29 -2.32 45.70 69.81
C HIS N 29 -3.05 46.71 68.95
N SER N 30 -2.41 47.13 67.86
CA SER N 30 -2.99 48.10 66.94
C SER N 30 -4.44 47.79 66.56
N LEU N 31 -4.77 46.51 66.52
CA LEU N 31 -6.13 46.08 66.16
C LEU N 31 -7.03 46.02 67.38
N ILE N 32 -6.48 45.57 68.50
CA ILE N 32 -7.23 45.45 69.74
C ILE N 32 -7.65 46.83 70.28
N THR N 33 -6.86 47.85 69.94
CA THR N 33 -7.15 49.21 70.40
C THR N 33 -7.76 50.08 69.31
N SER N 34 -8.09 49.47 68.17
CA SER N 34 -8.67 50.21 67.06
C SER N 34 -10.19 50.39 67.23
N THR N 35 -10.65 51.62 67.07
CA THR N 35 -12.06 51.94 67.22
C THR N 35 -12.76 52.15 65.88
N THR N 36 -11.99 52.06 64.80
CA THR N 36 -12.53 52.24 63.45
C THR N 36 -12.98 50.91 62.87
N HIS N 37 -12.17 49.87 63.06
CA HIS N 37 -12.49 48.55 62.55
C HIS N 37 -13.89 48.14 62.99
N LYS N 38 -14.65 47.58 62.05
CA LYS N 38 -16.01 47.14 62.33
C LYS N 38 -16.28 45.77 61.72
N TRP N 39 -15.24 45.18 61.14
CA TRP N 39 -15.33 43.87 60.51
C TRP N 39 -14.04 43.10 60.81
N ILE N 40 -14.12 42.19 61.77
CA ILE N 40 -12.94 41.40 62.16
C ILE N 40 -13.07 39.92 61.79
N PHE N 41 -12.30 39.48 60.81
CA PHE N 41 -12.32 38.10 60.36
C PHE N 41 -11.35 37.24 61.17
N VAL N 42 -11.69 35.97 61.35
CA VAL N 42 -10.85 35.05 62.10
C VAL N 42 -10.99 33.64 61.53
N GLY N 43 -10.01 33.21 60.74
CA GLY N 43 -10.04 31.89 60.15
C GLY N 43 -8.88 31.00 60.53
N GLY N 44 -8.99 29.71 60.24
CA GLY N 44 -7.94 28.77 60.56
C GLY N 44 -8.41 27.33 60.57
N LYS N 45 -8.45 26.72 59.39
CA LYS N 45 -8.89 25.34 59.25
C LYS N 45 -7.83 24.36 59.75
N GLY N 46 -8.27 23.32 60.45
CA GLY N 46 -7.33 22.35 60.96
C GLY N 46 -7.39 22.14 62.46
N GLY N 47 -8.49 22.57 63.08
CA GLY N 47 -8.61 22.42 64.53
C GLY N 47 -7.37 23.00 65.17
N VAL N 48 -6.99 24.19 64.70
CA VAL N 48 -5.79 24.86 65.20
C VAL N 48 -6.08 25.86 66.32
N GLY N 49 -7.21 25.67 67.00
CA GLY N 49 -7.56 26.56 68.09
C GLY N 49 -8.21 27.84 67.61
N LYS N 50 -8.94 27.75 66.50
CA LYS N 50 -9.63 28.91 65.93
C LYS N 50 -10.55 29.54 66.95
N THR N 51 -11.44 28.72 67.53
CA THR N 51 -12.40 29.17 68.51
C THR N 51 -11.73 30.00 69.60
N THR N 52 -10.62 29.49 70.12
CA THR N 52 -9.87 30.17 71.18
C THR N 52 -9.46 31.57 70.76
N SER N 53 -8.68 31.65 69.68
CA SER N 53 -8.20 32.94 69.17
C SER N 53 -9.34 33.92 68.95
N SER N 54 -10.47 33.42 68.47
CA SER N 54 -11.63 34.26 68.21
C SER N 54 -12.13 34.92 69.50
N CYS N 55 -12.38 34.10 70.51
CA CYS N 55 -12.86 34.60 71.80
C CYS N 55 -11.82 35.53 72.41
N SER N 56 -10.55 35.22 72.18
CA SER N 56 -9.45 36.01 72.71
C SER N 56 -9.42 37.42 72.11
N ILE N 57 -9.41 37.48 70.78
CA ILE N 57 -9.38 38.76 70.08
C ILE N 57 -10.61 39.60 70.40
N ALA N 58 -11.74 38.94 70.62
CA ALA N 58 -12.98 39.62 70.93
C ALA N 58 -12.94 40.24 72.33
N ILE N 59 -12.37 39.50 73.28
CA ILE N 59 -12.27 39.97 74.65
C ILE N 59 -11.26 41.11 74.78
N GLN N 60 -10.14 40.99 74.09
CA GLN N 60 -9.10 42.01 74.14
C GLN N 60 -9.57 43.35 73.60
N MET N 61 -10.41 43.30 72.56
CA MET N 61 -10.94 44.53 71.97
C MET N 61 -12.05 45.14 72.81
N ALA N 62 -12.88 44.27 73.40
CA ALA N 62 -13.98 44.72 74.23
C ALA N 62 -13.50 45.38 75.52
N LEU N 63 -12.44 44.82 76.09
CA LEU N 63 -11.88 45.35 77.33
C LEU N 63 -11.06 46.62 77.09
N SER N 64 -10.44 46.71 75.93
CA SER N 64 -9.63 47.88 75.59
C SER N 64 -10.49 49.06 75.14
N GLN N 65 -11.70 48.77 74.68
CA GLN N 65 -12.60 49.81 74.21
C GLN N 65 -14.00 49.61 74.80
N PRO N 66 -14.17 49.91 76.10
CA PRO N 66 -15.46 49.75 76.78
C PRO N 66 -16.51 50.73 76.28
N ASN N 67 -16.11 51.65 75.41
CA ASN N 67 -17.03 52.63 74.86
C ASN N 67 -17.56 52.21 73.49
N LYS N 68 -17.47 50.91 73.21
CA LYS N 68 -17.94 50.36 71.94
C LYS N 68 -18.43 48.93 72.12
N GLN N 69 -19.56 48.61 71.47
CA GLN N 69 -20.14 47.28 71.55
C GLN N 69 -19.52 46.33 70.51
N PHE N 70 -19.12 45.15 70.97
CA PHE N 70 -18.51 44.15 70.10
C PHE N 70 -19.39 42.91 70.02
N LEU N 71 -19.31 42.20 68.90
CA LEU N 71 -20.11 40.99 68.71
C LEU N 71 -19.31 39.85 68.10
N LEU N 72 -19.15 38.77 68.87
CA LEU N 72 -18.41 37.60 68.42
C LEU N 72 -19.41 36.56 67.93
N ILE N 73 -19.38 36.26 66.63
CA ILE N 73 -20.30 35.29 66.05
C ILE N 73 -19.58 34.12 65.38
N SER N 74 -20.10 32.92 65.60
CA SER N 74 -19.53 31.71 65.02
C SER N 74 -20.58 30.92 64.24
N THR N 75 -20.10 30.06 63.35
CA THR N 75 -20.98 29.23 62.53
C THR N 75 -20.67 27.76 62.73
N ASP N 76 -19.68 27.49 63.58
CA ASP N 76 -19.28 26.11 63.86
C ASP N 76 -20.41 25.37 64.56
N PRO N 77 -20.91 24.29 63.93
CA PRO N 77 -22.01 23.47 64.47
C PRO N 77 -21.71 22.82 65.82
N ALA N 78 -20.46 22.92 66.27
CA ALA N 78 -20.07 22.34 67.54
C ALA N 78 -20.33 23.29 68.70
N HIS N 79 -20.82 24.49 68.40
CA HIS N 79 -21.09 25.49 69.42
C HIS N 79 -19.84 25.69 70.27
N ASN N 80 -18.77 26.09 69.61
CA ASN N 80 -17.48 26.32 70.26
C ASN N 80 -17.48 27.49 71.23
N LEU N 81 -18.26 28.53 70.94
CA LEU N 81 -18.32 29.70 71.81
C LEU N 81 -19.05 29.41 73.12
N SER N 82 -20.01 28.49 73.09
CA SER N 82 -20.75 28.13 74.28
C SER N 82 -19.94 27.20 75.18
N ASP N 83 -19.01 26.47 74.55
CA ASP N 83 -18.15 25.54 75.28
C ASP N 83 -16.87 26.23 75.71
N ALA N 84 -16.60 27.40 75.14
CA ALA N 84 -15.40 28.17 75.46
C ALA N 84 -15.64 29.12 76.64
N PHE N 85 -16.85 29.67 76.71
CA PHE N 85 -17.20 30.60 77.79
C PHE N 85 -17.86 29.90 78.97
N GLY N 86 -18.70 28.91 78.67
CA GLY N 86 -19.38 28.18 79.73
C GLY N 86 -20.84 28.55 79.86
N GLU N 87 -21.40 29.12 78.80
CA GLU N 87 -22.80 29.53 78.79
C GLU N 87 -23.42 29.30 77.41
N LYS N 88 -24.74 29.18 77.39
CA LYS N 88 -25.47 28.93 76.15
C LYS N 88 -25.64 30.18 75.27
N PHE N 89 -25.19 30.06 74.03
CA PHE N 89 -25.29 31.16 73.06
C PHE N 89 -26.08 30.67 71.85
N GLY N 90 -27.08 31.44 71.45
CA GLY N 90 -27.88 31.07 70.30
C GLY N 90 -27.92 32.13 69.22
N LYS N 91 -28.90 32.02 68.33
CA LYS N 91 -29.05 32.98 67.23
C LYS N 91 -29.32 34.37 67.79
N ASP N 92 -29.69 34.43 69.07
CA ASP N 92 -29.98 35.69 69.74
C ASP N 92 -28.76 36.17 70.51
N ALA N 93 -28.16 37.25 70.03
CA ALA N 93 -26.97 37.82 70.65
C ALA N 93 -27.15 38.05 72.15
N ARG N 94 -26.23 37.53 72.95
CA ARG N 94 -26.27 37.69 74.39
C ARG N 94 -24.91 38.14 74.93
N LYS N 95 -24.93 39.11 75.84
CA LYS N 95 -23.70 39.62 76.44
C LYS N 95 -23.09 38.52 77.29
N VAL N 96 -21.79 38.26 77.11
CA VAL N 96 -21.13 37.23 77.90
C VAL N 96 -21.20 37.70 79.34
N THR N 97 -21.56 36.80 80.25
CA THR N 97 -21.67 37.14 81.66
C THR N 97 -20.40 37.74 82.22
N GLY N 98 -20.54 38.92 82.83
CA GLY N 98 -19.39 39.59 83.40
C GLY N 98 -18.85 40.74 82.56
N MET N 99 -19.35 40.83 81.33
CA MET N 99 -18.93 41.88 80.40
C MET N 99 -20.17 42.55 79.82
N ASN N 100 -20.15 43.88 79.75
CA ASN N 100 -21.27 44.62 79.20
C ASN N 100 -20.81 45.30 77.92
N ASN N 101 -19.73 44.79 77.35
CA ASN N 101 -19.16 45.35 76.12
C ASN N 101 -19.04 44.30 75.04
N LEU N 102 -18.96 43.03 75.44
CA LEU N 102 -18.84 41.93 74.50
C LEU N 102 -20.11 41.10 74.41
N SER N 103 -20.45 40.65 73.20
CA SER N 103 -21.64 39.85 72.98
C SER N 103 -21.31 38.67 72.07
N CYS N 104 -22.00 37.54 72.27
CA CYS N 104 -21.76 36.35 71.46
C CYS N 104 -22.97 35.97 70.61
N MET N 105 -22.69 35.38 69.45
CA MET N 105 -23.72 34.95 68.53
C MET N 105 -23.34 33.64 67.85
N GLU N 106 -24.19 32.64 67.99
CA GLU N 106 -23.96 31.33 67.38
C GLU N 106 -25.12 30.96 66.47
N ILE N 107 -24.95 31.18 65.18
CA ILE N 107 -25.99 30.88 64.20
C ILE N 107 -25.56 29.76 63.25
N ASP N 108 -26.53 29.14 62.60
CA ASP N 108 -26.26 28.06 61.65
C ASP N 108 -26.42 28.60 60.24
N PRO N 109 -25.30 28.85 59.54
CA PRO N 109 -25.31 29.36 58.16
C PRO N 109 -25.81 28.36 57.13
N SER N 110 -27.05 27.92 57.28
CA SER N 110 -27.64 26.96 56.35
C SER N 110 -29.08 26.65 56.75
N ALA N 111 -29.36 26.73 58.05
CA ALA N 111 -30.69 26.46 58.56
C ALA N 111 -31.61 27.65 58.31
N GLY N 150 -24.69 25.88 42.15
CA GLY N 150 -23.53 25.28 41.53
C GLY N 150 -23.38 25.65 40.07
N SER N 151 -24.28 26.53 39.59
CA SER N 151 -24.25 26.97 38.21
C SER N 151 -23.55 28.32 38.08
N ILE N 152 -23.94 29.27 38.94
CA ILE N 152 -23.35 30.60 38.94
C ILE N 152 -22.49 30.81 40.17
N PRO N 153 -21.21 31.17 39.97
CA PRO N 153 -20.29 31.41 41.08
C PRO N 153 -20.65 32.68 41.85
N GLY N 154 -20.50 32.63 43.17
CA GLY N 154 -20.81 33.80 43.98
C GLY N 154 -22.19 33.77 44.61
N ILE N 155 -23.19 33.31 43.85
CA ILE N 155 -24.56 33.25 44.35
C ILE N 155 -24.67 32.58 45.72
N ASP N 156 -24.37 31.29 45.76
CA ASP N 156 -24.44 30.50 46.99
C ASP N 156 -23.79 31.23 48.16
N GLU N 157 -22.55 31.67 47.98
CA GLU N 157 -21.83 32.37 49.04
C GLU N 157 -22.61 33.62 49.47
N ALA N 158 -23.12 34.36 48.50
CA ALA N 158 -23.88 35.56 48.77
C ALA N 158 -25.04 35.26 49.72
N LEU N 159 -25.87 34.30 49.33
CA LEU N 159 -27.03 33.90 50.14
C LEU N 159 -26.62 33.57 51.57
N SER N 160 -25.50 32.89 51.71
CA SER N 160 -24.99 32.49 53.02
C SER N 160 -24.60 33.68 53.90
N PHE N 161 -23.87 34.62 53.32
CA PHE N 161 -23.42 35.80 54.06
C PHE N 161 -24.57 36.78 54.28
N MET N 162 -25.39 36.96 53.25
CA MET N 162 -26.53 37.87 53.35
C MET N 162 -27.42 37.48 54.53
N GLU N 163 -27.53 36.17 54.76
CA GLU N 163 -28.35 35.65 55.86
C GLU N 163 -27.76 35.93 57.23
N VAL N 164 -26.44 35.84 57.35
CA VAL N 164 -25.78 36.09 58.63
C VAL N 164 -25.90 37.55 59.02
N MET N 165 -25.91 38.42 58.02
CA MET N 165 -26.03 39.86 58.26
C MET N 165 -27.44 40.25 58.66
N LYS N 166 -28.42 39.43 58.27
CA LYS N 166 -29.80 39.69 58.63
C LYS N 166 -29.97 39.32 60.10
N HIS N 167 -29.14 38.39 60.56
CA HIS N 167 -29.17 37.95 61.95
C HIS N 167 -28.46 38.97 62.83
N ILE N 168 -27.64 39.82 62.20
CA ILE N 168 -26.91 40.85 62.91
C ILE N 168 -27.82 42.05 63.18
N LYS N 169 -28.45 42.56 62.12
CA LYS N 169 -29.34 43.70 62.22
C LYS N 169 -30.57 43.37 63.05
N ARG N 170 -30.91 42.09 63.13
CA ARG N 170 -32.07 41.65 63.89
C ARG N 170 -31.79 41.68 65.38
N GLN N 171 -30.52 41.52 65.75
CA GLN N 171 -30.12 41.53 67.15
C GLN N 171 -29.71 42.92 67.62
N GLU N 172 -29.71 43.87 66.70
CA GLU N 172 -29.36 45.25 67.03
C GLU N 172 -30.63 46.08 67.20
N GLN N 173 -31.77 45.46 66.92
CA GLN N 173 -33.05 46.13 67.04
C GLN N 173 -33.74 45.60 68.29
N GLY N 174 -33.56 44.31 68.53
CA GLY N 174 -34.15 43.68 69.70
C GLY N 174 -33.13 43.70 70.82
N GLU N 175 -32.87 44.89 71.36
CA GLU N 175 -31.90 45.06 72.43
C GLU N 175 -30.48 44.78 71.94
N GLY N 176 -29.57 45.68 72.31
CA GLY N 176 -28.18 45.57 71.90
C GLY N 176 -27.90 46.83 71.10
N GLU N 177 -28.95 47.26 70.41
CA GLU N 177 -28.94 48.46 69.59
C GLU N 177 -27.93 48.50 68.45
N THR N 178 -26.65 48.40 68.76
CA THR N 178 -25.64 48.45 67.71
C THR N 178 -24.24 48.02 68.15
N PHE N 179 -23.58 47.24 67.30
CA PHE N 179 -22.23 46.77 67.56
C PHE N 179 -21.28 47.53 66.65
N ASP N 180 -20.28 48.18 67.22
CA ASP N 180 -19.33 48.96 66.45
C ASP N 180 -18.40 48.10 65.61
N THR N 181 -17.98 46.96 66.16
CA THR N 181 -17.09 46.05 65.44
C THR N 181 -17.49 44.60 65.67
N VAL N 182 -17.71 43.87 64.59
CA VAL N 182 -18.10 42.46 64.68
C VAL N 182 -16.91 41.53 64.49
N ILE N 183 -16.82 40.52 65.34
CA ILE N 183 -15.74 39.55 65.27
C ILE N 183 -16.25 38.27 64.61
N PHE N 184 -16.01 38.14 63.32
CA PHE N 184 -16.46 36.98 62.55
C PHE N 184 -15.60 35.73 62.78
N ASP N 185 -16.19 34.75 63.47
CA ASP N 185 -15.50 33.49 63.72
C ASP N 185 -15.82 32.56 62.56
N THR N 186 -15.15 32.79 61.43
CA THR N 186 -15.35 32.01 60.22
C THR N 186 -15.53 30.51 60.50
N ALA N 187 -16.29 29.85 59.64
CA ALA N 187 -16.55 28.42 59.78
C ALA N 187 -15.26 27.63 59.66
N PRO N 188 -15.26 26.37 60.15
CA PRO N 188 -14.07 25.52 60.09
C PRO N 188 -13.74 25.12 58.66
N THR N 189 -14.77 24.80 57.88
CA THR N 189 -14.59 24.39 56.49
C THR N 189 -15.45 25.27 55.58
N GLY N 190 -15.27 25.12 54.27
CA GLY N 190 -16.05 25.91 53.34
C GLY N 190 -15.58 27.34 53.24
N HIS N 191 -15.20 27.76 52.05
CA HIS N 191 -14.72 29.12 51.81
C HIS N 191 -15.91 30.09 51.81
N THR N 192 -16.34 30.48 53.01
CA THR N 192 -17.47 31.40 53.16
C THR N 192 -17.18 32.79 52.60
N LEU N 193 -15.96 32.97 52.09
CA LEU N 193 -15.57 34.25 51.52
C LEU N 193 -15.34 34.14 50.02
N ARG N 194 -15.97 33.16 49.39
CA ARG N 194 -15.82 32.96 47.96
C ARG N 194 -16.48 34.08 47.17
N PHE N 195 -17.63 34.56 47.66
CA PHE N 195 -18.35 35.63 46.99
C PHE N 195 -17.59 36.95 47.08
N LEU N 196 -16.43 36.93 47.72
CA LEU N 196 -15.64 38.14 47.87
C LEU N 196 -14.84 38.42 46.60
N GLN N 197 -15.30 37.89 45.47
CA GLN N 197 -14.60 38.11 44.23
C GLN N 197 -15.55 38.20 43.04
N LEU N 198 -16.70 37.56 43.16
CA LEU N 198 -17.69 37.59 42.08
C LEU N 198 -18.08 39.02 41.72
N PRO N 199 -18.45 39.83 42.72
CA PRO N 199 -18.85 41.23 42.48
C PRO N 199 -17.88 42.04 41.64
N ASN N 200 -16.59 41.81 41.81
CA ASN N 200 -15.58 42.54 41.03
C ASN N 200 -15.47 41.87 39.66
N THR N 201 -15.55 40.55 39.65
CA THR N 201 -15.46 39.76 38.43
C THR N 201 -16.51 40.18 37.41
N LEU N 202 -17.75 39.74 37.65
CA LEU N 202 -18.85 40.04 36.76
C LEU N 202 -18.89 41.51 36.35
N SER N 203 -18.59 42.41 37.28
CA SER N 203 -18.61 43.84 36.99
C SER N 203 -17.62 44.21 35.90
N LYS N 204 -16.36 43.79 36.05
CA LYS N 204 -15.35 44.08 35.04
C LYS N 204 -15.80 43.59 33.67
N LEU N 205 -16.58 42.51 33.67
CA LEU N 205 -17.09 41.96 32.42
C LEU N 205 -18.09 42.94 31.82
N LEU N 206 -18.78 43.69 32.68
CA LEU N 206 -19.74 44.68 32.23
C LEU N 206 -18.99 45.78 31.50
N GLU N 207 -17.78 46.08 31.97
CA GLU N 207 -16.97 47.12 31.36
C GLU N 207 -16.50 46.71 29.97
N LYS N 208 -16.13 45.45 29.80
CA LYS N 208 -15.70 44.98 28.48
C LYS N 208 -16.93 44.99 27.59
N PHE N 209 -18.08 44.73 28.21
CA PHE N 209 -19.34 44.71 27.50
C PHE N 209 -19.74 46.12 27.09
N GLY N 210 -19.78 47.03 28.06
CA GLY N 210 -20.15 48.41 27.81
C GLY N 210 -19.31 49.11 26.76
N GLU N 211 -17.99 49.09 26.92
CA GLU N 211 -17.10 49.75 25.98
C GLU N 211 -17.26 49.22 24.55
N ILE N 212 -17.02 47.92 24.37
CA ILE N 212 -17.13 47.30 23.06
C ILE N 212 -18.45 47.63 22.37
N THR N 213 -19.53 47.67 23.15
CA THR N 213 -20.84 47.98 22.59
C THR N 213 -20.87 49.41 22.02
N ASN N 214 -19.70 50.02 21.93
CA ASN N 214 -19.58 51.37 21.40
C ASN N 214 -18.97 51.32 20.02
N LYS N 215 -19.73 50.81 19.04
CA LYS N 215 -19.27 50.72 17.67
C LYS N 215 -18.73 52.09 17.27
N LEU N 216 -18.10 52.16 16.10
CA LEU N 216 -17.55 53.44 15.64
C LEU N 216 -18.48 54.58 16.06
N GLY N 217 -17.89 55.68 16.53
CA GLY N 217 -18.72 56.79 16.96
C GLY N 217 -18.10 57.57 18.10
N PRO N 218 -18.89 57.94 19.12
CA PRO N 218 -20.33 57.68 19.29
C PRO N 218 -21.16 58.54 18.34
N MET N 219 -20.53 58.92 17.23
CA MET N 219 -21.14 59.76 16.21
C MET N 219 -22.48 59.19 15.75
N LEU N 220 -22.46 57.97 15.20
CA LEU N 220 -23.65 57.32 14.69
C LEU N 220 -24.47 56.61 15.77
N ASN N 221 -23.83 56.26 16.88
CA ASN N 221 -24.55 55.57 17.95
C ASN N 221 -25.48 56.55 18.65
N SER N 222 -25.16 57.83 18.50
CA SER N 222 -25.96 58.89 19.12
C SER N 222 -26.99 59.44 18.15
N PHE N 223 -26.83 59.11 16.87
CA PHE N 223 -27.75 59.57 15.84
C PHE N 223 -28.94 58.62 15.71
N MET N 224 -28.78 57.40 16.20
CA MET N 224 -29.85 56.40 16.14
C MET N 224 -30.52 56.26 17.50
N GLY N 225 -29.90 56.82 18.53
CA GLY N 225 -30.46 56.75 19.86
C GLY N 225 -30.43 58.10 20.57
N ILE N 231 -22.28 59.70 27.21
CA ILE N 231 -21.53 58.61 27.81
C ILE N 231 -22.14 58.16 29.13
N SER N 232 -23.47 58.14 29.17
CA SER N 232 -24.19 57.72 30.38
C SER N 232 -23.84 56.28 30.74
N GLY N 233 -23.44 55.50 29.74
CA GLY N 233 -23.08 54.12 29.99
C GLY N 233 -21.68 53.95 30.53
N LYS N 234 -20.76 54.81 30.10
CA LYS N 234 -19.37 54.74 30.54
C LYS N 234 -19.21 55.34 31.93
N LEU N 235 -20.20 56.10 32.38
CA LEU N 235 -20.15 56.73 33.69
C LEU N 235 -20.82 55.88 34.76
N ASN N 236 -22.07 55.49 34.51
CA ASN N 236 -22.81 54.67 35.45
C ASN N 236 -22.09 53.35 35.70
N GLU N 237 -21.37 52.88 34.68
CA GLU N 237 -20.62 51.64 34.82
C GLU N 237 -19.53 51.85 35.85
N LEU N 238 -18.76 52.92 35.67
CA LEU N 238 -17.67 53.26 36.57
C LEU N 238 -18.20 53.52 37.97
N LYS N 239 -19.47 53.94 38.07
CA LYS N 239 -20.07 54.20 39.38
C LYS N 239 -20.47 52.88 40.03
N ALA N 240 -21.05 51.99 39.24
CA ALA N 240 -21.46 50.68 39.75
C ALA N 240 -20.20 49.87 40.00
N ASN N 241 -19.10 50.30 39.39
CA ASN N 241 -17.81 49.63 39.53
C ASN N 241 -17.19 49.92 40.89
N VAL N 242 -16.93 51.20 41.16
CA VAL N 242 -16.33 51.61 42.42
C VAL N 242 -17.14 51.09 43.61
N GLU N 243 -18.44 51.39 43.63
CA GLU N 243 -19.32 50.95 44.71
C GLU N 243 -19.08 49.47 45.01
N THR N 244 -19.08 48.66 43.95
CA THR N 244 -18.87 47.23 44.10
C THR N 244 -17.51 46.95 44.70
N ILE N 245 -16.47 47.52 44.10
CA ILE N 245 -15.10 47.34 44.58
C ILE N 245 -14.93 47.89 45.99
N ARG N 246 -15.90 48.70 46.43
CA ARG N 246 -15.84 49.27 47.78
C ARG N 246 -16.44 48.32 48.81
N GLN N 247 -17.12 47.28 48.34
CA GLN N 247 -17.73 46.31 49.24
C GLN N 247 -16.78 45.15 49.52
N GLN N 248 -15.80 44.99 48.64
CA GLN N 248 -14.79 43.93 48.79
C GLN N 248 -13.59 44.55 49.51
N PHE N 249 -13.13 45.67 48.99
CA PHE N 249 -12.01 46.40 49.56
C PHE N 249 -12.39 46.80 50.98
N THR N 250 -13.66 47.19 51.13
CA THR N 250 -14.22 47.62 52.42
C THR N 250 -13.22 48.31 53.34
N ASP N 251 -12.27 49.03 52.75
CA ASP N 251 -11.26 49.77 53.49
C ASP N 251 -10.43 48.91 54.45
N PRO N 252 -9.10 48.91 54.29
CA PRO N 252 -8.22 48.12 55.14
C PRO N 252 -8.21 48.67 56.57
N ASP N 253 -8.71 49.89 56.72
CA ASP N 253 -8.78 50.54 58.03
C ASP N 253 -10.13 50.25 58.68
N LEU N 254 -11.04 49.66 57.89
CA LEU N 254 -12.37 49.31 58.38
C LEU N 254 -12.53 47.80 58.49
N THR N 255 -11.83 47.06 57.63
CA THR N 255 -11.91 45.62 57.64
C THR N 255 -10.54 44.96 57.51
N THR N 256 -10.38 43.83 58.20
CA THR N 256 -9.13 43.08 58.17
C THR N 256 -9.43 41.60 58.40
N PHE N 257 -8.44 40.75 58.18
CA PHE N 257 -8.62 39.32 58.36
C PHE N 257 -7.50 38.74 59.22
N VAL N 258 -7.87 38.04 60.28
CA VAL N 258 -6.91 37.42 61.18
C VAL N 258 -6.88 35.92 60.97
N CYS N 259 -5.72 35.38 60.62
CA CYS N 259 -5.56 33.94 60.40
C CYS N 259 -4.93 33.27 61.61
N VAL N 260 -5.30 32.02 61.84
CA VAL N 260 -4.78 31.27 62.97
C VAL N 260 -4.18 29.93 62.50
N CYS N 261 -3.07 29.53 63.10
CA CYS N 261 -2.41 28.29 62.74
C CYS N 261 -1.40 27.88 63.80
N ILE N 262 -0.60 26.87 63.48
CA ILE N 262 0.44 26.38 64.38
C ILE N 262 1.66 26.01 63.54
N SER N 263 2.81 25.90 64.20
CA SER N 263 4.04 25.58 63.49
C SER N 263 4.10 24.09 63.14
N GLU N 264 3.38 23.72 62.09
CA GLU N 264 3.34 22.33 61.61
C GLU N 264 3.09 22.31 60.11
N PHE N 265 3.83 21.47 59.41
CA PHE N 265 3.72 21.34 57.95
C PHE N 265 2.32 21.61 57.43
N LEU N 266 1.43 20.65 57.64
CA LEU N 266 0.04 20.74 57.18
C LEU N 266 -0.61 22.09 57.49
N SER N 267 -0.33 22.63 58.67
CA SER N 267 -0.90 23.91 59.07
C SER N 267 -0.42 25.02 58.14
N LEU N 268 0.88 25.06 57.90
CA LEU N 268 1.48 26.06 57.02
C LEU N 268 0.86 25.97 55.64
N TYR N 269 0.68 24.74 55.15
CA TYR N 269 0.09 24.50 53.85
C TYR N 269 -1.29 25.16 53.80
N GLU N 270 -2.09 24.86 54.82
CA GLU N 270 -3.44 25.42 54.92
C GLU N 270 -3.41 26.93 55.05
N THR N 271 -2.44 27.44 55.80
CA THR N 271 -2.31 28.87 56.01
C THR N 271 -1.93 29.59 54.72
N GLU N 272 -0.86 29.12 54.09
CA GLU N 272 -0.38 29.72 52.85
C GLU N 272 -1.48 29.91 51.82
N ARG N 273 -2.29 28.87 51.61
CA ARG N 273 -3.38 28.94 50.65
C ARG N 273 -4.48 29.90 51.09
N LEU N 274 -4.84 29.83 52.37
CA LEU N 274 -5.88 30.68 52.93
C LEU N 274 -5.56 32.14 52.62
N ILE N 275 -4.32 32.53 52.88
CA ILE N 275 -3.87 33.90 52.65
C ILE N 275 -3.93 34.27 51.16
N GLN N 276 -3.55 33.33 50.29
CA GLN N 276 -3.60 33.58 48.86
C GLN N 276 -5.04 33.88 48.46
N GLU N 277 -5.94 33.05 48.96
CA GLU N 277 -7.37 33.19 48.70
C GLU N 277 -7.86 34.58 49.09
N LEU N 278 -7.45 35.05 50.26
CA LEU N 278 -7.87 36.35 50.76
C LEU N 278 -7.26 37.49 49.95
N ILE N 279 -6.03 37.30 49.49
CA ILE N 279 -5.36 38.32 48.69
C ILE N 279 -6.05 38.47 47.35
N SER N 280 -6.64 37.39 46.84
CA SER N 280 -7.34 37.44 45.57
C SER N 280 -8.65 38.19 45.80
N TYR N 281 -9.06 38.28 47.06
CA TYR N 281 -10.28 38.99 47.42
C TYR N 281 -9.90 40.42 47.78
N ASP N 282 -8.61 40.71 47.70
CA ASP N 282 -8.10 42.04 48.04
C ASP N 282 -8.37 42.35 49.51
N MET N 283 -8.74 41.32 50.26
CA MET N 283 -9.03 41.46 51.68
C MET N 283 -7.73 41.57 52.48
N ASP N 284 -7.59 42.66 53.23
CA ASP N 284 -6.39 42.89 54.03
C ASP N 284 -6.11 41.75 55.01
N VAL N 285 -4.86 41.29 55.01
CA VAL N 285 -4.43 40.21 55.89
C VAL N 285 -3.00 40.45 56.34
N ASN N 286 -2.81 40.56 57.65
CA ASN N 286 -1.48 40.81 58.20
C ASN N 286 -1.35 40.30 59.63
N SER N 287 -2.15 39.30 59.98
CA SER N 287 -2.12 38.74 61.33
C SER N 287 -2.21 37.22 61.29
N ILE N 288 -1.17 36.57 61.80
CA ILE N 288 -1.11 35.11 61.83
C ILE N 288 -0.86 34.62 63.26
N ILE N 289 -1.87 33.98 63.83
CA ILE N 289 -1.77 33.44 65.19
C ILE N 289 -1.23 32.02 65.16
N VAL N 290 -0.26 31.75 66.04
CA VAL N 290 0.35 30.43 66.13
C VAL N 290 0.35 29.96 67.57
N ASN N 291 -0.65 29.18 67.94
CA ASN N 291 -0.77 28.66 69.30
C ASN N 291 -0.09 27.30 69.47
N GLN N 292 -0.18 26.75 70.67
CA GLN N 292 0.40 25.46 70.99
C GLN N 292 1.93 25.41 70.97
N LEU N 293 2.57 26.57 70.89
CA LEU N 293 4.03 26.63 70.88
C LEU N 293 4.59 26.20 72.24
N LEU N 294 5.70 25.47 72.22
CA LEU N 294 6.31 24.97 73.44
C LEU N 294 7.30 25.91 74.13
N PHE N 295 8.29 26.38 73.39
CA PHE N 295 9.31 27.26 73.96
C PHE N 295 9.91 26.50 75.14
N ALA N 296 10.03 25.18 74.98
CA ALA N 296 10.55 24.30 76.01
C ALA N 296 12.02 24.50 76.38
N GLU N 297 12.60 25.62 75.98
CA GLU N 297 14.00 25.90 76.31
C GLU N 297 14.11 27.00 77.34
N ASN N 298 12.96 27.39 77.91
CA ASN N 298 12.95 28.47 78.90
C ASN N 298 12.12 28.13 80.14
N ASP N 299 11.10 27.29 79.98
CA ASP N 299 10.24 26.91 81.10
C ASP N 299 11.05 26.48 82.32
N GLN N 300 10.74 27.07 83.47
CA GLN N 300 11.44 26.73 84.71
C GLN N 300 10.96 25.39 85.24
N GLU N 301 11.59 24.34 84.75
CA GLU N 301 11.30 22.95 85.10
C GLU N 301 11.61 22.17 83.83
N HIS N 302 12.81 22.39 83.30
CA HIS N 302 13.29 21.75 82.08
C HIS N 302 13.00 20.26 81.99
N ASN N 303 13.91 19.54 81.33
CA ASN N 303 13.79 18.10 81.14
C ASN N 303 12.71 17.72 80.13
N CYS N 304 12.45 16.43 80.04
CA CYS N 304 11.45 15.88 79.12
C CYS N 304 11.86 16.03 77.66
N LYS N 305 12.65 15.07 77.17
CA LYS N 305 13.10 15.08 75.78
C LYS N 305 11.90 15.20 74.85
N ARG N 306 10.86 14.43 75.14
CA ARG N 306 9.64 14.39 74.34
C ARG N 306 9.15 15.81 74.00
N CYS N 307 9.22 16.70 74.98
CA CYS N 307 8.79 18.08 74.79
C CYS N 307 9.81 18.92 74.03
N GLN N 308 11.09 18.63 74.27
CA GLN N 308 12.16 19.37 73.61
C GLN N 308 12.23 19.02 72.12
N ALA N 309 12.02 17.75 71.81
CA ALA N 309 12.06 17.29 70.42
C ALA N 309 10.92 17.90 69.61
N ARG N 310 9.74 17.94 70.20
CA ARG N 310 8.57 18.50 69.52
C ARG N 310 8.76 19.97 69.17
N TRP N 311 9.36 20.74 70.09
CA TRP N 311 9.58 22.15 69.85
C TRP N 311 10.70 22.38 68.84
N LYS N 312 11.61 21.42 68.72
CA LYS N 312 12.71 21.54 67.77
C LYS N 312 12.11 21.52 66.38
N MET N 313 10.99 20.83 66.24
CA MET N 313 10.30 20.71 64.96
C MET N 313 9.46 21.97 64.74
N GLN N 314 8.84 22.45 65.82
CA GLN N 314 8.00 23.65 65.74
C GLN N 314 8.88 24.86 65.45
N LYS N 315 10.11 24.83 65.93
CA LYS N 315 11.05 25.92 65.72
C LYS N 315 11.48 25.93 64.25
N LYS N 316 11.56 24.74 63.66
CA LYS N 316 11.94 24.59 62.27
C LYS N 316 10.99 25.36 61.38
N TYR N 317 9.70 25.04 61.50
CA TYR N 317 8.66 25.69 60.72
C TYR N 317 8.46 27.15 61.09
N LEU N 318 8.56 27.47 62.37
CA LEU N 318 8.38 28.84 62.82
C LEU N 318 9.34 29.78 62.09
N ASP N 319 10.50 29.27 61.72
CA ASP N 319 11.48 30.08 60.99
C ASP N 319 11.02 30.25 59.55
N GLN N 320 10.27 29.28 59.04
CA GLN N 320 9.75 29.35 57.67
C GLN N 320 8.61 30.36 57.65
N ILE N 321 8.00 30.56 58.81
CA ILE N 321 6.89 31.49 58.95
C ILE N 321 7.42 32.93 59.08
N ASP N 322 8.56 33.07 59.75
CA ASP N 322 9.16 34.39 59.95
C ASP N 322 9.91 34.83 58.70
N GLU N 323 10.05 33.93 57.73
CA GLU N 323 10.74 34.26 56.49
C GLU N 323 9.72 34.31 55.35
N LEU N 324 8.58 33.65 55.57
CA LEU N 324 7.52 33.62 54.57
C LEU N 324 6.67 34.87 54.74
N TYR N 325 6.40 35.23 55.99
CA TYR N 325 5.61 36.41 56.29
C TYR N 325 6.46 37.36 57.11
N GLU N 326 7.34 38.07 56.42
CA GLU N 326 8.26 39.00 57.05
C GLU N 326 7.57 40.27 57.54
N ASP N 327 6.63 40.80 56.76
CA ASP N 327 5.92 42.01 57.14
C ASP N 327 4.52 41.73 57.71
N PHE N 328 4.34 40.53 58.24
CA PHE N 328 3.06 40.14 58.83
C PHE N 328 3.13 40.14 60.36
N HIS N 329 1.98 40.29 61.01
CA HIS N 329 1.94 40.27 62.46
C HIS N 329 1.86 38.83 62.94
N VAL N 330 3.03 38.19 63.04
CA VAL N 330 3.09 36.80 63.48
C VAL N 330 3.23 36.70 64.99
N VAL N 331 2.08 36.65 65.68
CA VAL N 331 2.07 36.54 67.13
C VAL N 331 2.16 35.08 67.54
N LYS N 332 3.25 34.75 68.23
CA LYS N 332 3.49 33.38 68.68
C LYS N 332 2.93 33.14 70.08
N MET N 333 1.84 32.37 70.15
CA MET N 333 1.20 32.06 71.42
C MET N 333 1.76 30.78 72.06
N PRO N 334 1.83 30.75 73.40
CA PRO N 334 2.33 29.62 74.17
C PRO N 334 1.34 28.46 74.31
N LEU N 335 1.88 27.26 74.51
CA LEU N 335 1.06 26.07 74.67
C LEU N 335 0.63 25.95 76.12
N CYS N 336 -0.64 25.59 76.34
CA CYS N 336 -1.17 25.43 77.68
C CYS N 336 -1.41 23.96 77.97
N ALA N 337 -1.22 23.56 79.22
CA ALA N 337 -1.42 22.17 79.62
C ALA N 337 -2.71 21.63 79.02
N GLY N 338 -3.84 22.12 79.53
CA GLY N 338 -5.13 21.69 79.01
C GLY N 338 -5.72 22.78 78.15
N GLU N 339 -6.93 22.56 77.63
CA GLU N 339 -7.56 23.56 76.79
C GLU N 339 -8.05 24.71 77.66
N ILE N 340 -8.04 25.92 77.10
CA ILE N 340 -8.47 27.10 77.83
C ILE N 340 -9.95 27.37 77.64
N ARG N 341 -10.70 27.34 78.74
CA ARG N 341 -12.13 27.59 78.72
C ARG N 341 -12.53 28.46 79.90
N GLY N 342 -13.67 29.12 79.79
CA GLY N 342 -14.13 29.99 80.85
C GLY N 342 -13.63 31.40 80.57
N LEU N 343 -14.47 32.39 80.84
CA LEU N 343 -14.10 33.78 80.60
C LEU N 343 -12.78 34.14 81.27
N ASN N 344 -12.62 33.72 82.52
CA ASN N 344 -11.40 34.01 83.28
C ASN N 344 -10.12 33.55 82.61
N ASN N 345 -9.94 32.24 82.46
CA ASN N 345 -8.73 31.71 81.83
C ASN N 345 -8.50 32.22 80.42
N LEU N 346 -9.56 32.72 79.79
CA LEU N 346 -9.44 33.23 78.43
C LEU N 346 -8.82 34.63 78.39
N THR N 347 -9.28 35.51 79.27
CA THR N 347 -8.76 36.86 79.33
C THR N 347 -7.28 36.87 79.71
N LYS N 348 -6.91 36.02 80.66
CA LYS N 348 -5.54 35.93 81.12
C LYS N 348 -4.61 35.37 80.06
N PHE N 349 -5.17 34.61 79.12
CA PHE N 349 -4.39 34.02 78.04
C PHE N 349 -4.35 34.95 76.84
N SER N 350 -5.40 35.75 76.70
CA SER N 350 -5.49 36.70 75.58
C SER N 350 -4.62 37.92 75.81
N GLN N 351 -4.12 38.09 77.03
CA GLN N 351 -3.28 39.23 77.35
C GLN N 351 -2.00 39.20 76.53
N PHE N 352 -1.63 38.00 76.09
CA PHE N 352 -0.42 37.82 75.29
C PHE N 352 -0.60 38.29 73.85
N LEU N 353 -1.85 38.56 73.48
CA LEU N 353 -2.14 39.04 72.13
C LEU N 353 -1.90 40.54 72.06
N ASN N 354 -1.84 41.17 73.23
CA ASN N 354 -1.60 42.60 73.32
C ASN N 354 -0.11 42.83 73.57
N LYS N 355 0.46 42.02 74.46
CA LYS N 355 1.88 42.11 74.79
C LYS N 355 2.50 40.73 74.57
N GLU N 356 3.55 40.68 73.77
CA GLU N 356 4.23 39.42 73.45
C GLU N 356 4.42 38.52 74.67
N TYR N 357 4.38 37.21 74.44
CA TYR N 357 4.54 36.23 75.51
C TYR N 357 6.03 35.91 75.67
N ASN N 358 6.52 36.02 76.90
CA ASN N 358 7.91 35.72 77.20
C ASN N 358 7.97 34.45 78.06
N PRO N 359 8.41 33.33 77.47
CA PRO N 359 8.51 32.07 78.18
C PRO N 359 9.47 32.10 79.37
N ILE N 360 10.26 33.17 79.45
CA ILE N 360 11.22 33.34 80.53
C ILE N 360 10.57 33.96 81.77
N THR N 361 9.57 34.81 81.55
CA THR N 361 8.88 35.47 82.65
C THR N 361 7.41 35.13 82.77
N ASP N 362 6.73 34.97 81.63
CA ASP N 362 5.32 34.65 81.62
C ASP N 362 5.03 33.17 81.82
N GLY N 363 6.08 32.40 82.12
CA GLY N 363 5.91 30.97 82.33
C GLY N 363 4.87 30.67 83.39
N LYS N 364 4.77 31.55 84.39
CA LYS N 364 3.81 31.38 85.48
C LYS N 364 2.37 31.39 84.98
N VAL N 365 2.01 32.43 84.23
CA VAL N 365 0.66 32.57 83.70
C VAL N 365 0.17 31.31 82.99
N ILE N 366 1.08 30.62 82.30
CA ILE N 366 0.73 29.41 81.57
C ILE N 366 0.53 28.23 82.52
N TYR N 367 1.54 27.93 83.33
CA TYR N 367 1.46 26.83 84.29
C TYR N 367 0.43 27.17 85.36
N GLU N 368 -0.30 28.26 85.10
CA GLU N 368 -1.34 28.76 85.99
C GLU N 368 -2.69 28.31 85.44
N LEU N 369 -2.84 28.41 84.12
CA LEU N 369 -4.06 28.01 83.45
C LEU N 369 -4.23 26.50 83.56
N GLU N 370 -3.20 25.85 84.09
CA GLU N 370 -3.19 24.41 84.26
C GLU N 370 -3.70 24.02 85.64
N VAL O 24 -9.43 -7.70 62.35
CA VAL O 24 -8.28 -6.99 61.72
C VAL O 24 -7.14 -6.85 62.73
N GLU O 25 -6.00 -7.45 62.40
CA GLU O 25 -4.84 -7.36 63.29
C GLU O 25 -4.14 -6.02 63.03
N PRO O 26 -3.97 -5.20 64.08
CA PRO O 26 -3.31 -3.90 63.95
C PRO O 26 -1.83 -4.01 63.58
N ASN O 27 -1.54 -4.79 62.54
CA ASN O 27 -0.18 -4.99 62.08
C ASN O 27 -0.14 -5.24 60.57
N LEU O 28 1.06 -5.35 60.02
CA LEU O 28 1.23 -5.59 58.60
C LEU O 28 1.81 -6.98 58.36
N HIS O 29 1.59 -7.88 59.32
CA HIS O 29 2.08 -9.25 59.23
C HIS O 29 1.74 -9.91 57.90
N SER O 30 0.45 -10.08 57.65
CA SER O 30 -0.03 -10.70 56.42
C SER O 30 0.63 -10.16 55.16
N LEU O 31 1.05 -8.90 55.20
CA LEU O 31 1.70 -8.28 54.06
C LEU O 31 3.21 -8.48 54.09
N ILE O 32 3.78 -8.40 55.29
CA ILE O 32 5.22 -8.57 55.47
C ILE O 32 5.66 -10.00 55.12
N THR O 33 4.75 -10.95 55.29
CA THR O 33 5.05 -12.36 55.01
C THR O 33 4.48 -12.83 53.68
N SER O 34 3.94 -11.89 52.90
CA SER O 34 3.35 -12.24 51.60
C SER O 34 4.42 -12.33 50.51
N THR O 35 4.41 -13.45 49.79
CA THR O 35 5.38 -13.68 48.72
C THR O 35 4.78 -13.45 47.33
N THR O 36 3.48 -13.13 47.30
CA THR O 36 2.79 -12.88 46.04
C THR O 36 2.86 -11.40 45.65
N HIS O 37 2.63 -10.54 46.63
CA HIS O 37 2.67 -9.09 46.40
C HIS O 37 3.97 -8.70 45.70
N LYS O 38 3.85 -7.85 44.69
CA LYS O 38 5.00 -7.40 43.93
C LYS O 38 4.95 -5.89 43.70
N TRP O 39 3.92 -5.26 44.25
CA TRP O 39 3.74 -3.82 44.14
C TRP O 39 3.26 -3.28 45.49
N ILE O 40 4.16 -2.67 46.24
CA ILE O 40 3.82 -2.12 47.55
C ILE O 40 3.88 -0.60 47.58
N PHE O 41 2.72 0.03 47.68
CA PHE O 41 2.62 1.49 47.73
C PHE O 41 2.76 1.99 49.16
N VAL O 42 3.29 3.20 49.31
CA VAL O 42 3.48 3.81 50.62
C VAL O 42 3.38 5.33 50.51
N GLY O 43 2.23 5.88 50.91
CA GLY O 43 2.03 7.31 50.84
C GLY O 43 1.72 7.96 52.17
N GLY O 44 1.77 9.29 52.21
CA GLY O 44 1.48 10.01 53.44
C GLY O 44 2.02 11.43 53.42
N LYS O 45 1.24 12.35 52.87
CA LYS O 45 1.64 13.74 52.78
C LYS O 45 1.51 14.44 54.13
N GLY O 46 2.48 15.30 54.44
CA GLY O 46 2.46 16.03 55.70
C GLY O 46 3.64 15.76 56.60
N GLY O 47 4.75 15.31 56.02
CA GLY O 47 5.92 15.02 56.83
C GLY O 47 5.51 14.19 58.01
N VAL O 48 4.73 13.15 57.74
CA VAL O 48 4.21 12.27 58.78
C VAL O 48 5.07 11.04 59.00
N GLY O 49 6.34 11.12 58.60
CA GLY O 49 7.24 9.99 58.79
C GLY O 49 7.09 8.95 57.70
N LYS O 50 6.75 9.40 56.50
CA LYS O 50 6.57 8.50 55.36
C LYS O 50 7.84 7.70 55.10
N THR O 51 8.95 8.41 54.95
CA THR O 51 10.25 7.80 54.69
C THR O 51 10.52 6.66 55.65
N THR O 52 10.25 6.90 56.93
CA THR O 52 10.47 5.89 57.97
C THR O 52 9.65 4.63 57.71
N SER O 53 8.33 4.78 57.67
CA SER O 53 7.43 3.65 57.44
C SER O 53 7.83 2.86 56.20
N SER O 54 8.29 3.57 55.17
CA SER O 54 8.70 2.93 53.92
C SER O 54 9.88 1.98 54.15
N CYS O 55 10.94 2.50 54.74
CA CYS O 55 12.13 1.68 55.02
C CYS O 55 11.78 0.54 55.95
N SER O 56 10.84 0.79 56.86
CA SER O 56 10.40 -0.21 57.83
C SER O 56 9.71 -1.38 57.14
N ILE O 57 8.68 -1.08 56.36
CA ILE O 57 7.92 -2.10 55.64
C ILE O 57 8.81 -2.88 54.68
N ALA O 58 9.82 -2.22 54.13
CA ALA O 58 10.73 -2.84 53.19
C ALA O 58 11.67 -3.83 53.90
N ILE O 59 12.14 -3.45 55.08
CA ILE O 59 13.03 -4.29 55.86
C ILE O 59 12.30 -5.49 56.44
N GLN O 60 11.10 -5.28 56.95
CA GLN O 60 10.30 -6.35 57.52
C GLN O 60 9.99 -7.45 56.51
N MET O 61 9.73 -7.05 55.27
CA MET O 61 9.42 -8.01 54.21
C MET O 61 10.67 -8.73 53.71
N ALA O 62 11.77 -8.00 53.64
CA ALA O 62 13.03 -8.57 53.17
C ALA O 62 13.58 -9.59 54.15
N LEU O 63 13.42 -9.31 55.45
CA LEU O 63 13.91 -10.20 56.49
C LEU O 63 13.00 -11.42 56.66
N SER O 64 11.71 -11.25 56.43
CA SER O 64 10.76 -12.34 56.56
C SER O 64 10.79 -13.28 55.35
N GLN O 65 11.23 -12.76 54.22
CA GLN O 65 11.30 -13.56 53.00
C GLN O 65 12.67 -13.40 52.34
N PRO O 66 13.70 -14.04 52.91
CA PRO O 66 15.07 -13.96 52.37
C PRO O 66 15.22 -14.68 51.04
N ASN O 67 14.15 -15.32 50.58
CA ASN O 67 14.17 -16.05 49.31
C ASN O 67 13.55 -15.22 48.20
N LYS O 68 13.48 -13.90 48.40
CA LYS O 68 12.92 -12.98 47.41
C LYS O 68 13.60 -11.62 47.48
N GLN O 69 13.87 -11.04 46.31
CA GLN O 69 14.52 -9.73 46.23
C GLN O 69 13.49 -8.60 46.32
N PHE O 70 13.77 -7.64 47.19
CA PHE O 70 12.90 -6.49 47.40
C PHE O 70 13.61 -5.21 46.98
N LEU O 71 12.82 -4.23 46.53
CA LEU O 71 13.38 -2.95 46.10
C LEU O 71 12.61 -1.76 46.65
N LEU O 72 13.30 -0.94 47.44
CA LEU O 72 12.70 0.25 48.03
C LEU O 72 13.12 1.47 47.22
N ILE O 73 12.17 2.09 46.55
CA ILE O 73 12.47 3.26 45.72
C ILE O 73 11.70 4.51 46.15
N SER O 74 12.39 5.64 46.15
CA SER O 74 11.80 6.91 46.53
C SER O 74 12.00 7.97 45.45
N THR O 75 11.16 9.00 45.49
CA THR O 75 11.24 10.09 44.52
C THR O 75 11.41 11.42 45.25
N ASP O 76 11.48 11.37 46.58
CA ASP O 76 11.65 12.57 47.38
C ASP O 76 13.03 13.19 47.12
N PRO O 77 13.05 14.44 46.64
CA PRO O 77 14.28 15.17 46.32
C PRO O 77 15.21 15.38 47.51
N ALA O 78 14.73 15.05 48.70
CA ALA O 78 15.53 15.22 49.91
C ALA O 78 16.41 14.00 50.17
N HIS O 79 16.29 12.99 49.32
CA HIS O 79 17.07 11.76 49.47
C HIS O 79 16.88 11.21 50.88
N ASN O 80 15.63 10.96 51.23
CA ASN O 80 15.25 10.46 52.55
C ASN O 80 15.79 9.06 52.85
N LEU O 81 15.92 8.23 51.82
CA LEU O 81 16.43 6.87 52.02
C LEU O 81 17.91 6.84 52.32
N SER O 82 18.65 7.81 51.78
CA SER O 82 20.09 7.88 52.01
C SER O 82 20.38 8.47 53.38
N ASP O 83 19.43 9.22 53.91
CA ASP O 83 19.57 9.84 55.22
C ASP O 83 18.96 8.95 56.30
N ALA O 84 18.19 7.95 55.88
CA ALA O 84 17.54 7.04 56.80
C ALA O 84 18.42 5.82 57.10
N PHE O 85 19.16 5.37 56.09
CA PHE O 85 20.04 4.21 56.24
C PHE O 85 21.47 4.61 56.61
N GLY O 86 21.95 5.71 56.02
CA GLY O 86 23.29 6.16 56.31
C GLY O 86 24.26 5.89 55.18
N GLU O 87 23.74 5.74 53.98
CA GLU O 87 24.55 5.47 52.81
C GLU O 87 23.96 6.12 51.56
N LYS O 88 24.80 6.35 50.55
CA LYS O 88 24.37 6.98 49.31
C LYS O 88 23.61 6.05 48.37
N PHE O 89 22.41 6.46 48.01
CA PHE O 89 21.56 5.69 47.09
C PHE O 89 21.23 6.56 45.88
N GLY O 90 21.43 6.02 44.69
CA GLY O 90 21.16 6.77 43.48
C GLY O 90 20.18 6.06 42.56
N LYS O 91 20.18 6.45 41.29
CA LYS O 91 19.30 5.86 40.30
C LYS O 91 19.67 4.39 40.08
N ASP O 92 20.85 4.02 40.54
CA ASP O 92 21.34 2.65 40.40
C ASP O 92 21.06 1.87 41.69
N ALA O 93 20.16 0.91 41.61
CA ALA O 93 19.78 0.09 42.75
C ALA O 93 20.98 -0.53 43.45
N ARG O 94 21.07 -0.32 44.76
CA ARG O 94 22.16 -0.88 45.55
C ARG O 94 21.62 -1.55 46.81
N LYS O 95 22.15 -2.74 47.10
CA LYS O 95 21.75 -3.49 48.29
C LYS O 95 22.18 -2.72 49.53
N VAL O 96 21.26 -2.53 50.47
CA VAL O 96 21.61 -1.81 51.68
C VAL O 96 22.66 -2.66 52.40
N THR O 97 23.73 -2.03 52.86
CA THR O 97 24.81 -2.74 53.52
C THR O 97 24.31 -3.57 54.70
N GLY O 98 24.66 -4.86 54.69
CA GLY O 98 24.25 -5.75 55.76
C GLY O 98 23.12 -6.69 55.38
N MET O 99 22.46 -6.38 54.27
CA MET O 99 21.34 -7.18 53.79
C MET O 99 21.59 -7.56 52.34
N ASN O 100 21.24 -8.79 51.97
CA ASN O 100 21.42 -9.25 50.60
C ASN O 100 20.06 -9.60 50.03
N ASN O 101 19.01 -9.02 50.61
CA ASN O 101 17.65 -9.28 50.18
C ASN O 101 16.92 -7.97 49.87
N LEU O 102 17.35 -6.89 50.50
CA LEU O 102 16.73 -5.58 50.29
C LEU O 102 17.63 -4.66 49.46
N SER O 103 17.00 -3.86 48.60
CA SER O 103 17.71 -2.93 47.75
C SER O 103 17.02 -1.57 47.75
N CYS O 104 17.79 -0.50 47.59
CA CYS O 104 17.23 0.85 47.58
C CYS O 104 17.45 1.57 46.25
N MET O 105 16.50 2.42 45.90
CA MET O 105 16.57 3.20 44.66
C MET O 105 16.03 4.61 44.87
N GLU O 106 16.84 5.60 44.54
CA GLU O 106 16.45 7.00 44.67
C GLU O 106 16.57 7.71 43.33
N ILE O 107 15.45 7.83 42.62
CA ILE O 107 15.43 8.48 41.32
C ILE O 107 14.62 9.77 41.36
N ASP O 108 14.85 10.63 40.37
CA ASP O 108 14.14 11.89 40.27
C ASP O 108 13.07 11.80 39.19
N PRO O 109 11.80 11.67 39.57
CA PRO O 109 10.68 11.56 38.64
C PRO O 109 10.39 12.85 37.86
N SER O 110 11.38 13.32 37.10
CA SER O 110 11.23 14.53 36.31
C SER O 110 12.50 14.83 35.53
N ALA O 111 13.64 14.42 36.09
CA ALA O 111 14.92 14.64 35.44
C ALA O 111 15.13 13.64 34.30
N GLY O 150 -1.20 19.23 30.33
CA GLY O 150 -2.29 19.93 30.97
C GLY O 150 -3.54 19.97 30.12
N SER O 151 -3.47 19.32 28.96
CA SER O 151 -4.61 19.28 28.03
C SER O 151 -5.37 17.97 28.17
N ILE O 152 -4.62 16.87 28.16
CA ILE O 152 -5.21 15.54 28.26
C ILE O 152 -4.87 14.91 29.61
N PRO O 153 -5.90 14.50 30.38
CA PRO O 153 -5.68 13.88 31.69
C PRO O 153 -5.07 12.49 31.55
N GLY O 154 -4.20 12.14 32.50
CA GLY O 154 -3.57 10.82 32.47
C GLY O 154 -2.21 10.81 31.79
N ILE O 155 -2.09 11.53 30.68
CA ILE O 155 -0.83 11.58 29.94
C ILE O 155 0.38 11.86 30.84
N ASP O 156 0.43 13.06 31.39
CA ASP O 156 1.53 13.46 32.25
C ASP O 156 1.88 12.40 33.29
N GLU O 157 0.87 11.94 34.02
CA GLU O 157 1.09 10.91 35.04
C GLU O 157 1.70 9.67 34.42
N ALA O 158 1.20 9.28 33.26
CA ALA O 158 1.69 8.10 32.55
C ALA O 158 3.20 8.22 32.32
N LEU O 159 3.60 9.30 31.66
CA LEU O 159 5.01 9.54 31.37
C LEU O 159 5.88 9.40 32.61
N SER O 160 5.40 9.96 33.72
CA SER O 160 6.14 9.91 34.98
C SER O 160 6.36 8.49 35.48
N PHE O 161 5.28 7.70 35.55
CA PHE O 161 5.36 6.33 36.03
C PHE O 161 6.11 5.44 35.05
N MET O 162 5.81 5.59 33.77
CA MET O 162 6.48 4.80 32.74
C MET O 162 7.99 4.94 32.86
N GLU O 163 8.44 6.14 33.21
CA GLU O 163 9.86 6.43 33.36
C GLU O 163 10.48 5.72 34.56
N VAL O 164 9.74 5.65 35.66
CA VAL O 164 10.25 5.00 36.87
C VAL O 164 10.37 3.50 36.66
N MET O 165 9.48 2.95 35.85
CA MET O 165 9.49 1.52 35.56
C MET O 165 10.65 1.15 34.64
N LYS O 166 11.12 2.13 33.86
CA LYS O 166 12.25 1.88 32.96
C LYS O 166 13.51 1.83 33.81
N HIS O 167 13.49 2.56 34.92
CA HIS O 167 14.61 2.58 35.85
C HIS O 167 14.65 1.31 36.67
N ILE O 168 13.51 0.61 36.71
CA ILE O 168 13.40 -0.64 37.45
C ILE O 168 14.00 -1.78 36.63
N LYS O 169 13.51 -1.95 35.41
CA LYS O 169 13.98 -3.00 34.53
C LYS O 169 15.45 -2.81 34.16
N ARG O 170 15.92 -1.57 34.25
CA ARG O 170 17.31 -1.26 33.93
C ARG O 170 18.25 -1.75 35.03
N GLN O 171 17.75 -1.74 36.26
CA GLN O 171 18.54 -2.18 37.41
C GLN O 171 18.40 -3.68 37.66
N GLU O 172 17.56 -4.34 36.86
CA GLU O 172 17.35 -5.77 37.00
C GLU O 172 18.16 -6.52 35.94
N GLN O 173 18.84 -5.76 35.09
CA GLN O 173 19.67 -6.33 34.04
C GLN O 173 21.12 -6.08 34.39
N GLY O 174 21.36 -4.91 34.98
CA GLY O 174 22.71 -4.56 35.38
C GLY O 174 22.92 -5.00 36.81
N GLU O 175 22.92 -6.31 37.02
CA GLU O 175 23.09 -6.89 38.35
C GLU O 175 21.89 -6.59 39.23
N GLY O 176 21.37 -7.65 39.86
CA GLY O 176 20.20 -7.53 40.72
C GLY O 176 19.20 -8.51 40.15
N GLU O 177 19.32 -8.71 38.84
CA GLU O 177 18.48 -9.62 38.08
C GLU O 177 16.98 -9.40 38.15
N THR O 178 16.40 -9.53 39.34
CA THR O 178 14.97 -9.35 39.48
C THR O 178 14.48 -9.20 40.92
N PHE O 179 13.55 -8.27 41.10
CA PHE O 179 12.96 -8.00 42.41
C PHE O 179 11.53 -8.54 42.39
N ASP O 180 11.23 -9.44 43.32
CA ASP O 180 9.90 -10.03 43.39
C ASP O 180 8.82 -9.03 43.81
N THR O 181 9.16 -8.15 44.74
CA THR O 181 8.20 -7.15 45.20
C THR O 181 8.88 -5.79 45.38
N VAL O 182 8.30 -4.76 44.78
CA VAL O 182 8.86 -3.42 44.86
C VAL O 182 8.11 -2.56 45.89
N ILE O 183 8.86 -1.85 46.72
CA ILE O 183 8.28 -0.99 47.74
C ILE O 183 8.31 0.46 47.25
N PHE O 184 7.19 0.91 46.69
CA PHE O 184 7.09 2.27 46.18
C PHE O 184 6.92 3.33 47.25
N ASP O 185 7.96 4.15 47.44
CA ASP O 185 7.92 5.22 48.41
C ASP O 185 7.39 6.46 47.68
N THR O 186 6.07 6.51 47.51
CA THR O 186 5.42 7.61 46.82
C THR O 186 5.99 8.97 47.20
N ALA O 187 5.93 9.91 46.26
CA ALA O 187 6.44 11.26 46.47
C ALA O 187 5.66 11.96 47.59
N PRO O 188 6.24 13.02 48.17
CA PRO O 188 5.58 13.76 49.24
C PRO O 188 4.36 14.53 48.74
N THR O 189 4.48 15.09 47.55
CA THR O 189 3.40 15.85 46.94
C THR O 189 3.14 15.34 45.53
N GLY O 190 2.06 15.82 44.92
CA GLY O 190 1.73 15.41 43.57
C GLY O 190 1.12 14.02 43.51
N HIS O 191 -0.11 13.94 43.03
CA HIS O 191 -0.83 12.67 42.92
C HIS O 191 -0.23 11.84 41.79
N THR O 192 0.89 11.18 42.08
CA THR O 192 1.57 10.35 41.09
C THR O 192 0.75 9.15 40.65
N LEU O 193 -0.45 9.02 41.22
CA LEU O 193 -1.34 7.91 40.88
C LEU O 193 -2.59 8.40 40.16
N ARG O 194 -2.51 9.59 39.57
CA ARG O 194 -3.65 10.14 38.85
C ARG O 194 -3.98 9.33 37.61
N PHE O 195 -2.95 8.86 36.91
CA PHE O 195 -3.15 8.07 35.70
C PHE O 195 -3.76 6.70 36.03
N LEU O 196 -4.07 6.48 37.31
CA LEU O 196 -4.65 5.21 37.72
C LEU O 196 -6.16 5.21 37.50
N GLN O 197 -6.63 6.07 36.60
CA GLN O 197 -8.07 6.13 36.34
C GLN O 197 -8.36 6.46 34.88
N LEU O 198 -7.42 7.14 34.22
CA LEU O 198 -7.60 7.49 32.82
C LEU O 198 -7.85 6.25 31.95
N PRO O 199 -7.00 5.22 32.07
CA PRO O 199 -7.16 4.00 31.28
C PRO O 199 -8.55 3.36 31.33
N ASN O 200 -9.22 3.44 32.48
CA ASN O 200 -10.55 2.88 32.61
C ASN O 200 -11.55 3.88 32.03
N THR O 201 -11.28 5.16 32.29
CA THR O 201 -12.13 6.25 31.81
C THR O 201 -12.29 6.21 30.30
N LEU O 202 -11.26 6.66 29.59
CA LEU O 202 -11.28 6.70 28.14
C LEU O 202 -11.80 5.41 27.52
N SER O 203 -11.44 4.27 28.11
CA SER O 203 -11.88 2.98 27.60
C SER O 203 -13.40 2.86 27.61
N LYS O 204 -14.02 3.12 28.75
CA LYS O 204 -15.46 3.03 28.85
C LYS O 204 -16.12 3.94 27.81
N LEU O 205 -15.46 5.03 27.47
CA LEU O 205 -15.98 5.95 26.46
C LEU O 205 -15.96 5.26 25.10
N LEU O 206 -14.99 4.36 24.92
CA LEU O 206 -14.89 3.61 23.67
C LEU O 206 -16.11 2.71 23.54
N GLU O 207 -16.57 2.18 24.67
CA GLU O 207 -17.73 1.31 24.68
C GLU O 207 -19.00 2.05 24.32
N LYS O 208 -19.11 3.30 24.75
CA LYS O 208 -20.28 4.10 24.42
C LYS O 208 -20.18 4.44 22.93
N PHE O 209 -18.94 4.58 22.48
CA PHE O 209 -18.66 4.90 21.08
C PHE O 209 -18.96 3.69 20.20
N GLY O 210 -18.35 2.55 20.53
CA GLY O 210 -18.54 1.34 19.77
C GLY O 210 -19.98 0.89 19.62
N GLU O 211 -20.68 0.75 20.74
CA GLU O 211 -22.06 0.31 20.71
C GLU O 211 -22.96 1.23 19.87
N ILE O 212 -23.01 2.50 20.24
CA ILE O 212 -23.83 3.47 19.53
C ILE O 212 -23.56 3.44 18.02
N THR O 213 -22.30 3.30 17.63
CA THR O 213 -21.95 3.25 16.22
C THR O 213 -22.62 2.07 15.52
N ASN O 214 -23.50 1.39 16.24
CA ASN O 214 -24.22 0.24 15.70
C ASN O 214 -25.65 0.65 15.37
N LYS O 215 -25.81 1.44 14.31
CA LYS O 215 -27.12 1.88 13.88
C LYS O 215 -28.00 0.65 13.69
N LEU O 216 -29.28 0.85 13.44
CA LEU O 216 -30.21 -0.27 13.23
C LEU O 216 -29.47 -1.39 12.50
N GLY O 217 -29.58 -2.61 13.01
CA GLY O 217 -28.91 -3.73 12.38
C GLY O 217 -28.61 -4.87 13.34
N PRO O 218 -27.41 -5.47 13.27
CA PRO O 218 -26.31 -5.16 12.35
C PRO O 218 -26.62 -5.62 10.93
N MET O 219 -27.92 -5.74 10.65
CA MET O 219 -28.42 -6.16 9.35
C MET O 219 -27.81 -5.36 8.20
N LEU O 220 -28.08 -4.06 8.20
CA LEU O 220 -27.59 -3.17 7.16
C LEU O 220 -26.14 -2.73 7.35
N ASN O 221 -25.65 -2.77 8.59
CA ASN O 221 -24.28 -2.36 8.85
C ASN O 221 -23.33 -3.43 8.36
N SER O 222 -23.87 -4.62 8.12
CA SER O 222 -23.08 -5.75 7.65
C SER O 222 -23.20 -5.91 6.14
N PHE O 223 -24.25 -5.34 5.56
CA PHE O 223 -24.48 -5.40 4.12
C PHE O 223 -23.64 -4.37 3.38
N MET O 224 -23.22 -3.33 4.10
CA MET O 224 -22.41 -2.27 3.51
C MET O 224 -20.94 -2.44 3.89
N GLY O 225 -20.69 -3.31 4.87
CA GLY O 225 -19.33 -3.55 5.31
C GLY O 225 -18.91 -4.99 5.11
N ILE O 231 -19.43 -9.16 15.14
CA ILE O 231 -19.31 -8.31 16.31
C ILE O 231 -17.86 -8.16 16.75
N SER O 232 -16.96 -8.13 15.78
CA SER O 232 -15.54 -7.99 16.07
C SER O 232 -15.27 -6.74 16.89
N GLY O 233 -16.14 -5.75 16.75
CA GLY O 233 -15.98 -4.51 17.49
C GLY O 233 -16.42 -4.62 18.94
N LYS O 234 -17.48 -5.37 19.18
CA LYS O 234 -18.01 -5.54 20.53
C LYS O 234 -17.19 -6.55 21.32
N LEU O 235 -16.34 -7.30 20.62
CA LEU O 235 -15.50 -8.30 21.27
C LEU O 235 -14.12 -7.77 21.60
N ASN O 236 -13.48 -7.13 20.61
CA ASN O 236 -12.15 -6.57 20.81
C ASN O 236 -12.20 -5.44 21.82
N GLU O 237 -13.34 -4.76 21.91
CA GLU O 237 -13.49 -3.68 22.86
C GLU O 237 -13.45 -4.25 24.26
N LEU O 238 -14.24 -5.30 24.47
CA LEU O 238 -14.31 -5.97 25.77
C LEU O 238 -12.96 -6.57 26.13
N LYS O 239 -12.14 -6.86 25.12
CA LYS O 239 -10.82 -7.43 25.37
C LYS O 239 -9.86 -6.32 25.80
N ALA O 240 -9.92 -5.19 25.11
CA ALA O 240 -9.08 -4.06 25.43
C ALA O 240 -9.58 -3.46 26.75
N ASN O 241 -10.82 -3.78 27.08
CA ASN O 241 -11.46 -3.30 28.30
C ASN O 241 -10.88 -4.01 29.52
N VAL O 242 -11.03 -5.32 29.56
CA VAL O 242 -10.53 -6.12 30.68
C VAL O 242 -9.05 -5.88 30.91
N GLU O 243 -8.25 -6.07 29.86
CA GLU O 243 -6.80 -5.87 29.96
C GLU O 243 -6.49 -4.56 30.67
N THR O 244 -7.13 -3.48 30.22
CA THR O 244 -6.93 -2.17 30.81
C THR O 244 -7.29 -2.19 32.29
N ILE O 245 -8.51 -2.66 32.59
CA ILE O 245 -8.98 -2.75 33.97
C ILE O 245 -8.11 -3.68 34.79
N ARG O 246 -7.28 -4.47 34.13
CA ARG O 246 -6.39 -5.40 34.82
C ARG O 246 -5.08 -4.72 35.22
N GLN O 247 -4.84 -3.54 34.66
CA GLN O 247 -3.62 -2.80 34.96
C GLN O 247 -3.83 -1.85 36.13
N GLN O 248 -5.08 -1.54 36.41
CA GLN O 248 -5.44 -0.66 37.53
C GLN O 248 -5.76 -1.55 38.72
N PHE O 249 -6.67 -2.50 38.50
CA PHE O 249 -7.08 -3.43 39.54
C PHE O 249 -5.84 -4.20 40.00
N THR O 250 -4.98 -4.50 39.04
CA THR O 250 -3.72 -5.23 39.28
C THR O 250 -3.78 -6.20 40.44
N ASP O 251 -4.90 -6.91 40.56
CA ASP O 251 -5.09 -7.90 41.62
C ASP O 251 -4.77 -7.39 43.02
N PRO O 252 -5.76 -7.46 43.94
CA PRO O 252 -5.56 -7.01 45.31
C PRO O 252 -4.58 -7.90 46.06
N ASP O 253 -4.34 -9.08 45.50
CA ASP O 253 -3.41 -10.05 46.07
C ASP O 253 -2.01 -9.83 45.52
N LEU O 254 -1.92 -9.01 44.48
CA LEU O 254 -0.65 -8.69 43.84
C LEU O 254 -0.22 -7.27 44.17
N THR O 255 -1.19 -6.38 44.31
CA THR O 255 -0.89 -4.98 44.61
C THR O 255 -1.75 -4.44 45.75
N THR O 256 -1.17 -3.54 46.54
CA THR O 256 -1.86 -2.93 47.66
C THR O 256 -1.25 -1.55 47.93
N PHE O 257 -1.93 -0.75 48.74
CA PHE O 257 -1.43 0.58 49.07
C PHE O 257 -1.42 0.80 50.58
N VAL O 258 -0.26 1.20 51.10
CA VAL O 258 -0.11 1.45 52.52
C VAL O 258 -0.04 2.96 52.78
N CYS O 259 -0.97 3.46 53.60
CA CYS O 259 -1.01 4.88 53.93
C CYS O 259 -0.38 5.13 55.29
N VAL O 260 0.21 6.31 55.46
CA VAL O 260 0.85 6.68 56.72
C VAL O 260 0.35 8.04 57.19
N CYS O 261 0.16 8.16 58.50
CA CYS O 261 -0.33 9.41 59.09
C CYS O 261 -0.10 9.42 60.60
N ILE O 262 -0.71 10.39 61.26
CA ILE O 262 -0.62 10.53 62.72
C ILE O 262 -1.96 11.00 63.24
N SER O 263 -2.18 10.83 64.53
CA SER O 263 -3.45 11.24 65.14
C SER O 263 -3.51 12.76 65.33
N GLU O 264 -3.77 13.46 64.24
CA GLU O 264 -3.88 14.92 64.25
C GLU O 264 -4.84 15.37 63.17
N PHE O 265 -5.72 16.31 63.52
CA PHE O 265 -6.71 16.85 62.59
C PHE O 265 -6.25 16.85 61.13
N LEU O 266 -5.36 17.79 60.81
CA LEU O 266 -4.84 17.93 59.46
C LEU O 266 -4.41 16.61 58.82
N SER O 267 -3.78 15.75 59.61
CA SER O 267 -3.34 14.46 59.10
C SER O 267 -4.53 13.63 58.65
N LEU O 268 -5.55 13.54 59.50
CA LEU O 268 -6.75 12.77 59.18
C LEU O 268 -7.38 13.29 57.90
N TYR O 269 -7.45 14.62 57.79
CA TYR O 269 -8.03 15.26 56.61
C TYR O 269 -7.28 14.76 55.38
N GLU O 270 -5.96 14.85 55.43
CA GLU O 270 -5.10 14.41 54.33
C GLU O 270 -5.26 12.93 54.06
N THR O 271 -5.38 12.15 55.12
CA THR O 271 -5.53 10.70 54.99
C THR O 271 -6.86 10.34 54.35
N GLU O 272 -7.95 10.86 54.90
CA GLU O 272 -9.28 10.60 54.39
C GLU O 272 -9.38 10.80 52.87
N ARG O 273 -8.86 11.91 52.38
CA ARG O 273 -8.91 12.21 50.95
C ARG O 273 -8.02 11.26 50.16
N LEU O 274 -6.83 11.00 50.67
CA LEU O 274 -5.88 10.12 50.00
C LEU O 274 -6.55 8.77 49.71
N ILE O 275 -7.21 8.23 50.72
CA ILE O 275 -7.90 6.95 50.61
C ILE O 275 -9.05 7.01 49.61
N GLN O 276 -9.75 8.15 49.56
CA GLN O 276 -10.85 8.31 48.61
C GLN O 276 -10.29 8.25 47.20
N GLU O 277 -9.17 8.96 47.01
CA GLU O 277 -8.50 9.02 45.73
C GLU O 277 -8.10 7.63 45.24
N LEU O 278 -7.59 6.81 46.16
CA LEU O 278 -7.16 5.46 45.83
C LEU O 278 -8.35 4.54 45.52
N ILE O 279 -9.44 4.73 46.25
CA ILE O 279 -10.63 3.92 46.04
C ILE O 279 -11.24 4.21 44.67
N SER O 280 -11.04 5.43 44.17
CA SER O 280 -11.56 5.80 42.87
C SER O 280 -10.67 5.13 41.82
N TYR O 281 -9.48 4.72 42.24
CA TYR O 281 -8.55 4.04 41.35
C TYR O 281 -8.74 2.54 41.51
N ASP O 282 -9.68 2.17 42.37
CA ASP O 282 -9.96 0.76 42.64
C ASP O 282 -8.73 0.08 43.23
N MET O 283 -7.76 0.90 43.65
CA MET O 283 -6.53 0.38 44.23
C MET O 283 -6.77 -0.04 45.68
N ASP O 284 -6.50 -1.31 45.97
CA ASP O 284 -6.70 -1.85 47.32
C ASP O 284 -5.98 -1.05 48.38
N VAL O 285 -6.68 -0.75 49.46
CA VAL O 285 -6.13 0.01 50.59
C VAL O 285 -6.74 -0.47 51.89
N ASN O 286 -5.90 -0.93 52.81
CA ASN O 286 -6.38 -1.44 54.09
C ASN O 286 -5.31 -1.36 55.16
N SER O 287 -4.38 -0.42 55.01
CA SER O 287 -3.30 -0.25 55.98
C SER O 287 -3.01 1.21 56.26
N ILE O 288 -3.19 1.61 57.52
CA ILE O 288 -2.96 2.99 57.93
C ILE O 288 -1.96 3.05 59.08
N ILE O 289 -0.79 3.61 58.81
CA ILE O 289 0.25 3.73 59.81
C ILE O 289 0.13 5.06 60.56
N VAL O 290 0.19 5.00 61.88
CA VAL O 290 0.09 6.19 62.71
C VAL O 290 1.26 6.24 63.69
N ASN O 291 2.31 6.96 63.32
CA ASN O 291 3.49 7.08 64.16
C ASN O 291 3.40 8.26 65.12
N GLN O 292 4.45 8.46 65.91
CA GLN O 292 4.52 9.55 66.86
C GLN O 292 3.53 9.47 68.02
N LEU O 293 2.90 8.31 68.19
CA LEU O 293 1.94 8.15 69.28
C LEU O 293 2.66 8.14 70.63
N LEU O 294 2.05 8.79 71.62
CA LEU O 294 2.65 8.88 72.94
C LEU O 294 2.39 7.72 73.88
N PHE O 295 1.12 7.36 74.09
CA PHE O 295 0.77 6.28 75.00
C PHE O 295 1.41 6.63 76.34
N ALA O 296 1.40 7.92 76.67
CA ALA O 296 1.98 8.44 77.90
C ALA O 296 1.29 8.02 79.19
N GLU O 297 0.44 6.99 79.14
CA GLU O 297 -0.25 6.52 80.32
C GLU O 297 0.29 5.17 80.75
N ASN O 298 1.40 4.76 80.15
CA ASN O 298 2.00 3.46 80.47
C ASN O 298 3.51 3.50 80.66
N ASP O 299 4.17 4.44 79.99
CA ASP O 299 5.62 4.58 80.08
C ASP O 299 6.10 4.57 81.53
N GLN O 300 7.04 3.69 81.83
CA GLN O 300 7.58 3.60 83.19
C GLN O 300 8.50 4.78 83.47
N GLU O 301 7.89 5.88 83.90
CA GLU O 301 8.56 7.14 84.22
C GLU O 301 7.53 8.21 83.88
N HIS O 302 6.34 8.06 84.45
CA HIS O 302 5.21 8.97 84.22
C HIS O 302 5.57 10.46 84.29
N ASN O 303 4.64 11.25 84.79
CA ASN O 303 4.81 12.69 84.94
C ASN O 303 4.79 13.41 83.59
N CYS O 304 5.10 14.71 83.65
CA CYS O 304 5.13 15.55 82.47
C CYS O 304 3.75 15.80 81.87
N LYS O 305 3.04 16.77 82.41
CA LYS O 305 1.70 17.12 81.93
C LYS O 305 1.74 17.37 80.42
N ARG O 306 2.77 18.11 79.99
CA ARG O 306 2.95 18.45 78.59
C ARG O 306 2.77 17.25 77.67
N CYS O 307 3.31 16.11 78.07
CA CYS O 307 3.22 14.88 77.30
C CYS O 307 1.85 14.22 77.42
N GLN O 308 1.28 14.30 78.61
CA GLN O 308 -0.03 13.69 78.87
C GLN O 308 -1.12 14.44 78.12
N ALA O 309 -1.02 15.76 78.08
CA ALA O 309 -2.01 16.60 77.39
C ALA O 309 -2.00 16.33 75.89
N ARG O 310 -0.81 16.22 75.32
CA ARG O 310 -0.67 15.97 73.90
C ARG O 310 -1.29 14.64 73.49
N TRP O 311 -1.11 13.61 74.30
CA TRP O 311 -1.66 12.30 73.98
C TRP O 311 -3.17 12.26 74.19
N LYS O 312 -3.67 13.12 75.06
CA LYS O 312 -5.12 13.17 75.31
C LYS O 312 -5.78 13.65 74.02
N MET O 313 -5.04 14.43 73.24
CA MET O 313 -5.54 14.95 71.98
C MET O 313 -5.37 13.89 70.90
N GLN O 314 -4.25 13.17 70.95
CA GLN O 314 -3.97 12.12 69.97
C GLN O 314 -4.95 10.97 70.18
N LYS O 315 -5.38 10.77 71.41
CA LYS O 315 -6.32 9.71 71.73
C LYS O 315 -7.70 10.06 71.18
N LYS O 316 -8.00 11.36 71.19
CA LYS O 316 -9.27 11.85 70.67
C LYS O 316 -9.44 11.44 69.22
N TYR O 317 -8.48 11.84 68.40
CA TYR O 317 -8.51 11.53 66.97
C TYR O 317 -8.34 10.03 66.69
N LEU O 318 -7.48 9.37 67.45
CA LEU O 318 -7.25 7.94 67.26
C LEU O 318 -8.57 7.17 67.32
N ASP O 319 -9.50 7.66 68.12
CA ASP O 319 -10.80 7.01 68.24
C ASP O 319 -11.62 7.26 66.98
N GLN O 320 -11.38 8.41 66.35
CA GLN O 320 -12.09 8.77 65.13
C GLN O 320 -11.55 7.91 63.99
N ILE O 321 -10.30 7.45 64.16
CA ILE O 321 -9.65 6.60 63.17
C ILE O 321 -10.12 5.16 63.31
N ASP O 322 -10.37 4.74 64.55
CA ASP O 322 -10.83 3.38 64.81
C ASP O 322 -12.31 3.23 64.52
N GLU O 323 -12.99 4.36 64.28
CA GLU O 323 -14.42 4.33 63.99
C GLU O 323 -14.62 4.67 62.51
N LEU O 324 -13.62 5.35 61.94
CA LEU O 324 -13.69 5.74 60.53
C LEU O 324 -13.23 4.56 59.68
N TYR O 325 -12.14 3.92 60.12
CA TYR O 325 -11.60 2.77 59.43
C TYR O 325 -11.68 1.56 60.34
N GLU O 326 -12.88 1.00 60.43
CA GLU O 326 -13.16 -0.14 61.29
C GLU O 326 -12.56 -1.44 60.75
N ASP O 327 -12.63 -1.65 59.43
CA ASP O 327 -12.09 -2.86 58.83
C ASP O 327 -10.72 -2.64 58.18
N PHE O 328 -10.00 -1.62 58.63
CA PHE O 328 -8.68 -1.31 58.08
C PHE O 328 -7.58 -1.73 59.06
N HIS O 329 -6.38 -1.98 58.52
CA HIS O 329 -5.26 -2.36 59.36
C HIS O 329 -4.63 -1.10 59.94
N VAL O 330 -5.19 -0.63 61.04
CA VAL O 330 -4.67 0.58 61.69
C VAL O 330 -3.62 0.24 62.73
N VAL O 331 -2.36 0.18 62.29
CA VAL O 331 -1.25 -0.11 63.18
C VAL O 331 -0.77 1.17 63.85
N LYS O 332 -0.87 1.21 65.17
CA LYS O 332 -0.47 2.37 65.94
C LYS O 332 0.98 2.27 66.42
N MET O 333 1.85 3.08 65.82
CA MET O 333 3.27 3.08 66.16
C MET O 333 3.60 4.08 67.27
N PRO O 334 4.56 3.72 68.14
CA PRO O 334 5.00 4.56 69.25
C PRO O 334 5.94 5.70 68.85
N LEU O 335 5.92 6.77 69.64
CA LEU O 335 6.77 7.93 69.40
C LEU O 335 8.17 7.67 69.96
N CYS O 336 9.18 8.05 69.22
CA CYS O 336 10.57 7.86 69.64
C CYS O 336 11.17 9.21 69.98
N ALA O 337 12.04 9.24 70.99
CA ALA O 337 12.70 10.47 71.41
C ALA O 337 13.16 11.26 70.18
N GLY O 338 14.20 10.76 69.52
CA GLY O 338 14.71 11.41 68.33
C GLY O 338 14.26 10.66 67.09
N GLU O 339 14.67 11.12 65.91
CA GLU O 339 14.30 10.43 64.69
C GLU O 339 15.09 9.13 64.58
N ILE O 340 14.47 8.13 63.98
CA ILE O 340 15.11 6.83 63.82
C ILE O 340 15.86 6.72 62.50
N ARG O 341 17.17 6.51 62.60
CA ARG O 341 18.01 6.39 61.41
C ARG O 341 19.02 5.26 61.62
N GLY O 342 19.57 4.76 60.51
CA GLY O 342 20.52 3.68 60.60
C GLY O 342 19.78 2.36 60.50
N LEU O 343 20.30 1.44 59.70
CA LEU O 343 19.66 0.14 59.52
C LEU O 343 19.26 -0.49 60.85
N ASN O 344 20.17 -0.45 61.82
CA ASN O 344 19.92 -1.03 63.13
C ASN O 344 18.67 -0.50 63.83
N ASN O 345 18.66 0.78 64.19
CA ASN O 345 17.51 1.36 64.87
C ASN O 345 16.21 1.24 64.08
N LEU O 346 16.32 1.03 62.78
CA LEU O 346 15.15 0.90 61.93
C LEU O 346 14.49 -0.47 62.07
N THR O 347 15.29 -1.52 62.00
CA THR O 347 14.78 -2.88 62.11
C THR O 347 14.13 -3.11 63.47
N LYS O 348 14.77 -2.61 64.52
CA LYS O 348 14.25 -2.76 65.88
C LYS O 348 12.95 -2.02 66.08
N PHE O 349 12.73 -0.97 65.28
CA PHE O 349 11.51 -0.18 65.38
C PHE O 349 10.43 -0.76 64.47
N SER O 350 10.86 -1.36 63.36
CA SER O 350 9.93 -1.96 62.40
C SER O 350 9.35 -3.27 62.90
N GLN O 351 9.92 -3.78 63.99
CA GLN O 351 9.45 -5.04 64.57
C GLN O 351 8.02 -4.89 65.07
N PHE O 352 7.62 -3.65 65.35
CA PHE O 352 6.29 -3.38 65.85
C PHE O 352 5.25 -3.40 64.73
N LEU O 353 5.71 -3.47 63.49
CA LEU O 353 4.81 -3.53 62.35
C LEU O 353 4.36 -4.96 62.14
N ASN O 354 5.08 -5.89 62.75
CA ASN O 354 4.76 -7.31 62.65
C ASN O 354 3.97 -7.73 63.88
N LYS O 355 4.40 -7.22 65.03
CA LYS O 355 3.73 -7.52 66.30
C LYS O 355 3.39 -6.20 66.98
N GLU O 356 2.11 -6.03 67.32
CA GLU O 356 1.63 -4.80 67.95
C GLU O 356 2.57 -4.28 69.03
N TYR O 357 2.65 -2.97 69.15
CA TYR O 357 3.50 -2.32 70.15
C TYR O 357 2.75 -2.18 71.46
N ASN O 358 3.34 -2.68 72.55
CA ASN O 358 2.72 -2.59 73.86
C ASN O 358 3.53 -1.62 74.71
N PRO O 359 2.99 -0.42 74.97
CA PRO O 359 3.67 0.60 75.77
C PRO O 359 3.94 0.15 77.21
N ILE O 360 3.35 -0.98 77.59
CA ILE O 360 3.52 -1.51 78.94
C ILE O 360 4.76 -2.40 79.03
N THR O 361 5.09 -3.08 77.94
CA THR O 361 6.25 -3.97 77.92
C THR O 361 7.34 -3.55 76.94
N ASP O 362 6.95 -3.05 75.78
CA ASP O 362 7.91 -2.63 74.76
C ASP O 362 8.48 -1.23 75.03
N GLY O 363 8.14 -0.67 76.18
CA GLY O 363 8.64 0.66 76.52
C GLY O 363 10.15 0.74 76.43
N LYS O 364 10.82 -0.36 76.72
CA LYS O 364 12.28 -0.42 76.69
C LYS O 364 12.82 -0.18 75.29
N VAL O 365 12.32 -0.93 74.31
CA VAL O 365 12.76 -0.81 72.93
C VAL O 365 12.73 0.64 72.43
N ILE O 366 11.77 1.41 72.90
CA ILE O 366 11.64 2.81 72.50
C ILE O 366 12.67 3.69 73.18
N TYR O 367 12.66 3.70 74.50
CA TYR O 367 13.61 4.50 75.27
C TYR O 367 15.02 3.95 75.05
N GLU O 368 15.12 3.04 74.09
CA GLU O 368 16.38 2.40 73.71
C GLU O 368 16.90 3.09 72.46
N LEU O 369 16.01 3.37 71.52
CA LEU O 369 16.35 4.03 70.28
C LEU O 369 16.77 5.47 70.58
N GLU O 370 16.62 5.86 71.85
CA GLU O 370 16.98 7.19 72.30
C GLU O 370 18.40 7.23 72.84
N MET P 1 -14.34 9.02 -7.20
CA MET P 1 -13.37 10.09 -6.84
C MET P 1 -11.96 9.69 -7.27
N GLY P 2 -11.53 8.51 -6.84
CA GLY P 2 -10.21 8.04 -7.19
C GLY P 2 -10.08 7.72 -8.67
N ALA P 3 -11.19 7.28 -9.27
CA ALA P 3 -11.20 6.95 -10.68
C ALA P 3 -11.40 8.20 -11.53
N LYS P 4 -11.91 9.26 -10.93
CA LYS P 4 -12.15 10.49 -11.65
C LYS P 4 -10.89 11.36 -11.68
N LEU P 5 -10.20 11.45 -10.55
CA LEU P 5 -8.98 12.24 -10.45
C LEU P 5 -7.99 11.75 -11.51
N ALA P 6 -7.63 10.48 -11.43
CA ALA P 6 -6.68 9.88 -12.37
C ALA P 6 -6.98 10.26 -13.81
N LYS P 7 -8.24 10.14 -14.21
CA LYS P 7 -8.65 10.47 -15.57
C LYS P 7 -8.32 11.89 -15.97
N THR P 8 -8.91 12.86 -15.29
CA THR P 8 -8.68 14.27 -15.58
C THR P 8 -7.19 14.64 -15.63
N LEU P 9 -6.37 14.01 -14.79
CA LEU P 9 -4.95 14.30 -14.78
C LEU P 9 -4.31 14.13 -16.15
N GLN P 10 -4.87 13.25 -16.98
CA GLN P 10 -4.34 13.04 -18.32
C GLN P 10 -4.79 14.14 -19.26
N ARG P 11 -6.07 14.52 -19.15
CA ARG P 11 -6.61 15.58 -20.00
C ARG P 11 -5.98 16.92 -19.64
N PHE P 12 -5.28 16.95 -18.51
CA PHE P 12 -4.60 18.16 -18.06
C PHE P 12 -3.22 18.17 -18.70
N GLU P 13 -2.47 17.10 -18.50
CA GLU P 13 -1.13 16.97 -19.07
C GLU P 13 -1.21 16.85 -20.58
N ASN P 14 -2.44 16.82 -21.08
CA ASN P 14 -2.69 16.75 -22.51
C ASN P 14 -2.76 18.17 -23.01
N LYS P 15 -3.26 19.06 -22.15
CA LYS P 15 -3.37 20.47 -22.47
C LYS P 15 -2.01 21.13 -22.31
N ILE P 16 -1.11 20.44 -21.59
CA ILE P 16 0.24 20.95 -21.36
C ILE P 16 1.15 20.58 -22.52
N LYS P 17 0.99 19.36 -23.04
CA LYS P 17 1.80 18.92 -24.16
C LYS P 17 1.26 19.50 -25.45
N ALA P 18 0.11 20.16 -25.37
CA ALA P 18 -0.52 20.77 -26.53
C ALA P 18 -0.17 22.25 -26.59
N GLY P 19 0.21 22.81 -25.45
CA GLY P 19 0.56 24.22 -25.39
C GLY P 19 -0.43 25.04 -24.58
N ASP P 20 -1.63 24.50 -24.40
CA ASP P 20 -2.68 25.18 -23.65
C ASP P 20 -2.32 25.25 -22.17
N TYR P 21 -1.34 26.10 -21.85
CA TYR P 21 -0.91 26.26 -20.46
C TYR P 21 -1.98 26.94 -19.61
N TYR P 22 -2.50 28.07 -20.09
CA TYR P 22 -3.53 28.80 -19.38
C TYR P 22 -4.70 27.89 -19.05
N GLU P 23 -5.22 27.19 -20.06
CA GLU P 23 -6.33 26.28 -19.88
C GLU P 23 -6.03 25.27 -18.77
N ALA P 24 -4.88 24.61 -18.89
CA ALA P 24 -4.47 23.60 -17.92
C ALA P 24 -4.37 24.14 -16.50
N HIS P 25 -3.79 25.32 -16.35
CA HIS P 25 -3.61 25.93 -15.04
C HIS P 25 -4.93 26.42 -14.42
N GLN P 26 -5.69 27.19 -15.18
CA GLN P 26 -6.96 27.73 -14.70
C GLN P 26 -7.91 26.63 -14.25
N THR P 27 -8.15 25.66 -15.13
CA THR P 27 -9.04 24.55 -14.83
C THR P 27 -8.67 23.80 -13.56
N LEU P 28 -7.43 23.37 -13.47
CA LEU P 28 -6.94 22.61 -12.31
C LEU P 28 -7.13 23.34 -10.98
N ARG P 29 -6.78 24.63 -10.93
CA ARG P 29 -6.91 25.38 -9.69
C ARG P 29 -8.35 25.52 -9.22
N THR P 30 -9.25 25.90 -10.12
CA THR P 30 -10.66 26.05 -9.77
C THR P 30 -11.20 24.73 -9.23
N ILE P 31 -10.84 23.63 -9.89
CA ILE P 31 -11.28 22.30 -9.47
C ILE P 31 -10.65 21.96 -8.13
N ALA P 32 -9.38 22.31 -7.97
CA ALA P 32 -8.65 22.03 -6.73
C ALA P 32 -9.27 22.82 -5.58
N ASN P 33 -9.61 24.08 -5.85
CA ASN P 33 -10.21 24.94 -4.85
C ASN P 33 -11.49 24.29 -4.32
N ARG P 34 -12.20 23.60 -5.21
CA ARG P 34 -13.44 22.93 -4.85
C ARG P 34 -13.18 21.86 -3.81
N TYR P 35 -12.16 21.04 -4.02
CA TYR P 35 -11.82 19.99 -3.07
C TYR P 35 -11.47 20.61 -1.72
N VAL P 36 -10.70 21.69 -1.76
CA VAL P 36 -10.27 22.39 -0.55
C VAL P 36 -11.48 22.98 0.18
N ARG P 37 -12.45 23.49 -0.57
CA ARG P 37 -13.64 24.08 0.00
C ARG P 37 -14.45 23.04 0.78
N SER P 38 -14.38 21.79 0.32
CA SER P 38 -15.10 20.69 0.97
C SER P 38 -14.20 19.97 1.97
N LYS P 39 -13.04 20.55 2.23
CA LYS P 39 -12.07 19.99 3.18
C LYS P 39 -11.50 18.64 2.74
N SER P 40 -11.61 18.34 1.45
CA SER P 40 -11.07 17.09 0.91
C SER P 40 -9.62 17.33 0.55
N TYR P 41 -8.86 17.86 1.50
CA TYR P 41 -7.44 18.18 1.33
C TYR P 41 -6.65 17.13 0.55
N GLU P 42 -6.64 15.90 1.07
CA GLU P 42 -5.91 14.81 0.45
C GLU P 42 -6.04 14.79 -1.07
N HIS P 43 -7.26 14.91 -1.56
CA HIS P 43 -7.50 14.92 -3.00
C HIS P 43 -6.82 16.10 -3.68
N ALA P 44 -7.00 17.29 -3.11
CA ALA P 44 -6.40 18.51 -3.65
C ALA P 44 -4.88 18.39 -3.68
N ILE P 45 -4.31 17.85 -2.61
CA ILE P 45 -2.86 17.71 -2.51
C ILE P 45 -2.27 16.91 -3.67
N GLU P 46 -2.89 15.77 -3.99
CA GLU P 46 -2.39 14.93 -5.07
C GLU P 46 -2.57 15.64 -6.42
N LEU P 47 -3.73 16.27 -6.60
CA LEU P 47 -4.04 16.99 -7.82
C LEU P 47 -3.06 18.13 -8.05
N ILE P 48 -2.96 19.01 -7.05
CA ILE P 48 -2.06 20.16 -7.12
C ILE P 48 -0.63 19.72 -7.39
N SER P 49 -0.11 18.84 -6.54
CA SER P 49 1.24 18.34 -6.66
C SER P 49 1.51 17.79 -8.06
N GLN P 50 0.63 16.92 -8.53
CA GLN P 50 0.77 16.31 -9.85
C GLN P 50 0.79 17.39 -10.93
N GLY P 51 -0.08 18.39 -10.79
CA GLY P 51 -0.14 19.46 -11.76
C GLY P 51 1.15 20.27 -11.77
N ALA P 52 1.70 20.50 -10.59
CA ALA P 52 2.94 21.27 -10.46
C ALA P 52 4.11 20.51 -11.07
N LEU P 53 4.11 19.19 -10.90
CA LEU P 53 5.17 18.34 -11.43
C LEU P 53 5.24 18.49 -12.95
N SER P 54 4.11 18.25 -13.61
CA SER P 54 4.03 18.35 -15.06
C SER P 54 4.46 19.71 -15.58
N PHE P 55 4.01 20.78 -14.93
CA PHE P 55 4.37 22.12 -15.33
C PHE P 55 5.89 22.33 -15.28
N LEU P 56 6.51 21.89 -14.19
CA LEU P 56 7.95 22.02 -14.03
C LEU P 56 8.69 21.17 -15.05
N LYS P 57 8.13 20.01 -15.37
CA LYS P 57 8.76 19.11 -16.34
C LYS P 57 8.64 19.69 -17.75
N ALA P 58 7.68 20.58 -17.94
CA ALA P 58 7.46 21.21 -19.23
C ALA P 58 8.17 22.56 -19.32
N LYS P 59 9.04 22.82 -18.35
CA LYS P 59 9.80 24.07 -18.31
C LYS P 59 8.90 25.28 -18.12
N GLN P 60 7.78 25.11 -17.43
CA GLN P 60 6.84 26.19 -17.19
C GLN P 60 6.93 26.67 -15.75
N GLY P 61 8.06 27.29 -15.41
CA GLY P 61 8.27 27.79 -14.06
C GLY P 61 7.10 28.59 -13.51
N GLY P 62 6.53 29.45 -14.34
CA GLY P 62 5.41 30.26 -13.91
C GLY P 62 4.35 29.46 -13.17
N SER P 63 3.64 28.61 -13.90
CA SER P 63 2.60 27.78 -13.32
C SER P 63 3.15 26.89 -12.21
N GLY P 64 4.23 26.17 -12.53
CA GLY P 64 4.84 25.28 -11.55
C GLY P 64 5.04 25.95 -10.22
N THR P 65 5.72 27.10 -10.21
CA THR P 65 5.98 27.84 -8.99
C THR P 65 4.68 28.16 -8.27
N ASP P 66 3.72 28.70 -9.01
CA ASP P 66 2.42 29.06 -8.45
C ASP P 66 1.78 27.89 -7.72
N LEU P 67 1.72 26.74 -8.37
CA LEU P 67 1.11 25.55 -7.78
C LEU P 67 1.81 25.11 -6.51
N ILE P 68 3.14 25.24 -6.47
CA ILE P 68 3.89 24.86 -5.28
C ILE P 68 3.39 25.66 -4.10
N PHE P 69 3.26 26.97 -4.29
CA PHE P 69 2.78 27.85 -3.23
C PHE P 69 1.38 27.42 -2.80
N TYR P 70 0.51 27.17 -3.78
CA TYR P 70 -0.85 26.74 -3.51
C TYR P 70 -0.85 25.45 -2.69
N LEU P 71 0.02 24.52 -3.07
CA LEU P 71 0.13 23.25 -2.35
C LEU P 71 0.47 23.53 -0.89
N LEU P 72 1.49 24.36 -0.69
CA LEU P 72 1.93 24.73 0.65
C LEU P 72 0.79 25.33 1.46
N GLU P 73 -0.01 26.18 0.81
CA GLU P 73 -1.15 26.80 1.50
C GLU P 73 -2.06 25.72 2.07
N VAL P 74 -2.37 24.72 1.24
CA VAL P 74 -3.22 23.62 1.67
C VAL P 74 -2.52 22.86 2.79
N TYR P 75 -1.22 22.64 2.63
CA TYR P 75 -0.42 21.93 3.63
C TYR P 75 -0.62 22.55 5.00
N ASP P 76 -0.66 23.88 5.04
CA ASP P 76 -0.85 24.61 6.30
C ASP P 76 -2.33 24.63 6.69
N LEU P 77 -3.20 24.53 5.69
CA LEU P 77 -4.64 24.54 5.92
C LEU P 77 -5.11 23.18 6.41
N ALA P 78 -4.42 22.12 5.97
CA ALA P 78 -4.76 20.76 6.36
C ALA P 78 -3.89 20.35 7.55
N GLU P 79 -3.05 21.28 8.00
CA GLU P 79 -2.16 21.03 9.12
C GLU P 79 -1.34 19.77 8.90
N VAL P 80 -1.00 19.53 7.63
CA VAL P 80 -0.20 18.35 7.26
C VAL P 80 1.08 18.33 8.08
N LYS P 81 1.26 17.28 8.87
CA LYS P 81 2.44 17.14 9.72
C LYS P 81 3.65 16.66 8.92
N VAL P 82 4.84 17.06 9.36
CA VAL P 82 6.08 16.70 8.70
C VAL P 82 6.47 15.23 8.88
N ASP P 83 6.51 14.50 7.77
CA ASP P 83 6.87 13.10 7.78
C ASP P 83 7.36 12.71 6.39
N ASP P 84 7.73 11.45 6.20
CA ASP P 84 8.23 10.98 4.91
C ASP P 84 7.36 11.42 3.74
N ILE P 85 6.11 10.97 3.72
CA ILE P 85 5.18 11.31 2.65
C ILE P 85 5.14 12.81 2.39
N SER P 86 4.86 13.58 3.44
CA SER P 86 4.78 15.04 3.33
C SER P 86 6.04 15.64 2.71
N VAL P 87 7.20 15.21 3.19
CA VAL P 87 8.48 15.71 2.68
C VAL P 87 8.71 15.25 1.25
N ALA P 88 8.46 13.97 1.00
CA ALA P 88 8.65 13.39 -0.32
C ALA P 88 8.04 14.23 -1.45
N ARG P 89 6.78 14.62 -1.29
CA ARG P 89 6.11 15.42 -2.32
C ARG P 89 6.91 16.66 -2.68
N LEU P 90 7.42 17.35 -1.66
CA LEU P 90 8.19 18.56 -1.87
C LEU P 90 9.53 18.25 -2.51
N VAL P 91 10.17 17.17 -2.08
CA VAL P 91 11.47 16.77 -2.63
C VAL P 91 11.33 16.48 -4.13
N ARG P 92 10.29 15.75 -4.48
CA ARG P 92 10.02 15.38 -5.87
C ARG P 92 9.80 16.62 -6.73
N LEU P 93 9.21 17.66 -6.15
CA LEU P 93 8.95 18.90 -6.88
C LEU P 93 10.21 19.76 -6.97
N ILE P 94 11.01 19.74 -5.90
CA ILE P 94 12.24 20.51 -5.86
C ILE P 94 13.24 20.01 -6.91
N ALA P 95 13.18 18.72 -7.20
CA ALA P 95 14.07 18.12 -8.18
C ALA P 95 13.81 18.62 -9.60
N GLU P 96 12.56 18.92 -9.90
CA GLU P 96 12.18 19.39 -11.22
C GLU P 96 12.32 20.91 -11.37
N LEU P 97 12.62 21.59 -10.26
CA LEU P 97 12.77 23.04 -10.29
C LEU P 97 14.00 23.47 -11.07
N ASP P 98 13.87 24.57 -11.81
CA ASP P 98 14.96 25.11 -12.59
C ASP P 98 15.82 25.98 -11.67
N PRO P 99 17.11 25.65 -11.54
CA PRO P 99 18.04 26.39 -10.68
C PRO P 99 18.00 27.91 -10.88
N SER P 100 17.48 28.34 -12.03
CA SER P 100 17.40 29.75 -12.35
C SER P 100 16.01 30.36 -12.11
N GLU P 101 15.07 29.54 -11.65
CA GLU P 101 13.72 30.01 -11.38
C GLU P 101 13.72 31.23 -10.46
N PRO P 102 13.20 32.36 -10.96
CA PRO P 102 13.12 33.63 -10.23
C PRO P 102 12.44 33.53 -8.86
N ASN P 103 11.79 32.40 -8.59
CA ASN P 103 11.10 32.20 -7.31
C ASN P 103 11.83 31.21 -6.40
N LEU P 104 12.75 30.46 -6.97
CA LEU P 104 13.52 29.46 -6.24
C LEU P 104 13.56 29.66 -4.72
N LYS P 105 14.31 30.66 -4.27
CA LYS P 105 14.43 30.94 -2.85
C LYS P 105 13.10 31.02 -2.12
N ASP P 106 12.11 31.67 -2.72
CA ASP P 106 10.81 31.78 -2.09
C ASP P 106 10.19 30.40 -1.92
N VAL P 107 10.24 29.60 -2.98
CA VAL P 107 9.71 28.23 -2.94
C VAL P 107 10.37 27.47 -1.80
N ILE P 108 11.70 27.50 -1.79
CA ILE P 108 12.48 26.82 -0.76
C ILE P 108 12.07 27.26 0.64
N THR P 109 12.01 28.57 0.84
CA THR P 109 11.63 29.12 2.15
C THR P 109 10.27 28.59 2.58
N GLY P 110 9.28 28.73 1.70
CA GLY P 110 7.94 28.26 2.02
C GLY P 110 7.92 26.81 2.47
N MET P 111 8.58 25.94 1.72
CA MET P 111 8.63 24.53 2.06
C MET P 111 9.25 24.30 3.44
N ASN P 112 10.41 24.90 3.65
CA ASN P 112 11.11 24.77 4.93
C ASN P 112 10.30 25.33 6.08
N ASN P 113 9.67 26.48 5.89
CA ASN P 113 8.86 27.08 6.94
C ASN P 113 7.79 26.10 7.38
N TRP P 114 7.18 25.43 6.41
CA TRP P 114 6.14 24.45 6.69
C TRP P 114 6.71 23.34 7.57
N SER P 115 7.88 22.84 7.21
CA SER P 115 8.52 21.77 7.96
C SER P 115 8.78 22.19 9.40
N ILE P 116 9.10 23.48 9.60
CA ILE P 116 9.38 24.00 10.93
C ILE P 116 8.12 24.04 11.81
N LYS P 117 7.02 24.51 11.23
CA LYS P 117 5.76 24.63 11.96
C LYS P 117 5.14 23.29 12.32
N PHE P 118 5.39 22.26 11.49
CA PHE P 118 4.83 20.94 11.74
C PHE P 118 5.86 19.87 12.07
N SER P 119 6.87 20.25 12.84
CA SER P 119 7.93 19.31 13.26
C SER P 119 8.55 19.86 14.52
N GLU P 120 9.48 19.10 15.11
CA GLU P 120 10.14 19.55 16.32
C GLU P 120 11.48 20.21 16.03
N TYR P 121 11.78 20.40 14.74
CA TYR P 121 13.03 21.03 14.33
C TYR P 121 12.81 22.53 14.23
N LYS P 122 13.59 23.29 15.00
CA LYS P 122 13.47 24.75 15.00
C LYS P 122 13.85 25.38 13.66
N PHE P 123 14.61 24.64 12.86
CA PHE P 123 15.04 25.17 11.56
C PHE P 123 14.57 24.35 10.36
N GLY P 124 13.71 23.37 10.62
CA GLY P 124 13.20 22.55 9.53
C GLY P 124 13.69 21.12 9.55
N ASP P 125 13.03 20.27 8.75
CA ASP P 125 13.38 18.86 8.66
C ASP P 125 14.73 18.65 7.98
N PRO P 126 15.59 17.80 8.58
CA PRO P 126 16.93 17.48 8.07
C PRO P 126 16.93 17.00 6.62
N TYR P 127 16.24 15.89 6.36
CA TYR P 127 16.17 15.33 5.01
C TYR P 127 15.79 16.40 3.99
N LEU P 128 14.71 17.12 4.28
CA LEU P 128 14.23 18.18 3.40
C LEU P 128 15.37 19.15 3.07
N HIS P 129 16.15 19.50 4.08
CA HIS P 129 17.28 20.42 3.91
C HIS P 129 18.28 19.88 2.91
N ASN P 130 18.51 18.57 2.94
CA ASN P 130 19.45 17.94 2.03
C ASN P 130 19.11 18.26 0.58
N THR P 131 17.83 18.19 0.25
CA THR P 131 17.36 18.47 -1.10
C THR P 131 17.47 19.97 -1.38
N ILE P 132 16.90 20.77 -0.50
CA ILE P 132 16.93 22.22 -0.63
C ILE P 132 18.36 22.73 -0.88
N GLY P 133 19.31 22.21 -0.11
CA GLY P 133 20.69 22.63 -0.25
C GLY P 133 21.21 22.46 -1.66
N SER P 134 21.01 21.28 -2.24
CA SER P 134 21.47 21.00 -3.60
C SER P 134 20.86 21.96 -4.61
N LYS P 135 19.58 22.26 -4.45
CA LYS P 135 18.89 23.16 -5.37
C LYS P 135 19.51 24.55 -5.34
N LEU P 136 19.73 25.08 -4.14
CA LEU P 136 20.33 26.40 -3.98
C LEU P 136 21.70 26.46 -4.62
N LEU P 137 22.46 25.37 -4.46
CA LEU P 137 23.81 25.31 -5.01
C LEU P 137 23.80 25.31 -6.54
N GLU P 138 22.72 24.83 -7.14
CA GLU P 138 22.61 24.80 -8.60
C GLU P 138 22.42 26.20 -9.16
N GLY P 139 21.94 27.12 -8.34
CA GLY P 139 21.74 28.49 -8.78
C GLY P 139 22.86 29.38 -8.31
N ASP P 140 23.98 28.76 -7.94
CA ASP P 140 25.16 29.47 -7.45
C ASP P 140 24.94 30.15 -6.11
N PHE P 141 23.87 29.79 -5.42
CA PHE P 141 23.58 30.37 -4.11
C PHE P 141 24.35 29.56 -3.07
N VAL P 142 25.68 29.66 -3.12
CA VAL P 142 26.56 28.93 -2.22
C VAL P 142 26.26 29.14 -0.74
N TYR P 143 26.34 30.37 -0.27
CA TYR P 143 26.09 30.69 1.14
C TYR P 143 24.79 30.08 1.68
N GLU P 144 23.73 30.12 0.87
CA GLU P 144 22.46 29.56 1.29
C GLU P 144 22.53 28.04 1.37
N ALA P 145 23.25 27.44 0.42
CA ALA P 145 23.41 26.00 0.38
C ALA P 145 24.18 25.53 1.62
N GLU P 146 25.25 26.25 1.94
CA GLU P 146 26.09 25.92 3.10
C GLU P 146 25.25 25.77 4.36
N ARG P 147 24.39 26.76 4.63
CA ARG P 147 23.54 26.73 5.81
C ARG P 147 22.65 25.49 5.86
N TYR P 148 21.92 25.24 4.77
CA TYR P 148 21.05 24.09 4.69
C TYR P 148 21.81 22.78 4.85
N PHE P 149 22.94 22.65 4.16
CA PHE P 149 23.75 21.44 4.26
C PHE P 149 24.21 21.26 5.70
N MET P 150 24.59 22.35 6.34
CA MET P 150 25.04 22.33 7.73
C MET P 150 23.96 21.71 8.59
N LEU P 151 22.71 22.02 8.27
CA LEU P 151 21.56 21.49 9.01
C LEU P 151 20.88 20.39 8.21
N GLY P 152 21.68 19.59 7.50
CA GLY P 152 21.12 18.52 6.70
C GLY P 152 21.46 17.14 7.21
N THR P 153 21.51 16.16 6.31
CA THR P 153 21.83 14.79 6.68
C THR P 153 23.28 14.45 6.36
N HIS P 154 23.61 13.16 6.46
CA HIS P 154 24.97 12.70 6.20
C HIS P 154 25.40 13.03 4.77
N ASP P 155 24.48 12.91 3.82
CA ASP P 155 24.78 13.21 2.42
C ASP P 155 25.09 14.70 2.28
N SER P 156 24.36 15.51 3.04
CA SER P 156 24.56 16.95 3.02
C SER P 156 25.99 17.27 3.44
N MET P 157 26.46 16.54 4.44
CA MET P 157 27.82 16.72 4.96
C MET P 157 28.83 16.47 3.84
N ILE P 158 28.54 15.48 3.01
CA ILE P 158 29.42 15.15 1.88
C ILE P 158 29.36 16.27 0.84
N LYS P 159 28.14 16.77 0.60
CA LYS P 159 27.94 17.84 -0.37
C LYS P 159 28.39 19.19 0.18
N TYR P 160 28.68 19.24 1.48
CA TYR P 160 29.16 20.47 2.10
C TYR P 160 30.67 20.50 1.99
N VAL P 161 31.28 19.32 2.05
CA VAL P 161 32.73 19.19 1.93
C VAL P 161 33.11 19.40 0.47
N ASP P 162 32.20 19.03 -0.43
CA ASP P 162 32.44 19.21 -1.86
C ASP P 162 32.25 20.67 -2.23
N LEU P 163 31.33 21.35 -1.54
CA LEU P 163 31.06 22.75 -1.78
C LEU P 163 32.26 23.58 -1.34
N LEU P 164 32.86 23.19 -0.22
CA LEU P 164 34.02 23.91 0.31
C LEU P 164 35.29 23.53 -0.43
N TRP P 165 35.36 22.28 -0.90
CA TRP P 165 36.53 21.82 -1.63
C TRP P 165 36.59 22.42 -3.02
N ASP P 166 35.45 22.48 -3.70
CA ASP P 166 35.40 23.05 -5.04
C ASP P 166 35.60 24.55 -4.99
N TRP P 167 35.42 25.14 -3.82
CA TRP P 167 35.59 26.58 -3.66
C TRP P 167 37.08 26.86 -3.44
N LEU P 168 37.70 26.06 -2.58
CA LEU P 168 39.13 26.20 -2.28
C LEU P 168 39.94 26.03 -3.56
N CYS P 169 39.52 25.09 -4.40
CA CYS P 169 40.21 24.82 -5.65
C CYS P 169 40.05 25.99 -6.62
N GLN P 170 38.92 26.68 -6.54
CA GLN P 170 38.64 27.82 -7.41
C GLN P 170 39.60 28.98 -7.17
N VAL P 171 40.25 28.98 -6.00
CA VAL P 171 41.19 30.03 -5.66
C VAL P 171 42.48 29.87 -6.46
N ASP P 172 42.84 30.90 -7.22
CA ASP P 172 44.05 30.86 -8.03
C ASP P 172 45.30 30.96 -7.18
N ASP P 173 45.34 31.94 -6.29
CA ASP P 173 46.49 32.14 -5.41
C ASP P 173 46.22 31.59 -4.02
N ILE P 174 46.59 30.32 -3.81
CA ILE P 174 46.40 29.67 -2.52
C ILE P 174 47.50 30.07 -1.54
N GLU P 175 47.14 30.16 -0.26
CA GLU P 175 48.10 30.54 0.77
C GLU P 175 47.86 29.70 2.03
N ASP P 176 48.75 29.85 3.01
CA ASP P 176 48.65 29.11 4.27
C ASP P 176 47.36 29.38 5.03
N SER P 177 46.91 30.63 5.01
CA SER P 177 45.70 31.02 5.70
C SER P 177 44.44 30.81 4.85
N THR P 178 44.64 30.51 3.58
CA THR P 178 43.52 30.29 2.67
C THR P 178 42.83 28.96 2.95
N VAL P 179 43.61 27.91 3.12
CA VAL P 179 43.07 26.58 3.38
C VAL P 179 42.28 26.56 4.70
N ALA P 180 42.65 27.43 5.62
CA ALA P 180 41.98 27.52 6.92
C ALA P 180 40.62 28.18 6.80
N GLU P 181 40.52 29.19 5.95
CA GLU P 181 39.26 29.92 5.76
C GLU P 181 38.12 28.99 5.34
N PHE P 182 38.47 27.91 4.65
CA PHE P 182 37.48 26.94 4.20
C PHE P 182 37.30 25.82 5.22
N PHE P 183 38.42 25.24 5.63
CA PHE P 183 38.43 24.15 6.60
C PHE P 183 37.77 24.51 7.93
N SER P 184 38.06 25.71 8.43
CA SER P 184 37.52 26.17 9.69
C SER P 184 36.00 26.15 9.72
N ARG P 185 35.37 26.44 8.59
CA ARG P 185 33.91 26.46 8.50
C ARG P 185 33.32 25.12 8.93
N LEU P 186 33.94 24.03 8.49
CA LEU P 186 33.48 22.68 8.84
C LEU P 186 33.57 22.44 10.34
N VAL P 187 34.71 22.77 10.92
CA VAL P 187 34.94 22.57 12.35
C VAL P 187 34.01 23.42 13.23
N PHE P 188 33.89 24.70 12.90
CA PHE P 188 33.04 25.60 13.69
C PHE P 188 31.54 25.31 13.55
N ASN P 189 31.05 25.26 12.32
CA ASN P 189 29.62 24.99 12.10
C ASN P 189 29.12 23.72 12.78
N TYR P 190 29.78 22.60 12.53
CA TYR P 190 29.37 21.34 13.13
C TYR P 190 29.54 21.34 14.64
N LEU P 191 30.51 22.09 15.15
CA LEU P 191 30.73 22.14 16.59
C LEU P 191 29.64 22.96 17.28
N PHE P 192 29.02 23.87 16.54
CA PHE P 192 27.95 24.68 17.10
C PHE P 192 26.70 23.83 17.30
N ILE P 193 26.38 23.02 16.30
CA ILE P 193 25.21 22.14 16.38
C ILE P 193 25.62 20.87 17.12
N SER P 194 26.83 20.89 17.68
CA SER P 194 27.36 19.77 18.43
C SER P 194 27.23 18.44 17.70
N ASN P 195 27.74 18.38 16.47
CA ASN P 195 27.68 17.16 15.68
C ASN P 195 29.11 16.66 15.47
N ILE P 196 29.75 16.28 16.56
CA ILE P 196 31.13 15.80 16.53
C ILE P 196 31.41 14.76 15.44
N SER P 197 30.45 13.87 15.20
CA SER P 197 30.62 12.84 14.17
C SER P 197 30.85 13.46 12.80
N PHE P 198 29.99 14.41 12.43
CA PHE P 198 30.09 15.10 11.16
C PHE P 198 31.34 15.98 11.12
N ALA P 199 31.69 16.54 12.27
CA ALA P 199 32.86 17.40 12.37
C ALA P 199 34.14 16.61 12.09
N HIS P 200 34.18 15.39 12.59
CA HIS P 200 35.35 14.53 12.40
C HIS P 200 35.41 13.95 10.99
N GLU P 201 34.27 13.51 10.47
CA GLU P 201 34.23 12.93 9.14
C GLU P 201 34.49 13.97 8.07
N SER P 202 33.86 15.14 8.21
CA SER P 202 34.05 16.23 7.24
C SER P 202 35.52 16.65 7.25
N LYS P 203 36.12 16.59 8.44
CA LYS P 203 37.52 16.96 8.61
C LYS P 203 38.43 15.98 7.89
N ASP P 204 38.23 14.69 8.13
CA ASP P 204 39.04 13.65 7.53
C ASP P 204 38.99 13.67 5.99
N ILE P 205 37.79 13.83 5.44
CA ILE P 205 37.62 13.88 4.00
C ILE P 205 38.27 15.11 3.38
N PHE P 206 38.18 16.24 4.07
CA PHE P 206 38.75 17.48 3.57
C PHE P 206 40.27 17.53 3.73
N LEU P 207 40.78 17.01 4.84
CA LEU P 207 42.22 17.01 5.07
C LEU P 207 42.94 16.00 4.19
N GLU P 208 42.25 14.94 3.79
CA GLU P 208 42.86 13.93 2.93
C GLU P 208 42.95 14.41 1.48
N ARG P 209 41.93 15.13 1.03
CA ARG P 209 41.93 15.66 -0.33
C ARG P 209 43.05 16.69 -0.42
N PHE P 210 43.14 17.51 0.61
CA PHE P 210 44.14 18.56 0.69
C PHE P 210 45.56 17.99 0.62
N ILE P 211 45.73 16.79 1.15
CA ILE P 211 47.03 16.12 1.16
C ILE P 211 47.35 15.46 -0.18
N GLU P 212 46.32 15.03 -0.89
CA GLU P 212 46.51 14.37 -2.17
C GLU P 212 46.56 15.34 -3.36
N LYS P 213 46.34 16.62 -3.09
CA LYS P 213 46.37 17.62 -4.16
C LYS P 213 47.53 18.60 -4.00
N PHE P 214 47.68 19.15 -2.80
CA PHE P 214 48.74 20.12 -2.53
C PHE P 214 50.04 19.48 -2.05
N HIS P 215 49.95 18.25 -1.58
CA HIS P 215 51.12 17.52 -1.10
C HIS P 215 51.92 18.32 -0.07
N PRO P 216 51.26 18.82 0.99
CA PRO P 216 51.96 19.59 2.02
C PRO P 216 52.75 18.70 2.97
N LYS P 217 53.74 19.27 3.63
CA LYS P 217 54.56 18.52 4.57
C LYS P 217 53.77 18.28 5.85
N TYR P 218 53.57 17.01 6.20
CA TYR P 218 52.82 16.67 7.40
C TYR P 218 53.29 15.36 8.02
N GLU P 219 52.63 14.97 9.10
CA GLU P 219 52.92 13.73 9.80
C GLU P 219 51.81 13.50 10.83
N LYS P 220 51.12 12.37 10.70
CA LYS P 220 50.02 12.04 11.60
C LYS P 220 50.47 11.69 13.01
N ILE P 221 49.92 12.41 13.98
CA ILE P 221 50.23 12.18 15.39
C ILE P 221 49.07 11.44 16.04
N ASP P 222 49.35 10.26 16.60
CA ASP P 222 48.33 9.45 17.23
C ASP P 222 48.54 9.32 18.74
N LYS P 223 47.47 9.53 19.51
CA LYS P 223 47.54 9.44 20.96
C LYS P 223 46.19 9.06 21.58
N ASN P 224 46.16 7.91 22.23
CA ASN P 224 44.96 7.42 22.90
C ASN P 224 43.72 7.34 21.99
N GLY P 225 43.92 6.85 20.77
CA GLY P 225 42.80 6.72 19.85
C GLY P 225 42.56 7.92 18.95
N TYR P 226 43.00 9.10 19.38
CA TYR P 226 42.80 10.30 18.59
C TYR P 226 43.99 10.59 17.68
N GLU P 227 43.71 11.24 16.55
CA GLU P 227 44.74 11.58 15.58
C GLU P 227 44.67 13.04 15.16
N ILE P 228 45.83 13.65 14.95
CA ILE P 228 45.93 15.04 14.54
C ILE P 228 46.94 15.20 13.41
N VAL P 229 46.42 15.38 12.20
CA VAL P 229 47.29 15.55 11.04
C VAL P 229 48.09 16.85 11.17
N PHE P 230 49.30 16.72 11.71
CA PHE P 230 50.17 17.87 11.91
C PHE P 230 50.79 18.37 10.61
N PHE P 231 50.31 19.53 10.13
CA PHE P 231 50.84 20.11 8.90
C PHE P 231 52.02 21.01 9.25
N GLU P 232 53.13 20.81 8.54
CA GLU P 232 54.35 21.59 8.76
C GLU P 232 54.29 23.01 8.19
N ASP P 233 53.30 23.27 7.34
CA ASP P 233 53.17 24.59 6.74
C ASP P 233 51.78 25.19 6.93
N TYR P 234 50.99 24.60 7.83
CA TYR P 234 49.65 25.09 8.10
C TYR P 234 49.31 25.02 9.58
N SER P 235 49.77 26.01 10.33
CA SER P 235 49.52 26.07 11.77
C SER P 235 48.02 26.23 12.04
N ASP P 236 47.34 27.01 11.20
CA ASP P 236 45.91 27.23 11.34
C ASP P 236 45.16 25.91 11.41
N LEU P 237 45.54 24.98 10.54
CA LEU P 237 44.89 23.67 10.49
C LEU P 237 45.19 22.84 11.74
N ASN P 238 46.39 22.99 12.29
CA ASN P 238 46.76 22.25 13.49
C ASN P 238 45.92 22.74 14.66
N PHE P 239 45.85 24.06 14.82
CA PHE P 239 45.07 24.68 15.89
C PHE P 239 43.62 24.21 15.82
N LEU P 240 43.02 24.34 14.64
CA LEU P 240 41.63 23.95 14.43
C LEU P 240 41.35 22.50 14.81
N GLN P 241 42.29 21.60 14.48
CA GLN P 241 42.11 20.19 14.81
C GLN P 241 42.10 19.98 16.32
N LEU P 242 42.98 20.68 17.02
CA LEU P 242 43.06 20.56 18.47
C LEU P 242 41.80 21.13 19.11
N LEU P 243 41.28 22.21 18.55
CA LEU P 243 40.08 22.85 19.05
C LEU P 243 38.91 21.86 19.09
N LEU P 244 38.80 21.06 18.04
CA LEU P 244 37.74 20.07 17.94
C LEU P 244 37.76 19.11 19.12
N ILE P 245 38.88 18.40 19.26
CA ILE P 245 39.05 17.43 20.34
C ILE P 245 38.86 18.09 21.71
N THR P 246 39.40 19.31 21.86
CA THR P 246 39.29 20.03 23.12
C THR P 246 37.83 20.15 23.56
N CYS P 247 36.96 20.58 22.64
CA CYS P 247 35.55 20.73 22.94
C CYS P 247 34.96 19.41 23.41
N GLN P 248 35.47 18.31 22.86
CA GLN P 248 35.00 16.98 23.22
C GLN P 248 35.30 16.62 24.67
N THR P 249 36.34 17.23 25.23
CA THR P 249 36.73 16.96 26.60
C THR P 249 35.92 17.79 27.59
N ALA P 250 35.43 18.93 27.12
CA ALA P 250 34.65 19.84 27.96
C ALA P 250 35.39 20.19 29.23
N ASP P 251 36.71 20.33 29.11
CA ASP P 251 37.56 20.68 30.25
C ASP P 251 38.11 22.09 30.05
N ALA P 252 37.74 22.99 30.95
CA ALA P 252 38.16 24.39 30.89
C ALA P 252 39.67 24.57 30.70
N SER P 253 40.47 23.91 31.53
CA SER P 253 41.92 24.02 31.46
C SER P 253 42.49 23.85 30.05
N TYR P 254 42.13 22.75 29.39
CA TYR P 254 42.63 22.48 28.05
C TYR P 254 42.28 23.58 27.06
N PHE P 255 41.05 24.11 27.17
CA PHE P 255 40.60 25.17 26.27
C PHE P 255 41.42 26.45 26.46
N LEU P 256 41.78 26.75 27.70
CA LEU P 256 42.55 27.95 28.00
C LEU P 256 43.99 27.82 27.54
N ASN P 257 44.57 26.64 27.75
CA ASN P 257 45.96 26.39 27.36
C ASN P 257 46.15 26.44 25.84
N LEU P 258 45.18 25.90 25.11
CA LEU P 258 45.24 25.88 23.66
C LEU P 258 45.22 27.30 23.10
N LYS P 259 44.36 28.14 23.69
CA LYS P 259 44.23 29.52 23.24
C LYS P 259 45.45 30.37 23.60
N ASN P 260 46.04 30.10 24.77
CA ASN P 260 47.21 30.85 25.21
C ASN P 260 48.45 30.55 24.40
N HIS P 261 48.47 29.40 23.74
CA HIS P 261 49.62 29.01 22.92
C HIS P 261 49.48 29.59 21.51
N TYR P 262 48.23 29.79 21.09
CA TYR P 262 47.94 30.34 19.78
C TYR P 262 47.23 31.69 19.95
N LEU P 263 47.94 32.65 20.53
CA LEU P 263 47.36 33.97 20.76
C LEU P 263 46.79 34.60 19.49
N ASP P 264 47.54 34.55 18.40
CA ASP P 264 47.08 35.12 17.14
C ASP P 264 45.74 34.53 16.72
N PHE P 265 45.68 33.20 16.66
CA PHE P 265 44.46 32.51 16.26
C PHE P 265 43.33 32.81 17.23
N SER P 266 43.67 33.04 18.50
CA SER P 266 42.68 33.34 19.52
C SER P 266 42.00 34.68 19.29
N GLN P 267 42.59 35.51 18.44
CA GLN P 267 42.01 36.82 18.15
C GLN P 267 41.33 36.83 16.79
N ALA P 268 41.71 35.90 15.93
CA ALA P 268 41.12 35.80 14.60
C ALA P 268 39.73 35.16 14.73
N TYR P 269 39.64 34.20 15.64
CA TYR P 269 38.38 33.50 15.89
C TYR P 269 37.86 33.90 17.27
N LYS P 270 37.98 35.19 17.59
CA LYS P 270 37.56 35.73 18.86
C LYS P 270 36.13 35.32 19.22
N SER P 271 35.16 35.81 18.45
CA SER P 271 33.76 35.50 18.69
C SER P 271 33.48 34.00 18.70
N GLU P 272 34.01 33.29 17.71
CA GLU P 272 33.79 31.85 17.62
C GLU P 272 34.26 31.11 18.88
N LEU P 273 35.45 31.47 19.36
CA LEU P 273 36.00 30.84 20.56
C LEU P 273 35.16 31.18 21.78
N GLU P 274 34.63 32.40 21.82
CA GLU P 274 33.81 32.83 22.95
C GLU P 274 32.62 31.90 23.07
N PHE P 275 31.97 31.62 21.95
CA PHE P 275 30.81 30.75 21.92
C PHE P 275 31.19 29.34 22.39
N LEU P 276 32.18 28.76 21.73
CA LEU P 276 32.65 27.42 22.06
C LEU P 276 32.99 27.30 23.54
N GLY P 277 33.51 28.38 24.12
CA GLY P 277 33.86 28.37 25.52
C GLY P 277 32.64 28.39 26.43
N GLN P 278 31.50 28.77 25.86
CA GLN P 278 30.25 28.83 26.63
C GLN P 278 29.48 27.53 26.49
N GLU P 279 29.56 26.93 25.30
CA GLU P 279 28.85 25.69 25.02
C GLU P 279 29.61 24.44 25.46
N TYR P 280 30.93 24.56 25.61
CA TYR P 280 31.73 23.41 26.02
C TYR P 280 32.53 23.61 27.30
N PHE P 281 32.59 24.83 27.81
CA PHE P 281 33.37 25.10 29.01
C PHE P 281 32.65 25.95 30.05
N ASN P 282 31.38 26.25 29.79
CA ASN P 282 30.57 27.05 30.71
C ASN P 282 31.24 28.35 31.11
N ILE P 283 31.72 29.10 30.13
CA ILE P 283 32.39 30.37 30.39
C ILE P 283 31.44 31.54 30.12
N VAL P 284 31.23 32.37 31.13
CA VAL P 284 30.34 33.52 31.01
C VAL P 284 31.12 34.79 30.70
N ALA P 285 32.40 34.80 31.06
CA ALA P 285 33.25 35.96 30.83
C ALA P 285 33.55 36.13 29.34
N PRO P 286 33.31 37.34 28.81
CA PRO P 286 33.55 37.64 27.39
C PRO P 286 34.98 37.29 26.97
N LYS P 287 35.24 37.36 25.67
CA LYS P 287 36.56 37.05 25.14
C LYS P 287 37.44 38.31 25.09
N GLN P 288 38.48 38.33 25.91
CA GLN P 288 39.39 39.47 25.96
C GLN P 288 40.28 39.53 24.72
N THR P 289 40.13 40.60 23.95
CA THR P 289 40.90 40.81 22.74
C THR P 289 42.40 40.81 23.01
N ASN P 290 43.12 39.91 22.33
CA ASN P 290 44.57 39.82 22.50
C ASN P 290 45.29 40.95 21.80
N PHE P 291 44.80 41.33 20.62
CA PHE P 291 45.41 42.39 19.84
C PHE P 291 44.44 43.55 19.65
N THR Q 3 62.19 17.66 9.31
CA THR Q 3 63.22 18.49 9.99
C THR Q 3 62.73 19.01 11.33
N SER Q 4 63.48 19.93 11.91
CA SER Q 4 63.13 20.51 13.20
C SER Q 4 62.79 22.00 13.08
N ALA Q 5 62.33 22.39 11.90
CA ALA Q 5 61.96 23.78 11.65
C ALA Q 5 60.57 24.06 12.24
N SER Q 6 59.85 23.00 12.58
CA SER Q 6 58.52 23.12 13.15
C SER Q 6 58.41 22.26 14.40
N GLY Q 7 59.55 21.91 14.98
CA GLY Q 7 59.56 21.10 16.19
C GLY Q 7 58.81 21.71 17.36
N PRO Q 8 59.04 23.00 17.68
CA PRO Q 8 58.36 23.67 18.78
C PRO Q 8 56.87 23.44 18.83
N GLU Q 9 56.21 23.63 17.69
CA GLU Q 9 54.76 23.44 17.62
C GLU Q 9 54.40 21.97 17.58
N HIS Q 10 55.24 21.17 16.92
CA HIS Q 10 55.00 19.74 16.82
C HIS Q 10 54.98 19.06 18.18
N GLU Q 11 55.89 19.45 19.06
CA GLU Q 11 55.94 18.85 20.40
C GLU Q 11 54.78 19.32 21.25
N PHE Q 12 54.26 20.50 20.97
CA PHE Q 12 53.14 21.04 21.71
C PHE Q 12 51.87 20.31 21.29
N VAL Q 13 51.67 20.20 19.98
CA VAL Q 13 50.50 19.55 19.43
C VAL Q 13 50.45 18.07 19.82
N SER Q 14 51.61 17.43 19.84
CA SER Q 14 51.70 16.02 20.19
C SER Q 14 51.43 15.78 21.67
N LYS Q 15 52.01 16.62 22.53
CA LYS Q 15 51.84 16.50 23.97
C LYS Q 15 50.44 16.93 24.40
N PHE Q 16 49.90 17.95 23.74
CA PHE Q 16 48.57 18.44 24.07
C PHE Q 16 47.53 17.38 23.74
N LEU Q 17 47.80 16.62 22.68
CA LEU Q 17 46.89 15.55 22.25
C LEU Q 17 46.93 14.41 23.27
N THR Q 18 48.14 14.04 23.68
CA THR Q 18 48.34 12.97 24.66
C THR Q 18 47.52 13.31 25.90
N LEU Q 19 47.84 14.45 26.50
CA LEU Q 19 47.16 14.92 27.69
C LEU Q 19 45.65 14.99 27.51
N ALA Q 20 45.22 15.60 26.41
CA ALA Q 20 43.80 15.74 26.12
C ALA Q 20 43.09 14.41 25.96
N THR Q 21 43.85 13.32 25.85
CA THR Q 21 43.27 12.01 25.67
C THR Q 21 43.61 11.03 26.79
N LEU Q 22 44.25 11.52 27.85
CA LEU Q 22 44.61 10.66 28.97
C LEU Q 22 43.40 9.84 29.41
N THR Q 23 42.24 10.46 29.31
CA THR Q 23 40.98 9.80 29.66
C THR Q 23 40.00 9.97 28.52
N GLU Q 24 39.16 8.97 28.32
CA GLU Q 24 38.16 9.03 27.24
C GLU Q 24 37.36 10.31 27.41
N PRO Q 25 37.57 11.29 26.51
CA PRO Q 25 36.86 12.57 26.56
C PRO Q 25 35.39 12.42 26.90
N LYS Q 26 34.85 13.37 27.65
CA LYS Q 26 33.45 13.32 28.06
C LYS Q 26 32.55 13.02 26.85
N LEU Q 27 32.86 13.65 25.73
CA LEU Q 27 32.09 13.46 24.51
C LEU Q 27 32.92 12.72 23.47
N PRO Q 28 32.47 11.52 23.06
CA PRO Q 28 33.19 10.71 22.06
C PRO Q 28 33.19 11.35 20.68
N LYS Q 29 33.94 10.74 19.76
CA LYS Q 29 34.03 11.23 18.39
C LYS Q 29 32.78 10.91 17.59
N SER Q 30 32.00 9.96 18.09
CA SER Q 30 30.76 9.56 17.42
C SER Q 30 29.58 10.34 17.99
N TYR Q 31 29.87 11.23 18.94
CA TYR Q 31 28.84 12.03 19.59
C TYR Q 31 28.12 12.94 18.59
N THR Q 32 26.80 13.06 18.77
CA THR Q 32 25.98 13.91 17.90
C THR Q 32 24.77 14.43 18.66
N LYS Q 33 24.79 15.73 18.96
CA LYS Q 33 23.68 16.35 19.67
C LYS Q 33 22.46 16.25 18.76
N PRO Q 34 21.43 15.50 19.20
CA PRO Q 34 20.21 15.35 18.40
C PRO Q 34 19.80 16.65 17.73
N LEU Q 35 19.75 16.65 16.40
CA LEU Q 35 19.39 17.82 15.63
C LEU Q 35 18.06 18.38 16.11
N LYS Q 36 17.27 17.55 16.78
CA LYS Q 36 15.98 17.96 17.31
C LYS Q 36 16.18 18.91 18.49
N ASP Q 37 17.32 18.80 19.15
CA ASP Q 37 17.63 19.63 20.31
C ASP Q 37 18.47 20.86 19.95
N VAL Q 38 18.88 20.95 18.69
CA VAL Q 38 19.68 22.09 18.25
C VAL Q 38 18.90 23.38 18.44
N THR Q 39 19.37 24.23 19.35
CA THR Q 39 18.71 25.49 19.65
C THR Q 39 19.12 26.62 18.70
N ASN Q 40 20.38 27.03 18.77
CA ASN Q 40 20.87 28.11 17.92
C ASN Q 40 21.89 27.61 16.90
N LEU Q 41 22.59 28.54 16.25
CA LEU Q 41 23.58 28.18 15.25
C LEU Q 41 24.94 28.83 15.51
N GLY Q 42 25.25 29.02 16.79
CA GLY Q 42 26.53 29.62 17.16
C GLY Q 42 26.75 31.00 16.57
N VAL Q 43 28.02 31.36 16.40
CA VAL Q 43 28.38 32.66 15.84
C VAL Q 43 28.63 32.57 14.34
N PRO Q 44 28.08 33.52 13.57
CA PRO Q 44 28.26 33.54 12.11
C PRO Q 44 29.73 33.47 11.70
N LEU Q 45 30.00 32.77 10.61
CA LEU Q 45 31.36 32.62 10.12
C LEU Q 45 31.74 33.78 9.20
N PRO Q 46 33.05 34.03 9.04
CA PRO Q 46 33.54 35.12 8.19
C PRO Q 46 33.27 34.89 6.70
N THR Q 47 33.04 35.98 5.98
CA THR Q 47 32.76 35.91 4.55
C THR Q 47 34.05 35.76 3.74
N LEU Q 48 34.10 34.73 2.91
CA LEU Q 48 35.26 34.48 2.07
C LEU Q 48 35.24 35.46 0.90
N LYS Q 49 36.38 36.09 0.66
CA LYS Q 49 36.49 37.07 -0.41
C LYS Q 49 36.55 36.44 -1.81
N TYR Q 50 36.50 35.12 -1.86
CA TYR Q 50 36.55 34.41 -3.13
C TYR Q 50 35.12 34.20 -3.63
N LYS Q 51 34.92 34.35 -4.93
CA LYS Q 51 33.59 34.17 -5.53
C LYS Q 51 33.36 32.70 -5.83
N TYR Q 52 32.13 32.23 -5.59
CA TYR Q 52 31.79 30.84 -5.83
C TYR Q 52 31.04 30.66 -7.14
N LYS Q 53 31.43 29.63 -7.90
CA LYS Q 53 30.80 29.32 -9.19
C LYS Q 53 30.93 27.83 -9.48
N GLN Q 54 30.27 27.39 -10.56
CA GLN Q 54 30.31 26.00 -10.97
C GLN Q 54 30.87 25.85 -12.37
N ASN Q 55 32.11 25.40 -12.48
CA ASN Q 55 32.77 25.23 -13.77
C ASN Q 55 32.59 23.79 -14.25
N ARG Q 56 32.79 23.56 -15.55
CA ARG Q 56 32.67 22.24 -16.13
C ARG Q 56 33.90 21.90 -16.97
N MET R 1 -42.34 49.01 13.53
CA MET R 1 -42.97 47.82 14.17
C MET R 1 -44.09 48.27 15.11
N GLY R 2 -43.79 49.23 15.97
CA GLY R 2 -44.78 49.72 16.90
C GLY R 2 -45.89 50.49 16.22
N ALA R 3 -45.54 51.17 15.12
CA ALA R 3 -46.51 51.94 14.37
C ALA R 3 -47.26 51.05 13.38
N LYS R 4 -46.69 49.89 13.06
CA LYS R 4 -47.34 48.99 12.13
C LYS R 4 -48.36 48.10 12.83
N LEU R 5 -48.01 47.63 14.02
CA LEU R 5 -48.91 46.77 14.79
C LEU R 5 -50.22 47.50 15.02
N ALA R 6 -50.13 48.68 15.65
CA ALA R 6 -51.30 49.50 15.94
C ALA R 6 -52.23 49.63 14.75
N LYS R 7 -51.66 49.96 13.59
CA LYS R 7 -52.45 50.13 12.36
C LYS R 7 -53.28 48.89 12.02
N THR R 8 -52.61 47.79 11.70
CA THR R 8 -53.28 46.56 11.34
C THR R 8 -54.36 46.13 12.34
N LEU R 9 -54.13 46.41 13.62
CA LEU R 9 -55.12 46.04 14.65
C LEU R 9 -56.49 46.62 14.36
N GLN R 10 -56.54 47.76 13.66
CA GLN R 10 -57.82 48.38 13.33
C GLN R 10 -58.45 47.68 12.14
N ARG R 11 -57.64 47.33 11.15
CA ARG R 11 -58.14 46.64 9.96
C ARG R 11 -58.57 45.23 10.31
N PHE R 12 -58.22 44.80 11.52
CA PHE R 12 -58.60 43.47 12.01
C PHE R 12 -59.96 43.59 12.66
N GLU R 13 -60.08 44.52 13.60
CA GLU R 13 -61.33 44.75 14.30
C GLU R 13 -62.35 45.36 13.36
N ASN R 14 -61.91 45.61 12.14
CA ASN R 14 -62.78 46.17 11.11
C ASN R 14 -63.41 44.98 10.39
N LYS R 15 -62.62 43.92 10.26
CA LYS R 15 -63.09 42.69 9.61
C LYS R 15 -64.00 41.94 10.57
N ILE R 16 -63.90 42.27 11.86
CA ILE R 16 -64.72 41.64 12.88
C ILE R 16 -66.09 42.32 12.96
N LYS R 17 -66.08 43.65 12.88
CA LYS R 17 -67.34 44.40 12.93
C LYS R 17 -68.04 44.32 11.59
N ALA R 18 -67.37 43.75 10.60
CA ALA R 18 -67.92 43.60 9.26
C ALA R 18 -68.52 42.21 9.09
N GLY R 19 -68.09 41.28 9.94
CA GLY R 19 -68.58 39.92 9.87
C GLY R 19 -67.53 38.94 9.41
N ASP R 20 -66.49 39.45 8.75
CA ASP R 20 -65.40 38.63 8.25
C ASP R 20 -64.58 38.05 9.39
N TYR R 21 -65.15 37.05 10.09
CA TYR R 21 -64.47 36.42 11.20
C TYR R 21 -63.30 35.55 10.72
N TYR R 22 -63.57 34.71 9.73
CA TYR R 22 -62.53 33.83 9.19
C TYR R 22 -61.32 34.65 8.74
N GLU R 23 -61.56 35.68 7.96
CA GLU R 23 -60.49 36.54 7.47
C GLU R 23 -59.68 37.11 8.63
N ALA R 24 -60.38 37.70 9.59
CA ALA R 24 -59.75 38.30 10.76
C ALA R 24 -58.90 37.32 11.56
N HIS R 25 -59.41 36.11 11.76
CA HIS R 25 -58.72 35.09 12.53
C HIS R 25 -57.52 34.48 11.78
N GLN R 26 -57.74 34.12 10.52
CA GLN R 26 -56.69 33.51 9.71
C GLN R 26 -55.50 34.44 9.54
N THR R 27 -55.76 35.67 9.09
CA THR R 27 -54.72 36.66 8.88
C THR R 27 -53.87 36.91 10.13
N LEU R 28 -54.53 37.21 11.24
CA LEU R 28 -53.85 37.49 12.49
C LEU R 28 -52.92 36.37 12.96
N ARG R 29 -53.39 35.14 12.95
CA ARG R 29 -52.57 34.02 13.40
C ARG R 29 -51.30 33.83 12.56
N THR R 30 -51.46 33.80 11.24
CA THR R 30 -50.30 33.63 10.36
C THR R 30 -49.28 34.73 10.62
N ILE R 31 -49.76 35.95 10.76
CA ILE R 31 -48.90 37.09 11.03
C ILE R 31 -48.26 36.95 12.41
N ALA R 32 -49.04 36.49 13.37
CA ALA R 32 -48.55 36.29 14.73
C ALA R 32 -47.50 35.21 14.76
N ASN R 33 -47.72 34.14 13.98
CA ASN R 33 -46.78 33.04 13.91
C ASN R 33 -45.43 33.54 13.43
N ARG R 34 -45.46 34.51 12.53
CA ARG R 34 -44.24 35.09 11.98
C ARG R 34 -43.41 35.74 13.09
N TYR R 35 -44.06 36.52 13.94
CA TYR R 35 -43.36 37.17 15.05
C TYR R 35 -42.73 36.11 15.94
N VAL R 36 -43.50 35.08 16.26
CA VAL R 36 -43.04 33.99 17.11
C VAL R 36 -41.86 33.27 16.48
N ARG R 37 -41.90 33.08 15.17
CA ARG R 37 -40.83 32.41 14.44
C ARG R 37 -39.52 33.18 14.57
N SER R 38 -39.62 34.50 14.68
CA SER R 38 -38.45 35.36 14.81
C SER R 38 -38.15 35.66 16.28
N LYS R 39 -38.84 34.95 17.17
CA LYS R 39 -38.68 35.11 18.61
C LYS R 39 -39.08 36.48 19.12
N SER R 40 -39.86 37.21 18.34
CA SER R 40 -40.33 38.53 18.75
C SER R 40 -41.61 38.35 19.56
N TYR R 41 -41.53 37.47 20.56
CA TYR R 41 -42.64 37.15 21.44
C TYR R 41 -43.50 38.35 21.84
N GLU R 42 -42.88 39.31 22.52
CA GLU R 42 -43.57 40.51 23.00
C GLU R 42 -44.58 41.04 21.97
N HIS R 43 -44.15 41.17 20.72
CA HIS R 43 -45.04 41.66 19.67
C HIS R 43 -46.24 40.76 19.48
N ALA R 44 -45.98 39.45 19.35
CA ALA R 44 -47.03 38.48 19.17
C ALA R 44 -48.02 38.50 20.32
N ILE R 45 -47.50 38.59 21.54
CA ILE R 45 -48.33 38.61 22.74
C ILE R 45 -49.38 39.72 22.70
N GLU R 46 -48.97 40.93 22.33
CA GLU R 46 -49.91 42.05 22.27
C GLU R 46 -50.91 41.84 21.15
N LEU R 47 -50.41 41.40 19.99
CA LEU R 47 -51.27 41.14 18.83
C LEU R 47 -52.30 40.08 19.13
N ILE R 48 -51.83 38.93 19.62
CA ILE R 48 -52.71 37.81 19.94
C ILE R 48 -53.73 38.20 20.99
N SER R 49 -53.26 38.73 22.12
CA SER R 49 -54.13 39.15 23.21
C SER R 49 -55.21 40.12 22.72
N GLN R 50 -54.79 41.14 21.97
CA GLN R 50 -55.71 42.13 21.46
C GLN R 50 -56.74 41.48 20.54
N GLY R 51 -56.28 40.56 19.69
CA GLY R 51 -57.19 39.88 18.79
C GLY R 51 -58.21 39.04 19.53
N ALA R 52 -57.78 38.41 20.61
CA ALA R 52 -58.66 37.58 21.42
C ALA R 52 -59.71 38.43 22.12
N LEU R 53 -59.29 39.61 22.59
CA LEU R 53 -60.19 40.53 23.28
C LEU R 53 -61.37 40.88 22.39
N SER R 54 -61.06 41.42 21.21
CA SER R 54 -62.08 41.81 20.24
C SER R 54 -63.02 40.67 19.89
N PHE R 55 -62.48 39.48 19.68
CA PHE R 55 -63.29 38.32 19.34
C PHE R 55 -64.29 38.01 20.46
N LEU R 56 -63.81 38.03 21.70
CA LEU R 56 -64.67 37.76 22.85
C LEU R 56 -65.70 38.86 23.04
N LYS R 57 -65.32 40.09 22.71
CA LYS R 57 -66.24 41.23 22.84
C LYS R 57 -67.31 41.17 21.76
N ALA R 58 -67.02 40.46 20.67
CA ALA R 58 -67.97 40.32 19.57
C ALA R 58 -68.79 39.04 19.71
N LYS R 59 -68.69 38.41 20.86
CA LYS R 59 -69.42 37.18 21.14
C LYS R 59 -68.97 36.02 20.26
N GLN R 60 -67.69 36.02 19.88
CA GLN R 60 -67.15 34.96 19.05
C GLN R 60 -66.25 34.03 19.86
N GLY R 61 -66.88 33.26 20.74
CA GLY R 61 -66.14 32.33 21.58
C GLY R 61 -65.17 31.46 20.83
N GLY R 62 -65.59 30.96 19.67
CA GLY R 62 -64.74 30.11 18.87
C GLY R 62 -63.33 30.66 18.69
N SER R 63 -63.24 31.79 18.00
CA SER R 63 -61.94 32.43 17.76
C SER R 63 -61.31 32.89 19.07
N GLY R 64 -62.09 33.57 19.90
CA GLY R 64 -61.60 34.06 21.17
C GLY R 64 -60.89 32.98 21.97
N THR R 65 -61.56 31.85 22.14
CA THR R 65 -61.00 30.73 22.89
C THR R 65 -59.69 30.26 22.26
N ASP R 66 -59.71 30.02 20.96
CA ASP R 66 -58.54 29.58 20.23
C ASP R 66 -57.33 30.48 20.49
N LEU R 67 -57.51 31.78 20.32
CA LEU R 67 -56.43 32.74 20.52
C LEU R 67 -55.88 32.68 21.94
N ILE R 68 -56.75 32.51 22.93
CA ILE R 68 -56.31 32.44 24.32
C ILE R 68 -55.29 31.31 24.45
N PHE R 69 -55.62 30.15 23.90
CA PHE R 69 -54.73 29.00 23.95
C PHE R 69 -53.41 29.33 23.26
N TYR R 70 -53.51 29.93 22.09
CA TYR R 70 -52.33 30.32 21.32
C TYR R 70 -51.46 31.26 22.15
N LEU R 71 -52.10 32.21 22.82
CA LEU R 71 -51.38 33.16 23.67
C LEU R 71 -50.59 32.39 24.73
N LEU R 72 -51.29 31.49 25.41
CA LEU R 72 -50.67 30.67 26.45
C LEU R 72 -49.46 29.92 25.91
N GLU R 73 -49.61 29.34 24.71
CA GLU R 73 -48.51 28.59 24.10
C GLU R 73 -47.27 29.47 24.03
N VAL R 74 -47.44 30.71 23.59
CA VAL R 74 -46.33 31.65 23.49
C VAL R 74 -45.81 31.95 24.89
N TYR R 75 -46.73 32.16 25.83
CA TYR R 75 -46.38 32.43 27.20
C TYR R 75 -45.38 31.41 27.73
N ASP R 76 -45.58 30.15 27.35
CA ASP R 76 -44.71 29.06 27.77
C ASP R 76 -43.48 28.99 26.87
N LEU R 77 -43.62 29.48 25.64
CA LEU R 77 -42.51 29.47 24.69
C LEU R 77 -41.56 30.63 24.96
N ALA R 78 -42.10 31.70 25.52
CA ALA R 78 -41.31 32.89 25.85
C ALA R 78 -40.93 32.84 27.33
N GLU R 79 -41.33 31.76 27.99
CA GLU R 79 -41.05 31.59 29.41
C GLU R 79 -41.49 32.80 30.22
N VAL R 80 -42.58 33.42 29.80
CA VAL R 80 -43.11 34.59 30.47
C VAL R 80 -43.36 34.28 31.94
N LYS R 81 -42.66 34.97 32.82
CA LYS R 81 -42.79 34.77 34.26
C LYS R 81 -44.05 35.41 34.81
N VAL R 82 -44.57 34.82 35.89
CA VAL R 82 -45.79 35.32 36.52
C VAL R 82 -45.59 36.61 37.30
N ASP R 83 -46.27 37.66 36.86
CA ASP R 83 -46.20 38.97 37.49
C ASP R 83 -47.45 39.77 37.12
N ASP R 84 -47.57 40.98 37.64
CA ASP R 84 -48.73 41.82 37.37
C ASP R 84 -49.10 41.85 35.89
N ILE R 85 -48.19 42.34 35.05
CA ILE R 85 -48.44 42.43 33.62
C ILE R 85 -48.93 41.10 33.04
N SER R 86 -48.15 40.04 33.23
CA SER R 86 -48.50 38.72 32.73
C SER R 86 -49.89 38.29 33.15
N VAL R 87 -50.22 38.47 34.43
CA VAL R 87 -51.53 38.10 34.95
C VAL R 87 -52.62 39.00 34.38
N ALA R 88 -52.36 40.30 34.38
CA ALA R 88 -53.32 41.28 33.88
C ALA R 88 -53.90 40.91 32.52
N ARG R 89 -53.05 40.55 31.57
CA ARG R 89 -53.51 40.18 30.24
C ARG R 89 -54.57 39.09 30.28
N LEU R 90 -54.33 38.08 31.12
CA LEU R 90 -55.26 36.97 31.26
C LEU R 90 -56.54 37.39 31.97
N VAL R 91 -56.40 38.23 32.99
CA VAL R 91 -57.55 38.71 33.75
C VAL R 91 -58.49 39.50 32.84
N ARG R 92 -57.89 40.35 32.00
CA ARG R 92 -58.66 41.17 31.07
C ARG R 92 -59.41 40.31 30.05
N LEU R 93 -58.83 39.17 29.70
CA LEU R 93 -59.46 38.25 28.75
C LEU R 93 -60.53 37.41 29.41
N ILE R 94 -60.29 37.05 30.68
CA ILE R 94 -61.23 36.24 31.44
C ILE R 94 -62.53 36.99 31.68
N ALA R 95 -62.43 38.31 31.79
CA ALA R 95 -63.60 39.15 32.03
C ALA R 95 -64.56 39.17 30.85
N GLU R 96 -64.01 39.05 29.65
CA GLU R 96 -64.83 39.06 28.44
C GLU R 96 -65.35 37.67 28.05
N LEU R 97 -64.90 36.65 28.78
CA LEU R 97 -65.33 35.29 28.49
C LEU R 97 -66.79 35.06 28.84
N ASP R 98 -67.48 34.29 28.01
CA ASP R 98 -68.89 33.98 28.25
C ASP R 98 -68.95 32.80 29.22
N PRO R 99 -69.63 32.99 30.36
CA PRO R 99 -69.76 31.96 31.39
C PRO R 99 -70.20 30.60 30.85
N SER R 100 -70.80 30.59 29.66
CA SER R 100 -71.27 29.36 29.04
C SER R 100 -70.33 28.80 27.99
N GLU R 101 -69.21 29.49 27.75
CA GLU R 101 -68.24 29.05 26.76
C GLU R 101 -67.85 27.59 26.97
N PRO R 102 -68.10 26.73 25.97
CA PRO R 102 -67.79 25.29 26.00
C PRO R 102 -66.34 24.97 26.37
N ASN R 103 -65.47 25.97 26.32
CA ASN R 103 -64.06 25.76 26.64
C ASN R 103 -63.66 26.34 27.99
N LEU R 104 -64.53 27.19 28.54
CA LEU R 104 -64.28 27.84 29.84
C LEU R 104 -63.25 27.15 30.72
N LYS R 105 -63.63 26.02 31.31
CA LYS R 105 -62.73 25.28 32.19
C LYS R 105 -61.35 25.04 31.60
N ASP R 106 -61.28 24.66 30.32
CA ASP R 106 -60.01 24.43 29.68
C ASP R 106 -59.17 25.70 29.68
N VAL R 107 -59.80 26.81 29.27
CA VAL R 107 -59.11 28.10 29.24
C VAL R 107 -58.56 28.41 30.63
N ILE R 108 -59.42 28.30 31.63
CA ILE R 108 -59.03 28.55 33.01
C ILE R 108 -57.85 27.69 33.42
N THR R 109 -57.94 26.39 33.18
CA THR R 109 -56.87 25.47 33.53
C THR R 109 -55.55 25.91 32.90
N GLY R 110 -55.58 26.14 31.59
CA GLY R 110 -54.38 26.55 30.89
C GLY R 110 -53.71 27.75 31.52
N MET R 111 -54.49 28.79 31.78
CA MET R 111 -53.96 30.01 32.40
C MET R 111 -53.32 29.72 33.75
N ASN R 112 -54.06 29.02 34.61
CA ASN R 112 -53.57 28.69 35.94
C ASN R 112 -52.32 27.82 35.88
N ASN R 113 -52.31 26.83 34.99
CA ASN R 113 -51.15 25.96 34.86
C ASN R 113 -49.92 26.80 34.57
N TRP R 114 -50.07 27.78 33.69
CA TRP R 114 -48.99 28.68 33.33
C TRP R 114 -48.47 29.39 34.57
N SER R 115 -49.39 29.91 35.38
CA SER R 115 -49.03 30.63 36.58
C SER R 115 -48.25 29.74 37.54
N ILE R 116 -48.57 28.45 37.55
CA ILE R 116 -47.90 27.50 38.43
C ILE R 116 -46.46 27.24 38.00
N LYS R 117 -46.26 27.04 36.70
CA LYS R 117 -44.93 26.76 36.15
C LYS R 117 -43.98 27.95 36.25
N PHE R 118 -44.52 29.16 36.24
CA PHE R 118 -43.69 30.36 36.30
C PHE R 118 -43.89 31.21 37.55
N SER R 119 -44.08 30.54 38.68
CA SER R 119 -44.27 31.22 39.96
C SER R 119 -43.89 30.25 41.07
N GLU R 120 -43.90 30.71 42.31
CA GLU R 120 -43.54 29.85 43.43
C GLU R 120 -44.78 29.26 44.10
N TYR R 121 -45.94 29.48 43.48
CA TYR R 121 -47.19 28.94 44.03
C TYR R 121 -47.45 27.58 43.41
N LYS R 122 -47.55 26.55 44.26
CA LYS R 122 -47.79 25.20 43.79
C LYS R 122 -49.14 25.02 43.11
N PHE R 123 -50.06 25.94 43.37
CA PHE R 123 -51.39 25.86 42.78
C PHE R 123 -51.77 27.05 41.93
N GLY R 124 -50.83 27.95 41.69
CA GLY R 124 -51.11 29.12 40.86
C GLY R 124 -51.11 30.43 41.62
N ASP R 125 -51.07 31.52 40.87
CA ASP R 125 -51.07 32.86 41.45
C ASP R 125 -52.40 33.21 42.11
N PRO R 126 -52.35 33.74 43.34
CA PRO R 126 -53.53 34.14 44.11
C PRO R 126 -54.48 35.07 43.37
N TYR R 127 -53.97 36.24 42.99
CA TYR R 127 -54.77 37.23 42.28
C TYR R 127 -55.49 36.60 41.09
N LEU R 128 -54.73 35.87 40.27
CA LEU R 128 -55.29 35.20 39.11
C LEU R 128 -56.49 34.34 39.50
N HIS R 129 -56.33 33.62 40.61
CA HIS R 129 -57.40 32.75 41.11
C HIS R 129 -58.67 33.54 41.41
N ASN R 130 -58.51 34.76 41.92
CA ASN R 130 -59.65 35.59 42.26
C ASN R 130 -60.54 35.81 41.04
N THR R 131 -59.92 36.04 39.89
CA THR R 131 -60.66 36.26 38.65
C THR R 131 -61.27 34.95 38.17
N ILE R 132 -60.43 33.91 38.09
CA ILE R 132 -60.87 32.60 37.65
C ILE R 132 -62.07 32.12 38.45
N GLY R 133 -62.03 32.29 39.76
CA GLY R 133 -63.12 31.86 40.61
C GLY R 133 -64.45 32.47 40.21
N SER R 134 -64.47 33.78 40.01
CA SER R 134 -65.68 34.48 39.63
C SER R 134 -66.25 33.96 38.31
N LYS R 135 -65.36 33.69 37.35
CA LYS R 135 -65.77 33.19 36.05
C LYS R 135 -66.45 31.83 36.17
N LEU R 136 -65.85 30.93 36.93
CA LEU R 136 -66.40 29.60 37.13
C LEU R 136 -67.78 29.68 37.77
N LEU R 137 -67.93 30.60 38.71
CA LEU R 137 -69.20 30.76 39.41
C LEU R 137 -70.31 31.26 38.48
N GLU R 138 -69.93 31.98 37.43
CA GLU R 138 -70.91 32.50 36.48
C GLU R 138 -71.50 31.38 35.64
N GLY R 139 -70.78 30.27 35.53
CA GLY R 139 -71.28 29.14 34.75
C GLY R 139 -71.86 28.07 35.67
N ASP R 140 -72.17 28.47 36.90
CA ASP R 140 -72.73 27.58 37.90
C ASP R 140 -71.76 26.50 38.36
N PHE R 141 -70.49 26.67 38.05
CA PHE R 141 -69.47 25.71 38.46
C PHE R 141 -69.04 26.07 39.88
N VAL R 142 -69.97 25.92 40.82
CA VAL R 142 -69.73 26.25 42.22
C VAL R 142 -68.50 25.59 42.84
N TYR R 143 -68.48 24.26 42.86
CA TYR R 143 -67.37 23.51 43.44
C TYR R 143 -66.01 23.98 42.93
N GLU R 144 -65.91 24.29 41.64
CA GLU R 144 -64.65 24.75 41.08
C GLU R 144 -64.32 26.16 41.56
N ALA R 145 -65.35 26.98 41.72
CA ALA R 145 -65.17 28.34 42.19
C ALA R 145 -64.67 28.33 43.64
N GLU R 146 -65.30 27.49 44.45
CA GLU R 146 -64.93 27.36 45.86
C GLU R 146 -63.44 27.13 46.03
N ARG R 147 -62.90 26.16 45.31
CA ARG R 147 -61.47 25.83 45.38
C ARG R 147 -60.60 27.04 45.07
N TYR R 148 -60.84 27.66 43.91
CA TYR R 148 -60.07 28.83 43.51
C TYR R 148 -60.17 29.96 44.52
N PHE R 149 -61.39 30.25 44.99
CA PHE R 149 -61.57 31.31 45.97
C PHE R 149 -60.79 30.98 47.24
N MET R 150 -60.81 29.70 47.61
CA MET R 150 -60.09 29.23 48.78
C MET R 150 -58.62 29.60 48.66
N LEU R 151 -58.10 29.49 47.44
CA LEU R 151 -56.70 29.81 47.17
C LEU R 151 -56.60 31.14 46.44
N GLY R 152 -57.47 32.08 46.81
CA GLY R 152 -57.45 33.39 46.19
C GLY R 152 -57.01 34.50 47.12
N THR R 153 -57.48 35.71 46.85
CA THR R 153 -57.13 36.87 47.67
C THR R 153 -58.23 37.20 48.66
N HIS R 154 -58.11 38.37 49.30
CA HIS R 154 -59.09 38.80 50.29
C HIS R 154 -60.48 38.96 49.67
N ASP R 155 -60.53 39.43 48.43
CA ASP R 155 -61.81 39.61 47.74
C ASP R 155 -62.43 38.23 47.50
N SER R 156 -61.59 37.24 47.23
CA SER R 156 -62.05 35.89 46.99
C SER R 156 -62.74 35.37 48.24
N MET R 157 -62.16 35.69 49.40
CA MET R 157 -62.70 35.28 50.68
C MET R 157 -64.13 35.81 50.83
N ILE R 158 -64.34 37.04 50.37
CA ILE R 158 -65.66 37.66 50.45
C ILE R 158 -66.61 36.96 49.48
N LYS R 159 -66.11 36.66 48.28
CA LYS R 159 -66.91 35.98 47.27
C LYS R 159 -67.11 34.50 47.60
N TYR R 160 -66.35 34.00 48.57
CA TYR R 160 -66.47 32.61 48.99
C TYR R 160 -67.55 32.55 50.06
N VAL R 161 -67.63 33.61 50.85
CA VAL R 161 -68.64 33.68 51.91
C VAL R 161 -70.00 33.94 51.26
N ASP R 162 -69.99 34.63 50.13
CA ASP R 162 -71.22 34.92 49.41
C ASP R 162 -71.68 33.67 48.67
N LEU R 163 -70.72 32.87 48.22
CA LEU R 163 -71.01 31.65 47.50
C LEU R 163 -71.65 30.64 48.45
N LEU R 164 -71.16 30.61 49.69
CA LEU R 164 -71.68 29.70 50.69
C LEU R 164 -72.97 30.23 51.31
N TRP R 165 -73.09 31.55 51.41
CA TRP R 165 -74.29 32.16 51.98
C TRP R 165 -75.47 32.06 51.02
N ASP R 166 -75.22 32.28 49.74
CA ASP R 166 -76.28 32.21 48.75
C ASP R 166 -76.72 30.76 48.53
N TRP R 167 -75.87 29.83 48.95
CA TRP R 167 -76.17 28.41 48.81
C TRP R 167 -77.05 27.99 49.99
N LEU R 168 -76.66 28.42 51.18
CA LEU R 168 -77.40 28.11 52.40
C LEU R 168 -78.82 28.64 52.30
N CYS R 169 -78.94 29.85 51.73
CA CYS R 169 -80.25 30.48 51.57
C CYS R 169 -81.10 29.72 50.56
N GLN R 170 -80.45 29.09 49.59
CA GLN R 170 -81.15 28.34 48.56
C GLN R 170 -81.86 27.11 49.12
N VAL R 171 -81.42 26.68 50.31
CA VAL R 171 -82.02 25.51 50.95
C VAL R 171 -83.41 25.85 51.48
N ASP R 172 -84.42 25.13 51.00
CA ASP R 172 -85.79 25.36 51.43
C ASP R 172 -86.02 24.91 52.87
N ASP R 173 -85.60 23.69 53.18
CA ASP R 173 -85.76 23.14 54.52
C ASP R 173 -84.46 23.21 55.30
N ILE R 174 -84.26 24.30 56.04
CA ILE R 174 -83.06 24.50 56.84
C ILE R 174 -83.16 23.71 58.14
N GLU R 175 -82.02 23.24 58.63
CA GLU R 175 -81.96 22.49 59.88
C GLU R 175 -80.71 22.86 60.67
N ASP R 176 -80.64 22.38 61.91
CA ASP R 176 -79.50 22.68 62.78
C ASP R 176 -78.17 22.22 62.20
N SER R 177 -78.18 21.08 61.53
CA SER R 177 -76.96 20.54 60.92
C SER R 177 -76.70 21.09 59.52
N THR R 178 -77.69 21.78 58.98
CA THR R 178 -77.58 22.35 57.64
C THR R 178 -76.63 23.55 57.62
N VAL R 179 -76.78 24.43 58.60
CA VAL R 179 -75.94 25.61 58.70
C VAL R 179 -74.47 25.25 58.91
N ALA R 180 -74.24 24.08 59.50
CA ALA R 180 -72.88 23.62 59.75
C ALA R 180 -72.21 23.10 58.48
N GLU R 181 -72.99 22.46 57.62
CA GLU R 181 -72.46 21.93 56.37
C GLU R 181 -71.81 23.00 55.50
N PHE R 182 -72.29 24.24 55.63
CA PHE R 182 -71.76 25.35 54.86
C PHE R 182 -70.66 26.07 55.63
N PHE R 183 -70.98 26.45 56.87
CA PHE R 183 -70.05 27.15 57.75
C PHE R 183 -68.74 26.40 57.96
N SER R 184 -68.83 25.08 58.16
CA SER R 184 -67.66 24.26 58.39
C SER R 184 -66.64 24.34 57.27
N ARG R 185 -67.12 24.50 56.04
CA ARG R 185 -66.24 24.59 54.89
C ARG R 185 -65.25 25.74 55.04
N LEU R 186 -65.72 26.87 55.56
CA LEU R 186 -64.88 28.04 55.76
C LEU R 186 -63.79 27.76 56.78
N VAL R 187 -64.19 27.19 57.91
CA VAL R 187 -63.26 26.89 58.99
C VAL R 187 -62.19 25.85 58.60
N PHE R 188 -62.63 24.76 57.96
CA PHE R 188 -61.71 23.72 57.56
C PHE R 188 -60.76 24.11 56.43
N ASN R 189 -61.31 24.61 55.32
CA ASN R 189 -60.50 25.01 54.19
C ASN R 189 -59.41 26.00 54.54
N TYR R 190 -59.78 27.10 55.19
CA TYR R 190 -58.80 28.12 55.57
C TYR R 190 -57.80 27.62 56.60
N LEU R 191 -58.23 26.70 57.47
CA LEU R 191 -57.33 26.16 58.48
C LEU R 191 -56.30 25.23 57.85
N PHE R 192 -56.65 24.64 56.72
CA PHE R 192 -55.72 23.74 56.03
C PHE R 192 -54.58 24.55 55.43
N ILE R 193 -54.91 25.66 54.78
CA ILE R 193 -53.89 26.52 54.20
C ILE R 193 -53.33 27.44 55.28
N SER R 194 -53.74 27.17 56.52
CA SER R 194 -53.30 27.94 57.67
C SER R 194 -53.43 29.45 57.47
N ASN R 195 -54.65 29.90 57.13
CA ASN R 195 -54.91 31.31 56.93
C ASN R 195 -55.90 31.76 58.00
N ILE R 196 -55.45 31.74 59.25
CA ILE R 196 -56.27 32.13 60.39
C ILE R 196 -57.01 33.45 60.21
N SER R 197 -56.37 34.42 59.56
CA SER R 197 -56.99 35.72 59.34
C SER R 197 -58.28 35.58 58.53
N PHE R 198 -58.19 34.87 57.41
CA PHE R 198 -59.35 34.65 56.55
C PHE R 198 -60.37 33.76 57.24
N ALA R 199 -59.89 32.82 58.04
CA ALA R 199 -60.76 31.91 58.77
C ALA R 199 -61.62 32.67 59.78
N HIS R 200 -61.02 33.66 60.43
CA HIS R 200 -61.72 34.47 61.41
C HIS R 200 -62.66 35.48 60.77
N GLU R 201 -62.21 36.10 59.67
CA GLU R 201 -63.03 37.10 58.99
C GLU R 201 -64.21 36.45 58.27
N SER R 202 -63.96 35.32 57.61
CA SER R 202 -65.01 34.61 56.90
C SER R 202 -66.05 34.12 57.89
N LYS R 203 -65.57 33.74 59.07
CA LYS R 203 -66.43 33.26 60.14
C LYS R 203 -67.35 34.38 60.65
N ASP R 204 -66.75 35.53 60.96
CA ASP R 204 -67.50 36.66 61.47
C ASP R 204 -68.58 37.14 60.50
N ILE R 205 -68.24 37.26 59.23
CA ILE R 205 -69.19 37.71 58.21
C ILE R 205 -70.33 36.71 58.02
N PHE R 206 -70.01 35.42 58.08
CA PHE R 206 -71.01 34.39 57.90
C PHE R 206 -71.90 34.21 59.13
N LEU R 207 -71.30 34.31 60.31
CA LEU R 207 -72.07 34.15 61.55
C LEU R 207 -72.98 35.35 61.82
N GLU R 208 -72.58 36.52 61.33
CA GLU R 208 -73.39 37.72 61.54
C GLU R 208 -74.60 37.74 60.61
N ARG R 209 -74.41 37.25 59.39
CA ARG R 209 -75.51 37.21 58.43
C ARG R 209 -76.54 36.21 58.95
N PHE R 210 -76.03 35.09 59.45
CA PHE R 210 -76.85 34.01 59.98
C PHE R 210 -77.70 34.50 61.16
N ILE R 211 -77.18 35.46 61.90
CA ILE R 211 -77.89 36.01 63.06
C ILE R 211 -78.93 37.05 62.67
N GLU R 212 -78.67 37.77 61.58
CA GLU R 212 -79.58 38.81 61.11
C GLU R 212 -80.67 38.28 60.18
N LYS R 213 -80.63 37.00 59.86
CA LYS R 213 -81.62 36.40 58.97
C LYS R 213 -82.49 35.37 59.68
N PHE R 214 -81.84 34.43 60.36
CA PHE R 214 -82.54 33.37 61.08
C PHE R 214 -82.90 33.73 62.52
N HIS R 215 -82.23 34.74 63.06
CA HIS R 215 -82.50 35.19 64.42
C HIS R 215 -82.44 34.05 65.44
N PRO R 216 -81.35 33.27 65.43
CA PRO R 216 -81.22 32.15 66.37
C PRO R 216 -80.84 32.63 67.77
N LYS R 217 -81.15 31.82 68.78
CA LYS R 217 -80.83 32.16 70.16
C LYS R 217 -79.33 32.01 70.39
N TYR R 218 -78.68 33.09 70.81
CA TYR R 218 -77.24 33.07 71.06
C TYR R 218 -76.82 34.08 72.11
N GLU R 219 -75.52 34.11 72.37
CA GLU R 219 -74.93 35.03 73.34
C GLU R 219 -73.41 34.97 73.18
N LYS R 220 -72.81 36.11 72.84
CA LYS R 220 -71.37 36.17 72.65
C LYS R 220 -70.56 36.01 73.93
N ILE R 221 -69.64 35.05 73.91
CA ILE R 221 -68.78 34.77 75.05
C ILE R 221 -67.39 35.33 74.75
N ASP R 222 -66.91 36.21 75.62
CA ASP R 222 -65.60 36.82 75.43
C ASP R 222 -64.62 36.43 76.53
N LYS R 223 -63.41 36.04 76.13
CA LYS R 223 -62.38 35.63 77.08
C LYS R 223 -60.98 35.87 76.55
N ASN R 224 -60.23 36.74 77.21
CA ASN R 224 -58.86 37.07 76.84
C ASN R 224 -58.70 37.50 75.38
N GLY R 225 -59.59 38.38 74.92
CA GLY R 225 -59.50 38.86 73.56
C GLY R 225 -60.25 38.05 72.52
N TYR R 226 -60.49 36.77 72.81
CA TYR R 226 -61.20 35.90 71.88
C TYR R 226 -62.70 35.88 72.15
N GLU R 227 -63.48 35.66 71.08
CA GLU R 227 -64.93 35.61 71.19
C GLU R 227 -65.50 34.37 70.51
N ILE R 228 -66.56 33.82 71.11
CA ILE R 228 -67.21 32.63 70.57
C ILE R 228 -68.72 32.79 70.61
N VAL R 229 -69.31 33.07 69.45
CA VAL R 229 -70.75 33.24 69.35
C VAL R 229 -71.46 31.94 69.70
N PHE R 230 -71.84 31.80 70.97
CA PHE R 230 -72.50 30.59 71.44
C PHE R 230 -73.95 30.52 70.99
N PHE R 231 -74.24 29.61 70.06
CA PHE R 231 -75.60 29.44 69.57
C PHE R 231 -76.32 28.41 70.43
N GLU R 232 -77.52 28.76 70.88
CA GLU R 232 -78.32 27.89 71.73
C GLU R 232 -79.01 26.76 70.97
N ASP R 233 -79.03 26.84 69.65
CA ASP R 233 -79.68 25.81 68.85
C ASP R 233 -78.76 25.26 67.76
N TYR R 234 -77.47 25.56 67.86
CA TYR R 234 -76.51 25.08 66.87
C TYR R 234 -75.19 24.68 67.53
N SER R 235 -75.16 23.46 68.06
CA SER R 235 -73.96 22.94 68.72
C SER R 235 -72.81 22.80 67.71
N ASP R 236 -73.15 22.39 66.49
CA ASP R 236 -72.15 22.21 65.44
C ASP R 236 -71.34 23.48 65.25
N LEU R 237 -72.01 24.63 65.29
CA LEU R 237 -71.34 25.91 65.11
C LEU R 237 -70.45 26.24 66.30
N ASN R 238 -70.86 25.85 67.50
CA ASN R 238 -70.07 26.12 68.69
C ASN R 238 -68.77 25.32 68.64
N PHE R 239 -68.90 24.03 68.34
CA PHE R 239 -67.75 23.13 68.23
C PHE R 239 -66.76 23.68 67.20
N LEU R 240 -67.26 24.00 66.01
CA LEU R 240 -66.43 24.51 64.94
C LEU R 240 -65.66 25.77 65.33
N GLN R 241 -66.31 26.67 66.06
CA GLN R 241 -65.66 27.90 66.48
C GLN R 241 -64.52 27.61 67.45
N LEU R 242 -64.73 26.64 68.34
CA LEU R 242 -63.71 26.27 69.31
C LEU R 242 -62.53 25.59 68.62
N LEU R 243 -62.85 24.80 67.60
CA LEU R 243 -61.82 24.09 66.84
C LEU R 243 -60.82 25.07 66.24
N LEU R 244 -61.33 26.18 65.71
CA LEU R 244 -60.49 27.21 65.10
C LEU R 244 -59.45 27.72 66.09
N ILE R 245 -59.93 28.28 67.20
CA ILE R 245 -59.04 28.82 68.23
C ILE R 245 -58.07 27.76 68.75
N THR R 246 -58.57 26.54 68.93
CA THR R 246 -57.74 25.45 69.42
C THR R 246 -56.50 25.27 68.55
N CYS R 247 -56.70 25.21 67.25
CA CYS R 247 -55.59 25.05 66.31
C CYS R 247 -54.57 26.17 66.49
N GLN R 248 -55.06 27.35 66.83
CA GLN R 248 -54.19 28.51 67.03
C GLN R 248 -53.25 28.34 68.22
N THR R 249 -53.68 27.55 69.20
CA THR R 249 -52.86 27.31 70.39
C THR R 249 -51.81 26.24 70.14
N ALA R 250 -52.09 25.36 69.18
CA ALA R 250 -51.17 24.27 68.84
C ALA R 250 -50.81 23.47 70.09
N ASP R 251 -51.77 23.34 70.99
CA ASP R 251 -51.57 22.57 72.22
C ASP R 251 -52.38 21.28 72.16
N ALA R 252 -51.68 20.16 72.17
CA ALA R 252 -52.30 18.84 72.09
C ALA R 252 -53.47 18.65 73.07
N SER R 253 -53.24 18.95 74.35
CA SER R 253 -54.27 18.78 75.36
C SER R 253 -55.61 19.38 74.99
N TYR R 254 -55.62 20.65 74.61
CA TYR R 254 -56.86 21.32 74.25
C TYR R 254 -57.59 20.63 73.11
N PHE R 255 -56.84 20.17 72.11
CA PHE R 255 -57.42 19.50 70.97
C PHE R 255 -58.10 18.19 71.35
N LEU R 256 -57.48 17.46 72.28
CA LEU R 256 -58.03 16.18 72.73
C LEU R 256 -59.27 16.38 73.58
N ASN R 257 -59.26 17.39 74.45
CA ASN R 257 -60.39 17.67 75.32
C ASN R 257 -61.62 18.12 74.54
N LEU R 258 -61.41 18.93 73.52
CA LEU R 258 -62.50 19.44 72.69
C LEU R 258 -63.19 18.28 71.97
N LYS R 259 -62.40 17.34 71.47
CA LYS R 259 -62.94 16.19 70.75
C LYS R 259 -63.66 15.21 71.69
N ASN R 260 -63.11 15.01 72.88
CA ASN R 260 -63.71 14.09 73.84
C ASN R 260 -65.07 14.58 74.36
N HIS R 261 -65.30 15.88 74.28
CA HIS R 261 -66.55 16.45 74.75
C HIS R 261 -67.60 16.37 73.65
N TYR R 262 -67.16 16.44 72.40
CA TYR R 262 -68.04 16.36 71.25
C TYR R 262 -67.74 15.08 70.47
N LEU R 263 -68.00 13.94 71.10
CA LEU R 263 -67.75 12.65 70.47
C LEU R 263 -68.42 12.51 69.11
N ASP R 264 -69.69 12.90 69.02
CA ASP R 264 -70.42 12.80 67.76
C ASP R 264 -69.72 13.58 66.65
N PHE R 265 -69.45 14.85 66.91
CA PHE R 265 -68.79 15.69 65.92
C PHE R 265 -67.41 15.15 65.58
N SER R 266 -66.77 14.48 66.54
CA SER R 266 -65.46 13.91 66.34
C SER R 266 -65.47 12.77 65.33
N GLN R 267 -66.64 12.21 65.08
CA GLN R 267 -66.76 11.11 64.13
C GLN R 267 -67.31 11.59 62.79
N ALA R 268 -67.96 12.74 62.80
CA ALA R 268 -68.51 13.31 61.59
C ALA R 268 -67.38 13.95 60.79
N TYR R 269 -66.46 14.58 61.51
CA TYR R 269 -65.31 15.23 60.89
C TYR R 269 -64.05 14.42 61.21
N LYS R 270 -64.19 13.10 61.15
CA LYS R 270 -63.08 12.19 61.45
C LYS R 270 -61.81 12.56 60.69
N SER R 271 -61.84 12.38 59.38
CA SER R 271 -60.68 12.69 58.54
C SER R 271 -60.17 14.12 58.72
N GLU R 272 -61.09 15.08 58.72
CA GLU R 272 -60.72 16.48 58.88
C GLU R 272 -59.94 16.72 60.17
N LEU R 273 -60.45 16.19 61.28
CA LEU R 273 -59.79 16.35 62.56
C LEU R 273 -58.43 15.66 62.58
N GLU R 274 -58.34 14.53 61.90
CA GLU R 274 -57.09 13.79 61.83
C GLU R 274 -56.00 14.69 61.25
N PHE R 275 -56.34 15.36 60.16
CA PHE R 275 -55.40 16.26 59.49
C PHE R 275 -55.01 17.40 60.42
N LEU R 276 -56.01 18.10 60.95
CA LEU R 276 -55.77 19.23 61.86
C LEU R 276 -54.88 18.82 63.02
N GLY R 277 -55.04 17.58 63.48
CA GLY R 277 -54.24 17.10 64.59
C GLY R 277 -52.80 16.86 64.21
N GLN R 278 -52.55 16.74 62.91
CA GLN R 278 -51.19 16.51 62.41
C GLN R 278 -50.51 17.83 62.07
N GLU R 279 -51.31 18.78 61.59
CA GLU R 279 -50.80 20.09 61.20
C GLU R 279 -50.72 21.08 62.36
N TYR R 280 -51.49 20.83 63.43
CA TYR R 280 -51.47 21.73 64.58
C TYR R 280 -51.11 21.06 65.91
N PHE R 281 -50.98 19.74 65.92
CA PHE R 281 -50.68 19.05 67.16
C PHE R 281 -49.66 17.93 67.03
N ASN R 282 -49.06 17.83 65.86
CA ASN R 282 -48.04 16.81 65.58
C ASN R 282 -48.48 15.42 66.01
N ILE R 283 -49.65 14.99 65.55
CA ILE R 283 -50.18 13.68 65.88
C ILE R 283 -50.00 12.72 64.70
N VAL R 284 -49.31 11.62 64.95
CA VAL R 284 -49.07 10.62 63.91
C VAL R 284 -50.07 9.48 63.98
N ALA R 285 -50.66 9.29 65.16
CA ALA R 285 -51.63 8.23 65.37
C ALA R 285 -52.94 8.54 64.65
N PRO R 286 -53.43 7.59 63.84
CA PRO R 286 -54.69 7.77 63.09
C PRO R 286 -55.85 8.15 64.00
N LYS R 287 -56.98 8.50 63.39
CA LYS R 287 -58.16 8.90 64.15
C LYS R 287 -59.05 7.69 64.45
N GLN R 288 -59.15 7.34 65.73
CA GLN R 288 -59.95 6.20 66.15
C GLN R 288 -61.45 6.52 66.06
N THR R 289 -62.14 5.78 65.20
CA THR R 289 -63.57 5.97 65.01
C THR R 289 -64.36 5.78 66.31
N ASN R 290 -65.13 6.80 66.68
CA ASN R 290 -65.93 6.73 67.91
C ASN R 290 -67.15 5.84 67.73
N PHE R 291 -67.77 5.92 66.55
CA PHE R 291 -68.96 5.14 66.26
C PHE R 291 -68.71 4.17 65.10
N THR S 3 -82.14 31.27 78.85
CA THR S 3 -82.53 30.19 79.81
C THR S 3 -81.35 29.27 80.10
N SER S 4 -81.64 28.16 80.76
CA SER S 4 -80.61 27.19 81.13
C SER S 4 -80.82 25.86 80.41
N ALA S 5 -81.48 25.91 79.25
CA ALA S 5 -81.72 24.71 78.47
C ALA S 5 -80.47 24.30 77.71
N SER S 6 -79.49 25.21 77.66
CA SER S 6 -78.23 24.96 76.98
C SER S 6 -77.05 25.33 77.86
N GLY S 7 -77.31 25.43 79.17
CA GLY S 7 -76.27 25.78 80.11
C GLY S 7 -75.07 24.85 80.10
N PRO S 8 -75.29 23.52 80.13
CA PRO S 8 -74.20 22.54 80.12
C PRO S 8 -73.13 22.82 79.08
N GLU S 9 -73.55 23.03 77.83
CA GLU S 9 -72.60 23.29 76.75
C GLU S 9 -72.06 24.72 76.85
N HIS S 10 -72.90 25.65 77.28
CA HIS S 10 -72.49 27.04 77.41
C HIS S 10 -71.34 27.21 78.39
N GLU S 11 -71.38 26.51 79.52
CA GLU S 11 -70.33 26.61 80.50
C GLU S 11 -69.06 25.92 80.02
N PHE S 12 -69.21 24.92 79.15
CA PHE S 12 -68.05 24.22 78.61
C PHE S 12 -67.35 25.10 77.59
N VAL S 13 -68.15 25.66 76.67
CA VAL S 13 -67.62 26.53 75.63
C VAL S 13 -66.97 27.78 76.21
N SER S 14 -67.57 28.31 77.28
CA SER S 14 -67.05 29.51 77.91
C SER S 14 -65.76 29.23 78.67
N LYS S 15 -65.72 28.13 79.40
CA LYS S 15 -64.54 27.75 80.17
C LYS S 15 -63.41 27.26 79.28
N PHE S 16 -63.77 26.57 78.19
CA PHE S 16 -62.77 26.05 77.27
C PHE S 16 -62.09 27.21 76.56
N LEU S 17 -62.84 28.28 76.33
CA LEU S 17 -62.31 29.47 75.68
C LEU S 17 -61.33 30.17 76.61
N THR S 18 -61.74 30.34 77.86
CA THR S 18 -60.90 30.99 78.87
C THR S 18 -59.56 30.28 78.92
N LEU S 19 -59.61 28.99 79.23
CA LEU S 19 -58.42 28.16 79.32
C LEU S 19 -57.58 28.23 78.04
N ALA S 20 -58.24 28.08 76.90
CA ALA S 20 -57.56 28.11 75.61
C ALA S 20 -56.89 29.43 75.32
N THR S 21 -57.22 30.46 76.09
CA THR S 21 -56.65 31.79 75.89
C THR S 21 -55.85 32.31 77.08
N LEU S 22 -55.61 31.45 78.07
CA LEU S 22 -54.85 31.84 79.25
C LEU S 22 -53.55 32.53 78.80
N THR S 23 -52.97 32.02 77.72
CA THR S 23 -51.75 32.57 77.17
C THR S 23 -51.96 32.84 75.69
N GLU S 24 -51.35 33.90 75.18
CA GLU S 24 -51.47 34.26 73.78
C GLU S 24 -51.12 33.03 72.95
N PRO S 25 -52.13 32.41 72.31
CA PRO S 25 -51.92 31.23 71.48
C PRO S 25 -50.66 31.32 70.63
N LYS S 26 -50.01 30.18 70.41
CA LYS S 26 -48.79 30.16 69.61
C LYS S 26 -48.98 30.89 68.29
N LEU S 27 -50.14 30.68 67.67
CA LEU S 27 -50.47 31.32 66.40
C LEU S 27 -51.59 32.34 66.60
N PRO S 28 -51.31 33.62 66.32
CA PRO S 28 -52.32 34.69 66.47
C PRO S 28 -53.46 34.56 65.46
N LYS S 29 -54.47 35.40 65.64
CA LYS S 29 -55.63 35.40 64.75
C LYS S 29 -55.32 36.03 63.40
N SER S 30 -54.22 36.79 63.35
CA SER S 30 -53.80 37.44 62.11
C SER S 30 -52.79 36.57 61.37
N TYR S 31 -52.53 35.39 61.92
CA TYR S 31 -51.57 34.46 61.33
C TYR S 31 -52.02 33.99 59.95
N THR S 32 -51.07 33.86 59.04
CA THR S 32 -51.33 33.42 57.68
C THR S 32 -50.12 32.71 57.09
N LYS S 33 -50.22 31.39 56.95
CA LYS S 33 -49.12 30.61 56.38
C LYS S 33 -48.95 31.07 54.95
N PRO S 34 -47.80 31.67 54.62
CA PRO S 34 -47.53 32.14 53.26
C PRO S 34 -48.04 31.16 52.21
N LEU S 35 -48.96 31.63 51.36
CA LEU S 35 -49.54 30.79 50.34
C LEU S 35 -48.45 30.16 49.47
N LYS S 36 -47.26 30.76 49.49
CA LYS S 36 -46.12 30.26 48.73
C LYS S 36 -45.63 28.96 49.35
N ASP S 37 -45.89 28.80 50.65
CA ASP S 37 -45.45 27.60 51.36
C ASP S 37 -46.54 26.53 51.47
N VAL S 38 -47.74 26.86 51.01
CA VAL S 38 -48.85 25.90 51.06
C VAL S 38 -48.50 24.66 50.25
N THR S 39 -48.33 23.54 50.95
CA THR S 39 -47.98 22.28 50.30
C THR S 39 -49.18 21.53 49.74
N ASN S 40 -50.07 21.06 50.62
CA ASN S 40 -51.24 20.33 50.19
C ASN S 40 -52.54 21.11 50.46
N LEU S 41 -53.67 20.41 50.39
CA LEU S 41 -54.96 21.06 50.62
C LEU S 41 -55.80 20.30 51.65
N GLY S 42 -55.14 19.66 52.60
CA GLY S 42 -55.85 18.92 53.62
C GLY S 42 -56.74 17.81 53.08
N VAL S 43 -57.80 17.51 53.83
CA VAL S 43 -58.74 16.46 53.44
C VAL S 43 -59.96 17.05 52.75
N PRO S 44 -60.38 16.46 51.61
CA PRO S 44 -61.54 16.94 50.85
C PRO S 44 -62.78 17.07 51.73
N LEU S 45 -63.59 18.09 51.45
CA LEU S 45 -64.81 18.33 52.22
C LEU S 45 -65.98 17.54 51.66
N PRO S 46 -67.01 17.29 52.49
CA PRO S 46 -68.20 16.55 52.06
C PRO S 46 -69.03 17.29 51.02
N THR S 47 -69.65 16.52 50.13
CA THR S 47 -70.48 17.10 49.07
C THR S 47 -71.87 17.44 49.59
N LEU S 48 -72.27 18.70 49.40
CA LEU S 48 -73.58 19.16 49.83
C LEU S 48 -74.63 18.65 48.86
N LYS S 49 -75.72 18.11 49.40
CA LYS S 49 -76.79 17.55 48.59
C LYS S 49 -77.68 18.61 47.96
N TYR S 50 -77.37 19.88 48.22
CA TYR S 50 -78.14 20.98 47.67
C TYR S 50 -77.52 21.41 46.34
N LYS S 51 -78.35 21.71 45.35
CA LYS S 51 -77.87 22.14 44.05
C LYS S 51 -77.58 23.64 44.06
N TYR S 52 -76.51 24.05 43.40
CA TYR S 52 -76.12 25.45 43.35
C TYR S 52 -76.55 26.11 42.04
N LYS S 53 -77.09 27.32 42.14
CA LYS S 53 -77.54 28.08 40.98
C LYS S 53 -77.49 29.58 41.27
N GLN S 54 -77.73 30.38 40.24
CA GLN S 54 -77.73 31.84 40.39
C GLN S 54 -79.08 32.42 39.99
N ASN S 55 -79.86 32.84 40.98
CA ASN S 55 -81.17 33.43 40.73
C ASN S 55 -81.07 34.95 40.68
N ARG S 56 -82.08 35.59 40.09
CA ARG S 56 -82.11 37.05 40.00
C ARG S 56 -83.44 37.59 40.49
N MET T 1 -5.70 46.73 51.84
CA MET T 1 -4.75 46.45 50.73
C MET T 1 -4.10 47.74 50.27
N GLY T 2 -4.92 48.75 49.99
CA GLY T 2 -4.41 50.02 49.54
C GLY T 2 -3.67 50.77 50.64
N ALA T 3 -4.12 50.58 51.88
CA ALA T 3 -3.50 51.24 53.02
C ALA T 3 -2.28 50.46 53.48
N LYS T 4 -2.21 49.18 53.12
CA LYS T 4 -1.08 48.36 53.54
C LYS T 4 0.09 48.53 52.58
N LEU T 5 -0.19 48.59 51.29
CA LEU T 5 0.85 48.75 50.28
C LEU T 5 1.64 50.03 50.58
N ALA T 6 0.94 51.15 50.62
CA ALA T 6 1.54 52.45 50.89
C ALA T 6 2.51 52.39 52.07
N LYS T 7 2.04 51.81 53.17
CA LYS T 7 2.85 51.70 54.38
C LYS T 7 4.19 51.00 54.14
N THR T 8 4.14 49.73 53.79
CA THR T 8 5.35 48.94 53.55
C THR T 8 6.33 49.62 52.59
N LEU T 9 5.81 50.37 51.61
CA LEU T 9 6.67 51.05 50.66
C LEU T 9 7.66 51.99 51.34
N GLN T 10 7.32 52.47 52.54
CA GLN T 10 8.20 53.37 53.27
C GLN T 10 9.27 52.57 54.00
N ARG T 11 8.88 51.44 54.58
CA ARG T 11 9.82 50.59 55.31
C ARG T 11 10.78 49.92 54.33
N PHE T 12 10.46 50.01 53.04
CA PHE T 12 11.31 49.45 52.00
C PHE T 12 12.35 50.50 51.64
N GLU T 13 11.88 51.69 51.29
CA GLU T 13 12.77 52.79 50.93
C GLU T 13 13.53 53.26 52.16
N ASN T 14 13.24 52.64 53.29
CA ASN T 14 13.90 52.96 54.56
C ASN T 14 15.10 52.02 54.64
N LYS T 15 14.93 50.82 54.12
CA LYS T 15 15.99 49.82 54.11
C LYS T 15 16.98 50.16 52.99
N ILE T 16 16.54 50.97 52.04
CA ILE T 16 17.39 51.39 50.94
C ILE T 16 18.26 52.56 51.34
N LYS T 17 17.68 53.51 52.08
CA LYS T 17 18.43 54.67 52.54
C LYS T 17 19.31 54.28 53.73
N ALA T 18 19.11 53.08 54.24
CA ALA T 18 19.88 52.58 55.37
C ALA T 18 21.06 51.74 54.87
N GLY T 19 20.95 51.27 53.63
CA GLY T 19 22.02 50.47 53.06
C GLY T 19 21.61 49.02 52.85
N ASP T 20 20.58 48.60 53.58
CA ASP T 20 20.07 47.23 53.48
C ASP T 20 19.43 46.99 52.12
N TYR T 21 20.25 46.84 51.09
CA TYR T 21 19.75 46.59 49.75
C TYR T 21 19.20 45.17 49.61
N TYR T 22 19.97 44.19 50.05
CA TYR T 22 19.54 42.80 49.97
C TYR T 22 18.18 42.61 50.63
N GLU T 23 18.07 43.09 51.87
CA GLU T 23 16.81 42.99 52.61
C GLU T 23 15.66 43.59 51.81
N ALA T 24 15.85 44.83 51.37
CA ALA T 24 14.84 45.55 50.60
C ALA T 24 14.41 44.81 49.33
N HIS T 25 15.38 44.28 48.60
CA HIS T 25 15.10 43.56 47.36
C HIS T 25 14.43 42.21 47.57
N GLN T 26 14.99 41.41 48.48
CA GLN T 26 14.47 40.08 48.77
C GLN T 26 13.02 40.14 49.26
N THR T 27 12.78 40.94 50.29
CA THR T 27 11.45 41.09 50.86
C THR T 27 10.39 41.50 49.84
N LEU T 28 10.68 42.56 49.09
CA LEU T 28 9.75 43.06 48.09
C LEU T 28 9.36 42.05 47.03
N ARG T 29 10.33 41.32 46.48
CA ARG T 29 10.05 40.34 45.45
C ARG T 29 9.15 39.20 45.93
N THR T 30 9.50 38.61 47.07
CA THR T 30 8.70 37.51 47.62
C THR T 30 7.26 37.97 47.83
N ILE T 31 7.11 39.16 48.39
CA ILE T 31 5.80 39.73 48.65
C ILE T 31 5.08 39.98 47.33
N ALA T 32 5.81 40.51 46.36
CA ALA T 32 5.26 40.80 45.04
C ALA T 32 4.82 39.51 44.36
N ASN T 33 5.63 38.47 44.51
CA ASN T 33 5.34 37.17 43.91
C ASN T 33 4.00 36.66 44.45
N ARG T 34 3.71 37.00 45.70
CA ARG T 34 2.48 36.58 46.33
C ARG T 34 1.28 37.21 45.63
N TYR T 35 1.35 38.51 45.34
CA TYR T 35 0.27 39.19 44.66
C TYR T 35 0.05 38.57 43.29
N VAL T 36 1.15 38.29 42.59
CA VAL T 36 1.09 37.69 41.26
C VAL T 36 0.45 36.30 41.32
N ARG T 37 0.80 35.53 42.34
CA ARG T 37 0.26 34.19 42.52
C ARG T 37 -1.26 34.21 42.64
N SER T 38 -1.78 35.28 43.26
CA SER T 38 -3.22 35.44 43.45
C SER T 38 -3.83 36.24 42.31
N LYS T 39 -3.05 36.45 41.26
CA LYS T 39 -3.49 37.20 40.09
C LYS T 39 -3.84 38.66 40.38
N SER T 40 -3.34 39.18 41.49
CA SER T 40 -3.59 40.57 41.86
C SER T 40 -2.51 41.43 41.20
N TYR T 41 -2.36 41.24 39.89
CA TYR T 41 -1.36 41.96 39.10
C TYR T 41 -1.22 43.44 39.44
N GLU T 42 -2.31 44.18 39.27
CA GLU T 42 -2.32 45.62 39.54
C GLU T 42 -1.50 46.00 40.78
N HIS T 43 -1.75 45.29 41.88
CA HIS T 43 -1.02 45.56 43.12
C HIS T 43 0.48 45.35 42.95
N ALA T 44 0.84 44.20 42.36
CA ALA T 44 2.24 43.87 42.14
C ALA T 44 2.92 44.91 41.25
N ILE T 45 2.21 45.35 40.21
CA ILE T 45 2.75 46.32 39.28
C ILE T 45 3.18 47.62 39.97
N GLU T 46 2.34 48.14 40.85
CA GLU T 46 2.68 49.37 41.56
C GLU T 46 3.83 49.14 42.53
N LEU T 47 3.79 48.01 43.23
CA LEU T 47 4.83 47.65 44.19
C LEU T 47 6.17 47.49 43.50
N ILE T 48 6.21 46.64 42.48
CA ILE T 48 7.43 46.38 41.72
C ILE T 48 7.99 47.67 41.13
N SER T 49 7.16 48.39 40.39
CA SER T 49 7.57 49.64 39.75
C SER T 49 8.14 50.61 40.77
N GLN T 50 7.43 50.82 41.87
CA GLN T 50 7.88 51.73 42.92
C GLN T 50 9.22 51.28 43.48
N GLY T 51 9.37 49.98 43.67
CA GLY T 51 10.62 49.44 44.20
C GLY T 51 11.77 49.65 43.25
N ALA T 52 11.49 49.52 41.95
CA ALA T 52 12.50 49.71 40.92
C ALA T 52 12.93 51.17 40.84
N LEU T 53 11.98 52.07 41.02
CA LEU T 53 12.24 53.51 40.97
C LEU T 53 13.25 53.89 42.05
N SER T 54 12.93 53.54 43.29
CA SER T 54 13.80 53.84 44.43
C SER T 54 15.20 53.27 44.26
N PHE T 55 15.29 52.04 43.77
CA PHE T 55 16.59 51.40 43.57
C PHE T 55 17.42 52.18 42.56
N LEU T 56 16.80 52.60 41.47
CA LEU T 56 17.49 53.36 40.44
C LEU T 56 17.87 54.75 40.94
N LYS T 57 17.04 55.32 41.80
CA LYS T 57 17.31 56.64 42.34
C LYS T 57 18.46 56.57 43.35
N ALA T 58 18.70 55.39 43.90
CA ALA T 58 19.76 55.18 44.87
C ALA T 58 21.03 54.67 44.19
N LYS T 59 21.05 54.75 42.87
CA LYS T 59 22.21 54.31 42.08
C LYS T 59 22.46 52.81 42.22
N GLN T 60 21.39 52.04 42.41
CA GLN T 60 21.50 50.59 42.53
C GLN T 60 21.00 49.91 41.27
N GLY T 61 21.77 50.04 40.19
CA GLY T 61 21.40 49.42 38.93
C GLY T 61 21.05 47.95 39.04
N GLY T 62 21.84 47.21 39.81
CA GLY T 62 21.59 45.80 39.99
C GLY T 62 20.14 45.47 40.29
N SER T 63 19.67 45.90 41.45
CA SER T 63 18.29 45.66 41.87
C SER T 63 17.31 46.34 40.92
N GLY T 64 17.57 47.61 40.61
CA GLY T 64 16.71 48.36 39.72
C GLY T 64 16.46 47.63 38.41
N THR T 65 17.53 47.19 37.76
CA THR T 65 17.42 46.47 36.50
C THR T 65 16.58 45.21 36.66
N ASP T 66 16.89 44.43 37.69
CA ASP T 66 16.18 43.18 37.95
C ASP T 66 14.68 43.41 38.07
N LEU T 67 14.28 44.39 38.88
CA LEU T 67 12.86 44.69 39.05
C LEU T 67 12.17 45.07 37.76
N ILE T 68 12.86 45.82 36.90
CA ILE T 68 12.29 46.22 35.63
C ILE T 68 11.88 44.98 34.84
N PHE T 69 12.79 44.00 34.77
CA PHE T 69 12.51 42.76 34.06
C PHE T 69 11.31 42.07 34.70
N TYR T 70 11.31 41.99 36.02
CA TYR T 70 10.22 41.36 36.75
C TYR T 70 8.90 42.04 36.42
N LEU T 71 8.91 43.37 36.39
CA LEU T 71 7.72 44.14 36.06
C LEU T 71 7.22 43.72 34.69
N LEU T 72 8.13 43.71 33.72
CA LEU T 72 7.81 43.32 32.35
C LEU T 72 7.18 41.94 32.31
N GLU T 73 7.74 41.00 33.06
CA GLU T 73 7.21 39.64 33.11
C GLU T 73 5.73 39.68 33.48
N VAL T 74 5.40 40.46 34.50
CA VAL T 74 4.03 40.59 34.95
C VAL T 74 3.20 41.25 33.84
N TYR T 75 3.76 42.30 33.25
CA TYR T 75 3.10 43.01 32.16
C TYR T 75 2.60 42.04 31.10
N ASP T 76 3.43 41.04 30.80
CA ASP T 76 3.08 40.03 29.81
C ASP T 76 2.17 38.96 30.41
N LEU T 77 2.28 38.78 31.72
CA LEU T 77 1.46 37.79 32.42
C LEU T 77 0.06 38.33 32.66
N ALA T 78 -0.05 39.65 32.80
CA ALA T 78 -1.34 40.30 33.02
C ALA T 78 -1.88 40.80 31.69
N GLU T 79 -1.13 40.54 30.62
CA GLU T 79 -1.51 40.96 29.29
C GLU T 79 -1.81 42.45 29.25
N VAL T 80 -1.07 43.22 30.02
CA VAL T 80 -1.25 44.66 30.09
C VAL T 80 -1.13 45.26 28.69
N LYS T 81 -2.19 45.90 28.24
CA LYS T 81 -2.22 46.50 26.91
C LYS T 81 -1.49 47.84 26.88
N VAL T 82 -0.92 48.17 25.72
CA VAL T 82 -0.17 49.41 25.53
C VAL T 82 -1.05 50.65 25.50
N ASP T 83 -0.88 51.51 26.48
CA ASP T 83 -1.62 52.76 26.58
C ASP T 83 -0.82 53.76 27.42
N ASP T 84 -1.35 54.95 27.60
CA ASP T 84 -0.66 55.99 28.37
C ASP T 84 -0.11 55.47 29.70
N ILE T 85 -0.99 54.99 30.56
CA ILE T 85 -0.59 54.48 31.87
C ILE T 85 0.54 53.44 31.76
N SER T 86 0.28 52.40 30.97
CA SER T 86 1.25 51.34 30.77
C SER T 86 2.62 51.87 30.34
N VAL T 87 2.62 52.78 29.37
CA VAL T 87 3.85 53.37 28.87
C VAL T 87 4.51 54.26 29.92
N ALA T 88 3.70 55.11 30.55
CA ALA T 88 4.18 56.02 31.57
C ALA T 88 5.09 55.37 32.59
N ARG T 89 4.64 54.25 33.17
CA ARG T 89 5.44 53.54 34.16
C ARG T 89 6.85 53.26 33.68
N LEU T 90 6.95 52.79 32.43
CA LEU T 90 8.24 52.47 31.84
C LEU T 90 9.06 53.73 31.56
N VAL T 91 8.39 54.79 31.12
CA VAL T 91 9.06 56.05 30.84
C VAL T 91 9.68 56.62 32.11
N ARG T 92 8.92 56.58 33.19
CA ARG T 92 9.36 57.08 34.48
C ARG T 92 10.58 56.30 34.99
N LEU T 93 10.63 55.01 34.67
CA LEU T 93 11.74 54.17 35.10
C LEU T 93 12.96 54.37 34.20
N ILE T 94 12.71 54.58 32.92
CA ILE T 94 13.78 54.79 31.94
C ILE T 94 14.54 56.09 32.25
N ALA T 95 13.84 57.05 32.82
CA ALA T 95 14.44 58.35 33.16
C ALA T 95 15.47 58.23 34.27
N GLU T 96 15.25 57.29 35.19
CA GLU T 96 16.16 57.11 36.32
C GLU T 96 17.30 56.13 35.99
N LEU T 97 17.24 55.51 34.83
CA LEU T 97 18.28 54.56 34.43
C LEU T 97 19.61 55.25 34.17
N ASP T 98 20.70 54.57 34.55
CA ASP T 98 22.04 55.11 34.34
C ASP T 98 22.46 54.77 32.92
N PRO T 99 22.79 55.78 32.11
CA PRO T 99 23.22 55.58 30.72
C PRO T 99 24.31 54.52 30.55
N SER T 100 25.02 54.22 31.63
CA SER T 100 26.09 53.24 31.58
C SER T 100 25.68 51.87 32.10
N GLU T 101 24.43 51.73 32.53
CA GLU T 101 23.94 50.46 33.06
C GLU T 101 24.21 49.31 32.08
N PRO T 102 24.98 48.31 32.52
CA PRO T 102 25.34 47.13 31.73
C PRO T 102 24.15 46.38 31.12
N ASN T 103 22.94 46.71 31.56
CA ASN T 103 21.74 46.06 31.05
C ASN T 103 20.91 46.96 30.15
N LEU T 104 21.20 48.26 30.20
CA LEU T 104 20.50 49.25 29.40
C LEU T 104 19.75 48.70 28.18
N LYS T 105 20.50 48.30 27.16
CA LYS T 105 19.91 47.77 25.94
C LYS T 105 18.89 46.66 26.18
N ASP T 106 19.21 45.74 27.09
CA ASP T 106 18.29 44.66 27.39
C ASP T 106 16.98 45.21 27.96
N VAL T 107 17.10 46.13 28.91
CA VAL T 107 15.95 46.76 29.52
C VAL T 107 15.08 47.40 28.45
N ILE T 108 15.72 48.20 27.60
CA ILE T 108 15.05 48.88 26.51
C ILE T 108 14.32 47.90 25.59
N THR T 109 15.04 46.87 25.16
CA THR T 109 14.46 45.86 24.28
C THR T 109 13.21 45.25 24.91
N GLY T 110 13.33 44.82 26.16
CA GLY T 110 12.20 44.22 26.86
C GLY T 110 10.97 45.10 26.84
N MET T 111 11.13 46.36 27.23
CA MET T 111 10.03 47.30 27.26
C MET T 111 9.38 47.44 25.88
N ASN T 112 10.21 47.68 24.87
CA ASN T 112 9.72 47.85 23.51
C ASN T 112 9.01 46.59 23.00
N ASN T 113 9.61 45.43 23.25
CA ASN T 113 8.99 44.18 22.81
C ASN T 113 7.58 44.08 23.36
N TRP T 114 7.42 44.46 24.63
CA TRP T 114 6.11 44.44 25.27
C TRP T 114 5.14 45.33 24.51
N SER T 115 5.59 46.54 24.18
CA SER T 115 4.75 47.49 23.46
C SER T 115 4.30 46.93 22.11
N ILE T 116 5.18 46.17 21.47
CA ILE T 116 4.88 45.57 20.18
C ILE T 116 3.79 44.50 20.29
N LYS T 117 3.92 43.63 21.28
CA LYS T 117 2.97 42.54 21.48
C LYS T 117 1.59 43.02 21.90
N PHE T 118 1.52 44.16 22.59
CA PHE T 118 0.25 44.68 23.05
C PHE T 118 -0.16 46.01 22.42
N SER T 119 0.13 46.16 21.13
CA SER T 119 -0.22 47.36 20.40
C SER T 119 -0.30 46.99 18.91
N GLU T 120 -0.70 47.95 18.08
CA GLU T 120 -0.82 47.69 16.66
C GLU T 120 0.43 48.15 15.90
N TYR T 121 1.45 48.56 16.65
CA TYR T 121 2.70 49.00 16.03
C TYR T 121 3.64 47.81 15.91
N LYS T 122 4.08 47.54 14.68
CA LYS T 122 4.97 46.42 14.43
C LYS T 122 6.34 46.59 15.07
N PHE T 123 6.70 47.83 15.38
CA PHE T 123 8.00 48.11 15.97
C PHE T 123 7.94 48.75 17.36
N GLY T 124 6.75 48.83 17.92
CA GLY T 124 6.60 49.42 19.24
C GLY T 124 5.89 50.76 19.26
N ASP T 125 5.48 51.18 20.45
CA ASP T 125 4.77 52.45 20.62
C ASP T 125 5.69 53.65 20.36
N PRO T 126 5.21 54.63 19.58
CA PRO T 126 5.94 55.84 19.23
C PRO T 126 6.47 56.61 20.43
N TYR T 127 5.56 57.06 21.29
CA TYR T 127 5.93 57.82 22.48
C TYR T 127 7.03 57.10 23.25
N LEU T 128 6.83 55.81 23.49
CA LEU T 128 7.81 55.00 24.22
C LEU T 128 9.19 55.12 23.57
N HIS T 129 9.21 55.06 22.24
CA HIS T 129 10.46 55.14 21.49
C HIS T 129 11.17 56.47 21.74
N ASN T 130 10.40 57.54 21.90
CA ASN T 130 10.96 58.86 22.15
C ASN T 130 11.84 58.85 23.39
N THR T 131 11.38 58.17 24.43
CA THR T 131 12.12 58.08 25.68
C THR T 131 13.32 57.15 25.50
N ILE T 132 13.07 55.97 24.95
CA ILE T 132 14.11 54.97 24.71
C ILE T 132 15.26 55.56 23.91
N GLY T 133 14.93 56.33 22.86
CA GLY T 133 15.95 56.93 22.03
C GLY T 133 16.92 57.80 22.82
N SER T 134 16.38 58.67 23.67
CA SER T 134 17.20 59.56 24.48
C SER T 134 18.13 58.78 25.40
N LYS T 135 17.62 57.71 26.00
CA LYS T 135 18.43 56.90 26.91
C LYS T 135 19.61 56.27 26.19
N LEU T 136 19.35 55.69 25.03
CA LEU T 136 20.41 55.05 24.24
C LEU T 136 21.48 56.07 23.86
N LEU T 137 21.05 57.28 23.53
CA LEU T 137 21.98 58.34 23.15
C LEU T 137 22.88 58.77 24.30
N GLU T 138 22.39 58.63 25.53
CA GLU T 138 23.17 59.00 26.70
C GLU T 138 24.33 58.04 26.93
N GLY T 139 24.21 56.84 26.38
CA GLY T 139 25.27 55.85 26.54
C GLY T 139 26.11 55.78 25.27
N ASP T 140 26.02 56.82 24.46
CA ASP T 140 26.76 56.92 23.21
C ASP T 140 26.32 55.90 22.16
N PHE T 141 25.18 55.26 22.40
CA PHE T 141 24.65 54.28 21.45
C PHE T 141 23.89 55.05 20.38
N VAL T 142 24.61 55.83 19.59
CA VAL T 142 24.03 56.65 18.52
C VAL T 142 23.15 55.88 17.54
N TYR T 143 23.73 54.90 16.86
CA TYR T 143 23.00 54.11 15.88
C TYR T 143 21.67 53.57 16.39
N GLU T 144 21.65 53.13 17.65
CA GLU T 144 20.42 52.60 18.23
C GLU T 144 19.42 53.73 18.49
N ALA T 145 19.93 54.89 18.88
CA ALA T 145 19.08 56.04 19.15
C ALA T 145 18.42 56.50 17.85
N GLU T 146 19.23 56.56 16.79
CA GLU T 146 18.75 56.98 15.48
C GLU T 146 17.51 56.20 15.05
N ARG T 147 17.58 54.87 15.17
CA ARG T 147 16.47 54.00 14.78
C ARG T 147 15.21 54.33 15.58
N TYR T 148 15.32 54.36 16.90
CA TYR T 148 14.18 54.67 17.76
C TYR T 148 13.60 56.04 17.47
N PHE T 149 14.46 57.05 17.32
CA PHE T 149 13.98 58.39 17.03
C PHE T 149 13.24 58.39 15.69
N MET T 150 13.79 57.65 14.73
CA MET T 150 13.17 57.55 13.41
C MET T 150 11.74 57.08 13.55
N LEU T 151 11.53 56.15 14.48
CA LEU T 151 10.20 55.60 14.74
C LEU T 151 9.63 56.19 16.02
N GLY T 152 9.92 57.46 16.26
CA GLY T 152 9.41 58.13 17.46
C GLY T 152 8.37 59.18 17.16
N THR T 153 8.29 60.18 18.05
CA THR T 153 7.32 61.27 17.88
C THR T 153 7.99 62.51 17.31
N HIS T 154 7.25 63.63 17.34
CA HIS T 154 7.76 64.88 16.82
C HIS T 154 9.01 65.35 17.57
N ASP T 155 9.03 65.13 18.88
CA ASP T 155 10.18 65.51 19.68
C ASP T 155 11.39 64.67 19.28
N SER T 156 11.14 63.42 18.93
CA SER T 156 12.20 62.52 18.50
C SER T 156 12.83 63.07 17.24
N MET T 157 11.99 63.59 16.34
CA MET T 157 12.47 64.17 15.09
C MET T 157 13.44 65.30 15.37
N ILE T 158 13.15 66.08 16.41
CA ILE T 158 14.02 67.19 16.79
C ILE T 158 15.31 66.64 17.36
N LYS T 159 15.21 65.60 18.18
CA LYS T 159 16.38 64.98 18.79
C LYS T 159 17.16 64.15 17.78
N TYR T 160 16.57 63.90 16.63
CA TYR T 160 17.23 63.14 15.58
C TYR T 160 18.03 64.11 14.73
N VAL T 161 17.51 65.33 14.58
CA VAL T 161 18.18 66.36 13.82
C VAL T 161 19.35 66.87 14.65
N ASP T 162 19.23 66.80 15.97
CA ASP T 162 20.29 67.24 16.86
C ASP T 162 21.37 66.17 16.92
N LEU T 163 20.95 64.92 16.79
CA LEU T 163 21.88 63.79 16.82
C LEU T 163 22.74 63.81 15.56
N LEU T 164 22.13 64.17 14.44
CA LEU T 164 22.83 64.22 13.17
C LEU T 164 23.64 65.51 13.04
N TRP T 165 23.14 66.59 13.62
CA TRP T 165 23.82 67.87 13.57
C TRP T 165 25.06 67.88 14.45
N ASP T 166 24.95 67.31 15.65
CA ASP T 166 26.08 67.27 16.57
C ASP T 166 27.14 66.29 16.07
N TRP T 167 26.74 65.41 15.15
CA TRP T 167 27.67 64.44 14.59
C TRP T 167 28.44 65.09 13.46
N LEU T 168 27.70 65.80 12.59
CA LEU T 168 28.31 66.50 11.46
C LEU T 168 29.33 67.51 11.96
N CYS T 169 29.00 68.17 13.06
CA CYS T 169 29.89 69.16 13.64
C CYS T 169 31.14 68.50 14.20
N GLN T 170 31.01 67.28 14.70
CA GLN T 170 32.13 66.55 15.28
C GLN T 170 33.21 66.25 14.25
N VAL T 171 32.85 66.32 12.98
CA VAL T 171 33.79 66.05 11.89
C VAL T 171 34.77 67.21 11.76
N ASP T 172 36.07 66.91 11.90
CA ASP T 172 37.10 67.93 11.80
C ASP T 172 37.27 68.42 10.36
N ASP T 173 37.40 67.47 9.43
CA ASP T 173 37.56 67.81 8.02
C ASP T 173 36.26 67.63 7.25
N ILE T 174 35.49 68.71 7.15
CA ILE T 174 34.22 68.69 6.43
C ILE T 174 34.45 68.80 4.93
N GLU T 175 33.57 68.16 4.16
CA GLU T 175 33.67 68.20 2.70
C GLU T 175 32.28 68.29 2.08
N ASP T 176 32.23 68.44 0.76
CA ASP T 176 30.97 68.55 0.04
C ASP T 176 30.09 67.31 0.19
N SER T 177 30.71 66.14 0.20
CA SER T 177 29.97 64.88 0.32
C SER T 177 29.73 64.49 1.78
N THR T 178 30.38 65.20 2.69
CA THR T 178 30.23 64.92 4.12
C THR T 178 28.87 65.35 4.64
N VAL T 179 28.45 66.56 4.26
CA VAL T 179 27.16 67.09 4.70
C VAL T 179 26.00 66.25 4.17
N ALA T 180 26.24 65.56 3.06
CA ALA T 180 25.21 64.71 2.45
C ALA T 180 25.04 63.40 3.21
N GLU T 181 26.14 62.88 3.74
CA GLU T 181 26.13 61.62 4.48
C GLU T 181 25.21 61.69 5.71
N PHE T 182 25.06 62.88 6.27
CA PHE T 182 24.22 63.09 7.43
C PHE T 182 22.80 63.48 7.01
N PHE T 183 22.71 64.49 6.16
CA PHE T 183 21.43 65.00 5.68
C PHE T 183 20.59 63.94 4.98
N SER T 184 21.23 63.12 4.16
CA SER T 184 20.54 62.07 3.42
C SER T 184 19.78 61.11 4.32
N ARG T 185 20.32 60.86 5.50
CA ARG T 185 19.68 59.95 6.45
C ARG T 185 18.27 60.41 6.80
N LEU T 186 18.11 61.71 6.99
CA LEU T 186 16.80 62.29 7.32
C LEU T 186 15.80 62.07 6.19
N VAL T 187 16.22 62.40 4.97
CA VAL T 187 15.36 62.25 3.80
C VAL T 187 14.97 60.80 3.51
N PHE T 188 15.94 59.90 3.54
CA PHE T 188 15.68 58.49 3.26
C PHE T 188 14.86 57.80 4.34
N ASN T 189 15.30 57.88 5.59
CA ASN T 189 14.58 57.23 6.68
C ASN T 189 13.12 57.63 6.77
N TYR T 190 12.84 58.92 6.81
CA TYR T 190 11.47 59.40 6.89
C TYR T 190 10.65 59.07 5.65
N LEU T 191 11.31 59.02 4.49
CA LEU T 191 10.61 58.70 3.25
C LEU T 191 10.23 57.23 3.21
N PHE T 192 10.95 56.39 3.94
CA PHE T 192 10.65 54.97 3.98
C PHE T 192 9.38 54.73 4.79
N ILE T 193 9.27 55.40 5.92
CA ILE T 193 8.09 55.27 6.77
C ILE T 193 7.02 56.23 6.26
N SER T 194 7.28 56.81 5.09
CA SER T 194 6.36 57.75 4.46
C SER T 194 5.85 58.82 5.41
N ASN T 195 6.77 59.58 6.02
CA ASN T 195 6.40 60.64 6.93
C ASN T 195 6.88 61.97 6.35
N ILE T 196 6.31 62.33 5.20
CA ILE T 196 6.68 63.55 4.50
C ILE T 196 6.76 64.78 5.39
N SER T 197 5.85 64.90 6.36
CA SER T 197 5.85 66.05 7.27
C SER T 197 7.17 66.14 8.03
N PHE T 198 7.60 65.02 8.61
CA PHE T 198 8.84 64.97 9.36
C PHE T 198 10.03 65.13 8.43
N ALA T 199 9.91 64.61 7.22
CA ALA T 199 10.97 64.68 6.23
C ALA T 199 11.23 66.14 5.84
N HIS T 200 10.16 66.91 5.72
CA HIS T 200 10.25 68.32 5.35
C HIS T 200 10.73 69.19 6.51
N GLU T 201 10.22 68.91 7.70
CA GLU T 201 10.59 69.69 8.88
C GLU T 201 12.03 69.41 9.29
N SER T 202 12.42 68.14 9.26
CA SER T 202 13.78 67.76 9.63
C SER T 202 14.76 68.38 8.63
N LYS T 203 14.34 68.43 7.38
CA LYS T 203 15.15 69.00 6.30
C LYS T 203 15.36 70.49 6.51
N ASP T 204 14.27 71.20 6.79
CA ASP T 204 14.32 72.64 7.01
C ASP T 204 15.21 73.04 8.18
N ILE T 205 15.07 72.32 9.29
CA ILE T 205 15.87 72.61 10.48
C ILE T 205 17.34 72.31 10.27
N PHE T 206 17.63 71.25 9.52
CA PHE T 206 19.01 70.85 9.26
C PHE T 206 19.68 71.74 8.21
N LEU T 207 18.93 72.13 7.19
CA LEU T 207 19.48 72.97 6.13
C LEU T 207 19.68 74.41 6.59
N GLU T 208 18.89 74.85 7.56
CA GLU T 208 19.03 76.22 8.07
C GLU T 208 20.22 76.34 9.01
N ARG T 209 20.49 75.30 9.78
CA ARG T 209 21.63 75.31 10.70
C ARG T 209 22.89 75.30 9.85
N PHE T 210 22.87 74.48 8.80
CA PHE T 210 24.00 74.34 7.89
C PHE T 210 24.34 75.65 7.21
N ILE T 211 23.33 76.49 6.99
CA ILE T 211 23.51 77.78 6.35
C ILE T 211 24.01 78.85 7.31
N GLU T 212 23.64 78.72 8.59
CA GLU T 212 24.04 79.69 9.59
C GLU T 212 25.39 79.37 10.24
N LYS T 213 25.98 78.24 9.87
CA LYS T 213 27.26 77.85 10.44
C LYS T 213 28.37 77.81 9.39
N PHE T 214 28.11 77.15 8.27
CA PHE T 214 29.10 77.03 7.20
C PHE T 214 29.03 78.17 6.19
N HIS T 215 27.91 78.87 6.16
CA HIS T 215 27.73 80.00 5.24
C HIS T 215 28.03 79.62 3.79
N PRO T 216 27.42 78.53 3.29
CA PRO T 216 27.65 78.10 1.91
C PRO T 216 26.88 78.97 0.91
N LYS T 217 27.35 78.98 -0.34
CA LYS T 217 26.70 79.76 -1.38
C LYS T 217 25.40 79.06 -1.81
N TYR T 218 24.28 79.76 -1.69
CA TYR T 218 23.00 79.20 -2.06
C TYR T 218 22.01 80.26 -2.51
N GLU T 219 20.80 79.80 -2.83
CA GLU T 219 19.72 80.68 -3.27
C GLU T 219 18.43 79.85 -3.31
N LYS T 220 17.44 80.26 -2.53
CA LYS T 220 16.17 79.57 -2.46
C LYS T 220 15.32 79.68 -3.73
N ILE T 221 14.97 78.53 -4.29
CA ILE T 221 14.15 78.47 -5.49
C ILE T 221 12.73 78.09 -5.10
N ASP T 222 11.78 78.95 -5.43
CA ASP T 222 10.38 78.70 -5.10
C ASP T 222 9.52 78.49 -6.34
N LYS T 223 8.69 77.44 -6.31
CA LYS T 223 7.81 77.13 -7.43
C LYS T 223 6.55 76.39 -6.99
N ASN T 224 5.40 77.00 -7.22
CA ASN T 224 4.11 76.42 -6.88
C ASN T 224 4.00 75.96 -5.42
N GLY T 225 4.47 76.79 -4.51
CA GLY T 225 4.39 76.45 -3.09
C GLY T 225 5.58 75.69 -2.53
N TYR T 226 6.32 75.02 -3.40
CA TYR T 226 7.49 74.25 -2.97
C TYR T 226 8.78 75.06 -3.06
N GLU T 227 9.73 74.74 -2.18
CA GLU T 227 11.01 75.43 -2.16
C GLU T 227 12.17 74.44 -2.12
N ILE T 228 13.26 74.80 -2.81
CA ILE T 228 14.45 73.96 -2.86
C ILE T 228 15.70 74.80 -2.66
N VAL T 229 16.27 74.73 -1.47
CA VAL T 229 17.48 75.49 -1.14
C VAL T 229 18.63 75.02 -2.03
N PHE T 230 18.83 75.71 -3.15
CA PHE T 230 19.88 75.36 -4.10
C PHE T 230 21.26 75.76 -3.60
N PHE T 231 22.06 74.79 -3.21
CA PHE T 231 23.41 75.06 -2.74
C PHE T 231 24.37 75.05 -3.92
N GLU T 232 25.18 76.09 -4.02
CA GLU T 232 26.15 76.24 -5.11
C GLU T 232 27.37 75.36 -4.96
N ASP T 233 27.56 74.78 -3.78
CA ASP T 233 28.72 73.92 -3.54
C ASP T 233 28.34 72.56 -2.99
N TYR T 234 27.05 72.22 -3.06
CA TYR T 234 26.58 70.94 -2.56
C TYR T 234 25.50 70.35 -3.46
N SER T 235 25.94 69.68 -4.52
CA SER T 235 25.03 69.05 -5.48
C SER T 235 24.25 67.92 -4.80
N ASP T 236 24.91 67.20 -3.90
CA ASP T 236 24.28 66.09 -3.19
C ASP T 236 23.01 66.56 -2.47
N LEU T 237 23.09 67.73 -1.84
CA LEU T 237 21.95 68.28 -1.13
C LEU T 237 20.83 68.70 -2.07
N ASN T 238 21.19 69.18 -3.26
CA ASN T 238 20.19 69.59 -4.23
C ASN T 238 19.42 68.37 -4.71
N PHE T 239 20.16 67.32 -5.08
CA PHE T 239 19.55 66.08 -5.55
C PHE T 239 18.61 65.51 -4.50
N LEU T 240 19.10 65.41 -3.28
CA LEU T 240 18.31 64.89 -2.17
C LEU T 240 17.00 65.64 -1.96
N GLN T 241 17.04 66.97 -2.09
CA GLN T 241 15.83 67.77 -1.90
C GLN T 241 14.82 67.49 -2.99
N LEU T 242 15.30 67.31 -4.22
CA LEU T 242 14.41 67.03 -5.35
C LEU T 242 13.79 65.64 -5.20
N LEU T 243 14.59 64.70 -4.70
CA LEU T 243 14.12 63.34 -4.49
C LEU T 243 12.90 63.31 -3.59
N LEU T 244 12.94 64.10 -2.52
CA LEU T 244 11.85 64.18 -1.58
C LEU T 244 10.54 64.54 -2.27
N ILE T 245 10.52 65.72 -2.89
CA ILE T 245 9.35 66.20 -3.61
C ILE T 245 8.90 65.22 -4.68
N THR T 246 9.85 64.64 -5.39
CA THR T 246 9.55 63.68 -6.45
C THR T 246 8.66 62.56 -5.93
N CYS T 247 9.06 61.96 -4.81
CA CYS T 247 8.29 60.87 -4.21
C CYS T 247 6.87 61.33 -3.90
N GLN T 248 6.73 62.60 -3.53
CA GLN T 248 5.42 63.15 -3.21
C GLN T 248 4.47 63.18 -4.41
N THR T 249 5.05 63.26 -5.61
CA THR T 249 4.25 63.30 -6.82
C THR T 249 3.84 61.89 -7.26
N ALA T 250 4.62 60.90 -6.86
CA ALA T 250 4.36 59.50 -7.21
C ALA T 250 4.21 59.35 -8.73
N ASP T 251 4.99 60.12 -9.47
CA ASP T 251 4.96 60.07 -10.93
C ASP T 251 6.27 59.46 -11.44
N ALA T 252 6.15 58.31 -12.10
CA ALA T 252 7.30 57.59 -12.63
C ALA T 252 8.26 58.47 -13.45
N SER T 253 7.72 59.20 -14.42
CA SER T 253 8.54 60.05 -15.29
C SER T 253 9.51 60.93 -14.53
N TYR T 254 9.00 61.69 -13.56
CA TYR T 254 9.85 62.59 -12.78
C TYR T 254 10.99 61.86 -12.07
N PHE T 255 10.68 60.70 -11.51
CA PHE T 255 11.68 59.91 -10.80
C PHE T 255 12.81 59.45 -11.72
N LEU T 256 12.44 59.08 -12.94
CA LEU T 256 13.43 58.61 -13.91
C LEU T 256 14.30 59.74 -14.42
N ASN T 257 13.69 60.90 -14.67
CA ASN T 257 14.42 62.06 -15.16
C ASN T 257 15.42 62.60 -14.14
N LEU T 258 15.03 62.57 -12.87
CA LEU T 258 15.90 63.05 -11.80
C LEU T 258 17.14 62.17 -11.68
N LYS T 259 16.96 60.86 -11.82
CA LYS T 259 18.06 59.92 -11.73
C LYS T 259 18.98 59.98 -12.94
N ASN T 260 18.41 60.18 -14.12
CA ASN T 260 19.20 60.24 -15.35
C ASN T 260 20.07 61.50 -15.42
N HIS T 261 19.71 62.53 -14.67
CA HIS T 261 20.47 63.77 -14.66
C HIS T 261 21.61 63.67 -13.64
N TYR T 262 21.39 62.87 -12.60
CA TYR T 262 22.40 62.67 -11.56
C TYR T 262 22.83 61.21 -11.55
N LEU T 263 23.43 60.78 -12.66
CA LEU T 263 23.90 59.40 -12.79
C LEU T 263 24.78 58.95 -11.62
N ASP T 264 25.73 59.78 -11.24
CA ASP T 264 26.62 59.45 -10.13
C ASP T 264 25.84 59.16 -8.85
N PHE T 265 24.98 60.10 -8.47
CA PHE T 265 24.17 59.94 -7.26
C PHE T 265 23.26 58.73 -7.37
N SER T 266 22.85 58.40 -8.59
CA SER T 266 21.97 57.27 -8.83
C SER T 266 22.66 55.94 -8.55
N GLN T 267 23.99 55.96 -8.46
CA GLN T 267 24.74 54.75 -8.18
C GLN T 267 25.20 54.70 -6.73
N ALA T 268 25.29 55.87 -6.10
CA ALA T 268 25.72 55.94 -4.71
C ALA T 268 24.56 55.49 -3.83
N TYR T 269 23.34 55.88 -4.22
CA TYR T 269 22.14 55.52 -3.49
C TYR T 269 21.36 54.50 -4.31
N LYS T 270 22.08 53.56 -4.92
CA LYS T 270 21.48 52.53 -5.75
C LYS T 270 20.31 51.83 -5.05
N SER T 271 20.61 51.09 -4.00
CA SER T 271 19.59 50.36 -3.24
C SER T 271 18.47 51.27 -2.74
N GLU T 272 18.85 52.40 -2.14
CA GLU T 272 17.86 53.33 -1.61
C GLU T 272 16.86 53.79 -2.67
N LEU T 273 17.37 54.14 -3.84
CA LEU T 273 16.51 54.58 -4.93
C LEU T 273 15.62 53.45 -5.44
N GLU T 274 16.15 52.23 -5.42
CA GLU T 274 15.39 51.08 -5.86
C GLU T 274 14.14 50.95 -5.02
N PHE T 275 14.30 51.08 -3.71
CA PHE T 275 13.18 50.97 -2.78
C PHE T 275 12.18 52.09 -3.02
N LEU T 276 12.68 53.33 -3.05
CA LEU T 276 11.82 54.49 -3.28
C LEU T 276 11.03 54.36 -4.58
N GLY T 277 11.64 53.74 -5.59
CA GLY T 277 10.97 53.56 -6.86
C GLY T 277 9.89 52.50 -6.80
N GLN T 278 9.90 51.69 -5.75
CA GLN T 278 8.91 50.63 -5.58
C GLN T 278 7.77 51.11 -4.70
N GLU T 279 8.11 51.97 -3.73
CA GLU T 279 7.13 52.51 -2.79
C GLU T 279 6.42 53.77 -3.30
N TYR T 280 7.03 54.46 -4.26
CA TYR T 280 6.44 55.68 -4.80
C TYR T 280 6.20 55.66 -6.31
N PHE T 281 6.70 54.65 -7.00
CA PHE T 281 6.54 54.60 -8.45
C PHE T 281 6.16 53.24 -9.00
N ASN T 282 5.89 52.30 -8.09
CA ASN T 282 5.50 50.95 -8.47
C ASN T 282 6.44 50.31 -9.49
N ILE T 283 7.74 50.34 -9.19
CA ILE T 283 8.74 49.76 -10.09
C ILE T 283 9.20 48.41 -9.57
N VAL T 284 9.05 47.38 -10.40
CA VAL T 284 9.45 46.03 -10.04
C VAL T 284 10.84 45.70 -10.57
N ALA T 285 11.25 46.39 -11.63
CA ALA T 285 12.55 46.16 -12.23
C ALA T 285 13.68 46.65 -11.32
N PRO T 286 14.66 45.79 -11.05
CA PRO T 286 15.80 46.14 -10.19
C PRO T 286 16.51 47.40 -10.65
N LYS T 287 17.43 47.90 -9.85
CA LYS T 287 18.18 49.11 -10.18
C LYS T 287 19.45 48.78 -10.95
N GLN T 288 19.49 49.17 -12.22
CA GLN T 288 20.64 48.92 -13.06
C GLN T 288 21.83 49.79 -12.68
N THR T 289 22.91 49.15 -12.26
CA THR T 289 24.13 49.85 -11.86
C THR T 289 24.68 50.72 -12.99
N ASN T 290 24.84 52.01 -12.72
CA ASN T 290 25.37 52.94 -13.71
C ASN T 290 26.87 52.77 -13.88
N PHE T 291 27.57 52.54 -12.77
CA PHE T 291 29.02 52.38 -12.81
C PHE T 291 29.42 50.99 -12.32
N THR U 3 26.83 84.13 -8.96
CA THR U 3 27.50 83.98 -10.28
C THR U 3 26.86 82.89 -11.12
N SER U 4 27.49 82.55 -12.23
CA SER U 4 26.98 81.53 -13.13
C SER U 4 27.87 80.29 -13.15
N ALA U 5 28.62 80.08 -12.07
CA ALA U 5 29.51 78.93 -11.97
C ALA U 5 28.71 77.68 -11.64
N SER U 6 27.46 77.87 -11.24
CA SER U 6 26.57 76.77 -10.89
C SER U 6 25.24 76.91 -11.59
N GLY U 7 25.21 77.71 -12.66
CA GLY U 7 23.99 77.94 -13.40
C GLY U 7 23.38 76.68 -13.99
N PRO U 8 24.18 75.83 -14.65
CA PRO U 8 23.68 74.59 -15.26
C PRO U 8 22.78 73.77 -14.33
N GLU U 9 23.22 73.55 -13.11
CA GLU U 9 22.45 72.77 -12.15
C GLU U 9 21.31 73.60 -11.58
N HIS U 10 21.55 74.89 -11.40
CA HIS U 10 20.54 75.78 -10.85
C HIS U 10 19.30 75.85 -11.72
N GLU U 11 19.49 75.90 -13.04
CA GLU U 11 18.36 75.96 -13.96
C GLU U 11 17.64 74.62 -14.02
N PHE U 12 18.35 73.54 -13.73
CA PHE U 12 17.75 72.21 -13.74
C PHE U 12 16.89 72.03 -12.50
N VAL U 13 17.47 72.36 -11.35
CA VAL U 13 16.79 72.25 -10.07
C VAL U 13 15.56 73.14 -10.02
N SER U 14 15.67 74.34 -10.59
CA SER U 14 14.56 75.28 -10.59
C SER U 14 13.44 74.84 -11.52
N LYS U 15 13.80 74.35 -12.70
CA LYS U 15 12.81 73.89 -13.67
C LYS U 15 12.19 72.56 -13.26
N PHE U 16 12.98 71.69 -12.65
CA PHE U 16 12.49 70.39 -12.21
C PHE U 16 11.47 70.59 -11.09
N LEU U 17 11.69 71.62 -10.28
CA LEU U 17 10.78 71.93 -9.18
C LEU U 17 9.46 72.45 -9.73
N THR U 18 9.54 73.37 -10.68
CA THR U 18 8.35 73.94 -11.30
C THR U 18 7.49 72.80 -11.85
N LEU U 19 8.08 72.02 -12.75
CA LEU U 19 7.41 70.89 -13.35
C LEU U 19 6.84 69.94 -12.31
N ALA U 20 7.67 69.57 -11.34
CA ALA U 20 7.25 68.64 -10.29
C ALA U 20 6.11 69.18 -9.43
N THR U 21 5.81 70.46 -9.58
CA THR U 21 4.74 71.08 -8.80
C THR U 21 3.60 71.66 -9.65
N LEU U 22 3.64 71.40 -10.96
CA LEU U 22 2.61 71.90 -11.86
C LEU U 22 1.23 71.57 -11.27
N THR U 23 1.14 70.41 -10.64
CA THR U 23 -0.09 69.95 -10.01
C THR U 23 0.20 69.54 -8.59
N GLU U 24 -0.75 69.78 -7.69
CA GLU U 24 -0.58 69.41 -6.30
C GLU U 24 -0.20 67.94 -6.22
N PRO U 25 1.08 67.66 -5.87
CA PRO U 25 1.57 66.28 -5.77
C PRO U 25 0.56 65.34 -5.12
N LYS U 26 0.54 64.09 -5.57
CA LYS U 26 -0.39 63.12 -5.01
C LYS U 26 -0.34 63.11 -3.50
N LEU U 27 0.87 63.21 -2.95
CA LEU U 27 1.06 63.23 -1.50
C LEU U 27 1.55 64.59 -1.04
N PRO U 28 0.76 65.28 -0.20
CA PRO U 28 1.13 66.60 0.31
C PRO U 28 2.34 66.58 1.23
N LYS U 29 2.82 67.76 1.60
CA LYS U 29 3.98 67.88 2.48
C LYS U 29 3.63 67.55 3.92
N SER U 30 2.33 67.56 4.23
CA SER U 30 1.86 67.24 5.58
C SER U 30 1.50 65.76 5.67
N TYR U 31 1.70 65.04 4.59
CA TYR U 31 1.39 63.61 4.53
C TYR U 31 2.22 62.82 5.53
N THR U 32 1.59 61.82 6.15
CA THR U 32 2.25 60.97 7.13
C THR U 32 1.60 59.59 7.15
N LYS U 33 2.32 58.59 6.63
CA LYS U 33 1.80 57.22 6.61
C LYS U 33 1.67 56.77 8.07
N PRO U 34 0.43 56.52 8.53
CA PRO U 34 0.21 56.08 9.91
C PRO U 34 1.28 55.10 10.37
N LEU U 35 1.99 55.46 11.44
CA LEU U 35 3.04 54.62 11.98
C LEU U 35 2.52 53.22 12.29
N LYS U 36 1.20 53.11 12.45
CA LYS U 36 0.55 51.83 12.74
C LYS U 36 0.62 50.94 11.50
N ASP U 37 0.71 51.56 10.33
CA ASP U 37 0.76 50.82 9.07
C ASP U 37 2.18 50.60 8.56
N VAL U 38 3.16 51.19 9.25
CA VAL U 38 4.56 51.04 8.85
C VAL U 38 4.95 49.56 8.89
N THR U 39 5.20 49.00 7.70
CA THR U 39 5.57 47.59 7.60
C THR U 39 7.07 47.34 7.83
N ASN U 40 7.91 47.83 6.92
CA ASN U 40 9.34 47.64 7.05
C ASN U 40 10.07 48.96 7.34
N LEU U 41 11.38 48.95 7.17
CA LEU U 41 12.18 50.15 7.42
C LEU U 41 13.11 50.48 6.26
N GLY U 42 12.68 50.15 5.05
CA GLY U 42 13.48 50.43 3.87
C GLY U 42 14.85 49.78 3.87
N VAL U 43 15.79 50.40 3.17
CA VAL U 43 17.15 49.87 3.08
C VAL U 43 18.06 50.55 4.10
N PRO U 44 18.89 49.76 4.82
CA PRO U 44 19.81 50.29 5.82
C PRO U 44 20.70 51.41 5.26
N LEU U 45 20.98 52.41 6.09
CA LEU U 45 21.80 53.53 5.67
C LEU U 45 23.28 53.23 5.89
N PRO U 46 24.16 53.95 5.17
CA PRO U 46 25.61 53.76 5.28
C PRO U 46 26.17 54.19 6.63
N THR U 47 27.22 53.49 7.08
CA THR U 47 27.85 53.79 8.36
C THR U 47 28.81 54.96 8.23
N LEU U 48 28.62 55.97 9.08
CA LEU U 48 29.48 57.14 9.06
C LEU U 48 30.79 56.79 9.75
N LYS U 49 31.90 57.15 9.12
CA LYS U 49 33.22 56.84 9.65
C LYS U 49 33.62 57.75 10.81
N TYR U 50 32.72 58.65 11.19
CA TYR U 50 32.98 59.57 12.30
C TYR U 50 32.45 58.96 13.58
N LYS U 51 33.21 59.08 14.66
CA LYS U 51 32.79 58.54 15.95
C LYS U 51 31.87 59.52 16.66
N TYR U 52 30.84 59.00 17.33
CA TYR U 52 29.89 59.83 18.04
C TYR U 52 30.16 59.89 19.54
N LYS U 53 30.07 61.09 20.11
CA LYS U 53 30.30 61.29 21.54
C LYS U 53 29.54 62.52 22.03
N GLN U 54 29.53 62.72 23.34
CA GLN U 54 28.85 63.86 23.94
C GLN U 54 29.82 64.73 24.71
N ASN U 55 30.16 65.88 24.15
CA ASN U 55 31.10 66.81 24.79
C ASN U 55 30.33 67.87 25.57
N ARG U 56 31.01 68.53 26.49
CA ARG U 56 30.39 69.58 27.30
C ARG U 56 31.23 70.85 27.29
N MET V 1 -9.58 -5.95 46.81
CA MET V 1 -10.95 -5.36 46.88
C MET V 1 -11.99 -6.48 46.92
N GLY V 2 -11.88 -7.42 45.98
CA GLY V 2 -12.82 -8.52 45.92
C GLY V 2 -12.63 -9.49 47.06
N ALA V 3 -11.39 -9.64 47.51
CA ALA V 3 -11.08 -10.54 48.61
C ALA V 3 -11.36 -9.88 49.94
N LYS V 4 -11.43 -8.56 49.95
CA LYS V 4 -11.69 -7.84 51.20
C LYS V 4 -13.19 -7.74 51.46
N LEU V 5 -13.97 -7.47 50.42
CA LEU V 5 -15.41 -7.34 50.55
C LEU V 5 -15.97 -8.63 51.15
N ALA V 6 -15.74 -9.74 50.47
CA ALA V 6 -16.20 -11.05 50.92
C ALA V 6 -15.93 -11.29 52.40
N LYS V 7 -14.72 -10.97 52.83
CA LYS V 7 -14.32 -11.16 54.23
C LYS V 7 -15.23 -10.40 55.20
N THR V 8 -15.18 -9.08 55.14
CA THR V 8 -15.98 -8.23 56.02
C THR V 8 -17.46 -8.61 56.05
N LEU V 9 -17.99 -9.09 54.92
CA LEU V 9 -19.39 -9.48 54.87
C LEU V 9 -19.74 -10.53 55.92
N GLN V 10 -18.76 -11.33 56.33
CA GLN V 10 -19.00 -12.35 57.35
C GLN V 10 -18.98 -11.73 58.74
N ARG V 11 -18.04 -10.81 58.97
CA ARG V 11 -17.95 -10.15 60.27
C ARG V 11 -19.14 -9.23 60.48
N PHE V 12 -19.89 -8.99 59.41
CA PHE V 12 -21.08 -8.15 59.48
C PHE V 12 -22.25 -9.04 59.89
N GLU V 13 -22.44 -10.13 59.15
CA GLU V 13 -23.52 -11.07 59.44
C GLU V 13 -23.22 -11.80 60.74
N ASN V 14 -22.04 -11.54 61.30
CA ASN V 14 -21.63 -12.14 62.56
C ASN V 14 -22.15 -11.22 63.66
N LYS V 15 -22.20 -9.92 63.34
CA LYS V 15 -22.69 -8.92 64.27
C LYS V 15 -24.21 -8.95 64.27
N ILE V 16 -24.78 -9.54 63.23
CA ILE V 16 -26.23 -9.64 63.11
C ILE V 16 -26.75 -10.86 63.86
N LYS V 17 -25.99 -11.96 63.79
CA LYS V 17 -26.39 -13.18 64.49
C LYS V 17 -26.01 -13.09 65.96
N ALA V 18 -25.30 -12.03 66.30
CA ALA V 18 -24.87 -11.80 67.69
C ALA V 18 -25.82 -10.84 68.38
N GLY V 19 -26.55 -10.06 67.59
CA GLY V 19 -27.49 -9.10 68.14
C GLY V 19 -27.08 -7.66 67.90
N ASP V 20 -25.79 -7.46 67.66
CA ASP V 20 -25.24 -6.13 67.41
C ASP V 20 -25.77 -5.56 66.10
N TYR V 21 -27.04 -5.15 66.09
CA TYR V 21 -27.65 -4.59 64.89
C TYR V 21 -27.11 -3.21 64.58
N TYR V 22 -27.08 -2.34 65.58
CA TYR V 22 -26.56 -0.99 65.41
C TYR V 22 -25.15 -1.01 64.83
N GLU V 23 -24.28 -1.80 65.44
CA GLU V 23 -22.91 -1.93 64.98
C GLU V 23 -22.86 -2.34 63.51
N ALA V 24 -23.57 -3.42 63.20
CA ALA V 24 -23.61 -3.96 61.84
C ALA V 24 -24.10 -2.93 60.81
N HIS V 25 -25.16 -2.19 61.16
CA HIS V 25 -25.73 -1.20 60.27
C HIS V 25 -24.86 0.04 60.09
N GLN V 26 -24.42 0.62 61.21
CA GLN V 26 -23.59 1.81 61.17
C GLN V 26 -22.31 1.60 60.37
N THR V 27 -21.56 0.55 60.73
CA THR V 27 -20.31 0.24 60.07
C THR V 27 -20.45 0.08 58.56
N LEU V 28 -21.37 -0.79 58.13
CA LEU V 28 -21.59 -1.04 56.72
C LEU V 28 -21.91 0.20 55.90
N ARG V 29 -22.80 1.06 56.40
CA ARG V 29 -23.16 2.27 55.67
C ARG V 29 -21.99 3.22 55.46
N THR V 30 -21.26 3.53 56.54
CA THR V 30 -20.12 4.42 56.43
C THR V 30 -19.11 3.87 55.42
N ILE V 31 -18.88 2.57 55.48
CA ILE V 31 -17.95 1.91 54.57
C ILE V 31 -18.50 1.97 53.15
N ALA V 32 -19.81 1.76 53.02
CA ALA V 32 -20.46 1.79 51.71
C ALA V 32 -20.40 3.21 51.13
N ASN V 33 -20.60 4.20 51.99
CA ASN V 33 -20.56 5.59 51.57
C ASN V 33 -19.20 5.91 50.96
N ARG V 34 -18.16 5.27 51.50
CA ARG V 34 -16.80 5.47 51.02
C ARG V 34 -16.67 5.01 49.58
N TYR V 35 -17.21 3.85 49.27
CA TYR V 35 -17.16 3.31 47.91
C TYR V 35 -17.89 4.26 46.97
N VAL V 36 -19.05 4.73 47.41
CA VAL V 36 -19.87 5.64 46.62
C VAL V 36 -19.14 6.96 46.36
N ARG V 37 -18.44 7.44 47.38
CA ARG V 37 -17.69 8.69 47.28
C ARG V 37 -16.60 8.59 46.20
N SER V 38 -16.04 7.40 46.05
CA SER V 38 -14.99 7.16 45.06
C SER V 38 -15.58 6.65 43.76
N LYS V 39 -16.90 6.73 43.65
CA LYS V 39 -17.62 6.29 42.45
C LYS V 39 -17.48 4.81 42.16
N SER V 40 -17.11 4.02 43.17
CA SER V 40 -16.96 2.58 43.01
C SER V 40 -18.32 1.95 43.29
N TYR V 41 -19.34 2.47 42.61
CA TYR V 41 -20.72 2.01 42.76
C TYR V 41 -20.87 0.49 42.87
N GLU V 42 -20.44 -0.21 41.82
CA GLU V 42 -20.53 -1.67 41.77
C GLU V 42 -20.23 -2.33 43.13
N HIS V 43 -19.14 -1.91 43.75
CA HIS V 43 -18.76 -2.46 45.05
C HIS V 43 -19.81 -2.16 46.12
N ALA V 44 -20.25 -0.91 46.17
CA ALA V 44 -21.25 -0.50 47.15
C ALA V 44 -22.55 -1.26 46.95
N ILE V 45 -22.94 -1.45 45.69
CA ILE V 45 -24.17 -2.16 45.37
C ILE V 45 -24.20 -3.57 45.95
N GLU V 46 -23.12 -4.32 45.78
CA GLU V 46 -23.07 -5.68 46.31
C GLU V 46 -23.06 -5.67 47.83
N LEU V 47 -22.30 -4.74 48.40
CA LEU V 47 -22.21 -4.63 49.86
C LEU V 47 -23.56 -4.26 50.46
N ILE V 48 -24.15 -3.19 49.95
CA ILE V 48 -25.44 -2.71 50.43
C ILE V 48 -26.51 -3.79 50.30
N SER V 49 -26.67 -4.32 49.09
CA SER V 49 -27.65 -5.36 48.83
C SER V 49 -27.49 -6.55 49.78
N GLN V 50 -26.26 -7.04 49.89
CA GLN V 50 -25.98 -8.17 50.77
C GLN V 50 -26.35 -7.84 52.21
N GLY V 51 -26.02 -6.64 52.64
CA GLY V 51 -26.32 -6.22 53.99
C GLY V 51 -27.82 -6.16 54.24
N ALA V 52 -28.56 -5.72 53.22
CA ALA V 52 -30.01 -5.61 53.32
C ALA V 52 -30.65 -6.98 53.38
N LEU V 53 -30.08 -7.93 52.64
CA LEU V 53 -30.59 -9.30 52.60
C LEU V 53 -30.55 -9.91 54.00
N SER V 54 -29.37 -9.91 54.59
CA SER V 54 -29.18 -10.46 55.92
C SER V 54 -30.09 -9.82 56.96
N PHE V 55 -30.24 -8.50 56.91
CA PHE V 55 -31.10 -7.80 57.84
C PHE V 55 -32.54 -8.28 57.73
N LEU V 56 -33.03 -8.41 56.50
CA LEU V 56 -34.39 -8.87 56.25
C LEU V 56 -34.56 -10.32 56.66
N LYS V 57 -33.51 -11.12 56.49
CA LYS V 57 -33.55 -12.53 56.86
C LYS V 57 -33.56 -12.69 58.38
N ALA V 58 -33.06 -11.67 59.07
CA ALA V 58 -32.99 -11.69 60.53
C ALA V 58 -34.21 -11.01 61.14
N LYS V 59 -35.21 -10.74 60.30
CA LYS V 59 -36.44 -10.08 60.75
C LYS V 59 -36.20 -8.66 61.23
N GLN V 60 -35.19 -7.99 60.67
CA GLN V 60 -34.88 -6.63 61.05
C GLN V 60 -35.32 -5.65 59.97
N GLY V 61 -36.64 -5.48 59.85
CA GLY V 61 -37.19 -4.58 58.85
C GLY V 61 -36.57 -3.19 58.88
N GLY V 62 -36.39 -2.64 60.07
CA GLY V 62 -35.82 -1.31 60.20
C GLY V 62 -34.59 -1.12 59.33
N SER V 63 -33.52 -1.85 59.64
CA SER V 63 -32.28 -1.75 58.88
C SER V 63 -32.48 -2.20 57.43
N GLY V 64 -33.11 -3.36 57.26
CA GLY V 64 -33.36 -3.87 55.93
C GLY V 64 -33.98 -2.84 55.01
N THR V 65 -35.07 -2.22 55.47
CA THR V 65 -35.76 -1.21 54.69
C THR V 65 -34.83 -0.05 54.34
N ASP V 66 -34.13 0.45 55.36
CA ASP V 66 -33.21 1.56 55.17
C ASP V 66 -32.19 1.27 54.07
N LEU V 67 -31.57 0.10 54.13
CA LEU V 67 -30.57 -0.28 53.14
C LEU V 67 -31.15 -0.35 51.73
N ILE V 68 -32.39 -0.81 51.61
CA ILE V 68 -33.04 -0.91 50.30
C ILE V 68 -33.10 0.49 49.67
N PHE V 69 -33.51 1.46 50.46
CA PHE V 69 -33.59 2.84 49.99
C PHE V 69 -32.21 3.34 49.58
N TYR V 70 -31.22 3.05 50.42
CA TYR V 70 -29.85 3.47 50.14
C TYR V 70 -29.37 2.85 48.82
N LEU V 71 -29.69 1.57 48.64
CA LEU V 71 -29.30 0.88 47.41
C LEU V 71 -29.90 1.61 46.22
N LEU V 72 -31.19 1.90 46.30
CA LEU V 72 -31.90 2.60 45.24
C LEU V 72 -31.24 3.94 44.95
N GLU V 73 -30.83 4.65 45.99
CA GLU V 73 -30.17 5.94 45.82
C GLU V 73 -28.95 5.79 44.92
N VAL V 74 -28.16 4.75 45.20
CA VAL V 74 -26.96 4.49 44.41
C VAL V 74 -27.37 4.11 42.99
N TYR V 75 -28.40 3.27 42.88
CA TYR V 75 -28.91 2.83 41.59
C TYR V 75 -29.16 4.02 40.68
N ASP V 76 -29.72 5.09 41.26
CA ASP V 76 -30.00 6.31 40.51
C ASP V 76 -28.75 7.16 40.34
N LEU V 77 -27.83 7.02 41.29
CA LEU V 77 -26.57 7.77 41.25
C LEU V 77 -25.61 7.15 40.25
N ALA V 78 -25.71 5.84 40.08
CA ALA V 78 -24.85 5.11 39.14
C ALA V 78 -25.58 4.94 37.82
N GLU V 79 -26.78 5.51 37.74
CA GLU V 79 -27.60 5.43 36.55
C GLU V 79 -27.73 3.99 36.08
N VAL V 80 -27.78 3.07 37.03
CA VAL V 80 -27.92 1.65 36.73
C VAL V 80 -29.15 1.41 35.86
N LYS V 81 -28.92 0.91 34.66
CA LYS V 81 -30.00 0.65 33.71
C LYS V 81 -30.77 -0.61 34.06
N VAL V 82 -32.05 -0.63 33.70
CA VAL V 82 -32.93 -1.75 33.98
C VAL V 82 -32.65 -2.97 33.10
N ASP V 83 -32.24 -4.06 33.75
CA ASP V 83 -31.95 -5.31 33.05
C ASP V 83 -32.07 -6.46 34.05
N ASP V 84 -31.82 -7.69 33.59
CA ASP V 84 -31.91 -8.85 34.46
C ASP V 84 -31.20 -8.67 35.80
N ILE V 85 -29.89 -8.48 35.75
CA ILE V 85 -29.09 -8.29 36.97
C ILE V 85 -29.71 -7.23 37.89
N SER V 86 -29.89 -6.04 37.35
CA SER V 86 -30.44 -4.93 38.12
C SER V 86 -31.77 -5.29 38.78
N VAL V 87 -32.66 -5.94 38.04
CA VAL V 87 -33.95 -6.35 38.56
C VAL V 87 -33.81 -7.47 39.59
N ALA V 88 -32.97 -8.45 39.27
CA ALA V 88 -32.74 -9.59 40.14
C ALA V 88 -32.43 -9.18 41.58
N ARG V 89 -31.51 -8.23 41.76
CA ARG V 89 -31.14 -7.79 43.10
C ARG V 89 -32.36 -7.34 43.91
N LEU V 90 -33.25 -6.59 43.25
CA LEU V 90 -34.45 -6.10 43.91
C LEU V 90 -35.45 -7.21 44.18
N VAL V 91 -35.56 -8.15 43.24
CA VAL V 91 -36.48 -9.27 43.38
C VAL V 91 -36.07 -10.11 44.59
N ARG V 92 -34.77 -10.38 44.70
CA ARG V 92 -34.23 -11.18 45.79
C ARG V 92 -34.48 -10.52 47.14
N LEU V 93 -34.48 -9.20 47.17
CA LEU V 93 -34.71 -8.45 48.40
C LEU V 93 -36.20 -8.40 48.73
N ILE V 94 -37.02 -8.29 47.69
CA ILE V 94 -38.47 -8.22 47.86
C ILE V 94 -39.02 -9.53 48.44
N ALA V 95 -38.36 -10.63 48.12
CA ALA V 95 -38.77 -11.94 48.60
C ALA V 95 -38.60 -12.08 50.11
N GLU V 96 -37.58 -11.43 50.65
CA GLU V 96 -37.31 -11.50 52.09
C GLU V 96 -38.08 -10.44 52.89
N LEU V 97 -38.79 -9.56 52.20
CA LEU V 97 -39.56 -8.52 52.86
C LEU V 97 -40.76 -9.09 53.61
N ASP V 98 -41.03 -8.51 54.78
CA ASP V 98 -42.16 -8.94 55.59
C ASP V 98 -43.40 -8.23 55.07
N PRO V 99 -44.44 -9.00 54.66
CA PRO V 99 -45.68 -8.45 54.14
C PRO V 99 -46.29 -7.34 55.00
N SER V 100 -45.90 -7.30 56.27
CA SER V 100 -46.42 -6.31 57.20
C SER V 100 -45.48 -5.11 57.40
N GLU V 101 -44.31 -5.16 56.76
CA GLU V 101 -43.34 -4.07 56.89
C GLU V 101 -44.00 -2.70 56.64
N PRO V 102 -43.96 -1.83 57.66
CA PRO V 102 -44.53 -0.47 57.61
C PRO V 102 -44.06 0.37 56.43
N ASN V 103 -43.01 -0.08 55.75
CA ASN V 103 -42.47 0.66 54.61
C ASN V 103 -42.78 -0.01 53.27
N LEU V 104 -43.20 -1.27 53.32
CA LEU V 104 -43.53 -2.05 52.14
C LEU V 104 -43.82 -1.22 50.89
N LYS V 105 -44.97 -0.58 50.85
CA LYS V 105 -45.36 0.23 49.70
C LYS V 105 -44.30 1.21 49.24
N ASP V 106 -43.65 1.89 50.19
CA ASP V 106 -42.60 2.84 49.85
C ASP V 106 -41.46 2.12 49.14
N VAL V 107 -41.03 1.01 49.69
CA VAL V 107 -39.96 0.21 49.11
C VAL V 107 -40.33 -0.15 47.67
N ILE V 108 -41.53 -0.70 47.51
CA ILE V 108 -42.04 -1.10 46.20
C ILE V 108 -42.03 0.06 45.23
N THR V 109 -42.60 1.19 45.64
CA THR V 109 -42.66 2.38 44.80
C THR V 109 -41.26 2.77 44.34
N GLY V 110 -40.33 2.89 45.28
CA GLY V 110 -38.97 3.27 44.94
C GLY V 110 -38.36 2.38 43.88
N MET V 111 -38.45 1.07 44.07
CA MET V 111 -37.90 0.12 43.12
C MET V 111 -38.52 0.30 41.74
N ASN V 112 -39.84 0.35 41.68
CA ASN V 112 -40.55 0.52 40.42
C ASN V 112 -40.20 1.83 39.75
N ASN V 113 -40.13 2.91 40.52
CA ASN V 113 -39.80 4.22 39.97
C ASN V 113 -38.45 4.14 39.25
N TRP V 114 -37.50 3.44 39.87
CA TRP V 114 -36.19 3.27 39.29
C TRP V 114 -36.29 2.58 37.94
N SER V 115 -37.07 1.50 37.89
CA SER V 115 -37.25 0.74 36.66
C SER V 115 -37.83 1.62 35.56
N ILE V 116 -38.71 2.54 35.94
CA ILE V 116 -39.34 3.44 34.97
C ILE V 116 -38.35 4.42 34.36
N LYS V 117 -37.51 5.01 35.22
CA LYS V 117 -36.52 5.99 34.78
C LYS V 117 -35.41 5.39 33.93
N PHE V 118 -35.11 4.11 34.13
CA PHE V 118 -34.05 3.44 33.39
C PHE V 118 -34.52 2.31 32.49
N SER V 119 -35.69 2.49 31.87
CA SER V 119 -36.26 1.50 30.97
C SER V 119 -37.20 2.22 30.03
N GLU V 120 -37.75 1.51 29.05
CA GLU V 120 -38.67 2.12 28.10
C GLU V 120 -40.12 1.89 28.50
N TYR V 121 -40.32 1.32 29.69
CA TYR V 121 -41.67 1.07 30.19
C TYR V 121 -42.13 2.28 30.99
N LYS V 122 -43.24 2.88 30.57
CA LYS V 122 -43.77 4.06 31.23
C LYS V 122 -44.24 3.78 32.66
N PHE V 123 -44.52 2.50 32.95
CA PHE V 123 -44.99 2.13 34.28
C PHE V 123 -44.07 1.16 35.03
N GLY V 124 -42.90 0.89 34.46
CA GLY V 124 -41.97 -0.02 35.10
C GLY V 124 -41.78 -1.34 34.38
N ASP V 125 -40.72 -2.05 34.75
CA ASP V 125 -40.41 -3.35 34.15
C ASP V 125 -41.43 -4.42 34.50
N PRO V 126 -41.90 -5.17 33.49
CA PRO V 126 -42.88 -6.24 33.66
C PRO V 126 -42.51 -7.28 34.71
N TYR V 127 -41.39 -7.95 34.50
CA TYR V 127 -40.91 -8.97 35.44
C TYR V 127 -40.93 -8.44 36.86
N LEU V 128 -40.33 -7.27 37.07
CA LEU V 128 -40.28 -6.64 38.38
C LEU V 128 -41.67 -6.56 38.99
N HIS V 129 -42.63 -6.15 38.18
CA HIS V 129 -44.02 -6.03 38.64
C HIS V 129 -44.56 -7.34 39.16
N ASN V 130 -44.17 -8.44 38.50
CA ASN V 130 -44.63 -9.77 38.92
C ASN V 130 -44.30 -10.03 40.38
N THR V 131 -43.08 -9.67 40.78
CA THR V 131 -42.64 -9.86 42.16
C THR V 131 -43.37 -8.89 43.08
N ILE V 132 -43.35 -7.61 42.71
CA ILE V 132 -44.00 -6.57 43.48
C ILE V 132 -45.46 -6.92 43.77
N GLY V 133 -46.16 -7.39 42.74
CA GLY V 133 -47.56 -7.76 42.89
C GLY V 133 -47.80 -8.77 44.01
N SER V 134 -46.99 -9.83 44.01
CA SER V 134 -47.12 -10.87 45.03
C SER V 134 -46.91 -10.32 46.43
N LYS V 135 -45.92 -9.45 46.57
CA LYS V 135 -45.61 -8.87 47.88
C LYS V 135 -46.78 -8.06 48.42
N LEU V 136 -47.34 -7.20 47.56
CA LEU V 136 -48.48 -6.37 47.95
C LEU V 136 -49.65 -7.23 48.38
N LEU V 137 -49.86 -8.34 47.67
CA LEU V 137 -50.97 -9.24 47.97
C LEU V 137 -50.81 -9.91 49.33
N GLU V 138 -49.56 -10.11 49.75
CA GLU V 138 -49.29 -10.75 51.04
C GLU V 138 -49.69 -9.85 52.20
N GLY V 139 -49.72 -8.54 51.94
CA GLY V 139 -50.10 -7.59 52.97
C GLY V 139 -51.55 -7.19 52.83
N ASP V 140 -52.30 -8.01 52.09
CA ASP V 140 -53.72 -7.76 51.85
C ASP V 140 -53.99 -6.53 50.99
N PHE V 141 -52.94 -6.00 50.37
CA PHE V 141 -53.10 -4.82 49.51
C PHE V 141 -53.53 -5.32 48.14
N VAL V 142 -54.76 -5.83 48.07
CA VAL V 142 -55.32 -6.37 46.83
C VAL V 142 -55.31 -5.42 45.64
N TYR V 143 -55.98 -4.27 45.79
CA TYR V 143 -56.05 -3.29 44.72
C TYR V 143 -54.69 -2.94 44.13
N GLU V 144 -53.68 -2.83 44.98
CA GLU V 144 -52.34 -2.50 44.51
C GLU V 144 -51.74 -3.68 43.74
N ALA V 145 -52.03 -4.88 44.20
CA ALA V 145 -51.52 -6.09 43.56
C ALA V 145 -52.14 -6.23 42.17
N GLU V 146 -53.44 -5.99 42.10
CA GLU V 146 -54.17 -6.07 40.84
C GLU V 146 -53.52 -5.24 39.74
N ARG V 147 -53.21 -3.98 40.05
CA ARG V 147 -52.58 -3.08 39.09
C ARG V 147 -51.24 -3.63 38.60
N TYR V 148 -50.37 -4.00 39.52
CA TYR V 148 -49.07 -4.54 39.16
C TYR V 148 -49.17 -5.82 38.34
N PHE V 149 -50.06 -6.73 38.75
CA PHE V 149 -50.24 -7.97 38.01
C PHE V 149 -50.73 -7.65 36.60
N MET V 150 -51.64 -6.69 36.51
CA MET V 150 -52.19 -6.26 35.22
C MET V 150 -51.05 -5.87 34.30
N LEU V 151 -50.03 -5.23 34.87
CA LEU V 151 -48.88 -4.79 34.11
C LEU V 151 -47.68 -5.69 34.39
N GLY V 152 -47.95 -6.99 34.56
CA GLY V 152 -46.88 -7.94 34.84
C GLY V 152 -46.65 -8.92 33.71
N THR V 153 -46.13 -10.09 34.06
CA THR V 153 -45.85 -11.13 33.07
C THR V 153 -46.96 -12.17 33.01
N HIS V 154 -46.70 -13.28 32.34
CA HIS V 154 -47.68 -14.35 32.20
C HIS V 154 -48.04 -14.96 33.56
N ASP V 155 -47.06 -15.04 34.45
CA ASP V 155 -47.31 -15.59 35.78
C ASP V 155 -48.21 -14.65 36.56
N SER V 156 -48.04 -13.36 36.34
CA SER V 156 -48.86 -12.35 37.01
C SER V 156 -50.31 -12.56 36.60
N MET V 157 -50.51 -12.86 35.32
CA MET V 157 -51.85 -13.09 34.79
C MET V 157 -52.52 -14.23 35.54
N ILE V 158 -51.73 -15.25 35.88
CA ILE V 158 -52.25 -16.40 36.61
C ILE V 158 -52.57 -15.98 38.04
N LYS V 159 -51.69 -15.18 38.64
CA LYS V 159 -51.89 -14.71 40.00
C LYS V 159 -52.96 -13.63 40.08
N TYR V 160 -53.35 -13.11 38.91
CA TYR V 160 -54.40 -12.09 38.87
C TYR V 160 -55.74 -12.79 38.79
N VAL V 161 -55.75 -13.95 38.13
CA VAL V 161 -56.95 -14.75 38.01
C VAL V 161 -57.24 -15.41 39.36
N ASP V 162 -56.17 -15.69 40.11
CA ASP V 162 -56.31 -16.30 41.42
C ASP V 162 -56.75 -15.25 42.43
N LEU V 163 -56.29 -14.03 42.23
CA LEU V 163 -56.64 -12.92 43.11
C LEU V 163 -58.12 -12.60 42.96
N LEU V 164 -58.61 -12.67 41.73
CA LEU V 164 -60.02 -12.40 41.45
C LEU V 164 -60.90 -13.58 41.79
N TRP V 165 -60.37 -14.78 41.62
CA TRP V 165 -61.13 -16.00 41.92
C TRP V 165 -61.29 -16.19 43.42
N ASP V 166 -60.23 -15.96 44.17
CA ASP V 166 -60.28 -16.12 45.62
C ASP V 166 -61.14 -15.03 46.25
N TRP V 167 -61.35 -13.95 45.50
CA TRP V 167 -62.15 -12.84 45.99
C TRP V 167 -63.63 -13.17 45.77
N LEU V 168 -63.92 -13.68 44.57
CA LEU V 168 -65.29 -14.06 44.22
C LEU V 168 -65.79 -15.14 45.16
N CYS V 169 -64.91 -16.07 45.50
CA CYS V 169 -65.25 -17.16 46.41
C CYS V 169 -65.51 -16.64 47.82
N GLN V 170 -64.85 -15.55 48.18
CA GLN V 170 -65.02 -14.95 49.50
C GLN V 170 -66.41 -14.36 49.70
N VAL V 171 -67.11 -14.13 48.61
CA VAL V 171 -68.45 -13.57 48.66
C VAL V 171 -69.44 -14.62 49.16
N ASP V 172 -70.11 -14.34 50.27
CA ASP V 172 -71.08 -15.27 50.85
C ASP V 172 -72.34 -15.36 49.99
N ASP V 173 -72.91 -14.20 49.64
CA ASP V 173 -74.12 -14.17 48.84
C ASP V 173 -73.81 -13.85 47.38
N ILE V 174 -73.59 -14.89 46.58
CA ILE V 174 -73.28 -14.73 45.17
C ILE V 174 -74.54 -14.44 44.36
N GLU V 175 -74.41 -13.64 43.31
CA GLU V 175 -75.54 -13.29 42.46
C GLU V 175 -75.10 -13.26 41.00
N ASP V 176 -76.07 -13.10 40.10
CA ASP V 176 -75.80 -13.07 38.67
C ASP V 176 -74.87 -11.92 38.26
N SER V 177 -75.02 -10.78 38.91
CA SER V 177 -74.19 -9.61 38.61
C SER V 177 -72.89 -9.60 39.42
N THR V 178 -72.78 -10.51 40.38
CA THR V 178 -71.59 -10.61 41.22
C THR V 178 -70.41 -11.19 40.45
N VAL V 179 -70.66 -12.26 39.71
CA VAL V 179 -69.62 -12.92 38.93
C VAL V 179 -69.05 -11.99 37.85
N ALA V 180 -69.87 -11.06 37.40
CA ALA V 180 -69.46 -10.11 36.37
C ALA V 180 -68.53 -9.04 36.92
N GLU V 181 -68.79 -8.60 38.16
CA GLU V 181 -67.98 -7.58 38.80
C GLU V 181 -66.50 -7.98 38.88
N PHE V 182 -66.25 -9.29 38.94
CA PHE V 182 -64.89 -9.81 39.01
C PHE V 182 -64.35 -10.12 37.63
N PHE V 183 -65.11 -10.90 36.87
CA PHE V 183 -64.74 -11.30 35.52
C PHE V 183 -64.49 -10.13 34.58
N SER V 184 -65.34 -9.11 34.67
CA SER V 184 -65.21 -7.92 33.82
C SER V 184 -63.85 -7.25 33.95
N ARG V 185 -63.28 -7.29 35.16
CA ARG V 185 -61.99 -6.65 35.40
C ARG V 185 -60.92 -7.22 34.47
N LEU V 186 -60.93 -8.54 34.28
CA LEU V 186 -59.97 -9.20 33.42
C LEU V 186 -60.10 -8.73 31.97
N VAL V 187 -61.34 -8.73 31.47
CA VAL V 187 -61.61 -8.33 30.10
C VAL V 187 -61.26 -6.87 29.83
N PHE V 188 -61.69 -5.98 30.71
CA PHE V 188 -61.43 -4.55 30.54
C PHE V 188 -59.96 -4.17 30.69
N ASN V 189 -59.35 -4.56 31.81
CA ASN V 189 -57.95 -4.23 32.06
C ASN V 189 -57.02 -4.67 30.94
N TYR V 190 -57.08 -5.95 30.58
CA TYR V 190 -56.21 -6.46 29.52
C TYR V 190 -56.53 -5.86 28.16
N LEU V 191 -57.77 -5.47 27.94
CA LEU V 191 -58.16 -4.86 26.67
C LEU V 191 -57.63 -3.44 26.57
N PHE V 192 -57.39 -2.80 27.71
CA PHE V 192 -56.87 -1.44 27.71
C PHE V 192 -55.41 -1.44 27.29
N ILE V 193 -54.65 -2.40 27.81
CA ILE V 193 -53.24 -2.52 27.46
C ILE V 193 -53.11 -3.34 26.19
N SER V 194 -54.26 -3.60 25.57
CA SER V 194 -54.32 -4.38 24.33
C SER V 194 -53.52 -5.67 24.39
N ASN V 195 -53.82 -6.52 25.36
CA ASN V 195 -53.13 -7.79 25.52
C ASN V 195 -54.16 -8.91 25.33
N ILE V 196 -54.71 -8.99 24.12
CA ILE V 196 -55.72 -9.99 23.78
C ILE V 196 -55.38 -11.40 24.23
N SER V 197 -54.11 -11.78 24.13
CA SER V 197 -53.68 -13.12 24.54
C SER V 197 -53.98 -13.36 26.02
N PHE V 198 -53.62 -12.40 26.86
CA PHE V 198 -53.87 -12.51 28.30
C PHE V 198 -55.36 -12.39 28.59
N ALA V 199 -56.05 -11.58 27.80
CA ALA V 199 -57.49 -11.38 27.98
C ALA V 199 -58.25 -12.68 27.71
N HIS V 200 -57.79 -13.43 26.71
CA HIS V 200 -58.42 -14.69 26.35
C HIS V 200 -58.07 -15.82 27.31
N GLU V 201 -56.80 -15.88 27.72
CA GLU V 201 -56.35 -16.92 28.63
C GLU V 201 -56.93 -16.72 30.03
N SER V 202 -56.94 -15.47 30.49
CA SER V 202 -57.47 -15.16 31.82
C SER V 202 -58.96 -15.49 31.84
N LYS V 203 -59.61 -15.24 30.70
CA LYS V 203 -61.04 -15.49 30.56
C LYS V 203 -61.33 -16.99 30.63
N ASP V 204 -60.56 -17.77 29.89
CA ASP V 204 -60.73 -19.22 29.85
C ASP V 204 -60.53 -19.87 31.21
N ILE V 205 -59.48 -19.47 31.91
CA ILE V 205 -59.18 -20.03 33.23
C ILE V 205 -60.23 -19.65 34.27
N PHE V 206 -60.76 -18.44 34.15
CA PHE V 206 -61.77 -17.96 35.10
C PHE V 206 -63.15 -18.53 34.81
N LEU V 207 -63.49 -18.65 33.53
CA LEU V 207 -64.79 -19.18 33.15
C LEU V 207 -64.90 -20.68 33.39
N GLU V 208 -63.77 -21.38 33.35
CA GLU V 208 -63.78 -22.82 33.57
C GLU V 208 -63.90 -23.14 35.07
N ARG V 209 -63.28 -22.32 35.91
CA ARG V 209 -63.36 -22.53 37.35
C ARG V 209 -64.80 -22.28 37.78
N PHE V 210 -65.37 -21.21 37.21
CA PHE V 210 -66.74 -20.82 37.50
C PHE V 210 -67.73 -21.91 37.14
N ILE V 211 -67.41 -22.69 36.12
CA ILE V 211 -68.26 -23.78 35.66
C ILE V 211 -68.12 -25.03 36.52
N GLU V 212 -66.91 -25.26 37.02
CA GLU V 212 -66.63 -26.44 37.83
C GLU V 212 -66.97 -26.26 39.31
N LYS V 213 -67.38 -25.05 39.69
CA LYS V 213 -67.72 -24.78 41.09
C LYS V 213 -69.20 -24.46 41.26
N PHE V 214 -69.72 -23.54 40.46
CA PHE V 214 -71.12 -23.13 40.54
C PHE V 214 -72.04 -24.00 39.68
N HIS V 215 -71.48 -24.68 38.70
CA HIS V 215 -72.25 -25.54 37.81
C HIS V 215 -73.44 -24.81 37.18
N PRO V 216 -73.18 -23.65 36.55
CA PRO V 216 -74.27 -22.89 35.92
C PRO V 216 -74.67 -23.49 34.58
N LYS V 217 -75.90 -23.20 34.13
CA LYS V 217 -76.39 -23.71 32.86
C LYS V 217 -75.73 -22.96 31.71
N TYR V 218 -75.03 -23.69 30.86
CA TYR V 218 -74.36 -23.07 29.72
C TYR V 218 -74.27 -24.01 28.52
N GLU V 219 -73.63 -23.53 27.46
CA GLU V 219 -73.43 -24.28 26.24
C GLU V 219 -72.45 -23.51 25.35
N LYS V 220 -71.32 -24.13 25.06
CA LYS V 220 -70.30 -23.49 24.24
C LYS V 220 -70.69 -23.31 22.77
N ILE V 221 -70.63 -22.06 22.32
CA ILE V 221 -70.97 -21.73 20.93
C ILE V 221 -69.67 -21.49 20.16
N ASP V 222 -69.47 -22.26 19.10
CA ASP V 222 -68.26 -22.14 18.29
C ASP V 222 -68.58 -21.65 16.88
N LYS V 223 -67.81 -20.67 16.42
CA LYS V 223 -67.99 -20.10 15.08
C LYS V 223 -66.69 -19.52 14.52
N ASN V 224 -66.22 -20.09 13.42
CA ASN V 224 -65.01 -19.64 12.75
C ASN V 224 -63.78 -19.57 13.66
N GLY V 225 -63.60 -20.58 14.48
CA GLY V 225 -62.44 -20.61 15.37
C GLY V 225 -62.66 -19.99 16.73
N TYR V 226 -63.61 -19.07 16.83
CA TYR V 226 -63.89 -18.41 18.10
C TYR V 226 -64.97 -19.14 18.91
N GLU V 227 -64.87 -19.03 20.23
CA GLU V 227 -65.82 -19.67 21.12
C GLU V 227 -66.37 -18.70 22.17
N ILE V 228 -67.65 -18.85 22.50
CA ILE V 228 -68.29 -18.00 23.49
C ILE V 228 -69.15 -18.83 24.45
N VAL V 229 -68.63 -19.04 25.65
CA VAL V 229 -69.34 -19.82 26.66
C VAL V 229 -70.64 -19.12 27.03
N PHE V 230 -71.73 -19.50 26.37
CA PHE V 230 -73.03 -18.90 26.61
C PHE V 230 -73.65 -19.39 27.92
N PHE V 231 -73.68 -18.51 28.92
CA PHE V 231 -74.28 -18.87 30.21
C PHE V 231 -75.77 -18.55 30.18
N GLU V 232 -76.58 -19.52 30.60
CA GLU V 232 -78.03 -19.36 30.61
C GLU V 232 -78.55 -18.52 31.78
N ASP V 233 -77.67 -18.20 32.72
CA ASP V 233 -78.08 -17.41 33.89
C ASP V 233 -77.15 -16.24 34.14
N TYR V 234 -76.27 -15.95 33.19
CA TYR V 234 -75.33 -14.83 33.33
C TYR V 234 -75.17 -14.06 32.03
N SER V 235 -76.10 -13.15 31.78
CA SER V 235 -76.08 -12.33 30.57
C SER V 235 -74.84 -11.44 30.57
N ASP V 236 -74.47 -10.94 31.74
CA ASP V 236 -73.31 -10.06 31.87
C ASP V 236 -72.07 -10.73 31.31
N LEU V 237 -71.90 -12.01 31.60
CA LEU V 237 -70.75 -12.76 31.12
C LEU V 237 -70.78 -12.96 29.60
N ASN V 238 -71.99 -13.08 29.05
CA ASN V 238 -72.12 -13.26 27.60
C ASN V 238 -71.72 -11.97 26.90
N PHE V 239 -72.27 -10.85 27.36
CA PHE V 239 -71.97 -9.55 26.79
C PHE V 239 -70.47 -9.29 26.81
N LEU V 240 -69.86 -9.48 27.97
CA LEU V 240 -68.43 -9.27 28.14
C LEU V 240 -67.59 -10.10 27.18
N GLN V 241 -67.99 -11.35 26.95
CA GLN V 241 -67.24 -12.22 26.05
C GLN V 241 -67.31 -11.71 24.62
N LEU V 242 -68.47 -11.20 24.23
CA LEU V 242 -68.64 -10.67 22.88
C LEU V 242 -67.85 -9.38 22.71
N LEU V 243 -67.81 -8.58 23.76
CA LEU V 243 -67.08 -7.31 23.75
C LEU V 243 -65.61 -7.55 23.40
N LEU V 244 -65.04 -8.60 23.97
CA LEU V 244 -63.63 -8.94 23.74
C LEU V 244 -63.38 -9.16 22.24
N ILE V 245 -64.06 -10.14 21.67
CA ILE V 245 -63.91 -10.47 20.25
C ILE V 245 -64.19 -9.25 19.38
N THR V 246 -65.21 -8.49 19.74
CA THR V 246 -65.59 -7.30 18.97
C THR V 246 -64.40 -6.36 18.80
N CYS V 247 -63.73 -6.06 19.91
CA CYS V 247 -62.57 -5.17 19.87
C CYS V 247 -61.50 -5.72 18.92
N GLN V 248 -61.41 -7.04 18.85
CA GLN V 248 -60.43 -7.69 17.98
C GLN V 248 -60.70 -7.44 16.50
N THR V 249 -61.95 -7.20 16.16
CA THR V 249 -62.34 -6.94 14.77
C THR V 249 -62.08 -5.49 14.39
N ALA V 250 -62.12 -4.61 15.38
CA ALA V 250 -61.92 -3.19 15.15
C ALA V 250 -62.88 -2.66 14.10
N ASP V 251 -64.10 -3.19 14.11
CA ASP V 251 -65.14 -2.77 13.17
C ASP V 251 -66.24 -2.03 13.93
N ALA V 252 -66.41 -0.75 13.58
CA ALA V 252 -67.40 0.11 14.22
C ALA V 252 -68.80 -0.51 14.30
N SER V 253 -69.30 -1.00 13.17
CA SER V 253 -70.64 -1.59 13.11
C SER V 253 -70.90 -2.62 14.21
N TYR V 254 -70.01 -3.60 14.34
CA TYR V 254 -70.18 -4.64 15.35
C TYR V 254 -70.25 -4.09 16.76
N PHE V 255 -69.42 -3.09 17.05
CA PHE V 255 -69.39 -2.48 18.37
C PHE V 255 -70.71 -1.78 18.71
N LEU V 256 -71.29 -1.12 17.71
CA LEU V 256 -72.54 -0.40 17.91
C LEU V 256 -73.71 -1.35 18.06
N ASN V 257 -73.70 -2.44 17.29
CA ASN V 257 -74.78 -3.41 17.34
C ASN V 257 -74.81 -4.17 18.67
N LEU V 258 -73.62 -4.47 19.21
CA LEU V 258 -73.53 -5.18 20.48
C LEU V 258 -74.07 -4.32 21.61
N LYS V 259 -73.77 -3.03 21.57
CA LYS V 259 -74.22 -2.11 22.61
C LYS V 259 -75.72 -1.84 22.54
N ASN V 260 -76.25 -1.72 21.31
CA ASN V 260 -77.66 -1.45 21.13
C ASN V 260 -78.54 -2.62 21.58
N HIS V 261 -77.97 -3.81 21.62
CA HIS V 261 -78.73 -4.99 22.04
C HIS V 261 -78.71 -5.13 23.55
N TYR V 262 -77.63 -4.64 24.16
CA TYR V 262 -77.46 -4.69 25.61
C TYR V 262 -77.45 -3.26 26.16
N LEU V 263 -78.57 -2.56 26.01
CA LEU V 263 -78.69 -1.18 26.48
C LEU V 263 -78.33 -1.02 27.95
N ASP V 264 -78.81 -1.92 28.80
CA ASP V 264 -78.52 -1.85 30.22
C ASP V 264 -77.01 -1.90 30.48
N PHE V 265 -76.36 -2.94 29.95
CA PHE V 265 -74.92 -3.09 30.13
C PHE V 265 -74.16 -1.91 29.53
N SER V 266 -74.72 -1.31 28.48
CA SER V 266 -74.10 -0.18 27.82
C SER V 266 -74.05 1.06 28.72
N GLN V 267 -74.87 1.06 29.77
CA GLN V 267 -74.90 2.19 30.68
C GLN V 267 -74.12 1.89 31.97
N ALA V 268 -73.97 0.61 32.26
CA ALA V 268 -73.24 0.19 33.46
C ALA V 268 -71.74 0.36 33.19
N TYR V 269 -71.34 0.07 31.97
CA TYR V 269 -69.94 0.18 31.56
C TYR V 269 -69.81 1.36 30.59
N LYS V 270 -70.51 2.44 30.91
CA LYS V 270 -70.50 3.64 30.07
C LYS V 270 -69.08 4.09 29.74
N SER V 271 -68.37 4.59 30.74
CA SER V 271 -67.00 5.07 30.55
C SER V 271 -66.09 4.04 29.90
N GLU V 272 -66.13 2.81 30.39
CA GLU V 272 -65.31 1.74 29.84
C GLU V 272 -65.53 1.54 28.35
N LEU V 273 -66.80 1.49 27.94
CA LEU V 273 -67.14 1.31 26.54
C LEU V 273 -66.70 2.50 25.71
N GLU V 274 -66.77 3.70 26.29
CA GLU V 274 -66.37 4.91 25.59
C GLU V 274 -64.90 4.80 25.19
N PHE V 275 -64.08 4.34 26.12
CA PHE V 275 -62.65 4.18 25.89
C PHE V 275 -62.41 3.13 24.80
N LEU V 276 -62.99 1.95 24.98
CA LEU V 276 -62.85 0.86 24.02
C LEU V 276 -63.25 1.30 22.62
N GLY V 277 -64.25 2.18 22.54
CA GLY V 277 -64.71 2.65 21.25
C GLY V 277 -63.74 3.62 20.61
N GLN V 278 -62.82 4.16 21.41
CA GLN V 278 -61.83 5.11 20.92
C GLN V 278 -60.55 4.38 20.55
N GLU V 279 -60.22 3.35 21.30
CA GLU V 279 -59.02 2.55 21.08
C GLU V 279 -59.19 1.46 20.03
N TYR V 280 -60.42 1.04 19.78
CA TYR V 280 -60.67 -0.01 18.81
C TYR V 280 -61.62 0.37 17.67
N PHE V 281 -62.27 1.52 17.78
CA PHE V 281 -63.21 1.93 16.75
C PHE V 281 -63.08 3.39 16.32
N ASN V 282 -62.04 4.06 16.82
CA ASN V 282 -61.78 5.45 16.48
C ASN V 282 -63.01 6.33 16.63
N ILE V 283 -63.65 6.28 17.80
CA ILE V 283 -64.83 7.09 18.05
C ILE V 283 -64.49 8.28 18.93
N VAL V 284 -64.78 9.48 18.43
CA VAL V 284 -64.49 10.71 19.16
C VAL V 284 -65.72 11.20 19.92
N ALA V 285 -66.90 10.79 19.47
CA ALA V 285 -68.14 11.19 20.11
C ALA V 285 -68.31 10.50 21.46
N PRO V 286 -68.57 11.30 22.52
CA PRO V 286 -68.75 10.78 23.87
C PRO V 286 -69.82 9.67 23.92
N LYS V 287 -69.93 9.02 25.07
CA LYS V 287 -70.90 7.95 25.25
C LYS V 287 -72.23 8.50 25.78
N GLN V 288 -73.26 8.42 24.95
CA GLN V 288 -74.59 8.91 25.32
C GLN V 288 -75.25 7.99 26.34
N THR V 289 -75.54 8.54 27.51
CA THR V 289 -76.17 7.80 28.59
C THR V 289 -77.55 7.26 28.18
N ASN V 290 -77.72 5.95 28.27
CA ASN V 290 -78.98 5.32 27.92
C ASN V 290 -80.04 5.56 28.97
N PHE V 291 -79.63 5.56 30.24
CA PHE V 291 -80.54 5.77 31.35
C PHE V 291 -80.16 6.99 32.17
N THR W 3 -83.71 -25.39 27.74
CA THR W 3 -85.08 -24.88 27.41
C THR W 3 -85.00 -23.65 26.51
N SER W 4 -86.13 -23.00 26.33
CA SER W 4 -86.21 -21.82 25.48
C SER W 4 -86.51 -20.55 26.29
N ALA W 5 -86.15 -20.57 27.57
CA ALA W 5 -86.40 -19.42 28.43
C ALA W 5 -85.35 -18.35 28.19
N SER W 6 -84.27 -18.73 27.50
CA SER W 6 -83.19 -17.80 27.20
C SER W 6 -82.86 -17.85 25.70
N GLY W 7 -83.80 -18.36 24.92
CA GLY W 7 -83.60 -18.46 23.48
C GLY W 7 -83.32 -17.14 22.80
N PRO W 8 -84.12 -16.09 23.08
CA PRO W 8 -83.93 -14.76 22.47
C PRO W 8 -82.49 -14.28 22.49
N GLU W 9 -81.85 -14.37 23.65
CA GLU W 9 -80.46 -13.92 23.79
C GLU W 9 -79.50 -14.94 23.19
N HIS W 10 -79.84 -16.22 23.32
CA HIS W 10 -79.00 -17.28 22.80
C HIS W 10 -78.84 -17.20 21.29
N GLU W 11 -79.91 -16.86 20.58
CA GLU W 11 -79.84 -16.75 19.13
C GLU W 11 -79.08 -15.50 18.71
N PHE W 12 -79.12 -14.47 19.56
CA PHE W 12 -78.41 -13.23 19.25
C PHE W 12 -76.91 -13.45 19.43
N VAL W 13 -76.54 -14.03 20.57
CA VAL W 13 -75.15 -14.30 20.88
C VAL W 13 -74.52 -15.26 19.87
N SER W 14 -75.29 -16.25 19.45
CA SER W 14 -74.81 -17.24 18.48
C SER W 14 -74.63 -16.64 17.09
N LYS W 15 -75.61 -15.83 16.67
CA LYS W 15 -75.56 -15.20 15.35
C LYS W 15 -74.53 -14.07 15.31
N PHE W 16 -74.42 -13.32 16.41
CA PHE W 16 -73.47 -12.22 16.47
C PHE W 16 -72.05 -12.77 16.41
N LEU W 17 -71.85 -13.95 16.97
CA LEU W 17 -70.54 -14.60 16.96
C LEU W 17 -70.19 -15.03 15.54
N THR W 18 -71.14 -15.67 14.87
CA THR W 18 -70.96 -16.13 13.50
C THR W 18 -70.50 -14.95 12.64
N LEU W 19 -71.36 -13.94 12.60
CA LEU W 19 -71.09 -12.72 11.83
C LEU W 19 -69.74 -12.11 12.19
N ALA W 20 -69.50 -11.95 13.49
CA ALA W 20 -68.27 -11.35 13.98
C ALA W 20 -67.03 -12.16 13.59
N THR W 21 -67.24 -13.39 13.13
CA THR W 21 -66.11 -14.23 12.74
C THR W 21 -66.12 -14.64 11.27
N LEU W 22 -67.05 -14.08 10.49
CA LEU W 22 -67.14 -14.39 9.08
C LEU W 22 -65.75 -14.32 8.46
N THR W 23 -64.96 -13.38 8.93
CA THR W 23 -63.58 -13.19 8.45
C THR W 23 -62.65 -13.14 9.65
N GLU W 24 -61.44 -13.66 9.47
CA GLU W 24 -60.46 -13.67 10.53
C GLU W 24 -60.30 -12.24 11.06
N PRO W 25 -60.81 -11.99 12.28
CA PRO W 25 -60.74 -10.65 12.89
C PRO W 25 -59.38 -9.99 12.66
N LYS W 26 -59.40 -8.66 12.50
CA LYS W 26 -58.16 -7.92 12.27
C LYS W 26 -57.10 -8.32 13.29
N LEU W 27 -57.51 -8.46 14.55
CA LEU W 27 -56.60 -8.83 15.62
C LEU W 27 -56.92 -10.24 16.11
N PRO W 28 -55.96 -11.17 15.99
CA PRO W 28 -56.14 -12.56 16.43
C PRO W 28 -56.26 -12.69 17.94
N LYS W 29 -56.58 -13.90 18.39
CA LYS W 29 -56.73 -14.18 19.82
C LYS W 29 -55.38 -14.25 20.52
N SER W 30 -54.32 -14.41 19.74
CA SER W 30 -52.97 -14.49 20.28
C SER W 30 -52.30 -13.12 20.25
N TYR W 31 -53.05 -12.12 19.80
CA TYR W 31 -52.55 -10.76 19.71
C TYR W 31 -52.18 -10.19 21.08
N THR W 32 -51.09 -9.43 21.11
CA THR W 32 -50.61 -8.81 22.36
C THR W 32 -49.84 -7.53 22.05
N LYS W 33 -50.44 -6.39 22.35
CA LYS W 33 -49.79 -5.12 22.13
C LYS W 33 -48.55 -5.07 23.02
N PRO W 34 -47.36 -5.03 22.41
CA PRO W 34 -46.11 -4.99 23.18
C PRO W 34 -46.24 -4.09 24.40
N LEU W 35 -46.05 -4.68 25.58
CA LEU W 35 -46.14 -3.94 26.83
C LEU W 35 -45.24 -2.72 26.81
N LYS W 36 -44.25 -2.74 25.94
CA LYS W 36 -43.32 -1.62 25.79
C LYS W 36 -44.03 -0.43 25.16
N ASP W 37 -45.08 -0.72 24.39
CA ASP W 37 -45.84 0.32 23.72
C ASP W 37 -47.08 0.76 24.49
N VAL W 38 -47.36 0.09 25.60
CA VAL W 38 -48.52 0.43 26.42
C VAL W 38 -48.40 1.87 26.92
N THR W 39 -49.27 2.73 26.43
CA THR W 39 -49.26 4.15 26.81
C THR W 39 -49.99 4.43 28.11
N ASN W 40 -51.31 4.23 28.11
CA ASN W 40 -52.12 4.47 29.30
C ASN W 40 -52.68 3.18 29.88
N LEU W 41 -53.68 3.31 30.75
CA LEU W 41 -54.29 2.15 31.38
C LEU W 41 -55.81 2.17 31.29
N GLY W 42 -56.34 2.77 30.22
CA GLY W 42 -57.78 2.86 30.05
C GLY W 42 -58.50 3.57 31.16
N VAL W 43 -59.77 3.24 31.35
CA VAL W 43 -60.60 3.84 32.39
C VAL W 43 -60.62 2.99 33.65
N PRO W 44 -60.45 3.62 34.82
CA PRO W 44 -60.46 2.91 36.10
C PRO W 44 -61.69 2.03 36.28
N LEU W 45 -61.51 0.87 36.91
CA LEU W 45 -62.61 -0.06 37.12
C LEU W 45 -63.36 0.27 38.41
N PRO W 46 -64.62 -0.17 38.51
CA PRO W 46 -65.45 0.08 39.70
C PRO W 46 -64.95 -0.65 40.94
N THR W 47 -65.12 -0.02 42.10
CA THR W 47 -64.70 -0.59 43.37
C THR W 47 -65.70 -1.64 43.86
N LEU W 48 -65.19 -2.83 44.16
CA LEU W 48 -66.03 -3.91 44.65
C LEU W 48 -66.33 -3.67 46.13
N LYS W 49 -67.59 -3.81 46.51
CA LYS W 49 -68.01 -3.58 47.89
C LYS W 49 -67.64 -4.72 48.82
N TYR W 50 -66.98 -5.74 48.29
CA TYR W 50 -66.57 -6.89 49.08
C TYR W 50 -65.15 -6.67 49.58
N LYS W 51 -64.89 -7.04 50.84
CA LYS W 51 -63.57 -6.87 51.42
C LYS W 51 -62.68 -8.05 51.04
N TYR W 52 -61.40 -7.77 50.78
CA TYR W 52 -60.46 -8.83 50.40
C TYR W 52 -59.58 -9.25 51.57
N LYS W 53 -59.38 -10.56 51.70
CA LYS W 53 -58.56 -11.12 52.78
C LYS W 53 -58.01 -12.48 52.35
N GLN W 54 -57.10 -13.01 53.16
CA GLN W 54 -56.49 -14.31 52.88
C GLN W 54 -56.78 -15.29 54.02
N ASN W 55 -57.68 -16.24 53.76
CA ASN W 55 -58.05 -17.24 54.77
C ASN W 55 -57.23 -18.51 54.56
N ARG W 56 -57.17 -19.34 55.59
CA ARG W 56 -56.43 -20.60 55.51
C ARG W 56 -57.29 -21.77 55.98
N VAL X 24 44.11 -3.84 9.58
CA VAL X 24 42.78 -4.43 9.88
C VAL X 24 42.74 -4.90 11.34
N GLU X 25 41.85 -4.29 12.12
CA GLU X 25 41.72 -4.69 13.52
C GLU X 25 40.87 -5.95 13.60
N PRO X 26 41.40 -7.03 14.18
CA PRO X 26 40.68 -8.29 14.31
C PRO X 26 39.46 -8.18 15.22
N ASN X 27 38.61 -7.20 14.95
CA ASN X 27 37.40 -6.98 15.74
C ASN X 27 36.31 -6.35 14.88
N LEU X 28 35.12 -6.22 15.46
CA LEU X 28 33.98 -5.63 14.75
C LEU X 28 33.63 -4.27 15.36
N HIS X 29 34.63 -3.62 15.95
CA HIS X 29 34.43 -2.32 16.58
C HIS X 29 33.78 -1.31 15.63
N SER X 30 34.48 -0.99 14.56
CA SER X 30 34.00 -0.03 13.57
C SER X 30 32.54 -0.26 13.17
N LEU X 31 32.10 -1.51 13.21
CA LEU X 31 30.72 -1.84 12.86
C LEU X 31 29.80 -1.78 14.07
N ILE X 32 30.29 -2.22 15.21
CA ILE X 32 29.52 -2.20 16.45
C ILE X 32 29.20 -0.78 16.89
N THR X 33 30.04 0.17 16.50
CA THR X 33 29.84 1.57 16.86
C THR X 33 29.33 2.41 15.71
N SER X 34 28.97 1.77 14.60
CA SER X 34 28.46 2.48 13.43
C SER X 34 26.97 2.79 13.57
N THR X 35 26.61 4.04 13.36
CA THR X 35 25.22 4.49 13.45
C THR X 35 24.57 4.68 12.09
N THR X 36 25.35 4.43 11.03
CA THR X 36 24.83 4.58 9.67
C THR X 36 24.29 3.26 9.14
N HIS X 37 25.00 2.18 9.42
CA HIS X 37 24.59 0.85 8.98
C HIS X 37 23.17 0.56 9.43
N LYS X 38 22.37 0.02 8.51
CA LYS X 38 20.98 -0.30 8.80
C LYS X 38 20.61 -1.68 8.26
N TRP X 39 21.61 -2.37 7.73
CA TRP X 39 21.43 -3.72 7.18
C TRP X 39 22.65 -4.55 7.54
N ILE X 40 22.51 -5.41 8.55
CA ILE X 40 23.62 -6.25 8.99
C ILE X 40 23.37 -7.74 8.70
N PHE X 41 24.12 -8.29 7.77
CA PHE X 41 24.01 -9.69 7.39
C PHE X 41 24.90 -10.57 8.27
N VAL X 42 24.45 -11.80 8.52
CA VAL X 42 25.21 -12.74 9.34
C VAL X 42 24.98 -14.17 8.84
N GLY X 43 25.95 -14.70 8.10
CA GLY X 43 25.82 -16.05 7.58
C GLY X 43 26.91 -17.00 8.04
N GLY X 44 26.69 -18.29 7.80
CA GLY X 44 27.67 -19.29 8.21
C GLY X 44 27.07 -20.68 8.28
N LYS X 45 27.06 -21.39 7.16
CA LYS X 45 26.53 -22.74 7.11
C LYS X 45 27.50 -23.76 7.68
N GLY X 46 26.96 -24.72 8.43
CA GLY X 46 27.80 -25.75 9.02
C GLY X 46 27.73 -25.82 10.54
N GLY X 47 26.64 -25.31 11.11
CA GLY X 47 26.49 -25.33 12.55
C GLY X 47 27.78 -24.83 13.17
N VAL X 48 28.24 -23.69 12.68
CA VAL X 48 29.48 -23.08 13.14
C VAL X 48 29.28 -22.01 14.20
N GLY X 49 28.11 -22.03 14.84
CA GLY X 49 27.81 -21.05 15.87
C GLY X 49 27.28 -19.75 15.31
N LYS X 50 26.56 -19.84 14.20
CA LYS X 50 25.98 -18.67 13.55
C LYS X 50 25.07 -17.92 14.52
N THR X 51 24.14 -18.65 15.11
CA THR X 51 23.18 -18.07 16.06
C THR X 51 23.89 -17.24 17.12
N THR X 52 24.96 -17.81 17.67
CA THR X 52 25.73 -17.14 18.72
C THR X 52 26.28 -15.79 18.24
N SER X 53 27.03 -15.82 17.15
CA SER X 53 27.63 -14.61 16.59
C SER X 53 26.57 -13.55 16.28
N SER X 54 25.40 -14.00 15.81
CA SER X 54 24.32 -13.08 15.49
C SER X 54 23.84 -12.32 16.72
N CYS X 55 23.55 -13.05 17.79
CA CYS X 55 23.09 -12.44 19.03
C CYS X 55 24.18 -11.55 19.61
N SER X 56 25.44 -11.97 19.42
CA SER X 56 26.58 -11.23 19.94
C SER X 56 26.73 -9.88 19.23
N ILE X 57 26.74 -9.90 17.91
CA ILE X 57 26.87 -8.68 17.12
C ILE X 57 25.72 -7.72 17.38
N ALA X 58 24.53 -8.27 17.62
CA ALA X 58 23.35 -7.46 17.88
C ALA X 58 23.43 -6.78 19.24
N ILE X 59 23.90 -7.51 20.24
CA ILE X 59 24.03 -6.98 21.59
C ILE X 59 25.12 -5.92 21.67
N GLN X 60 26.25 -6.17 21.00
CA GLN X 60 27.37 -5.23 21.00
C GLN X 60 27.00 -3.89 20.37
N MET X 61 26.17 -3.93 19.33
CA MET X 61 25.75 -2.71 18.65
C MET X 61 24.66 -1.97 19.42
N ALA X 62 23.78 -2.74 20.06
CA ALA X 62 22.69 -2.17 20.84
C ALA X 62 23.20 -1.48 22.09
N LEU X 63 24.22 -2.05 22.71
CA LEU X 63 24.80 -1.49 23.92
C LEU X 63 25.71 -0.30 23.64
N SER X 64 26.36 -0.32 22.47
CA SER X 64 27.26 0.77 22.09
C SER X 64 26.49 1.98 21.59
N GLN X 65 25.29 1.76 21.07
CA GLN X 65 24.47 2.84 20.55
C GLN X 65 23.06 2.76 21.12
N PRO X 66 22.89 3.15 22.39
CA PRO X 66 21.59 3.12 23.05
C PRO X 66 20.60 4.14 22.49
N ASN X 67 21.07 4.97 21.55
CA ASN X 67 20.24 5.98 20.93
C ASN X 67 19.70 5.51 19.59
N LYS X 68 19.66 4.20 19.39
CA LYS X 68 19.16 3.62 18.15
C LYS X 68 18.56 2.23 18.40
N GLN X 69 17.43 1.96 17.75
CA GLN X 69 16.75 0.68 17.90
C GLN X 69 17.30 -0.36 16.93
N PHE X 70 17.63 -1.54 17.47
CA PHE X 70 18.19 -2.63 16.67
C PHE X 70 17.21 -3.80 16.64
N LEU X 71 17.25 -4.58 15.57
CA LEU X 71 16.37 -5.73 15.43
C LEU X 71 17.10 -6.97 14.92
N LEU X 72 17.13 -8.00 15.76
CA LEU X 72 17.78 -9.25 15.41
C LEU X 72 16.72 -10.25 14.95
N ILE X 73 16.75 -10.61 13.68
CA ILE X 73 15.78 -11.55 13.14
C ILE X 73 16.41 -12.80 12.55
N SER X 74 15.79 -13.95 12.81
CA SER X 74 16.27 -15.22 12.32
C SER X 74 15.19 -15.99 11.57
N THR X 75 15.60 -16.93 10.74
CA THR X 75 14.66 -17.74 9.96
C THR X 75 14.87 -19.22 10.26
N ASP X 76 15.84 -19.52 11.12
CA ASP X 76 16.16 -20.89 11.48
C ASP X 76 14.96 -21.51 12.20
N PRO X 77 14.39 -22.60 11.64
CA PRO X 77 13.24 -23.30 12.20
C PRO X 77 13.47 -23.88 13.60
N ALA X 78 14.71 -23.85 14.06
CA ALA X 78 15.05 -24.38 15.37
C ALA X 78 14.84 -23.34 16.47
N HIS X 79 14.43 -22.14 16.07
CA HIS X 79 14.21 -21.05 17.03
C HIS X 79 15.46 -20.89 17.90
N ASN X 80 16.57 -20.63 17.23
CA ASN X 80 17.86 -20.45 17.89
C ASN X 80 17.94 -19.23 18.79
N LEU X 81 17.22 -18.16 18.43
CA LEU X 81 17.25 -16.94 19.23
C LEU X 81 16.48 -17.10 20.54
N SER X 82 15.47 -17.96 20.54
CA SER X 82 14.67 -18.19 21.75
C SER X 82 15.40 -19.13 22.69
N ASP X 83 16.29 -19.94 22.13
CA ASP X 83 17.07 -20.89 22.91
C ASP X 83 18.40 -20.27 23.34
N ALA X 84 18.75 -19.16 22.72
CA ALA X 84 20.00 -18.47 23.04
C ALA X 84 19.81 -17.44 24.15
N PHE X 85 18.67 -16.76 24.14
CA PHE X 85 18.37 -15.75 25.15
C PHE X 85 17.64 -16.33 26.36
N GLY X 86 16.74 -17.28 26.11
CA GLY X 86 16.00 -17.89 27.20
C GLY X 86 14.56 -17.39 27.28
N GLU X 87 14.06 -16.86 26.18
CA GLU X 87 12.69 -16.35 26.12
C GLU X 87 12.07 -16.62 24.75
N LYS X 88 10.74 -16.63 24.71
CA LYS X 88 10.01 -16.89 23.48
C LYS X 88 9.94 -15.69 22.54
N PHE X 89 10.42 -15.91 21.31
CA PHE X 89 10.41 -14.87 20.28
C PHE X 89 9.60 -15.36 19.09
N GLY X 90 8.65 -14.54 18.65
CA GLY X 90 7.82 -14.92 17.52
C GLY X 90 7.89 -13.93 16.36
N LYS X 91 6.92 -14.02 15.46
CA LYS X 91 6.88 -13.12 14.31
C LYS X 91 6.70 -11.68 14.76
N ASP X 92 6.31 -11.51 16.02
CA ASP X 92 6.12 -10.19 16.59
C ASP X 92 7.36 -9.76 17.36
N ALA X 93 8.03 -8.72 16.85
CA ALA X 93 9.24 -8.20 17.48
C ALA X 93 9.07 -7.89 18.96
N ARG X 94 9.94 -8.44 19.78
CA ARG X 94 9.90 -8.21 21.22
C ARG X 94 11.28 -7.84 21.76
N LYS X 95 11.32 -6.81 22.59
CA LYS X 95 12.57 -6.36 23.18
C LYS X 95 13.10 -7.45 24.11
N VAL X 96 14.35 -7.83 23.94
CA VAL X 96 14.93 -8.86 24.81
C VAL X 96 14.87 -8.31 26.23
N THR X 97 14.41 -9.13 27.17
CA THR X 97 14.28 -8.72 28.56
C THR X 97 15.58 -8.14 29.10
N GLY X 98 15.47 -6.91 29.57
CA GLY X 98 16.62 -6.24 30.13
C GLY X 98 17.30 -5.21 29.26
N MET X 99 16.89 -5.20 28.00
CA MET X 99 17.43 -4.26 27.03
C MET X 99 16.25 -3.52 26.41
N ASN X 100 16.37 -2.20 26.28
CA ASN X 100 15.31 -1.41 25.68
C ASN X 100 15.85 -0.82 24.38
N ASN X 101 16.88 -1.45 23.84
CA ASN X 101 17.50 -1.00 22.60
C ASN X 101 17.55 -2.13 21.57
N LEU X 102 17.58 -3.37 22.05
CA LEU X 102 17.63 -4.53 21.17
C LEU X 102 16.30 -5.26 21.12
N SER X 103 15.96 -5.77 19.94
CA SER X 103 14.71 -6.50 19.74
C SER X 103 14.97 -7.75 18.91
N CYS X 104 14.20 -8.81 19.17
CA CYS X 104 14.36 -10.06 18.44
C CYS X 104 13.14 -10.42 17.60
N MET X 105 13.39 -11.07 16.47
CA MET X 105 12.32 -11.50 15.56
C MET X 105 12.62 -12.87 14.98
N GLU X 106 11.67 -13.78 15.13
CA GLU X 106 11.81 -15.14 14.62
C GLU X 106 10.63 -15.48 13.70
N ILE X 107 10.84 -15.35 12.40
CA ILE X 107 9.80 -15.64 11.43
C ILE X 107 10.16 -16.83 10.56
N ASP X 108 9.15 -17.44 9.94
CA ASP X 108 9.36 -18.58 9.07
C ASP X 108 9.25 -18.13 7.61
N PRO X 109 10.39 -18.01 6.92
CA PRO X 109 10.44 -17.57 5.53
C PRO X 109 9.88 -18.59 4.54
N SER X 110 8.61 -18.95 4.71
CA SER X 110 7.95 -19.91 3.83
C SER X 110 6.49 -20.08 4.23
N ALA X 111 6.20 -19.91 5.51
CA ALA X 111 4.84 -20.05 6.02
C ALA X 111 4.03 -18.81 5.68
N GLY X 150 10.98 -21.99 -10.27
CA GLY X 150 12.07 -22.76 -10.82
C GLY X 150 12.28 -22.48 -12.30
N SER X 151 11.47 -21.58 -12.85
CA SER X 151 11.57 -21.21 -14.26
C SER X 151 12.36 -19.93 -14.44
N ILE X 152 12.02 -18.91 -13.66
CA ILE X 152 12.70 -17.62 -13.73
C ILE X 152 13.55 -17.39 -12.49
N PRO X 153 14.86 -17.14 -12.68
CA PRO X 153 15.77 -16.90 -11.57
C PRO X 153 15.49 -15.56 -10.89
N GLY X 154 15.68 -15.52 -9.57
CA GLY X 154 15.45 -14.29 -8.84
C GLY X 154 14.06 -14.17 -8.23
N ILE X 155 13.05 -14.61 -8.97
CA ILE X 155 11.67 -14.54 -8.49
C ILE X 155 11.49 -15.13 -7.09
N ASP X 156 11.66 -16.45 -6.99
CA ASP X 156 11.51 -17.15 -5.71
C ASP X 156 12.21 -16.42 -4.57
N GLU X 157 13.47 -16.06 -4.77
CA GLU X 157 14.23 -15.35 -3.74
C GLU X 157 13.54 -14.03 -3.39
N ALA X 158 13.10 -13.31 -4.41
CA ALA X 158 12.42 -12.03 -4.23
C ALA X 158 11.24 -12.19 -3.28
N LEU X 159 10.34 -13.11 -3.61
CA LEU X 159 9.15 -13.37 -2.80
C LEU X 159 9.52 -13.64 -1.34
N SER X 160 10.58 -14.40 -1.14
CA SER X 160 11.05 -14.74 0.20
C SER X 160 11.50 -13.53 1.02
N PHE X 161 12.33 -12.69 0.40
CA PHE X 161 12.85 -11.51 1.07
C PHE X 161 11.77 -10.44 1.21
N MET X 162 10.98 -10.25 0.17
CA MET X 162 9.91 -9.26 0.19
C MET X 162 8.98 -9.51 1.37
N GLU X 163 8.75 -10.79 1.67
CA GLU X 163 7.88 -11.18 2.77
C GLU X 163 8.47 -10.85 4.14
N VAL X 164 9.78 -11.07 4.29
CA VAL X 164 10.44 -10.79 5.57
C VAL X 164 10.41 -9.30 5.87
N MET X 165 10.50 -8.49 4.82
CA MET X 165 10.49 -7.05 4.98
C MET X 165 9.09 -6.53 5.33
N LYS X 166 8.08 -7.31 4.98
CA LYS X 166 6.71 -6.93 5.31
C LYS X 166 6.49 -7.18 6.80
N HIS X 167 7.25 -8.14 7.32
CA HIS X 167 7.17 -8.49 8.74
C HIS X 167 7.95 -7.47 9.56
N ILE X 168 8.83 -6.73 8.90
CA ILE X 168 9.64 -5.71 9.55
C ILE X 168 8.81 -4.44 9.74
N LYS X 169 8.27 -3.92 8.64
CA LYS X 169 7.46 -2.71 8.68
C LYS X 169 6.20 -2.90 9.50
N ARG X 170 5.78 -4.15 9.66
CA ARG X 170 4.58 -4.47 10.42
C ARG X 170 4.86 -4.35 11.92
N GLN X 171 6.08 -4.66 12.33
CA GLN X 171 6.47 -4.58 13.73
C GLN X 171 6.96 -3.20 14.12
N GLU X 172 7.04 -2.29 13.14
CA GLU X 172 7.47 -0.93 13.39
C GLU X 172 6.27 0.00 13.49
N GLN X 173 5.11 -0.53 13.14
CA GLN X 173 3.86 0.22 13.20
C GLN X 173 3.13 -0.18 14.46
N GLY X 174 3.19 -1.47 14.75
CA GLY X 174 2.55 -1.99 15.94
C GLY X 174 3.53 -1.96 17.08
N GLU X 175 3.86 -0.75 17.53
CA GLU X 175 4.80 -0.57 18.62
C GLU X 175 6.20 -1.02 18.22
N GLY X 176 7.17 -0.16 18.51
CA GLY X 176 8.56 -0.43 18.17
C GLY X 176 8.97 0.74 17.29
N GLU X 177 7.98 1.28 16.60
CA GLU X 177 8.12 2.43 15.72
C GLU X 177 9.13 2.30 14.60
N THR X 178 10.40 2.16 14.94
CA THR X 178 11.43 2.05 13.91
C THR X 178 12.79 1.55 14.41
N PHE X 179 13.38 0.66 13.62
CA PHE X 179 14.69 0.10 13.94
C PHE X 179 15.70 0.73 12.99
N ASP X 180 16.73 1.36 13.55
CA ASP X 180 17.75 2.02 12.74
C ASP X 180 18.61 1.02 11.96
N THR X 181 18.93 -0.10 12.58
CA THR X 181 19.76 -1.11 11.94
C THR X 181 19.25 -2.51 12.26
N VAL X 182 19.02 -3.31 11.23
CA VAL X 182 18.53 -4.67 11.39
C VAL X 182 19.64 -5.70 11.27
N ILE X 183 19.66 -6.66 12.19
CA ILE X 183 20.66 -7.71 12.19
C ILE X 183 20.06 -8.98 11.59
N PHE X 184 20.33 -9.20 10.31
CA PHE X 184 19.81 -10.37 9.60
C PHE X 184 20.55 -11.66 9.92
N ASP X 185 19.88 -12.56 10.64
CA ASP X 185 20.47 -13.85 10.98
C ASP X 185 20.09 -14.81 9.86
N THR X 186 20.79 -14.71 8.74
CA THR X 186 20.54 -15.56 7.58
C THR X 186 20.24 -17.01 7.96
N ALA X 187 19.45 -17.67 7.12
CA ALA X 187 19.09 -19.07 7.34
C ALA X 187 20.31 -19.96 7.29
N PRO X 188 20.21 -21.18 7.85
CA PRO X 188 21.32 -22.13 7.85
C PRO X 188 21.65 -22.64 6.45
N THR X 189 20.60 -22.89 5.67
CA THR X 189 20.75 -23.37 4.31
C THR X 189 19.97 -22.50 3.35
N GLY X 190 20.15 -22.72 2.05
CA GLY X 190 19.44 -21.94 1.06
C GLY X 190 20.01 -20.54 0.89
N HIS X 191 20.51 -20.25 -0.30
CA HIS X 191 21.08 -18.95 -0.61
C HIS X 191 19.97 -17.90 -0.68
N THR X 192 19.53 -17.42 0.47
CA THR X 192 18.47 -16.43 0.53
C THR X 192 18.87 -15.10 -0.09
N LEU X 193 20.09 -15.04 -0.62
CA LEU X 193 20.59 -13.82 -1.25
C LEU X 193 20.82 -14.03 -2.74
N ARG X 194 20.15 -15.02 -3.32
CA ARG X 194 20.30 -15.30 -4.73
C ARG X 194 19.73 -14.17 -5.58
N PHE X 195 18.62 -13.60 -5.14
CA PHE X 195 17.98 -12.51 -5.88
C PHE X 195 18.84 -11.25 -5.84
N LEU X 196 20.00 -11.33 -5.20
CA LEU X 196 20.88 -10.17 -5.11
C LEU X 196 21.72 -10.02 -6.38
N GLN X 197 21.23 -10.56 -7.49
CA GLN X 197 21.96 -10.46 -8.74
C GLN X 197 21.03 -10.38 -9.94
N LEU X 198 19.81 -10.91 -9.78
CA LEU X 198 18.84 -10.88 -10.87
C LEU X 198 18.57 -9.45 -11.34
N PRO X 199 18.24 -8.55 -10.41
CA PRO X 199 17.95 -7.15 -10.76
C PRO X 199 19.00 -6.47 -11.63
N ASN X 200 20.27 -6.78 -11.39
CA ASN X 200 21.35 -6.18 -12.19
C ASN X 200 21.43 -6.93 -13.51
N THR X 201 21.21 -8.24 -13.45
CA THR X 201 21.26 -9.09 -14.63
C THR X 201 20.25 -8.66 -15.68
N LEU X 202 18.98 -9.00 -15.44
CA LEU X 202 17.91 -8.68 -16.36
C LEU X 202 17.97 -7.23 -16.85
N SER X 203 18.37 -6.32 -15.98
CA SER X 203 18.47 -4.90 -16.34
C SER X 203 19.49 -4.68 -17.45
N LYS X 204 20.72 -5.16 -17.25
CA LYS X 204 21.75 -4.99 -18.25
C LYS X 204 21.28 -5.53 -19.59
N LEU X 205 20.45 -6.56 -19.56
CA LEU X 205 19.90 -7.14 -20.79
C LEU X 205 19.00 -6.11 -21.46
N LEU X 206 18.34 -5.28 -20.65
CA LEU X 206 17.46 -4.25 -21.17
C LEU X 206 18.31 -3.25 -21.95
N GLU X 207 19.52 -3.01 -21.47
CA GLU X 207 20.42 -2.08 -22.13
C GLU X 207 20.87 -2.59 -23.48
N LYS X 208 21.14 -3.89 -23.59
CA LYS X 208 21.55 -4.47 -24.86
C LYS X 208 20.32 -4.44 -25.76
N PHE X 209 19.15 -4.51 -25.13
CA PHE X 209 17.88 -4.48 -25.83
C PHE X 209 17.59 -3.08 -26.34
N GLY X 210 17.62 -2.11 -25.42
CA GLY X 210 17.34 -0.73 -25.77
C GLY X 210 18.22 -0.15 -26.86
N GLU X 211 19.54 -0.30 -26.70
CA GLU X 211 20.48 0.22 -27.68
C GLU X 211 20.30 -0.40 -29.06
N ILE X 212 20.48 -1.71 -29.15
CA ILE X 212 20.34 -2.41 -30.43
C ILE X 212 19.06 -2.03 -31.16
N THR X 213 17.99 -1.82 -30.41
CA THR X 213 16.71 -1.44 -31.01
C THR X 213 16.80 -0.07 -31.66
N ASN X 214 18.02 0.43 -31.80
CA ASN X 214 18.25 1.74 -32.43
C ASN X 214 18.89 1.54 -33.79
N LYS X 215 18.12 1.04 -34.74
CA LYS X 215 18.60 0.82 -36.10
C LYS X 215 19.21 2.13 -36.59
N LEU X 216 19.85 2.10 -37.76
CA LEU X 216 20.46 3.30 -38.32
C LEU X 216 19.61 4.52 -37.96
N GLY X 217 20.25 5.56 -37.46
CA GLY X 217 19.52 6.76 -37.09
C GLY X 217 20.20 7.57 -36.01
N PRO X 218 19.44 8.09 -35.02
CA PRO X 218 17.99 7.97 -34.85
C PRO X 218 17.24 8.81 -35.87
N MET X 219 17.91 9.09 -36.98
CA MET X 219 17.37 9.89 -38.07
C MET X 219 15.98 9.42 -38.49
N LEU X 220 15.91 8.20 -39.01
CA LEU X 220 14.65 7.65 -39.47
C LEU X 220 13.80 7.03 -38.37
N ASN X 221 14.41 6.67 -37.25
CA ASN X 221 13.67 6.08 -36.14
C ASN X 221 12.79 7.16 -35.51
N SER X 222 13.16 8.42 -35.75
CA SER X 222 12.43 9.55 -35.20
C SER X 222 11.43 10.10 -36.22
N PHE X 223 11.61 9.72 -37.48
CA PHE X 223 10.74 10.17 -38.55
C PHE X 223 9.47 9.33 -38.62
N MET X 224 9.56 8.10 -38.12
CA MET X 224 8.43 7.19 -38.11
C MET X 224 7.75 7.16 -36.74
N GLY X 225 8.43 7.71 -35.75
CA GLY X 225 7.88 7.75 -34.40
C GLY X 225 7.76 9.16 -33.88
N ILE X 231 16.12 10.70 -27.01
CA ILE X 231 16.77 9.54 -26.39
C ILE X 231 16.11 9.18 -25.06
N SER X 232 14.78 9.28 -25.02
CA SER X 232 14.03 8.96 -23.81
C SER X 232 14.28 7.53 -23.38
N GLY X 233 14.64 6.68 -24.34
CA GLY X 233 14.90 5.28 -24.04
C GLY X 233 16.26 5.05 -23.43
N LYS X 234 17.27 5.77 -23.92
CA LYS X 234 18.62 5.62 -23.42
C LYS X 234 18.80 6.33 -22.08
N LEU X 235 17.84 7.19 -21.73
CA LEU X 235 17.90 7.93 -20.48
C LEU X 235 17.16 7.21 -19.36
N ASN X 236 15.93 6.82 -19.64
CA ASN X 236 15.11 6.12 -18.64
C ASN X 236 15.72 4.77 -18.31
N GLU X 237 16.45 4.19 -19.26
CA GLU X 237 17.09 2.90 -19.05
C GLU X 237 18.19 3.09 -18.00
N LEU X 238 19.02 4.11 -18.22
CA LEU X 238 20.12 4.41 -17.32
C LEU X 238 19.59 4.80 -15.95
N LYS X 239 18.37 5.30 -15.90
CA LYS X 239 17.76 5.68 -14.62
C LYS X 239 17.29 4.44 -13.88
N ALA X 240 16.60 3.55 -14.60
CA ALA X 240 16.11 2.32 -14.03
C ALA X 240 17.30 1.42 -13.74
N ASN X 241 18.43 1.75 -14.37
CA ASN X 241 19.66 1.00 -14.20
C ASN X 241 20.31 1.31 -12.85
N VAL X 242 20.61 2.57 -12.61
CA VAL X 242 21.23 3.00 -11.36
C VAL X 242 20.38 2.59 -10.16
N GLU X 243 19.13 3.01 -10.14
CA GLU X 243 18.21 2.70 -9.05
C GLU X 243 18.34 1.23 -8.67
N THR X 244 18.27 0.36 -9.67
CA THR X 244 18.38 -1.08 -9.44
C THR X 244 19.72 -1.41 -8.79
N ILE X 245 20.81 -1.00 -9.43
CA ILE X 245 22.14 -1.25 -8.91
C ILE X 245 22.32 -0.63 -7.53
N ARG X 246 21.43 0.28 -7.16
CA ARG X 246 21.49 0.92 -5.85
C ARG X 246 20.82 0.07 -4.78
N GLN X 247 20.05 -0.92 -5.20
CA GLN X 247 19.36 -1.80 -4.28
C GLN X 247 20.22 -3.00 -3.90
N GLN X 248 21.20 -3.29 -4.75
CA GLN X 248 22.13 -4.40 -4.50
C GLN X 248 23.34 -3.82 -3.79
N PHE X 249 23.94 -2.81 -4.41
CA PHE X 249 25.10 -2.13 -3.85
C PHE X 249 24.73 -1.62 -2.48
N THR X 250 23.52 -1.06 -2.38
CA THR X 250 22.98 -0.52 -1.14
C THR X 250 24.02 0.13 -0.23
N ASP X 251 25.00 0.80 -0.84
CA ASP X 251 26.05 1.49 -0.11
C ASP X 251 26.78 0.62 0.91
N PRO X 252 28.11 0.49 0.76
CA PRO X 252 28.92 -0.32 1.69
C PRO X 252 28.95 0.31 3.07
N ASP X 253 28.53 1.57 3.16
CA ASP X 253 28.50 2.29 4.42
C ASP X 253 27.13 2.14 5.07
N LEU X 254 26.19 1.55 4.32
CA LEU X 254 24.84 1.33 4.82
C LEU X 254 24.57 -0.16 5.02
N THR X 255 25.19 -0.99 4.18
CA THR X 255 25.00 -2.43 4.26
C THR X 255 26.33 -3.18 4.21
N THR X 256 26.39 -4.30 4.94
CA THR X 256 27.58 -5.13 4.99
C THR X 256 27.17 -6.57 5.31
N PHE X 257 28.10 -7.50 5.13
CA PHE X 257 27.81 -8.90 5.40
C PHE X 257 28.88 -9.51 6.30
N VAL X 258 28.45 -10.09 7.42
CA VAL X 258 29.36 -10.72 8.36
C VAL X 258 29.29 -12.23 8.23
N CYS X 259 30.42 -12.87 7.94
CA CYS X 259 30.48 -14.31 7.79
C CYS X 259 31.05 -14.97 9.05
N VAL X 260 30.56 -16.15 9.37
CA VAL X 260 31.01 -16.88 10.54
C VAL X 260 31.49 -18.28 10.16
N CYS X 261 32.56 -18.73 10.81
CA CYS X 261 33.13 -20.04 10.54
C CYS X 261 34.10 -20.46 11.64
N ILE X 262 34.83 -21.54 11.38
CA ILE X 262 35.82 -22.05 12.32
C ILE X 262 37.02 -22.56 11.53
N SER X 263 38.15 -22.71 12.20
CA SER X 263 39.36 -23.17 11.54
C SER X 263 39.32 -24.67 11.28
N GLU X 264 38.58 -25.06 10.24
CA GLU X 264 38.44 -26.46 9.85
C GLU X 264 38.21 -26.56 8.34
N PHE X 265 38.91 -27.48 7.70
CA PHE X 265 38.81 -27.69 6.26
C PHE X 265 37.43 -27.35 5.70
N LEU X 266 36.47 -28.23 5.96
CA LEU X 266 35.09 -28.05 5.48
C LEU X 266 34.55 -26.64 5.69
N SER X 267 34.82 -26.07 6.86
CA SER X 267 34.33 -24.72 7.16
C SER X 267 34.92 -23.71 6.17
N LEU X 268 36.23 -23.80 5.94
CA LEU X 268 36.90 -22.90 5.02
C LEU X 268 36.29 -23.03 3.63
N TYR X 269 36.04 -24.27 3.22
CA TYR X 269 35.45 -24.54 1.91
C TYR X 269 34.13 -23.79 1.80
N GLU X 270 33.29 -23.96 2.81
CA GLU X 270 31.98 -23.31 2.86
C GLU X 270 32.12 -21.80 2.89
N THR X 271 33.10 -21.31 3.66
CA THR X 271 33.33 -19.88 3.78
C THR X 271 33.77 -19.28 2.45
N GLU X 272 34.85 -19.84 1.88
CA GLU X 272 35.39 -19.36 0.62
C GLU X 272 34.31 -19.15 -0.44
N ARG X 273 33.43 -20.13 -0.60
CA ARG X 273 32.37 -20.04 -1.59
C ARG X 273 31.34 -18.97 -1.22
N LEU X 274 30.95 -18.94 0.05
CA LEU X 274 29.97 -17.98 0.53
C LEU X 274 30.40 -16.57 0.15
N ILE X 275 31.67 -16.28 0.40
CA ILE X 275 32.23 -14.97 0.11
C ILE X 275 32.21 -14.66 -1.38
N GLN X 276 32.52 -15.67 -2.21
CA GLN X 276 32.50 -15.49 -3.64
C GLN X 276 31.10 -15.10 -4.07
N GLU X 277 30.12 -15.85 -3.56
CA GLU X 277 28.72 -15.61 -3.86
C GLU X 277 28.34 -14.16 -3.57
N LEU X 278 28.75 -13.67 -2.40
CA LEU X 278 28.44 -12.30 -1.99
C LEU X 278 29.14 -11.27 -2.85
N ILE X 279 30.36 -11.59 -3.29
CA ILE X 279 31.12 -10.68 -4.14
C ILE X 279 30.47 -10.55 -5.50
N SER X 280 29.80 -11.62 -5.93
CA SER X 280 29.12 -11.59 -7.22
C SER X 280 27.86 -10.75 -7.07
N TYR X 281 27.46 -10.53 -5.82
CA TYR X 281 26.28 -9.72 -5.52
C TYR X 281 26.75 -8.29 -5.25
N ASP X 282 28.06 -8.09 -5.30
CA ASP X 282 28.66 -6.79 -5.03
C ASP X 282 28.38 -6.38 -3.59
N MET X 283 27.95 -7.34 -2.79
CA MET X 283 27.65 -7.08 -1.38
C MET X 283 28.94 -7.02 -0.57
N ASP X 284 29.15 -5.91 0.12
CA ASP X 284 30.35 -5.71 0.93
C ASP X 284 30.54 -6.81 1.97
N VAL X 285 31.74 -7.37 2.01
CA VAL X 285 32.07 -8.43 2.96
C VAL X 285 33.52 -8.27 3.42
N ASN X 286 33.70 -8.06 4.72
CA ASN X 286 35.03 -7.87 5.28
C ASN X 286 35.11 -8.30 6.74
N SER X 287 34.26 -9.25 7.12
CA SER X 287 34.24 -9.74 8.50
C SER X 287 34.04 -11.24 8.56
N ILE X 288 35.02 -11.93 9.12
CA ILE X 288 34.97 -13.39 9.25
C ILE X 288 35.16 -13.81 10.71
N ILE X 289 34.10 -14.35 11.30
CA ILE X 289 34.13 -14.80 12.68
C ILE X 289 34.56 -16.26 12.75
N VAL X 290 35.50 -16.56 13.65
CA VAL X 290 35.98 -17.92 13.82
C VAL X 290 35.93 -18.30 15.30
N ASN X 291 34.87 -18.99 15.69
CA ASN X 291 34.69 -19.41 17.08
C ASN X 291 35.29 -20.80 17.34
N GLN X 292 35.14 -21.26 18.57
CA GLN X 292 35.63 -22.58 18.98
C GLN X 292 37.15 -22.73 18.99
N LEU X 293 37.86 -21.61 18.85
CA LEU X 293 39.32 -21.66 18.86
C LEU X 293 39.84 -22.07 20.24
N LEU X 294 40.89 -22.88 20.27
CA LEU X 294 41.44 -23.36 21.52
C LEU X 294 42.51 -22.47 22.17
N PHE X 295 43.54 -22.10 21.42
CA PHE X 295 44.61 -21.28 21.96
C PHE X 295 45.14 -22.02 23.19
N ALA X 296 45.15 -23.35 23.09
CA ALA X 296 45.59 -24.21 24.17
C ALA X 296 47.07 -24.11 24.56
N GLU X 297 47.73 -23.03 24.14
CA GLU X 297 49.14 -22.84 24.47
C GLU X 297 49.31 -21.67 25.44
N ASN X 298 48.19 -21.20 25.99
CA ASN X 298 48.24 -20.07 26.92
C ASN X 298 47.39 -20.27 28.17
N ASP X 299 46.29 -21.01 28.04
CA ASP X 299 45.39 -21.24 29.16
C ASP X 299 46.14 -21.68 30.41
N GLN X 300 45.90 -20.99 31.52
CA GLN X 300 46.56 -21.31 32.77
C GLN X 300 45.97 -22.59 33.37
N GLU X 301 46.57 -23.71 32.98
CA GLU X 301 46.17 -25.05 33.40
C GLU X 301 46.41 -25.92 32.18
N HIS X 302 47.64 -25.82 31.65
CA HIS X 302 48.05 -26.55 30.45
C HIS X 302 47.65 -28.03 30.44
N ASN X 303 48.54 -28.86 29.88
CA ASN X 303 48.31 -30.29 29.79
C ASN X 303 47.24 -30.65 28.76
N CYS X 304 46.88 -31.93 28.75
CA CYS X 304 45.87 -32.46 27.84
C CYS X 304 46.30 -32.41 26.38
N LYS X 305 47.00 -33.46 25.94
CA LYS X 305 47.47 -33.57 24.57
C LYS X 305 46.29 -33.42 23.60
N ARG X 306 45.19 -34.10 23.93
CA ARG X 306 43.98 -34.09 23.12
C ARG X 306 43.61 -32.67 22.67
N CYS X 307 43.71 -31.72 23.60
CA CYS X 307 43.39 -30.32 23.31
C CYS X 307 44.48 -29.63 22.52
N GLN X 308 45.73 -29.96 22.82
CA GLN X 308 46.86 -29.36 22.14
C GLN X 308 46.93 -29.79 20.68
N ALA X 309 46.61 -31.06 20.44
CA ALA X 309 46.62 -31.61 19.09
C ALA X 309 45.57 -30.97 18.21
N ARG X 310 44.37 -30.82 18.77
CA ARG X 310 43.26 -30.21 18.04
C ARG X 310 43.56 -28.78 17.61
N TRP X 311 44.21 -28.02 18.48
CA TRP X 311 44.54 -26.64 18.17
C TRP X 311 45.69 -26.54 17.18
N LYS X 312 46.53 -27.58 17.13
CA LYS X 312 47.65 -27.60 16.19
C LYS X 312 47.07 -27.67 14.79
N MET X 313 45.88 -28.26 14.68
CA MET X 313 45.21 -28.41 13.41
C MET X 313 44.46 -27.11 13.09
N GLN X 314 43.88 -26.51 14.12
CA GLN X 314 43.13 -25.26 13.96
C GLN X 314 44.10 -24.13 13.61
N LYS X 315 45.32 -24.23 14.12
CA LYS X 315 46.33 -23.21 13.85
C LYS X 315 46.78 -23.32 12.40
N LYS X 316 46.79 -24.54 11.88
CA LYS X 316 47.17 -24.80 10.50
C LYS X 316 46.28 -24.01 9.55
N TYR X 317 44.98 -24.24 9.68
CA TYR X 317 43.99 -23.57 8.84
C TYR X 317 43.90 -22.08 9.11
N LEU X 318 43.99 -21.69 10.39
CA LEU X 318 43.92 -20.29 10.76
C LEU X 318 44.94 -19.46 9.97
N ASP X 319 46.08 -20.06 9.68
CA ASP X 319 47.12 -19.37 8.92
C ASP X 319 46.68 -19.24 7.46
N GLN X 320 45.90 -20.22 7.00
CA GLN X 320 45.41 -20.19 5.62
C GLN X 320 44.36 -19.10 5.52
N ILE X 321 43.71 -18.79 6.64
CA ILE X 321 42.69 -17.77 6.69
C ILE X 321 43.32 -16.39 6.76
N ASP X 322 44.45 -16.29 7.45
CA ASP X 322 45.15 -15.02 7.58
C ASP X 322 45.94 -14.69 6.32
N GLU X 323 46.06 -15.67 5.43
CA GLU X 323 46.79 -15.47 4.17
C GLU X 323 45.78 -15.42 3.03
N LEU X 324 44.59 -15.97 3.26
CA LEU X 324 43.54 -15.98 2.26
C LEU X 324 42.79 -14.66 2.33
N TYR X 325 42.51 -14.22 3.55
CA TYR X 325 41.80 -12.97 3.79
C TYR X 325 42.72 -12.03 4.56
N GLU X 326 43.67 -11.44 3.84
CA GLU X 326 44.65 -10.53 4.42
C GLU X 326 44.05 -9.18 4.82
N ASP X 327 43.15 -8.66 4.00
CA ASP X 327 42.52 -7.38 4.30
C ASP X 327 41.10 -7.51 4.86
N PHE X 328 40.80 -8.68 5.43
CA PHE X 328 39.49 -8.93 6.01
C PHE X 328 39.54 -8.85 7.54
N HIS X 329 38.41 -8.54 8.15
CA HIS X 329 38.34 -8.46 9.61
C HIS X 329 38.16 -9.87 10.17
N VAL X 330 39.27 -10.57 10.34
CA VAL X 330 39.22 -11.94 10.85
C VAL X 330 39.34 -11.95 12.37
N VAL X 331 38.19 -11.89 13.05
CA VAL X 331 38.15 -11.91 14.50
C VAL X 331 38.14 -13.35 15.00
N LYS X 332 39.19 -13.72 15.73
CA LYS X 332 39.33 -15.07 16.25
C LYS X 332 38.74 -15.19 17.64
N MET X 333 37.59 -15.87 17.74
CA MET X 333 36.91 -16.06 19.02
C MET X 333 37.36 -17.34 19.73
N PRO X 334 37.40 -17.29 21.07
CA PRO X 334 37.81 -18.42 21.91
C PRO X 334 36.74 -19.49 22.10
N LEU X 335 37.18 -20.71 22.39
CA LEU X 335 36.27 -21.82 22.61
C LEU X 335 35.82 -21.83 24.06
N CYS X 336 34.52 -22.07 24.28
CA CYS X 336 33.98 -22.11 25.63
C CYS X 336 33.62 -23.55 25.98
N ALA X 337 33.76 -23.90 27.26
CA ALA X 337 33.46 -25.25 27.72
C ALA X 337 32.13 -25.72 27.13
N GLY X 338 31.05 -25.11 27.58
CA GLY X 338 29.73 -25.47 27.07
C GLY X 338 29.23 -24.39 26.14
N GLU X 339 28.01 -24.53 25.64
CA GLU X 339 27.46 -23.53 24.74
C GLU X 339 27.05 -22.30 25.54
N ILE X 340 27.16 -21.12 24.93
CA ILE X 340 26.83 -19.88 25.60
C ILE X 340 25.36 -19.50 25.37
N ARG X 341 24.61 -19.43 26.46
CA ARG X 341 23.20 -19.08 26.39
C ARG X 341 22.84 -18.13 27.52
N GLY X 342 21.77 -17.37 27.34
CA GLY X 342 21.37 -16.40 28.35
C GLY X 342 21.97 -15.06 28.02
N LEU X 343 21.20 -13.99 28.16
CA LEU X 343 21.67 -12.66 27.84
C LEU X 343 23.00 -12.36 28.52
N ASN X 344 23.12 -12.72 29.79
CA ASN X 344 24.34 -12.48 30.55
C ASN X 344 25.60 -13.07 29.93
N ASN X 345 25.66 -14.40 29.84
CA ASN X 345 26.84 -15.06 29.26
C ASN X 345 27.12 -14.66 27.82
N LEU X 346 26.12 -14.09 27.15
CA LEU X 346 26.29 -13.67 25.76
C LEU X 346 27.02 -12.33 25.65
N THR X 347 26.61 -11.37 26.46
CA THR X 347 27.22 -10.05 26.45
C THR X 347 28.69 -10.12 26.87
N LYS X 348 28.97 -10.94 27.88
CA LYS X 348 30.33 -11.10 28.38
C LYS X 348 31.24 -11.80 27.36
N PHE X 349 30.64 -12.57 26.46
CA PHE X 349 31.39 -13.28 25.45
C PHE X 349 31.52 -12.43 24.19
N SER X 350 30.54 -11.56 23.97
CA SER X 350 30.52 -10.69 22.80
C SER X 350 31.47 -9.51 22.97
N GLN X 351 31.99 -9.32 24.18
CA GLN X 351 32.90 -8.22 24.46
C GLN X 351 34.18 -8.40 23.66
N PHE X 352 34.49 -9.64 23.30
CA PHE X 352 35.69 -9.96 22.54
C PHE X 352 35.56 -9.56 21.08
N LEU X 353 34.34 -9.23 20.65
CA LEU X 353 34.11 -8.81 19.27
C LEU X 353 34.48 -7.35 19.13
N ASN X 354 34.56 -6.65 20.27
CA ASN X 354 34.91 -5.24 20.28
C ASN X 354 36.40 -5.11 20.55
N LYS X 355 36.89 -5.92 21.49
CA LYS X 355 38.30 -5.93 21.86
C LYS X 355 38.82 -7.36 21.71
N GLU X 356 39.90 -7.51 20.95
CA GLU X 356 40.49 -8.82 20.70
C GLU X 356 40.60 -9.67 21.96
N TYR X 357 40.43 -10.98 21.79
CA TYR X 357 40.52 -11.92 22.90
C TYR X 357 41.97 -12.35 23.13
N ASN X 358 42.45 -12.19 24.35
CA ASN X 358 43.81 -12.57 24.69
C ASN X 358 43.77 -13.78 25.60
N PRO X 359 44.14 -14.97 25.08
CA PRO X 359 44.13 -16.20 25.87
C PRO X 359 45.07 -16.17 27.07
N ILE X 360 45.91 -15.13 27.13
CA ILE X 360 46.87 -14.98 28.22
C ILE X 360 46.25 -14.24 29.40
N THR X 361 45.34 -13.30 29.11
CA THR X 361 44.70 -12.51 30.16
C THR X 361 43.20 -12.75 30.28
N ASP X 362 42.53 -12.91 29.15
CA ASP X 362 41.09 -13.13 29.14
C ASP X 362 40.70 -14.58 29.40
N GLY X 363 41.68 -15.39 29.80
CA GLY X 363 41.40 -16.79 30.07
C GLY X 363 40.33 -16.97 31.14
N LYS X 364 40.26 -16.00 32.06
CA LYS X 364 39.27 -16.05 33.13
C LYS X 364 37.84 -15.95 32.62
N VAL X 365 37.59 -14.95 31.77
CA VAL X 365 36.26 -14.73 31.21
C VAL X 365 35.69 -15.98 30.56
N ILE X 366 36.55 -16.81 29.98
CA ILE X 366 36.11 -18.03 29.32
C ILE X 366 35.81 -19.14 30.32
N TYR X 367 36.80 -19.47 31.15
CA TYR X 367 36.63 -20.51 32.16
C TYR X 367 35.61 -20.02 33.21
N GLU X 368 34.96 -18.91 32.88
CA GLU X 368 33.95 -18.30 33.73
C GLU X 368 32.58 -18.68 33.19
N LEU X 369 32.45 -18.62 31.87
CA LEU X 369 31.20 -18.96 31.19
C LEU X 369 30.91 -20.45 31.38
N GLU X 370 31.89 -21.14 31.96
CA GLU X 370 31.78 -22.58 32.23
C GLU X 370 31.25 -22.84 33.63
ZN ZN Y . -6.07 -17.62 -78.25
ZN ZN Z . 41.10 -32.07 25.83
ZN ZN AA . -42.37 34.05 -25.08
ZN ZN BA . 6.19 16.09 77.54
#